data_6E10
#
_entry.id   6E10
#
loop_
_entity.id
_entity.type
_entity.pdbx_description
1 polymer 'Heat shock protein 101'
2 polymer 'Exported protein 2'
3 polymer 'Translocon component PTEX150'
4 polymer 'Endogenous cargo polypeptide'
5 polymer 'Unknown (Claw)'
6 non-polymer 'PHOSPHOTHIOPHOSPHORIC ACID-ADENYLATE ESTER'
#
loop_
_entity_poly.entity_id
_entity_poly.type
_entity_poly.pdbx_seq_one_letter_code
_entity_poly.pdbx_strand_id
1 'polypeptide(L)'
;MTRRYLKYYIFVTLLFFVQVINNVLCAPDNKQEQGKYLNRTINILNAGKNIAKSYGHNKLKPIHILSALAKSDYGSTLFK
ENNVNAANLKEYIDIALEQTRAGAPLDNKSKIVNSAEVKETLALAEAAANKYKSPKVDVEHLLSGLSNDELVNEIFNEVY
LTDEAIKAILKRKFEKTKKDKDGKTGTLYIEQFGSNMNEKVRNGKLQGIYGRDEEIRAIIESLLRYNKNSPVLVGNPGTG
KTTIVEGLVYRIEKGDVPKELQGYTVISLNFRKFTSGTSYRGEFETRMKNIIKELKNKKNKIILFVDEIHLLLGAGKAEG
GTDAANLLKPVLSKGEIKLIGATTIAEYRKFIESCSAFERRFEKILVEPPSVDMTVKILRSLKSKYENFYGINITDKALV
AAAKISDRFIKDRYLPDKAIDLLNKACSFLQVQLSGKPRIIDVTERDIERLSYEISTLEKDVDKVSKKKYNKLIKEFEEK
KEQLKKYYEEYVITGERLKRKKEIEKKLNDLKELTQNYVYSNKEPPIELQNSLKEAQQKYLELYKETVAYVEAKTHNAMN
VDAVYQEHVSYIYLRDSGMPLGSLSFESSKGALKLYNSLSKSIIGNEDIIKSLSDAVVKAATGMKDPEKPIGTFLFLGPT
GVGKTELAKTLAIELFNSKDNLIRVNMSEFTEAHSVSKITGSPPGYVGFSDSGQLTEAVREKPHSVVLFDELEKAHADVF
KVLLQILGDGYINDNHRRNIDFSNTIIIMTSNLGAELFKKKLFFDADNSGTPEYKRVMEDVRLSLIKKCKKVFKPEFVNR
IDKIGVFEPLNKKNLHKIVALRFKKLEKRLEEKNIQVSVSEKAIDYIIDQSYDPELGARPTLIFIESVIMTKFAIMYLKK
ELVDDMDVFVDYNSKAKNLVINLSKTPRDYKDDDDKDYKDDDDKDYKDDDDK
;
1,2,3,4,5,6
2 'polypeptide(L)'
;MKVSYIFSFFLLFFVYKNTNTVVCDNGYGDLAATSALTTVIKDPISLTIKDIYEHGVKNPFTKIIHKLKKFIRYRKVLRW
SRMWWVLLVREIVGDNTIEKKTEKALREIWDQCTIAVYNNTLNAVESKPLLFLHGILNECRNNFATKLRQDPSLIVAKID
QIIKSQIYRFWVSEPYLKIGRSHTLYTHITPDAVPQLPKECTLKHLSSYMEEKLKSMESKKNIESGKYEFDVDSSETDST
KDDGKPDDDDDDDDNFDDDDNFDDDTVEEEDASGDLFKNEKKDENKE
;
B,A,G,F,E,D,C
3 'polypeptide(L)'
;SVKDIKKLIEEGILDYEDLTENELRKLAKPDDNFYELSPYASDEKDLSLNETSGLTNEQLKNFLGQNGTYHMSYDSKSID
YAKQKKSEKKEDQQEDDDGFYDAYKQIKNSYDGIPNNFNHEAPQLIGNNYVFTSIYDTKENLIKFLKKNSEYDLYD
(UNK)(UNK)(UNK)(UNK)(UNK)(UNK)(UNK)(UNK)(UNK)(UNK)(UNK)(UNK)(UNK)(UNK)(UNK)(UNK)
(UNK)(UNK)(UNK)(UNK)(UNK)(UNK)(UNK)(UNK)(UNK)(UNK)(UNK)(UNK)(UNK)(UNK)(UNK)(UNK)
(UNK)(UNK)(UNK)(UNK)(UNK)(UNK)(UNK)(UNK)(UNK)(UNK)(UNK)(UNK)(UNK)(UNK)(UNK)(UNK)
(UNK)(UNK)(UNK)
;
a,g,f,e,d,c,b,h
4 'polypeptide(L)' (UNK)(UNK)(UNK)(UNK)(UNK)(UNK)(UNK)(UNK)(UNK)(UNK)(UNK)(UNK)(UNK)(UNK)(UNK) 0
5 'polypeptide(L)'
;(UNK)(UNK)(UNK)(UNK)(UNK)(UNK)(UNK)(UNK)(UNK)(UNK)(UNK)(UNK)(UNK)(UNK)(UNK)(UNK)
(UNK)(UNK)(UNK)(UNK)(UNK)(UNK)(UNK)(UNK)(UNK)(UNK)(UNK)(UNK)(UNK)(UNK)(UNK)(UNK)
(UNK)(UNK)(UNK)(UNK)(UNK)(UNK)(UNK)(UNK)(UNK)(UNK)(UNK)(UNK)(UNK)(UNK)(UNK)(UNK)
(UNK)(UNK)(UNK)(UNK)(UNK)(UNK)(UNK)(UNK)(UNK)(UNK)
;
i,j,k,l,m,n
#
# COMPACT_ATOMS: atom_id res chain seq x y z
N GLY A 186 -38.15 11.09 -58.08
CA GLY A 186 -36.85 11.06 -57.43
C GLY A 186 -36.57 9.74 -56.74
N THR A 187 -37.56 8.86 -56.71
CA THR A 187 -37.41 7.57 -56.05
C THR A 187 -36.57 6.60 -56.88
N LEU A 188 -36.33 6.91 -58.14
CA LEU A 188 -35.48 6.10 -58.99
C LEU A 188 -34.04 6.07 -58.50
N TYR A 189 -33.55 7.20 -57.98
CA TYR A 189 -32.16 7.26 -57.54
C TYR A 189 -32.02 6.87 -56.08
N ILE A 190 -33.09 6.98 -55.29
CA ILE A 190 -33.08 6.60 -53.88
C ILE A 190 -33.02 5.09 -53.73
N GLU A 191 -33.56 4.34 -54.70
CA GLU A 191 -33.91 2.91 -54.57
C GLU A 191 -34.82 2.68 -53.36
N GLN A 192 -35.70 3.66 -53.10
CA GLN A 192 -36.71 3.72 -52.02
C GLN A 192 -36.22 3.22 -50.66
N PHE A 193 -34.97 3.55 -50.31
CA PHE A 193 -34.54 3.53 -48.92
C PHE A 193 -33.63 4.73 -48.71
N GLY A 194 -33.75 5.36 -47.55
CA GLY A 194 -33.19 6.68 -47.37
C GLY A 194 -34.17 7.72 -47.88
N SER A 195 -33.69 8.95 -48.04
CA SER A 195 -34.56 10.03 -48.48
C SER A 195 -33.75 11.11 -49.19
N ASN A 196 -34.36 11.69 -50.22
CA ASN A 196 -33.76 12.89 -50.79
C ASN A 196 -34.04 14.08 -49.88
N MET A 197 -33.07 14.98 -49.77
CA MET A 197 -33.25 16.14 -48.92
C MET A 197 -33.94 17.28 -49.67
N ASN A 198 -33.67 17.40 -50.97
CA ASN A 198 -34.12 18.57 -51.74
C ASN A 198 -35.63 18.57 -51.96
N GLU A 199 -36.26 17.40 -52.03
CA GLU A 199 -37.71 17.36 -52.13
C GLU A 199 -38.36 17.84 -50.84
N LYS A 200 -37.74 17.54 -49.69
CA LYS A 200 -38.23 18.04 -48.42
C LYS A 200 -38.04 19.55 -48.32
N VAL A 201 -37.04 20.10 -49.01
CA VAL A 201 -36.86 21.54 -49.06
C VAL A 201 -37.99 22.19 -49.85
N ARG A 202 -38.44 21.55 -50.93
CA ARG A 202 -39.52 22.12 -51.73
C ARG A 202 -40.86 22.03 -51.01
N ASN A 203 -41.05 21.01 -50.18
CA ASN A 203 -42.18 21.00 -49.26
C ASN A 203 -41.93 22.01 -48.15
N GLY A 204 -43.00 22.36 -47.43
CA GLY A 204 -42.88 23.32 -46.36
C GLY A 204 -42.36 22.74 -45.05
N LYS A 205 -41.22 22.05 -45.12
CA LYS A 205 -40.69 21.34 -43.97
C LYS A 205 -39.33 21.84 -43.50
N LEU A 206 -38.57 22.51 -44.35
CA LEU A 206 -37.22 22.93 -43.99
C LEU A 206 -37.05 24.41 -44.33
N GLN A 207 -37.24 25.27 -43.34
CA GLN A 207 -37.01 26.70 -43.53
C GLN A 207 -35.51 27.00 -43.44
N GLY A 208 -35.17 28.27 -43.68
CA GLY A 208 -33.79 28.71 -43.71
C GLY A 208 -33.06 28.61 -42.38
N ILE A 209 -31.94 27.88 -42.39
CA ILE A 209 -31.16 27.67 -41.18
C ILE A 209 -30.31 28.91 -40.91
N TYR A 210 -30.17 29.26 -39.62
CA TYR A 210 -29.36 30.41 -39.23
C TYR A 210 -27.90 30.19 -39.60
N GLY A 211 -27.23 31.31 -39.91
CA GLY A 211 -25.89 31.34 -40.42
C GLY A 211 -24.79 30.75 -39.57
N ARG A 212 -24.24 29.65 -40.05
CA ARG A 212 -22.99 29.07 -39.61
C ARG A 212 -22.01 29.15 -40.76
N ASP A 213 -21.88 30.38 -41.26
CA ASP A 213 -21.38 30.72 -42.57
C ASP A 213 -19.96 30.22 -42.82
N GLU A 214 -19.12 30.22 -41.80
CA GLU A 214 -17.76 29.72 -41.97
C GLU A 214 -17.76 28.20 -42.01
N GLU A 215 -18.67 27.57 -41.27
CA GLU A 215 -18.68 26.12 -41.16
C GLU A 215 -19.20 25.46 -42.44
N ILE A 216 -20.20 26.06 -43.07
CA ILE A 216 -20.78 25.47 -44.28
C ILE A 216 -19.84 25.62 -45.48
N ARG A 217 -19.21 26.78 -45.64
CA ARG A 217 -18.36 27.00 -46.81
C ARG A 217 -17.07 26.18 -46.75
N ALA A 218 -16.65 25.80 -45.55
CA ALA A 218 -15.53 24.88 -45.44
C ALA A 218 -15.90 23.48 -45.93
N ILE A 219 -17.17 23.10 -45.79
CA ILE A 219 -17.62 21.80 -46.26
C ILE A 219 -17.76 21.79 -47.77
N ILE A 220 -18.18 22.93 -48.34
CA ILE A 220 -18.31 23.08 -49.79
C ILE A 220 -16.95 22.95 -50.46
N GLU A 221 -15.91 23.52 -49.83
CA GLU A 221 -14.56 23.36 -50.35
C GLU A 221 -14.07 21.92 -50.20
N SER A 222 -14.40 21.27 -49.09
CA SER A 222 -13.94 19.90 -48.87
C SER A 222 -14.76 18.89 -49.67
N LEU A 223 -15.89 19.31 -50.22
CA LEU A 223 -16.65 18.38 -51.06
C LEU A 223 -16.14 18.38 -52.49
N LEU A 224 -15.80 19.56 -53.01
CA LEU A 224 -15.24 19.65 -54.34
C LEU A 224 -13.75 19.53 -54.09
N ARG A 225 -13.17 18.44 -54.58
CA ARG A 225 -11.75 18.20 -54.35
C ARG A 225 -11.20 17.37 -55.50
N TYR A 226 -9.88 17.33 -55.60
CA TYR A 226 -9.26 16.38 -56.52
C TYR A 226 -9.38 14.95 -56.03
N ASN A 227 -9.33 14.72 -54.71
CA ASN A 227 -9.52 13.36 -54.21
C ASN A 227 -10.22 13.41 -52.86
N LYS A 228 -10.76 12.26 -52.45
CA LYS A 228 -11.10 11.84 -51.10
C LYS A 228 -12.31 12.53 -50.47
N ASN A 229 -12.80 13.61 -51.10
CA ASN A 229 -14.21 14.00 -51.28
C ASN A 229 -15.15 13.55 -50.16
N SER A 230 -14.79 13.75 -48.90
CA SER A 230 -15.61 13.29 -47.78
C SER A 230 -15.36 14.13 -46.54
N PRO A 231 -16.01 15.27 -46.42
CA PRO A 231 -15.99 16.01 -45.16
C PRO A 231 -16.82 15.29 -44.09
N VAL A 232 -16.34 15.34 -42.86
CA VAL A 232 -17.04 14.76 -41.72
C VAL A 232 -17.17 15.82 -40.64
N LEU A 233 -18.40 16.04 -40.17
CA LEU A 233 -18.67 17.04 -39.14
C LEU A 233 -18.34 16.42 -37.79
N VAL A 234 -17.05 16.41 -37.45
CA VAL A 234 -16.64 16.00 -36.12
C VAL A 234 -16.95 17.12 -35.13
N GLY A 235 -17.63 16.77 -34.05
CA GLY A 235 -17.99 17.78 -33.08
C GLY A 235 -18.76 17.18 -31.92
N ASN A 236 -19.15 18.08 -31.02
CA ASN A 236 -19.82 17.72 -29.79
C ASN A 236 -21.26 17.26 -30.07
N PRO A 237 -21.91 16.66 -29.08
CA PRO A 237 -23.29 16.18 -29.19
C PRO A 237 -24.31 17.31 -29.33
N GLY A 238 -23.98 18.49 -28.81
CA GLY A 238 -24.86 19.64 -28.87
C GLY A 238 -24.55 20.64 -29.97
N THR A 239 -23.61 20.29 -30.83
CA THR A 239 -23.18 21.18 -31.91
C THR A 239 -24.27 21.51 -32.93
N GLY A 240 -25.15 20.56 -33.23
CA GLY A 240 -26.17 20.81 -34.23
C GLY A 240 -25.62 20.65 -35.63
N LYS A 241 -24.57 19.84 -35.75
CA LYS A 241 -23.91 19.60 -37.02
C LYS A 241 -24.87 18.99 -38.04
N THR A 242 -25.76 18.10 -37.61
CA THR A 242 -26.71 17.49 -38.53
C THR A 242 -27.60 18.55 -39.16
N THR A 243 -28.05 19.52 -38.35
CA THR A 243 -28.87 20.62 -38.85
C THR A 243 -28.10 21.45 -39.87
N ILE A 244 -26.81 21.68 -39.60
CA ILE A 244 -25.96 22.44 -40.50
C ILE A 244 -26.02 21.89 -41.91
N VAL A 245 -25.92 20.57 -42.05
CA VAL A 245 -26.01 19.98 -43.39
C VAL A 245 -27.32 20.37 -44.06
N GLU A 246 -28.41 20.44 -43.28
CA GLU A 246 -29.68 20.88 -43.83
C GLU A 246 -29.63 22.35 -44.25
N GLY A 247 -28.80 23.14 -43.56
CA GLY A 247 -28.48 24.47 -44.04
C GLY A 247 -27.68 24.47 -45.33
N LEU A 248 -26.83 23.45 -45.53
CA LEU A 248 -26.11 23.35 -46.80
C LEU A 248 -27.05 22.99 -47.94
N VAL A 249 -27.96 22.03 -47.69
CA VAL A 249 -28.95 21.63 -48.69
C VAL A 249 -29.88 22.79 -49.00
N TYR A 250 -30.19 23.62 -47.99
CA TYR A 250 -30.93 24.85 -48.22
C TYR A 250 -30.16 25.81 -49.12
N ARG A 251 -28.82 25.77 -49.08
CA ARG A 251 -28.05 26.57 -50.01
C ARG A 251 -27.94 25.89 -51.38
N ILE A 252 -28.09 24.57 -51.44
CA ILE A 252 -28.11 23.88 -52.73
C ILE A 252 -29.34 24.27 -53.53
N GLU A 253 -30.51 24.20 -52.89
CA GLU A 253 -31.76 24.46 -53.60
C GLU A 253 -31.93 25.94 -53.92
N LYS A 254 -31.52 26.84 -53.02
CA LYS A 254 -31.68 28.26 -53.26
C LYS A 254 -30.59 28.83 -54.18
N GLY A 255 -29.52 28.08 -54.44
CA GLY A 255 -28.54 28.50 -55.41
C GLY A 255 -27.42 29.37 -54.90
N ASP A 256 -27.19 29.41 -53.58
CA ASP A 256 -26.05 30.16 -53.02
C ASP A 256 -24.83 29.27 -52.89
N VAL A 257 -24.48 28.57 -53.97
CA VAL A 257 -23.37 27.62 -54.00
C VAL A 257 -22.56 27.88 -55.26
N PRO A 258 -21.30 27.43 -55.32
CA PRO A 258 -20.55 27.55 -56.57
C PRO A 258 -21.12 26.66 -57.67
N LYS A 259 -20.70 26.94 -58.90
CA LYS A 259 -21.31 26.36 -60.10
C LYS A 259 -21.05 24.86 -60.20
N GLU A 260 -19.92 24.40 -59.67
CA GLU A 260 -19.61 22.97 -59.68
C GLU A 260 -20.57 22.17 -58.81
N LEU A 261 -21.27 22.80 -57.87
CA LEU A 261 -22.13 22.06 -56.96
C LEU A 261 -23.62 22.35 -57.15
N GLN A 262 -24.01 22.89 -58.29
CA GLN A 262 -25.42 23.18 -58.50
C GLN A 262 -26.13 21.97 -59.08
N GLY A 263 -27.28 21.62 -58.48
CA GLY A 263 -28.14 20.59 -58.98
C GLY A 263 -27.98 19.22 -58.34
N TYR A 264 -27.12 19.07 -57.35
CA TYR A 264 -26.93 17.75 -56.75
C TYR A 264 -28.06 17.44 -55.77
N THR A 265 -28.46 16.17 -55.76
CA THR A 265 -29.39 15.68 -54.76
C THR A 265 -28.62 15.03 -53.63
N VAL A 266 -29.00 15.37 -52.40
CA VAL A 266 -28.35 14.87 -51.20
C VAL A 266 -29.25 13.83 -50.55
N ILE A 267 -28.69 12.64 -50.29
CA ILE A 267 -29.45 11.48 -49.85
C ILE A 267 -28.87 10.99 -48.52
N SER A 268 -29.71 10.90 -47.51
CA SER A 268 -29.33 10.24 -46.26
C SER A 268 -29.43 8.73 -46.42
N LEU A 269 -28.55 7.99 -45.72
CA LEU A 269 -28.36 6.59 -46.04
C LEU A 269 -29.14 5.63 -45.14
N ASN A 270 -29.28 5.93 -43.85
CA ASN A 270 -29.83 4.98 -42.88
C ASN A 270 -31.10 5.52 -42.22
N PHE A 271 -32.21 5.38 -42.93
CA PHE A 271 -33.54 5.70 -42.41
C PHE A 271 -34.45 4.50 -42.29
N ARG A 272 -34.29 3.51 -43.17
CA ARG A 272 -35.06 2.28 -43.02
C ARG A 272 -34.59 1.50 -41.80
N LYS A 273 -33.34 1.05 -41.81
CA LYS A 273 -32.73 0.47 -40.62
C LYS A 273 -31.28 0.93 -40.56
N PHE A 274 -30.53 0.38 -39.60
CA PHE A 274 -29.09 0.66 -39.52
C PHE A 274 -28.36 -0.04 -40.65
N THR A 275 -28.87 -1.17 -41.12
CA THR A 275 -28.51 -1.71 -42.42
C THR A 275 -29.59 -1.21 -43.36
N SER A 276 -29.18 -0.48 -44.40
CA SER A 276 -30.06 0.43 -45.14
C SER A 276 -31.22 -0.30 -45.82
N GLY A 277 -31.04 -1.58 -46.10
CA GLY A 277 -32.17 -2.46 -46.38
C GLY A 277 -31.86 -3.88 -45.94
N THR A 278 -32.71 -4.43 -45.09
CA THR A 278 -32.67 -5.85 -44.78
C THR A 278 -33.13 -6.65 -45.99
N SER A 279 -32.22 -7.43 -46.57
CA SER A 279 -32.40 -7.90 -47.94
C SER A 279 -33.29 -9.13 -48.09
N TYR A 280 -32.83 -10.27 -47.56
CA TYR A 280 -33.50 -11.57 -47.50
C TYR A 280 -33.73 -12.26 -48.85
N ARG A 281 -33.45 -11.58 -49.96
CA ARG A 281 -33.47 -12.26 -51.25
C ARG A 281 -32.08 -12.21 -51.89
N GLY A 282 -31.58 -11.00 -52.13
CA GLY A 282 -30.20 -10.82 -52.55
C GLY A 282 -29.36 -10.25 -51.43
N GLU A 283 -28.60 -11.11 -50.75
CA GLU A 283 -28.02 -10.71 -49.46
C GLU A 283 -26.77 -9.85 -49.63
N PHE A 284 -26.17 -9.80 -50.83
CA PHE A 284 -25.07 -8.90 -51.09
C PHE A 284 -25.21 -8.16 -52.42
N GLU A 285 -26.10 -8.64 -53.29
CA GLU A 285 -26.25 -8.01 -54.60
C GLU A 285 -27.07 -6.74 -54.53
N THR A 286 -28.23 -6.80 -53.86
CA THR A 286 -29.26 -5.79 -54.04
C THR A 286 -28.94 -4.48 -53.33
N ARG A 287 -28.07 -4.50 -52.33
CA ARG A 287 -27.85 -3.29 -51.55
C ARG A 287 -26.49 -2.64 -51.82
N MET A 288 -25.40 -3.38 -51.69
CA MET A 288 -24.08 -2.77 -51.84
C MET A 288 -23.76 -2.44 -53.29
N LYS A 289 -24.24 -3.24 -54.23
CA LYS A 289 -23.91 -3.02 -55.63
C LYS A 289 -24.82 -1.97 -56.26
N ASN A 290 -26.03 -1.79 -55.75
CA ASN A 290 -26.93 -0.80 -56.33
C ASN A 290 -26.64 0.63 -55.88
N ILE A 291 -25.75 0.81 -54.91
CA ILE A 291 -25.41 2.14 -54.42
C ILE A 291 -24.18 2.65 -55.14
N ILE A 292 -23.13 1.82 -55.17
CA ILE A 292 -21.86 2.22 -55.75
C ILE A 292 -21.97 2.37 -57.27
N LYS A 293 -22.81 1.55 -57.91
CA LYS A 293 -23.09 1.70 -59.34
C LYS A 293 -23.81 3.01 -59.63
N GLU A 294 -24.60 3.50 -58.67
CA GLU A 294 -25.38 4.71 -58.85
C GLU A 294 -24.52 5.99 -58.80
N LEU A 295 -23.24 5.87 -58.47
CA LEU A 295 -22.29 6.98 -58.45
C LEU A 295 -21.73 7.31 -59.82
N LYS A 296 -22.35 6.84 -60.89
CA LYS A 296 -21.80 6.90 -62.24
C LYS A 296 -22.04 8.26 -62.88
N ASN A 297 -21.93 8.31 -64.21
CA ASN A 297 -21.79 9.48 -65.07
C ASN A 297 -22.69 10.67 -64.77
N LYS A 298 -22.22 11.85 -65.21
CA LYS A 298 -22.55 13.22 -64.80
C LYS A 298 -24.03 13.46 -64.48
N LYS A 299 -24.95 12.83 -65.22
CA LYS A 299 -26.38 12.98 -64.96
C LYS A 299 -26.80 12.36 -63.63
N ASN A 300 -25.98 11.49 -63.04
CA ASN A 300 -26.23 10.95 -61.71
C ASN A 300 -25.54 11.86 -60.70
N LYS A 301 -26.29 12.84 -60.22
CA LYS A 301 -25.80 13.86 -59.30
C LYS A 301 -26.16 13.59 -57.85
N ILE A 302 -26.18 12.32 -57.44
CA ILE A 302 -26.52 12.00 -56.05
C ILE A 302 -25.37 12.39 -55.14
N ILE A 303 -25.70 12.77 -53.91
CA ILE A 303 -24.73 13.00 -52.86
C ILE A 303 -25.15 12.18 -51.65
N LEU A 304 -24.25 11.36 -51.14
CA LEU A 304 -24.57 10.53 -50.00
C LEU A 304 -24.41 11.31 -48.71
N PHE A 305 -25.21 10.94 -47.71
CA PHE A 305 -25.13 11.56 -46.40
C PHE A 305 -25.36 10.49 -45.34
N VAL A 306 -24.55 10.56 -44.28
CA VAL A 306 -24.64 9.57 -43.21
C VAL A 306 -24.89 10.32 -41.91
N ASP A 307 -25.90 9.86 -41.15
CA ASP A 307 -26.20 10.48 -39.87
C ASP A 307 -25.11 10.20 -38.84
N GLU A 308 -24.67 8.94 -38.73
CA GLU A 308 -23.58 8.57 -37.83
C GLU A 308 -22.71 7.58 -38.59
N ILE A 309 -21.48 8.00 -38.91
CA ILE A 309 -20.61 7.20 -39.76
C ILE A 309 -19.95 6.06 -38.98
N HIS A 310 -19.97 6.12 -37.65
CA HIS A 310 -19.35 5.06 -36.86
C HIS A 310 -20.25 3.83 -36.76
N LEU A 311 -21.55 3.96 -37.01
CA LEU A 311 -22.40 2.77 -37.13
C LEU A 311 -22.10 1.98 -38.40
N LEU A 312 -21.44 2.59 -39.38
CA LEU A 312 -21.07 1.86 -40.58
C LEU A 312 -19.99 0.83 -40.31
N LEU A 313 -19.21 1.02 -39.22
CA LEU A 313 -18.27 0.00 -38.78
C LEU A 313 -18.99 -1.23 -38.23
N GLY A 314 -20.25 -1.08 -37.82
CA GLY A 314 -21.05 -2.21 -37.42
C GLY A 314 -21.96 -2.68 -38.53
N ALA A 315 -22.07 -1.89 -39.60
CA ALA A 315 -22.91 -2.26 -40.72
C ALA A 315 -22.24 -3.33 -41.56
N GLY A 316 -23.02 -4.32 -41.97
CA GLY A 316 -22.49 -5.46 -42.69
C GLY A 316 -21.73 -6.45 -41.84
N LYS A 317 -21.70 -6.27 -40.52
CA LYS A 317 -20.99 -7.19 -39.64
C LYS A 317 -21.72 -8.52 -39.56
N ALA A 318 -21.03 -9.57 -39.97
CA ALA A 318 -21.59 -10.91 -39.96
C ALA A 318 -20.48 -11.95 -39.88
N GLU A 319 -20.85 -13.17 -39.50
CA GLU A 319 -19.88 -14.25 -39.39
C GLU A 319 -19.25 -14.55 -40.75
N GLY A 320 -20.07 -14.50 -41.80
CA GLY A 320 -19.60 -14.78 -43.13
C GLY A 320 -19.28 -13.59 -43.99
N GLY A 321 -19.34 -12.38 -43.44
CA GLY A 321 -19.10 -11.18 -44.23
C GLY A 321 -18.50 -10.08 -43.39
N THR A 322 -17.56 -9.36 -43.99
CA THR A 322 -16.87 -8.27 -43.31
C THR A 322 -17.72 -7.00 -43.34
N ASP A 323 -17.22 -5.98 -42.65
CA ASP A 323 -17.96 -4.74 -42.45
C ASP A 323 -18.10 -3.98 -43.76
N ALA A 324 -19.26 -3.32 -43.93
CA ALA A 324 -19.52 -2.54 -45.13
C ALA A 324 -18.63 -1.30 -45.20
N ALA A 325 -18.11 -0.85 -44.05
CA ALA A 325 -17.17 0.27 -44.05
C ALA A 325 -15.83 -0.11 -44.63
N ASN A 326 -15.38 -1.35 -44.41
CA ASN A 326 -14.12 -1.80 -44.99
C ASN A 326 -14.22 -1.95 -46.51
N LEU A 327 -15.42 -2.22 -47.01
CA LEU A 327 -15.62 -2.25 -48.46
C LEU A 327 -15.63 -0.86 -49.06
N LEU A 328 -16.04 0.16 -48.28
CA LEU A 328 -16.06 1.52 -48.78
C LEU A 328 -14.69 2.19 -48.70
N LYS A 329 -13.74 1.59 -47.96
CA LYS A 329 -12.40 2.15 -47.87
C LYS A 329 -11.65 2.21 -49.21
N PRO A 330 -11.61 1.17 -50.06
CA PRO A 330 -10.99 1.38 -51.38
C PRO A 330 -11.83 2.23 -52.32
N VAL A 331 -13.12 2.38 -52.05
CA VAL A 331 -14.00 3.17 -52.90
C VAL A 331 -13.67 4.65 -52.79
N LEU A 332 -13.21 5.10 -51.62
CA LEU A 332 -13.00 6.53 -51.37
C LEU A 332 -11.77 7.10 -52.08
N SER A 333 -11.04 6.30 -52.83
CA SER A 333 -9.93 6.80 -53.64
C SER A 333 -10.41 7.18 -55.04
N LYS A 334 -11.68 7.53 -55.16
CA LYS A 334 -12.29 7.89 -56.44
C LYS A 334 -12.99 9.23 -56.29
N GLY A 335 -13.11 9.95 -57.40
CA GLY A 335 -13.77 11.24 -57.39
C GLY A 335 -15.28 11.18 -57.42
N GLU A 336 -15.85 10.01 -57.76
CA GLU A 336 -17.30 9.90 -57.92
C GLU A 336 -18.01 9.81 -56.58
N ILE A 337 -17.38 9.23 -55.58
CA ILE A 337 -17.99 9.10 -54.26
C ILE A 337 -17.93 10.44 -53.52
N LYS A 338 -19.03 10.78 -52.84
CA LYS A 338 -19.10 11.94 -51.97
C LYS A 338 -19.82 11.54 -50.70
N LEU A 339 -19.29 11.99 -49.56
CA LEU A 339 -19.86 11.59 -48.27
C LEU A 339 -19.84 12.78 -47.33
N ILE A 340 -20.89 12.90 -46.52
CA ILE A 340 -20.91 13.83 -45.40
C ILE A 340 -21.44 13.07 -44.19
N GLY A 341 -20.75 13.20 -43.05
CA GLY A 341 -21.16 12.50 -41.86
C GLY A 341 -20.89 13.33 -40.63
N ALA A 342 -21.42 12.85 -39.50
CA ALA A 342 -21.27 13.58 -38.25
C ALA A 342 -21.30 12.60 -37.08
N THR A 343 -20.30 12.70 -36.21
CA THR A 343 -20.25 11.87 -35.01
C THR A 343 -19.97 12.76 -33.81
N THR A 344 -20.18 12.19 -32.63
CA THR A 344 -19.67 12.81 -31.42
C THR A 344 -18.16 12.61 -31.37
N ILE A 345 -17.50 13.41 -30.52
CA ILE A 345 -16.04 13.34 -30.43
C ILE A 345 -15.60 12.02 -29.83
N ALA A 346 -16.31 11.53 -28.81
CA ALA A 346 -15.94 10.28 -28.16
C ALA A 346 -16.16 9.08 -29.08
N GLU A 347 -17.23 9.10 -29.87
CA GLU A 347 -17.42 8.04 -30.86
C GLU A 347 -16.47 8.19 -32.04
N TYR A 348 -15.98 9.41 -32.28
CA TYR A 348 -14.91 9.57 -33.25
C TYR A 348 -13.59 9.01 -32.72
N ARG A 349 -13.37 9.07 -31.40
CA ARG A 349 -12.16 8.51 -30.84
C ARG A 349 -12.23 6.99 -30.75
N LYS A 350 -13.33 6.46 -30.20
CA LYS A 350 -13.42 5.05 -29.88
C LYS A 350 -13.56 4.18 -31.12
N PHE A 351 -14.25 4.68 -32.15
CA PHE A 351 -14.58 3.87 -33.31
C PHE A 351 -13.72 4.23 -34.51
N ILE A 352 -13.65 5.51 -34.89
CA ILE A 352 -13.04 5.89 -36.17
C ILE A 352 -11.52 5.81 -36.09
N GLU A 353 -10.95 6.24 -34.96
CA GLU A 353 -9.49 6.32 -34.87
C GLU A 353 -8.86 4.95 -34.64
N SER A 354 -9.65 3.96 -34.23
CA SER A 354 -9.11 2.64 -33.94
C SER A 354 -8.70 1.90 -35.20
N CYS A 355 -9.33 2.19 -36.34
CA CYS A 355 -9.00 1.52 -37.58
C CYS A 355 -7.78 2.12 -38.27
N SER A 356 -7.62 3.45 -38.21
CA SER A 356 -6.43 4.24 -38.57
C SER A 356 -6.15 4.29 -40.07
N ALA A 357 -6.86 3.49 -40.87
CA ALA A 357 -6.86 3.68 -42.32
C ALA A 357 -8.24 4.08 -42.80
N PHE A 358 -9.28 3.60 -42.11
CA PHE A 358 -10.61 4.16 -42.25
C PHE A 358 -10.67 5.59 -41.73
N GLU A 359 -9.84 5.91 -40.72
CA GLU A 359 -9.71 7.28 -40.24
C GLU A 359 -9.08 8.18 -41.28
N ARG A 360 -8.14 7.65 -42.06
CA ARG A 360 -7.32 8.46 -42.95
C ARG A 360 -7.95 9.18 -44.15
N ARG A 361 -8.95 8.56 -44.79
CA ARG A 361 -9.52 9.19 -45.97
C ARG A 361 -10.70 10.20 -45.75
N PHE A 362 -11.03 10.33 -44.46
CA PHE A 362 -12.07 11.21 -43.96
C PHE A 362 -11.37 12.47 -43.46
N GLU A 363 -11.87 13.63 -43.88
CA GLU A 363 -11.26 14.90 -43.53
C GLU A 363 -11.95 15.50 -42.31
N LYS A 364 -11.16 15.87 -41.32
CA LYS A 364 -11.70 16.54 -40.14
C LYS A 364 -12.19 17.92 -40.49
N ILE A 365 -13.44 18.22 -40.13
CA ILE A 365 -13.88 19.60 -40.02
C ILE A 365 -14.49 19.75 -38.64
N LEU A 366 -13.76 20.40 -37.74
CA LEU A 366 -14.24 20.57 -36.37
C LEU A 366 -15.39 21.55 -36.33
N VAL A 367 -16.46 21.17 -35.65
CA VAL A 367 -17.63 22.01 -35.48
C VAL A 367 -17.54 22.58 -34.07
N GLU A 368 -17.04 23.79 -33.96
CA GLU A 368 -16.90 24.43 -32.66
C GLU A 368 -18.28 24.82 -32.14
N PRO A 369 -18.56 24.63 -30.85
CA PRO A 369 -19.85 25.03 -30.32
C PRO A 369 -20.00 26.53 -30.36
N PRO A 370 -21.21 27.03 -30.66
CA PRO A 370 -21.38 28.47 -30.87
C PRO A 370 -21.27 29.23 -29.56
N SER A 371 -20.80 30.48 -29.67
CA SER A 371 -20.65 31.36 -28.51
C SER A 371 -22.02 31.77 -28.00
N VAL A 372 -22.02 32.25 -26.75
CA VAL A 372 -23.19 32.67 -25.99
C VAL A 372 -24.03 33.68 -26.75
N ASP A 373 -23.38 34.65 -27.38
CA ASP A 373 -24.09 35.65 -28.16
C ASP A 373 -24.69 35.07 -29.43
N MET A 374 -24.05 34.06 -30.01
CA MET A 374 -24.60 33.43 -31.21
C MET A 374 -25.84 32.62 -30.90
N THR A 375 -25.90 32.01 -29.71
CA THR A 375 -27.08 31.25 -29.30
C THR A 375 -28.29 32.16 -29.11
N VAL A 376 -28.05 33.41 -28.71
CA VAL A 376 -29.12 34.41 -28.69
C VAL A 376 -29.55 34.74 -30.11
N LYS A 377 -28.59 34.84 -31.03
CA LYS A 377 -28.91 35.17 -32.41
C LYS A 377 -29.63 34.03 -33.13
N ILE A 378 -29.51 32.82 -32.61
CA ILE A 378 -30.32 31.72 -33.15
C ILE A 378 -31.76 31.84 -32.69
N LEU A 379 -31.97 32.19 -31.42
CA LEU A 379 -33.31 32.22 -30.86
C LEU A 379 -34.15 33.36 -31.42
N ARG A 380 -33.49 34.44 -31.85
CA ARG A 380 -34.22 35.53 -32.49
C ARG A 380 -34.68 35.14 -33.89
N SER A 381 -34.03 34.14 -34.50
CA SER A 381 -34.52 33.63 -35.76
C SER A 381 -35.78 32.80 -35.58
N LEU A 382 -35.92 32.14 -34.44
CA LEU A 382 -37.02 31.21 -34.20
C LEU A 382 -38.22 31.86 -33.51
N LYS A 383 -38.25 33.19 -33.39
CA LYS A 383 -39.46 33.85 -32.92
C LYS A 383 -40.59 33.72 -33.92
N SER A 384 -40.29 33.84 -35.22
CA SER A 384 -41.32 33.70 -36.24
C SER A 384 -41.80 32.27 -36.37
N LYS A 385 -40.99 31.30 -35.96
CA LYS A 385 -41.48 29.93 -35.88
C LYS A 385 -42.46 29.78 -34.72
N TYR A 386 -42.05 30.18 -33.52
CA TYR A 386 -42.83 29.84 -32.35
C TYR A 386 -44.05 30.75 -32.17
N GLU A 387 -43.98 32.00 -32.64
CA GLU A 387 -45.14 32.87 -32.54
C GLU A 387 -46.15 32.61 -33.66
N ASN A 388 -45.77 31.82 -34.67
CA ASN A 388 -46.75 31.44 -35.70
C ASN A 388 -47.18 29.99 -35.54
N PHE A 389 -46.23 29.07 -35.38
CA PHE A 389 -46.59 27.65 -35.29
C PHE A 389 -47.06 27.26 -33.89
N TYR A 390 -46.85 28.11 -32.90
CA TYR A 390 -47.45 27.85 -31.60
C TYR A 390 -48.35 28.99 -31.14
N GLY A 391 -48.07 30.22 -31.57
CA GLY A 391 -48.96 31.34 -31.33
C GLY A 391 -48.70 32.11 -30.05
N ILE A 392 -47.93 31.54 -29.13
CA ILE A 392 -47.64 32.22 -27.87
C ILE A 392 -46.59 33.29 -28.10
N ASN A 393 -46.67 34.37 -27.32
CA ASN A 393 -45.69 35.43 -27.43
C ASN A 393 -44.51 35.17 -26.50
N ILE A 394 -43.32 35.54 -26.96
CA ILE A 394 -42.09 35.36 -26.21
C ILE A 394 -41.43 36.73 -26.07
N THR A 395 -41.27 37.19 -24.84
CA THR A 395 -40.59 38.45 -24.59
C THR A 395 -39.09 38.30 -24.83
N ASP A 396 -38.45 39.43 -25.13
CA ASP A 396 -37.01 39.43 -25.36
C ASP A 396 -36.24 39.20 -24.07
N LYS A 397 -36.84 39.53 -22.93
CA LYS A 397 -36.22 39.22 -21.64
C LYS A 397 -36.14 37.72 -21.41
N ALA A 398 -37.08 36.96 -21.98
CA ALA A 398 -37.01 35.52 -21.89
C ALA A 398 -35.92 34.95 -22.78
N LEU A 399 -35.59 35.64 -23.88
CA LEU A 399 -34.64 35.12 -24.86
C LEU A 399 -33.21 35.18 -24.33
N VAL A 400 -32.84 36.30 -23.71
CA VAL A 400 -31.50 36.45 -23.14
C VAL A 400 -31.32 35.51 -21.97
N ALA A 401 -32.36 35.32 -21.17
CA ALA A 401 -32.28 34.42 -20.02
C ALA A 401 -32.25 32.96 -20.46
N ALA A 402 -32.80 32.63 -21.62
CA ALA A 402 -32.85 31.25 -22.07
C ALA A 402 -31.46 30.71 -22.39
N ALA A 403 -30.56 31.57 -22.87
CA ALA A 403 -29.20 31.15 -23.09
C ALA A 403 -28.37 31.24 -21.83
N LYS A 404 -28.33 32.43 -21.21
CA LYS A 404 -27.32 32.74 -20.21
C LYS A 404 -27.52 32.00 -18.90
N ILE A 405 -28.77 31.64 -18.57
CA ILE A 405 -28.99 30.82 -17.38
C ILE A 405 -28.52 29.39 -17.61
N SER A 406 -28.82 28.84 -18.79
CA SER A 406 -28.47 27.45 -19.08
C SER A 406 -26.97 27.23 -19.26
N ASP A 407 -26.21 28.28 -19.60
CA ASP A 407 -24.79 28.09 -19.89
C ASP A 407 -23.99 27.95 -18.61
N ARG A 408 -24.12 28.91 -17.71
CA ARG A 408 -23.33 28.92 -16.48
C ARG A 408 -23.76 27.83 -15.51
N PHE A 409 -25.00 27.34 -15.63
CA PHE A 409 -25.53 26.41 -14.65
C PHE A 409 -25.43 24.94 -15.10
N ILE A 410 -25.09 24.68 -16.36
CA ILE A 410 -24.97 23.32 -16.88
C ILE A 410 -23.63 23.19 -17.59
N LYS A 411 -22.88 22.12 -17.29
CA LYS A 411 -21.58 21.89 -17.91
C LYS A 411 -21.56 20.62 -18.74
N ASP A 412 -22.71 20.23 -19.29
CA ASP A 412 -22.76 19.20 -20.33
C ASP A 412 -23.90 19.55 -21.27
N ARG A 413 -24.15 18.68 -22.26
CA ARG A 413 -25.19 18.80 -23.30
C ARG A 413 -25.19 20.18 -23.95
N TYR A 414 -24.19 20.43 -24.79
CA TYR A 414 -23.61 21.73 -25.13
C TYR A 414 -24.56 22.80 -25.65
N LEU A 415 -24.02 24.02 -25.78
CA LEU A 415 -24.76 25.27 -25.65
C LEU A 415 -26.02 25.43 -26.51
N PRO A 416 -26.01 25.24 -27.85
CA PRO A 416 -27.19 25.67 -28.62
C PRO A 416 -28.42 24.79 -28.42
N ASP A 417 -28.27 23.58 -27.87
CA ASP A 417 -29.46 22.82 -27.56
C ASP A 417 -30.19 23.37 -26.34
N LYS A 418 -29.42 23.77 -25.31
CA LYS A 418 -30.01 24.25 -24.07
C LYS A 418 -30.79 25.55 -24.27
N ALA A 419 -30.31 26.44 -25.14
CA ALA A 419 -31.05 27.66 -25.44
C ALA A 419 -32.33 27.37 -26.21
N ILE A 420 -32.37 26.27 -26.94
CA ILE A 420 -33.55 25.91 -27.73
C ILE A 420 -34.46 24.96 -26.97
N ASP A 421 -33.90 24.01 -26.21
CA ASP A 421 -34.75 23.04 -25.51
C ASP A 421 -35.50 23.65 -24.34
N LEU A 422 -34.96 24.70 -23.72
CA LEU A 422 -35.72 25.35 -22.66
C LEU A 422 -36.92 26.11 -23.21
N LEU A 423 -36.78 26.70 -24.40
CA LEU A 423 -37.93 27.36 -25.01
C LEU A 423 -38.87 26.36 -25.64
N ASN A 424 -38.37 25.19 -26.04
CA ASN A 424 -39.26 24.13 -26.49
C ASN A 424 -40.04 23.55 -25.32
N LYS A 425 -39.47 23.57 -24.12
CA LYS A 425 -40.25 23.26 -22.93
C LYS A 425 -41.24 24.37 -22.63
N ALA A 426 -40.95 25.60 -23.04
CA ALA A 426 -41.88 26.70 -22.83
C ALA A 426 -43.07 26.61 -23.77
N CYS A 427 -42.87 26.03 -24.97
CA CYS A 427 -43.96 25.90 -25.92
C CYS A 427 -45.00 24.89 -25.47
N SER A 428 -44.60 23.92 -24.66
CA SER A 428 -45.56 22.95 -24.13
C SER A 428 -46.07 23.38 -22.76
N PHE A 429 -45.29 24.19 -22.04
CA PHE A 429 -45.67 24.65 -20.71
C PHE A 429 -46.86 25.59 -20.76
N LEU A 430 -46.85 26.55 -21.68
CA LEU A 430 -47.92 27.55 -21.72
C LEU A 430 -49.14 27.01 -22.45
N GLN A 431 -48.94 26.07 -23.37
CA GLN A 431 -50.01 25.64 -24.26
C GLN A 431 -51.06 24.79 -23.53
N VAL A 432 -50.61 23.94 -22.60
CA VAL A 432 -51.54 23.08 -21.87
C VAL A 432 -52.39 23.90 -20.90
N GLN A 433 -51.81 24.96 -20.34
CA GLN A 433 -52.41 25.64 -19.18
C GLN A 433 -53.22 26.86 -19.58
N LEU A 434 -52.69 27.74 -20.44
CA LEU A 434 -53.36 29.00 -20.71
C LEU A 434 -54.62 28.81 -21.56
N SER A 435 -54.61 27.82 -22.45
CA SER A 435 -55.82 27.53 -23.23
C SER A 435 -56.88 26.86 -22.38
N GLY A 436 -56.47 26.16 -21.32
CA GLY A 436 -57.42 25.47 -20.47
C GLY A 436 -57.48 26.00 -19.05
N LYS A 437 -57.84 25.14 -18.11
CA LYS A 437 -57.91 25.56 -16.71
C LYS A 437 -56.51 25.51 -16.13
N PRO A 438 -56.13 26.54 -15.32
CA PRO A 438 -54.79 26.51 -14.73
C PRO A 438 -54.68 25.49 -13.61
N ARG A 439 -53.41 25.20 -13.25
CA ARG A 439 -53.09 24.12 -12.32
C ARG A 439 -53.50 24.47 -10.89
N ILE A 440 -53.53 25.76 -10.57
CA ILE A 440 -53.72 26.20 -9.19
C ILE A 440 -55.15 25.95 -8.73
N ILE A 441 -56.06 25.85 -9.69
CA ILE A 441 -57.45 25.55 -9.42
C ILE A 441 -57.62 24.07 -9.08
N ASP A 442 -56.73 23.23 -9.60
CA ASP A 442 -56.78 21.80 -9.36
C ASP A 442 -56.26 21.40 -7.98
N VAL A 443 -55.43 22.25 -7.37
CA VAL A 443 -54.75 21.93 -6.11
C VAL A 443 -55.57 22.38 -4.91
N THR A 444 -56.11 23.60 -4.96
CA THR A 444 -56.91 24.11 -3.84
C THR A 444 -58.29 23.47 -3.77
N GLU A 445 -58.70 22.79 -4.83
CA GLU A 445 -60.03 22.16 -4.85
C GLU A 445 -60.07 20.92 -3.97
N ARG A 446 -59.00 20.13 -3.94
CA ARG A 446 -59.08 18.78 -3.38
C ARG A 446 -59.04 18.79 -1.85
N ASP A 447 -58.28 19.71 -1.26
CA ASP A 447 -57.92 19.65 0.16
C ASP A 447 -59.14 19.81 1.08
N ILE A 448 -60.06 20.71 0.74
CA ILE A 448 -61.13 21.09 1.67
C ILE A 448 -62.17 19.99 1.82
N GLU A 449 -62.37 19.16 0.79
CA GLU A 449 -63.51 18.25 0.80
C GLU A 449 -63.13 16.82 1.16
N ARG A 450 -61.90 16.40 0.88
CA ARG A 450 -61.56 14.98 0.97
C ARG A 450 -61.09 14.55 2.36
N LEU A 451 -60.45 15.44 3.13
CA LEU A 451 -59.94 15.03 4.42
C LEU A 451 -60.45 15.91 5.56
N SER A 452 -60.56 17.22 5.31
CA SER A 452 -61.00 18.15 6.35
C SER A 452 -62.51 18.19 6.48
N TYR A 453 -63.24 17.50 5.61
CA TYR A 453 -64.70 17.47 5.64
C TYR A 453 -65.22 16.15 6.15
N GLU A 454 -64.54 15.03 5.84
CA GLU A 454 -65.01 13.72 6.29
C GLU A 454 -64.81 13.53 7.79
N ILE A 455 -63.73 14.08 8.36
CA ILE A 455 -63.45 13.91 9.77
C ILE A 455 -64.27 14.87 10.62
N SER A 456 -64.82 15.93 10.03
CA SER A 456 -65.58 16.93 10.76
C SER A 456 -67.06 16.58 10.88
N THR A 457 -67.46 15.36 10.51
CA THR A 457 -68.87 15.01 10.46
C THR A 457 -69.47 14.65 11.82
N LEU A 458 -70.68 14.10 11.78
CA LEU A 458 -71.45 13.82 13.00
C LEU A 458 -71.03 12.52 13.68
N GLU A 459 -69.96 11.86 13.21
CA GLU A 459 -69.67 10.49 13.61
C GLU A 459 -69.27 10.37 15.08
N LYS A 460 -68.57 11.37 15.63
CA LYS A 460 -68.19 11.37 17.03
C LYS A 460 -68.52 12.73 17.65
N ASP A 461 -69.74 12.84 18.16
CA ASP A 461 -70.16 14.02 18.92
C ASP A 461 -69.91 13.88 20.40
N VAL A 462 -69.37 12.75 20.86
CA VAL A 462 -69.31 12.49 22.29
C VAL A 462 -68.21 13.31 22.97
N ASP A 463 -67.03 13.44 22.34
CA ASP A 463 -65.87 14.17 22.86
C ASP A 463 -65.49 13.71 24.26
N LYS A 464 -65.22 12.41 24.40
CA LYS A 464 -64.78 11.88 25.68
C LYS A 464 -63.43 11.19 25.51
N VAL A 465 -63.25 10.47 24.39
CA VAL A 465 -61.93 9.97 24.04
C VAL A 465 -61.14 11.09 23.34
N SER A 466 -60.01 11.47 23.96
CA SER A 466 -59.10 12.53 23.50
C SER A 466 -59.83 13.85 23.27
N LYS A 467 -60.30 14.45 24.36
CA LYS A 467 -61.22 15.59 24.28
C LYS A 467 -60.56 16.85 23.72
N LYS A 468 -59.23 16.93 23.77
CA LYS A 468 -58.56 18.12 23.26
C LYS A 468 -58.48 18.11 21.74
N LYS A 469 -58.36 16.91 21.15
CA LYS A 469 -58.00 16.80 19.74
C LYS A 469 -59.14 17.19 18.81
N TYR A 470 -60.37 16.76 19.11
CA TYR A 470 -61.50 16.98 18.21
C TYR A 470 -61.94 18.44 18.15
N ASN A 471 -61.54 19.27 19.12
CA ASN A 471 -61.78 20.71 19.01
C ASN A 471 -60.97 21.32 17.89
N LYS A 472 -59.79 20.76 17.59
CA LYS A 472 -58.93 21.31 16.56
C LYS A 472 -59.33 20.83 15.16
N LEU A 473 -59.95 19.64 15.08
CA LEU A 473 -60.37 19.11 13.78
C LEU A 473 -61.51 19.91 13.18
N ILE A 474 -62.30 20.58 14.01
CA ILE A 474 -63.38 21.41 13.52
C ILE A 474 -62.84 22.71 12.94
N LYS A 475 -61.77 23.24 13.52
CA LYS A 475 -61.21 24.53 13.12
C LYS A 475 -60.53 24.47 11.76
N GLU A 476 -60.14 23.28 11.31
CA GLU A 476 -59.37 23.14 10.08
C GLU A 476 -60.20 23.44 8.84
N PHE A 477 -61.52 23.28 8.93
CA PHE A 477 -62.38 23.51 7.76
C PHE A 477 -62.56 24.99 7.47
N GLU A 478 -62.44 25.83 8.50
CA GLU A 478 -62.80 27.24 8.38
C GLU A 478 -61.82 28.03 7.52
N GLU A 479 -60.52 27.75 7.68
CA GLU A 479 -59.50 28.54 6.98
C GLU A 479 -59.39 28.12 5.52
N LYS A 480 -59.86 26.92 5.19
CA LYS A 480 -59.74 26.42 3.82
C LYS A 480 -60.75 27.08 2.89
N LYS A 481 -61.71 27.82 3.43
CA LYS A 481 -62.61 28.62 2.60
C LYS A 481 -61.88 29.77 1.91
N GLU A 482 -60.74 30.20 2.48
CA GLU A 482 -59.94 31.24 1.86
C GLU A 482 -59.26 30.77 0.58
N GLN A 483 -59.11 29.45 0.41
CA GLN A 483 -58.42 28.91 -0.76
C GLN A 483 -59.24 29.13 -2.03
N LEU A 484 -60.54 28.83 -1.98
CA LEU A 484 -61.34 28.77 -3.19
C LEU A 484 -61.70 30.15 -3.71
N LYS A 485 -62.15 31.05 -2.83
CA LYS A 485 -62.82 32.27 -3.28
C LYS A 485 -61.84 33.33 -3.78
N LYS A 486 -60.62 33.38 -3.22
CA LYS A 486 -59.71 34.48 -3.51
C LYS A 486 -59.12 34.37 -4.92
N TYR A 487 -58.67 33.17 -5.30
CA TYR A 487 -58.00 33.02 -6.59
C TYR A 487 -58.98 33.09 -7.75
N TYR A 488 -60.25 32.81 -7.49
CA TYR A 488 -61.26 32.86 -8.53
C TYR A 488 -61.51 34.29 -8.99
N GLU A 489 -61.62 35.21 -8.03
CA GLU A 489 -61.84 36.62 -8.34
C GLU A 489 -60.60 37.25 -8.95
N GLU A 490 -59.41 36.84 -8.49
CA GLU A 490 -58.18 37.34 -9.09
C GLU A 490 -57.97 36.76 -10.49
N TYR A 491 -58.51 35.57 -10.75
CA TYR A 491 -58.55 35.04 -12.11
C TYR A 491 -59.43 35.91 -13.00
N VAL A 492 -60.49 36.49 -12.44
CA VAL A 492 -61.30 37.46 -13.17
C VAL A 492 -60.54 38.77 -13.35
N ILE A 493 -59.75 39.16 -12.34
CA ILE A 493 -58.97 40.40 -12.42
C ILE A 493 -57.89 40.26 -13.48
N THR A 494 -57.19 39.13 -13.51
CA THR A 494 -56.29 38.86 -14.63
C THR A 494 -57.07 38.58 -15.91
N GLY A 495 -58.30 38.09 -15.79
CA GLY A 495 -59.18 37.99 -16.95
C GLY A 495 -59.66 39.35 -17.43
N GLU A 496 -59.76 40.32 -16.51
CA GLU A 496 -60.06 41.69 -16.92
C GLU A 496 -58.93 42.28 -17.74
N ARG A 497 -57.68 41.86 -17.48
CA ARG A 497 -56.56 42.31 -18.29
C ARG A 497 -56.63 41.77 -19.71
N LEU A 498 -57.17 40.55 -19.88
CA LEU A 498 -57.31 39.99 -21.21
C LEU A 498 -58.28 40.61 -22.21
N LYS A 499 -59.40 41.14 -21.74
CA LYS A 499 -60.29 41.88 -22.64
C LYS A 499 -59.88 43.38 -22.88
N ARG A 500 -58.85 43.76 -22.12
CA ARG A 500 -58.16 45.02 -22.38
C ARG A 500 -57.18 44.64 -23.48
N LYS A 501 -56.78 43.37 -23.53
CA LYS A 501 -55.92 42.90 -24.62
C LYS A 501 -56.70 42.74 -25.91
N LYS A 502 -58.02 42.57 -25.81
CA LYS A 502 -58.86 42.61 -27.00
C LYS A 502 -58.92 44.02 -27.58
N GLU A 503 -58.80 45.03 -26.73
CA GLU A 503 -58.92 46.42 -27.18
C GLU A 503 -57.65 46.90 -27.89
N ILE A 504 -56.48 46.45 -27.44
CA ILE A 504 -55.22 46.95 -27.99
C ILE A 504 -54.95 46.40 -29.38
N GLU A 505 -55.64 45.32 -29.76
CA GLU A 505 -55.43 44.71 -31.07
C GLU A 505 -55.91 45.62 -32.19
N LYS A 506 -57.00 46.36 -31.97
CA LYS A 506 -57.56 47.23 -33.00
C LYS A 506 -56.96 48.62 -33.01
N LYS A 507 -56.36 49.07 -31.90
CA LYS A 507 -55.90 50.45 -31.78
C LYS A 507 -54.39 50.53 -31.82
N LEU A 508 -53.69 49.78 -30.98
CA LEU A 508 -52.23 49.90 -30.93
C LEU A 508 -51.56 49.05 -32.00
N ASN A 509 -52.17 47.93 -32.37
CA ASN A 509 -51.57 47.04 -33.35
C ASN A 509 -51.99 47.38 -34.77
N ASP A 510 -53.27 47.68 -34.99
CA ASP A 510 -53.74 47.84 -36.37
C ASP A 510 -53.47 49.23 -36.92
N LEU A 511 -53.61 50.28 -36.10
CA LEU A 511 -53.54 51.65 -36.62
C LEU A 511 -52.13 52.03 -37.07
N LYS A 512 -51.10 51.38 -36.49
CA LYS A 512 -49.76 51.52 -37.03
C LYS A 512 -49.63 50.79 -38.36
N GLU A 513 -50.33 49.67 -38.51
CA GLU A 513 -50.18 48.82 -39.69
C GLU A 513 -51.11 49.19 -40.83
N LEU A 514 -51.96 50.20 -40.68
CA LEU A 514 -52.90 50.57 -41.74
C LEU A 514 -52.53 51.91 -42.36
N THR A 515 -52.38 52.98 -41.58
CA THR A 515 -52.19 54.30 -42.17
C THR A 515 -50.72 54.57 -42.51
N GLN A 516 -49.79 53.92 -41.81
CA GLN A 516 -48.37 54.23 -41.97
C GLN A 516 -47.81 53.44 -43.14
N ASN A 517 -47.61 54.16 -44.26
CA ASN A 517 -47.19 53.53 -45.51
C ASN A 517 -46.16 54.38 -46.25
N TYR A 518 -45.90 54.03 -47.51
CA TYR A 518 -44.93 54.73 -48.35
C TYR A 518 -45.52 55.95 -49.04
N VAL A 519 -46.84 56.07 -49.11
CA VAL A 519 -47.48 57.20 -49.77
C VAL A 519 -47.46 58.38 -48.80
N TYR A 520 -46.40 59.19 -48.87
CA TYR A 520 -46.18 60.46 -48.17
C TYR A 520 -45.89 60.27 -46.68
N SER A 521 -46.14 59.07 -46.16
CA SER A 521 -45.71 58.57 -44.84
C SER A 521 -46.22 59.41 -43.67
N ASN A 522 -47.21 60.27 -43.88
CA ASN A 522 -47.73 61.05 -42.76
C ASN A 522 -49.18 60.75 -42.46
N LYS A 523 -50.06 61.01 -43.44
CA LYS A 523 -51.53 60.96 -43.33
C LYS A 523 -52.01 61.68 -42.06
N GLU A 524 -51.65 62.98 -42.00
CA GLU A 524 -51.97 63.93 -40.93
C GLU A 524 -51.58 63.42 -39.54
N PRO A 525 -50.30 63.46 -39.19
CA PRO A 525 -49.81 62.87 -37.91
C PRO A 525 -50.36 63.48 -36.62
N PRO A 526 -50.82 64.76 -36.53
CA PRO A 526 -51.43 65.16 -35.24
C PRO A 526 -52.75 64.49 -34.91
N ILE A 527 -53.55 64.11 -35.91
CA ILE A 527 -54.80 63.41 -35.64
C ILE A 527 -54.54 61.91 -35.74
N GLU A 528 -55.00 61.18 -34.71
CA GLU A 528 -55.15 59.73 -34.63
C GLU A 528 -53.81 58.99 -34.53
N LEU A 529 -52.70 59.69 -34.74
CA LEU A 529 -51.41 59.00 -34.81
C LEU A 529 -50.52 59.37 -33.63
N GLN A 530 -50.53 60.63 -33.21
CA GLN A 530 -49.91 60.98 -31.95
C GLN A 530 -50.84 60.69 -30.77
N ASN A 531 -52.14 60.59 -31.05
CA ASN A 531 -53.07 60.08 -30.04
C ASN A 531 -52.82 58.61 -29.76
N SER A 532 -52.47 57.84 -30.81
CA SER A 532 -52.17 56.43 -30.63
C SER A 532 -50.85 56.21 -29.89
N LEU A 533 -49.94 57.19 -29.97
CA LEU A 533 -48.70 57.10 -29.20
C LEU A 533 -48.97 57.23 -27.71
N LYS A 534 -49.90 58.10 -27.33
CA LYS A 534 -50.31 58.18 -25.93
C LYS A 534 -51.15 56.98 -25.53
N GLU A 535 -51.83 56.34 -26.49
CA GLU A 535 -52.50 55.07 -26.22
C GLU A 535 -51.49 53.96 -25.95
N ALA A 536 -50.30 54.04 -26.55
CA ALA A 536 -49.26 53.07 -26.23
C ALA A 536 -48.74 53.28 -24.82
N GLN A 537 -48.72 54.53 -24.34
CA GLN A 537 -48.22 54.81 -23.00
C GLN A 537 -49.30 54.64 -21.94
N GLN A 538 -50.52 55.10 -22.20
CA GLN A 538 -51.56 55.10 -21.18
C GLN A 538 -52.42 53.85 -21.21
N LYS A 539 -52.36 53.03 -22.25
CA LYS A 539 -53.10 51.78 -22.21
C LYS A 539 -52.14 50.59 -22.17
N TYR A 540 -51.21 50.52 -23.13
CA TYR A 540 -50.36 49.34 -23.24
C TYR A 540 -49.34 49.25 -22.11
N LEU A 541 -48.65 50.35 -21.81
CA LEU A 541 -47.63 50.30 -20.77
C LEU A 541 -48.23 50.13 -19.39
N GLU A 542 -49.45 50.63 -19.17
CA GLU A 542 -50.14 50.33 -17.93
C GLU A 542 -50.57 48.87 -17.89
N LEU A 543 -50.96 48.31 -19.04
CA LEU A 543 -51.12 46.86 -19.12
C LEU A 543 -49.79 46.15 -18.98
N TYR A 544 -48.72 46.70 -19.57
CA TYR A 544 -47.43 46.03 -19.58
C TYR A 544 -46.81 45.98 -18.19
N LYS A 545 -46.89 47.08 -17.44
CA LYS A 545 -46.34 47.10 -16.09
C LYS A 545 -47.11 46.18 -15.15
N GLU A 546 -48.44 46.10 -15.29
CA GLU A 546 -49.23 45.23 -14.43
C GLU A 546 -49.00 43.76 -14.74
N THR A 547 -48.75 43.42 -16.01
CA THR A 547 -48.33 42.06 -16.32
C THR A 547 -46.94 41.77 -15.79
N VAL A 548 -46.04 42.75 -15.85
CA VAL A 548 -44.72 42.62 -15.22
C VAL A 548 -44.87 42.51 -13.71
N ALA A 549 -45.77 43.32 -13.12
CA ALA A 549 -46.00 43.27 -11.69
C ALA A 549 -46.61 41.96 -11.25
N TYR A 550 -47.33 41.29 -12.15
CA TYR A 550 -47.88 39.98 -11.82
C TYR A 550 -46.82 38.88 -11.89
N VAL A 551 -45.67 39.16 -12.53
CA VAL A 551 -44.59 38.17 -12.59
C VAL A 551 -43.94 38.01 -11.22
N GLU A 552 -43.64 39.11 -10.53
CA GLU A 552 -43.10 38.97 -9.18
C GLU A 552 -44.19 38.52 -8.19
N ALA A 553 -45.45 38.69 -8.54
CA ALA A 553 -46.53 38.22 -7.68
C ALA A 553 -46.63 36.70 -7.69
N LYS A 554 -46.69 36.09 -8.87
CA LYS A 554 -46.98 34.67 -8.98
C LYS A 554 -45.73 33.81 -9.15
N THR A 555 -44.75 34.27 -9.94
CA THR A 555 -43.38 33.77 -10.12
C THR A 555 -43.29 32.43 -10.86
N HIS A 556 -44.42 31.76 -11.08
CA HIS A 556 -44.58 30.62 -11.97
C HIS A 556 -46.04 30.24 -12.02
N ASN A 557 -46.45 29.67 -13.16
CA ASN A 557 -47.84 29.40 -13.50
C ASN A 557 -48.68 30.67 -13.38
N ALA A 558 -48.19 31.73 -14.01
CA ALA A 558 -48.89 33.01 -14.03
C ALA A 558 -50.17 32.92 -14.86
N MET A 559 -51.30 33.14 -14.18
CA MET A 559 -52.60 32.95 -14.80
C MET A 559 -52.93 34.09 -15.76
N ASN A 560 -53.51 33.72 -16.90
CA ASN A 560 -53.99 34.63 -17.95
C ASN A 560 -52.87 35.49 -18.52
N VAL A 561 -51.69 34.90 -18.66
CA VAL A 561 -50.53 35.67 -19.11
C VAL A 561 -49.87 34.95 -20.27
N ASP A 562 -50.09 35.46 -21.50
CA ASP A 562 -49.68 34.75 -22.69
C ASP A 562 -48.18 34.92 -22.98
N ALA A 563 -47.58 35.99 -22.48
CA ALA A 563 -46.17 36.23 -22.75
C ALA A 563 -45.29 35.37 -21.84
N VAL A 564 -44.17 34.91 -22.39
CA VAL A 564 -43.16 34.19 -21.61
C VAL A 564 -42.29 35.20 -20.90
N TYR A 565 -42.01 34.96 -19.61
CA TYR A 565 -41.18 35.89 -18.84
C TYR A 565 -39.96 35.19 -18.29
N GLN A 566 -39.05 36.04 -17.80
CA GLN A 566 -37.73 35.61 -17.36
C GLN A 566 -37.80 34.69 -16.14
N GLU A 567 -38.73 34.95 -15.23
CA GLU A 567 -38.86 34.09 -14.06
C GLU A 567 -39.49 32.75 -14.43
N HIS A 568 -40.27 32.72 -15.51
CA HIS A 568 -40.79 31.44 -16.00
C HIS A 568 -39.70 30.64 -16.71
N VAL A 569 -38.70 31.32 -17.26
CA VAL A 569 -37.58 30.63 -17.88
C VAL A 569 -36.76 29.90 -16.83
N SER A 570 -36.53 30.55 -15.68
CA SER A 570 -35.82 29.89 -14.59
C SER A 570 -36.65 28.76 -14.00
N TYR A 571 -37.98 28.90 -13.96
CA TYR A 571 -38.86 27.86 -13.43
C TYR A 571 -38.78 26.58 -14.23
N ILE A 572 -38.58 26.69 -15.54
CA ILE A 572 -38.37 25.51 -16.35
C ILE A 572 -37.03 24.88 -16.02
N TYR A 573 -36.01 25.70 -15.75
CA TYR A 573 -34.73 25.16 -15.31
C TYR A 573 -34.80 24.54 -13.93
N LEU A 574 -35.56 25.15 -13.02
CA LEU A 574 -35.58 24.69 -11.64
C LEU A 574 -36.37 23.39 -11.49
N ARG A 575 -37.24 23.08 -12.46
CA ARG A 575 -37.82 21.75 -12.58
C ARG A 575 -36.76 20.69 -12.84
N ASP A 576 -35.77 21.03 -13.66
CA ASP A 576 -34.74 20.07 -14.00
C ASP A 576 -33.73 19.93 -12.87
N SER A 577 -33.41 21.02 -12.19
CA SER A 577 -32.48 20.96 -11.08
C SER A 577 -33.17 20.42 -9.84
N GLY A 578 -32.36 20.08 -8.85
CA GLY A 578 -32.86 19.46 -7.64
C GLY A 578 -33.54 20.44 -6.69
N MET A 579 -34.73 20.89 -7.08
CA MET A 579 -35.49 21.85 -6.30
C MET A 579 -36.89 21.33 -6.02
N PRO A 580 -37.47 21.68 -4.89
CA PRO A 580 -38.90 21.48 -4.70
C PRO A 580 -39.70 22.48 -5.53
N LEU A 581 -41.03 22.31 -5.50
CA LEU A 581 -41.89 23.23 -6.23
C LEU A 581 -41.86 24.63 -5.64
N GLY A 582 -41.66 24.75 -4.32
CA GLY A 582 -41.33 26.03 -3.75
C GLY A 582 -40.46 25.97 -2.50
N SER A 583 -39.30 26.60 -2.55
CA SER A 583 -38.58 26.95 -1.33
C SER A 583 -37.75 28.21 -1.53
N LEU A 584 -38.36 29.38 -1.33
CA LEU A 584 -37.70 30.66 -1.08
C LEU A 584 -36.80 31.20 -2.19
N SER A 585 -36.58 30.44 -3.26
CA SER A 585 -35.92 30.98 -4.44
C SER A 585 -36.96 31.39 -5.46
N PHE A 586 -38.08 30.67 -5.50
CA PHE A 586 -39.22 31.09 -6.29
C PHE A 586 -39.89 32.32 -5.69
N GLU A 587 -39.96 32.41 -4.37
CA GLU A 587 -40.73 33.45 -3.71
C GLU A 587 -39.86 34.70 -3.59
N SER A 588 -39.70 35.36 -4.74
CA SER A 588 -38.80 36.51 -4.84
C SER A 588 -39.42 37.75 -4.21
N SER A 589 -38.57 38.57 -3.59
CA SER A 589 -38.87 39.93 -3.10
C SER A 589 -39.86 39.95 -1.94
N LYS A 590 -40.33 38.79 -1.48
CA LYS A 590 -41.06 38.73 -0.23
C LYS A 590 -40.46 37.65 0.68
N GLY A 591 -40.14 36.50 0.11
CA GLY A 591 -39.56 35.42 0.88
C GLY A 591 -38.09 35.61 1.20
N ALA A 592 -37.35 36.30 0.33
CA ALA A 592 -35.93 36.54 0.58
C ALA A 592 -35.73 37.54 1.70
N LEU A 593 -36.63 38.53 1.82
CA LEU A 593 -36.51 39.48 2.91
C LEU A 593 -37.05 38.91 4.22
N LYS A 594 -38.08 38.07 4.14
CA LYS A 594 -38.56 37.39 5.34
C LYS A 594 -37.67 36.22 5.72
N LEU A 595 -36.71 35.85 4.87
CA LEU A 595 -35.73 34.85 5.23
C LEU A 595 -34.84 35.34 6.37
N TYR A 596 -34.60 36.65 6.43
CA TYR A 596 -33.93 37.22 7.59
C TYR A 596 -34.79 37.11 8.85
N ASN A 597 -36.11 37.24 8.70
CA ASN A 597 -36.99 37.09 9.85
C ASN A 597 -37.14 35.64 10.25
N SER A 598 -37.16 34.72 9.27
CA SER A 598 -37.39 33.32 9.58
C SER A 598 -36.18 32.67 10.22
N LEU A 599 -34.97 33.11 9.85
CA LEU A 599 -33.78 32.62 10.53
C LEU A 599 -33.65 33.18 11.94
N SER A 600 -34.18 34.38 12.19
CA SER A 600 -34.19 34.95 13.52
C SER A 600 -35.15 34.22 14.45
N LYS A 601 -36.07 33.44 13.89
CA LYS A 601 -37.00 32.65 14.71
C LYS A 601 -36.27 31.48 15.36
N SER A 602 -35.74 30.57 14.53
CA SER A 602 -35.21 29.32 15.05
C SER A 602 -33.84 29.51 15.70
N ILE A 603 -33.05 30.48 15.21
CA ILE A 603 -31.75 30.80 15.77
C ILE A 603 -31.79 32.25 16.23
N ILE A 604 -31.22 32.51 17.41
CA ILE A 604 -31.43 33.81 18.06
C ILE A 604 -30.21 34.71 17.89
N GLY A 605 -29.06 34.28 18.43
CA GLY A 605 -27.92 35.16 18.52
C GLY A 605 -27.18 35.37 17.20
N ASN A 606 -26.28 36.35 17.24
CA ASN A 606 -25.33 36.66 16.15
C ASN A 606 -26.04 37.01 14.86
N GLU A 607 -26.87 38.05 14.93
CA GLU A 607 -27.66 38.45 13.76
C GLU A 607 -26.81 39.16 12.72
N ASP A 608 -25.64 39.64 13.11
CA ASP A 608 -24.75 40.28 12.14
C ASP A 608 -24.16 39.25 11.18
N ILE A 609 -23.96 38.02 11.65
CA ILE A 609 -23.60 36.93 10.76
C ILE A 609 -24.77 36.59 9.84
N ILE A 610 -25.99 36.66 10.38
CA ILE A 610 -27.20 36.37 9.60
C ILE A 610 -27.42 37.44 8.54
N LYS A 611 -27.08 38.70 8.84
CA LYS A 611 -27.14 39.76 7.83
C LYS A 611 -26.18 39.49 6.69
N SER A 612 -24.97 39.01 6.99
CA SER A 612 -24.07 38.59 5.93
C SER A 612 -24.55 37.30 5.29
N LEU A 613 -25.28 36.46 6.04
CA LEU A 613 -25.75 35.20 5.49
C LEU A 613 -26.97 35.41 4.59
N SER A 614 -27.94 36.21 5.05
CA SER A 614 -29.18 36.37 4.30
C SER A 614 -28.97 37.19 3.04
N ASP A 615 -28.06 38.16 3.07
CA ASP A 615 -27.85 39.01 1.90
C ASP A 615 -27.14 38.28 0.78
N ALA A 616 -26.39 37.21 1.11
CA ALA A 616 -25.83 36.37 0.06
C ALA A 616 -26.93 35.63 -0.70
N VAL A 617 -28.02 35.29 -0.02
CA VAL A 617 -29.18 34.73 -0.70
C VAL A 617 -29.88 35.81 -1.52
N VAL A 618 -29.88 37.05 -1.01
CA VAL A 618 -30.50 38.17 -1.71
C VAL A 618 -29.74 38.47 -3.01
N LYS A 619 -28.41 38.34 -2.97
CA LYS A 619 -27.62 38.48 -4.19
C LYS A 619 -27.86 37.33 -5.16
N ALA A 620 -28.13 36.14 -4.63
CA ALA A 620 -28.39 34.99 -5.50
C ALA A 620 -29.75 35.07 -6.15
N ALA A 621 -30.76 35.58 -5.43
CA ALA A 621 -32.11 35.66 -5.95
C ALA A 621 -32.25 36.69 -7.06
N THR A 622 -31.37 37.69 -7.09
CA THR A 622 -31.35 38.70 -8.13
C THR A 622 -30.19 38.43 -9.08
N GLY A 623 -29.98 39.35 -10.01
CA GLY A 623 -28.86 39.27 -10.93
C GLY A 623 -27.52 39.64 -10.38
N MET A 624 -27.41 39.86 -9.06
CA MET A 624 -26.14 40.19 -8.43
C MET A 624 -25.39 38.89 -8.11
N LYS A 625 -25.06 38.16 -9.16
CA LYS A 625 -24.48 36.82 -9.04
C LYS A 625 -23.06 36.83 -9.55
N ASP A 626 -22.18 36.11 -8.84
CA ASP A 626 -20.80 35.97 -9.24
C ASP A 626 -20.65 34.64 -9.96
N PRO A 627 -20.36 34.63 -11.27
CA PRO A 627 -20.34 33.36 -12.01
C PRO A 627 -19.19 32.44 -11.63
N GLU A 628 -18.11 32.97 -11.06
CA GLU A 628 -16.99 32.11 -10.67
C GLU A 628 -17.11 31.66 -9.21
N LYS A 629 -17.29 32.61 -8.31
CA LYS A 629 -17.25 32.30 -6.89
C LYS A 629 -18.54 31.63 -6.44
N PRO A 630 -18.46 30.60 -5.60
CA PRO A 630 -19.68 30.00 -5.05
C PRO A 630 -20.33 30.95 -4.06
N ILE A 631 -21.65 30.96 -4.08
CA ILE A 631 -22.41 31.98 -3.35
C ILE A 631 -22.58 31.55 -1.90
N GLY A 632 -22.06 32.38 -0.99
CA GLY A 632 -22.24 32.14 0.42
C GLY A 632 -21.20 31.28 1.09
N THR A 633 -19.92 31.56 0.88
CA THR A 633 -18.89 30.85 1.62
C THR A 633 -18.70 31.52 2.98
N PHE A 634 -18.55 30.70 4.02
CA PHE A 634 -18.47 31.24 5.38
C PHE A 634 -17.51 30.40 6.20
N LEU A 635 -16.97 31.02 7.24
CA LEU A 635 -16.04 30.37 8.16
C LEU A 635 -16.58 30.60 9.57
N PHE A 636 -17.16 29.57 10.17
CA PHE A 636 -17.92 29.70 11.40
C PHE A 636 -17.07 29.31 12.61
N LEU A 637 -16.27 30.25 13.05
CA LEU A 637 -15.48 30.02 14.24
C LEU A 637 -16.38 30.36 15.42
N GLY A 638 -16.12 29.78 16.56
CA GLY A 638 -16.90 30.06 17.75
C GLY A 638 -16.64 29.09 18.88
N PRO A 639 -17.14 29.40 20.07
CA PRO A 639 -16.97 28.52 21.22
C PRO A 639 -17.81 27.27 21.07
N THR A 640 -17.42 26.23 21.80
CA THR A 640 -18.16 24.98 21.74
C THR A 640 -19.49 25.13 22.48
N GLY A 641 -20.56 24.65 21.85
CA GLY A 641 -21.87 24.62 22.46
C GLY A 641 -22.94 25.44 21.77
N VAL A 642 -22.56 26.45 20.99
CA VAL A 642 -23.55 27.29 20.32
C VAL A 642 -23.99 26.62 19.03
N GLY A 643 -25.10 27.10 18.48
CA GLY A 643 -25.71 26.47 17.31
C GLY A 643 -25.07 26.77 15.98
N LYS A 644 -23.79 26.41 15.83
CA LYS A 644 -23.08 26.73 14.60
C LYS A 644 -23.52 25.86 13.43
N THR A 645 -23.54 24.54 13.63
CA THR A 645 -23.93 23.63 12.56
C THR A 645 -25.44 23.68 12.40
N GLU A 646 -26.15 24.32 13.33
CA GLU A 646 -27.60 24.38 13.27
C GLU A 646 -28.12 25.26 12.16
N LEU A 647 -27.35 26.29 11.80
CA LEU A 647 -27.67 27.10 10.65
C LEU A 647 -27.76 26.36 9.33
N ALA A 648 -26.88 25.37 9.13
CA ALA A 648 -26.95 24.54 7.92
C ALA A 648 -28.19 23.65 7.92
N LYS A 649 -28.68 23.28 9.10
CA LYS A 649 -29.94 22.55 9.16
C LYS A 649 -31.11 23.45 8.81
N THR A 650 -31.12 24.68 9.34
CA THR A 650 -32.24 25.59 9.08
C THR A 650 -32.29 26.06 7.64
N LEU A 651 -31.14 26.24 6.99
CA LEU A 651 -31.15 26.66 5.60
C LEU A 651 -31.62 25.55 4.67
N ALA A 652 -31.35 24.30 5.04
CA ALA A 652 -31.89 23.18 4.27
C ALA A 652 -33.39 23.06 4.45
N ILE A 653 -33.89 23.33 5.66
CA ILE A 653 -35.33 23.28 5.93
C ILE A 653 -36.06 24.48 5.35
N GLU A 654 -35.41 25.62 5.20
CA GLU A 654 -36.09 26.82 4.71
C GLU A 654 -35.77 27.07 3.23
N LEU A 655 -34.50 27.25 2.87
CA LEU A 655 -34.18 27.62 1.50
C LEU A 655 -34.35 26.46 0.54
N PHE A 656 -34.41 25.23 1.05
CA PHE A 656 -34.49 24.07 0.18
C PHE A 656 -35.52 23.03 0.61
N ASN A 657 -36.24 23.27 1.72
CA ASN A 657 -37.47 22.56 2.10
C ASN A 657 -37.21 21.07 2.41
N SER A 658 -35.96 20.70 2.61
CA SER A 658 -35.61 19.30 2.75
C SER A 658 -34.24 19.17 3.40
N LYS A 659 -34.08 18.15 4.24
CA LYS A 659 -32.77 17.79 4.77
C LYS A 659 -31.91 17.06 3.76
N ASP A 660 -32.48 16.69 2.60
CA ASP A 660 -31.70 16.05 1.55
C ASP A 660 -30.70 17.01 0.92
N ASN A 661 -31.02 18.30 0.87
CA ASN A 661 -30.08 19.27 0.33
C ASN A 661 -28.99 19.62 1.33
N LEU A 662 -29.18 19.26 2.60
CA LEU A 662 -28.07 19.30 3.54
C LEU A 662 -27.10 18.17 3.22
N ILE A 663 -25.83 18.52 3.02
CA ILE A 663 -24.79 17.56 2.67
C ILE A 663 -23.73 17.65 3.76
N ARG A 664 -23.80 16.77 4.74
CA ARG A 664 -22.81 16.73 5.80
C ARG A 664 -21.50 16.18 5.27
N VAL A 665 -20.38 16.75 5.73
CA VAL A 665 -19.05 16.23 5.48
C VAL A 665 -18.42 15.98 6.84
N ASN A 666 -18.33 14.71 7.23
CA ASN A 666 -17.73 14.35 8.51
C ASN A 666 -16.22 14.44 8.36
N MET A 667 -15.65 15.56 8.79
CA MET A 667 -14.23 15.81 8.65
C MET A 667 -13.39 14.91 9.56
N SER A 668 -14.02 14.32 10.59
CA SER A 668 -13.35 13.29 11.39
C SER A 668 -12.98 12.07 10.56
N GLU A 669 -13.74 11.78 9.50
CA GLU A 669 -13.31 10.78 8.53
C GLU A 669 -12.12 11.23 7.71
N PHE A 670 -11.95 12.55 7.53
CA PHE A 670 -10.93 13.10 6.65
C PHE A 670 -9.74 13.66 7.39
N THR A 671 -9.36 13.07 8.54
CA THR A 671 -8.26 13.61 9.31
C THR A 671 -6.91 13.23 8.70
N GLU A 672 -6.84 12.09 8.03
CA GLU A 672 -5.57 11.60 7.49
C GLU A 672 -5.20 12.36 6.23
N ALA A 673 -3.90 12.32 5.90
CA ALA A 673 -3.44 12.90 4.65
C ALA A 673 -3.80 12.02 3.46
N HIS A 674 -3.97 10.71 3.68
CA HIS A 674 -4.43 9.84 2.61
C HIS A 674 -5.92 10.00 2.33
N SER A 675 -6.67 10.56 3.27
CA SER A 675 -8.12 10.63 3.18
C SER A 675 -8.62 11.63 2.15
N VAL A 676 -7.73 12.48 1.61
CA VAL A 676 -8.12 13.51 0.67
C VAL A 676 -8.61 12.93 -0.67
N SER A 677 -8.20 11.70 -0.99
CA SER A 677 -8.70 11.06 -2.20
C SER A 677 -10.16 10.66 -2.06
N LYS A 678 -10.66 10.53 -0.84
CA LYS A 678 -12.07 10.20 -0.65
C LYS A 678 -12.99 11.36 -1.02
N ILE A 679 -12.47 12.59 -1.02
CA ILE A 679 -13.27 13.71 -1.49
C ILE A 679 -13.45 13.64 -3.00
N THR A 680 -12.35 13.59 -3.75
CA THR A 680 -12.38 13.70 -5.21
C THR A 680 -12.39 12.34 -5.91
N GLY A 681 -12.43 11.24 -5.18
CA GLY A 681 -12.41 9.92 -5.80
C GLY A 681 -11.00 9.47 -6.14
N SER A 682 -10.89 8.18 -6.44
CA SER A 682 -9.58 7.61 -6.72
C SER A 682 -9.17 7.91 -8.17
N PRO A 683 -7.89 8.19 -8.41
CA PRO A 683 -7.45 8.51 -9.78
C PRO A 683 -7.47 7.27 -10.64
N PRO A 684 -7.39 7.42 -11.99
CA PRO A 684 -7.52 6.24 -12.86
C PRO A 684 -6.39 5.23 -12.72
N GLY A 685 -6.73 3.96 -12.90
CA GLY A 685 -5.78 2.88 -12.75
C GLY A 685 -5.65 2.34 -11.34
N TYR A 686 -6.53 2.74 -10.43
CA TYR A 686 -6.43 2.31 -9.04
C TYR A 686 -7.70 1.64 -8.58
N VAL A 687 -7.73 1.34 -7.28
CA VAL A 687 -8.88 0.70 -6.68
C VAL A 687 -10.05 1.67 -6.65
N GLY A 688 -11.18 1.23 -7.20
CA GLY A 688 -12.35 2.08 -7.26
C GLY A 688 -12.56 2.68 -8.64
N PHE A 689 -12.59 4.02 -8.70
CA PHE A 689 -12.64 4.86 -9.89
C PHE A 689 -14.00 4.81 -10.60
N SER A 690 -14.87 3.88 -10.21
CA SER A 690 -16.22 3.85 -10.76
C SER A 690 -17.07 4.96 -10.19
N ASP A 691 -16.98 5.18 -8.88
CA ASP A 691 -17.52 6.39 -8.28
C ASP A 691 -16.53 7.53 -8.50
N SER A 692 -17.05 8.74 -8.66
CA SER A 692 -16.21 9.92 -8.73
C SER A 692 -15.85 10.47 -7.35
N GLY A 693 -16.32 9.84 -6.29
CA GLY A 693 -15.99 10.24 -4.95
C GLY A 693 -17.21 10.27 -4.05
N GLN A 694 -16.95 10.58 -2.77
CA GLN A 694 -18.01 10.65 -1.78
C GLN A 694 -18.75 11.96 -1.87
N LEU A 695 -18.02 13.07 -1.73
CA LEU A 695 -18.64 14.39 -1.79
C LEU A 695 -18.89 14.83 -3.22
N THR A 696 -17.90 14.64 -4.10
CA THR A 696 -17.96 15.22 -5.45
C THR A 696 -19.02 14.58 -6.33
N GLU A 697 -19.38 13.33 -6.07
CA GLU A 697 -20.47 12.74 -6.83
C GLU A 697 -21.81 13.32 -6.39
N ALA A 698 -21.98 13.54 -5.10
CA ALA A 698 -23.30 13.92 -4.56
C ALA A 698 -23.70 15.34 -4.92
N VAL A 699 -22.73 16.21 -5.23
CA VAL A 699 -23.07 17.57 -5.60
C VAL A 699 -23.60 17.61 -7.03
N ARG A 700 -23.22 16.61 -7.84
CA ARG A 700 -23.53 16.61 -9.28
C ARG A 700 -25.02 16.49 -9.55
N GLU A 701 -25.76 15.76 -8.72
CA GLU A 701 -27.20 15.65 -8.96
C GLU A 701 -28.01 16.72 -8.25
N LYS A 702 -27.47 17.36 -7.22
CA LYS A 702 -28.15 18.47 -6.54
C LYS A 702 -27.23 19.69 -6.51
N PRO A 703 -27.21 20.46 -7.60
CA PRO A 703 -26.39 21.69 -7.59
C PRO A 703 -26.93 22.77 -6.68
N HIS A 704 -28.25 22.85 -6.49
CA HIS A 704 -28.85 23.80 -5.56
C HIS A 704 -28.97 23.11 -4.21
N SER A 705 -27.92 23.22 -3.40
CA SER A 705 -27.87 22.60 -2.08
C SER A 705 -26.77 23.25 -1.27
N VAL A 706 -26.96 23.29 0.04
CA VAL A 706 -25.89 23.75 0.91
C VAL A 706 -24.85 22.65 1.04
N VAL A 707 -23.60 23.06 1.27
CA VAL A 707 -22.52 22.09 1.45
C VAL A 707 -21.94 22.30 2.84
N LEU A 708 -22.34 21.48 3.78
CA LEU A 708 -21.85 21.60 5.15
C LEU A 708 -20.49 20.92 5.29
N PHE A 709 -19.55 21.67 5.84
CA PHE A 709 -18.33 21.09 6.38
C PHE A 709 -18.38 21.22 7.89
N ASP A 710 -18.19 20.09 8.57
CA ASP A 710 -18.53 19.99 9.98
C ASP A 710 -17.51 20.68 10.87
N GLU A 711 -16.27 20.22 10.87
CA GLU A 711 -15.24 20.71 11.77
C GLU A 711 -13.90 20.73 11.07
N LEU A 712 -13.54 21.88 10.50
CA LEU A 712 -12.27 22.02 9.78
C LEU A 712 -11.05 22.01 10.69
N GLU A 713 -11.24 22.00 12.01
CA GLU A 713 -10.09 22.01 12.91
C GLU A 713 -9.35 20.68 12.90
N LYS A 714 -10.00 19.60 12.50
CA LYS A 714 -9.39 18.27 12.49
C LYS A 714 -9.31 17.72 11.06
N ALA A 715 -8.27 18.14 10.35
CA ALA A 715 -7.99 17.62 9.03
C ALA A 715 -6.51 17.86 8.75
N HIS A 716 -5.96 17.04 7.85
CA HIS A 716 -4.62 17.31 7.38
C HIS A 716 -4.67 18.48 6.40
N ALA A 717 -3.54 19.19 6.27
CA ALA A 717 -3.52 20.41 5.46
C ALA A 717 -3.62 20.12 3.97
N ASP A 718 -3.37 18.87 3.57
CA ASP A 718 -3.56 18.45 2.19
C ASP A 718 -5.04 18.48 1.81
N VAL A 719 -5.92 18.19 2.78
CA VAL A 719 -7.36 18.33 2.56
C VAL A 719 -7.72 19.78 2.32
N PHE A 720 -7.01 20.70 2.97
CA PHE A 720 -7.24 22.13 2.77
C PHE A 720 -6.79 22.58 1.38
N LYS A 721 -5.87 21.83 0.76
CA LYS A 721 -5.35 22.23 -0.54
C LYS A 721 -6.40 22.07 -1.64
N VAL A 722 -7.23 21.04 -1.54
CA VAL A 722 -8.35 20.92 -2.47
C VAL A 722 -9.37 22.01 -2.21
N LEU A 723 -9.55 22.37 -0.92
CA LEU A 723 -10.55 23.37 -0.52
C LEU A 723 -10.23 24.77 -1.05
N LEU A 724 -8.98 25.01 -1.46
CA LEU A 724 -8.61 26.29 -2.06
C LEU A 724 -9.36 26.51 -3.36
N GLN A 725 -9.49 25.46 -4.17
CA GLN A 725 -10.26 25.58 -5.39
C GLN A 725 -11.75 25.61 -5.10
N ILE A 726 -12.18 24.97 -4.00
CA ILE A 726 -13.59 24.77 -3.73
C ILE A 726 -14.27 26.10 -3.41
N LEU A 727 -13.65 26.89 -2.53
CA LEU A 727 -14.17 28.22 -2.26
C LEU A 727 -13.83 29.19 -3.38
N GLY A 728 -12.84 28.86 -4.21
CA GLY A 728 -12.38 29.82 -5.19
C GLY A 728 -13.22 29.87 -6.43
N ASP A 729 -13.52 28.70 -6.99
CA ASP A 729 -14.22 28.62 -8.26
C ASP A 729 -15.16 27.43 -8.20
N GLY A 730 -15.98 27.32 -9.24
CA GLY A 730 -16.68 26.09 -9.53
C GLY A 730 -15.95 25.19 -10.49
N TYR A 731 -14.64 25.37 -10.69
CA TYR A 731 -13.87 24.55 -11.63
C TYR A 731 -13.26 23.35 -10.93
N ILE A 732 -14.12 22.56 -10.29
CA ILE A 732 -13.65 21.35 -9.63
C ILE A 732 -13.91 20.15 -10.52
N ASN A 733 -12.85 19.42 -10.80
CA ASN A 733 -12.87 18.33 -11.75
C ASN A 733 -12.98 17.02 -11.01
N ASP A 734 -13.66 16.06 -11.61
CA ASP A 734 -13.72 14.73 -11.06
C ASP A 734 -12.51 13.92 -11.51
N ASN A 735 -12.57 12.61 -11.24
CA ASN A 735 -11.58 11.70 -11.80
C ASN A 735 -11.74 11.59 -13.30
N HIS A 736 -12.96 11.70 -13.79
CA HIS A 736 -13.21 11.78 -15.22
C HIS A 736 -13.06 13.20 -15.75
N ARG A 737 -12.69 14.15 -14.89
CA ARG A 737 -12.46 15.57 -15.21
C ARG A 737 -13.70 16.17 -15.86
N ARG A 738 -14.80 16.17 -15.12
CA ARG A 738 -15.95 16.97 -15.47
C ARG A 738 -16.16 18.01 -14.39
N ASN A 739 -16.59 19.20 -14.79
CA ASN A 739 -16.79 20.28 -13.84
C ASN A 739 -18.00 19.99 -12.96
N ILE A 740 -17.94 20.43 -11.71
CA ILE A 740 -19.06 20.32 -10.79
C ILE A 740 -19.54 21.73 -10.47
N ASP A 741 -20.85 21.93 -10.54
CA ASP A 741 -21.45 23.24 -10.41
C ASP A 741 -21.62 23.57 -8.93
N PHE A 742 -20.65 24.29 -8.38
CA PHE A 742 -20.77 24.81 -7.03
C PHE A 742 -21.32 26.21 -6.98
N SER A 743 -21.76 26.76 -8.12
CA SER A 743 -22.66 27.88 -8.08
C SER A 743 -23.96 27.44 -7.44
N ASN A 744 -24.57 28.37 -6.67
CA ASN A 744 -25.75 28.21 -5.84
C ASN A 744 -25.53 27.27 -4.65
N THR A 745 -24.30 26.84 -4.42
CA THR A 745 -23.99 26.11 -3.20
C THR A 745 -23.51 27.06 -2.12
N ILE A 746 -24.18 27.03 -0.97
CA ILE A 746 -23.76 27.79 0.19
C ILE A 746 -22.80 26.88 0.97
N ILE A 747 -21.54 27.25 0.99
CA ILE A 747 -20.51 26.41 1.62
C ILE A 747 -20.31 26.87 3.05
N ILE A 748 -21.01 26.21 3.97
CA ILE A 748 -20.89 26.50 5.40
C ILE A 748 -19.77 25.66 5.99
N MET A 749 -18.79 26.31 6.62
CA MET A 749 -17.63 25.62 7.18
C MET A 749 -17.48 26.02 8.64
N THR A 750 -18.11 25.26 9.51
CA THR A 750 -17.91 25.44 10.94
C THR A 750 -16.59 24.79 11.35
N SER A 751 -15.92 25.39 12.31
CA SER A 751 -14.79 24.78 13.01
C SER A 751 -14.67 25.48 14.34
N ASN A 752 -14.33 24.71 15.37
CA ASN A 752 -14.46 25.24 16.73
C ASN A 752 -13.33 26.20 17.07
N LEU A 753 -12.19 25.63 17.44
CA LEU A 753 -11.09 26.40 18.01
C LEU A 753 -11.58 27.14 19.29
N GLY A 754 -12.77 26.74 19.79
CA GLY A 754 -13.39 27.28 20.99
C GLY A 754 -12.57 27.07 22.23
N ALA A 755 -11.96 25.89 22.32
CA ALA A 755 -11.10 25.46 23.41
C ALA A 755 -9.82 26.30 23.50
N GLU A 756 -9.29 26.69 22.34
CA GLU A 756 -7.99 27.33 22.36
C GLU A 756 -7.75 28.65 23.09
N LEU A 757 -8.58 29.67 22.83
CA LEU A 757 -8.34 30.97 23.44
C LEU A 757 -9.46 31.99 23.67
N PHE A 758 -9.62 32.91 22.70
CA PHE A 758 -10.49 34.06 22.68
C PHE A 758 -11.84 33.92 23.31
N LYS A 759 -12.76 33.28 22.58
CA LYS A 759 -14.09 33.04 23.12
C LYS A 759 -14.02 31.95 24.21
N LYS A 760 -12.85 31.33 24.21
CA LYS A 760 -12.49 30.30 25.19
C LYS A 760 -12.41 31.10 26.48
N LYS A 761 -11.82 32.29 26.43
CA LYS A 761 -11.82 33.03 27.67
C LYS A 761 -13.32 33.17 27.87
N LEU A 762 -13.80 32.80 29.04
CA LEU A 762 -15.24 32.87 29.27
C LEU A 762 -15.65 34.33 29.41
N PHE A 763 -16.69 34.74 28.71
CA PHE A 763 -17.11 36.12 28.87
C PHE A 763 -17.17 36.35 30.36
N PHE A 764 -16.28 37.26 30.73
CA PHE A 764 -16.02 37.63 32.09
C PHE A 764 -17.26 38.24 32.69
N ASP A 765 -17.92 39.09 31.91
CA ASP A 765 -19.16 39.69 32.33
C ASP A 765 -20.16 39.05 31.40
N ALA A 766 -21.12 38.33 31.95
CA ALA A 766 -22.12 37.68 31.13
C ALA A 766 -23.23 38.67 30.87
N ASP A 767 -22.86 39.86 30.41
CA ASP A 767 -23.88 40.87 30.14
C ASP A 767 -24.39 40.66 28.75
N ASN A 768 -25.56 41.18 28.40
CA ASN A 768 -26.04 40.87 27.07
C ASN A 768 -25.12 41.39 25.97
N SER A 769 -24.74 42.66 26.08
CA SER A 769 -23.83 43.30 25.12
C SER A 769 -23.36 44.65 25.62
N GLY A 770 -22.26 44.76 26.37
CA GLY A 770 -21.93 46.14 26.72
C GLY A 770 -21.28 46.76 25.53
N THR A 771 -21.94 47.77 25.01
CA THR A 771 -21.46 48.35 23.79
C THR A 771 -20.07 48.99 23.83
N PRO A 772 -19.72 49.62 24.95
CA PRO A 772 -18.36 50.20 25.01
C PRO A 772 -17.33 49.14 25.35
N GLU A 773 -17.78 48.02 25.90
CA GLU A 773 -16.89 46.94 26.30
C GLU A 773 -16.90 45.70 25.40
N TYR A 774 -18.03 45.00 25.40
CA TYR A 774 -18.15 43.78 24.60
C TYR A 774 -17.79 44.00 23.14
N LYS A 775 -18.29 45.08 22.55
CA LYS A 775 -18.05 45.35 21.13
C LYS A 775 -16.56 45.55 20.84
N ARG A 776 -15.86 46.18 21.76
CA ARG A 776 -14.44 46.45 21.58
C ARG A 776 -13.56 45.23 21.78
N VAL A 777 -13.81 44.48 22.84
CA VAL A 777 -13.02 43.30 23.16
C VAL A 777 -13.25 42.12 22.22
N MET A 778 -14.48 42.01 21.72
CA MET A 778 -14.79 40.92 20.82
C MET A 778 -14.03 41.06 19.53
N GLU A 779 -13.97 42.28 19.01
CA GLU A 779 -13.26 42.49 17.75
C GLU A 779 -11.77 42.22 17.92
N ASP A 780 -11.21 42.53 19.10
CA ASP A 780 -9.83 42.19 19.38
C ASP A 780 -9.39 40.72 19.43
N VAL A 781 -10.38 39.89 19.73
CA VAL A 781 -10.26 38.45 19.78
C VAL A 781 -10.53 37.87 18.40
N ARG A 782 -11.46 38.50 17.68
CA ARG A 782 -11.80 38.10 16.32
C ARG A 782 -10.64 38.35 15.38
N LEU A 783 -9.93 39.45 15.63
CA LEU A 783 -8.74 39.80 14.86
C LEU A 783 -7.71 38.72 15.14
N SER A 784 -7.60 38.33 16.42
CA SER A 784 -6.70 37.28 16.85
C SER A 784 -7.09 35.95 16.20
N LEU A 785 -8.39 35.70 16.09
CA LEU A 785 -8.89 34.48 15.47
C LEU A 785 -8.45 34.43 14.01
N ILE A 786 -8.56 35.58 13.34
CA ILE A 786 -8.11 35.70 11.96
C ILE A 786 -6.60 35.52 11.91
N LYS A 787 -5.91 36.10 12.89
CA LYS A 787 -4.46 36.01 13.01
C LYS A 787 -4.03 34.58 13.21
N LYS A 788 -4.80 33.83 14.01
CA LYS A 788 -4.51 32.43 14.28
C LYS A 788 -4.58 31.61 12.99
N CYS A 789 -5.57 31.92 12.16
CA CYS A 789 -5.75 31.23 10.89
C CYS A 789 -4.47 31.26 10.07
N LYS A 790 -3.83 32.43 9.99
CA LYS A 790 -2.56 32.55 9.29
C LYS A 790 -1.60 31.53 9.91
N LYS A 791 -1.80 31.27 11.19
CA LYS A 791 -1.04 30.31 11.95
C LYS A 791 -1.26 28.91 11.42
N VAL A 792 -2.49 28.59 11.04
CA VAL A 792 -2.82 27.24 10.57
C VAL A 792 -3.57 27.06 9.25
N PHE A 793 -4.62 27.83 9.00
CA PHE A 793 -5.38 27.61 7.79
C PHE A 793 -4.73 28.15 6.52
N LYS A 794 -3.43 28.53 6.57
CA LYS A 794 -2.66 28.91 5.37
C LYS A 794 -3.27 30.05 4.58
N PRO A 795 -2.95 31.31 4.95
CA PRO A 795 -3.81 32.50 4.68
C PRO A 795 -4.36 32.70 3.26
N GLU A 796 -3.86 31.98 2.25
CA GLU A 796 -4.53 31.87 0.96
C GLU A 796 -5.98 31.44 1.11
N PHE A 797 -6.26 30.53 2.04
CA PHE A 797 -7.61 30.04 2.30
C PHE A 797 -8.48 31.12 2.92
N VAL A 798 -7.89 32.03 3.68
CA VAL A 798 -8.64 33.10 4.34
C VAL A 798 -9.17 34.10 3.32
N ASN A 799 -8.42 34.34 2.24
CA ASN A 799 -8.87 35.25 1.19
C ASN A 799 -10.08 34.70 0.45
N ARG A 800 -10.21 33.38 0.39
CA ARG A 800 -11.36 32.77 -0.25
C ARG A 800 -12.64 32.91 0.58
N ILE A 801 -12.51 33.19 1.89
CA ILE A 801 -13.67 33.32 2.75
C ILE A 801 -14.38 34.63 2.44
N ASP A 802 -15.71 34.58 2.38
CA ASP A 802 -16.50 35.79 2.23
C ASP A 802 -16.80 36.47 3.55
N LYS A 803 -17.05 35.70 4.62
CA LYS A 803 -17.34 36.30 5.92
C LYS A 803 -16.98 35.31 7.03
N ILE A 804 -15.87 35.58 7.72
CA ILE A 804 -15.59 34.90 8.98
C ILE A 804 -16.54 35.44 10.04
N GLY A 805 -17.22 34.53 10.74
CA GLY A 805 -18.16 34.96 11.76
C GLY A 805 -17.94 34.34 13.11
N VAL A 806 -17.62 35.16 14.10
CA VAL A 806 -17.42 34.67 15.46
C VAL A 806 -18.78 34.65 16.16
N PHE A 807 -19.14 33.51 16.74
CA PHE A 807 -20.41 33.38 17.42
C PHE A 807 -20.20 33.76 18.88
N GLU A 808 -21.19 34.45 19.44
CA GLU A 808 -21.12 34.88 20.84
C GLU A 808 -21.55 33.74 21.75
N PRO A 809 -20.74 33.45 22.78
CA PRO A 809 -21.02 32.36 23.71
C PRO A 809 -22.23 32.61 24.62
N LEU A 810 -23.06 31.60 24.77
CA LEU A 810 -24.27 31.69 25.61
C LEU A 810 -24.08 31.71 27.14
N ASN A 811 -25.01 32.37 27.82
CA ASN A 811 -25.00 32.51 29.29
C ASN A 811 -26.42 32.51 29.85
N LYS A 812 -26.67 33.29 30.90
CA LYS A 812 -28.03 33.33 31.44
C LYS A 812 -28.98 34.23 30.64
N LYS A 813 -28.53 35.38 30.15
CA LYS A 813 -29.48 36.18 29.37
C LYS A 813 -29.96 35.50 28.08
N ASN A 814 -29.01 34.95 27.30
CA ASN A 814 -29.33 34.24 26.04
C ASN A 814 -30.02 32.89 26.16
N LEU A 815 -29.54 32.10 27.11
CA LEU A 815 -29.97 30.73 27.41
C LEU A 815 -31.41 30.77 27.93
N HIS A 816 -31.81 31.87 28.58
CA HIS A 816 -33.19 32.05 29.01
C HIS A 816 -34.16 32.10 27.84
N LYS A 817 -33.71 32.57 26.68
CA LYS A 817 -34.57 32.79 25.53
C LYS A 817 -34.61 31.59 24.59
N ILE A 818 -33.56 30.77 24.60
CA ILE A 818 -33.45 29.62 23.71
C ILE A 818 -34.47 28.56 24.03
N VAL A 819 -34.64 28.27 25.32
CA VAL A 819 -35.20 27.01 25.78
C VAL A 819 -36.69 26.93 25.47
N ALA A 820 -37.36 28.09 25.48
CA ALA A 820 -38.78 28.15 25.15
C ALA A 820 -39.04 27.78 23.70
N LEU A 821 -38.09 28.07 22.81
CA LEU A 821 -38.26 27.66 21.41
C LEU A 821 -38.02 26.16 21.25
N ARG A 822 -37.18 25.58 22.10
CA ARG A 822 -37.02 24.13 22.11
C ARG A 822 -38.28 23.43 22.58
N PHE A 823 -39.03 24.06 23.49
CA PHE A 823 -40.34 23.54 23.84
C PHE A 823 -41.36 23.79 22.75
N LYS A 824 -41.18 24.85 21.96
CA LYS A 824 -42.04 25.04 20.80
C LYS A 824 -41.71 24.04 19.70
N LYS A 825 -40.46 23.56 19.66
CA LYS A 825 -40.14 22.44 18.78
C LYS A 825 -40.79 21.15 19.28
N LEU A 826 -41.04 21.05 20.59
CA LEU A 826 -41.83 19.96 21.12
C LEU A 826 -43.31 20.16 20.86
N GLU A 827 -43.75 21.40 20.66
CA GLU A 827 -45.15 21.65 20.34
C GLU A 827 -45.50 21.20 18.93
N LYS A 828 -44.62 21.48 17.97
CA LYS A 828 -44.93 21.18 16.56
C LYS A 828 -44.77 19.69 16.28
N ARG A 829 -43.71 19.07 16.80
CA ARG A 829 -43.44 17.68 16.48
C ARG A 829 -44.37 16.73 17.22
N LEU A 830 -44.65 16.99 18.49
CA LEU A 830 -45.26 15.98 19.36
C LEU A 830 -46.76 16.17 19.58
N GLU A 831 -47.37 17.19 18.99
CA GLU A 831 -48.82 17.25 18.88
C GLU A 831 -49.24 16.26 17.78
N GLU A 832 -50.56 16.00 17.67
CA GLU A 832 -51.15 14.93 16.87
C GLU A 832 -50.62 13.60 17.40
N LYS A 833 -51.24 13.14 18.50
CA LYS A 833 -50.69 12.59 19.76
C LYS A 833 -50.44 13.69 20.79
N ASN A 834 -50.95 14.89 20.50
CA ASN A 834 -51.47 15.84 21.48
C ASN A 834 -50.55 16.27 22.61
N ILE A 835 -49.46 16.96 22.29
CA ILE A 835 -48.58 17.52 23.31
C ILE A 835 -48.43 19.02 23.05
N GLN A 836 -48.79 19.83 24.05
CA GLN A 836 -48.71 21.29 23.94
C GLN A 836 -48.20 21.84 25.27
N VAL A 837 -46.89 22.00 25.36
CA VAL A 837 -46.26 22.38 26.62
C VAL A 837 -46.39 23.88 26.84
N SER A 838 -46.09 24.31 28.08
CA SER A 838 -46.03 25.72 28.42
C SER A 838 -44.90 25.92 29.41
N VAL A 839 -44.32 27.12 29.40
CA VAL A 839 -43.18 27.44 30.25
C VAL A 839 -43.54 28.61 31.15
N SER A 840 -42.75 28.75 32.22
CA SER A 840 -43.02 29.76 33.23
C SER A 840 -41.78 30.59 33.50
N GLU A 841 -41.86 31.50 34.48
CA GLU A 841 -40.67 32.15 34.99
C GLU A 841 -39.77 31.14 35.71
N LYS A 842 -40.35 30.29 36.55
CA LYS A 842 -39.57 29.32 37.30
C LYS A 842 -39.14 28.15 36.44
N ALA A 843 -39.88 27.86 35.37
CA ALA A 843 -39.60 26.69 34.55
C ALA A 843 -38.32 26.85 33.75
N ILE A 844 -37.93 28.09 33.45
CA ILE A 844 -36.66 28.30 32.77
C ILE A 844 -35.53 28.53 33.78
N ASP A 845 -35.84 29.18 34.91
CA ASP A 845 -34.82 29.45 35.93
C ASP A 845 -34.33 28.18 36.60
N TYR A 846 -35.18 27.16 36.67
CA TYR A 846 -34.79 25.86 37.21
C TYR A 846 -33.75 25.18 36.33
N ILE A 847 -33.78 25.45 35.03
CA ILE A 847 -32.89 24.77 34.10
C ILE A 847 -31.52 25.45 34.04
N ILE A 848 -31.50 26.78 34.10
CA ILE A 848 -30.29 27.55 33.83
C ILE A 848 -29.24 27.37 34.92
N ASP A 849 -29.65 27.44 36.18
CA ASP A 849 -28.70 27.30 37.29
C ASP A 849 -28.18 25.89 37.45
N GLN A 850 -28.87 24.88 36.90
CA GLN A 850 -28.46 23.50 37.03
C GLN A 850 -27.67 23.11 35.79
N SER A 851 -28.20 23.32 34.58
CA SER A 851 -27.68 22.65 33.40
C SER A 851 -26.60 23.42 32.67
N TYR A 852 -26.32 24.65 33.06
CA TYR A 852 -25.27 25.39 32.36
C TYR A 852 -23.87 24.99 32.83
N ASP A 853 -23.04 24.54 31.90
CA ASP A 853 -21.67 24.15 32.19
C ASP A 853 -20.74 24.99 31.34
N PRO A 854 -19.82 25.75 31.95
CA PRO A 854 -18.91 26.59 31.15
C PRO A 854 -17.92 25.79 30.32
N GLU A 855 -17.52 24.60 30.77
CA GLU A 855 -16.57 23.79 30.01
C GLU A 855 -17.23 23.17 28.78
N LEU A 856 -18.51 22.83 28.87
CA LEU A 856 -19.24 22.31 27.72
C LEU A 856 -19.99 23.39 26.96
N GLY A 857 -20.12 24.58 27.52
CA GLY A 857 -20.75 25.69 26.83
C GLY A 857 -22.24 25.54 26.59
N ALA A 858 -22.99 25.10 27.63
CA ALA A 858 -24.45 24.89 27.60
C ALA A 858 -24.88 23.84 26.57
N ARG A 859 -23.96 22.96 26.18
CA ARG A 859 -24.37 21.72 25.52
C ARG A 859 -25.30 20.83 26.37
N PRO A 860 -25.06 20.58 27.68
CA PRO A 860 -26.02 19.71 28.39
C PRO A 860 -27.43 20.28 28.56
N THR A 861 -27.68 21.50 28.07
CA THR A 861 -29.04 22.01 28.02
C THR A 861 -29.91 21.29 26.99
N LEU A 862 -29.23 20.60 26.07
CA LEU A 862 -29.88 19.74 25.09
C LEU A 862 -29.98 18.32 25.68
N ILE A 863 -29.28 18.08 26.80
CA ILE A 863 -29.27 16.81 27.47
C ILE A 863 -30.18 16.83 28.68
N PHE A 864 -30.24 17.98 29.37
CA PHE A 864 -31.10 18.13 30.53
C PHE A 864 -32.58 18.04 30.15
N ILE A 865 -32.91 18.41 28.91
CA ILE A 865 -34.25 18.16 28.42
C ILE A 865 -34.49 16.67 28.24
N GLU A 866 -33.57 15.97 27.58
CA GLU A 866 -33.80 14.55 27.30
C GLU A 866 -33.61 13.65 28.51
N SER A 867 -32.88 14.11 29.53
CA SER A 867 -32.50 13.20 30.61
C SER A 867 -33.44 13.18 31.79
N VAL A 868 -34.18 14.25 32.08
CA VAL A 868 -35.00 14.21 33.30
C VAL A 868 -36.49 14.47 33.02
N ILE A 869 -36.83 15.47 32.20
CA ILE A 869 -38.25 15.74 32.02
C ILE A 869 -38.85 14.75 31.03
N MET A 870 -38.05 14.26 30.07
CA MET A 870 -38.53 13.23 29.15
C MET A 870 -38.71 11.88 29.83
N THR A 871 -38.16 11.70 31.03
CA THR A 871 -38.47 10.51 31.80
C THR A 871 -39.87 10.60 32.40
N LYS A 872 -40.31 11.83 32.73
CA LYS A 872 -41.71 12.03 33.08
C LYS A 872 -42.60 11.89 31.86
N PHE A 873 -42.07 12.15 30.67
CA PHE A 873 -42.74 11.80 29.43
C PHE A 873 -42.48 10.32 29.11
N ALA A 874 -43.10 9.86 28.00
CA ALA A 874 -42.85 8.57 27.36
C ALA A 874 -43.20 7.34 28.20
N ILE A 875 -43.81 7.54 29.37
CA ILE A 875 -44.14 6.46 30.32
C ILE A 875 -45.24 5.58 29.71
N MET A 876 -45.36 4.35 30.21
CA MET A 876 -46.42 3.44 29.78
C MET A 876 -47.80 3.99 30.13
N TYR A 877 -48.03 4.35 31.39
CA TYR A 877 -49.32 4.89 31.81
C TYR A 877 -49.15 5.66 33.13
N LEU A 878 -50.10 6.59 33.36
CA LEU A 878 -50.46 7.21 34.63
C LEU A 878 -49.45 8.24 35.15
N LYS A 879 -48.25 8.30 34.57
CA LYS A 879 -47.36 9.40 34.90
C LYS A 879 -47.43 10.50 33.84
N LYS A 880 -47.92 10.15 32.65
CA LYS A 880 -48.18 11.07 31.57
C LYS A 880 -49.56 10.77 31.00
N GLU A 881 -50.31 11.82 30.70
CA GLU A 881 -51.52 11.65 29.92
C GLU A 881 -51.13 11.22 28.51
N LEU A 882 -51.64 10.05 28.10
CA LEU A 882 -51.06 9.34 26.97
C LEU A 882 -51.58 9.88 25.63
N VAL A 883 -52.89 9.90 25.45
CA VAL A 883 -53.49 10.24 24.16
C VAL A 883 -54.38 11.46 24.35
N ASP A 884 -54.90 11.63 25.57
CA ASP A 884 -55.98 12.55 25.89
C ASP A 884 -55.65 14.03 25.64
N ASP A 885 -54.75 14.59 26.46
CA ASP A 885 -54.40 16.01 26.36
C ASP A 885 -53.09 16.25 27.09
N MET A 886 -52.34 17.24 26.59
CA MET A 886 -51.18 17.78 27.32
C MET A 886 -51.27 19.30 27.21
N ASP A 887 -51.97 19.91 28.16
CA ASP A 887 -52.09 21.36 28.31
C ASP A 887 -51.38 21.83 29.58
N VAL A 888 -50.22 21.25 29.88
CA VAL A 888 -49.59 21.41 31.18
C VAL A 888 -48.95 22.79 31.28
N PHE A 889 -49.03 23.38 32.47
CA PHE A 889 -48.35 24.63 32.81
C PHE A 889 -47.31 24.29 33.87
N VAL A 890 -46.04 24.32 33.47
CA VAL A 890 -44.97 23.82 34.32
C VAL A 890 -44.65 24.81 35.43
N ASP A 891 -44.58 24.32 36.66
CA ASP A 891 -44.18 25.14 37.79
C ASP A 891 -43.49 24.24 38.81
N TYR A 892 -42.65 24.86 39.64
CA TYR A 892 -41.93 24.19 40.71
C TYR A 892 -42.01 25.05 41.96
N ASN A 893 -41.81 24.42 43.12
CA ASN A 893 -41.62 25.17 44.36
C ASN A 893 -40.15 25.51 44.60
N SER A 894 -39.29 25.33 43.58
CA SER A 894 -37.85 25.59 43.61
C SER A 894 -37.15 24.82 44.73
N LYS A 895 -37.45 23.53 44.85
CA LYS A 895 -36.92 22.69 45.91
C LYS A 895 -35.84 21.74 45.42
N ALA A 896 -35.28 22.00 44.23
CA ALA A 896 -34.19 21.23 43.61
C ALA A 896 -34.56 19.75 43.46
N LYS A 897 -35.81 19.50 43.12
CA LYS A 897 -36.33 18.15 42.94
C LYS A 897 -37.48 18.23 41.94
N ASN A 898 -37.62 17.20 41.12
CA ASN A 898 -38.59 17.20 40.04
C ASN A 898 -40.02 17.13 40.59
N LEU A 899 -40.81 18.14 40.25
CA LEU A 899 -42.20 18.27 40.65
C LEU A 899 -42.98 18.73 39.42
N VAL A 900 -43.47 17.79 38.63
CA VAL A 900 -44.28 18.12 37.45
C VAL A 900 -45.72 18.27 37.94
N ILE A 901 -46.15 19.52 38.08
CA ILE A 901 -47.51 19.79 38.52
C ILE A 901 -48.48 19.47 37.39
N ASN A 902 -49.41 18.55 37.67
CA ASN A 902 -50.30 18.01 36.65
C ASN A 902 -51.50 18.94 36.44
N LEU A 903 -51.24 20.03 35.72
CA LEU A 903 -52.30 20.96 35.34
C LEU A 903 -52.95 20.61 34.01
N SER A 904 -52.41 19.62 33.30
CA SER A 904 -52.95 19.22 32.01
C SER A 904 -54.27 18.46 32.17
N THR B 187 -12.07 -9.79 -71.78
CA THR B 187 -11.88 -11.13 -72.34
C THR B 187 -11.45 -12.11 -71.26
N LEU B 188 -10.79 -11.60 -70.22
CA LEU B 188 -10.44 -12.42 -69.08
C LEU B 188 -11.69 -12.74 -68.27
N TYR B 189 -11.70 -13.92 -67.66
CA TYR B 189 -12.74 -14.22 -66.68
C TYR B 189 -12.52 -13.44 -65.39
N ILE B 190 -11.25 -13.20 -65.03
CA ILE B 190 -10.92 -12.53 -63.77
C ILE B 190 -11.21 -11.04 -63.85
N GLU B 191 -11.28 -10.49 -65.08
CA GLU B 191 -11.64 -9.08 -65.27
C GLU B 191 -13.06 -8.80 -64.80
N GLN B 192 -13.94 -9.81 -64.82
CA GLN B 192 -15.30 -9.64 -64.32
C GLN B 192 -15.32 -9.32 -62.83
N PHE B 193 -14.35 -9.85 -62.08
CA PHE B 193 -14.41 -9.66 -60.64
C PHE B 193 -13.31 -8.72 -60.13
N GLY B 194 -12.08 -8.92 -60.59
CA GLY B 194 -11.01 -8.00 -60.30
C GLY B 194 -10.93 -6.94 -61.39
N SER B 195 -10.89 -5.68 -60.97
CA SER B 195 -10.76 -4.59 -61.92
C SER B 195 -9.34 -4.52 -62.46
N ASN B 196 -9.22 -4.26 -63.76
CA ASN B 196 -7.93 -4.32 -64.45
C ASN B 196 -7.21 -3.00 -64.31
N MET B 197 -6.07 -3.01 -63.61
CA MET B 197 -5.25 -1.81 -63.45
C MET B 197 -4.59 -1.39 -64.76
N ASN B 198 -4.38 -2.33 -65.68
CA ASN B 198 -3.59 -2.05 -66.86
C ASN B 198 -4.34 -1.17 -67.86
N GLU B 199 -5.68 -1.19 -67.83
CA GLU B 199 -6.44 -0.37 -68.76
C GLU B 199 -6.44 1.10 -68.36
N LYS B 200 -6.15 1.40 -67.09
CA LYS B 200 -6.18 2.79 -66.64
C LYS B 200 -5.03 3.61 -67.20
N VAL B 201 -3.84 3.00 -67.33
CA VAL B 201 -2.70 3.77 -67.82
C VAL B 201 -2.81 3.99 -69.32
N ARG B 202 -3.46 3.08 -70.04
CA ARG B 202 -3.66 3.30 -71.47
C ARG B 202 -4.73 4.34 -71.72
N ASN B 203 -5.77 4.36 -70.89
CA ASN B 203 -6.79 5.40 -70.91
C ASN B 203 -6.24 6.74 -70.46
N GLY B 204 -5.17 6.73 -69.67
CA GLY B 204 -4.68 7.94 -69.06
C GLY B 204 -5.36 8.31 -67.76
N LYS B 205 -5.88 7.32 -67.03
CA LYS B 205 -6.42 7.59 -65.70
C LYS B 205 -5.32 7.95 -64.72
N LEU B 206 -4.14 7.38 -64.89
CA LEU B 206 -2.93 7.83 -64.22
C LEU B 206 -1.89 8.14 -65.28
N GLN B 207 -1.24 9.30 -65.14
CA GLN B 207 -0.34 9.81 -66.18
C GLN B 207 0.93 10.32 -65.50
N GLY B 208 1.92 9.46 -65.37
CA GLY B 208 3.19 9.87 -64.81
C GLY B 208 3.16 9.77 -63.30
N ILE B 209 4.05 8.97 -62.73
CA ILE B 209 4.09 8.73 -61.30
C ILE B 209 5.48 9.07 -60.80
N TYR B 210 5.55 9.87 -59.73
CA TYR B 210 6.82 10.05 -59.02
C TYR B 210 7.07 8.76 -58.25
N GLY B 211 7.73 7.83 -58.94
CA GLY B 211 8.00 6.55 -58.34
C GLY B 211 9.11 6.62 -57.31
N ARG B 212 9.13 5.63 -56.44
CA ARG B 212 10.21 5.46 -55.49
C ARG B 212 11.11 4.37 -56.05
N ASP B 213 12.29 4.78 -56.54
CA ASP B 213 13.09 3.95 -57.43
C ASP B 213 13.66 2.74 -56.73
N GLU B 214 14.12 2.89 -55.49
CA GLU B 214 14.65 1.75 -54.77
C GLU B 214 13.54 0.88 -54.20
N GLU B 215 12.30 1.37 -54.22
CA GLU B 215 11.17 0.62 -53.69
C GLU B 215 10.54 -0.29 -54.73
N ILE B 216 10.24 0.25 -55.91
CA ILE B 216 9.47 -0.48 -56.93
C ILE B 216 10.26 -1.66 -57.49
N ARG B 217 11.58 -1.52 -57.59
CA ARG B 217 12.41 -2.58 -58.15
C ARG B 217 12.52 -3.78 -57.21
N ALA B 218 12.27 -3.58 -55.92
CA ALA B 218 12.22 -4.71 -55.00
C ALA B 218 11.02 -5.60 -55.28
N ILE B 219 9.91 -5.04 -55.79
CA ILE B 219 8.76 -5.86 -56.18
C ILE B 219 9.10 -6.69 -57.41
N ILE B 220 9.77 -6.08 -58.40
CA ILE B 220 10.18 -6.77 -59.61
C ILE B 220 11.14 -7.90 -59.30
N GLU B 221 12.02 -7.68 -58.32
CA GLU B 221 12.89 -8.75 -57.86
C GLU B 221 12.15 -9.78 -57.04
N SER B 222 11.00 -9.43 -56.47
CA SER B 222 10.20 -10.44 -55.79
C SER B 222 9.23 -11.10 -56.75
N LEU B 223 8.91 -10.43 -57.86
CA LEU B 223 8.03 -11.02 -58.87
C LEU B 223 8.74 -12.05 -59.74
N LEU B 224 10.04 -12.16 -59.64
CA LEU B 224 10.77 -13.30 -60.17
C LEU B 224 11.43 -13.99 -58.99
N ARG B 225 11.08 -15.26 -58.80
CA ARG B 225 11.41 -15.99 -57.59
C ARG B 225 11.21 -17.47 -57.90
N TYR B 226 12.08 -18.30 -57.34
CA TYR B 226 11.90 -19.73 -57.50
C TYR B 226 10.69 -20.26 -56.76
N ASN B 227 10.38 -19.74 -55.56
CA ASN B 227 9.26 -20.27 -54.80
C ASN B 227 8.16 -19.26 -54.49
N LYS B 228 8.54 -18.16 -53.84
CA LYS B 228 7.57 -17.30 -53.17
C LYS B 228 6.71 -16.47 -54.12
N ASN B 229 7.35 -15.57 -54.88
CA ASN B 229 6.71 -14.76 -55.92
C ASN B 229 5.55 -13.90 -55.40
N SER B 230 5.58 -13.51 -54.13
CA SER B 230 4.46 -12.81 -53.51
C SER B 230 4.96 -11.77 -52.51
N PRO B 231 5.37 -10.60 -52.98
CA PRO B 231 5.71 -9.53 -52.04
C PRO B 231 4.44 -8.88 -51.49
N VAL B 232 4.57 -8.27 -50.32
CA VAL B 232 3.51 -7.48 -49.72
C VAL B 232 4.08 -6.14 -49.28
N LEU B 233 3.33 -5.07 -49.51
CA LEU B 233 3.76 -3.72 -49.15
C LEU B 233 3.24 -3.36 -47.76
N VAL B 234 3.99 -3.82 -46.75
CA VAL B 234 3.69 -3.47 -45.38
C VAL B 234 4.14 -2.03 -45.12
N GLY B 235 3.29 -1.26 -44.44
CA GLY B 235 3.62 0.12 -44.12
C GLY B 235 2.53 0.91 -43.44
N ASN B 236 2.27 2.12 -43.92
CA ASN B 236 1.46 3.09 -43.19
C ASN B 236 0.21 3.47 -43.99
N PRO B 237 -0.84 3.91 -43.28
CA PRO B 237 -2.14 4.19 -43.93
C PRO B 237 -2.10 5.28 -45.01
N GLY B 238 -1.37 6.36 -44.78
CA GLY B 238 -1.26 7.43 -45.75
C GLY B 238 -0.04 7.47 -46.63
N THR B 239 0.88 6.51 -46.46
CA THR B 239 2.13 6.49 -47.22
C THR B 239 2.24 5.77 -48.58
N GLY B 240 1.36 6.09 -49.53
CA GLY B 240 1.44 5.59 -50.89
C GLY B 240 1.57 4.13 -51.32
N LYS B 241 0.81 3.23 -50.72
CA LYS B 241 0.90 1.81 -51.10
C LYS B 241 0.48 1.49 -52.55
N THR B 242 -0.58 2.15 -53.01
CA THR B 242 -1.17 1.95 -54.32
C THR B 242 -0.26 2.68 -55.28
N THR B 243 0.29 3.78 -54.78
CA THR B 243 1.19 4.63 -55.55
C THR B 243 2.39 3.86 -56.14
N ILE B 244 2.95 2.96 -55.33
CA ILE B 244 3.93 2.02 -55.84
C ILE B 244 3.49 1.04 -56.92
N VAL B 245 2.26 0.56 -56.82
CA VAL B 245 1.73 -0.39 -57.79
C VAL B 245 1.14 0.33 -59.01
N GLU B 246 0.52 1.50 -58.81
CA GLU B 246 0.23 2.36 -59.95
C GLU B 246 1.50 2.81 -60.65
N GLY B 247 2.56 3.05 -59.89
CA GLY B 247 3.86 3.30 -60.50
C GLY B 247 4.49 2.08 -61.12
N LEU B 248 4.08 0.88 -60.71
CA LEU B 248 4.61 -0.31 -61.33
C LEU B 248 4.00 -0.54 -62.71
N VAL B 249 2.67 -0.40 -62.81
CA VAL B 249 1.97 -0.60 -64.07
C VAL B 249 2.38 0.47 -65.08
N TYR B 250 2.68 1.69 -64.60
CA TYR B 250 3.21 2.73 -65.47
C TYR B 250 4.56 2.36 -66.04
N ARG B 251 5.35 1.57 -65.31
CA ARG B 251 6.63 1.10 -65.81
C ARG B 251 6.51 -0.16 -66.64
N ILE B 252 5.51 -1.00 -66.37
CA ILE B 252 5.34 -2.22 -67.16
C ILE B 252 4.76 -1.91 -68.53
N GLU B 253 3.71 -1.08 -68.56
CA GLU B 253 3.01 -0.81 -69.82
C GLU B 253 3.87 0.00 -70.78
N LYS B 254 4.69 0.91 -70.26
CA LYS B 254 5.62 1.61 -71.13
C LYS B 254 6.86 0.77 -71.43
N GLY B 255 7.34 0.02 -70.46
CA GLY B 255 8.50 -0.84 -70.62
C GLY B 255 9.72 -0.18 -70.01
N ASP B 256 9.99 -0.51 -68.75
CA ASP B 256 11.17 -0.04 -68.04
C ASP B 256 11.69 -1.20 -67.21
N VAL B 257 10.83 -2.21 -67.09
CA VAL B 257 11.07 -3.42 -66.31
C VAL B 257 11.98 -4.34 -67.13
N PRO B 258 12.58 -5.38 -66.55
CA PRO B 258 13.33 -6.34 -67.38
C PRO B 258 12.45 -7.08 -68.37
N LYS B 259 13.11 -7.72 -69.35
CA LYS B 259 12.40 -8.26 -70.51
C LYS B 259 11.56 -9.47 -70.17
N GLU B 260 11.84 -10.12 -69.03
CA GLU B 260 10.99 -11.20 -68.55
C GLU B 260 9.60 -10.69 -68.15
N LEU B 261 9.55 -9.57 -67.43
CA LEU B 261 8.28 -9.10 -66.86
C LEU B 261 7.48 -8.24 -67.82
N GLN B 262 7.90 -8.11 -69.07
CA GLN B 262 7.20 -7.24 -70.00
C GLN B 262 5.87 -7.86 -70.43
N GLY B 263 4.83 -7.04 -70.48
CA GLY B 263 3.52 -7.47 -70.91
C GLY B 263 2.64 -8.07 -69.83
N TYR B 264 3.09 -8.07 -68.58
CA TYR B 264 2.31 -8.71 -67.52
C TYR B 264 1.13 -7.81 -67.11
N THR B 265 -0.04 -8.43 -66.96
CA THR B 265 -1.25 -7.71 -66.62
C THR B 265 -1.47 -7.73 -65.11
N VAL B 266 -1.87 -6.57 -64.56
CA VAL B 266 -2.05 -6.39 -63.12
C VAL B 266 -3.53 -6.17 -62.86
N ILE B 267 -4.07 -6.90 -61.89
CA ILE B 267 -5.51 -6.91 -61.61
C ILE B 267 -5.74 -6.52 -60.16
N SER B 268 -6.53 -5.47 -59.94
CA SER B 268 -6.93 -5.04 -58.60
C SER B 268 -8.23 -5.76 -58.26
N LEU B 269 -8.22 -6.55 -57.19
CA LEU B 269 -9.39 -7.34 -56.84
C LEU B 269 -10.43 -6.49 -56.12
N ASN B 270 -11.71 -6.84 -56.31
CA ASN B 270 -12.82 -6.10 -55.72
C ASN B 270 -13.59 -7.02 -54.78
N PHE B 271 -13.49 -6.74 -53.47
CA PHE B 271 -14.19 -7.58 -52.50
C PHE B 271 -15.69 -7.37 -52.54
N ARG B 272 -16.13 -6.28 -53.16
CA ARG B 272 -17.56 -6.12 -53.47
C ARG B 272 -18.04 -7.15 -54.49
N LYS B 273 -17.13 -7.70 -55.30
CA LYS B 273 -17.51 -8.66 -56.33
C LYS B 273 -17.22 -10.11 -55.96
N PHE B 274 -16.48 -10.35 -54.85
CA PHE B 274 -16.33 -11.72 -54.35
C PHE B 274 -17.57 -12.19 -53.60
N THR B 275 -18.32 -11.28 -52.99
CA THR B 275 -19.50 -11.67 -52.23
C THR B 275 -20.72 -11.90 -53.11
N SER B 276 -20.61 -11.67 -54.41
CA SER B 276 -21.73 -11.88 -55.33
C SER B 276 -22.06 -13.36 -55.50
N GLY B 277 -21.09 -14.24 -55.29
CA GLY B 277 -21.32 -15.67 -55.36
C GLY B 277 -21.99 -16.22 -54.11
N THR B 278 -21.70 -17.49 -53.84
CA THR B 278 -22.27 -18.26 -52.72
C THR B 278 -23.80 -18.23 -52.74
N SER B 279 -24.40 -18.82 -53.78
CA SER B 279 -25.84 -18.87 -53.86
C SER B 279 -26.44 -19.76 -52.77
N TYR B 280 -26.11 -21.05 -52.76
CA TYR B 280 -26.37 -21.85 -51.57
C TYR B 280 -25.08 -22.42 -50.99
N ARG B 281 -24.36 -23.19 -51.80
CA ARG B 281 -23.16 -23.88 -51.37
C ARG B 281 -22.42 -24.40 -52.58
N GLY B 282 -21.09 -24.26 -52.55
CA GLY B 282 -20.23 -24.78 -53.60
C GLY B 282 -20.07 -23.84 -54.77
N GLU B 283 -20.78 -22.72 -54.78
CA GLU B 283 -20.62 -21.79 -55.89
C GLU B 283 -19.25 -21.12 -55.84
N PHE B 284 -18.78 -20.81 -54.64
CA PHE B 284 -17.50 -20.11 -54.48
C PHE B 284 -16.32 -21.00 -54.89
N GLU B 285 -16.47 -22.31 -54.80
CA GLU B 285 -15.40 -23.19 -55.27
C GLU B 285 -15.33 -23.21 -56.79
N THR B 286 -16.48 -23.09 -57.47
CA THR B 286 -16.49 -22.83 -58.90
C THR B 286 -15.90 -21.46 -59.19
N ARG B 287 -16.18 -20.51 -58.30
CA ARG B 287 -15.64 -19.17 -58.42
C ARG B 287 -14.13 -19.15 -58.19
N MET B 288 -13.63 -19.98 -57.28
CA MET B 288 -12.20 -20.00 -57.01
C MET B 288 -11.41 -20.77 -58.07
N LYS B 289 -11.92 -21.92 -58.51
CA LYS B 289 -11.17 -22.79 -59.42
C LYS B 289 -10.98 -22.16 -60.79
N ASN B 290 -11.95 -21.36 -61.24
CA ASN B 290 -11.79 -20.68 -62.53
C ASN B 290 -10.75 -19.58 -62.47
N ILE B 291 -10.51 -19.00 -61.30
CA ILE B 291 -9.49 -17.97 -61.16
C ILE B 291 -8.10 -18.57 -61.22
N ILE B 292 -7.87 -19.63 -60.42
CA ILE B 292 -6.54 -20.19 -60.24
C ILE B 292 -6.05 -20.86 -61.52
N LYS B 293 -6.97 -21.37 -62.34
CA LYS B 293 -6.60 -22.01 -63.60
C LYS B 293 -5.98 -21.03 -64.57
N GLU B 294 -6.50 -19.81 -64.63
CA GLU B 294 -5.88 -18.78 -65.47
C GLU B 294 -4.56 -18.31 -64.88
N LEU B 295 -4.43 -18.37 -63.55
CA LEU B 295 -3.17 -17.98 -62.92
C LEU B 295 -2.07 -18.98 -63.17
N LYS B 296 -2.43 -20.25 -63.38
CA LYS B 296 -1.42 -21.27 -63.65
C LYS B 296 -0.79 -21.12 -65.02
N ASN B 297 -1.54 -20.58 -65.99
CA ASN B 297 -1.03 -20.46 -67.35
C ASN B 297 -0.03 -19.32 -67.46
N LYS B 298 1.18 -19.65 -67.89
CA LYS B 298 2.15 -18.61 -68.23
C LYS B 298 1.82 -17.93 -69.54
N LYS B 299 1.02 -18.58 -70.39
CA LYS B 299 0.48 -17.92 -71.57
C LYS B 299 -0.44 -16.76 -71.17
N ASN B 300 -1.12 -16.89 -70.04
CA ASN B 300 -1.73 -15.72 -69.41
C ASN B 300 -0.64 -14.91 -68.72
N LYS B 301 -0.68 -13.60 -68.92
CA LYS B 301 0.28 -12.70 -68.31
C LYS B 301 -0.22 -12.10 -67.01
N ILE B 302 -1.27 -12.69 -66.43
CA ILE B 302 -2.01 -12.01 -65.37
C ILE B 302 -1.27 -12.10 -64.05
N ILE B 303 -1.30 -11.01 -63.28
CA ILE B 303 -0.72 -10.93 -61.94
C ILE B 303 -1.75 -10.29 -61.03
N LEU B 304 -2.08 -10.96 -59.92
CA LEU B 304 -3.06 -10.41 -58.99
C LEU B 304 -2.45 -9.25 -58.20
N PHE B 305 -3.30 -8.27 -57.88
CA PHE B 305 -2.97 -7.26 -56.88
C PHE B 305 -4.14 -7.17 -55.90
N VAL B 306 -3.94 -7.73 -54.71
CA VAL B 306 -4.95 -7.58 -53.67
C VAL B 306 -4.80 -6.20 -53.06
N ASP B 307 -5.93 -5.50 -52.91
CA ASP B 307 -5.92 -4.19 -52.26
C ASP B 307 -5.56 -4.31 -50.78
N GLU B 308 -6.18 -5.24 -50.06
CA GLU B 308 -5.83 -5.50 -48.66
C GLU B 308 -5.93 -7.00 -48.41
N ILE B 309 -4.79 -7.62 -48.08
CA ILE B 309 -4.81 -8.98 -47.56
C ILE B 309 -5.11 -9.03 -46.07
N HIS B 310 -5.40 -7.87 -45.46
CA HIS B 310 -6.26 -7.78 -44.29
C HIS B 310 -7.51 -8.62 -44.47
N LEU B 311 -8.13 -8.55 -45.65
CA LEU B 311 -9.24 -9.40 -46.03
C LEU B 311 -8.74 -10.75 -46.53
N LEU B 312 -9.63 -11.48 -47.24
CA LEU B 312 -9.51 -12.82 -47.82
C LEU B 312 -9.62 -13.92 -46.77
N LEU B 313 -9.61 -13.56 -45.49
CA LEU B 313 -9.75 -14.56 -44.45
C LEU B 313 -11.22 -14.82 -44.13
N GLY B 314 -12.07 -13.80 -44.28
CA GLY B 314 -13.49 -13.97 -44.02
C GLY B 314 -14.30 -14.34 -45.23
N ALA B 315 -13.71 -14.29 -46.42
CA ALA B 315 -14.44 -14.59 -47.65
C ALA B 315 -14.71 -16.09 -47.75
N GLY B 316 -15.92 -16.42 -48.21
CA GLY B 316 -16.29 -17.79 -48.47
C GLY B 316 -16.42 -18.70 -47.28
N LYS B 317 -16.37 -18.16 -46.06
CA LYS B 317 -16.49 -18.98 -44.86
C LYS B 317 -17.95 -19.05 -44.45
N ALA B 318 -18.65 -19.99 -45.07
CA ALA B 318 -20.00 -20.31 -44.62
C ALA B 318 -19.94 -21.42 -43.56
N GLU B 319 -21.12 -21.98 -43.26
CA GLU B 319 -21.18 -23.09 -42.31
C GLU B 319 -20.45 -24.32 -42.83
N GLY B 320 -20.55 -24.57 -44.13
CA GLY B 320 -19.69 -25.53 -44.77
C GLY B 320 -18.47 -24.94 -45.42
N GLY B 321 -18.12 -23.70 -45.06
CA GLY B 321 -17.08 -22.96 -45.75
C GLY B 321 -15.69 -23.55 -45.53
N THR B 322 -14.81 -23.28 -46.49
CA THR B 322 -13.45 -23.83 -46.49
C THR B 322 -12.40 -22.77 -46.77
N ASP B 323 -12.57 -21.56 -46.22
CA ASP B 323 -11.46 -20.61 -46.01
C ASP B 323 -10.74 -20.15 -47.27
N ALA B 324 -11.32 -19.19 -48.01
CA ALA B 324 -10.78 -18.65 -49.27
C ALA B 324 -9.29 -18.35 -49.24
N ALA B 325 -8.77 -17.80 -48.15
CA ALA B 325 -7.32 -17.60 -48.04
C ALA B 325 -6.60 -18.95 -47.96
N ASN B 326 -7.19 -19.92 -47.28
CA ASN B 326 -6.54 -21.23 -47.19
C ASN B 326 -6.71 -22.04 -48.46
N LEU B 327 -7.58 -21.62 -49.38
CA LEU B 327 -7.57 -22.19 -50.72
C LEU B 327 -6.31 -21.80 -51.48
N LEU B 328 -5.74 -20.64 -51.17
CA LEU B 328 -4.51 -20.21 -51.80
C LEU B 328 -3.28 -20.89 -51.22
N LYS B 329 -3.38 -21.44 -50.00
CA LYS B 329 -2.23 -22.05 -49.32
C LYS B 329 -1.54 -23.20 -50.05
N PRO B 330 -2.22 -24.15 -50.71
CA PRO B 330 -1.45 -25.18 -51.44
C PRO B 330 -0.75 -24.66 -52.69
N VAL B 331 -1.10 -23.46 -53.17
CA VAL B 331 -0.49 -22.95 -54.39
C VAL B 331 0.64 -21.97 -54.11
N LEU B 332 0.54 -21.15 -53.07
CA LEU B 332 1.44 -20.00 -52.90
C LEU B 332 2.88 -20.41 -52.59
N SER B 333 3.09 -21.64 -52.11
CA SER B 333 4.45 -22.13 -51.89
C SER B 333 5.18 -22.28 -53.21
N LYS B 334 4.51 -22.79 -54.23
CA LYS B 334 5.04 -22.77 -55.57
C LYS B 334 4.81 -21.40 -56.17
N GLY B 335 5.49 -21.14 -57.27
CA GLY B 335 5.38 -19.85 -57.91
C GLY B 335 4.24 -19.71 -58.89
N GLU B 336 3.15 -20.47 -58.72
CA GLU B 336 2.11 -20.50 -59.74
C GLU B 336 1.28 -19.22 -59.75
N ILE B 337 1.18 -18.52 -58.63
CA ILE B 337 0.45 -17.26 -58.54
C ILE B 337 1.44 -16.14 -58.27
N LYS B 338 1.57 -15.22 -59.22
CA LYS B 338 2.17 -13.94 -58.88
C LYS B 338 1.13 -13.08 -58.18
N LEU B 339 1.55 -12.43 -57.09
CA LEU B 339 0.62 -11.68 -56.27
C LEU B 339 1.37 -10.55 -55.58
N ILE B 340 0.67 -9.42 -55.42
CA ILE B 340 1.17 -8.26 -54.71
C ILE B 340 0.15 -7.93 -53.62
N GLY B 341 0.63 -7.57 -52.44
CA GLY B 341 -0.24 -7.14 -51.37
C GLY B 341 0.21 -5.80 -50.82
N ALA B 342 -0.70 -5.15 -50.09
CA ALA B 342 -0.41 -3.86 -49.47
C ALA B 342 -1.33 -3.67 -48.28
N THR B 343 -0.78 -3.76 -47.07
CA THR B 343 -1.56 -3.49 -45.87
C THR B 343 -0.76 -2.62 -44.92
N THR B 344 -1.46 -2.16 -43.89
CA THR B 344 -0.81 -1.41 -42.82
C THR B 344 -0.16 -2.37 -41.85
N ILE B 345 0.71 -1.83 -40.98
CA ILE B 345 1.42 -2.64 -40.00
C ILE B 345 0.44 -3.15 -38.94
N ALA B 346 -0.54 -2.33 -38.58
CA ALA B 346 -1.53 -2.72 -37.56
C ALA B 346 -2.42 -3.84 -38.07
N GLU B 347 -2.80 -3.79 -39.35
CA GLU B 347 -3.56 -4.90 -39.92
C GLU B 347 -2.67 -6.11 -40.17
N TYR B 348 -1.37 -5.88 -40.38
CA TYR B 348 -0.43 -6.99 -40.54
C TYR B 348 -0.22 -7.73 -39.24
N ARG B 349 -0.31 -7.03 -38.11
CA ARG B 349 -0.09 -7.63 -36.81
C ARG B 349 -1.35 -8.28 -36.24
N LYS B 350 -2.50 -7.66 -36.44
CA LYS B 350 -3.72 -8.18 -35.84
C LYS B 350 -4.30 -9.38 -36.57
N PHE B 351 -3.99 -9.56 -37.86
CA PHE B 351 -4.69 -10.59 -38.63
C PHE B 351 -3.76 -11.56 -39.35
N ILE B 352 -2.67 -11.05 -39.93
CA ILE B 352 -1.83 -11.89 -40.78
C ILE B 352 -0.90 -12.74 -39.92
N GLU B 353 -0.41 -12.18 -38.81
CA GLU B 353 0.41 -12.96 -37.90
C GLU B 353 -0.41 -13.93 -37.06
N SER B 354 -1.73 -13.80 -37.07
CA SER B 354 -2.57 -14.74 -36.32
C SER B 354 -2.58 -16.12 -36.97
N CYS B 355 -2.41 -16.19 -38.29
CA CYS B 355 -2.36 -17.48 -38.97
C CYS B 355 -1.01 -18.17 -38.84
N SER B 356 0.08 -17.44 -39.07
CA SER B 356 1.50 -17.81 -38.92
C SER B 356 1.97 -18.81 -39.96
N ALA B 357 1.05 -19.35 -40.78
CA ALA B 357 1.45 -20.15 -41.93
C ALA B 357 1.06 -19.46 -43.22
N PHE B 358 0.03 -18.63 -43.18
CA PHE B 358 -0.29 -17.75 -44.29
C PHE B 358 0.73 -16.63 -44.42
N GLU B 359 1.40 -16.30 -43.32
CA GLU B 359 2.32 -15.16 -43.32
C GLU B 359 3.62 -15.48 -44.04
N ARG B 360 4.10 -16.73 -43.92
CA ARG B 360 5.47 -17.06 -44.31
C ARG B 360 5.68 -17.02 -45.82
N ARG B 361 4.61 -17.07 -46.61
CA ARG B 361 4.81 -17.07 -48.06
C ARG B 361 5.01 -15.65 -48.56
N PHE B 362 4.47 -14.67 -47.86
CA PHE B 362 4.58 -13.30 -48.29
C PHE B 362 5.90 -12.72 -47.82
N GLU B 363 6.35 -11.67 -48.51
CA GLU B 363 7.63 -11.05 -48.22
C GLU B 363 7.39 -9.59 -47.87
N LYS B 364 7.77 -9.21 -46.66
CA LYS B 364 7.60 -7.84 -46.23
C LYS B 364 8.53 -6.93 -47.01
N ILE B 365 7.95 -5.96 -47.70
CA ILE B 365 8.71 -4.92 -48.40
C ILE B 365 8.29 -3.61 -47.74
N LEU B 366 9.13 -3.13 -46.81
CA LEU B 366 8.72 -2.07 -45.90
C LEU B 366 8.68 -0.73 -46.60
N VAL B 367 7.48 -0.18 -46.72
CA VAL B 367 7.30 1.17 -47.22
C VAL B 367 7.56 2.18 -46.11
N GLU B 368 8.36 3.20 -46.41
CA GLU B 368 8.84 4.16 -45.42
C GLU B 368 8.27 5.54 -45.71
N PRO B 369 8.05 6.34 -44.67
CA PRO B 369 7.59 7.71 -44.91
C PRO B 369 8.65 8.53 -45.61
N PRO B 370 8.25 9.38 -46.55
CA PRO B 370 9.18 9.77 -47.62
C PRO B 370 10.20 10.83 -47.26
N SER B 371 10.44 11.16 -45.98
CA SER B 371 11.64 11.90 -45.56
C SER B 371 11.77 13.30 -46.18
N VAL B 372 11.12 14.29 -45.57
CA VAL B 372 10.52 15.53 -46.11
C VAL B 372 11.10 16.08 -47.42
N ASP B 373 12.43 16.05 -47.57
CA ASP B 373 13.09 16.59 -48.75
C ASP B 373 12.59 15.93 -50.04
N MET B 374 12.25 14.64 -49.99
CA MET B 374 11.65 14.02 -51.16
C MET B 374 10.22 14.48 -51.36
N THR B 375 9.50 14.83 -50.29
CA THR B 375 8.11 15.24 -50.45
C THR B 375 7.97 16.59 -51.12
N VAL B 376 8.98 17.46 -50.99
CA VAL B 376 9.03 18.65 -51.81
C VAL B 376 9.22 18.28 -53.26
N LYS B 377 10.08 17.29 -53.53
CA LYS B 377 10.23 16.77 -54.88
C LYS B 377 8.99 16.00 -55.32
N ILE B 378 8.20 15.48 -54.37
CA ILE B 378 6.90 14.91 -54.72
C ILE B 378 5.95 16.01 -55.18
N LEU B 379 5.77 17.03 -54.33
CA LEU B 379 4.76 18.07 -54.58
C LEU B 379 5.07 18.89 -55.82
N ARG B 380 6.35 19.05 -56.16
CA ARG B 380 6.68 19.76 -57.39
C ARG B 380 6.39 18.92 -58.62
N SER B 381 6.37 17.59 -58.46
CA SER B 381 5.95 16.73 -59.56
C SER B 381 4.43 16.60 -59.64
N LEU B 382 3.70 17.18 -58.69
CA LEU B 382 2.24 17.14 -58.67
C LEU B 382 1.61 18.49 -59.00
N LYS B 383 2.40 19.48 -59.40
CA LYS B 383 1.85 20.79 -59.72
C LYS B 383 1.01 20.76 -60.99
N SER B 384 1.50 20.09 -62.04
CA SER B 384 0.91 20.18 -63.38
C SER B 384 -0.49 19.57 -63.43
N LYS B 385 -0.76 18.55 -62.61
CA LYS B 385 -2.12 18.06 -62.51
C LYS B 385 -2.99 18.99 -61.67
N TYR B 386 -2.43 19.55 -60.60
CA TYR B 386 -3.24 20.38 -59.72
C TYR B 386 -3.50 21.76 -60.33
N GLU B 387 -2.59 22.25 -61.17
CA GLU B 387 -2.82 23.52 -61.85
C GLU B 387 -3.96 23.42 -62.86
N ASN B 388 -3.99 22.34 -63.63
CA ASN B 388 -5.01 22.20 -64.67
C ASN B 388 -6.37 21.86 -64.08
N PHE B 389 -6.40 21.14 -62.95
CA PHE B 389 -7.67 20.77 -62.36
C PHE B 389 -8.37 21.95 -61.69
N TYR B 390 -7.62 22.98 -61.32
CA TYR B 390 -8.22 24.11 -60.65
C TYR B 390 -8.12 25.42 -61.43
N GLY B 391 -7.23 25.51 -62.42
CA GLY B 391 -6.97 26.79 -63.05
C GLY B 391 -6.20 27.75 -62.19
N ILE B 392 -5.59 27.26 -61.12
CA ILE B 392 -5.02 28.08 -60.05
C ILE B 392 -3.51 27.83 -60.04
N ASN B 393 -2.74 28.91 -60.13
CA ASN B 393 -1.30 28.77 -60.00
C ASN B 393 -0.92 28.52 -58.55
N ILE B 394 0.08 27.68 -58.33
CA ILE B 394 0.59 27.37 -57.00
C ILE B 394 2.03 27.87 -56.93
N THR B 395 2.29 28.81 -56.03
CA THR B 395 3.65 29.26 -55.84
C THR B 395 4.48 28.20 -55.13
N ASP B 396 5.74 28.08 -55.51
CA ASP B 396 6.62 27.07 -54.94
C ASP B 396 6.97 27.39 -53.50
N LYS B 397 6.88 28.66 -53.11
CA LYS B 397 7.07 29.02 -51.70
C LYS B 397 5.96 28.47 -50.83
N ALA B 398 4.77 28.24 -51.41
CA ALA B 398 3.70 27.63 -50.65
C ALA B 398 3.92 26.13 -50.50
N LEU B 399 4.66 25.52 -51.43
CA LEU B 399 4.86 24.07 -51.41
C LEU B 399 5.74 23.64 -50.25
N VAL B 400 6.87 24.33 -50.05
CA VAL B 400 7.69 24.05 -48.88
C VAL B 400 6.98 24.51 -47.61
N ALA B 401 6.08 25.50 -47.73
CA ALA B 401 5.21 25.83 -46.61
C ALA B 401 4.11 24.79 -46.43
N ALA B 402 3.69 24.13 -47.51
CA ALA B 402 2.69 23.08 -47.35
C ALA B 402 3.28 21.84 -46.70
N ALA B 403 4.57 21.58 -46.93
CA ALA B 403 5.19 20.41 -46.33
C ALA B 403 5.56 20.66 -44.87
N LYS B 404 6.25 21.77 -44.60
CA LYS B 404 6.87 21.97 -43.29
C LYS B 404 5.83 22.22 -42.20
N ILE B 405 4.72 22.88 -42.55
CA ILE B 405 3.62 23.00 -41.61
C ILE B 405 2.96 21.63 -41.39
N SER B 406 2.92 20.79 -42.41
CA SER B 406 2.35 19.46 -42.24
C SER B 406 3.25 18.50 -41.48
N ASP B 407 4.56 18.75 -41.43
CA ASP B 407 5.52 17.78 -40.91
C ASP B 407 5.44 17.58 -39.41
N ARG B 408 5.82 18.62 -38.67
CA ARG B 408 5.95 18.51 -37.22
C ARG B 408 4.62 18.82 -36.54
N PHE B 409 3.84 19.73 -37.13
CA PHE B 409 2.70 20.31 -36.43
C PHE B 409 1.50 19.38 -36.41
N ILE B 410 1.49 18.34 -37.24
CA ILE B 410 0.51 17.25 -37.15
C ILE B 410 1.31 15.96 -37.11
N LYS B 411 1.18 15.22 -36.02
CA LYS B 411 2.03 14.04 -35.84
C LYS B 411 1.41 12.78 -36.44
N ASP B 412 0.12 12.53 -36.16
CA ASP B 412 -0.52 11.36 -36.75
C ASP B 412 -0.88 11.62 -38.21
N ARG B 413 -1.51 10.62 -38.84
CA ARG B 413 -1.87 10.62 -40.26
C ARG B 413 -0.64 10.82 -41.15
N TYR B 414 0.19 9.78 -41.26
CA TYR B 414 1.55 9.81 -41.83
C TYR B 414 1.65 10.52 -43.18
N LEU B 415 2.87 10.94 -43.47
CA LEU B 415 3.14 12.22 -44.14
C LEU B 415 2.48 12.46 -45.51
N PRO B 416 2.49 11.54 -46.49
CA PRO B 416 1.93 11.91 -47.82
C PRO B 416 0.42 12.14 -47.83
N ASP B 417 -0.31 11.70 -46.81
CA ASP B 417 -1.69 12.16 -46.70
C ASP B 417 -1.75 13.63 -46.34
N LYS B 418 -0.83 14.11 -45.51
CA LYS B 418 -0.90 15.49 -45.02
C LYS B 418 -0.54 16.50 -46.11
N ALA B 419 0.61 16.32 -46.75
CA ALA B 419 1.13 17.33 -47.66
C ALA B 419 0.31 17.41 -48.94
N ILE B 420 -0.26 16.28 -49.37
CA ILE B 420 -1.15 16.32 -50.53
C ILE B 420 -2.45 17.04 -50.19
N ASP B 421 -3.03 16.76 -49.02
CA ASP B 421 -4.34 17.32 -48.70
C ASP B 421 -4.27 18.79 -48.34
N LEU B 422 -3.27 19.20 -47.55
CA LEU B 422 -3.16 20.60 -47.16
C LEU B 422 -2.82 21.49 -48.35
N LEU B 423 -2.16 20.94 -49.36
CA LEU B 423 -2.05 21.63 -50.63
C LEU B 423 -3.39 21.66 -51.36
N ASN B 424 -4.08 20.51 -51.39
CA ASN B 424 -5.35 20.40 -52.10
C ASN B 424 -6.45 21.18 -51.38
N LYS B 425 -6.40 21.25 -50.06
CA LYS B 425 -7.31 22.14 -49.35
C LYS B 425 -7.00 23.59 -49.65
N ALA B 426 -5.72 23.93 -49.85
CA ALA B 426 -5.38 25.27 -50.27
C ALA B 426 -5.78 25.51 -51.72
N CYS B 427 -5.72 24.47 -52.55
CA CYS B 427 -6.20 24.60 -53.92
C CYS B 427 -7.72 24.74 -53.95
N SER B 428 -8.42 24.05 -53.06
CA SER B 428 -9.87 24.15 -53.02
C SER B 428 -10.35 25.40 -52.28
N PHE B 429 -9.46 26.06 -51.56
CA PHE B 429 -9.84 27.30 -50.88
C PHE B 429 -9.98 28.43 -51.88
N LEU B 430 -9.03 28.55 -52.80
CA LEU B 430 -9.12 29.60 -53.81
C LEU B 430 -10.13 29.28 -54.90
N GLN B 431 -10.50 28.01 -55.07
CA GLN B 431 -11.42 27.63 -56.15
C GLN B 431 -12.80 28.24 -55.93
N VAL B 432 -13.24 28.31 -54.68
CA VAL B 432 -14.52 28.95 -54.39
C VAL B 432 -14.38 30.46 -54.50
N GLN B 433 -13.28 31.02 -54.01
CA GLN B 433 -13.13 32.48 -53.96
C GLN B 433 -12.88 33.09 -55.34
N LEU B 434 -12.46 32.31 -56.32
CA LEU B 434 -12.30 32.84 -57.68
C LEU B 434 -13.62 32.75 -58.42
N SER B 435 -14.24 31.55 -58.42
CA SER B 435 -15.47 31.35 -59.15
C SER B 435 -16.64 32.10 -58.52
N GLY B 436 -16.70 32.14 -57.20
CA GLY B 436 -17.70 32.91 -56.50
C GLY B 436 -17.15 34.22 -55.97
N LYS B 437 -17.99 34.92 -55.22
CA LYS B 437 -17.55 36.12 -54.55
C LYS B 437 -16.60 35.77 -53.41
N PRO B 438 -15.62 36.61 -53.12
CA PRO B 438 -14.66 36.30 -52.05
C PRO B 438 -15.29 36.38 -50.67
N ARG B 439 -14.55 35.86 -49.69
CA ARG B 439 -15.09 35.59 -48.36
C ARG B 439 -15.46 36.87 -47.60
N ILE B 440 -14.78 37.97 -47.90
CA ILE B 440 -15.12 39.26 -47.29
C ILE B 440 -16.51 39.70 -47.70
N ILE B 441 -16.80 39.68 -49.00
CA ILE B 441 -18.13 40.09 -49.45
C ILE B 441 -19.18 39.03 -49.12
N ASP B 442 -18.85 37.74 -49.32
CA ASP B 442 -19.82 36.66 -49.18
C ASP B 442 -20.35 36.52 -47.75
N VAL B 443 -19.49 36.69 -46.75
CA VAL B 443 -19.96 36.65 -45.37
C VAL B 443 -20.77 37.90 -45.05
N THR B 444 -20.25 39.07 -45.41
CA THR B 444 -20.92 40.33 -45.11
C THR B 444 -22.20 40.53 -45.91
N GLU B 445 -22.30 39.90 -47.09
CA GLU B 445 -23.60 39.85 -47.76
C GLU B 445 -24.60 39.08 -46.93
N ARG B 446 -24.20 37.93 -46.39
CA ARG B 446 -25.08 37.18 -45.51
C ARG B 446 -25.30 37.91 -44.19
N ASP B 447 -24.36 38.74 -43.77
CA ASP B 447 -24.48 39.44 -42.48
C ASP B 447 -25.56 40.52 -42.50
N ILE B 448 -25.98 40.97 -43.69
CA ILE B 448 -27.02 41.97 -43.77
C ILE B 448 -28.37 41.38 -43.35
N GLU B 449 -28.78 40.30 -44.00
CA GLU B 449 -30.13 39.80 -43.79
C GLU B 449 -30.27 39.03 -42.49
N ARG B 450 -29.17 38.55 -41.90
CA ARG B 450 -29.26 37.94 -40.58
C ARG B 450 -29.55 39.01 -39.52
N LEU B 451 -28.89 40.16 -39.63
CA LEU B 451 -29.07 41.21 -38.65
C LEU B 451 -30.36 41.98 -38.87
N SER B 452 -30.70 42.27 -40.12
CA SER B 452 -31.92 43.03 -40.42
C SER B 452 -33.16 42.24 -40.09
N TYR B 453 -33.07 40.90 -40.11
CA TYR B 453 -34.16 40.07 -39.65
C TYR B 453 -34.39 40.24 -38.16
N GLU B 454 -33.33 40.41 -37.38
CA GLU B 454 -33.49 40.67 -35.95
C GLU B 454 -33.99 42.09 -35.70
N ILE B 455 -33.52 43.04 -36.51
CA ILE B 455 -33.99 44.43 -36.42
C ILE B 455 -35.48 44.53 -36.72
N SER B 456 -35.97 43.70 -37.63
CA SER B 456 -37.39 43.65 -37.92
C SER B 456 -38.18 43.09 -36.74
N THR B 457 -37.66 42.05 -36.10
CA THR B 457 -38.39 41.44 -34.99
C THR B 457 -38.27 42.26 -33.71
N LEU B 458 -37.12 42.90 -33.49
CA LEU B 458 -36.92 43.67 -32.26
C LEU B 458 -37.41 45.11 -32.36
N GLU B 459 -38.10 45.48 -33.46
CA GLU B 459 -38.74 46.78 -33.51
C GLU B 459 -39.92 46.86 -32.54
N LYS B 460 -40.55 45.71 -32.25
CA LYS B 460 -41.62 45.59 -31.27
C LYS B 460 -40.94 45.47 -29.89
N ASP B 461 -41.70 45.14 -28.83
CA ASP B 461 -41.28 45.09 -27.43
C ASP B 461 -40.76 46.47 -27.05
N VAL B 462 -41.67 47.46 -27.03
CA VAL B 462 -41.32 48.88 -27.06
C VAL B 462 -40.77 49.43 -25.75
N ASP B 463 -40.58 48.60 -24.73
CA ASP B 463 -39.96 49.10 -23.51
C ASP B 463 -38.48 49.39 -23.76
N LYS B 464 -37.89 50.20 -22.88
CA LYS B 464 -36.55 50.73 -23.12
C LYS B 464 -35.46 49.68 -22.90
N VAL B 465 -35.79 48.55 -22.28
CA VAL B 465 -34.78 47.54 -21.96
C VAL B 465 -34.24 46.88 -23.22
N SER B 466 -35.13 46.30 -24.04
CA SER B 466 -34.69 45.74 -25.31
C SER B 466 -34.41 46.83 -26.33
N LYS B 467 -35.03 48.00 -26.17
CA LYS B 467 -34.80 49.11 -27.09
C LYS B 467 -33.37 49.63 -27.00
N LYS B 468 -32.80 49.65 -25.79
CA LYS B 468 -31.42 50.07 -25.63
C LYS B 468 -30.46 49.06 -26.23
N LYS B 469 -30.82 47.78 -26.20
CA LYS B 469 -30.07 46.79 -26.99
C LYS B 469 -30.34 46.97 -28.47
N TYR B 470 -31.58 47.34 -28.82
CA TYR B 470 -31.94 47.57 -30.22
C TYR B 470 -31.24 48.81 -30.77
N ASN B 471 -31.02 49.82 -29.94
CA ASN B 471 -30.27 51.00 -30.37
C ASN B 471 -28.80 50.66 -30.62
N LYS B 472 -28.29 49.63 -29.95
CA LYS B 472 -26.92 49.17 -30.21
C LYS B 472 -26.86 48.36 -31.50
N LEU B 473 -27.88 47.56 -31.78
CA LEU B 473 -27.86 46.71 -32.97
C LEU B 473 -28.00 47.51 -34.25
N ILE B 474 -28.83 48.57 -34.23
CA ILE B 474 -28.97 49.42 -35.39
C ILE B 474 -27.74 50.28 -35.60
N LYS B 475 -26.93 50.47 -34.55
CA LYS B 475 -25.65 51.16 -34.69
C LYS B 475 -24.67 50.32 -35.50
N GLU B 476 -24.54 49.03 -35.17
CA GLU B 476 -23.59 48.17 -35.85
C GLU B 476 -24.08 47.79 -37.25
N PHE B 477 -25.38 47.85 -37.49
CA PHE B 477 -25.91 47.53 -38.81
C PHE B 477 -25.55 48.61 -39.82
N GLU B 478 -25.40 49.86 -39.36
CA GLU B 478 -24.91 50.91 -40.24
C GLU B 478 -23.41 50.80 -40.44
N GLU B 479 -22.70 50.21 -39.48
CA GLU B 479 -21.26 50.03 -39.59
C GLU B 479 -20.91 49.04 -40.69
N LYS B 480 -21.74 48.01 -40.88
CA LYS B 480 -21.51 47.06 -41.94
C LYS B 480 -21.76 47.68 -43.32
N LYS B 481 -22.68 48.64 -43.40
CA LYS B 481 -22.95 49.34 -44.66
C LYS B 481 -21.75 50.17 -45.09
N GLU B 482 -21.11 50.86 -44.15
CA GLU B 482 -19.95 51.67 -44.48
C GLU B 482 -18.76 50.82 -44.88
N GLN B 483 -18.63 49.62 -44.31
CA GLN B 483 -17.52 48.75 -44.66
C GLN B 483 -17.68 48.18 -46.05
N LEU B 484 -18.92 47.91 -46.48
CA LEU B 484 -19.16 47.36 -47.82
C LEU B 484 -18.74 48.34 -48.91
N LYS B 485 -18.96 49.63 -48.67
CA LYS B 485 -18.44 50.66 -49.57
C LYS B 485 -16.93 50.57 -49.71
N LYS B 486 -16.23 50.25 -48.62
CA LYS B 486 -14.82 49.95 -48.73
C LYS B 486 -14.58 48.55 -49.28
N TYR B 487 -15.54 47.64 -49.13
CA TYR B 487 -15.28 46.27 -49.54
C TYR B 487 -15.51 46.07 -51.04
N TYR B 488 -16.56 46.68 -51.60
CA TYR B 488 -16.80 46.52 -53.02
C TYR B 488 -15.79 47.30 -53.86
N GLU B 489 -15.31 48.44 -53.36
CA GLU B 489 -14.34 49.24 -54.12
C GLU B 489 -12.98 48.56 -54.19
N GLU B 490 -12.57 47.88 -53.12
CA GLU B 490 -11.32 47.13 -53.17
C GLU B 490 -11.36 45.94 -54.11
N TYR B 491 -12.50 45.27 -54.18
CA TYR B 491 -12.62 44.12 -55.06
C TYR B 491 -12.32 44.60 -56.48
N VAL B 492 -13.01 45.65 -56.86
CA VAL B 492 -12.85 46.24 -58.18
C VAL B 492 -11.40 46.57 -58.49
N ILE B 493 -10.76 47.35 -57.62
CA ILE B 493 -9.37 47.72 -57.86
C ILE B 493 -8.49 46.47 -57.99
N THR B 494 -8.65 45.51 -57.08
CA THR B 494 -7.94 44.24 -57.21
C THR B 494 -8.47 43.42 -58.37
N GLY B 495 -9.74 43.60 -58.74
CA GLY B 495 -10.25 42.94 -59.93
C GLY B 495 -9.66 43.55 -61.19
N GLU B 496 -9.47 44.87 -61.20
CA GLU B 496 -8.81 45.51 -62.33
C GLU B 496 -7.32 45.18 -62.38
N ARG B 497 -6.74 44.78 -61.25
CA ARG B 497 -5.39 44.27 -61.26
C ARG B 497 -5.25 42.94 -62.00
N LEU B 498 -6.22 42.05 -61.85
CA LEU B 498 -6.17 40.77 -62.56
C LEU B 498 -6.46 40.95 -64.05
N LYS B 499 -7.28 41.94 -64.39
CA LYS B 499 -7.52 42.26 -65.80
C LYS B 499 -6.24 42.76 -66.47
N ARG B 500 -5.38 43.43 -65.71
CA ARG B 500 -4.12 43.92 -66.25
C ARG B 500 -3.05 42.83 -66.25
N LYS B 501 -3.01 42.02 -65.19
CA LYS B 501 -1.89 41.09 -65.00
C LYS B 501 -1.99 39.88 -65.92
N LYS B 502 -3.21 39.41 -66.20
CA LYS B 502 -3.32 38.24 -67.06
C LYS B 502 -3.06 38.58 -68.52
N GLU B 503 -3.26 39.83 -68.92
CA GLU B 503 -3.06 40.22 -70.32
C GLU B 503 -1.58 40.35 -70.64
N ILE B 504 -0.77 40.81 -69.69
CA ILE B 504 0.66 40.92 -69.96
C ILE B 504 1.34 39.55 -69.94
N GLU B 505 0.68 38.54 -69.36
CA GLU B 505 1.17 37.18 -69.53
C GLU B 505 0.95 36.70 -70.96
N LYS B 506 -0.22 36.97 -71.54
CA LYS B 506 -0.50 36.46 -72.87
C LYS B 506 0.13 37.32 -73.96
N LYS B 507 -0.09 38.64 -73.92
CA LYS B 507 0.38 39.48 -75.01
C LYS B 507 1.84 39.89 -74.84
N LEU B 508 2.25 40.23 -73.63
CA LEU B 508 3.58 40.78 -73.42
C LEU B 508 4.62 39.74 -73.06
N ASN B 509 4.19 38.53 -72.67
CA ASN B 509 5.14 37.50 -72.25
C ASN B 509 5.08 36.28 -73.18
N ASP B 510 3.87 35.74 -73.41
CA ASP B 510 3.73 34.54 -74.23
C ASP B 510 4.12 34.80 -75.68
N LEU B 511 3.84 35.99 -76.19
CA LEU B 511 4.36 36.38 -77.50
C LEU B 511 5.87 36.62 -77.43
N LYS B 512 6.36 37.13 -76.29
CA LYS B 512 7.78 37.42 -76.17
C LYS B 512 8.60 36.15 -76.05
N GLU B 513 8.13 35.17 -75.27
CA GLU B 513 8.81 33.89 -75.21
C GLU B 513 8.61 33.07 -76.48
N LEU B 514 7.61 33.41 -77.29
CA LEU B 514 7.47 32.81 -78.61
C LEU B 514 8.61 33.26 -79.52
N THR B 515 9.01 34.52 -79.40
CA THR B 515 10.19 35.01 -80.12
C THR B 515 11.47 34.39 -79.57
N GLN B 516 11.47 34.01 -78.29
CA GLN B 516 12.56 33.21 -77.75
C GLN B 516 12.54 31.79 -78.30
N ASN B 517 11.38 31.32 -78.75
CA ASN B 517 11.29 29.94 -79.23
C ASN B 517 11.76 29.81 -80.68
N TYR B 518 11.44 30.77 -81.54
CA TYR B 518 11.78 30.62 -82.95
C TYR B 518 13.26 30.84 -83.21
N VAL B 519 13.80 31.99 -82.81
CA VAL B 519 15.26 32.18 -82.82
C VAL B 519 15.69 32.65 -81.43
N TYR B 520 16.29 31.73 -80.67
CA TYR B 520 16.90 32.13 -79.40
C TYR B 520 18.35 32.57 -79.60
N SER B 521 18.97 32.15 -80.71
CA SER B 521 20.39 32.41 -80.94
C SER B 521 20.66 33.83 -81.43
N ASN B 522 19.63 34.64 -81.67
CA ASN B 522 19.80 35.96 -82.24
C ASN B 522 18.63 36.82 -81.80
N LYS B 523 18.87 38.14 -81.78
CA LYS B 523 17.86 39.13 -81.43
C LYS B 523 16.93 39.30 -82.63
N GLU B 524 15.89 38.49 -82.69
CA GLU B 524 15.02 38.55 -83.87
C GLU B 524 14.00 39.70 -83.80
N PRO B 525 13.35 40.01 -82.68
CA PRO B 525 12.83 41.38 -82.49
C PRO B 525 13.82 42.23 -81.71
N PRO B 526 14.87 42.76 -82.35
CA PRO B 526 16.04 43.25 -81.59
C PRO B 526 15.78 44.47 -80.71
N ILE B 527 14.72 45.22 -81.00
CA ILE B 527 14.31 46.30 -80.12
C ILE B 527 13.62 45.74 -78.89
N GLU B 528 12.83 44.69 -79.07
CA GLU B 528 11.97 44.19 -78.00
C GLU B 528 12.77 43.44 -76.94
N LEU B 529 13.93 42.89 -77.30
CA LEU B 529 14.79 42.24 -76.31
C LEU B 529 15.41 43.25 -75.36
N GLN B 530 15.65 44.47 -75.82
CA GLN B 530 16.09 45.53 -74.93
C GLN B 530 14.92 46.17 -74.19
N ASN B 531 13.71 46.10 -74.74
CA ASN B 531 12.58 46.87 -74.21
C ASN B 531 11.49 46.01 -73.59
N SER B 532 10.89 45.07 -74.35
CA SER B 532 9.78 44.29 -73.82
C SER B 532 10.24 43.20 -72.85
N LEU B 533 11.50 42.78 -72.94
CA LEU B 533 12.05 41.90 -71.91
C LEU B 533 12.13 42.63 -70.58
N LYS B 534 12.40 43.93 -70.60
CA LYS B 534 12.32 44.73 -69.39
C LYS B 534 10.87 44.97 -68.97
N GLU B 535 10.02 45.39 -69.91
CA GLU B 535 8.68 45.87 -69.55
C GLU B 535 7.75 44.76 -69.10
N ALA B 536 7.96 43.53 -69.57
CA ALA B 536 7.20 42.41 -69.04
C ALA B 536 7.59 42.14 -67.60
N GLN B 537 8.86 42.34 -67.26
CA GLN B 537 9.32 42.19 -65.89
C GLN B 537 9.17 43.47 -65.09
N GLN B 538 9.15 44.64 -65.75
CA GLN B 538 8.91 45.90 -65.06
C GLN B 538 7.50 45.94 -64.49
N LYS B 539 6.54 45.38 -65.20
CA LYS B 539 5.20 45.23 -64.64
C LYS B 539 5.18 44.14 -63.58
N TYR B 540 6.06 43.14 -63.71
CA TYR B 540 6.23 42.17 -62.63
C TYR B 540 7.02 42.77 -61.47
N LEU B 541 7.73 43.86 -61.70
CA LEU B 541 8.21 44.68 -60.60
C LEU B 541 7.09 45.54 -60.00
N GLU B 542 5.95 45.65 -60.69
CA GLU B 542 4.84 46.43 -60.20
C GLU B 542 3.65 45.57 -59.80
N LEU B 543 3.09 44.79 -60.73
CA LEU B 543 1.83 44.10 -60.45
C LEU B 543 2.03 42.91 -59.54
N TYR B 544 3.17 42.22 -59.67
CA TYR B 544 3.42 41.07 -58.82
C TYR B 544 3.74 41.48 -57.40
N LYS B 545 4.47 42.59 -57.23
CA LYS B 545 4.82 43.03 -55.89
C LYS B 545 3.63 43.65 -55.16
N GLU B 546 2.68 44.24 -55.90
CA GLU B 546 1.47 44.75 -55.26
C GLU B 546 0.57 43.61 -54.80
N THR B 547 0.64 42.45 -55.45
CA THR B 547 -0.11 41.29 -54.96
C THR B 547 0.46 40.78 -53.64
N VAL B 548 1.78 40.66 -53.56
CA VAL B 548 2.43 40.20 -52.34
C VAL B 548 2.26 41.23 -51.23
N ALA B 549 2.29 42.53 -51.58
CA ALA B 549 2.03 43.58 -50.60
C ALA B 549 0.59 43.57 -50.13
N TYR B 550 -0.32 43.05 -50.95
CA TYR B 550 -1.70 42.90 -50.50
C TYR B 550 -1.86 41.77 -49.50
N VAL B 551 -0.94 40.80 -49.50
CA VAL B 551 -1.06 39.62 -48.63
C VAL B 551 -0.84 40.00 -47.15
N GLU B 552 0.07 40.93 -46.87
CA GLU B 552 0.24 41.29 -45.46
C GLU B 552 -0.87 42.20 -44.97
N ALA B 553 -1.50 42.95 -45.87
CA ALA B 553 -2.66 43.75 -45.48
C ALA B 553 -3.86 42.88 -45.20
N LYS B 554 -3.92 41.69 -45.81
CA LYS B 554 -5.04 40.77 -45.62
C LYS B 554 -4.56 39.38 -46.00
N THR B 555 -4.41 38.50 -45.02
CA THR B 555 -3.67 37.25 -45.25
C THR B 555 -4.47 36.20 -45.99
N HIS B 556 -5.55 35.70 -45.39
CA HIS B 556 -6.28 34.61 -46.01
C HIS B 556 -7.47 35.12 -46.80
N ASN B 557 -7.95 36.32 -46.53
CA ASN B 557 -9.06 36.89 -47.29
C ASN B 557 -8.54 37.75 -48.44
N ALA B 558 -7.60 37.19 -49.18
CA ALA B 558 -6.88 37.91 -50.22
C ALA B 558 -7.74 37.91 -51.48
N MET B 559 -8.44 39.02 -51.68
CA MET B 559 -9.37 39.14 -52.80
C MET B 559 -8.62 39.28 -54.13
N ASN B 560 -9.17 38.63 -55.16
CA ASN B 560 -8.68 38.68 -56.54
C ASN B 560 -7.21 38.26 -56.64
N VAL B 561 -6.90 37.11 -56.06
CA VAL B 561 -5.53 36.62 -56.01
C VAL B 561 -5.53 35.21 -56.61
N ASP B 562 -4.88 35.05 -57.76
CA ASP B 562 -4.89 33.76 -58.44
C ASP B 562 -3.92 32.78 -57.81
N ALA B 563 -2.74 33.23 -57.39
CA ALA B 563 -1.72 32.32 -56.92
C ALA B 563 -1.95 31.94 -55.45
N VAL B 564 -1.62 30.70 -55.11
CA VAL B 564 -1.61 30.25 -53.73
C VAL B 564 -0.39 30.84 -53.03
N TYR B 565 -0.56 31.31 -51.80
CA TYR B 565 0.57 31.81 -51.04
C TYR B 565 0.62 31.14 -49.67
N GLN B 566 1.69 31.46 -48.95
CA GLN B 566 1.98 30.77 -47.69
C GLN B 566 0.96 31.08 -46.61
N GLU B 567 0.32 32.25 -46.68
CA GLU B 567 -0.67 32.61 -45.68
C GLU B 567 -1.96 31.82 -45.85
N HIS B 568 -2.21 31.30 -47.06
CA HIS B 568 -3.38 30.46 -47.27
C HIS B 568 -3.19 29.10 -46.61
N VAL B 569 -2.00 28.52 -46.77
CA VAL B 569 -1.73 27.18 -46.23
C VAL B 569 -1.70 27.22 -44.71
N SER B 570 -1.11 28.27 -44.13
CA SER B 570 -1.14 28.43 -42.68
C SER B 570 -2.55 28.68 -42.18
N TYR B 571 -3.42 29.26 -43.01
CA TYR B 571 -4.82 29.44 -42.63
C TYR B 571 -5.57 28.11 -42.58
N ILE B 572 -5.25 27.19 -43.48
CA ILE B 572 -5.89 25.88 -43.48
C ILE B 572 -5.48 25.10 -42.25
N TYR B 573 -4.21 25.20 -41.86
CA TYR B 573 -3.75 24.55 -40.64
C TYR B 573 -4.41 25.14 -39.41
N LEU B 574 -4.53 26.47 -39.35
CA LEU B 574 -5.14 27.09 -38.18
C LEU B 574 -6.65 26.89 -38.16
N ARG B 575 -7.26 26.59 -39.31
CA ARG B 575 -8.68 26.30 -39.31
C ARG B 575 -8.96 24.90 -38.78
N ASP B 576 -8.25 23.90 -39.31
CA ASP B 576 -8.56 22.52 -38.96
C ASP B 576 -8.03 22.15 -37.59
N SER B 577 -6.90 22.72 -37.16
CA SER B 577 -6.55 22.61 -35.76
C SER B 577 -7.40 23.55 -34.93
N GLY B 578 -7.43 23.33 -33.63
CA GLY B 578 -8.41 23.97 -32.78
C GLY B 578 -8.18 25.43 -32.41
N MET B 579 -7.85 26.28 -33.39
CA MET B 579 -7.86 27.71 -33.16
C MET B 579 -9.18 28.27 -33.66
N PRO B 580 -9.92 29.00 -32.83
CA PRO B 580 -11.17 29.60 -33.29
C PRO B 580 -10.89 30.73 -34.28
N LEU B 581 -11.86 30.97 -35.17
CA LEU B 581 -11.65 31.90 -36.27
C LEU B 581 -11.60 33.34 -35.80
N GLY B 582 -12.24 33.68 -34.70
CA GLY B 582 -12.28 35.05 -34.24
C GLY B 582 -11.17 35.41 -33.29
N SER B 583 -10.04 34.69 -33.36
CA SER B 583 -8.94 34.97 -32.44
C SER B 583 -8.13 36.19 -32.85
N LEU B 584 -8.33 36.71 -34.06
CA LEU B 584 -7.61 37.85 -34.64
C LEU B 584 -6.10 37.63 -34.73
N SER B 585 -5.64 36.39 -34.62
CA SER B 585 -4.24 36.07 -34.84
C SER B 585 -3.96 35.79 -36.30
N PHE B 586 -4.97 35.88 -37.16
CA PHE B 586 -4.84 35.42 -38.54
C PHE B 586 -4.07 36.43 -39.39
N GLU B 587 -4.30 37.71 -39.16
CA GLU B 587 -3.56 38.75 -39.87
C GLU B 587 -2.16 38.94 -39.33
N SER B 588 -1.91 38.58 -38.06
CA SER B 588 -0.62 38.41 -37.42
C SER B 588 0.22 39.69 -37.28
N SER B 589 -0.27 40.81 -37.79
CA SER B 589 0.47 42.07 -37.64
C SER B 589 -0.32 43.08 -36.82
N LYS B 590 -1.59 43.28 -37.17
CA LYS B 590 -2.45 44.12 -36.36
C LYS B 590 -2.76 43.45 -35.02
N GLY B 591 -3.03 42.15 -35.04
CA GLY B 591 -3.38 41.44 -33.83
C GLY B 591 -2.25 41.10 -32.90
N ALA B 592 -1.02 41.13 -33.40
CA ALA B 592 0.13 40.78 -32.55
C ALA B 592 0.56 41.96 -31.69
N LEU B 593 0.82 43.11 -32.32
CA LEU B 593 1.36 44.25 -31.62
C LEU B 593 0.34 44.90 -30.71
N LYS B 594 -0.95 44.73 -30.99
CA LYS B 594 -1.99 45.30 -30.15
C LYS B 594 -2.36 44.43 -28.96
N LEU B 595 -1.66 43.32 -28.76
CA LEU B 595 -1.94 42.46 -27.60
C LEU B 595 -1.50 43.13 -26.31
N TYR B 596 -0.33 43.76 -26.30
CA TYR B 596 0.18 44.40 -25.09
C TYR B 596 -0.67 45.59 -24.70
N ASN B 597 -1.24 46.31 -25.67
CA ASN B 597 -2.17 47.37 -25.34
C ASN B 597 -3.48 46.83 -24.80
N SER B 598 -3.86 45.62 -25.21
CA SER B 598 -5.07 45.00 -24.69
C SER B 598 -4.85 44.45 -23.29
N LEU B 599 -3.70 43.83 -23.05
CA LEU B 599 -3.37 43.33 -21.72
C LEU B 599 -3.14 44.45 -20.73
N SER B 600 -2.71 45.63 -21.20
CA SER B 600 -2.52 46.77 -20.31
C SER B 600 -3.85 47.30 -19.79
N LYS B 601 -4.94 47.07 -20.53
CA LYS B 601 -6.24 47.55 -20.09
C LYS B 601 -6.79 46.66 -18.98
N SER B 602 -6.70 45.34 -19.13
CA SER B 602 -7.33 44.42 -18.19
C SER B 602 -6.40 44.01 -17.05
N ILE B 603 -5.11 44.26 -17.15
CA ILE B 603 -4.14 43.91 -16.11
C ILE B 603 -3.31 45.14 -15.81
N ILE B 604 -3.18 45.45 -14.52
CA ILE B 604 -2.63 46.74 -14.10
C ILE B 604 -1.15 46.65 -13.79
N GLY B 605 -0.79 45.86 -12.79
CA GLY B 605 0.57 45.86 -12.28
C GLY B 605 1.50 44.99 -13.09
N ASN B 606 2.81 45.17 -12.80
CA ASN B 606 3.90 44.34 -13.33
C ASN B 606 3.95 44.40 -14.86
N GLU B 607 4.28 45.58 -15.39
CA GLU B 607 4.31 45.79 -16.83
C GLU B 607 5.45 45.01 -17.48
N ASP B 608 6.52 44.72 -16.74
CA ASP B 608 7.67 44.04 -17.33
C ASP B 608 7.39 42.58 -17.64
N ILE B 609 6.56 41.93 -16.82
CA ILE B 609 6.14 40.55 -17.10
C ILE B 609 5.25 40.51 -18.33
N ILE B 610 4.33 41.48 -18.46
CA ILE B 610 3.41 41.53 -19.57
C ILE B 610 4.15 41.81 -20.88
N LYS B 611 5.22 42.63 -20.83
CA LYS B 611 6.07 42.80 -21.99
C LYS B 611 6.76 41.50 -22.38
N SER B 612 7.29 40.77 -21.40
CA SER B 612 7.92 39.48 -21.69
C SER B 612 6.90 38.45 -22.12
N LEU B 613 5.68 38.54 -21.61
CA LEU B 613 4.63 37.64 -22.05
C LEU B 613 4.16 37.98 -23.46
N SER B 614 4.14 39.26 -23.80
CA SER B 614 3.75 39.67 -25.15
C SER B 614 4.80 39.25 -26.17
N ASP B 615 6.07 39.16 -25.75
CA ASP B 615 7.14 38.78 -26.67
C ASP B 615 7.01 37.33 -27.14
N ALA B 616 6.40 36.47 -26.32
CA ALA B 616 6.26 35.08 -26.70
C ALA B 616 5.22 34.90 -27.81
N VAL B 617 4.15 35.70 -27.77
CA VAL B 617 3.11 35.63 -28.79
C VAL B 617 3.62 36.21 -30.11
N VAL B 618 4.56 37.16 -30.05
CA VAL B 618 5.16 37.74 -31.25
C VAL B 618 5.95 36.69 -32.03
N LYS B 619 6.61 35.76 -31.30
CA LYS B 619 7.25 34.63 -31.96
C LYS B 619 6.23 33.72 -32.65
N ALA B 620 5.00 33.66 -32.14
CA ALA B 620 3.99 32.85 -32.80
C ALA B 620 3.47 33.51 -34.06
N ALA B 621 3.17 34.82 -34.00
CA ALA B 621 2.53 35.48 -35.14
C ALA B 621 3.51 35.72 -36.29
N THR B 622 4.80 35.84 -35.99
CA THR B 622 5.80 36.00 -37.04
C THR B 622 6.18 34.69 -37.72
N GLY B 623 5.81 33.55 -37.14
CA GLY B 623 6.18 32.28 -37.71
C GLY B 623 7.57 31.79 -37.37
N MET B 624 8.35 32.58 -36.63
CA MET B 624 9.67 32.16 -36.18
C MET B 624 9.60 31.75 -34.71
N LYS B 625 9.74 30.46 -34.46
CA LYS B 625 9.78 29.94 -33.09
C LYS B 625 10.54 28.63 -33.13
N ASP B 626 11.02 28.22 -31.97
CA ASP B 626 11.65 26.93 -31.88
C ASP B 626 10.58 25.85 -31.93
N PRO B 627 10.68 24.89 -32.85
CA PRO B 627 9.62 23.86 -32.94
C PRO B 627 9.65 22.87 -31.80
N GLU B 628 10.79 22.68 -31.15
CA GLU B 628 10.93 21.69 -30.12
C GLU B 628 10.24 22.07 -28.81
N LYS B 629 10.01 23.36 -28.56
CA LYS B 629 9.56 23.79 -27.25
C LYS B 629 8.23 24.52 -27.33
N PRO B 630 7.42 24.46 -26.27
CA PRO B 630 6.19 25.25 -26.25
C PRO B 630 6.48 26.73 -26.11
N ILE B 631 5.48 27.53 -26.49
CA ILE B 631 5.61 28.98 -26.43
C ILE B 631 5.49 29.45 -24.99
N GLY B 632 6.51 30.15 -24.51
CA GLY B 632 6.45 30.90 -23.26
C GLY B 632 6.22 30.09 -22.00
N THR B 633 7.20 29.29 -21.60
CA THR B 633 7.07 28.42 -20.43
C THR B 633 7.21 29.23 -19.15
N PHE B 634 6.13 29.91 -18.78
CA PHE B 634 6.22 30.92 -17.74
C PHE B 634 5.93 30.32 -16.37
N LEU B 635 6.50 30.94 -15.34
CA LEU B 635 6.23 30.59 -13.96
C LEU B 635 5.90 31.87 -13.21
N PHE B 636 4.64 31.99 -12.79
CA PHE B 636 4.21 33.17 -12.07
C PHE B 636 4.31 32.94 -10.57
N LEU B 637 4.96 33.86 -9.87
CA LEU B 637 5.20 33.72 -8.45
C LEU B 637 4.97 35.07 -7.79
N GLY B 638 4.85 35.06 -6.47
CA GLY B 638 4.71 36.29 -5.73
C GLY B 638 3.83 36.15 -4.51
N PRO B 639 3.28 37.26 -4.04
CA PRO B 639 2.46 37.22 -2.83
C PRO B 639 1.09 36.62 -3.09
N THR B 640 0.45 36.25 -1.99
CA THR B 640 -0.88 35.68 -2.06
C THR B 640 -1.90 36.77 -2.35
N GLY B 641 -2.81 36.50 -3.29
CA GLY B 641 -3.92 37.39 -3.58
C GLY B 641 -3.79 38.22 -4.84
N VAL B 642 -2.57 38.50 -5.30
CA VAL B 642 -2.38 39.34 -6.47
C VAL B 642 -2.73 38.57 -7.74
N GLY B 643 -2.87 39.28 -8.85
CA GLY B 643 -3.47 38.75 -10.06
C GLY B 643 -2.64 37.78 -10.86
N LYS B 644 -2.36 36.60 -10.29
CA LYS B 644 -1.59 35.60 -11.02
C LYS B 644 -2.47 34.76 -11.91
N THR B 645 -3.50 34.11 -11.38
CA THR B 645 -4.34 33.28 -12.23
C THR B 645 -5.31 34.10 -13.08
N GLU B 646 -5.72 35.30 -12.64
CA GLU B 646 -6.59 36.10 -13.50
C GLU B 646 -5.82 36.89 -14.55
N LEU B 647 -4.49 36.86 -14.49
CA LEU B 647 -3.75 37.15 -15.70
C LEU B 647 -4.12 36.16 -16.78
N ALA B 648 -4.02 34.87 -16.45
CA ALA B 648 -4.19 33.82 -17.44
C ALA B 648 -5.64 33.66 -17.86
N LYS B 649 -6.59 33.99 -16.97
CA LYS B 649 -7.99 34.02 -17.36
C LYS B 649 -8.24 35.10 -18.40
N THR B 650 -7.70 36.29 -18.17
CA THR B 650 -7.84 37.36 -19.15
C THR B 650 -6.93 37.14 -20.34
N LEU B 651 -5.90 36.30 -20.20
CA LEU B 651 -5.03 36.04 -21.34
C LEU B 651 -5.73 35.18 -22.38
N ALA B 652 -6.58 34.26 -21.94
CA ALA B 652 -7.35 33.41 -22.86
C ALA B 652 -8.43 34.18 -23.59
N ILE B 653 -9.10 35.09 -22.89
CA ILE B 653 -10.21 35.84 -23.46
C ILE B 653 -9.73 36.79 -24.54
N GLU B 654 -8.52 37.32 -24.41
CA GLU B 654 -8.10 38.36 -25.34
C GLU B 654 -7.56 37.79 -26.64
N LEU B 655 -6.50 36.99 -26.60
CA LEU B 655 -5.84 36.63 -27.85
C LEU B 655 -6.50 35.42 -28.50
N PHE B 656 -7.08 34.52 -27.70
CA PHE B 656 -7.79 33.41 -28.33
C PHE B 656 -9.23 33.75 -28.62
N ASN B 657 -9.80 34.73 -27.90
CA ASN B 657 -11.21 35.15 -28.00
C ASN B 657 -12.18 34.00 -27.78
N SER B 658 -11.81 33.10 -26.86
CA SER B 658 -12.66 31.97 -26.53
C SER B 658 -12.32 31.52 -25.13
N LYS B 659 -13.33 31.46 -24.26
CA LYS B 659 -13.13 30.99 -22.89
C LYS B 659 -12.80 29.50 -22.87
N ASP B 660 -13.27 28.74 -23.86
CA ASP B 660 -13.06 27.29 -23.87
C ASP B 660 -11.61 26.90 -24.13
N ASN B 661 -10.80 27.81 -24.69
CA ASN B 661 -9.38 27.50 -24.85
C ASN B 661 -8.61 27.58 -23.54
N LEU B 662 -9.20 28.15 -22.49
CA LEU B 662 -8.61 28.14 -21.16
C LEU B 662 -8.77 26.75 -20.58
N ILE B 663 -7.79 25.90 -20.89
CA ILE B 663 -7.73 24.58 -20.27
C ILE B 663 -6.92 24.75 -19.00
N ARG B 664 -7.59 25.17 -17.93
CA ARG B 664 -6.91 25.30 -16.66
C ARG B 664 -6.83 23.94 -15.98
N VAL B 665 -5.78 23.74 -15.21
CA VAL B 665 -5.56 22.49 -14.50
C VAL B 665 -5.53 22.78 -13.01
N ASN B 666 -6.36 22.09 -12.25
CA ASN B 666 -6.34 22.21 -10.80
C ASN B 666 -5.18 21.34 -10.34
N MET B 667 -4.01 21.96 -10.16
CA MET B 667 -2.85 21.22 -9.68
C MET B 667 -3.01 20.81 -8.22
N SER B 668 -3.90 21.47 -7.48
CA SER B 668 -4.19 21.07 -6.11
C SER B 668 -4.92 19.73 -6.06
N GLU B 669 -5.53 19.30 -7.17
CA GLU B 669 -6.04 17.94 -7.26
C GLU B 669 -4.95 16.89 -7.42
N PHE B 670 -3.75 17.31 -7.79
CA PHE B 670 -2.68 16.37 -8.11
C PHE B 670 -1.71 16.17 -6.96
N THR B 671 -2.02 16.64 -5.75
CA THR B 671 -1.04 16.67 -4.67
C THR B 671 -0.78 15.28 -4.12
N GLU B 672 -1.61 14.31 -4.45
CA GLU B 672 -1.30 12.92 -4.11
C GLU B 672 -0.13 12.44 -4.95
N ALA B 673 0.66 11.52 -4.37
CA ALA B 673 1.77 10.93 -5.10
C ALA B 673 1.28 10.05 -6.23
N HIS B 674 0.20 9.32 -6.01
CA HIS B 674 -0.31 8.37 -6.97
C HIS B 674 -1.23 9.00 -8.02
N SER B 675 -1.44 10.32 -7.96
CA SER B 675 -2.31 11.01 -8.90
C SER B 675 -1.60 11.41 -10.18
N VAL B 676 -0.40 10.89 -10.43
CA VAL B 676 0.33 11.15 -11.67
C VAL B 676 -0.42 10.57 -12.86
N SER B 677 -1.17 9.49 -12.63
CA SER B 677 -1.94 8.83 -13.69
C SER B 677 -3.10 9.67 -14.21
N LYS B 678 -3.45 10.78 -13.55
CA LYS B 678 -4.45 11.68 -14.12
C LYS B 678 -3.88 12.43 -15.32
N ILE B 679 -2.57 12.67 -15.33
CA ILE B 679 -1.98 13.48 -16.39
C ILE B 679 -1.86 12.68 -17.68
N THR B 680 -1.28 11.48 -17.61
CA THR B 680 -1.00 10.69 -18.79
C THR B 680 -2.03 9.58 -19.03
N GLY B 681 -2.95 9.35 -18.11
CA GLY B 681 -3.88 8.25 -18.22
C GLY B 681 -3.31 6.97 -17.67
N SER B 682 -4.21 6.00 -17.45
CA SER B 682 -3.83 4.77 -16.78
C SER B 682 -3.07 3.86 -17.74
N PRO B 683 -2.03 3.18 -17.24
CA PRO B 683 -1.29 2.25 -18.10
C PRO B 683 -2.12 1.04 -18.43
N PRO B 684 -1.80 0.32 -19.53
CA PRO B 684 -2.75 -0.67 -20.07
C PRO B 684 -3.00 -1.87 -19.18
N GLY B 685 -4.21 -2.41 -19.31
CA GLY B 685 -4.70 -3.47 -18.45
C GLY B 685 -5.53 -3.00 -17.27
N TYR B 686 -5.59 -1.70 -17.02
CA TYR B 686 -6.19 -1.18 -15.80
C TYR B 686 -7.51 -0.48 -16.08
N VAL B 687 -8.20 -0.14 -14.99
CA VAL B 687 -9.48 0.55 -15.09
C VAL B 687 -9.25 1.96 -15.59
N GLY B 688 -10.05 2.38 -16.57
CA GLY B 688 -9.92 3.70 -17.15
C GLY B 688 -8.98 3.79 -18.32
N PHE B 689 -8.50 2.64 -18.83
CA PHE B 689 -7.60 2.69 -19.99
C PHE B 689 -8.35 2.99 -21.27
N SER B 690 -9.65 2.71 -21.30
CA SER B 690 -10.46 3.05 -22.47
C SER B 690 -10.52 4.55 -22.70
N ASP B 691 -10.61 5.33 -21.62
CA ASP B 691 -10.35 6.75 -21.72
C ASP B 691 -8.85 7.00 -21.77
N SER B 692 -8.47 8.12 -22.37
CA SER B 692 -7.07 8.48 -22.51
C SER B 692 -6.64 9.31 -21.30
N GLY B 693 -5.51 9.99 -21.41
CA GLY B 693 -5.12 10.92 -20.37
C GLY B 693 -6.09 12.07 -20.25
N GLN B 694 -6.36 12.48 -19.01
CA GLN B 694 -7.37 13.50 -18.74
C GLN B 694 -6.93 14.86 -19.28
N LEU B 695 -5.62 15.11 -19.31
CA LEU B 695 -5.12 16.33 -19.91
C LEU B 695 -4.95 16.21 -21.42
N THR B 696 -4.40 15.07 -21.86
CA THR B 696 -4.01 14.92 -23.25
C THR B 696 -5.21 14.79 -24.18
N GLU B 697 -6.36 14.36 -23.65
CA GLU B 697 -7.59 14.39 -24.42
C GLU B 697 -8.03 15.81 -24.70
N ALA B 698 -7.89 16.70 -23.72
CA ALA B 698 -8.29 18.08 -23.90
C ALA B 698 -7.29 18.85 -24.76
N VAL B 699 -6.02 18.49 -24.70
CA VAL B 699 -5.01 19.18 -25.50
C VAL B 699 -5.12 18.75 -26.96
N ARG B 700 -5.49 17.49 -27.22
CA ARG B 700 -5.63 17.05 -28.60
C ARG B 700 -6.83 17.70 -29.27
N GLU B 701 -7.89 17.97 -28.51
CA GLU B 701 -9.04 18.68 -29.07
C GLU B 701 -8.70 20.14 -29.36
N LYS B 702 -7.96 20.80 -28.49
CA LYS B 702 -7.64 22.23 -28.62
C LYS B 702 -6.13 22.41 -28.47
N PRO B 703 -5.37 22.22 -29.55
CA PRO B 703 -3.90 22.35 -29.43
C PRO B 703 -3.41 23.76 -29.20
N HIS B 704 -4.21 24.77 -29.54
CA HIS B 704 -3.88 26.16 -29.24
C HIS B 704 -4.59 26.54 -27.95
N SER B 705 -3.87 26.54 -26.84
CA SER B 705 -4.53 26.68 -25.55
C SER B 705 -3.58 27.26 -24.52
N VAL B 706 -4.16 27.74 -23.42
CA VAL B 706 -3.36 28.14 -22.26
C VAL B 706 -3.43 27.09 -21.17
N VAL B 707 -2.47 26.19 -21.14
CA VAL B 707 -2.48 24.91 -20.43
C VAL B 707 -2.48 25.07 -18.89
N LEU B 708 -2.55 26.33 -18.42
CA LEU B 708 -2.24 26.82 -17.07
C LEU B 708 -2.50 25.86 -15.90
N PHE B 709 -1.48 25.70 -15.07
CA PHE B 709 -1.56 24.99 -13.81
C PHE B 709 -1.83 25.98 -12.70
N ASP B 710 -2.78 25.63 -11.83
CA ASP B 710 -3.31 26.58 -10.86
C ASP B 710 -2.33 26.83 -9.73
N GLU B 711 -2.01 25.80 -8.95
CA GLU B 711 -1.22 25.97 -7.74
C GLU B 711 -0.13 24.90 -7.71
N LEU B 712 1.07 25.26 -8.15
CA LEU B 712 2.22 24.37 -8.09
C LEU B 712 2.91 24.36 -6.74
N GLU B 713 2.26 24.85 -5.68
CA GLU B 713 2.97 25.10 -4.43
C GLU B 713 3.36 23.80 -3.74
N LYS B 714 2.43 22.87 -3.57
CA LYS B 714 2.71 21.63 -2.86
C LYS B 714 2.06 20.43 -3.53
N ALA B 715 2.09 20.39 -4.87
CA ALA B 715 1.87 19.13 -5.55
C ALA B 715 3.04 18.20 -5.26
N HIS B 716 2.80 16.90 -5.36
CA HIS B 716 3.84 15.94 -5.03
C HIS B 716 4.94 15.95 -6.09
N ALA B 717 6.15 15.60 -5.67
CA ALA B 717 7.33 15.77 -6.52
C ALA B 717 7.34 14.80 -7.70
N ASP B 718 6.55 13.72 -7.64
CA ASP B 718 6.42 12.83 -8.78
C ASP B 718 5.63 13.47 -9.90
N VAL B 719 4.78 14.45 -9.59
CA VAL B 719 4.02 15.13 -10.63
C VAL B 719 4.93 15.99 -11.49
N PHE B 720 5.86 16.70 -10.86
CA PHE B 720 6.80 17.57 -11.56
C PHE B 720 7.74 16.79 -12.47
N LYS B 721 7.88 15.49 -12.24
CA LYS B 721 8.67 14.64 -13.10
C LYS B 721 8.07 14.55 -14.50
N VAL B 722 6.75 14.54 -14.60
CA VAL B 722 6.07 14.49 -15.90
C VAL B 722 6.14 15.85 -16.59
N LEU B 723 6.08 16.93 -15.80
CA LEU B 723 6.11 18.28 -16.36
C LEU B 723 7.46 18.64 -16.97
N LEU B 724 8.50 17.84 -16.69
CA LEU B 724 9.76 17.97 -17.40
C LEU B 724 9.59 17.74 -18.89
N GLN B 725 8.73 16.79 -19.27
CA GLN B 725 8.52 16.54 -20.69
C GLN B 725 7.53 17.51 -21.32
N ILE B 726 6.69 18.16 -20.52
CA ILE B 726 5.79 19.17 -21.07
C ILE B 726 6.59 20.41 -21.47
N LEU B 727 7.59 20.77 -20.67
CA LEU B 727 8.31 22.01 -20.94
C LEU B 727 9.45 21.82 -21.91
N GLY B 728 10.09 20.64 -21.91
CA GLY B 728 11.25 20.45 -22.76
C GLY B 728 10.91 20.08 -24.19
N ASP B 729 9.75 19.44 -24.35
CA ASP B 729 9.31 18.96 -25.65
C ASP B 729 7.81 19.12 -25.74
N GLY B 730 7.28 18.85 -26.92
CA GLY B 730 5.86 18.60 -27.03
C GLY B 730 5.64 17.11 -27.13
N TYR B 731 6.48 16.33 -26.44
CA TYR B 731 6.52 14.88 -26.60
C TYR B 731 5.94 14.15 -25.40
N ILE B 732 4.86 14.64 -24.81
CA ILE B 732 4.10 13.81 -23.89
C ILE B 732 3.47 12.67 -24.68
N ASN B 733 3.77 11.45 -24.27
CA ASN B 733 3.21 10.28 -24.89
C ASN B 733 2.04 9.79 -24.06
N ASP B 734 0.90 9.65 -24.71
CA ASP B 734 -0.29 9.10 -24.08
C ASP B 734 -0.12 7.58 -23.98
N ASN B 735 -1.10 6.93 -23.34
CA ASN B 735 -1.08 5.49 -23.12
C ASN B 735 -1.03 4.71 -24.42
N HIS B 736 -1.67 5.21 -25.47
CA HIS B 736 -1.67 4.51 -26.74
C HIS B 736 -0.49 4.90 -27.63
N ARG B 737 0.57 5.48 -27.05
CA ARG B 737 1.86 5.83 -27.62
C ARG B 737 1.77 7.05 -28.56
N ARG B 738 0.57 7.52 -28.89
CA ARG B 738 0.42 8.63 -29.82
C ARG B 738 0.92 9.95 -29.20
N ASN B 739 1.51 10.79 -30.04
CA ASN B 739 2.15 11.99 -29.54
C ASN B 739 1.10 13.04 -29.19
N ILE B 740 1.31 13.70 -28.07
CA ILE B 740 0.44 14.78 -27.64
C ILE B 740 1.24 16.07 -27.77
N ASP B 741 1.02 16.79 -28.86
CA ASP B 741 1.87 17.93 -29.19
C ASP B 741 1.57 19.13 -28.30
N PHE B 742 2.63 19.80 -27.88
CA PHE B 742 2.53 21.06 -27.15
C PHE B 742 3.23 22.20 -27.87
N SER B 743 3.39 22.07 -29.18
CA SER B 743 3.72 23.26 -29.96
C SER B 743 2.48 24.11 -30.10
N ASN B 744 2.70 25.39 -30.40
CA ASN B 744 1.65 26.39 -30.65
C ASN B 744 0.69 26.53 -29.46
N THR B 745 1.24 26.45 -28.25
CA THR B 745 0.41 26.64 -27.08
C THR B 745 1.23 27.34 -26.00
N ILE B 746 0.53 28.12 -25.17
CA ILE B 746 1.20 28.81 -24.09
C ILE B 746 1.04 28.00 -22.82
N ILE B 747 2.15 27.76 -22.13
CA ILE B 747 2.17 27.02 -20.88
C ILE B 747 2.53 28.01 -19.78
N ILE B 748 1.53 28.38 -19.00
CA ILE B 748 1.70 29.29 -17.87
C ILE B 748 1.62 28.46 -16.60
N MET B 749 2.39 28.85 -15.59
CA MET B 749 2.33 28.18 -14.30
C MET B 749 2.26 29.23 -13.19
N THR B 750 1.37 29.01 -12.24
CA THR B 750 1.19 29.94 -11.13
C THR B 750 1.37 29.21 -9.82
N SER B 751 1.97 29.91 -8.86
CA SER B 751 2.15 29.41 -7.50
C SER B 751 2.52 30.58 -6.61
N ASN B 752 2.39 30.37 -5.31
CA ASN B 752 2.97 31.30 -4.35
C ASN B 752 4.33 30.82 -3.86
N LEU B 753 4.32 29.58 -3.40
CA LEU B 753 5.51 28.84 -3.05
C LEU B 753 6.27 29.25 -1.82
N GLY B 754 6.74 30.52 -1.77
CA GLY B 754 7.48 31.06 -0.60
C GLY B 754 6.69 31.39 0.67
N ALA B 755 5.66 32.22 0.51
CA ALA B 755 4.63 32.50 1.51
C ALA B 755 5.13 33.09 2.84
N GLU B 756 6.44 33.04 3.08
CA GLU B 756 7.01 33.58 4.30
C GLU B 756 8.24 34.42 3.98
N LEU B 757 9.03 34.00 2.99
CA LEU B 757 10.24 34.72 2.62
C LEU B 757 9.91 36.05 1.98
N PHE B 758 8.73 36.17 1.38
CA PHE B 758 8.44 37.33 0.56
C PHE B 758 8.16 38.59 1.36
N LYS B 759 7.61 38.48 2.56
CA LYS B 759 7.17 39.65 3.33
C LYS B 759 8.31 40.53 3.81
N LYS B 760 9.14 39.98 4.70
CA LYS B 760 10.34 40.60 5.29
C LYS B 760 10.10 41.93 6.00
N LYS B 761 8.84 42.25 6.35
CA LYS B 761 8.43 43.51 7.02
C LYS B 761 8.77 44.72 6.14
N LEU B 762 8.89 44.49 4.84
CA LEU B 762 9.29 45.57 3.96
C LEU B 762 8.28 45.86 2.85
N PHE B 763 7.85 44.82 2.14
CA PHE B 763 7.24 45.05 0.83
C PHE B 763 5.79 45.49 0.95
N PHE B 764 5.10 45.10 2.01
CA PHE B 764 3.69 45.40 2.11
C PHE B 764 3.45 46.76 2.75
N ASP B 765 4.12 47.03 3.87
CA ASP B 765 3.87 48.28 4.58
C ASP B 765 4.53 49.49 3.93
N ALA B 766 5.35 49.29 2.89
CA ALA B 766 6.04 50.41 2.25
C ALA B 766 5.07 51.29 1.47
N ASP B 767 4.37 50.69 0.48
CA ASP B 767 3.48 51.40 -0.45
C ASP B 767 4.21 52.53 -1.17
N ASN B 768 5.47 52.31 -1.50
CA ASN B 768 6.31 53.37 -2.03
C ASN B 768 6.55 53.17 -3.51
N SER B 769 6.81 54.28 -4.20
CA SER B 769 7.15 54.26 -5.61
C SER B 769 8.58 53.75 -5.81
N GLY B 770 9.01 53.74 -7.07
CA GLY B 770 10.31 53.22 -7.45
C GLY B 770 11.49 53.94 -6.82
N THR B 771 12.13 53.28 -5.87
CA THR B 771 13.31 53.78 -5.20
C THR B 771 14.31 52.64 -5.05
N PRO B 772 15.61 52.95 -5.02
CA PRO B 772 16.60 51.88 -4.82
C PRO B 772 16.52 51.19 -3.46
N GLU B 773 15.88 51.80 -2.47
CA GLU B 773 15.64 51.09 -1.22
C GLU B 773 14.60 50.00 -1.39
N TYR B 774 13.69 50.15 -2.35
CA TYR B 774 12.65 49.15 -2.57
C TYR B 774 12.98 48.22 -3.73
N LYS B 775 13.51 48.77 -4.83
CA LYS B 775 13.68 47.97 -6.04
C LYS B 775 14.86 47.02 -5.92
N ARG B 776 15.90 47.40 -5.17
CA ARG B 776 17.04 46.51 -5.02
C ARG B 776 16.72 45.33 -4.13
N VAL B 777 15.88 45.53 -3.10
CA VAL B 777 15.50 44.42 -2.24
C VAL B 777 14.56 43.49 -2.98
N MET B 778 13.73 44.04 -3.88
CA MET B 778 12.88 43.23 -4.73
C MET B 778 13.70 42.32 -5.65
N GLU B 779 14.87 42.78 -6.10
CA GLU B 779 15.79 41.90 -6.80
C GLU B 779 16.45 40.93 -5.83
N ASP B 780 16.81 41.40 -4.63
CA ASP B 780 17.54 40.57 -3.69
C ASP B 780 16.66 39.50 -3.07
N VAL B 781 15.36 39.76 -2.94
CA VAL B 781 14.44 38.73 -2.48
C VAL B 781 14.19 37.69 -3.58
N ARG B 782 14.11 38.13 -4.84
CA ARG B 782 13.83 37.22 -5.95
C ARG B 782 14.93 36.19 -6.14
N LEU B 783 16.19 36.57 -5.89
CA LEU B 783 17.29 35.62 -5.98
C LEU B 783 17.16 34.53 -4.92
N SER B 784 16.80 34.92 -3.70
CA SER B 784 16.53 33.93 -2.67
C SER B 784 15.21 33.21 -2.92
N LEU B 785 14.28 33.85 -3.63
CA LEU B 785 13.01 33.20 -3.96
C LEU B 785 13.21 32.11 -5.00
N ILE B 786 14.09 32.33 -5.96
CA ILE B 786 14.42 31.30 -6.94
C ILE B 786 15.22 30.17 -6.29
N LYS B 787 16.00 30.49 -5.25
CA LYS B 787 16.70 29.44 -4.49
C LYS B 787 15.73 28.50 -3.79
N LYS B 788 14.55 28.99 -3.41
CA LYS B 788 13.55 28.09 -2.84
C LYS B 788 12.95 27.18 -3.90
N CYS B 789 12.84 27.66 -5.15
CA CYS B 789 12.37 26.82 -6.23
C CYS B 789 13.35 25.68 -6.52
N LYS B 790 14.65 25.94 -6.40
CA LYS B 790 15.62 24.88 -6.67
C LYS B 790 15.64 23.86 -5.54
N LYS B 791 15.20 24.23 -4.34
CA LYS B 791 15.08 23.28 -3.24
C LYS B 791 13.74 22.58 -3.22
N VAL B 792 12.79 23.00 -4.04
CA VAL B 792 11.48 22.35 -4.08
C VAL B 792 11.26 21.74 -5.45
N PHE B 793 11.45 22.53 -6.51
CA PHE B 793 11.11 22.04 -7.83
C PHE B 793 12.26 21.28 -8.50
N LYS B 794 13.38 21.02 -7.78
CA LYS B 794 14.52 20.24 -8.28
C LYS B 794 15.11 20.82 -9.55
N PRO B 795 16.08 21.76 -9.44
CA PRO B 795 16.30 22.86 -10.42
C PRO B 795 16.27 22.63 -11.92
N GLU B 796 16.45 21.37 -12.36
CA GLU B 796 16.24 20.98 -13.75
C GLU B 796 14.85 21.32 -14.29
N PHE B 797 13.86 21.35 -13.40
CA PHE B 797 12.53 21.81 -13.77
C PHE B 797 12.57 23.33 -13.88
N VAL B 798 13.27 23.98 -12.95
CA VAL B 798 13.45 25.43 -13.02
C VAL B 798 14.28 25.80 -14.24
N ASN B 799 15.16 24.89 -14.68
CA ASN B 799 15.97 25.11 -15.87
C ASN B 799 15.11 25.19 -17.14
N ARG B 800 13.99 24.48 -17.17
CA ARG B 800 13.15 24.47 -18.36
C ARG B 800 12.36 25.75 -18.55
N ILE B 801 12.23 26.55 -17.48
CA ILE B 801 11.33 27.70 -17.48
C ILE B 801 11.95 28.85 -18.26
N ASP B 802 11.16 29.45 -19.16
CA ASP B 802 11.64 30.56 -19.96
C ASP B 802 11.62 31.90 -19.23
N LYS B 803 10.70 32.10 -18.29
CA LYS B 803 10.64 33.36 -17.57
C LYS B 803 9.99 33.21 -16.20
N ILE B 804 10.77 33.43 -15.14
CA ILE B 804 10.23 33.40 -13.78
C ILE B 804 9.81 34.84 -13.47
N GLY B 805 8.59 35.17 -13.85
CA GLY B 805 8.02 36.43 -13.45
C GLY B 805 7.57 36.41 -12.00
N VAL B 806 7.88 37.49 -11.28
CA VAL B 806 7.54 37.59 -9.87
C VAL B 806 6.74 38.86 -9.69
N PHE B 807 5.50 38.72 -9.22
CA PHE B 807 4.62 39.87 -9.04
C PHE B 807 5.05 40.69 -7.83
N GLU B 808 5.06 41.99 -7.99
CA GLU B 808 5.16 42.86 -6.84
C GLU B 808 3.79 43.02 -6.20
N PRO B 809 3.72 43.15 -4.87
CA PRO B 809 2.41 43.30 -4.23
C PRO B 809 1.83 44.67 -4.53
N LEU B 810 0.50 44.75 -4.42
CA LEU B 810 -0.23 45.83 -5.03
C LEU B 810 -0.08 47.13 -4.24
N ASN B 811 0.57 48.12 -4.86
CA ASN B 811 0.57 49.46 -4.31
C ASN B 811 -0.79 50.11 -4.54
N LYS B 812 -1.10 51.12 -3.71
CA LYS B 812 -2.43 51.71 -3.70
C LYS B 812 -2.74 52.46 -4.98
N LYS B 813 -1.72 53.06 -5.61
CA LYS B 813 -1.89 53.65 -6.93
C LYS B 813 -2.22 52.60 -7.97
N ASN B 814 -1.58 51.44 -7.87
CA ASN B 814 -1.93 50.32 -8.75
C ASN B 814 -3.27 49.71 -8.36
N LEU B 815 -3.59 49.72 -7.07
CA LEU B 815 -4.85 49.15 -6.62
C LEU B 815 -6.03 50.02 -7.02
N HIS B 816 -5.79 51.33 -7.20
CA HIS B 816 -6.82 52.26 -7.63
C HIS B 816 -7.36 51.91 -9.02
N LYS B 817 -6.48 51.52 -9.93
CA LYS B 817 -6.92 51.17 -11.27
C LYS B 817 -7.53 49.77 -11.34
N ILE B 818 -7.27 48.93 -10.34
CA ILE B 818 -7.87 47.60 -10.29
C ILE B 818 -9.35 47.69 -9.96
N VAL B 819 -9.68 48.44 -8.91
CA VAL B 819 -11.07 48.58 -8.49
C VAL B 819 -11.85 49.42 -9.49
N ALA B 820 -11.16 50.25 -10.29
CA ALA B 820 -11.81 50.88 -11.43
C ALA B 820 -12.22 49.85 -12.47
N LEU B 821 -11.43 48.79 -12.64
CA LEU B 821 -11.81 47.74 -13.56
C LEU B 821 -12.93 46.87 -13.00
N ARG B 822 -13.06 46.82 -11.67
CA ARG B 822 -14.10 45.99 -11.08
C ARG B 822 -15.49 46.51 -11.38
N PHE B 823 -15.68 47.83 -11.29
CA PHE B 823 -16.97 48.42 -11.66
C PHE B 823 -17.25 48.30 -13.14
N LYS B 824 -16.21 48.18 -13.96
CA LYS B 824 -16.40 47.83 -15.36
C LYS B 824 -16.88 46.39 -15.50
N LYS B 825 -16.42 45.49 -14.64
CA LYS B 825 -16.96 44.14 -14.63
C LYS B 825 -18.35 44.11 -14.00
N LEU B 826 -18.64 45.06 -13.09
CA LEU B 826 -19.98 45.18 -12.56
C LEU B 826 -20.95 45.69 -13.60
N GLU B 827 -20.45 46.43 -14.60
CA GLU B 827 -21.29 46.83 -15.71
C GLU B 827 -21.74 45.63 -16.55
N LYS B 828 -20.92 44.58 -16.62
CA LYS B 828 -21.19 43.47 -17.53
C LYS B 828 -22.30 42.58 -17.01
N ARG B 829 -22.25 42.18 -15.74
CA ARG B 829 -23.25 41.27 -15.22
C ARG B 829 -24.57 41.96 -14.88
N LEU B 830 -24.63 43.27 -15.00
CA LEU B 830 -25.88 44.00 -14.88
C LEU B 830 -26.48 44.38 -16.23
N GLU B 831 -25.89 43.95 -17.34
CA GLU B 831 -26.50 44.14 -18.66
C GLU B 831 -27.77 43.31 -18.81
N GLU B 832 -27.87 42.21 -18.07
CA GLU B 832 -29.13 41.47 -18.00
C GLU B 832 -30.23 42.31 -17.34
N LYS B 833 -29.85 43.21 -16.44
CA LYS B 833 -30.78 44.14 -15.83
C LYS B 833 -30.82 45.50 -16.50
N ASN B 834 -29.84 45.77 -17.39
CA ASN B 834 -29.69 47.04 -18.12
C ASN B 834 -29.57 48.22 -17.14
N ILE B 835 -28.69 48.08 -16.16
CA ILE B 835 -28.44 49.10 -15.16
C ILE B 835 -27.00 49.55 -15.33
N GLN B 836 -26.80 50.79 -15.77
CA GLN B 836 -25.46 51.35 -15.84
C GLN B 836 -24.98 51.73 -14.45
N VAL B 837 -23.73 51.38 -14.15
CA VAL B 837 -23.12 51.63 -12.85
C VAL B 837 -21.87 52.45 -13.06
N SER B 838 -21.70 53.50 -12.25
CA SER B 838 -20.51 54.33 -12.32
C SER B 838 -20.16 54.77 -10.90
N VAL B 839 -18.95 55.29 -10.75
CA VAL B 839 -18.43 55.63 -9.43
C VAL B 839 -17.48 56.81 -9.56
N SER B 840 -17.53 57.70 -8.58
CA SER B 840 -16.60 58.83 -8.53
C SER B 840 -15.26 58.39 -7.98
N GLU B 841 -14.23 59.18 -8.27
CA GLU B 841 -12.89 58.85 -7.81
C GLU B 841 -12.75 59.01 -6.30
N LYS B 842 -13.55 59.91 -5.71
CA LYS B 842 -13.56 60.03 -4.26
C LYS B 842 -14.19 58.82 -3.61
N ALA B 843 -15.24 58.26 -4.21
CA ALA B 843 -15.86 57.07 -3.66
C ALA B 843 -14.96 55.85 -3.81
N ILE B 844 -14.13 55.83 -4.87
CA ILE B 844 -13.16 54.75 -5.04
C ILE B 844 -12.10 54.80 -3.95
N ASP B 845 -11.58 55.99 -3.66
CA ASP B 845 -10.53 56.13 -2.65
C ASP B 845 -11.05 55.84 -1.25
N TYR B 846 -12.34 56.02 -1.01
CA TYR B 846 -12.90 55.63 0.27
C TYR B 846 -13.00 54.11 0.40
N ILE B 847 -13.33 53.41 -0.69
CA ILE B 847 -13.41 51.95 -0.66
C ILE B 847 -12.05 51.34 -0.37
N ILE B 848 -10.99 51.91 -0.94
CA ILE B 848 -9.65 51.39 -0.76
C ILE B 848 -9.18 51.58 0.68
N ASP B 849 -9.34 52.79 1.21
CA ASP B 849 -8.77 53.12 2.51
C ASP B 849 -9.51 52.44 3.67
N GLN B 850 -10.77 52.04 3.45
CA GLN B 850 -11.47 51.27 4.47
C GLN B 850 -11.08 49.80 4.49
N SER B 851 -10.48 49.29 3.41
CA SER B 851 -10.14 47.87 3.38
C SER B 851 -8.79 47.61 2.74
N TYR B 852 -7.85 48.54 2.89
CA TYR B 852 -6.52 48.33 2.34
C TYR B 852 -5.75 47.31 3.17
N ASP B 853 -5.37 46.20 2.54
CA ASP B 853 -4.52 45.21 3.16
C ASP B 853 -3.73 44.51 2.06
N PRO B 854 -2.47 44.91 1.84
CA PRO B 854 -1.69 44.28 0.77
C PRO B 854 -1.26 42.87 1.10
N GLU B 855 -1.17 42.54 2.40
CA GLU B 855 -0.76 41.19 2.81
C GLU B 855 -1.79 40.15 2.42
N LEU B 856 -3.06 40.54 2.37
CA LEU B 856 -4.10 39.65 1.89
C LEU B 856 -4.33 39.77 0.38
N GLY B 857 -3.60 40.66 -0.29
CA GLY B 857 -3.56 40.65 -1.74
C GLY B 857 -4.77 41.26 -2.44
N ALA B 858 -5.46 42.20 -1.80
CA ALA B 858 -6.54 43.02 -2.37
C ALA B 858 -7.75 42.22 -2.82
N ARG B 859 -7.88 40.97 -2.37
CA ARG B 859 -9.19 40.32 -2.37
C ARG B 859 -10.14 40.89 -1.32
N PRO B 860 -9.74 41.29 -0.10
CA PRO B 860 -10.70 41.98 0.78
C PRO B 860 -11.18 43.31 0.26
N THR B 861 -10.45 43.95 -0.65
CA THR B 861 -10.97 45.14 -1.31
C THR B 861 -12.16 44.78 -2.19
N LEU B 862 -12.16 43.60 -2.80
CA LEU B 862 -13.25 43.24 -3.69
C LEU B 862 -14.39 42.57 -2.93
N ILE B 863 -14.07 41.91 -1.82
CA ILE B 863 -15.11 41.41 -0.93
C ILE B 863 -15.88 42.60 -0.35
N PHE B 864 -15.16 43.66 0.01
CA PHE B 864 -15.81 44.88 0.50
C PHE B 864 -16.65 45.55 -0.58
N ILE B 865 -16.26 45.41 -1.85
CA ILE B 865 -17.15 45.85 -2.93
C ILE B 865 -18.36 44.96 -3.00
N GLU B 866 -18.18 43.64 -2.88
CA GLU B 866 -19.29 42.71 -3.06
C GLU B 866 -20.20 42.69 -1.83
N SER B 867 -19.63 42.67 -0.63
CA SER B 867 -20.43 42.51 0.58
C SER B 867 -21.08 43.81 1.04
N VAL B 868 -20.70 44.96 0.48
CA VAL B 868 -21.30 46.21 0.92
C VAL B 868 -22.07 46.85 -0.22
N ILE B 869 -21.36 47.20 -1.30
CA ILE B 869 -21.97 48.00 -2.37
C ILE B 869 -22.96 47.16 -3.17
N MET B 870 -22.60 45.91 -3.47
CA MET B 870 -23.45 45.06 -4.27
C MET B 870 -24.64 44.54 -3.47
N THR B 871 -24.46 44.35 -2.16
CA THR B 871 -25.58 43.96 -1.31
C THR B 871 -26.65 45.05 -1.16
N LYS B 872 -26.25 46.32 -1.13
CA LYS B 872 -27.25 47.39 -1.18
C LYS B 872 -27.89 47.49 -2.55
N PHE B 873 -27.22 47.01 -3.59
CA PHE B 873 -27.84 47.04 -4.91
C PHE B 873 -28.83 45.89 -5.00
N ALA B 874 -28.62 44.82 -4.23
CA ALA B 874 -29.52 43.68 -4.25
C ALA B 874 -30.74 43.90 -3.36
N ILE B 875 -30.55 44.51 -2.19
CA ILE B 875 -31.67 44.79 -1.29
C ILE B 875 -32.58 45.84 -1.88
N MET B 876 -32.00 46.91 -2.44
CA MET B 876 -32.80 48.00 -3.00
C MET B 876 -33.37 47.67 -4.38
N TYR B 877 -33.09 46.49 -4.92
CA TYR B 877 -33.74 46.05 -6.14
C TYR B 877 -35.00 45.25 -5.88
N LEU B 878 -35.06 44.51 -4.76
CA LEU B 878 -36.23 43.73 -4.42
C LEU B 878 -37.40 44.64 -4.07
N LYS B 879 -37.22 45.45 -3.06
CA LYS B 879 -38.11 46.59 -2.86
C LYS B 879 -37.91 47.57 -4.01
N LYS B 880 -39.00 48.15 -4.48
CA LYS B 880 -38.98 48.83 -5.78
C LYS B 880 -38.52 50.28 -5.69
N GLU B 881 -37.29 50.50 -5.23
CA GLU B 881 -36.68 51.82 -5.32
C GLU B 881 -35.71 51.92 -6.50
N LEU B 882 -35.46 50.82 -7.20
CA LEU B 882 -34.59 50.80 -8.36
C LEU B 882 -35.37 50.25 -9.54
N VAL B 883 -35.68 51.12 -10.50
CA VAL B 883 -36.29 50.69 -11.75
C VAL B 883 -35.22 49.96 -12.57
N ASP B 884 -35.66 49.07 -13.47
CA ASP B 884 -34.75 48.31 -14.31
C ASP B 884 -33.89 49.21 -15.21
N ASP B 885 -34.40 50.37 -15.59
CA ASP B 885 -33.63 51.32 -16.38
C ASP B 885 -33.30 52.52 -15.48
N MET B 886 -32.23 52.37 -14.71
CA MET B 886 -31.71 53.44 -13.87
C MET B 886 -30.20 53.50 -14.02
N ASP B 887 -29.66 54.70 -14.19
CA ASP B 887 -28.22 54.86 -14.16
C ASP B 887 -27.77 55.12 -12.73
N VAL B 888 -26.68 54.48 -12.34
CA VAL B 888 -26.17 54.55 -10.98
C VAL B 888 -24.88 55.35 -10.99
N PHE B 889 -24.81 56.35 -10.09
CA PHE B 889 -23.63 57.21 -9.99
C PHE B 889 -23.24 57.25 -8.51
N VAL B 890 -22.33 56.36 -8.13
CA VAL B 890 -21.86 56.31 -6.75
C VAL B 890 -20.89 57.46 -6.51
N ASP B 891 -21.07 58.16 -5.39
CA ASP B 891 -20.18 59.23 -5.00
C ASP B 891 -20.13 59.29 -3.48
N TYR B 892 -18.96 59.65 -2.96
CA TYR B 892 -18.79 59.81 -1.53
C TYR B 892 -19.18 61.22 -1.09
N ASN B 893 -19.84 61.33 0.06
CA ASN B 893 -20.49 62.55 0.52
C ASN B 893 -19.51 63.54 1.16
N SER B 894 -18.33 63.07 1.56
CA SER B 894 -17.39 63.78 2.43
C SER B 894 -18.08 64.23 3.73
N LYS B 895 -18.91 63.34 4.28
CA LYS B 895 -19.62 63.59 5.54
C LYS B 895 -19.56 62.33 6.42
N ALA B 896 -18.42 61.67 6.32
CA ALA B 896 -18.14 60.42 7.02
C ALA B 896 -18.63 59.23 6.19
N LYS B 897 -19.14 59.51 5.00
CA LYS B 897 -20.12 58.63 4.40
C LYS B 897 -20.22 58.52 2.87
N ASN B 898 -20.79 57.38 2.48
CA ASN B 898 -21.13 56.93 1.14
C ASN B 898 -22.58 57.31 0.84
N LEU B 899 -22.82 57.66 -0.42
CA LEU B 899 -24.17 57.83 -0.95
C LEU B 899 -24.10 57.49 -2.42
N VAL B 900 -25.20 56.96 -2.95
CA VAL B 900 -25.27 56.65 -4.35
C VAL B 900 -26.36 57.55 -4.88
N ILE B 901 -26.04 58.36 -5.88
CA ILE B 901 -27.04 59.25 -6.41
C ILE B 901 -27.67 58.54 -7.59
N ASN B 902 -28.93 58.13 -7.42
CA ASN B 902 -29.61 57.45 -8.51
C ASN B 902 -30.00 58.45 -9.60
N LEU B 903 -29.85 58.02 -10.85
CA LEU B 903 -30.13 58.88 -11.99
C LEU B 903 -30.94 58.11 -13.02
N SER B 904 -31.80 58.84 -13.74
CA SER B 904 -32.63 58.23 -14.76
C SER B 904 -32.41 58.89 -16.12
N THR C 187 -7.63 -42.23 -64.04
CA THR C 187 -8.32 -43.51 -64.09
C THR C 187 -9.22 -43.70 -62.88
N LEU C 188 -8.60 -43.70 -61.70
CA LEU C 188 -9.34 -43.90 -60.48
C LEU C 188 -10.10 -42.65 -60.10
N TYR C 189 -11.09 -42.84 -59.23
CA TYR C 189 -12.04 -41.79 -58.88
C TYR C 189 -11.41 -40.70 -58.02
N ILE C 190 -10.36 -41.02 -57.27
CA ILE C 190 -9.78 -39.96 -56.43
C ILE C 190 -8.74 -39.19 -57.23
N GLU C 191 -8.28 -39.76 -58.35
CA GLU C 191 -7.14 -39.22 -59.08
C GLU C 191 -7.43 -37.85 -59.70
N GLN C 192 -8.68 -37.57 -60.04
CA GLN C 192 -9.00 -36.23 -60.52
C GLN C 192 -9.20 -35.26 -59.37
N PHE C 193 -9.48 -35.77 -58.17
CA PHE C 193 -9.53 -34.89 -57.00
C PHE C 193 -8.11 -34.59 -56.54
N GLY C 194 -7.82 -33.31 -56.36
CA GLY C 194 -6.49 -32.91 -55.94
C GLY C 194 -5.48 -33.10 -57.06
N SER C 195 -4.39 -33.78 -56.75
CA SER C 195 -3.34 -34.03 -57.72
C SER C 195 -2.57 -35.28 -57.33
N ASN C 196 -1.98 -35.94 -58.32
CA ASN C 196 -1.15 -37.13 -58.11
C ASN C 196 0.29 -36.66 -57.89
N MET C 197 0.77 -36.84 -56.66
CA MET C 197 2.13 -36.40 -56.34
C MET C 197 3.18 -37.31 -56.94
N ASN C 198 2.81 -38.57 -57.23
CA ASN C 198 3.78 -39.54 -57.72
C ASN C 198 4.20 -39.25 -59.14
N GLU C 199 3.29 -38.74 -59.97
CA GLU C 199 3.62 -38.41 -61.36
C GLU C 199 4.60 -37.26 -61.45
N LYS C 200 4.54 -36.32 -60.51
CA LYS C 200 5.41 -35.16 -60.56
C LYS C 200 6.85 -35.52 -60.20
N VAL C 201 7.05 -36.56 -59.40
CA VAL C 201 8.40 -37.07 -59.16
C VAL C 201 8.93 -37.74 -60.42
N ARG C 202 8.06 -38.45 -61.14
CA ARG C 202 8.45 -39.08 -62.40
C ARG C 202 8.80 -38.05 -63.46
N ASN C 203 8.10 -36.92 -63.49
CA ASN C 203 8.42 -35.85 -64.42
C ASN C 203 9.54 -34.95 -63.92
N GLY C 204 10.01 -35.13 -62.69
CA GLY C 204 11.11 -34.36 -62.18
C GLY C 204 10.75 -33.03 -61.57
N LYS C 205 9.46 -32.75 -61.35
CA LYS C 205 9.07 -31.49 -60.72
C LYS C 205 9.44 -31.47 -59.24
N LEU C 206 9.43 -32.62 -58.58
CA LEU C 206 9.74 -32.73 -57.17
C LEU C 206 11.04 -33.47 -56.91
N GLN C 207 12.02 -33.33 -57.80
CA GLN C 207 13.25 -34.12 -57.71
C GLN C 207 14.10 -33.67 -56.53
N GLY C 208 14.46 -34.63 -55.68
CA GLY C 208 15.47 -34.39 -54.66
C GLY C 208 14.97 -33.81 -53.36
N ILE C 209 15.54 -34.30 -52.26
CA ILE C 209 15.32 -33.72 -50.94
C ILE C 209 16.62 -33.94 -50.16
N TYR C 210 16.89 -33.04 -49.22
CA TYR C 210 17.99 -33.31 -48.31
C TYR C 210 17.54 -34.28 -47.24
N GLY C 211 18.48 -35.05 -46.70
CA GLY C 211 18.21 -36.05 -45.70
C GLY C 211 17.69 -35.54 -44.38
N ARG C 212 16.49 -35.99 -44.03
CA ARG C 212 15.90 -35.83 -42.71
C ARG C 212 15.46 -37.23 -42.29
N ASP C 213 16.41 -38.16 -42.39
CA ASP C 213 16.13 -39.59 -42.47
C ASP C 213 15.48 -40.15 -41.21
N GLU C 214 15.80 -39.59 -40.05
CA GLU C 214 15.13 -40.02 -38.82
C GLU C 214 13.67 -39.63 -38.82
N GLU C 215 13.35 -38.50 -39.45
CA GLU C 215 11.96 -38.08 -39.60
C GLU C 215 11.26 -38.91 -40.67
N ILE C 216 11.97 -39.27 -41.73
CA ILE C 216 11.36 -39.97 -42.86
C ILE C 216 11.03 -41.40 -42.49
N ARG C 217 11.93 -42.10 -41.79
CA ARG C 217 11.68 -43.50 -41.44
C ARG C 217 10.62 -43.62 -40.36
N ALA C 218 10.39 -42.56 -39.59
CA ALA C 218 9.32 -42.59 -38.60
C ALA C 218 7.95 -42.63 -39.26
N ILE C 219 7.84 -42.07 -40.47
CA ILE C 219 6.58 -42.13 -41.20
C ILE C 219 6.33 -43.53 -41.73
N ILE C 220 7.36 -44.14 -42.33
CA ILE C 220 7.29 -45.47 -42.92
C ILE C 220 6.91 -46.52 -41.90
N GLU C 221 7.36 -46.36 -40.66
CA GLU C 221 6.97 -47.28 -39.60
C GLU C 221 5.55 -47.05 -39.13
N SER C 222 5.10 -45.79 -39.15
CA SER C 222 3.72 -45.51 -38.81
C SER C 222 2.77 -46.02 -39.88
N LEU C 223 3.20 -45.98 -41.15
CA LEU C 223 2.37 -46.52 -42.23
C LEU C 223 2.25 -48.04 -42.15
N LEU C 224 3.23 -48.71 -41.56
CA LEU C 224 3.22 -50.16 -41.46
C LEU C 224 2.58 -50.68 -40.18
N ARG C 225 2.02 -49.80 -39.35
CA ARG C 225 1.39 -50.22 -38.10
C ARG C 225 0.14 -51.03 -38.36
N TYR C 226 -0.25 -51.83 -37.35
CA TYR C 226 -1.44 -52.66 -37.46
C TYR C 226 -2.72 -51.86 -37.34
N ASN C 227 -2.75 -50.83 -36.51
CA ASN C 227 -4.01 -50.23 -36.10
C ASN C 227 -4.44 -49.06 -36.98
N LYS C 228 -3.66 -47.97 -37.00
CA LYS C 228 -4.25 -46.72 -37.47
C LYS C 228 -3.66 -46.24 -38.79
N ASN C 229 -2.34 -46.28 -38.94
CA ASN C 229 -1.64 -45.98 -40.20
C ASN C 229 -1.88 -44.56 -40.69
N SER C 230 -1.90 -43.60 -39.76
CA SER C 230 -2.17 -42.21 -40.08
C SER C 230 -1.30 -41.27 -39.24
N PRO C 231 -0.07 -41.00 -39.69
CA PRO C 231 0.75 -39.99 -39.02
C PRO C 231 0.32 -38.57 -39.37
N VAL C 232 0.61 -37.66 -38.47
CA VAL C 232 0.41 -36.22 -38.68
C VAL C 232 1.73 -35.52 -38.40
N LEU C 233 2.20 -34.76 -39.39
CA LEU C 233 3.45 -34.02 -39.24
C LEU C 233 3.14 -32.68 -38.56
N VAL C 234 3.21 -32.71 -37.23
CA VAL C 234 3.09 -31.48 -36.46
C VAL C 234 4.44 -30.79 -36.39
N GLY C 235 4.46 -29.49 -36.65
CA GLY C 235 5.70 -28.74 -36.59
C GLY C 235 5.46 -27.27 -36.82
N ASN C 236 6.56 -26.53 -36.84
CA ASN C 236 6.50 -25.11 -37.08
C ASN C 236 6.19 -24.85 -38.56
N PRO C 237 5.60 -23.69 -38.89
CA PRO C 237 5.13 -23.48 -40.28
C PRO C 237 6.22 -23.43 -41.33
N GLY C 238 7.40 -22.96 -41.00
CA GLY C 238 8.43 -22.86 -42.02
C GLY C 238 9.36 -24.04 -42.17
N THR C 239 9.27 -25.04 -41.29
CA THR C 239 10.30 -26.06 -41.21
C THR C 239 10.19 -27.15 -42.26
N GLY C 240 9.37 -26.98 -43.29
CA GLY C 240 9.34 -27.95 -44.38
C GLY C 240 8.60 -29.23 -44.02
N LYS C 241 7.39 -29.11 -43.49
CA LYS C 241 6.62 -30.31 -43.18
C LYS C 241 6.16 -31.02 -44.44
N THR C 242 5.77 -30.26 -45.47
CA THR C 242 5.36 -30.89 -46.72
C THR C 242 6.55 -31.43 -47.49
N THR C 243 7.73 -30.86 -47.27
CA THR C 243 8.93 -31.32 -47.98
C THR C 243 9.37 -32.70 -47.52
N ILE C 244 8.97 -33.10 -46.31
CA ILE C 244 9.14 -34.49 -45.91
C ILE C 244 8.32 -35.41 -46.80
N VAL C 245 7.05 -35.06 -47.02
CA VAL C 245 6.18 -35.86 -47.85
C VAL C 245 6.55 -35.72 -49.33
N GLU C 246 6.91 -34.51 -49.76
CA GLU C 246 7.51 -34.32 -51.08
C GLU C 246 8.81 -35.10 -51.21
N GLY C 247 9.56 -35.24 -50.12
CA GLY C 247 10.70 -36.13 -50.12
C GLY C 247 10.36 -37.58 -49.92
N LEU C 248 9.18 -37.89 -49.40
CA LEU C 248 8.83 -39.30 -49.16
C LEU C 248 8.42 -39.99 -50.46
N VAL C 249 7.77 -39.27 -51.36
CA VAL C 249 7.32 -39.85 -52.62
C VAL C 249 8.52 -40.17 -53.50
N TYR C 250 9.58 -39.35 -53.44
CA TYR C 250 10.81 -39.61 -54.17
C TYR C 250 11.49 -40.89 -53.70
N ARG C 251 11.29 -41.27 -52.45
CA ARG C 251 11.84 -42.53 -51.96
C ARG C 251 10.95 -43.72 -52.28
N ILE C 252 9.68 -43.51 -52.61
CA ILE C 252 8.82 -44.63 -52.99
C ILE C 252 9.12 -45.08 -54.41
N GLU C 253 9.05 -44.15 -55.37
CA GLU C 253 9.19 -44.52 -56.78
C GLU C 253 10.62 -44.94 -57.10
N LYS C 254 11.61 -44.35 -56.45
CA LYS C 254 12.98 -44.80 -56.62
C LYS C 254 13.31 -46.02 -55.78
N GLY C 255 12.40 -46.47 -54.92
CA GLY C 255 12.55 -47.75 -54.26
C GLY C 255 13.28 -47.71 -52.93
N ASP C 256 13.47 -46.54 -52.32
CA ASP C 256 14.13 -46.45 -51.03
C ASP C 256 13.15 -46.64 -49.87
N VAL C 257 12.33 -47.67 -49.93
CA VAL C 257 11.34 -48.01 -48.90
C VAL C 257 11.45 -49.52 -48.71
N PRO C 258 10.94 -50.10 -47.62
CA PRO C 258 10.75 -51.56 -47.61
C PRO C 258 9.66 -51.96 -48.58
N LYS C 259 9.72 -53.22 -49.03
CA LYS C 259 8.91 -53.65 -50.16
C LYS C 259 7.44 -53.80 -49.80
N GLU C 260 7.11 -53.81 -48.51
CA GLU C 260 5.72 -53.78 -48.11
C GLU C 260 5.07 -52.45 -48.46
N LEU C 261 5.85 -51.37 -48.50
CA LEU C 261 5.35 -50.10 -48.99
C LEU C 261 5.76 -49.81 -50.42
N GLN C 262 6.25 -50.80 -51.15
CA GLN C 262 6.66 -50.58 -52.52
C GLN C 262 5.45 -50.53 -53.44
N GLY C 263 5.44 -49.54 -54.33
CA GLY C 263 4.45 -49.47 -55.38
C GLY C 263 3.21 -48.66 -55.07
N TYR C 264 3.07 -48.11 -53.87
CA TYR C 264 1.96 -47.23 -53.58
C TYR C 264 2.15 -45.90 -54.30
N THR C 265 1.05 -45.30 -54.71
CA THR C 265 1.08 -43.96 -55.26
C THR C 265 0.51 -42.98 -54.23
N VAL C 266 0.97 -41.74 -54.31
CA VAL C 266 0.64 -40.70 -53.33
C VAL C 266 -0.12 -39.61 -54.05
N ILE C 267 -1.25 -39.20 -53.48
CA ILE C 267 -2.10 -38.17 -54.08
C ILE C 267 -2.37 -37.09 -53.04
N SER C 268 -2.31 -35.84 -53.47
CA SER C 268 -2.72 -34.73 -52.62
C SER C 268 -4.20 -34.43 -52.85
N LEU C 269 -4.81 -33.73 -51.88
CA LEU C 269 -6.23 -33.39 -51.97
C LEU C 269 -6.38 -31.91 -51.62
N ASN C 270 -6.46 -31.07 -52.64
CA ASN C 270 -6.78 -29.67 -52.36
C ASN C 270 -8.29 -29.51 -52.22
N PHE C 271 -8.68 -28.52 -51.42
CA PHE C 271 -10.09 -28.26 -51.21
C PHE C 271 -10.71 -27.46 -52.35
N ARG C 272 -9.89 -26.98 -53.28
CA ARG C 272 -10.39 -26.31 -54.47
C ARG C 272 -11.12 -27.29 -55.38
N LYS C 273 -10.68 -28.54 -55.41
CA LYS C 273 -11.36 -29.59 -56.17
C LYS C 273 -12.24 -30.47 -55.31
N PHE C 274 -12.03 -30.46 -54.00
CA PHE C 274 -12.70 -31.44 -53.13
C PHE C 274 -14.13 -31.02 -52.80
N THR C 275 -14.38 -29.72 -52.66
CA THR C 275 -15.63 -29.19 -52.13
C THR C 275 -16.56 -28.70 -53.24
N SER C 276 -16.17 -28.90 -54.51
CA SER C 276 -16.98 -28.39 -55.62
C SER C 276 -18.31 -29.14 -55.76
N GLY C 277 -18.40 -30.37 -55.25
CA GLY C 277 -19.61 -31.16 -55.35
C GLY C 277 -20.58 -31.07 -54.20
N THR C 278 -20.39 -30.10 -53.30
CA THR C 278 -21.22 -29.97 -52.10
C THR C 278 -22.47 -29.13 -52.37
N SER C 279 -22.81 -28.92 -53.64
CA SER C 279 -23.98 -28.11 -53.98
C SER C 279 -25.29 -28.80 -53.59
N TYR C 280 -25.51 -30.01 -54.10
CA TYR C 280 -26.75 -30.71 -53.82
C TYR C 280 -26.68 -31.45 -52.49
N ARG C 281 -27.87 -31.74 -51.94
CA ARG C 281 -27.99 -32.12 -50.53
C ARG C 281 -27.40 -33.49 -50.23
N GLY C 282 -27.59 -34.46 -51.11
CA GLY C 282 -27.08 -35.79 -50.87
C GLY C 282 -25.97 -36.17 -51.82
N GLU C 283 -25.11 -35.21 -52.18
CA GLU C 283 -24.09 -35.43 -53.19
C GLU C 283 -22.70 -35.58 -52.60
N PHE C 284 -22.36 -34.78 -51.58
CA PHE C 284 -21.03 -34.83 -51.00
C PHE C 284 -20.74 -36.15 -50.30
N GLU C 285 -21.79 -36.77 -49.74
CA GLU C 285 -21.61 -38.08 -49.12
C GLU C 285 -21.34 -39.16 -50.16
N THR C 286 -21.91 -39.01 -51.36
CA THR C 286 -21.56 -39.91 -52.46
C THR C 286 -20.13 -39.66 -52.92
N ARG C 287 -19.69 -38.40 -52.88
CA ARG C 287 -18.28 -38.08 -53.14
C ARG C 287 -17.38 -38.74 -52.10
N MET C 288 -17.80 -38.70 -50.83
CA MET C 288 -17.04 -39.37 -49.77
C MET C 288 -17.12 -40.87 -49.88
N LYS C 289 -18.23 -41.41 -50.41
CA LYS C 289 -18.43 -42.86 -50.42
C LYS C 289 -17.50 -43.54 -51.40
N ASN C 290 -17.35 -43.01 -52.61
CA ASN C 290 -16.49 -43.64 -53.61
C ASN C 290 -15.02 -43.48 -53.26
N ILE C 291 -14.66 -42.46 -52.49
CA ILE C 291 -13.28 -42.30 -52.05
C ILE C 291 -12.89 -43.38 -51.06
N ILE C 292 -13.77 -43.68 -50.10
CA ILE C 292 -13.52 -44.77 -49.17
C ILE C 292 -13.49 -46.12 -49.88
N LYS C 293 -14.32 -46.30 -50.91
CA LYS C 293 -14.39 -47.58 -51.62
C LYS C 293 -13.13 -47.87 -52.40
N GLU C 294 -12.37 -46.83 -52.77
CA GLU C 294 -11.10 -47.05 -53.43
C GLU C 294 -9.94 -47.21 -52.45
N LEU C 295 -10.01 -46.52 -51.31
CA LEU C 295 -8.92 -46.60 -50.35
C LEU C 295 -8.93 -47.90 -49.57
N LYS C 296 -10.12 -48.50 -49.39
CA LYS C 296 -10.20 -49.77 -48.68
C LYS C 296 -9.65 -50.92 -49.52
N ASN C 297 -9.54 -50.73 -50.84
CA ASN C 297 -9.01 -51.76 -51.71
C ASN C 297 -7.51 -51.95 -51.48
N LYS C 298 -7.10 -53.21 -51.34
CA LYS C 298 -5.69 -53.51 -51.22
C LYS C 298 -5.02 -53.58 -52.58
N LYS C 299 -5.74 -54.05 -53.60
CA LYS C 299 -5.20 -54.09 -54.95
C LYS C 299 -4.98 -52.68 -55.50
N ASN C 300 -5.82 -51.73 -55.09
CA ASN C 300 -5.59 -50.32 -55.38
C ASN C 300 -4.60 -49.80 -54.35
N LYS C 301 -3.33 -49.70 -54.76
CA LYS C 301 -2.25 -49.34 -53.86
C LYS C 301 -2.08 -47.83 -53.84
N ILE C 302 -2.80 -47.17 -52.92
CA ILE C 302 -2.75 -45.73 -52.78
C ILE C 302 -2.58 -45.41 -51.31
N ILE C 303 -1.61 -44.56 -50.98
CA ILE C 303 -1.56 -43.91 -49.68
C ILE C 303 -1.91 -42.45 -49.88
N LEU C 304 -2.85 -41.97 -49.08
CA LEU C 304 -3.43 -40.65 -49.31
C LEU C 304 -2.64 -39.59 -48.57
N PHE C 305 -2.63 -38.39 -49.14
CA PHE C 305 -2.03 -37.25 -48.46
C PHE C 305 -2.97 -36.06 -48.54
N VAL C 306 -3.09 -35.34 -47.43
CA VAL C 306 -3.82 -34.09 -47.37
C VAL C 306 -2.86 -33.00 -46.94
N ASP C 307 -3.12 -31.77 -47.38
CA ASP C 307 -2.21 -30.67 -47.09
C ASP C 307 -2.33 -30.21 -45.65
N GLU C 308 -3.53 -29.86 -45.19
CA GLU C 308 -3.74 -29.36 -43.84
C GLU C 308 -5.03 -30.01 -43.31
N ILE C 309 -4.90 -30.84 -42.28
CA ILE C 309 -6.02 -31.64 -41.81
C ILE C 309 -7.07 -30.78 -41.09
N HIS C 310 -6.63 -29.67 -40.47
CA HIS C 310 -7.54 -28.86 -39.68
C HIS C 310 -8.57 -28.15 -40.54
N LEU C 311 -8.31 -27.99 -41.84
CA LEU C 311 -9.36 -27.56 -42.76
C LEU C 311 -10.38 -28.66 -43.00
N LEU C 312 -9.96 -29.92 -42.95
CA LEU C 312 -10.82 -31.02 -43.36
C LEU C 312 -11.94 -31.27 -42.35
N LEU C 313 -11.78 -30.80 -41.12
CA LEU C 313 -12.81 -30.97 -40.10
C LEU C 313 -14.08 -30.21 -40.45
N GLY C 314 -13.95 -28.96 -40.90
CA GLY C 314 -15.09 -28.18 -41.31
C GLY C 314 -15.37 -28.24 -42.80
N ALA C 315 -15.71 -29.42 -43.33
CA ALA C 315 -16.00 -29.55 -44.75
C ALA C 315 -17.24 -30.40 -44.93
N GLY C 316 -18.12 -29.94 -45.81
CA GLY C 316 -19.33 -30.69 -46.12
C GLY C 316 -20.42 -30.61 -45.09
N LYS C 317 -20.46 -29.55 -44.29
CA LYS C 317 -21.46 -29.41 -43.24
C LYS C 317 -22.72 -28.80 -43.84
N ALA C 318 -23.48 -29.64 -44.50
CA ALA C 318 -24.81 -29.23 -44.96
C ALA C 318 -25.78 -29.22 -43.80
N GLU C 319 -26.96 -28.64 -44.03
CA GLU C 319 -27.97 -28.55 -42.98
C GLU C 319 -28.55 -29.92 -42.64
N GLY C 320 -28.55 -30.84 -43.60
CA GLY C 320 -28.90 -32.21 -43.33
C GLY C 320 -27.74 -33.18 -43.32
N GLY C 321 -26.50 -32.68 -43.37
CA GLY C 321 -25.36 -33.55 -43.56
C GLY C 321 -24.24 -33.38 -42.55
N THR C 322 -23.51 -34.47 -42.31
CA THR C 322 -22.45 -34.49 -41.32
C THR C 322 -21.14 -33.94 -41.89
N ASP C 323 -20.17 -33.76 -41.00
CA ASP C 323 -18.86 -33.27 -41.40
C ASP C 323 -18.08 -34.35 -42.14
N ALA C 324 -17.11 -33.93 -42.95
CA ALA C 324 -16.27 -34.88 -43.66
C ALA C 324 -15.32 -35.61 -42.71
N ALA C 325 -14.94 -34.97 -41.60
CA ALA C 325 -14.10 -35.65 -40.63
C ALA C 325 -14.85 -36.70 -39.84
N ASN C 326 -16.13 -36.44 -39.52
CA ASN C 326 -16.91 -37.38 -38.74
C ASN C 326 -17.26 -38.62 -39.55
N LEU C 327 -17.28 -38.51 -40.88
CA LEU C 327 -17.41 -39.69 -41.73
C LEU C 327 -16.15 -40.55 -41.67
N LEU C 328 -14.99 -39.92 -41.52
CA LEU C 328 -13.74 -40.66 -41.54
C LEU C 328 -13.40 -41.29 -40.20
N LYS C 329 -14.00 -40.80 -39.11
CA LYS C 329 -13.69 -41.31 -37.77
C LYS C 329 -13.92 -42.81 -37.53
N PRO C 330 -15.00 -43.46 -38.03
CA PRO C 330 -15.06 -44.92 -37.82
C PRO C 330 -14.09 -45.70 -38.68
N VAL C 331 -13.62 -45.13 -39.79
CA VAL C 331 -12.80 -45.90 -40.72
C VAL C 331 -11.32 -45.52 -40.67
N LEU C 332 -10.96 -44.37 -40.09
CA LEU C 332 -9.54 -44.10 -39.85
C LEU C 332 -9.01 -44.91 -38.67
N SER C 333 -9.89 -45.31 -37.75
CA SER C 333 -9.50 -46.26 -36.72
C SER C 333 -9.17 -47.61 -37.32
N LYS C 334 -9.89 -48.00 -38.38
CA LYS C 334 -9.57 -49.19 -39.13
C LYS C 334 -8.34 -48.94 -40.00
N GLY C 335 -7.53 -49.99 -40.18
CA GLY C 335 -6.20 -49.80 -40.70
C GLY C 335 -6.07 -49.65 -42.20
N GLU C 336 -7.12 -49.94 -42.96
CA GLU C 336 -6.98 -50.07 -44.40
C GLU C 336 -6.83 -48.72 -45.09
N ILE C 337 -7.25 -47.63 -44.46
CA ILE C 337 -7.18 -46.31 -45.06
C ILE C 337 -5.86 -45.69 -44.60
N LYS C 338 -4.89 -45.67 -45.50
CA LYS C 338 -3.61 -45.04 -45.21
C LYS C 338 -3.73 -43.54 -45.46
N LEU C 339 -3.12 -42.76 -44.57
CA LEU C 339 -3.27 -41.31 -44.62
C LEU C 339 -1.99 -40.69 -44.08
N ILE C 340 -1.59 -39.58 -44.69
CA ILE C 340 -0.48 -38.77 -44.22
C ILE C 340 -0.98 -37.34 -44.22
N GLY C 341 -0.62 -36.58 -43.19
CA GLY C 341 -1.04 -35.19 -43.14
C GLY C 341 -0.05 -34.36 -42.37
N ALA C 342 -0.23 -33.04 -42.44
CA ALA C 342 0.66 -32.11 -41.78
C ALA C 342 -0.12 -30.87 -41.37
N THR C 343 0.04 -30.48 -40.11
CA THR C 343 -0.55 -29.25 -39.60
C THR C 343 0.52 -28.51 -38.81
N THR C 344 0.34 -27.19 -38.71
CA THR C 344 1.22 -26.45 -37.82
C THR C 344 0.70 -26.53 -36.39
N ILE C 345 1.56 -26.16 -35.44
CA ILE C 345 1.26 -26.37 -34.03
C ILE C 345 0.11 -25.49 -33.57
N ALA C 346 0.07 -24.23 -34.03
CA ALA C 346 -1.01 -23.32 -33.62
C ALA C 346 -2.35 -23.72 -34.24
N GLU C 347 -2.32 -24.38 -35.40
CA GLU C 347 -3.55 -24.91 -35.97
C GLU C 347 -3.94 -26.22 -35.30
N TYR C 348 -2.97 -26.98 -34.82
CA TYR C 348 -3.27 -28.28 -34.20
C TYR C 348 -3.81 -28.12 -32.78
N ARG C 349 -3.37 -27.09 -32.05
CA ARG C 349 -3.88 -26.86 -30.70
C ARG C 349 -5.25 -26.19 -30.69
N LYS C 350 -5.65 -25.55 -31.78
CA LYS C 350 -6.92 -24.82 -31.81
C LYS C 350 -8.04 -25.62 -32.46
N PHE C 351 -7.72 -26.45 -33.44
CA PHE C 351 -8.73 -27.09 -34.27
C PHE C 351 -8.84 -28.58 -34.02
N ILE C 352 -7.71 -29.28 -33.87
CA ILE C 352 -7.76 -30.72 -33.60
C ILE C 352 -8.14 -30.98 -32.15
N GLU C 353 -7.63 -30.17 -31.22
CA GLU C 353 -7.90 -30.40 -29.81
C GLU C 353 -9.33 -30.05 -29.41
N SER C 354 -10.06 -29.29 -30.24
CA SER C 354 -11.46 -29.02 -29.96
C SER C 354 -12.33 -30.26 -30.12
N CYS C 355 -11.89 -31.21 -30.95
CA CYS C 355 -12.57 -32.49 -31.13
C CYS C 355 -11.57 -33.57 -30.74
N SER C 356 -11.58 -33.95 -29.46
CA SER C 356 -10.56 -34.85 -28.92
C SER C 356 -10.70 -36.27 -29.46
N ALA C 357 -11.92 -36.66 -29.86
CA ALA C 357 -12.10 -37.99 -30.45
C ALA C 357 -11.46 -38.08 -31.81
N PHE C 358 -11.37 -36.96 -32.53
CA PHE C 358 -10.71 -36.96 -33.83
C PHE C 358 -9.20 -37.03 -33.67
N GLU C 359 -8.67 -36.65 -32.50
CA GLU C 359 -7.23 -36.69 -32.29
C GLU C 359 -6.69 -38.12 -32.22
N ARG C 360 -7.37 -39.01 -31.49
CA ARG C 360 -6.81 -40.34 -31.20
C ARG C 360 -6.72 -41.25 -32.41
N ARG C 361 -7.28 -40.87 -33.56
CA ARG C 361 -7.05 -41.62 -34.78
C ARG C 361 -5.69 -41.34 -35.40
N PHE C 362 -4.94 -40.38 -34.86
CA PHE C 362 -3.74 -39.90 -35.51
C PHE C 362 -2.54 -39.98 -34.58
N GLU C 363 -1.37 -40.13 -35.19
CA GLU C 363 -0.12 -40.21 -34.49
C GLU C 363 0.71 -38.97 -34.77
N LYS C 364 1.22 -38.33 -33.71
CA LYS C 364 2.15 -37.23 -33.89
C LYS C 364 3.50 -37.77 -34.35
N ILE C 365 4.11 -37.08 -35.31
CA ILE C 365 5.53 -37.20 -35.57
C ILE C 365 6.06 -35.79 -35.68
N LEU C 366 6.88 -35.37 -34.72
CA LEU C 366 7.26 -33.97 -34.57
C LEU C 366 8.32 -33.60 -35.61
N VAL C 367 7.92 -32.80 -36.60
CA VAL C 367 8.90 -32.13 -37.43
C VAL C 367 9.61 -31.07 -36.59
N GLU C 368 10.93 -31.09 -36.61
CA GLU C 368 11.74 -30.23 -35.76
C GLU C 368 12.41 -29.15 -36.59
N PRO C 369 12.74 -28.01 -36.00
CA PRO C 369 13.50 -27.01 -36.74
C PRO C 369 14.89 -27.52 -37.05
N PRO C 370 15.42 -27.19 -38.24
CA PRO C 370 16.51 -28.00 -38.79
C PRO C 370 17.90 -27.66 -38.29
N SER C 371 18.06 -26.92 -37.19
CA SER C 371 19.30 -26.87 -36.41
C SER C 371 20.52 -26.39 -37.18
N VAL C 372 20.69 -25.06 -37.30
CA VAL C 372 21.37 -24.26 -38.33
C VAL C 372 22.57 -24.93 -39.03
N ASP C 373 23.39 -25.66 -38.27
CA ASP C 373 24.54 -26.35 -38.85
C ASP C 373 24.12 -27.42 -39.87
N MET C 374 22.90 -27.93 -39.78
CA MET C 374 22.40 -28.78 -40.85
C MET C 374 21.86 -27.97 -42.02
N THR C 375 21.42 -26.73 -41.78
CA THR C 375 20.84 -25.93 -42.85
C THR C 375 21.88 -25.45 -43.83
N VAL C 376 23.14 -25.35 -43.39
CA VAL C 376 24.24 -25.04 -44.30
C VAL C 376 24.40 -26.16 -45.32
N LYS C 377 24.22 -27.41 -44.89
CA LYS C 377 24.30 -28.53 -45.82
C LYS C 377 23.08 -28.60 -46.72
N ILE C 378 21.96 -28.00 -46.31
CA ILE C 378 20.77 -27.96 -47.15
C ILE C 378 20.97 -27.01 -48.32
N LEU C 379 21.56 -25.85 -48.05
CA LEU C 379 21.78 -24.86 -49.10
C LEU C 379 22.82 -25.32 -50.10
N ARG C 380 23.83 -26.05 -49.62
CA ARG C 380 24.84 -26.60 -50.53
C ARG C 380 24.28 -27.71 -51.38
N SER C 381 23.25 -28.40 -50.89
CA SER C 381 22.58 -29.40 -51.71
C SER C 381 21.76 -28.75 -52.82
N LEU C 382 21.32 -27.52 -52.62
CA LEU C 382 20.39 -26.89 -53.54
C LEU C 382 21.06 -25.98 -54.57
N LYS C 383 22.40 -25.91 -54.58
CA LYS C 383 23.11 -24.91 -55.38
C LYS C 383 22.91 -25.10 -56.87
N SER C 384 23.00 -26.35 -57.34
CA SER C 384 22.90 -26.62 -58.77
C SER C 384 21.52 -26.36 -59.33
N LYS C 385 20.49 -26.42 -58.48
CA LYS C 385 19.14 -26.09 -58.92
C LYS C 385 19.00 -24.59 -59.14
N TYR C 386 19.63 -23.78 -58.29
CA TYR C 386 19.60 -22.34 -58.50
C TYR C 386 20.54 -21.91 -59.61
N GLU C 387 21.66 -22.61 -59.79
CA GLU C 387 22.59 -22.24 -60.85
C GLU C 387 22.04 -22.58 -62.23
N ASN C 388 21.04 -23.47 -62.31
CA ASN C 388 20.39 -23.69 -63.59
C ASN C 388 19.25 -22.71 -63.82
N PHE C 389 18.49 -22.38 -62.78
CA PHE C 389 17.39 -21.45 -62.96
C PHE C 389 17.88 -20.01 -63.07
N TYR C 390 18.96 -19.68 -62.39
CA TYR C 390 19.42 -18.30 -62.38
C TYR C 390 20.66 -18.07 -63.22
N GLY C 391 21.51 -19.08 -63.38
CA GLY C 391 22.72 -18.90 -64.15
C GLY C 391 23.80 -18.10 -63.47
N ILE C 392 23.70 -17.95 -62.15
CA ILE C 392 24.54 -17.04 -61.38
C ILE C 392 25.38 -17.86 -60.41
N ASN C 393 26.69 -17.63 -60.43
CA ASN C 393 27.58 -18.33 -59.51
C ASN C 393 27.36 -17.83 -58.09
N ILE C 394 27.36 -18.78 -57.14
CA ILE C 394 27.07 -18.50 -55.75
C ILE C 394 28.27 -18.93 -54.93
N THR C 395 28.95 -17.95 -54.32
CA THR C 395 30.10 -18.22 -53.49
C THR C 395 29.64 -18.84 -52.17
N ASP C 396 30.47 -19.76 -51.64
CA ASP C 396 30.19 -20.40 -50.36
C ASP C 396 30.26 -19.42 -49.19
N LYS C 397 30.94 -18.28 -49.37
CA LYS C 397 30.87 -17.19 -48.40
C LYS C 397 29.45 -16.72 -48.17
N ALA C 398 28.65 -16.66 -49.24
CA ALA C 398 27.27 -16.25 -49.11
C ALA C 398 26.40 -17.33 -48.49
N LEU C 399 26.79 -18.60 -48.64
CA LEU C 399 25.98 -19.69 -48.10
C LEU C 399 26.00 -19.74 -46.59
N VAL C 400 27.16 -19.49 -45.98
CA VAL C 400 27.23 -19.35 -44.53
C VAL C 400 26.55 -18.07 -44.10
N ALA C 401 26.71 -17.01 -44.89
CA ALA C 401 26.02 -15.74 -44.60
C ALA C 401 24.52 -15.87 -44.81
N ALA C 402 24.07 -16.80 -45.66
CA ALA C 402 22.64 -17.04 -45.76
C ALA C 402 22.11 -17.84 -44.59
N ALA C 403 22.98 -18.42 -43.77
CA ALA C 403 22.54 -19.18 -42.61
C ALA C 403 22.64 -18.39 -41.32
N LYS C 404 23.85 -17.94 -40.97
CA LYS C 404 24.07 -17.32 -39.67
C LYS C 404 23.40 -15.94 -39.58
N ILE C 405 23.36 -15.20 -40.69
CA ILE C 405 22.74 -13.89 -40.65
C ILE C 405 21.23 -14.01 -40.71
N SER C 406 20.73 -14.97 -41.48
CA SER C 406 19.28 -15.16 -41.54
C SER C 406 18.71 -15.71 -40.25
N ASP C 407 19.35 -16.73 -39.67
CA ASP C 407 18.72 -17.46 -38.57
C ASP C 407 18.82 -16.70 -37.24
N ARG C 408 20.04 -16.28 -36.86
CA ARG C 408 20.23 -15.71 -35.53
C ARG C 408 19.67 -14.31 -35.39
N PHE C 409 19.46 -13.61 -36.50
CA PHE C 409 19.04 -12.20 -36.47
C PHE C 409 17.56 -11.98 -36.72
N ILE C 410 16.82 -12.99 -37.17
CA ILE C 410 15.38 -12.89 -37.40
C ILE C 410 14.73 -14.05 -36.68
N LYS C 411 13.64 -13.79 -35.97
CA LYS C 411 13.10 -14.78 -35.05
C LYS C 411 11.85 -15.49 -35.56
N ASP C 412 10.93 -14.80 -36.22
CA ASP C 412 9.79 -15.49 -36.81
C ASP C 412 10.22 -16.23 -38.08
N ARG C 413 9.29 -17.02 -38.64
CA ARG C 413 9.47 -17.77 -39.88
C ARG C 413 10.66 -18.73 -39.80
N TYR C 414 10.49 -19.83 -39.06
CA TYR C 414 11.52 -20.76 -38.61
C TYR C 414 12.43 -21.26 -39.74
N LEU C 415 13.57 -21.81 -39.32
CA LEU C 415 14.88 -21.68 -39.98
C LEU C 415 14.93 -21.80 -41.51
N PRO C 416 14.44 -22.87 -42.17
CA PRO C 416 14.72 -22.97 -43.62
C PRO C 416 13.87 -22.04 -44.44
N ASP C 417 12.81 -21.49 -43.87
CA ASP C 417 12.07 -20.41 -44.51
C ASP C 417 12.84 -19.09 -44.42
N LYS C 418 13.85 -19.01 -43.55
CA LYS C 418 14.74 -17.86 -43.59
C LYS C 418 15.96 -18.12 -44.47
N ALA C 419 16.64 -19.25 -44.27
CA ALA C 419 17.95 -19.46 -44.88
C ALA C 419 17.84 -19.64 -46.38
N ILE C 420 16.78 -20.28 -46.87
CA ILE C 420 16.61 -20.42 -48.31
C ILE C 420 16.10 -19.11 -48.93
N ASP C 421 15.38 -18.30 -48.14
CA ASP C 421 14.71 -17.10 -48.64
C ASP C 421 15.69 -16.03 -49.08
N LEU C 422 16.80 -15.87 -48.36
CA LEU C 422 17.73 -14.81 -48.74
C LEU C 422 18.47 -15.15 -50.02
N LEU C 423 18.85 -16.43 -50.19
CA LEU C 423 19.39 -16.87 -51.46
C LEU C 423 18.35 -16.80 -52.56
N ASN C 424 17.08 -17.01 -52.20
CA ASN C 424 16.00 -16.78 -53.15
C ASN C 424 15.90 -15.31 -53.52
N LYS C 425 16.32 -14.41 -52.63
CA LYS C 425 16.42 -13.01 -52.97
C LYS C 425 17.78 -12.62 -53.50
N ALA C 426 18.84 -13.33 -53.13
CA ALA C 426 20.18 -13.01 -53.63
C ALA C 426 20.26 -13.33 -55.11
N CYS C 427 19.72 -14.47 -55.51
CA CYS C 427 19.73 -14.85 -56.91
C CYS C 427 18.80 -13.97 -57.74
N SER C 428 17.71 -13.50 -57.14
CA SER C 428 16.80 -12.63 -57.87
C SER C 428 17.35 -11.21 -57.96
N PHE C 429 18.22 -10.83 -57.02
CA PHE C 429 18.78 -9.49 -57.03
C PHE C 429 19.77 -9.30 -58.16
N LEU C 430 20.53 -10.33 -58.49
CA LEU C 430 21.59 -10.17 -59.48
C LEU C 430 21.10 -10.34 -60.90
N GLN C 431 19.98 -11.04 -61.11
CA GLN C 431 19.41 -11.14 -62.45
C GLN C 431 18.95 -9.79 -62.97
N VAL C 432 18.46 -8.93 -62.09
CA VAL C 432 17.98 -7.63 -62.53
C VAL C 432 19.16 -6.71 -62.84
N GLN C 433 20.28 -6.88 -62.13
CA GLN C 433 21.45 -6.09 -62.43
C GLN C 433 22.25 -6.61 -63.62
N LEU C 434 21.96 -7.81 -64.11
CA LEU C 434 22.64 -8.35 -65.28
C LEU C 434 21.76 -8.20 -66.52
N SER C 435 20.51 -8.67 -66.47
CA SER C 435 19.62 -8.52 -67.61
C SER C 435 19.22 -7.06 -67.81
N GLY C 436 19.16 -6.29 -66.74
CA GLY C 436 19.06 -4.84 -66.82
C GLY C 436 20.36 -4.18 -66.42
N LYS C 437 20.29 -2.87 -66.31
CA LYS C 437 21.43 -2.06 -65.91
C LYS C 437 21.70 -2.26 -64.41
N PRO C 438 22.91 -1.93 -63.93
CA PRO C 438 23.14 -1.93 -62.47
C PRO C 438 22.35 -0.83 -61.78
N ARG C 439 22.22 -0.97 -60.46
CA ARG C 439 21.21 -0.21 -59.72
C ARG C 439 21.54 1.27 -59.64
N ILE C 440 22.82 1.63 -59.54
CA ILE C 440 23.22 3.02 -59.37
C ILE C 440 22.88 3.84 -60.62
N ILE C 441 23.16 3.27 -61.78
CA ILE C 441 22.81 3.92 -63.05
C ILE C 441 21.31 4.00 -63.21
N ASP C 442 20.58 2.97 -62.73
CA ASP C 442 19.12 2.99 -62.80
C ASP C 442 18.50 4.05 -61.91
N VAL C 443 19.11 4.33 -60.75
CA VAL C 443 18.57 5.37 -59.88
C VAL C 443 18.89 6.75 -60.45
N THR C 444 20.12 6.94 -60.92
CA THR C 444 20.56 8.27 -61.36
C THR C 444 19.89 8.69 -62.67
N GLU C 445 19.60 7.75 -63.56
CA GLU C 445 18.92 8.11 -64.80
C GLU C 445 17.48 8.54 -64.55
N ARG C 446 16.83 7.93 -63.55
CA ARG C 446 15.48 8.35 -63.21
C ARG C 446 15.49 9.72 -62.52
N ASP C 447 16.52 10.01 -61.71
CA ASP C 447 16.51 11.24 -60.91
C ASP C 447 16.78 12.47 -61.77
N ILE C 448 17.71 12.36 -62.72
CA ILE C 448 18.05 13.49 -63.60
C ILE C 448 16.88 13.85 -64.50
N GLU C 449 16.08 12.85 -64.89
CA GLU C 449 14.84 13.14 -65.60
C GLU C 449 13.83 13.85 -64.71
N ARG C 450 13.90 13.64 -63.40
CA ARG C 450 12.98 14.30 -62.49
C ARG C 450 13.45 15.69 -62.10
N LEU C 451 14.76 15.86 -61.92
CA LEU C 451 15.29 17.18 -61.56
C LEU C 451 15.18 18.14 -62.73
N SER C 452 15.29 17.64 -63.96
CA SER C 452 15.04 18.47 -65.13
C SER C 452 13.59 18.91 -65.21
N TYR C 453 12.67 18.08 -64.70
CA TYR C 453 11.27 18.49 -64.62
C TYR C 453 11.07 19.58 -63.59
N GLU C 454 11.91 19.62 -62.55
CA GLU C 454 11.78 20.66 -61.54
C GLU C 454 12.38 21.98 -62.00
N ILE C 455 13.33 21.93 -62.94
CA ILE C 455 13.84 23.14 -63.56
C ILE C 455 12.75 23.81 -64.38
N SER C 456 11.85 23.00 -64.97
CA SER C 456 10.72 23.56 -65.70
C SER C 456 9.70 24.20 -64.76
N THR C 457 9.69 23.81 -63.49
CA THR C 457 8.71 24.39 -62.57
C THR C 457 9.20 25.71 -62.00
N LEU C 458 10.47 25.80 -61.64
CA LEU C 458 10.96 26.98 -60.92
C LEU C 458 11.24 28.15 -61.85
N GLU C 459 11.79 27.88 -63.04
CA GLU C 459 12.26 28.95 -63.91
C GLU C 459 11.12 29.76 -64.51
N LYS C 460 9.98 29.10 -64.77
CA LYS C 460 8.83 29.80 -65.32
C LYS C 460 8.20 30.75 -64.31
N ASP C 461 8.42 30.52 -63.02
CA ASP C 461 7.86 31.38 -62.00
C ASP C 461 8.66 32.68 -61.88
N VAL C 462 8.07 33.66 -61.19
CA VAL C 462 8.70 34.96 -60.99
C VAL C 462 9.94 34.79 -60.10
N ASP C 463 10.98 35.55 -60.43
CA ASP C 463 12.21 35.57 -59.65
C ASP C 463 11.95 36.11 -58.25
N LYS C 464 12.34 35.34 -57.24
CA LYS C 464 11.96 35.56 -55.86
C LYS C 464 12.91 34.81 -54.93
N VAL C 465 12.45 34.50 -53.71
CA VAL C 465 13.07 33.50 -52.82
C VAL C 465 13.44 32.19 -53.54
N SER C 466 12.69 31.78 -54.57
CA SER C 466 12.99 30.53 -55.28
C SER C 466 14.25 30.62 -56.14
N LYS C 467 14.85 31.81 -56.29
CA LYS C 467 16.17 31.92 -56.94
C LYS C 467 17.22 31.08 -56.23
N LYS C 468 17.21 31.07 -54.90
CA LYS C 468 18.19 30.32 -54.14
C LYS C 468 18.02 28.82 -54.34
N LYS C 469 16.78 28.34 -54.37
CA LYS C 469 16.58 26.91 -54.62
C LYS C 469 16.78 26.55 -56.07
N TYR C 470 16.46 27.46 -57.00
CA TYR C 470 16.69 27.18 -58.41
C TYR C 470 18.17 27.09 -58.72
N ASN C 471 18.98 28.00 -58.17
CA ASN C 471 20.42 27.94 -58.36
C ASN C 471 21.03 26.76 -57.62
N LYS C 472 20.38 26.30 -56.55
CA LYS C 472 20.81 25.07 -55.90
C LYS C 472 20.58 23.86 -56.79
N LEU C 473 19.42 23.81 -57.46
CA LEU C 473 19.08 22.65 -58.27
C LEU C 473 19.85 22.61 -59.57
N ILE C 474 20.24 23.77 -60.13
CA ILE C 474 21.05 23.79 -61.35
C ILE C 474 22.44 23.22 -61.06
N LYS C 475 23.01 23.57 -59.91
CA LYS C 475 24.29 22.99 -59.52
C LYS C 475 24.16 21.50 -59.21
N GLU C 476 23.02 21.10 -58.63
CA GLU C 476 22.77 19.69 -58.39
C GLU C 476 22.55 18.93 -59.69
N PHE C 477 21.96 19.58 -60.69
CA PHE C 477 21.65 18.93 -61.96
C PHE C 477 22.90 18.62 -62.77
N GLU C 478 23.88 19.53 -62.77
CA GLU C 478 25.07 19.32 -63.55
C GLU C 478 26.02 18.33 -62.91
N GLU C 479 26.23 18.45 -61.60
CA GLU C 479 27.22 17.62 -60.92
C GLU C 479 26.78 16.17 -60.82
N LYS C 480 25.48 15.92 -60.68
CA LYS C 480 24.99 14.56 -60.73
C LYS C 480 25.07 14.00 -62.14
N LYS C 481 24.89 14.87 -63.15
CA LYS C 481 25.04 14.45 -64.53
C LYS C 481 26.49 14.13 -64.85
N GLU C 482 27.44 14.84 -64.24
CA GLU C 482 28.85 14.55 -64.46
C GLU C 482 29.28 13.30 -63.72
N GLN C 483 28.53 12.88 -62.69
CA GLN C 483 28.82 11.62 -62.04
C GLN C 483 28.52 10.44 -62.96
N LEU C 484 27.61 10.64 -63.92
CA LEU C 484 27.30 9.60 -64.90
C LEU C 484 28.52 9.22 -65.72
N LYS C 485 29.32 10.21 -66.10
CA LYS C 485 30.43 9.96 -67.03
C LYS C 485 31.49 9.01 -66.46
N LYS C 486 31.69 9.04 -65.14
CA LYS C 486 32.53 8.02 -64.54
C LYS C 486 31.75 6.73 -64.25
N TYR C 487 30.43 6.81 -64.15
CA TYR C 487 29.65 5.60 -63.92
C TYR C 487 29.58 4.68 -65.13
N TYR C 488 29.44 5.26 -66.31
CA TYR C 488 29.42 4.44 -67.50
C TYR C 488 30.83 3.89 -67.71
N GLU C 489 31.85 4.67 -67.35
CA GLU C 489 33.21 4.16 -67.46
C GLU C 489 33.32 2.91 -66.59
N GLU C 490 32.72 2.92 -65.41
CA GLU C 490 32.78 1.75 -64.54
C GLU C 490 31.98 0.59 -65.08
N TYR C 491 30.88 0.87 -65.81
CA TYR C 491 30.13 -0.20 -66.43
C TYR C 491 30.91 -0.88 -67.55
N VAL C 492 31.71 -0.10 -68.30
CA VAL C 492 32.49 -0.67 -69.39
C VAL C 492 33.70 -1.42 -68.87
N ILE C 493 34.40 -0.87 -67.88
CA ILE C 493 35.62 -1.48 -67.35
C ILE C 493 35.30 -2.77 -66.62
N THR C 494 34.30 -2.75 -65.74
CA THR C 494 33.85 -4.00 -65.13
C THR C 494 33.17 -4.91 -66.15
N GLY C 495 32.59 -4.32 -67.20
CA GLY C 495 32.13 -5.12 -68.32
C GLY C 495 33.27 -5.81 -69.03
N GLU C 496 34.41 -5.14 -69.17
CA GLU C 496 35.58 -5.81 -69.71
C GLU C 496 36.14 -6.82 -68.73
N ARG C 497 36.06 -6.54 -67.41
CA ARG C 497 36.53 -7.51 -66.42
C ARG C 497 35.64 -8.73 -66.37
N LEU C 498 34.34 -8.57 -66.62
CA LEU C 498 33.44 -9.70 -66.52
C LEU C 498 33.58 -10.64 -67.72
N LYS C 499 33.67 -10.07 -68.93
CA LYS C 499 33.81 -10.90 -70.12
C LYS C 499 35.16 -11.60 -70.17
N ARG C 500 36.22 -10.92 -69.74
CA ARG C 500 37.56 -11.51 -69.77
C ARG C 500 37.67 -12.67 -68.79
N LYS C 501 36.98 -12.58 -67.65
CA LYS C 501 36.84 -13.76 -66.79
C LYS C 501 35.91 -14.79 -67.43
N LYS C 502 34.90 -14.34 -68.17
CA LYS C 502 33.98 -15.27 -68.80
C LYS C 502 34.62 -15.99 -69.98
N GLU C 503 35.61 -15.36 -70.61
CA GLU C 503 36.30 -16.00 -71.75
C GLU C 503 37.13 -17.19 -71.30
N ILE C 504 37.80 -17.08 -70.15
CA ILE C 504 38.65 -18.19 -69.70
C ILE C 504 37.80 -19.27 -69.05
N GLU C 505 36.60 -18.94 -68.58
CA GLU C 505 35.71 -19.97 -68.06
C GLU C 505 35.13 -20.82 -69.17
N LYS C 506 35.02 -20.26 -70.38
CA LYS C 506 34.57 -21.07 -71.51
C LYS C 506 35.67 -21.99 -72.02
N LYS C 507 36.89 -21.49 -72.17
CA LYS C 507 37.89 -22.30 -72.85
C LYS C 507 38.73 -23.13 -71.88
N LEU C 508 39.51 -22.48 -71.01
CA LEU C 508 40.50 -23.25 -70.24
C LEU C 508 39.88 -23.99 -69.07
N ASN C 509 38.77 -23.47 -68.53
CA ASN C 509 38.07 -24.16 -67.46
C ASN C 509 37.47 -25.47 -67.95
N ASP C 510 36.99 -25.51 -69.20
CA ASP C 510 36.50 -26.76 -69.76
C ASP C 510 37.63 -27.65 -70.26
N LEU C 511 38.74 -27.06 -70.73
CA LEU C 511 39.88 -27.87 -71.13
C LEU C 511 40.65 -28.41 -69.93
N LYS C 512 40.48 -27.81 -68.76
CA LYS C 512 41.03 -28.40 -67.54
C LYS C 512 40.30 -29.68 -67.16
N GLU C 513 38.98 -29.71 -67.33
CA GLU C 513 38.15 -30.76 -66.76
C GLU C 513 37.94 -31.93 -67.71
N LEU C 514 37.68 -31.65 -68.99
CA LEU C 514 37.31 -32.72 -69.92
C LEU C 514 38.52 -33.51 -70.37
N THR C 515 39.70 -32.89 -70.20
CA THR C 515 40.96 -33.49 -70.57
C THR C 515 41.40 -34.45 -69.48
N GLN C 516 40.40 -35.00 -68.77
CA GLN C 516 40.63 -35.97 -67.71
C GLN C 516 40.72 -37.38 -68.28
N ASN C 517 40.34 -37.52 -69.54
CA ASN C 517 40.38 -38.78 -70.25
C ASN C 517 41.83 -39.20 -70.52
N TYR C 518 42.06 -40.51 -70.56
CA TYR C 518 43.36 -41.15 -70.81
C TYR C 518 44.49 -40.71 -69.87
N VAL C 519 44.14 -40.46 -68.62
CA VAL C 519 45.12 -40.09 -67.60
C VAL C 519 46.08 -41.23 -67.35
N TYR C 520 45.51 -42.44 -67.33
CA TYR C 520 46.25 -43.67 -67.06
C TYR C 520 47.55 -43.91 -67.84
N SER C 521 47.49 -43.92 -69.17
CA SER C 521 48.74 -44.23 -69.91
C SER C 521 49.03 -43.28 -71.07
N ASN C 522 48.01 -42.72 -71.76
CA ASN C 522 48.25 -41.85 -72.92
C ASN C 522 48.76 -40.46 -72.52
N LYS C 523 49.26 -40.39 -71.28
CA LYS C 523 49.84 -39.21 -70.60
C LYS C 523 48.85 -38.10 -70.22
N GLU C 524 48.97 -37.64 -68.98
CA GLU C 524 48.11 -36.60 -68.44
C GLU C 524 48.89 -35.35 -68.05
N PRO C 525 50.22 -35.49 -67.91
CA PRO C 525 51.05 -34.35 -67.52
C PRO C 525 52.21 -33.99 -68.46
N PRO C 526 52.10 -34.24 -69.77
CA PRO C 526 53.25 -33.83 -70.58
C PRO C 526 53.13 -32.39 -71.05
N ILE C 527 54.12 -31.93 -71.82
CA ILE C 527 54.13 -30.58 -72.35
C ILE C 527 52.88 -30.27 -73.16
N GLU C 528 52.35 -29.07 -72.88
CA GLU C 528 51.17 -28.36 -73.43
C GLU C 528 49.89 -28.69 -72.67
N LEU C 529 49.92 -29.78 -71.92
CA LEU C 529 48.78 -30.17 -71.10
C LEU C 529 48.76 -29.27 -69.87
N GLN C 530 49.94 -28.87 -69.43
CA GLN C 530 50.10 -27.99 -68.28
C GLN C 530 50.41 -26.53 -68.65
N ASN C 531 50.74 -26.26 -69.90
CA ASN C 531 51.00 -24.88 -70.27
C ASN C 531 49.77 -24.01 -70.00
N SER C 532 48.61 -24.58 -70.28
CA SER C 532 47.35 -23.85 -70.09
C SER C 532 46.83 -24.01 -68.67
N LEU C 533 47.21 -25.09 -67.98
CA LEU C 533 46.87 -25.25 -66.57
C LEU C 533 47.64 -24.27 -65.70
N LYS C 534 48.80 -23.80 -66.16
CA LYS C 534 49.59 -22.86 -65.38
C LYS C 534 48.93 -21.49 -65.32
N GLU C 535 48.39 -21.02 -66.45
CA GLU C 535 47.71 -19.73 -66.47
C GLU C 535 46.36 -19.79 -65.76
N ALA C 536 45.82 -21.00 -65.60
CA ALA C 536 44.52 -21.19 -64.96
C ALA C 536 44.54 -20.84 -63.48
N GLN C 537 45.71 -20.73 -62.87
CA GLN C 537 45.86 -20.24 -61.51
C GLN C 537 46.35 -18.80 -61.51
N GLN C 538 47.16 -18.42 -62.50
CA GLN C 538 47.63 -17.05 -62.58
C GLN C 538 46.54 -16.11 -63.03
N LYS C 539 45.96 -16.34 -64.22
CA LYS C 539 45.04 -15.38 -64.80
C LYS C 539 43.70 -15.38 -64.09
N TYR C 540 43.21 -16.56 -63.69
CA TYR C 540 41.87 -16.66 -63.09
C TYR C 540 41.82 -16.04 -61.71
N LEU C 541 42.88 -16.21 -60.91
CA LEU C 541 42.90 -15.65 -59.56
C LEU C 541 43.15 -14.15 -59.55
N GLU C 542 43.92 -13.63 -60.51
CA GLU C 542 44.09 -12.19 -60.66
C GLU C 542 42.76 -11.52 -61.01
N LEU C 543 42.01 -12.13 -61.94
CA LEU C 543 40.67 -11.64 -62.25
C LEU C 543 39.72 -11.83 -61.07
N TYR C 544 39.99 -12.83 -60.23
CA TYR C 544 39.19 -13.02 -59.03
C TYR C 544 39.44 -11.92 -58.01
N LYS C 545 40.71 -11.54 -57.82
CA LYS C 545 41.04 -10.53 -56.83
C LYS C 545 40.63 -9.13 -57.27
N GLU C 546 40.51 -8.89 -58.58
CA GLU C 546 39.98 -7.62 -59.03
C GLU C 546 38.50 -7.49 -58.73
N THR C 547 37.77 -8.61 -58.71
CA THR C 547 36.37 -8.58 -58.32
C THR C 547 36.20 -8.33 -56.82
N VAL C 548 36.99 -9.03 -56.01
CA VAL C 548 36.84 -8.96 -54.55
C VAL C 548 37.22 -7.57 -54.05
N ALA C 549 38.26 -6.98 -54.64
CA ALA C 549 38.62 -5.61 -54.31
C ALA C 549 37.56 -4.63 -54.81
N TYR C 550 36.83 -4.98 -55.87
CA TYR C 550 35.79 -4.09 -56.34
C TYR C 550 34.53 -4.20 -55.48
N VAL C 551 34.31 -5.36 -54.86
CA VAL C 551 33.12 -5.52 -54.01
C VAL C 551 33.30 -4.76 -52.71
N GLU C 552 34.50 -4.80 -52.12
CA GLU C 552 34.73 -4.05 -50.88
C GLU C 552 34.78 -2.54 -51.13
N ALA C 553 35.09 -2.12 -52.36
CA ALA C 553 35.10 -0.68 -52.69
C ALA C 553 33.68 -0.20 -52.97
N LYS C 554 33.06 -0.75 -54.01
CA LYS C 554 31.65 -0.49 -54.27
C LYS C 554 30.85 -1.56 -53.55
N THR C 555 30.30 -1.19 -52.40
CA THR C 555 29.90 -2.12 -51.33
C THR C 555 28.84 -3.12 -51.73
N HIS C 556 27.65 -2.63 -52.03
CA HIS C 556 26.54 -3.53 -52.31
C HIS C 556 26.07 -3.44 -53.75
N ASN C 557 26.65 -2.53 -54.52
CA ASN C 557 26.12 -2.25 -55.84
C ASN C 557 27.24 -2.36 -56.87
N ALA C 558 28.02 -3.43 -56.73
CA ALA C 558 29.07 -3.74 -57.68
C ALA C 558 28.49 -4.02 -59.06
N MET C 559 29.11 -3.44 -60.07
CA MET C 559 28.63 -3.52 -61.44
C MET C 559 29.24 -4.74 -62.12
N ASN C 560 28.39 -5.48 -62.85
CA ASN C 560 28.79 -6.60 -63.71
C ASN C 560 29.51 -7.70 -62.92
N VAL C 561 28.87 -8.18 -61.86
CA VAL C 561 29.44 -9.19 -61.00
C VAL C 561 28.53 -10.42 -61.01
N ASP C 562 29.06 -11.55 -61.47
CA ASP C 562 28.31 -12.79 -61.53
C ASP C 562 28.30 -13.56 -60.23
N ALA C 563 28.98 -13.08 -59.19
CA ALA C 563 29.13 -13.86 -57.97
C ALA C 563 28.33 -13.26 -56.83
N VAL C 564 27.63 -14.11 -56.08
CA VAL C 564 26.97 -13.66 -54.87
C VAL C 564 28.01 -13.53 -53.77
N TYR C 565 27.85 -12.51 -52.92
CA TYR C 565 28.79 -12.32 -51.83
C TYR C 565 28.03 -12.07 -50.53
N GLN C 566 28.78 -11.97 -49.43
CA GLN C 566 28.20 -11.62 -48.14
C GLN C 566 27.61 -10.22 -48.16
N GLU C 567 28.20 -9.33 -48.96
CA GLU C 567 27.69 -7.98 -49.06
C GLU C 567 26.36 -7.93 -49.80
N HIS C 568 26.13 -8.89 -50.71
CA HIS C 568 24.81 -9.00 -51.32
C HIS C 568 23.78 -9.55 -50.34
N VAL C 569 24.18 -10.53 -49.52
CA VAL C 569 23.26 -11.10 -48.55
C VAL C 569 22.94 -10.11 -47.45
N SER C 570 23.92 -9.31 -47.03
CA SER C 570 23.67 -8.29 -46.02
C SER C 570 22.81 -7.17 -46.57
N TYR C 571 22.94 -6.85 -47.87
CA TYR C 571 22.12 -5.81 -48.50
C TYR C 571 20.64 -6.13 -48.43
N ILE C 572 20.30 -7.39 -48.64
CA ILE C 572 18.91 -7.80 -48.59
C ILE C 572 18.44 -7.86 -47.16
N TYR C 573 19.32 -8.30 -46.27
CA TYR C 573 18.99 -8.27 -44.85
C TYR C 573 18.79 -6.84 -44.36
N LEU C 574 19.65 -5.91 -44.79
CA LEU C 574 19.50 -4.53 -44.34
C LEU C 574 18.29 -3.83 -44.95
N ARG C 575 17.84 -4.29 -46.14
CA ARG C 575 16.68 -3.65 -46.74
C ARG C 575 15.39 -4.08 -46.08
N ASP C 576 15.22 -5.39 -45.86
CA ASP C 576 13.96 -5.89 -45.31
C ASP C 576 13.86 -5.67 -43.81
N SER C 577 14.99 -5.48 -43.12
CA SER C 577 14.93 -5.17 -41.70
C SER C 577 14.55 -3.72 -41.46
N GLY C 578 14.80 -2.84 -42.42
CA GLY C 578 14.31 -1.48 -42.30
C GLY C 578 15.31 -0.47 -41.78
N MET C 579 16.49 -0.41 -42.38
CA MET C 579 17.40 0.70 -42.18
C MET C 579 17.21 1.68 -43.34
N PRO C 580 17.11 2.98 -43.06
CA PRO C 580 16.81 3.95 -44.11
C PRO C 580 17.92 4.06 -45.16
N LEU C 581 17.50 4.40 -46.37
CA LEU C 581 18.20 4.07 -47.61
C LEU C 581 19.50 4.84 -47.82
N GLY C 582 19.79 5.85 -47.01
CA GLY C 582 20.97 6.66 -47.29
C GLY C 582 21.90 6.88 -46.11
N SER C 583 22.11 5.85 -45.29
CA SER C 583 22.89 6.07 -44.09
C SER C 583 23.57 4.80 -43.62
N LEU C 584 24.90 4.87 -43.52
CA LEU C 584 25.74 4.09 -42.61
C LEU C 584 25.94 2.62 -42.98
N SER C 585 25.14 2.08 -43.88
CA SER C 585 25.33 0.68 -44.26
C SER C 585 25.42 0.52 -45.76
N PHE C 586 24.76 1.41 -46.49
CA PHE C 586 24.87 1.38 -47.94
C PHE C 586 26.20 1.97 -48.38
N GLU C 587 26.76 2.84 -47.57
CA GLU C 587 28.18 3.20 -47.64
C GLU C 587 28.95 2.42 -46.57
N SER C 588 29.05 1.11 -46.78
CA SER C 588 29.60 0.20 -45.80
C SER C 588 31.10 0.42 -45.58
N SER C 589 31.50 0.37 -44.31
CA SER C 589 32.91 0.40 -43.87
C SER C 589 33.65 1.68 -44.29
N LYS C 590 32.90 2.74 -44.55
CA LYS C 590 33.51 4.01 -44.97
C LYS C 590 33.01 5.14 -44.08
N GLY C 591 31.75 5.07 -43.67
CA GLY C 591 31.19 6.08 -42.80
C GLY C 591 31.47 5.88 -41.33
N ALA C 592 31.88 4.67 -40.93
CA ALA C 592 32.18 4.42 -39.53
C ALA C 592 33.42 5.16 -39.07
N LEU C 593 34.38 5.36 -39.98
CA LEU C 593 35.56 6.16 -39.64
C LEU C 593 35.22 7.63 -39.55
N LYS C 594 34.31 8.11 -40.40
CA LYS C 594 33.99 9.53 -40.46
C LYS C 594 32.98 9.96 -39.41
N LEU C 595 32.56 9.03 -38.54
CA LEU C 595 31.54 9.34 -37.55
C LEU C 595 32.05 10.29 -36.49
N TYR C 596 33.26 10.05 -35.97
CA TYR C 596 33.80 10.88 -34.89
C TYR C 596 34.09 12.29 -35.37
N ASN C 597 34.48 12.45 -36.63
CA ASN C 597 34.66 13.78 -37.19
C ASN C 597 33.33 14.48 -37.39
N SER C 598 32.29 13.72 -37.73
CA SER C 598 30.99 14.33 -38.04
C SER C 598 30.24 14.72 -36.78
N LEU C 599 30.44 13.94 -35.72
CA LEU C 599 29.81 14.15 -34.42
C LEU C 599 30.22 15.46 -33.75
N SER C 600 31.50 15.82 -33.89
CA SER C 600 32.03 17.01 -33.26
C SER C 600 31.35 18.31 -33.68
N LYS C 601 31.07 18.46 -34.97
CA LYS C 601 30.40 19.69 -35.41
C LYS C 601 29.02 19.77 -34.76
N SER C 602 28.30 18.65 -34.78
CA SER C 602 27.00 18.55 -34.15
C SER C 602 27.13 18.67 -32.64
N ILE C 603 28.18 18.03 -32.12
CA ILE C 603 28.48 18.00 -30.70
C ILE C 603 29.93 18.38 -30.41
N ILE C 604 30.15 19.60 -29.92
CA ILE C 604 31.52 20.07 -29.72
C ILE C 604 32.12 19.39 -28.49
N GLY C 605 31.55 19.64 -27.32
CA GLY C 605 32.18 19.27 -26.06
C GLY C 605 32.20 17.78 -25.80
N ASN C 606 32.92 17.42 -24.74
CA ASN C 606 32.86 16.10 -24.10
C ASN C 606 33.34 15.00 -25.06
N GLU C 607 34.60 15.15 -25.49
CA GLU C 607 35.12 14.37 -26.61
C GLU C 607 35.37 12.91 -26.26
N ASP C 608 35.54 12.60 -24.97
CA ASP C 608 35.92 11.25 -24.58
C ASP C 608 34.77 10.27 -24.74
N ILE C 609 33.54 10.70 -24.48
CA ILE C 609 32.37 9.84 -24.59
C ILE C 609 32.04 9.57 -26.06
N ILE C 610 32.32 10.54 -26.93
CA ILE C 610 31.98 10.44 -28.35
C ILE C 610 32.82 9.37 -29.05
N LYS C 611 34.05 9.14 -28.56
CA LYS C 611 34.86 8.03 -29.05
C LYS C 611 34.21 6.69 -28.76
N SER C 612 33.55 6.57 -27.60
CA SER C 612 32.86 5.32 -27.27
C SER C 612 31.61 5.14 -28.12
N LEU C 613 30.93 6.23 -28.45
CA LEU C 613 29.80 6.15 -29.37
C LEU C 613 30.25 5.80 -30.78
N SER C 614 31.42 6.31 -31.19
CA SER C 614 31.95 5.97 -32.50
C SER C 614 32.39 4.51 -32.56
N ASP C 615 33.03 4.02 -31.51
CA ASP C 615 33.54 2.65 -31.51
C ASP C 615 32.43 1.62 -31.43
N ALA C 616 31.27 1.99 -30.85
CA ALA C 616 30.15 1.07 -30.80
C ALA C 616 29.57 0.84 -32.20
N VAL C 617 29.57 1.87 -33.03
CA VAL C 617 29.14 1.71 -34.41
C VAL C 617 30.18 0.93 -35.20
N VAL C 618 31.46 1.06 -34.82
CA VAL C 618 32.53 0.28 -35.43
C VAL C 618 32.34 -1.21 -35.14
N LYS C 619 31.77 -1.54 -33.98
CA LYS C 619 31.33 -2.92 -33.75
C LYS C 619 30.18 -3.30 -34.68
N ALA C 620 29.30 -2.34 -35.00
CA ALA C 620 28.14 -2.66 -35.82
C ALA C 620 28.49 -2.75 -37.31
N ALA C 621 29.27 -1.78 -37.81
CA ALA C 621 29.52 -1.71 -39.24
C ALA C 621 30.43 -2.83 -39.73
N THR C 622 31.32 -3.33 -38.88
CA THR C 622 32.18 -4.45 -39.23
C THR C 622 31.47 -5.79 -39.13
N GLY C 623 30.36 -5.86 -38.42
CA GLY C 623 29.77 -7.14 -38.12
C GLY C 623 30.37 -7.87 -36.94
N MET C 624 31.50 -7.40 -36.41
CA MET C 624 32.09 -7.99 -35.23
C MET C 624 31.46 -7.39 -33.99
N LYS C 625 30.67 -8.20 -33.29
CA LYS C 625 30.02 -7.80 -32.05
C LYS C 625 29.58 -9.07 -31.35
N ASP C 626 29.17 -8.93 -30.12
CA ASP C 626 28.53 -10.02 -29.42
C ASP C 626 27.12 -10.18 -29.97
N PRO C 627 26.74 -11.37 -30.43
CA PRO C 627 25.31 -11.63 -30.66
C PRO C 627 24.57 -11.68 -29.32
N GLU C 628 23.26 -11.45 -29.40
CA GLU C 628 22.32 -11.31 -28.25
C GLU C 628 22.85 -10.40 -27.13
N LYS C 629 23.64 -9.41 -27.49
CA LYS C 629 24.04 -8.34 -26.58
C LYS C 629 23.81 -7.03 -27.32
N PRO C 630 23.05 -6.09 -26.76
CA PRO C 630 22.77 -4.85 -27.48
C PRO C 630 24.00 -3.97 -27.56
N ILE C 631 24.15 -3.33 -28.70
CA ILE C 631 25.29 -2.47 -28.96
C ILE C 631 25.18 -1.20 -28.13
N GLY C 632 26.24 -0.86 -27.41
CA GLY C 632 26.38 0.46 -26.82
C GLY C 632 25.40 0.83 -25.74
N THR C 633 25.35 0.06 -24.66
CA THR C 633 24.42 0.35 -23.58
C THR C 633 24.94 1.49 -22.71
N PHE C 634 24.92 2.70 -23.22
CA PHE C 634 25.57 3.81 -22.53
C PHE C 634 24.64 4.42 -21.48
N LEU C 635 25.26 4.91 -20.42
CA LEU C 635 24.58 5.70 -19.40
C LEU C 635 25.20 7.10 -19.41
N PHE C 636 24.36 8.11 -19.43
CA PHE C 636 24.80 9.50 -19.56
C PHE C 636 24.44 10.25 -18.28
N LEU C 637 25.38 10.31 -17.35
CA LEU C 637 25.16 11.07 -16.12
C LEU C 637 25.60 12.50 -16.30
N GLY C 638 25.05 13.37 -15.45
CA GLY C 638 25.51 14.74 -15.41
C GLY C 638 24.46 15.70 -14.90
N PRO C 639 24.90 16.96 -14.66
CA PRO C 639 24.07 18.10 -14.24
C PRO C 639 23.26 18.55 -15.46
N THR C 640 22.15 19.24 -15.24
CA THR C 640 21.28 19.68 -16.34
C THR C 640 21.89 20.68 -17.33
N GLY C 641 21.54 20.50 -18.61
CA GLY C 641 21.97 21.33 -19.70
C GLY C 641 23.40 21.19 -20.20
N VAL C 642 24.01 20.02 -20.03
CA VAL C 642 25.35 19.79 -20.54
C VAL C 642 25.20 19.04 -21.85
N GLY C 643 23.97 18.87 -22.31
CA GLY C 643 23.72 18.21 -23.58
C GLY C 643 23.71 16.70 -23.52
N LYS C 644 23.09 16.11 -22.50
CA LYS C 644 23.09 14.66 -22.37
C LYS C 644 22.20 14.01 -23.43
N THR C 645 21.03 14.59 -23.70
CA THR C 645 20.19 14.03 -24.75
C THR C 645 20.53 14.55 -26.15
N GLU C 646 21.34 15.60 -26.21
CA GLU C 646 21.79 16.14 -27.48
C GLU C 646 22.63 15.09 -28.19
N LEU C 647 23.46 14.37 -27.42
CA LEU C 647 24.30 13.33 -27.99
C LEU C 647 23.42 12.33 -28.71
N ALA C 648 22.18 12.19 -28.25
CA ALA C 648 21.24 11.21 -28.77
C ALA C 648 20.32 11.75 -29.86
N LYS C 649 19.85 12.99 -29.74
CA LYS C 649 19.04 13.60 -30.79
C LYS C 649 19.84 13.73 -32.08
N THR C 650 21.09 14.18 -31.96
CA THR C 650 21.94 14.33 -33.13
C THR C 650 22.41 12.99 -33.67
N LEU C 651 22.34 11.92 -32.85
CA LEU C 651 22.84 10.63 -33.29
C LEU C 651 21.94 10.00 -34.34
N ALA C 652 20.62 10.07 -34.14
CA ALA C 652 19.67 9.55 -35.12
C ALA C 652 19.71 10.34 -36.41
N ILE C 653 19.96 11.65 -36.31
CA ILE C 653 20.20 12.46 -37.50
C ILE C 653 21.52 12.04 -38.15
N GLU C 654 22.48 11.59 -37.36
CA GLU C 654 23.78 11.28 -37.92
C GLU C 654 23.89 9.83 -38.42
N LEU C 655 23.54 8.86 -37.57
CA LEU C 655 23.70 7.47 -37.99
C LEU C 655 22.62 7.04 -38.99
N PHE C 656 21.47 7.67 -38.96
CA PHE C 656 20.34 7.18 -39.73
C PHE C 656 19.69 8.21 -40.64
N ASN C 657 19.98 9.50 -40.47
CA ASN C 657 19.40 10.60 -41.26
C ASN C 657 17.88 10.59 -41.18
N SER C 658 17.34 10.26 -40.01
CA SER C 658 15.90 10.16 -39.82
C SER C 658 15.59 10.42 -38.35
N LYS C 659 14.69 11.37 -38.10
CA LYS C 659 14.29 11.68 -36.74
C LYS C 659 13.45 10.55 -36.14
N ASP C 660 12.73 9.80 -36.98
CA ASP C 660 11.81 8.78 -36.48
C ASP C 660 12.54 7.57 -35.92
N ASN C 661 13.80 7.36 -36.31
CA ASN C 661 14.54 6.23 -35.74
C ASN C 661 14.95 6.45 -34.30
N LEU C 662 14.88 7.69 -33.82
CA LEU C 662 15.09 7.95 -32.40
C LEU C 662 13.83 7.54 -31.68
N ILE C 663 13.79 6.30 -31.22
CA ILE C 663 12.62 5.87 -30.47
C ILE C 663 12.79 6.38 -29.05
N ARG C 664 12.35 7.60 -28.81
CA ARG C 664 12.36 8.16 -27.47
C ARG C 664 11.19 7.65 -26.66
N VAL C 665 11.47 7.18 -25.46
CA VAL C 665 10.42 6.94 -24.48
C VAL C 665 10.68 7.85 -23.29
N ASN C 666 9.61 8.44 -22.76
CA ASN C 666 9.71 9.36 -21.64
C ASN C 666 9.77 8.50 -20.38
N MET C 667 10.98 8.27 -19.87
CA MET C 667 11.14 7.48 -18.66
C MET C 667 10.61 8.22 -17.44
N SER C 668 10.52 9.55 -17.52
CA SER C 668 9.92 10.34 -16.44
C SER C 668 8.43 10.09 -16.28
N GLU C 669 7.78 9.47 -17.28
CA GLU C 669 6.40 9.04 -17.11
C GLU C 669 6.27 7.90 -16.12
N PHE C 670 7.32 7.10 -15.95
CA PHE C 670 7.20 5.87 -15.18
C PHE C 670 7.51 6.08 -13.71
N THR C 671 6.86 7.07 -13.09
CA THR C 671 7.02 7.27 -11.66
C THR C 671 6.23 6.24 -10.88
N GLU C 672 5.13 5.76 -11.44
CA GLU C 672 4.33 4.76 -10.77
C GLU C 672 4.92 3.37 -10.95
N ALA C 673 4.74 2.53 -9.93
CA ALA C 673 5.18 1.15 -10.00
C ALA C 673 4.36 0.33 -10.97
N HIS C 674 3.08 0.68 -11.12
CA HIS C 674 2.16 -0.07 -11.95
C HIS C 674 2.20 0.33 -13.41
N SER C 675 3.05 1.29 -13.77
CA SER C 675 3.21 1.71 -15.16
C SER C 675 4.16 0.84 -15.95
N VAL C 676 4.64 -0.26 -15.36
CA VAL C 676 5.56 -1.19 -16.02
C VAL C 676 4.95 -1.79 -17.27
N SER C 677 3.63 -2.02 -17.27
CA SER C 677 2.94 -2.64 -18.40
C SER C 677 2.90 -1.76 -19.64
N LYS C 678 3.40 -0.51 -19.58
CA LYS C 678 3.58 0.25 -20.81
C LYS C 678 4.76 -0.28 -21.62
N ILE C 679 5.67 -0.99 -20.99
CA ILE C 679 6.83 -1.54 -21.70
C ILE C 679 6.46 -2.80 -22.46
N THR C 680 6.02 -3.83 -21.74
CA THR C 680 5.78 -5.13 -22.35
C THR C 680 4.34 -5.31 -22.83
N GLY C 681 3.41 -4.49 -22.36
CA GLY C 681 2.01 -4.65 -22.71
C GLY C 681 1.21 -5.35 -21.63
N SER C 682 -0.08 -5.48 -21.90
CA SER C 682 -0.98 -6.06 -20.92
C SER C 682 -1.05 -7.57 -21.10
N PRO C 683 -1.00 -8.34 -20.01
CA PRO C 683 -1.06 -9.79 -20.14
C PRO C 683 -2.44 -10.24 -20.56
N PRO C 684 -2.58 -11.48 -21.09
CA PRO C 684 -3.88 -11.90 -21.64
C PRO C 684 -4.97 -11.99 -20.58
N GLY C 685 -6.18 -11.62 -20.98
CA GLY C 685 -7.26 -11.41 -20.05
C GLY C 685 -7.39 -10.00 -19.54
N TYR C 686 -6.72 -9.04 -20.16
CA TYR C 686 -6.84 -7.65 -19.77
C TYR C 686 -6.95 -6.77 -21.02
N VAL C 687 -7.32 -5.51 -20.78
CA VAL C 687 -7.62 -4.59 -21.85
C VAL C 687 -6.35 -4.21 -22.60
N GLY C 688 -6.40 -4.28 -23.92
CA GLY C 688 -5.26 -3.91 -24.73
C GLY C 688 -4.30 -5.03 -25.03
N PHE C 689 -4.76 -6.29 -24.98
CA PHE C 689 -3.87 -7.41 -25.29
C PHE C 689 -3.58 -7.50 -26.77
N SER C 690 -4.51 -7.04 -27.61
CA SER C 690 -4.36 -7.20 -29.06
C SER C 690 -3.20 -6.38 -29.60
N ASP C 691 -2.94 -5.21 -29.01
CA ASP C 691 -1.68 -4.53 -29.24
C ASP C 691 -0.66 -5.01 -28.23
N SER C 692 0.60 -4.92 -28.60
CA SER C 692 1.69 -5.29 -27.71
C SER C 692 2.09 -4.07 -26.88
N GLY C 693 3.25 -4.16 -26.22
CA GLY C 693 3.79 -3.04 -25.47
C GLY C 693 4.14 -1.85 -26.34
N GLN C 694 3.91 -0.65 -25.81
CA GLN C 694 4.01 0.57 -26.60
C GLN C 694 5.45 0.86 -27.00
N LEU C 695 6.41 0.47 -26.15
CA LEU C 695 7.80 0.56 -26.52
C LEU C 695 8.20 -0.53 -27.51
N THR C 696 7.70 -1.75 -27.29
CA THR C 696 8.14 -2.89 -28.08
C THR C 696 7.48 -2.94 -29.45
N GLU C 697 6.30 -2.34 -29.60
CA GLU C 697 5.65 -2.34 -30.90
C GLU C 697 6.37 -1.46 -31.91
N ALA C 698 7.12 -0.46 -31.43
CA ALA C 698 7.89 0.37 -32.34
C ALA C 698 9.18 -0.32 -32.77
N VAL C 699 9.72 -1.19 -31.91
CA VAL C 699 10.99 -1.83 -32.22
C VAL C 699 10.80 -2.92 -33.28
N ARG C 700 9.63 -3.57 -33.30
CA ARG C 700 9.29 -4.46 -34.41
C ARG C 700 9.20 -3.69 -35.72
N GLU C 701 8.70 -2.45 -35.66
CA GLU C 701 8.65 -1.62 -36.85
C GLU C 701 10.04 -1.10 -37.22
N LYS C 702 10.87 -0.78 -36.23
CA LYS C 702 12.19 -0.20 -36.46
C LYS C 702 13.25 -0.95 -35.66
N PRO C 703 13.72 -2.10 -36.15
CA PRO C 703 14.75 -2.83 -35.40
C PRO C 703 16.13 -2.17 -35.44
N HIS C 704 16.38 -1.28 -36.40
CA HIS C 704 17.64 -0.53 -36.45
C HIS C 704 17.34 0.88 -35.98
N SER C 705 17.53 1.11 -34.68
CA SER C 705 17.08 2.35 -34.08
C SER C 705 17.92 2.63 -32.84
N VAL C 706 18.04 3.91 -32.51
CA VAL C 706 18.78 4.34 -31.33
C VAL C 706 17.76 4.64 -30.22
N VAL C 707 17.66 3.72 -29.27
CA VAL C 707 16.60 3.81 -28.27
C VAL C 707 17.00 4.75 -27.15
N LEU C 708 16.08 5.62 -26.75
CA LEU C 708 16.27 6.50 -25.63
C LEU C 708 15.60 5.97 -24.37
N PHE C 709 16.10 6.47 -23.24
CA PHE C 709 15.44 6.40 -21.94
C PHE C 709 15.81 7.73 -21.29
N ASP C 710 14.83 8.65 -21.26
CA ASP C 710 15.11 10.07 -21.10
C ASP C 710 15.62 10.42 -19.72
N GLU C 711 15.03 9.84 -18.68
CA GLU C 711 15.47 10.18 -17.34
C GLU C 711 15.22 8.96 -16.45
N LEU C 712 16.24 8.14 -16.28
CA LEU C 712 16.20 7.06 -15.30
C LEU C 712 16.34 7.58 -13.89
N GLU C 713 16.72 8.85 -13.70
CA GLU C 713 16.71 9.44 -12.37
C GLU C 713 15.32 9.46 -11.77
N LYS C 714 14.31 9.74 -12.58
CA LYS C 714 12.97 9.94 -12.10
C LYS C 714 12.12 8.84 -12.73
N ALA C 715 12.15 7.68 -12.09
CA ALA C 715 11.50 6.46 -12.56
C ALA C 715 11.45 5.49 -11.39
N HIS C 716 10.44 4.64 -11.40
CA HIS C 716 10.28 3.68 -10.30
C HIS C 716 11.17 2.46 -10.52
N ALA C 717 11.54 1.81 -9.41
CA ALA C 717 12.51 0.73 -9.44
C ALA C 717 11.97 -0.52 -10.15
N ASP C 718 10.66 -0.67 -10.25
CA ASP C 718 10.09 -1.83 -10.93
C ASP C 718 10.27 -1.73 -12.44
N VAL C 719 10.39 -0.52 -12.98
CA VAL C 719 10.70 -0.37 -14.39
C VAL C 719 12.11 -0.83 -14.68
N PHE C 720 13.03 -0.61 -13.73
CA PHE C 720 14.39 -1.10 -13.85
C PHE C 720 14.47 -2.61 -13.87
N LYS C 721 13.51 -3.30 -13.25
CA LYS C 721 13.52 -4.75 -13.27
C LYS C 721 13.30 -5.28 -14.68
N VAL C 722 12.35 -4.68 -15.41
CA VAL C 722 12.14 -5.05 -16.81
C VAL C 722 13.20 -4.72 -17.85
N LEU C 723 13.81 -3.56 -17.76
CA LEU C 723 14.89 -3.22 -18.67
C LEU C 723 16.13 -4.11 -18.41
N LEU C 724 16.24 -4.60 -17.18
CA LEU C 724 17.42 -5.32 -16.77
C LEU C 724 17.57 -6.40 -17.80
N GLN C 725 16.44 -6.84 -18.32
CA GLN C 725 16.49 -7.88 -19.34
C GLN C 725 17.15 -7.38 -20.62
N ILE C 726 16.85 -6.14 -21.01
CA ILE C 726 17.19 -5.67 -22.34
C ILE C 726 18.68 -5.35 -22.46
N LEU C 727 19.36 -5.17 -21.32
CA LEU C 727 20.77 -4.77 -21.39
C LEU C 727 21.67 -6.00 -21.47
N GLY C 728 21.28 -7.10 -20.85
CA GLY C 728 22.10 -8.28 -20.90
C GLY C 728 21.79 -9.16 -22.11
N ASP C 729 20.53 -9.15 -22.52
CA ASP C 729 20.07 -9.95 -23.64
C ASP C 729 19.18 -9.07 -24.50
N GLY C 730 19.05 -9.42 -25.77
CA GLY C 730 18.02 -8.74 -26.52
C GLY C 730 16.65 -9.32 -26.33
N TYR C 731 16.54 -10.45 -25.64
CA TYR C 731 15.33 -11.28 -25.64
C TYR C 731 14.37 -10.82 -24.55
N ILE C 732 13.85 -9.59 -24.71
CA ILE C 732 12.71 -9.20 -23.91
C ILE C 732 11.46 -9.78 -24.57
N ASN C 733 10.49 -10.16 -23.75
CA ASN C 733 9.32 -10.86 -24.23
C ASN C 733 8.10 -9.95 -24.15
N ASP C 734 7.08 -10.32 -24.89
CA ASP C 734 5.89 -9.51 -25.08
C ASP C 734 4.68 -10.22 -24.51
N ASN C 735 3.53 -9.65 -24.84
CA ASN C 735 2.25 -10.27 -24.52
C ASN C 735 2.08 -11.59 -25.23
N HIS C 736 2.66 -11.73 -26.42
CA HIS C 736 2.58 -12.97 -27.17
C HIS C 736 3.89 -13.75 -27.14
N ARG C 737 4.85 -13.31 -26.33
CA ARG C 737 6.16 -13.95 -26.13
C ARG C 737 6.91 -14.05 -27.48
N ARG C 738 6.72 -13.07 -28.33
CA ARG C 738 7.54 -12.98 -29.51
C ARG C 738 8.86 -12.32 -29.15
N ASN C 739 9.96 -12.92 -29.59
CA ASN C 739 11.26 -12.38 -29.30
C ASN C 739 11.49 -11.12 -30.12
N ILE C 740 12.18 -10.16 -29.52
CA ILE C 740 12.41 -8.87 -30.15
C ILE C 740 13.91 -8.71 -30.31
N ASP C 741 14.32 -8.14 -31.44
CA ASP C 741 15.73 -8.02 -31.78
C ASP C 741 16.23 -6.67 -31.30
N PHE C 742 16.84 -6.66 -30.11
CA PHE C 742 17.57 -5.49 -29.65
C PHE C 742 19.06 -5.60 -29.92
N SER C 743 19.45 -6.55 -30.77
CA SER C 743 20.69 -6.38 -31.49
C SER C 743 20.53 -5.23 -32.48
N ASN C 744 21.65 -4.59 -32.80
CA ASN C 744 21.72 -3.41 -33.67
C ASN C 744 20.87 -2.26 -33.14
N THR C 745 20.82 -2.11 -31.81
CA THR C 745 20.08 -1.05 -31.16
C THR C 745 20.98 -0.38 -30.15
N ILE C 746 21.35 0.88 -30.40
CA ILE C 746 22.14 1.60 -29.42
C ILE C 746 21.23 2.07 -28.29
N ILE C 747 21.60 1.72 -27.06
CA ILE C 747 20.78 2.04 -25.90
C ILE C 747 21.41 3.22 -25.17
N ILE C 748 20.93 4.43 -25.46
CA ILE C 748 21.33 5.61 -24.72
C ILE C 748 20.38 5.84 -23.57
N MET C 749 20.94 5.99 -22.37
CA MET C 749 20.14 6.16 -21.16
C MET C 749 20.65 7.42 -20.46
N THR C 750 19.99 8.55 -20.72
CA THR C 750 20.30 9.75 -19.95
C THR C 750 19.58 9.70 -18.61
N SER C 751 20.29 10.11 -17.56
CA SER C 751 19.74 10.20 -16.21
C SER C 751 20.65 11.13 -15.42
N ASN C 752 20.11 11.68 -14.33
CA ASN C 752 20.80 12.80 -13.71
C ASN C 752 21.71 12.40 -12.55
N LEU C 753 21.14 11.87 -11.45
CA LEU C 753 21.86 11.51 -10.21
C LEU C 753 22.71 12.66 -9.67
N GLY C 754 22.27 13.90 -9.88
CA GLY C 754 22.98 15.06 -9.42
C GLY C 754 22.17 15.89 -8.45
N ALA C 755 22.18 17.22 -8.65
CA ALA C 755 21.43 18.28 -7.95
C ALA C 755 21.91 18.52 -6.51
N GLU C 756 22.72 17.59 -6.00
CA GLU C 756 23.74 17.79 -5.00
C GLU C 756 24.95 17.07 -5.58
N LEU C 757 26.00 16.89 -4.78
CA LEU C 757 27.10 15.93 -5.00
C LEU C 757 28.04 16.31 -6.14
N PHE C 758 27.64 17.29 -6.95
CA PHE C 758 28.53 17.86 -7.94
C PHE C 758 28.77 19.31 -7.56
N LYS C 759 30.00 19.59 -7.10
CA LYS C 759 30.21 20.66 -6.13
C LYS C 759 30.07 22.05 -6.74
N LYS C 760 29.37 22.91 -6.02
CA LYS C 760 29.08 24.27 -6.46
C LYS C 760 30.32 25.16 -6.61
N LYS C 761 31.39 24.87 -5.90
CA LYS C 761 32.55 25.71 -6.09
C LYS C 761 33.83 25.07 -6.66
N LEU C 762 33.86 23.75 -6.72
CA LEU C 762 35.03 23.05 -7.25
C LEU C 762 34.85 22.46 -8.65
N PHE C 763 33.70 22.74 -9.25
CA PHE C 763 33.36 22.22 -10.57
C PHE C 763 32.72 23.27 -11.46
N PHE C 764 31.72 23.99 -10.95
CA PHE C 764 30.99 24.95 -11.77
C PHE C 764 31.81 26.21 -12.01
N ASP C 765 32.30 26.80 -10.92
CA ASP C 765 32.95 28.11 -11.04
C ASP C 765 34.41 27.99 -11.48
N ALA C 766 35.05 26.87 -11.18
CA ALA C 766 36.46 26.70 -11.46
C ALA C 766 36.74 26.04 -12.80
N ASP C 767 35.72 25.82 -13.64
CA ASP C 767 35.93 25.04 -14.85
C ASP C 767 36.66 25.81 -15.94
N ASN C 768 36.64 27.15 -15.88
CA ASN C 768 37.27 27.96 -16.93
C ASN C 768 38.79 27.84 -16.89
N SER C 769 39.38 27.68 -15.70
CA SER C 769 40.84 27.69 -15.56
C SER C 769 41.36 26.29 -15.86
N GLY C 770 41.86 26.11 -17.09
CA GLY C 770 42.32 24.82 -17.58
C GLY C 770 43.55 24.28 -16.87
N THR C 771 43.34 23.25 -16.05
CA THR C 771 44.38 22.71 -15.18
C THR C 771 44.44 21.20 -15.31
N PRO C 772 45.55 20.58 -14.91
CA PRO C 772 45.50 19.15 -14.58
C PRO C 772 44.83 18.86 -13.25
N GLU C 773 44.49 19.89 -12.48
CA GLU C 773 43.70 19.74 -11.26
C GLU C 773 42.25 19.32 -11.56
N TYR C 774 41.79 19.52 -12.81
CA TYR C 774 40.60 18.83 -13.30
C TYR C 774 40.69 17.34 -13.10
N LYS C 775 41.88 16.77 -13.33
CA LYS C 775 42.04 15.33 -13.37
C LYS C 775 42.13 14.52 -12.08
N ARG C 776 42.03 15.17 -10.92
CA ARG C 776 41.79 14.47 -9.67
C ARG C 776 40.43 14.78 -8.91
N VAL C 777 39.64 15.59 -9.62
CA VAL C 777 38.39 16.10 -9.11
C VAL C 777 37.30 15.48 -9.97
N MET C 778 37.51 15.38 -11.28
CA MET C 778 36.49 14.76 -12.14
C MET C 778 36.45 13.27 -11.92
N GLU C 779 37.62 12.65 -11.79
CA GLU C 779 37.70 11.23 -11.51
C GLU C 779 37.29 10.93 -10.07
N ASP C 780 37.47 11.89 -9.17
CA ASP C 780 37.02 11.71 -7.79
C ASP C 780 35.50 11.69 -7.71
N VAL C 781 34.84 12.65 -8.35
CA VAL C 781 33.39 12.74 -8.24
C VAL C 781 32.72 11.64 -9.06
N ARG C 782 33.43 11.09 -10.05
CA ARG C 782 32.85 10.01 -10.85
C ARG C 782 32.73 8.73 -10.05
N LEU C 783 33.71 8.45 -9.17
CA LEU C 783 33.72 7.22 -8.40
C LEU C 783 32.58 7.17 -7.39
N SER C 784 32.09 8.34 -6.95
CA SER C 784 30.90 8.36 -6.12
C SER C 784 29.65 8.13 -6.95
N LEU C 785 29.65 8.56 -8.21
CA LEU C 785 28.48 8.41 -9.07
C LEU C 785 28.21 6.96 -9.43
N ILE C 786 29.26 6.18 -9.70
CA ILE C 786 29.07 4.74 -9.88
C ILE C 786 28.63 4.10 -8.57
N LYS C 787 29.13 4.61 -7.44
CA LYS C 787 28.66 4.15 -6.14
C LYS C 787 27.21 4.60 -5.89
N LYS C 788 26.84 5.76 -6.44
CA LYS C 788 25.45 6.22 -6.34
C LYS C 788 24.52 5.34 -7.15
N CYS C 789 24.99 4.81 -8.29
CA CYS C 789 24.19 3.88 -9.08
C CYS C 789 23.97 2.56 -8.35
N LYS C 790 24.84 2.21 -7.41
CA LYS C 790 24.61 1.01 -6.63
C LYS C 790 23.48 1.21 -5.62
N LYS C 791 23.19 2.46 -5.26
CA LYS C 791 22.14 2.73 -4.29
C LYS C 791 20.79 3.02 -4.94
N VAL C 792 20.73 3.98 -5.86
CA VAL C 792 19.46 4.33 -6.47
C VAL C 792 19.08 3.30 -7.53
N PHE C 793 20.01 2.94 -8.40
CA PHE C 793 19.73 1.85 -9.33
C PHE C 793 20.15 0.56 -8.64
N LYS C 794 20.25 -0.50 -9.41
CA LYS C 794 20.71 -1.77 -8.86
C LYS C 794 22.16 -1.99 -9.30
N PRO C 795 22.93 -2.80 -8.56
CA PRO C 795 24.31 -3.10 -9.00
C PRO C 795 24.36 -3.92 -10.27
N GLU C 796 23.25 -4.55 -10.64
CA GLU C 796 23.15 -5.24 -11.91
C GLU C 796 23.14 -4.28 -13.09
N PHE C 797 22.87 -3.00 -12.83
CA PHE C 797 23.05 -1.99 -13.86
C PHE C 797 24.48 -1.51 -13.93
N VAL C 798 25.21 -1.61 -12.82
CA VAL C 798 26.55 -1.05 -12.77
C VAL C 798 27.49 -1.86 -13.66
N ASN C 799 27.28 -3.17 -13.78
CA ASN C 799 28.15 -3.98 -14.61
C ASN C 799 27.64 -4.19 -16.03
N ARG C 800 26.32 -4.11 -16.27
CA ARG C 800 25.81 -4.39 -17.63
C ARG C 800 25.89 -3.17 -18.52
N ILE C 801 25.90 -1.96 -17.96
CA ILE C 801 26.11 -0.76 -18.75
C ILE C 801 27.55 -0.72 -19.24
N ASP C 802 27.72 -0.45 -20.54
CA ASP C 802 29.03 -0.55 -21.17
C ASP C 802 29.92 0.62 -20.74
N LYS C 803 29.42 1.85 -20.85
CA LYS C 803 30.25 3.02 -20.59
C LYS C 803 29.49 4.13 -19.91
N ILE C 804 29.78 4.37 -18.64
CA ILE C 804 29.07 5.37 -17.85
C ILE C 804 29.80 6.69 -18.11
N GLY C 805 29.35 7.41 -19.14
CA GLY C 805 29.91 8.71 -19.41
C GLY C 805 29.38 9.76 -18.46
N VAL C 806 30.28 10.66 -18.06
CA VAL C 806 29.94 11.77 -17.17
C VAL C 806 30.39 13.03 -17.87
N PHE C 807 29.43 13.89 -18.23
CA PHE C 807 29.74 15.04 -19.06
C PHE C 807 30.26 16.18 -18.20
N GLU C 808 31.37 16.77 -18.66
CA GLU C 808 32.00 17.91 -18.02
C GLU C 808 31.10 19.15 -18.10
N PRO C 809 31.08 19.98 -17.05
CA PRO C 809 30.30 21.22 -17.13
C PRO C 809 30.96 22.19 -18.10
N LEU C 810 30.15 23.08 -18.66
CA LEU C 810 30.55 23.76 -19.89
C LEU C 810 31.52 24.90 -19.63
N ASN C 811 32.63 24.87 -20.35
CA ASN C 811 33.59 25.96 -20.33
C ASN C 811 33.14 27.06 -21.27
N LYS C 812 33.85 28.17 -21.21
CA LYS C 812 33.59 29.30 -22.11
C LYS C 812 33.87 28.95 -23.56
N LYS C 813 34.96 28.23 -23.80
CA LYS C 813 35.39 27.96 -25.18
C LYS C 813 34.46 26.97 -25.87
N ASN C 814 33.90 26.03 -25.11
CA ASN C 814 32.90 25.15 -25.71
C ASN C 814 31.57 25.86 -25.87
N LEU C 815 31.16 26.65 -24.87
CA LEU C 815 29.90 27.38 -24.94
C LEU C 815 29.95 28.48 -26.00
N HIS C 816 31.15 28.96 -26.33
CA HIS C 816 31.31 29.91 -27.43
C HIS C 816 30.91 29.31 -28.77
N LYS C 817 31.09 27.99 -28.92
CA LYS C 817 30.70 27.33 -30.15
C LYS C 817 29.30 26.73 -30.08
N ILE C 818 28.81 26.45 -28.87
CA ILE C 818 27.42 25.99 -28.71
C ILE C 818 26.44 27.09 -29.06
N VAL C 819 26.75 28.33 -28.65
CA VAL C 819 25.96 29.48 -29.09
C VAL C 819 26.09 29.67 -30.61
N ALA C 820 27.27 29.40 -31.15
CA ALA C 820 27.49 29.51 -32.60
C ALA C 820 26.68 28.47 -33.37
N LEU C 821 26.39 27.35 -32.73
CA LEU C 821 25.53 26.33 -33.32
C LEU C 821 24.08 26.80 -33.49
N ARG C 822 23.59 27.55 -32.50
CA ARG C 822 22.21 28.01 -32.45
C ARG C 822 21.92 28.90 -33.64
N PHE C 823 22.86 29.79 -33.95
CA PHE C 823 22.74 30.64 -35.12
C PHE C 823 22.81 29.84 -36.41
N LYS C 824 23.51 28.71 -36.40
CA LYS C 824 23.45 27.80 -37.54
C LYS C 824 22.09 27.12 -37.59
N LYS C 825 21.49 26.85 -36.42
CA LYS C 825 20.14 26.29 -36.40
C LYS C 825 19.09 27.37 -36.63
N LEU C 826 19.41 28.63 -36.32
CA LEU C 826 18.47 29.72 -36.57
C LEU C 826 18.25 29.94 -38.06
N GLU C 827 19.26 29.66 -38.88
CA GLU C 827 19.10 29.76 -40.33
C GLU C 827 18.10 28.74 -40.85
N LYS C 828 18.03 27.57 -40.23
CA LYS C 828 17.11 26.52 -40.67
C LYS C 828 15.67 26.91 -40.39
N ARG C 829 15.42 27.63 -39.29
CA ARG C 829 14.09 28.14 -39.01
C ARG C 829 13.72 29.30 -39.94
N LEU C 830 14.70 29.92 -40.58
CA LEU C 830 14.46 31.07 -41.42
C LEU C 830 14.64 30.79 -42.89
N GLU C 831 14.73 29.51 -43.29
CA GLU C 831 14.80 29.17 -44.71
C GLU C 831 13.49 29.48 -45.42
N GLU C 832 12.37 29.36 -44.72
CA GLU C 832 11.07 29.67 -45.31
C GLU C 832 10.92 31.17 -45.56
N LYS C 833 11.69 31.99 -44.87
CA LYS C 833 11.64 33.44 -45.04
C LYS C 833 12.89 34.03 -45.68
N ASN C 834 13.92 33.21 -45.92
CA ASN C 834 15.16 33.59 -46.62
C ASN C 834 15.88 34.74 -45.90
N ILE C 835 16.00 34.62 -44.58
CA ILE C 835 16.71 35.61 -43.78
C ILE C 835 17.92 34.90 -43.19
N GLN C 836 19.07 35.09 -43.82
CA GLN C 836 20.30 34.52 -43.28
C GLN C 836 20.77 35.33 -42.08
N VAL C 837 21.24 34.62 -41.05
CA VAL C 837 21.66 35.23 -39.80
C VAL C 837 23.11 34.85 -39.58
N SER C 838 23.92 35.85 -39.21
CA SER C 838 25.32 35.63 -38.90
C SER C 838 25.68 36.51 -37.71
N VAL C 839 26.78 36.17 -37.05
CA VAL C 839 27.14 36.83 -35.80
C VAL C 839 28.66 36.87 -35.70
N SER C 840 29.18 37.98 -35.17
CA SER C 840 30.60 38.10 -34.90
C SER C 840 30.93 37.46 -33.55
N GLU C 841 32.20 37.08 -33.40
CA GLU C 841 32.62 36.37 -32.19
C GLU C 841 32.61 37.28 -30.97
N LYS C 842 32.80 38.59 -31.17
CA LYS C 842 32.63 39.52 -30.07
C LYS C 842 31.17 39.65 -29.65
N ALA C 843 30.26 39.54 -30.61
CA ALA C 843 28.84 39.60 -30.28
C ALA C 843 28.37 38.33 -29.60
N ILE C 844 29.06 37.21 -29.84
CA ILE C 844 28.76 35.98 -29.12
C ILE C 844 29.15 36.13 -27.65
N ASP C 845 30.27 36.82 -27.39
CA ASP C 845 30.81 36.90 -26.03
C ASP C 845 29.93 37.73 -25.11
N TYR C 846 29.29 38.78 -25.64
CA TYR C 846 28.38 39.55 -24.82
C TYR C 846 27.12 38.76 -24.49
N ILE C 847 26.69 37.88 -25.40
CA ILE C 847 25.59 36.97 -25.12
C ILE C 847 25.98 35.99 -24.02
N ILE C 848 27.26 35.58 -23.99
CA ILE C 848 27.73 34.68 -22.96
C ILE C 848 27.84 35.39 -21.63
N ASP C 849 28.43 36.59 -21.62
CA ASP C 849 28.76 37.29 -20.37
C ASP C 849 27.51 37.74 -19.62
N GLN C 850 26.40 37.96 -20.33
CA GLN C 850 25.17 38.35 -19.66
C GLN C 850 24.46 37.18 -18.98
N SER C 851 24.61 35.95 -19.48
CA SER C 851 23.82 34.85 -18.94
C SER C 851 24.59 33.54 -18.81
N TYR C 852 25.80 33.59 -18.26
CA TYR C 852 26.64 32.39 -18.09
C TYR C 852 26.42 31.85 -16.69
N ASP C 853 25.69 30.74 -16.59
CA ASP C 853 25.49 30.02 -15.33
C ASP C 853 25.87 28.57 -15.57
N PRO C 854 27.05 28.14 -15.09
CA PRO C 854 27.43 26.73 -15.21
C PRO C 854 26.51 25.80 -14.46
N GLU C 855 25.88 26.31 -13.39
CA GLU C 855 24.94 25.53 -12.60
C GLU C 855 23.78 25.07 -13.44
N LEU C 856 23.35 25.90 -14.38
CA LEU C 856 22.53 25.33 -15.43
C LEU C 856 23.38 24.96 -16.64
N GLY C 857 23.97 25.92 -17.33
CA GLY C 857 24.76 25.56 -18.50
C GLY C 857 23.90 25.43 -19.74
N ALA C 858 24.19 26.28 -20.72
CA ALA C 858 23.68 26.27 -22.10
C ALA C 858 22.19 26.55 -22.24
N ARG C 859 21.42 26.55 -21.16
CA ARG C 859 20.02 26.96 -21.26
C ARG C 859 19.77 28.45 -21.09
N PRO C 860 20.29 29.15 -20.06
CA PRO C 860 19.97 30.59 -19.97
C PRO C 860 20.61 31.42 -21.05
N THR C 861 21.69 30.93 -21.67
CA THR C 861 22.19 31.55 -22.88
C THR C 861 21.17 31.47 -24.00
N LEU C 862 20.49 30.32 -24.15
CA LEU C 862 19.48 30.20 -25.18
C LEU C 862 18.21 30.96 -24.82
N ILE C 863 17.89 31.03 -23.51
CA ILE C 863 16.82 31.91 -23.09
C ILE C 863 17.21 33.36 -23.36
N PHE C 864 18.48 33.72 -23.15
CA PHE C 864 18.92 35.06 -23.52
C PHE C 864 18.92 35.26 -25.03
N ILE C 865 19.12 34.19 -25.80
CA ILE C 865 18.96 34.34 -27.25
C ILE C 865 17.48 34.40 -27.61
N GLU C 866 16.70 33.43 -27.17
CA GLU C 866 15.35 33.29 -27.71
C GLU C 866 14.35 34.27 -27.08
N SER C 867 14.65 34.83 -25.92
CA SER C 867 13.72 35.80 -25.35
C SER C 867 14.17 37.24 -25.49
N VAL C 868 15.40 37.50 -25.93
CA VAL C 868 15.85 38.89 -26.02
C VAL C 868 16.30 39.15 -27.45
N ILE C 869 17.32 38.43 -27.93
CA ILE C 869 17.80 38.73 -29.26
C ILE C 869 16.78 38.36 -30.36
N MET C 870 16.09 37.24 -30.13
CA MET C 870 15.04 36.81 -31.04
C MET C 870 13.79 37.67 -31.17
N THR C 871 13.48 38.45 -30.14
CA THR C 871 12.44 39.47 -30.27
C THR C 871 12.57 40.56 -31.32
N LYS C 872 13.75 41.18 -31.44
CA LYS C 872 13.98 42.11 -32.56
C LYS C 872 14.28 41.47 -33.98
N PHE C 873 14.45 40.15 -33.92
CA PHE C 873 14.42 39.38 -35.17
C PHE C 873 12.93 39.29 -35.45
N ALA C 874 12.09 39.38 -34.42
CA ALA C 874 10.66 39.21 -34.59
C ALA C 874 9.92 40.53 -34.77
N ILE C 875 10.17 41.52 -33.90
CA ILE C 875 9.41 42.77 -33.98
C ILE C 875 9.86 43.60 -35.17
N MET C 876 11.09 43.40 -35.64
CA MET C 876 11.55 44.08 -36.85
C MET C 876 10.98 43.46 -38.12
N TYR C 877 10.20 42.40 -38.01
CA TYR C 877 9.45 41.90 -39.16
C TYR C 877 8.02 42.41 -39.21
N LEU C 878 7.38 42.62 -38.06
CA LEU C 878 6.00 43.10 -38.02
C LEU C 878 5.93 44.55 -38.51
N LYS C 879 6.61 45.44 -37.81
CA LYS C 879 7.01 46.69 -38.44
C LYS C 879 8.05 46.36 -39.49
N LYS C 880 8.05 47.09 -40.60
CA LYS C 880 8.79 46.67 -41.79
C LYS C 880 10.26 47.12 -41.73
N GLU C 881 11.00 46.54 -40.79
CA GLU C 881 12.44 46.69 -40.79
C GLU C 881 13.16 45.50 -41.41
N LEU C 882 12.42 44.45 -41.79
CA LEU C 882 13.02 43.28 -42.40
C LEU C 882 12.27 42.95 -43.68
N VAL C 883 12.91 43.23 -44.82
CA VAL C 883 12.47 42.67 -46.09
C VAL C 883 12.82 41.19 -46.09
N ASP C 884 12.09 40.40 -46.88
CA ASP C 884 12.28 38.94 -46.89
C ASP C 884 13.65 38.54 -47.42
N ASP C 885 14.32 39.40 -48.18
CA ASP C 885 15.70 39.13 -48.58
C ASP C 885 16.60 40.16 -47.89
N MET C 886 16.95 39.87 -46.63
CA MET C 886 17.86 40.69 -45.86
C MET C 886 18.80 39.79 -45.09
N ASP C 887 20.10 40.03 -45.24
CA ASP C 887 21.07 39.33 -44.42
C ASP C 887 21.37 40.15 -43.16
N VAL C 888 21.57 39.43 -42.06
CA VAL C 888 21.80 40.05 -40.75
C VAL C 888 23.16 39.61 -40.25
N PHE C 889 23.95 40.59 -39.79
CA PHE C 889 25.25 40.29 -39.18
C PHE C 889 25.29 41.00 -37.83
N VAL C 890 25.02 40.24 -36.77
CA VAL C 890 25.05 40.79 -35.42
C VAL C 890 26.50 41.04 -35.02
N ASP C 891 26.76 42.24 -34.48
CA ASP C 891 28.10 42.57 -34.02
C ASP C 891 28.08 43.46 -32.80
N TYR C 892 28.84 43.08 -31.77
CA TYR C 892 28.91 43.86 -30.54
C TYR C 892 29.62 45.16 -30.84
N ASN C 893 29.05 46.27 -30.40
CA ASN C 893 29.67 47.57 -30.63
C ASN C 893 31.00 47.76 -29.93
N SER C 894 31.07 47.29 -28.69
CA SER C 894 32.25 47.40 -27.81
C SER C 894 32.67 48.87 -27.59
N LYS C 895 31.66 49.73 -27.45
CA LYS C 895 31.82 51.16 -27.24
C LYS C 895 30.47 51.57 -26.70
N ALA C 896 29.55 51.86 -27.61
CA ALA C 896 28.20 52.21 -27.22
C ALA C 896 27.52 51.11 -26.42
N LYS C 897 28.18 49.95 -26.28
CA LYS C 897 27.83 48.82 -25.41
C LYS C 897 26.60 48.04 -25.92
N ASN C 898 25.89 48.57 -26.91
CA ASN C 898 24.71 47.86 -27.42
C ASN C 898 24.97 47.12 -28.73
N LEU C 899 24.21 46.05 -28.98
CA LEU C 899 24.37 45.28 -30.20
C LEU C 899 23.87 46.10 -31.38
N VAL C 900 24.52 45.90 -32.51
CA VAL C 900 24.16 46.54 -33.75
C VAL C 900 23.66 45.43 -34.66
N ILE C 901 22.73 45.77 -35.54
CA ILE C 901 22.16 44.78 -36.47
C ILE C 901 22.45 45.26 -37.89
N ASN C 902 23.37 44.56 -38.53
CA ASN C 902 23.80 44.87 -39.89
C ASN C 902 22.84 44.31 -40.93
N LEU C 903 22.17 45.19 -41.64
CA LEU C 903 21.21 44.79 -42.66
C LEU C 903 21.57 45.26 -44.06
N SER C 904 21.58 44.32 -45.01
CA SER C 904 21.91 44.64 -46.39
C SER C 904 20.68 44.49 -47.29
N THR D 187 -29.49 -60.48 -46.68
CA THR D 187 -30.43 -60.10 -47.72
C THR D 187 -31.37 -59.01 -47.23
N LEU D 188 -31.29 -58.69 -45.94
CA LEU D 188 -32.17 -57.70 -45.35
C LEU D 188 -31.81 -56.30 -45.85
N TYR D 189 -32.78 -55.39 -45.71
CA TYR D 189 -32.62 -54.04 -46.26
C TYR D 189 -31.59 -53.23 -45.47
N ILE D 190 -31.43 -53.52 -44.18
CA ILE D 190 -30.48 -52.78 -43.36
C ILE D 190 -29.04 -53.16 -43.72
N GLU D 191 -28.83 -54.40 -44.19
CA GLU D 191 -27.48 -54.95 -44.38
C GLU D 191 -26.71 -54.21 -45.47
N GLN D 192 -27.34 -53.98 -46.62
CA GLN D 192 -26.67 -53.17 -47.64
C GLN D 192 -26.70 -51.70 -47.29
N PHE D 193 -27.70 -51.28 -46.52
CA PHE D 193 -27.84 -49.89 -46.15
C PHE D 193 -27.03 -49.54 -44.91
N GLY D 194 -26.56 -50.54 -44.17
CA GLY D 194 -25.68 -50.29 -43.05
C GLY D 194 -24.34 -50.99 -43.21
N SER D 195 -23.96 -51.80 -42.22
CA SER D 195 -22.67 -52.48 -42.25
C SER D 195 -22.84 -53.97 -42.05
N ASN D 196 -21.72 -54.67 -41.81
CA ASN D 196 -21.70 -56.12 -41.77
C ASN D 196 -22.48 -56.67 -40.59
N MET D 197 -23.23 -57.75 -40.84
CA MET D 197 -24.11 -58.36 -39.85
C MET D 197 -23.33 -59.46 -39.13
N ASN D 198 -22.40 -59.01 -38.27
CA ASN D 198 -21.57 -59.86 -37.39
C ASN D 198 -20.74 -60.88 -38.16
N GLU D 199 -20.48 -60.63 -39.44
CA GLU D 199 -19.78 -61.57 -40.27
C GLU D 199 -18.31 -61.63 -39.93
N LYS D 200 -17.77 -60.53 -39.40
CA LYS D 200 -16.35 -60.44 -39.05
C LYS D 200 -15.97 -61.41 -37.95
N VAL D 201 -16.91 -61.68 -37.03
CA VAL D 201 -16.66 -62.70 -36.02
C VAL D 201 -16.72 -64.08 -36.65
N ARG D 202 -17.68 -64.31 -37.55
CA ARG D 202 -17.73 -65.56 -38.28
C ARG D 202 -16.57 -65.68 -39.26
N ASN D 203 -16.10 -64.55 -39.80
CA ASN D 203 -14.88 -64.57 -40.58
C ASN D 203 -13.63 -64.56 -39.71
N GLY D 204 -13.78 -64.38 -38.40
CA GLY D 204 -12.63 -64.35 -37.52
C GLY D 204 -11.83 -63.06 -37.58
N LYS D 205 -12.49 -61.92 -37.62
CA LYS D 205 -11.75 -60.66 -37.57
C LYS D 205 -11.74 -60.05 -36.18
N LEU D 206 -12.70 -60.44 -35.33
CA LEU D 206 -12.96 -59.72 -34.08
C LEU D 206 -12.86 -60.59 -32.84
N GLN D 207 -12.09 -61.67 -32.90
CA GLN D 207 -11.95 -62.52 -31.73
C GLN D 207 -10.95 -61.91 -30.74
N GLY D 208 -10.83 -62.56 -29.59
CA GLY D 208 -9.79 -62.19 -28.64
C GLY D 208 -10.03 -60.91 -27.90
N ILE D 209 -11.29 -60.51 -27.71
CA ILE D 209 -11.58 -59.34 -26.88
C ILE D 209 -11.27 -59.67 -25.42
N TYR D 210 -10.76 -58.69 -24.68
CA TYR D 210 -10.56 -58.90 -23.26
C TYR D 210 -11.85 -58.53 -22.53
N GLY D 211 -12.06 -59.15 -21.38
CA GLY D 211 -13.35 -59.04 -20.72
C GLY D 211 -13.48 -57.79 -19.87
N ARG D 212 -14.59 -57.08 -20.06
CA ARG D 212 -14.98 -55.95 -19.23
C ARG D 212 -16.45 -56.18 -18.87
N ASP D 213 -16.69 -57.37 -18.26
CA ASP D 213 -17.99 -58.01 -18.12
C ASP D 213 -19.06 -57.11 -17.49
N GLU D 214 -18.64 -56.15 -16.65
CA GLU D 214 -19.57 -55.24 -16.00
C GLU D 214 -20.24 -54.32 -17.02
N GLU D 215 -19.44 -53.76 -17.94
CA GLU D 215 -20.00 -52.96 -19.01
C GLU D 215 -20.77 -53.82 -19.99
N ILE D 216 -20.41 -55.10 -20.08
CA ILE D 216 -21.18 -56.03 -20.91
C ILE D 216 -22.52 -56.34 -20.26
N ARG D 217 -22.53 -56.55 -18.94
CA ARG D 217 -23.80 -56.70 -18.22
C ARG D 217 -24.63 -55.44 -18.23
N ALA D 218 -23.96 -54.28 -18.24
CA ALA D 218 -24.68 -53.01 -18.32
C ALA D 218 -25.39 -52.85 -19.64
N ILE D 219 -24.87 -53.47 -20.71
CA ILE D 219 -25.58 -53.43 -21.97
C ILE D 219 -26.68 -54.48 -22.02
N ILE D 220 -26.41 -55.69 -21.51
CA ILE D 220 -27.37 -56.79 -21.59
C ILE D 220 -28.59 -56.51 -20.72
N GLU D 221 -28.38 -55.98 -19.52
CA GLU D 221 -29.50 -55.63 -18.65
C GLU D 221 -30.26 -54.43 -19.18
N SER D 222 -29.61 -53.60 -19.99
CA SER D 222 -30.34 -52.52 -20.66
C SER D 222 -31.10 -53.01 -21.87
N LEU D 223 -30.61 -54.05 -22.53
CA LEU D 223 -31.34 -54.59 -23.68
C LEU D 223 -32.51 -55.47 -23.27
N LEU D 224 -32.53 -55.94 -22.03
CA LEU D 224 -33.68 -56.64 -21.49
C LEU D 224 -34.33 -55.74 -20.44
N ARG D 225 -35.16 -54.82 -20.92
CA ARG D 225 -35.89 -53.92 -20.06
C ARG D 225 -37.36 -53.95 -20.46
N TYR D 226 -38.20 -53.48 -19.54
CA TYR D 226 -39.61 -53.30 -19.89
C TYR D 226 -39.80 -52.16 -20.88
N ASN D 227 -38.94 -51.13 -20.83
CA ASN D 227 -39.07 -49.98 -21.71
C ASN D 227 -37.71 -49.50 -22.19
N LYS D 228 -37.73 -48.93 -23.40
CA LYS D 228 -36.82 -47.89 -23.88
C LYS D 228 -35.41 -48.34 -24.26
N ASN D 229 -35.02 -49.56 -23.90
CA ASN D 229 -34.11 -50.48 -24.62
C ASN D 229 -32.99 -49.81 -25.40
N SER D 230 -32.29 -48.84 -24.83
CA SER D 230 -31.25 -48.09 -25.56
C SER D 230 -30.15 -47.61 -24.63
N PRO D 231 -29.12 -48.42 -24.44
CA PRO D 231 -27.92 -47.92 -23.75
C PRO D 231 -27.07 -47.08 -24.70
N VAL D 232 -26.31 -46.18 -24.12
CA VAL D 232 -25.22 -45.50 -24.83
C VAL D 232 -23.97 -45.67 -23.99
N LEU D 233 -22.83 -45.80 -24.66
CA LEU D 233 -21.56 -45.98 -23.94
C LEU D 233 -20.85 -44.63 -23.84
N VAL D 234 -21.27 -43.86 -22.84
CA VAL D 234 -20.61 -42.60 -22.56
C VAL D 234 -19.26 -42.86 -21.91
N GLY D 235 -18.23 -42.21 -22.42
CA GLY D 235 -16.90 -42.34 -21.86
C GLY D 235 -15.89 -41.65 -22.74
N ASN D 236 -14.63 -41.73 -22.30
CA ASN D 236 -13.54 -41.07 -23.00
C ASN D 236 -13.26 -41.77 -24.33
N PRO D 237 -12.78 -41.05 -25.35
CA PRO D 237 -12.67 -41.67 -26.68
C PRO D 237 -11.59 -42.73 -26.81
N GLY D 238 -10.61 -42.74 -25.93
CA GLY D 238 -9.63 -43.79 -26.01
C GLY D 238 -9.97 -45.10 -25.31
N THR D 239 -11.13 -45.23 -24.68
CA THR D 239 -11.32 -46.15 -23.57
C THR D 239 -12.11 -47.42 -23.91
N GLY D 240 -12.50 -47.62 -25.16
CA GLY D 240 -13.30 -48.79 -25.50
C GLY D 240 -14.77 -48.45 -25.71
N LYS D 241 -15.15 -48.25 -26.97
CA LYS D 241 -16.54 -48.04 -27.33
C LYS D 241 -16.98 -49.09 -28.34
N THR D 242 -16.35 -49.12 -29.51
CA THR D 242 -16.65 -50.18 -30.47
C THR D 242 -16.12 -51.51 -29.95
N THR D 243 -15.06 -51.46 -29.13
CA THR D 243 -14.43 -52.65 -28.56
C THR D 243 -15.34 -53.42 -27.63
N ILE D 244 -16.11 -52.70 -26.79
CA ILE D 244 -17.06 -53.32 -25.87
C ILE D 244 -18.19 -54.01 -26.64
N VAL D 245 -18.67 -53.38 -27.70
CA VAL D 245 -19.77 -53.95 -28.47
C VAL D 245 -19.30 -55.05 -29.41
N GLU D 246 -18.11 -54.90 -30.03
CA GLU D 246 -17.48 -56.05 -30.67
C GLU D 246 -17.07 -57.10 -29.65
N GLY D 247 -16.80 -56.68 -28.42
CA GLY D 247 -16.71 -57.61 -27.32
C GLY D 247 -18.03 -58.25 -26.97
N LEU D 248 -19.13 -57.51 -27.10
CA LEU D 248 -20.44 -58.09 -26.86
C LEU D 248 -20.82 -59.10 -27.93
N VAL D 249 -20.56 -58.75 -29.20
CA VAL D 249 -20.88 -59.61 -30.33
C VAL D 249 -20.14 -60.94 -30.26
N TYR D 250 -18.87 -60.92 -29.84
CA TYR D 250 -18.10 -62.14 -29.68
C TYR D 250 -18.69 -63.04 -28.61
N ARG D 251 -19.33 -62.45 -27.59
CA ARG D 251 -20.06 -63.27 -26.63
C ARG D 251 -21.44 -63.66 -27.14
N ILE D 252 -21.98 -62.97 -28.14
CA ILE D 252 -23.27 -63.36 -28.70
C ILE D 252 -23.12 -64.60 -29.57
N GLU D 253 -22.17 -64.58 -30.52
CA GLU D 253 -22.06 -65.68 -31.47
C GLU D 253 -21.54 -66.95 -30.83
N LYS D 254 -20.72 -66.83 -29.79
CA LYS D 254 -20.22 -68.01 -29.10
C LYS D 254 -21.15 -68.49 -27.99
N GLY D 255 -22.18 -67.72 -27.65
CA GLY D 255 -23.23 -68.21 -26.77
C GLY D 255 -23.06 -67.89 -25.30
N ASP D 256 -22.24 -66.89 -24.95
CA ASP D 256 -22.08 -66.46 -23.56
C ASP D 256 -23.04 -65.31 -23.25
N VAL D 257 -24.30 -65.55 -23.58
CA VAL D 257 -25.38 -64.58 -23.51
C VAL D 257 -26.59 -65.32 -22.99
N PRO D 258 -27.43 -64.74 -22.11
CA PRO D 258 -28.66 -65.41 -21.71
C PRO D 258 -29.63 -65.61 -22.88
N LYS D 259 -30.56 -66.56 -22.69
CA LYS D 259 -31.29 -67.16 -23.81
C LYS D 259 -32.27 -66.19 -24.44
N GLU D 260 -32.62 -65.12 -23.72
CA GLU D 260 -33.49 -64.10 -24.28
C GLU D 260 -32.80 -63.33 -25.40
N LEU D 261 -31.48 -63.13 -25.30
CA LEU D 261 -30.78 -62.31 -26.27
C LEU D 261 -29.89 -63.12 -27.21
N GLN D 262 -29.99 -64.45 -27.20
CA GLN D 262 -29.22 -65.24 -28.14
C GLN D 262 -29.87 -65.20 -29.52
N GLY D 263 -29.03 -65.00 -30.55
CA GLY D 263 -29.49 -64.99 -31.91
C GLY D 263 -29.69 -63.63 -32.53
N TYR D 264 -29.62 -62.55 -31.76
CA TYR D 264 -29.77 -61.23 -32.35
C TYR D 264 -28.54 -60.86 -33.15
N THR D 265 -28.73 -59.96 -34.12
CA THR D 265 -27.72 -59.63 -35.11
C THR D 265 -27.44 -58.13 -35.07
N VAL D 266 -26.22 -57.76 -34.69
CA VAL D 266 -25.82 -56.36 -34.65
C VAL D 266 -25.47 -55.90 -36.05
N ILE D 267 -26.04 -54.76 -36.46
CA ILE D 267 -25.70 -54.14 -37.73
C ILE D 267 -25.32 -52.69 -37.47
N SER D 268 -24.09 -52.32 -37.83
CA SER D 268 -23.65 -50.95 -37.70
C SER D 268 -24.17 -50.10 -38.86
N LEU D 269 -24.24 -48.79 -38.64
CA LEU D 269 -24.69 -47.84 -39.65
C LEU D 269 -23.52 -46.94 -40.04
N ASN D 270 -23.05 -47.08 -41.27
CA ASN D 270 -22.08 -46.14 -41.81
C ASN D 270 -22.84 -44.95 -42.39
N PHE D 271 -22.51 -43.76 -41.89
CA PHE D 271 -23.23 -42.56 -42.32
C PHE D 271 -22.88 -42.16 -43.75
N ARG D 272 -21.76 -42.65 -44.28
CA ARG D 272 -21.49 -42.48 -45.70
C ARG D 272 -22.45 -43.31 -46.55
N LYS D 273 -23.04 -44.35 -45.97
CA LYS D 273 -24.08 -45.12 -46.63
C LYS D 273 -25.46 -44.79 -46.08
N PHE D 274 -25.54 -44.34 -44.83
CA PHE D 274 -26.84 -44.01 -44.24
C PHE D 274 -27.43 -42.74 -44.83
N THR D 275 -26.62 -41.70 -45.00
CA THR D 275 -27.10 -40.39 -45.42
C THR D 275 -27.16 -40.26 -46.94
N SER D 276 -26.39 -41.07 -47.67
CA SER D 276 -26.24 -40.93 -49.12
C SER D 276 -27.53 -41.21 -49.90
N GLY D 277 -28.53 -41.82 -49.29
CA GLY D 277 -29.76 -42.08 -49.99
C GLY D 277 -30.78 -40.97 -49.99
N THR D 278 -30.47 -39.82 -49.39
CA THR D 278 -31.47 -38.76 -49.24
C THR D 278 -31.61 -37.88 -50.46
N SER D 279 -30.85 -38.12 -51.53
CA SER D 279 -30.75 -37.15 -52.61
C SER D 279 -32.02 -37.12 -53.45
N TYR D 280 -33.05 -36.47 -52.90
CA TYR D 280 -34.40 -36.41 -53.46
C TYR D 280 -35.14 -35.26 -52.80
N ARG D 281 -36.45 -35.16 -53.07
CA ARG D 281 -37.26 -34.15 -52.40
C ARG D 281 -37.71 -34.60 -51.02
N GLY D 282 -38.40 -35.73 -50.95
CA GLY D 282 -38.92 -36.18 -49.68
C GLY D 282 -38.74 -37.65 -49.35
N GLU D 283 -37.73 -38.31 -49.92
CA GLU D 283 -37.66 -39.77 -49.84
C GLU D 283 -36.99 -40.27 -48.57
N PHE D 284 -36.32 -39.39 -47.81
CA PHE D 284 -35.53 -39.85 -46.66
C PHE D 284 -36.41 -40.42 -45.56
N GLU D 285 -37.57 -39.81 -45.34
CA GLU D 285 -38.49 -40.29 -44.31
C GLU D 285 -39.14 -41.60 -44.72
N THR D 286 -39.37 -41.79 -46.02
CA THR D 286 -39.84 -43.08 -46.50
C THR D 286 -38.75 -44.13 -46.44
N ARG D 287 -37.48 -43.72 -46.57
CA ARG D 287 -36.39 -44.64 -46.34
C ARG D 287 -36.19 -44.93 -44.87
N MET D 288 -36.61 -44.00 -44.01
CA MET D 288 -36.60 -44.27 -42.57
C MET D 288 -37.69 -45.25 -42.18
N LYS D 289 -38.84 -45.20 -42.86
CA LYS D 289 -39.91 -46.17 -42.61
C LYS D 289 -39.49 -47.58 -42.96
N ASN D 290 -38.66 -47.74 -43.98
CA ASN D 290 -38.18 -49.07 -44.36
C ASN D 290 -37.12 -49.60 -43.41
N ILE D 291 -36.65 -48.77 -42.47
CA ILE D 291 -35.66 -49.17 -41.47
C ILE D 291 -36.35 -49.68 -40.22
N ILE D 292 -37.20 -48.85 -39.63
CA ILE D 292 -37.78 -49.15 -38.33
C ILE D 292 -38.84 -50.23 -38.44
N LYS D 293 -39.41 -50.41 -39.64
CA LYS D 293 -40.34 -51.52 -39.86
C LYS D 293 -39.64 -52.86 -39.76
N GLU D 294 -38.38 -52.93 -40.19
CA GLU D 294 -37.59 -54.13 -39.98
C GLU D 294 -37.09 -54.25 -38.55
N LEU D 295 -37.19 -53.18 -37.78
CA LEU D 295 -36.93 -53.22 -36.34
C LEU D 295 -38.19 -53.53 -35.54
N LYS D 296 -39.34 -53.10 -36.05
CA LYS D 296 -40.58 -53.30 -35.31
C LYS D 296 -40.97 -54.78 -35.28
N ASN D 297 -40.62 -55.52 -36.33
CA ASN D 297 -40.96 -56.93 -36.38
C ASN D 297 -40.11 -57.73 -35.42
N LYS D 298 -40.77 -58.44 -34.51
CA LYS D 298 -40.06 -59.22 -33.50
C LYS D 298 -39.43 -60.47 -34.10
N LYS D 299 -39.90 -60.92 -35.26
CA LYS D 299 -39.29 -62.05 -35.93
C LYS D 299 -37.88 -61.71 -36.42
N ASN D 300 -37.65 -60.46 -36.79
CA ASN D 300 -36.31 -60.02 -37.14
C ASN D 300 -35.45 -59.95 -35.90
N LYS D 301 -34.17 -60.25 -36.07
CA LYS D 301 -33.23 -60.25 -34.96
C LYS D 301 -32.23 -59.12 -35.05
N ILE D 302 -32.49 -58.11 -35.87
CA ILE D 302 -31.53 -57.04 -36.05
C ILE D 302 -31.59 -56.09 -34.86
N ILE D 303 -30.44 -55.54 -34.51
CA ILE D 303 -30.28 -54.60 -33.40
C ILE D 303 -29.21 -53.59 -33.78
N LEU D 304 -29.50 -52.32 -33.55
CA LEU D 304 -28.64 -51.27 -34.10
C LEU D 304 -27.45 -50.98 -33.20
N PHE D 305 -26.34 -50.66 -33.85
CA PHE D 305 -25.19 -50.09 -33.15
C PHE D 305 -24.63 -48.92 -33.95
N VAL D 306 -24.66 -47.74 -33.36
CA VAL D 306 -24.07 -46.57 -33.97
C VAL D 306 -22.77 -46.27 -33.26
N ASP D 307 -21.72 -46.05 -34.05
CA ASP D 307 -20.41 -45.66 -33.51
C ASP D 307 -20.47 -44.32 -32.79
N GLU D 308 -21.13 -43.32 -33.38
CA GLU D 308 -21.32 -42.03 -32.73
C GLU D 308 -22.77 -41.61 -32.94
N ILE D 309 -23.59 -41.76 -31.90
CA ILE D 309 -25.03 -41.53 -32.02
C ILE D 309 -25.36 -40.04 -32.09
N HIS D 310 -24.42 -39.16 -31.72
CA HIS D 310 -24.70 -37.72 -31.78
C HIS D 310 -24.68 -37.18 -33.20
N LEU D 311 -24.26 -37.98 -34.19
CA LEU D 311 -24.44 -37.60 -35.58
C LEU D 311 -25.88 -37.76 -36.03
N LEU D 312 -26.69 -38.52 -35.30
CA LEU D 312 -28.10 -38.67 -35.66
C LEU D 312 -28.89 -37.39 -35.37
N LEU D 313 -28.37 -36.55 -34.48
CA LEU D 313 -29.12 -35.36 -34.05
C LEU D 313 -29.21 -34.32 -35.15
N GLY D 314 -28.26 -34.31 -36.08
CA GLY D 314 -28.30 -33.34 -37.15
C GLY D 314 -28.68 -33.95 -38.49
N ALA D 315 -28.63 -35.29 -38.58
CA ALA D 315 -28.72 -35.95 -39.87
C ALA D 315 -30.15 -35.97 -40.40
N GLY D 316 -30.27 -35.76 -41.72
CA GLY D 316 -31.56 -35.86 -42.39
C GLY D 316 -32.45 -34.65 -42.26
N LYS D 317 -31.94 -33.52 -41.76
CA LYS D 317 -32.76 -32.32 -41.63
C LYS D 317 -32.88 -31.65 -42.99
N ALA D 318 -33.86 -32.12 -43.76
CA ALA D 318 -34.19 -31.49 -45.02
C ALA D 318 -35.08 -30.27 -44.77
N GLU D 319 -35.32 -29.49 -45.82
CA GLU D 319 -36.16 -28.32 -45.67
C GLU D 319 -37.64 -28.68 -45.54
N GLY D 320 -38.03 -29.83 -46.09
CA GLY D 320 -39.41 -30.24 -46.08
C GLY D 320 -39.74 -31.35 -45.13
N GLY D 321 -38.77 -31.81 -44.36
CA GLY D 321 -39.00 -32.92 -43.44
C GLY D 321 -38.10 -32.81 -42.23
N THR D 322 -38.43 -33.63 -41.23
CA THR D 322 -37.72 -33.59 -39.97
C THR D 322 -36.41 -34.35 -40.07
N ASP D 323 -35.52 -34.13 -39.10
CA ASP D 323 -34.25 -34.84 -39.09
C ASP D 323 -34.44 -36.28 -38.63
N ALA D 324 -33.35 -37.05 -38.64
CA ALA D 324 -33.44 -38.45 -38.28
C ALA D 324 -33.65 -38.64 -36.77
N ALA D 325 -33.30 -37.64 -35.96
CA ALA D 325 -33.40 -37.79 -34.53
C ALA D 325 -34.83 -37.69 -34.04
N ASN D 326 -35.62 -36.79 -34.64
CA ASN D 326 -36.97 -36.55 -34.14
C ASN D 326 -37.93 -37.66 -34.54
N LEU D 327 -37.59 -38.44 -35.56
CA LEU D 327 -38.43 -39.56 -35.96
C LEU D 327 -38.40 -40.68 -34.94
N LEU D 328 -37.26 -40.89 -34.30
CA LEU D 328 -37.10 -42.01 -33.36
C LEU D 328 -37.54 -41.66 -31.95
N LYS D 329 -37.80 -40.39 -31.67
CA LYS D 329 -38.22 -39.98 -30.32
C LYS D 329 -39.52 -40.61 -29.84
N PRO D 330 -40.61 -40.72 -30.63
CA PRO D 330 -41.73 -41.52 -30.12
C PRO D 330 -41.45 -43.01 -30.13
N VAL D 331 -40.52 -43.49 -30.97
CA VAL D 331 -40.33 -44.91 -31.09
C VAL D 331 -39.50 -45.46 -29.93
N LEU D 332 -38.51 -44.69 -29.45
CA LEU D 332 -37.72 -45.09 -28.29
C LEU D 332 -38.55 -45.12 -27.03
N SER D 333 -39.64 -44.35 -27.03
CA SER D 333 -40.60 -44.31 -25.94
C SER D 333 -41.34 -45.62 -25.78
N LYS D 334 -41.83 -46.17 -26.88
CA LYS D 334 -42.50 -47.46 -26.86
C LYS D 334 -41.51 -48.59 -26.58
N GLY D 335 -40.22 -48.36 -26.85
CA GLY D 335 -39.19 -49.33 -26.56
C GLY D 335 -39.19 -50.52 -27.48
N GLU D 336 -39.86 -50.42 -28.62
CA GLU D 336 -39.96 -51.56 -29.52
C GLU D 336 -38.64 -51.80 -30.25
N ILE D 337 -37.82 -50.77 -30.40
CA ILE D 337 -36.54 -50.91 -31.08
C ILE D 337 -35.45 -50.98 -30.03
N LYS D 338 -34.28 -51.45 -30.47
CA LYS D 338 -33.12 -51.64 -29.62
C LYS D 338 -31.88 -51.09 -30.31
N LEU D 339 -31.23 -50.14 -29.65
CA LEU D 339 -30.07 -49.45 -30.20
C LEU D 339 -28.94 -49.47 -29.17
N ILE D 340 -27.72 -49.43 -29.68
CA ILE D 340 -26.52 -49.20 -28.89
C ILE D 340 -25.83 -47.98 -29.48
N GLY D 341 -25.32 -47.09 -28.63
CA GLY D 341 -24.61 -45.92 -29.12
C GLY D 341 -23.36 -45.70 -28.30
N ALA D 342 -22.54 -44.75 -28.75
CA ALA D 342 -21.27 -44.46 -28.09
C ALA D 342 -20.89 -43.02 -28.36
N THR D 343 -20.54 -42.29 -27.31
CA THR D 343 -20.20 -40.87 -27.45
C THR D 343 -18.97 -40.53 -26.62
N THR D 344 -18.31 -39.47 -27.03
CA THR D 344 -17.44 -38.72 -26.12
C THR D 344 -18.33 -37.85 -25.23
N ILE D 345 -17.91 -37.64 -23.98
CA ILE D 345 -18.61 -36.73 -23.08
C ILE D 345 -18.65 -35.32 -23.68
N ALA D 346 -17.54 -34.90 -24.30
CA ALA D 346 -17.49 -33.60 -24.97
C ALA D 346 -18.41 -33.56 -26.18
N GLU D 347 -18.73 -34.72 -26.75
CA GLU D 347 -19.76 -34.80 -27.77
C GLU D 347 -21.14 -35.06 -27.19
N TYR D 348 -21.22 -35.44 -25.91
CA TYR D 348 -22.50 -35.76 -25.28
C TYR D 348 -23.20 -34.51 -24.75
N ARG D 349 -22.50 -33.73 -23.92
CA ARG D 349 -23.11 -32.52 -23.36
C ARG D 349 -23.27 -31.44 -24.43
N LYS D 350 -22.40 -31.42 -25.43
CA LYS D 350 -22.46 -30.37 -26.44
C LYS D 350 -23.58 -30.62 -27.43
N PHE D 351 -23.84 -31.89 -27.76
CA PHE D 351 -24.86 -32.20 -28.76
C PHE D 351 -26.10 -32.83 -28.13
N ILE D 352 -25.96 -33.91 -27.38
CA ILE D 352 -27.12 -34.71 -26.97
C ILE D 352 -27.95 -34.00 -25.91
N GLU D 353 -27.30 -33.37 -24.94
CA GLU D 353 -28.05 -32.64 -23.92
C GLU D 353 -28.60 -31.31 -24.41
N SER D 354 -28.21 -30.87 -25.61
CA SER D 354 -28.70 -29.60 -26.13
C SER D 354 -30.18 -29.66 -26.49
N CYS D 355 -30.66 -30.83 -26.91
CA CYS D 355 -32.08 -30.99 -27.19
C CYS D 355 -32.88 -31.31 -25.95
N SER D 356 -32.27 -31.98 -24.95
CA SER D 356 -32.77 -32.18 -23.59
C SER D 356 -34.02 -33.06 -23.48
N ALA D 357 -34.59 -33.47 -24.61
CA ALA D 357 -35.64 -34.47 -24.60
C ALA D 357 -35.15 -35.73 -25.29
N PHE D 358 -34.12 -35.60 -26.13
CA PHE D 358 -33.54 -36.75 -26.78
C PHE D 358 -32.65 -37.53 -25.82
N GLU D 359 -32.00 -36.84 -24.88
CA GLU D 359 -31.03 -37.46 -23.99
C GLU D 359 -31.69 -38.35 -22.94
N ARG D 360 -32.89 -37.98 -22.50
CA ARG D 360 -33.53 -38.63 -21.36
C ARG D 360 -34.03 -40.01 -21.72
N ARG D 361 -34.28 -40.23 -23.00
CA ARG D 361 -34.77 -41.52 -23.46
C ARG D 361 -33.75 -42.65 -23.26
N PHE D 362 -32.47 -42.29 -23.38
CA PHE D 362 -31.40 -43.27 -23.39
C PHE D 362 -31.02 -43.63 -21.97
N GLU D 363 -30.37 -44.77 -21.84
CA GLU D 363 -29.76 -45.19 -20.61
C GLU D 363 -28.26 -44.90 -20.70
N LYS D 364 -27.78 -44.01 -19.82
CA LYS D 364 -26.38 -43.61 -19.85
C LYS D 364 -25.53 -44.65 -19.14
N ILE D 365 -24.53 -45.17 -19.84
CA ILE D 365 -23.58 -46.12 -19.24
C ILE D 365 -22.18 -45.52 -19.29
N LEU D 366 -21.63 -45.22 -18.13
CA LEU D 366 -20.30 -44.64 -18.08
C LEU D 366 -19.24 -45.72 -18.28
N VAL D 367 -18.20 -45.38 -19.03
CA VAL D 367 -17.08 -46.27 -19.28
C VAL D 367 -15.83 -45.65 -18.69
N GLU D 368 -15.08 -46.45 -17.95
CA GLU D 368 -13.90 -45.97 -17.25
C GLU D 368 -12.64 -46.52 -17.91
N PRO D 369 -11.51 -45.82 -17.80
CA PRO D 369 -10.26 -46.38 -18.28
C PRO D 369 -9.83 -47.55 -17.41
N PRO D 370 -9.05 -48.48 -17.96
CA PRO D 370 -8.82 -49.75 -17.26
C PRO D 370 -7.91 -49.69 -16.04
N SER D 371 -7.30 -48.54 -15.70
CA SER D 371 -6.52 -48.38 -14.48
C SER D 371 -5.32 -49.32 -14.41
N VAL D 372 -4.18 -48.89 -14.98
CA VAL D 372 -3.15 -49.66 -15.70
C VAL D 372 -2.93 -51.11 -15.24
N ASP D 373 -3.18 -51.43 -13.96
CA ASP D 373 -3.05 -52.80 -13.46
C ASP D 373 -3.93 -53.81 -14.22
N MET D 374 -5.03 -53.36 -14.81
CA MET D 374 -5.75 -54.20 -15.75
C MET D 374 -5.29 -54.02 -17.19
N THR D 375 -4.66 -52.89 -17.52
CA THR D 375 -4.21 -52.65 -18.88
C THR D 375 -3.07 -53.57 -19.27
N VAL D 376 -2.21 -53.91 -18.29
CA VAL D 376 -1.13 -54.87 -18.52
C VAL D 376 -1.70 -56.23 -18.90
N LYS D 377 -2.84 -56.60 -18.31
CA LYS D 377 -3.51 -57.84 -18.68
C LYS D 377 -4.09 -57.77 -20.09
N ILE D 378 -4.45 -56.56 -20.55
CA ILE D 378 -4.96 -56.42 -21.91
C ILE D 378 -3.83 -56.62 -22.91
N LEU D 379 -2.66 -56.05 -22.63
CA LEU D 379 -1.51 -56.18 -23.52
C LEU D 379 -1.02 -57.62 -23.61
N ARG D 380 -1.18 -58.40 -22.55
CA ARG D 380 -0.85 -59.81 -22.61
C ARG D 380 -1.85 -60.58 -23.45
N SER D 381 -3.10 -60.13 -23.47
CA SER D 381 -4.11 -60.76 -24.31
C SER D 381 -3.89 -60.46 -25.78
N LEU D 382 -3.29 -59.31 -26.09
CA LEU D 382 -3.02 -58.93 -27.48
C LEU D 382 -1.60 -59.24 -27.90
N LYS D 383 -0.84 -59.99 -27.09
CA LYS D 383 0.53 -60.35 -27.45
C LYS D 383 0.57 -61.33 -28.62
N SER D 384 -0.41 -62.23 -28.71
CA SER D 384 -0.41 -63.22 -29.77
C SER D 384 -0.74 -62.61 -31.13
N LYS D 385 -1.57 -61.57 -31.14
CA LYS D 385 -1.89 -60.91 -32.41
C LYS D 385 -0.72 -60.11 -32.93
N TYR D 386 -0.05 -59.36 -32.05
CA TYR D 386 1.02 -58.46 -32.50
C TYR D 386 2.28 -59.23 -32.86
N GLU D 387 2.45 -60.42 -32.32
CA GLU D 387 3.52 -61.27 -32.82
C GLU D 387 3.19 -61.80 -34.20
N ASN D 388 1.98 -62.34 -34.38
CA ASN D 388 1.63 -63.04 -35.62
C ASN D 388 1.53 -62.09 -36.81
N PHE D 389 1.14 -60.84 -36.56
CA PHE D 389 1.06 -59.87 -37.64
C PHE D 389 2.44 -59.32 -38.01
N TYR D 390 3.41 -59.47 -37.12
CA TYR D 390 4.76 -58.95 -37.32
C TYR D 390 5.83 -60.01 -37.47
N GLY D 391 5.77 -61.09 -36.69
CA GLY D 391 6.88 -62.02 -36.61
C GLY D 391 7.94 -61.65 -35.59
N ILE D 392 7.70 -60.61 -34.81
CA ILE D 392 8.69 -60.06 -33.89
C ILE D 392 8.37 -60.51 -32.47
N ASN D 393 9.39 -61.02 -31.78
CA ASN D 393 9.22 -61.50 -30.42
C ASN D 393 8.96 -60.32 -29.48
N ILE D 394 8.11 -60.54 -28.49
CA ILE D 394 7.75 -59.53 -27.50
C ILE D 394 8.29 -60.01 -26.16
N THR D 395 9.24 -59.27 -25.60
CA THR D 395 9.67 -59.55 -24.24
C THR D 395 8.69 -58.92 -23.26
N ASP D 396 8.53 -59.57 -22.10
CA ASP D 396 7.53 -59.13 -21.14
C ASP D 396 7.95 -57.84 -20.45
N LYS D 397 9.25 -57.58 -20.36
CA LYS D 397 9.72 -56.34 -19.75
C LYS D 397 9.34 -55.12 -20.58
N ALA D 398 9.11 -55.31 -21.88
CA ALA D 398 8.61 -54.22 -22.70
C ALA D 398 7.12 -54.01 -22.50
N LEU D 399 6.38 -55.08 -22.20
CA LEU D 399 4.94 -54.97 -21.97
C LEU D 399 4.64 -54.19 -20.70
N VAL D 400 5.51 -54.31 -19.69
CA VAL D 400 5.38 -53.46 -18.52
C VAL D 400 5.78 -52.04 -18.86
N ALA D 401 6.85 -51.88 -19.65
CA ALA D 401 7.30 -50.56 -20.05
C ALA D 401 6.37 -49.88 -21.04
N ALA D 402 5.61 -50.65 -21.82
CA ALA D 402 4.65 -50.03 -22.73
C ALA D 402 3.42 -49.54 -22.00
N ALA D 403 3.22 -49.97 -20.76
CA ALA D 403 2.08 -49.57 -19.96
C ALA D 403 2.37 -48.35 -19.10
N LYS D 404 3.50 -48.37 -18.38
CA LYS D 404 3.81 -47.28 -17.45
C LYS D 404 4.19 -46.00 -18.17
N ILE D 405 4.95 -46.12 -19.26
CA ILE D 405 5.42 -44.94 -19.97
C ILE D 405 4.31 -44.31 -20.80
N SER D 406 3.42 -45.14 -21.37
CA SER D 406 2.28 -44.58 -22.09
C SER D 406 1.25 -43.94 -21.17
N ASP D 407 1.31 -44.18 -19.87
CA ASP D 407 0.35 -43.61 -18.93
C ASP D 407 0.91 -42.47 -18.08
N ARG D 408 2.02 -42.71 -17.38
CA ARG D 408 2.56 -41.69 -16.49
C ARG D 408 3.11 -40.49 -17.25
N PHE D 409 3.73 -40.73 -18.40
CA PHE D 409 4.50 -39.70 -19.10
C PHE D 409 3.70 -38.88 -20.10
N ILE D 410 2.46 -39.27 -20.42
CA ILE D 410 1.59 -38.42 -21.21
C ILE D 410 0.17 -38.58 -20.68
N LYS D 411 -0.46 -37.47 -20.30
CA LYS D 411 -1.74 -37.55 -19.64
C LYS D 411 -2.92 -37.35 -20.59
N ASP D 412 -2.67 -36.82 -21.79
CA ASP D 412 -3.66 -36.90 -22.85
C ASP D 412 -3.67 -38.32 -23.40
N ARG D 413 -4.73 -38.63 -24.18
CA ARG D 413 -4.92 -39.94 -24.82
C ARG D 413 -4.98 -41.07 -23.82
N TYR D 414 -6.13 -41.23 -23.17
CA TYR D 414 -6.45 -42.16 -22.07
C TYR D 414 -5.97 -43.59 -22.36
N LEU D 415 -5.88 -44.38 -21.29
CA LEU D 415 -5.02 -45.54 -21.12
C LEU D 415 -5.05 -46.64 -22.19
N PRO D 416 -6.19 -47.27 -22.52
CA PRO D 416 -6.08 -48.52 -23.30
C PRO D 416 -5.82 -48.30 -24.77
N ASP D 417 -6.06 -47.09 -25.29
CA ASP D 417 -5.60 -46.72 -26.62
C ASP D 417 -4.10 -46.50 -26.60
N LYS D 418 -3.62 -45.60 -25.75
CA LYS D 418 -2.24 -45.16 -25.79
C LYS D 418 -1.26 -46.27 -25.45
N ALA D 419 -1.68 -47.23 -24.64
CA ALA D 419 -0.82 -48.35 -24.28
C ALA D 419 -0.59 -49.26 -25.47
N ILE D 420 -1.65 -49.66 -26.17
CA ILE D 420 -1.45 -50.53 -27.33
C ILE D 420 -0.88 -49.74 -28.49
N ASP D 421 -1.16 -48.43 -28.56
CA ASP D 421 -0.61 -47.63 -29.63
C ASP D 421 0.88 -47.41 -29.45
N LEU D 422 1.36 -47.33 -28.20
CA LEU D 422 2.79 -47.20 -27.97
C LEU D 422 3.52 -48.47 -28.37
N LEU D 423 2.97 -49.64 -28.03
CA LEU D 423 3.62 -50.89 -28.36
C LEU D 423 3.59 -51.17 -29.87
N ASN D 424 2.51 -50.80 -30.54
CA ASN D 424 2.35 -51.04 -31.97
C ASN D 424 3.43 -50.31 -32.77
N LYS D 425 3.62 -49.02 -32.48
CA LYS D 425 4.65 -48.26 -33.18
C LYS D 425 6.04 -48.64 -32.71
N ALA D 426 6.18 -49.14 -31.48
CA ALA D 426 7.48 -49.60 -31.02
C ALA D 426 7.82 -50.96 -31.60
N CYS D 427 6.83 -51.81 -31.81
CA CYS D 427 7.13 -53.10 -32.41
C CYS D 427 7.25 -53.00 -33.92
N SER D 428 6.56 -52.03 -34.53
CA SER D 428 6.77 -51.77 -35.95
C SER D 428 8.12 -51.14 -36.23
N PHE D 429 8.79 -50.61 -35.20
CA PHE D 429 10.14 -50.08 -35.35
C PHE D 429 11.13 -51.16 -35.75
N LEU D 430 10.95 -52.39 -35.24
CA LEU D 430 11.89 -53.45 -35.55
C LEU D 430 11.67 -54.08 -36.91
N GLN D 431 10.44 -54.01 -37.44
CA GLN D 431 10.13 -54.69 -38.70
C GLN D 431 10.84 -54.04 -39.87
N VAL D 432 11.01 -52.72 -39.82
CA VAL D 432 11.75 -52.03 -40.87
C VAL D 432 13.23 -52.36 -40.77
N GLN D 433 13.75 -52.50 -39.55
CA GLN D 433 15.14 -52.87 -39.36
C GLN D 433 15.43 -54.32 -39.73
N LEU D 434 14.42 -55.17 -39.82
CA LEU D 434 14.60 -56.54 -40.26
C LEU D 434 14.41 -56.66 -41.77
N SER D 435 13.35 -56.04 -42.31
CA SER D 435 13.12 -56.09 -43.74
C SER D 435 14.13 -55.25 -44.50
N GLY D 436 14.64 -54.19 -43.88
CA GLY D 436 15.65 -53.37 -44.51
C GLY D 436 16.96 -53.40 -43.75
N LYS D 437 17.92 -52.60 -44.21
CA LYS D 437 19.17 -52.43 -43.48
C LYS D 437 18.89 -51.70 -42.17
N PRO D 438 19.73 -51.93 -41.14
CA PRO D 438 19.47 -51.29 -39.84
C PRO D 438 19.64 -49.77 -39.88
N ARG D 439 19.10 -49.11 -38.86
CA ARG D 439 19.04 -47.65 -38.84
C ARG D 439 20.42 -47.03 -38.68
N ILE D 440 21.32 -47.66 -37.92
CA ILE D 440 22.68 -47.15 -37.79
C ILE D 440 23.42 -47.25 -39.13
N ILE D 441 23.05 -48.20 -39.98
CA ILE D 441 23.65 -48.30 -41.30
C ILE D 441 23.05 -47.29 -42.25
N ASP D 442 21.73 -47.07 -42.15
CA ASP D 442 21.02 -46.24 -43.13
C ASP D 442 21.42 -44.78 -43.04
N VAL D 443 21.56 -44.23 -41.83
CA VAL D 443 21.87 -42.81 -41.66
C VAL D 443 23.30 -42.53 -42.15
N THR D 444 24.22 -43.45 -41.87
CA THR D 444 25.60 -43.28 -42.30
C THR D 444 25.77 -43.44 -43.80
N GLU D 445 24.98 -44.30 -44.43
CA GLU D 445 25.10 -44.50 -45.87
C GLU D 445 24.49 -43.37 -46.65
N ARG D 446 23.39 -42.79 -46.17
CA ARG D 446 22.77 -41.69 -46.87
C ARG D 446 23.59 -40.41 -46.78
N ASP D 447 24.41 -40.28 -45.74
CA ASP D 447 25.27 -39.11 -45.62
C ASP D 447 26.39 -39.14 -46.64
N ILE D 448 26.97 -40.32 -46.90
CA ILE D 448 28.03 -40.47 -47.89
C ILE D 448 27.51 -40.17 -49.29
N GLU D 449 26.22 -40.43 -49.53
CA GLU D 449 25.58 -39.97 -50.76
C GLU D 449 25.56 -38.45 -50.85
N ARG D 450 25.40 -37.77 -49.72
CA ARG D 450 25.23 -36.33 -49.74
C ARG D 450 26.53 -35.58 -49.49
N LEU D 451 27.43 -36.15 -48.69
CA LEU D 451 28.73 -35.51 -48.51
C LEU D 451 29.55 -35.56 -49.78
N SER D 452 29.44 -36.64 -50.55
CA SER D 452 30.11 -36.72 -51.84
C SER D 452 29.56 -35.69 -52.82
N TYR D 453 28.26 -35.38 -52.72
CA TYR D 453 27.72 -34.28 -53.49
C TYR D 453 28.19 -32.94 -52.94
N GLU D 454 28.34 -32.84 -51.62
CA GLU D 454 28.71 -31.57 -51.00
C GLU D 454 30.16 -31.22 -51.30
N ILE D 455 31.03 -32.22 -51.41
CA ILE D 455 32.41 -31.98 -51.83
C ILE D 455 32.44 -31.54 -53.29
N SER D 456 31.53 -32.08 -54.10
CA SER D 456 31.44 -31.69 -55.51
C SER D 456 30.99 -30.25 -55.67
N THR D 457 30.23 -29.72 -54.71
CA THR D 457 29.82 -28.32 -54.79
C THR D 457 30.94 -27.38 -54.36
N LEU D 458 31.84 -27.84 -53.50
CA LEU D 458 32.91 -26.99 -52.99
C LEU D 458 34.24 -27.16 -53.70
N GLU D 459 34.41 -28.26 -54.46
CA GLU D 459 35.69 -28.48 -55.13
C GLU D 459 35.92 -27.51 -56.27
N LYS D 460 34.86 -27.12 -56.98
CA LYS D 460 34.99 -26.21 -58.13
C LYS D 460 34.85 -24.76 -57.69
N ASP D 461 35.57 -24.42 -56.62
CA ASP D 461 35.52 -23.10 -56.01
C ASP D 461 36.92 -22.71 -55.60
N VAL D 462 37.25 -21.43 -55.78
CA VAL D 462 38.53 -20.89 -55.36
C VAL D 462 38.28 -19.68 -54.47
N ASP D 463 38.33 -19.91 -53.15
CA ASP D 463 38.28 -18.84 -52.16
C ASP D 463 38.92 -19.33 -50.87
N LYS D 464 39.52 -18.40 -50.13
CA LYS D 464 40.46 -18.78 -49.08
C LYS D 464 39.76 -19.32 -47.84
N VAL D 465 38.55 -18.83 -47.55
CA VAL D 465 37.83 -19.25 -46.34
C VAL D 465 37.35 -20.69 -46.46
N SER D 466 36.77 -21.07 -47.60
CA SER D 466 36.22 -22.41 -47.74
C SER D 466 37.28 -23.48 -48.01
N LYS D 467 38.56 -23.13 -48.06
CA LYS D 467 39.59 -24.15 -48.23
C LYS D 467 39.65 -25.08 -47.02
N LYS D 468 39.70 -24.50 -45.81
CA LYS D 468 39.70 -25.33 -44.63
C LYS D 468 38.34 -25.93 -44.36
N LYS D 469 37.27 -25.30 -44.86
CA LYS D 469 35.95 -25.91 -44.79
C LYS D 469 35.86 -27.10 -45.75
N TYR D 470 36.55 -27.01 -46.89
CA TYR D 470 36.66 -28.15 -47.80
C TYR D 470 37.38 -29.31 -47.14
N ASN D 471 38.53 -29.04 -46.51
CA ASN D 471 39.30 -30.10 -45.88
C ASN D 471 38.61 -30.69 -44.66
N LYS D 472 37.78 -29.90 -43.97
CA LYS D 472 37.11 -30.38 -42.77
C LYS D 472 36.06 -31.43 -43.11
N LEU D 473 35.34 -31.24 -44.21
CA LEU D 473 34.38 -32.24 -44.64
C LEU D 473 35.06 -33.46 -45.23
N ILE D 474 36.25 -33.28 -45.83
CA ILE D 474 37.05 -34.43 -46.27
C ILE D 474 37.46 -35.27 -45.07
N LYS D 475 37.83 -34.61 -43.97
CA LYS D 475 38.19 -35.34 -42.75
C LYS D 475 37.01 -36.09 -42.15
N GLU D 476 35.78 -35.59 -42.35
CA GLU D 476 34.62 -36.35 -41.93
C GLU D 476 34.22 -37.39 -42.96
N PHE D 477 34.45 -37.11 -44.25
CA PHE D 477 34.12 -38.08 -45.28
C PHE D 477 35.07 -39.26 -45.26
N GLU D 478 36.35 -39.01 -44.98
CA GLU D 478 37.29 -40.11 -44.82
C GLU D 478 37.04 -40.86 -43.51
N GLU D 479 36.51 -40.18 -42.50
CA GLU D 479 36.18 -40.85 -41.25
C GLU D 479 34.94 -41.71 -41.40
N LYS D 480 33.88 -41.17 -42.01
CA LYS D 480 32.62 -41.88 -42.14
C LYS D 480 32.74 -43.08 -43.08
N LYS D 481 33.61 -42.99 -44.09
CA LYS D 481 33.90 -44.14 -44.93
C LYS D 481 34.65 -45.21 -44.13
N GLU D 482 35.55 -44.78 -43.23
CA GLU D 482 36.19 -45.74 -42.34
C GLU D 482 35.28 -46.12 -41.18
N GLN D 483 34.23 -45.35 -40.93
CA GLN D 483 33.31 -45.68 -39.85
C GLN D 483 32.44 -46.87 -40.20
N LEU D 484 32.09 -47.02 -41.49
CA LEU D 484 31.31 -48.17 -41.92
C LEU D 484 32.09 -49.47 -41.77
N LYS D 485 33.42 -49.42 -41.90
CA LYS D 485 34.24 -50.60 -41.69
C LYS D 485 34.15 -51.10 -40.25
N LYS D 486 33.81 -50.21 -39.31
CA LYS D 486 33.43 -50.64 -37.98
C LYS D 486 31.98 -51.12 -37.92
N TYR D 487 31.12 -50.67 -38.84
CA TYR D 487 29.69 -50.92 -38.74
C TYR D 487 29.20 -51.99 -39.72
N TYR D 488 29.61 -51.91 -40.98
CA TYR D 488 29.19 -52.87 -41.99
C TYR D 488 29.72 -54.26 -41.69
N GLU D 489 30.88 -54.35 -41.02
CA GLU D 489 31.37 -55.63 -40.52
C GLU D 489 30.64 -56.05 -39.26
N GLU D 490 30.14 -55.09 -38.49
CA GLU D 490 29.47 -55.40 -37.23
C GLU D 490 28.10 -56.04 -37.48
N TYR D 491 27.50 -55.76 -38.63
CA TYR D 491 26.25 -56.42 -39.02
C TYR D 491 26.43 -57.92 -39.20
N VAL D 492 27.62 -58.35 -39.64
CA VAL D 492 27.91 -59.77 -39.79
C VAL D 492 28.00 -60.45 -38.43
N ILE D 493 28.55 -59.75 -37.43
CA ILE D 493 28.68 -60.32 -36.09
C ILE D 493 27.30 -60.48 -35.45
N THR D 494 26.44 -59.47 -35.61
CA THR D 494 25.06 -59.59 -35.14
C THR D 494 24.27 -60.58 -35.98
N GLY D 495 24.67 -60.77 -37.24
CA GLY D 495 23.99 -61.76 -38.07
C GLY D 495 24.29 -63.19 -37.68
N GLU D 496 25.54 -63.47 -37.31
CA GLU D 496 25.91 -64.82 -36.90
C GLU D 496 25.28 -65.18 -35.55
N ARG D 497 25.11 -64.20 -34.67
CA ARG D 497 24.44 -64.43 -33.41
C ARG D 497 22.96 -64.71 -33.62
N LEU D 498 22.33 -64.01 -34.56
CA LEU D 498 20.92 -64.22 -34.83
C LEU D 498 20.70 -65.53 -35.57
N LYS D 499 21.64 -65.91 -36.45
CA LYS D 499 21.55 -67.17 -37.17
C LYS D 499 21.66 -68.36 -36.23
N ARG D 500 22.47 -68.24 -35.18
CA ARG D 500 22.47 -69.24 -34.12
C ARG D 500 21.15 -69.23 -33.37
N LYS D 501 20.63 -68.03 -33.07
CA LYS D 501 19.37 -67.89 -32.35
C LYS D 501 18.19 -68.42 -33.14
N LYS D 502 18.19 -68.21 -34.46
CA LYS D 502 17.09 -68.71 -35.29
C LYS D 502 17.09 -70.22 -35.38
N GLU D 503 18.27 -70.85 -35.33
CA GLU D 503 18.32 -72.31 -35.32
C GLU D 503 17.93 -72.86 -33.95
N ILE D 504 18.26 -72.13 -32.88
CA ILE D 504 17.92 -72.58 -31.53
C ILE D 504 16.41 -72.62 -31.32
N GLU D 505 15.69 -71.67 -31.92
CA GLU D 505 14.23 -71.74 -31.94
C GLU D 505 13.75 -72.97 -32.72
N LYS D 506 14.47 -73.34 -33.78
CA LYS D 506 14.13 -74.52 -34.56
C LYS D 506 14.80 -75.79 -34.07
N LYS D 507 15.59 -75.71 -33.00
CA LYS D 507 16.15 -76.91 -32.38
C LYS D 507 15.56 -77.13 -31.00
N LEU D 508 15.71 -76.19 -30.06
CA LEU D 508 15.38 -76.48 -28.67
C LEU D 508 13.89 -76.47 -28.42
N ASN D 509 13.13 -75.68 -29.18
CA ASN D 509 11.68 -75.74 -29.03
C ASN D 509 11.13 -77.03 -29.61
N ASP D 510 11.79 -77.59 -30.62
CA ASP D 510 11.43 -78.93 -31.07
C ASP D 510 11.93 -80.00 -30.12
N LEU D 511 13.04 -79.73 -29.42
CA LEU D 511 13.47 -80.65 -28.37
C LEU D 511 12.65 -80.48 -27.11
N LYS D 512 11.99 -79.33 -26.96
CA LYS D 512 11.00 -79.16 -25.89
C LYS D 512 9.77 -80.03 -26.13
N GLU D 513 9.48 -80.34 -27.41
CA GLU D 513 8.34 -81.18 -27.75
C GLU D 513 8.51 -82.64 -27.35
N LEU D 514 9.72 -83.04 -26.92
CA LEU D 514 9.93 -84.41 -26.45
C LEU D 514 9.13 -84.70 -25.18
N THR D 515 8.91 -83.69 -24.35
CA THR D 515 7.95 -83.81 -23.27
C THR D 515 6.52 -83.78 -23.81
N GLN D 516 6.25 -82.89 -24.78
CA GLN D 516 4.92 -82.71 -25.34
C GLN D 516 4.59 -83.76 -26.41
N ASN D 517 5.53 -84.69 -26.67
CA ASN D 517 5.27 -85.80 -27.59
C ASN D 517 4.13 -86.68 -27.09
N TYR D 518 4.02 -86.83 -25.77
CA TYR D 518 2.88 -87.52 -25.18
C TYR D 518 2.52 -86.80 -23.89
N VAL D 519 1.22 -86.65 -23.63
CA VAL D 519 0.78 -85.93 -22.43
C VAL D 519 0.95 -86.84 -21.22
N TYR D 520 1.55 -86.27 -20.16
CA TYR D 520 2.01 -87.01 -18.97
C TYR D 520 2.94 -88.16 -19.38
N SER D 521 3.95 -87.85 -20.19
CA SER D 521 4.83 -88.91 -20.66
C SER D 521 5.81 -89.36 -19.59
N ASN D 522 6.18 -88.45 -18.68
CA ASN D 522 7.16 -88.68 -17.62
C ASN D 522 8.51 -89.11 -18.19
N LYS D 523 8.98 -88.36 -19.20
CA LYS D 523 10.27 -88.48 -19.89
C LYS D 523 10.66 -89.91 -20.26
N GLU D 524 9.89 -90.52 -21.17
CA GLU D 524 10.12 -91.90 -21.58
C GLU D 524 11.49 -92.17 -22.24
N PRO D 525 12.06 -91.31 -23.08
CA PRO D 525 13.47 -91.53 -23.47
C PRO D 525 14.42 -91.12 -22.36
N PRO D 526 15.37 -91.98 -22.00
CA PRO D 526 16.45 -91.52 -21.11
C PRO D 526 17.44 -90.61 -21.81
N ILE D 527 17.78 -90.89 -23.06
CA ILE D 527 18.66 -90.01 -23.82
C ILE D 527 17.90 -88.75 -24.19
N GLU D 528 18.66 -87.72 -24.60
CA GLU D 528 18.20 -86.39 -25.09
C GLU D 528 17.14 -85.73 -24.19
N LEU D 529 17.21 -86.02 -22.88
CA LEU D 529 16.41 -85.31 -21.90
C LEU D 529 17.28 -84.60 -20.86
N GLN D 530 18.30 -85.29 -20.32
CA GLN D 530 19.28 -84.61 -19.48
C GLN D 530 20.29 -83.86 -20.32
N ASN D 531 20.39 -84.17 -21.61
CA ASN D 531 21.41 -83.60 -22.48
C ASN D 531 20.86 -82.52 -23.41
N SER D 532 19.73 -82.79 -24.06
CA SER D 532 19.19 -81.82 -25.00
C SER D 532 18.54 -80.64 -24.29
N LEU D 533 17.87 -80.89 -23.17
CA LEU D 533 17.29 -79.79 -22.40
C LEU D 533 18.37 -79.03 -21.64
N LYS D 534 19.53 -79.65 -21.42
CA LYS D 534 20.68 -78.92 -20.90
C LYS D 534 21.17 -77.86 -21.88
N GLU D 535 20.97 -78.09 -23.19
CA GLU D 535 21.42 -77.12 -24.17
C GLU D 535 20.59 -75.84 -24.14
N ALA D 536 19.41 -75.87 -23.51
CA ALA D 536 18.69 -74.63 -23.22
C ALA D 536 19.48 -73.74 -22.25
N GLN D 537 20.31 -74.33 -21.41
CA GLN D 537 21.17 -73.53 -20.55
C GLN D 537 22.54 -73.31 -21.17
N GLN D 538 23.08 -74.31 -21.88
CA GLN D 538 24.44 -74.20 -22.39
C GLN D 538 24.51 -73.33 -23.64
N LYS D 539 23.51 -73.39 -24.51
CA LYS D 539 23.53 -72.65 -25.76
C LYS D 539 22.60 -71.44 -25.73
N TYR D 540 21.35 -71.60 -25.29
CA TYR D 540 20.39 -70.50 -25.37
C TYR D 540 20.71 -69.39 -24.38
N LEU D 541 20.94 -69.76 -23.12
CA LEU D 541 21.18 -68.75 -22.10
C LEU D 541 22.56 -68.12 -22.22
N GLU D 542 23.51 -68.84 -22.83
CA GLU D 542 24.79 -68.21 -23.17
C GLU D 542 24.59 -67.17 -24.27
N LEU D 543 23.75 -67.47 -25.26
CA LEU D 543 23.46 -66.51 -26.31
C LEU D 543 22.63 -65.35 -25.79
N TYR D 544 21.69 -65.63 -24.88
CA TYR D 544 20.71 -64.64 -24.48
C TYR D 544 21.34 -63.55 -23.62
N LYS D 545 22.28 -63.90 -22.76
CA LYS D 545 22.89 -62.91 -21.88
C LYS D 545 23.83 -61.98 -22.64
N GLU D 546 24.49 -62.49 -23.69
CA GLU D 546 25.27 -61.61 -24.56
C GLU D 546 24.37 -60.75 -25.43
N THR D 547 23.16 -61.25 -25.74
CA THR D 547 22.18 -60.44 -26.46
C THR D 547 21.68 -59.30 -25.59
N VAL D 548 21.38 -59.59 -24.31
CA VAL D 548 20.94 -58.54 -23.39
C VAL D 548 22.04 -57.54 -23.15
N ALA D 549 23.30 -58.00 -23.05
CA ALA D 549 24.42 -57.09 -22.88
C ALA D 549 24.64 -56.22 -24.10
N TYR D 550 24.29 -56.71 -25.29
CA TYR D 550 24.35 -55.90 -26.49
C TYR D 550 23.26 -54.84 -26.53
N VAL D 551 22.19 -55.01 -25.74
CA VAL D 551 21.11 -54.01 -25.72
C VAL D 551 21.57 -52.74 -25.04
N GLU D 552 22.30 -52.84 -23.92
CA GLU D 552 22.68 -51.61 -23.24
C GLU D 552 24.08 -51.12 -23.59
N ALA D 553 24.93 -51.94 -24.19
CA ALA D 553 26.25 -51.48 -24.60
C ALA D 553 26.12 -50.64 -25.86
N LYS D 554 25.62 -51.25 -26.93
CA LYS D 554 25.19 -50.50 -28.09
C LYS D 554 23.89 -49.78 -27.73
N THR D 555 23.50 -48.78 -28.53
CA THR D 555 22.29 -48.04 -28.25
C THR D 555 21.04 -48.80 -28.65
N HIS D 556 19.92 -48.07 -28.75
CA HIS D 556 18.63 -48.62 -29.16
C HIS D 556 18.69 -49.27 -30.54
N ASN D 557 19.60 -48.85 -31.41
CA ASN D 557 19.71 -49.38 -32.76
C ASN D 557 20.58 -50.64 -32.77
N ALA D 558 20.19 -51.58 -31.92
CA ALA D 558 20.86 -52.87 -31.80
C ALA D 558 20.53 -53.71 -33.03
N MET D 559 21.56 -54.04 -33.79
CA MET D 559 21.33 -54.68 -35.08
C MET D 559 20.99 -56.15 -34.90
N ASN D 560 20.09 -56.62 -35.78
CA ASN D 560 19.67 -58.03 -35.89
C ASN D 560 19.06 -58.54 -34.59
N VAL D 561 18.04 -57.83 -34.10
CA VAL D 561 17.41 -58.16 -32.83
C VAL D 561 15.93 -58.38 -33.08
N ASP D 562 15.47 -59.63 -32.89
CA ASP D 562 14.08 -60.00 -33.13
C ASP D 562 13.17 -59.71 -31.96
N ALA D 563 13.68 -59.20 -30.85
CA ALA D 563 12.87 -58.99 -29.66
C ALA D 563 12.82 -57.51 -29.31
N VAL D 564 11.65 -57.04 -28.88
CA VAL D 564 11.56 -55.71 -28.34
C VAL D 564 12.18 -55.70 -26.94
N TYR D 565 12.63 -54.54 -26.49
CA TYR D 565 13.17 -54.40 -25.15
C TYR D 565 12.76 -53.04 -24.59
N GLN D 566 13.24 -52.77 -23.37
CA GLN D 566 12.88 -51.54 -22.70
C GLN D 566 13.49 -50.31 -23.38
N GLU D 567 14.58 -50.50 -24.12
CA GLU D 567 15.11 -49.39 -24.90
C GLU D 567 14.23 -49.08 -26.10
N HIS D 568 13.67 -50.11 -26.73
CA HIS D 568 12.79 -49.89 -27.87
C HIS D 568 11.50 -49.22 -27.45
N VAL D 569 11.04 -49.49 -26.22
CA VAL D 569 9.91 -48.75 -25.69
C VAL D 569 10.31 -47.31 -25.38
N SER D 570 11.50 -47.11 -24.82
CA SER D 570 11.92 -45.78 -24.41
C SER D 570 12.33 -44.93 -25.61
N TYR D 571 12.90 -45.55 -26.65
CA TYR D 571 13.31 -44.78 -27.82
C TYR D 571 12.13 -44.21 -28.58
N ILE D 572 11.07 -44.99 -28.74
CA ILE D 572 9.90 -44.51 -29.46
C ILE D 572 9.16 -43.47 -28.62
N TYR D 573 9.21 -43.59 -27.30
CA TYR D 573 8.69 -42.52 -26.46
C TYR D 573 9.48 -41.24 -26.64
N LEU D 574 10.81 -41.33 -26.69
CA LEU D 574 11.59 -40.11 -26.86
C LEU D 574 11.50 -39.58 -28.28
N ARG D 575 11.13 -40.43 -29.24
CA ARG D 575 10.91 -39.93 -30.60
C ARG D 575 9.64 -39.09 -30.68
N ASP D 576 8.57 -39.56 -30.06
CA ASP D 576 7.30 -38.84 -30.13
C ASP D 576 7.33 -37.59 -29.25
N SER D 577 8.13 -37.59 -28.21
CA SER D 577 8.37 -36.36 -27.48
C SER D 577 9.44 -35.55 -28.20
N GLY D 578 9.61 -34.30 -27.77
CA GLY D 578 10.49 -33.38 -28.46
C GLY D 578 11.97 -33.54 -28.17
N MET D 579 12.49 -34.76 -28.20
CA MET D 579 13.92 -34.97 -28.03
C MET D 579 14.63 -34.68 -29.34
N PRO D 580 15.64 -33.81 -29.35
CA PRO D 580 16.41 -33.59 -30.57
C PRO D 580 17.28 -34.80 -30.87
N LEU D 581 17.59 -34.97 -32.16
CA LEU D 581 18.22 -36.20 -32.62
C LEU D 581 19.66 -36.32 -32.16
N GLY D 582 20.34 -35.19 -32.00
CA GLY D 582 21.70 -35.20 -31.49
C GLY D 582 21.83 -35.07 -30.00
N SER D 583 20.75 -35.30 -29.25
CA SER D 583 20.77 -35.07 -27.81
C SER D 583 21.56 -36.15 -27.09
N LEU D 584 21.88 -35.87 -25.83
CA LEU D 584 22.71 -36.77 -25.02
C LEU D 584 21.96 -38.03 -24.61
N SER D 585 20.63 -37.95 -24.43
CA SER D 585 19.92 -38.96 -23.65
C SER D 585 19.77 -40.28 -24.40
N PHE D 586 19.93 -40.27 -25.72
CA PHE D 586 19.83 -41.53 -26.47
C PHE D 586 21.02 -42.43 -26.21
N GLU D 587 22.17 -41.85 -25.91
CA GLU D 587 23.37 -42.63 -25.58
C GLU D 587 23.38 -42.88 -24.07
N SER D 588 22.46 -43.76 -23.65
CA SER D 588 22.26 -44.04 -22.24
C SER D 588 23.44 -44.82 -21.66
N SER D 589 23.78 -44.49 -20.41
CA SER D 589 24.86 -45.10 -19.63
C SER D 589 26.25 -44.90 -20.26
N LYS D 590 26.35 -44.01 -21.24
CA LYS D 590 27.64 -43.69 -21.85
C LYS D 590 27.88 -42.20 -21.74
N GLY D 591 26.85 -41.41 -22.01
CA GLY D 591 27.02 -39.97 -21.97
C GLY D 591 26.63 -39.32 -20.67
N ALA D 592 25.82 -40.01 -19.84
CA ALA D 592 25.32 -39.39 -18.62
C ALA D 592 26.44 -39.14 -17.61
N LEU D 593 27.47 -39.98 -17.62
CA LEU D 593 28.62 -39.75 -16.74
C LEU D 593 29.56 -38.71 -17.32
N LYS D 594 29.42 -38.39 -18.61
CA LYS D 594 30.31 -37.41 -19.23
C LYS D 594 29.95 -35.97 -18.88
N LEU D 595 28.82 -35.75 -18.18
CA LEU D 595 28.36 -34.39 -17.93
C LEU D 595 29.26 -33.63 -16.97
N TYR D 596 29.84 -34.32 -15.98
CA TYR D 596 30.65 -33.62 -14.99
C TYR D 596 31.97 -33.13 -15.58
N ASN D 597 32.48 -33.83 -16.59
CA ASN D 597 33.67 -33.37 -17.29
C ASN D 597 33.34 -32.37 -18.37
N SER D 598 32.15 -32.49 -18.98
CA SER D 598 31.76 -31.57 -20.04
C SER D 598 31.44 -30.18 -19.51
N LEU D 599 30.76 -30.11 -18.37
CA LEU D 599 30.42 -28.82 -17.78
C LEU D 599 31.65 -28.08 -17.27
N SER D 600 32.62 -28.81 -16.70
CA SER D 600 33.82 -28.17 -16.19
C SER D 600 34.68 -27.60 -17.31
N LYS D 601 34.62 -28.20 -18.50
CA LYS D 601 35.30 -27.61 -19.65
C LYS D 601 34.55 -26.39 -20.16
N SER D 602 33.22 -26.39 -20.06
CA SER D 602 32.43 -25.31 -20.64
C SER D 602 32.34 -24.11 -19.69
N ILE D 603 32.15 -24.38 -18.40
CA ILE D 603 32.14 -23.31 -17.41
C ILE D 603 33.13 -23.68 -16.31
N ILE D 604 33.69 -22.67 -15.67
CA ILE D 604 34.69 -22.86 -14.61
C ILE D 604 34.05 -22.65 -13.23
N GLY D 605 32.83 -23.13 -13.05
CA GLY D 605 32.06 -22.76 -11.90
C GLY D 605 32.46 -23.52 -10.64
N ASN D 606 31.58 -23.45 -9.66
CA ASN D 606 31.72 -24.30 -8.50
C ASN D 606 31.50 -25.75 -8.91
N GLU D 607 32.44 -26.60 -8.53
CA GLU D 607 32.30 -28.03 -8.79
C GLU D 607 31.31 -28.67 -7.83
N ASP D 608 30.93 -27.98 -6.77
CA ASP D 608 29.92 -28.48 -5.85
C ASP D 608 28.53 -28.47 -6.49
N ILE D 609 28.18 -27.37 -7.17
CA ILE D 609 26.88 -27.27 -7.82
C ILE D 609 26.80 -28.24 -8.99
N ILE D 610 27.89 -28.37 -9.75
CA ILE D 610 27.95 -29.29 -10.89
C ILE D 610 27.86 -30.73 -10.42
N LYS D 611 28.47 -31.05 -9.27
CA LYS D 611 28.38 -32.39 -8.71
C LYS D 611 26.95 -32.74 -8.31
N SER D 612 26.18 -31.74 -7.91
CA SER D 612 24.76 -31.97 -7.66
C SER D 612 23.92 -31.90 -8.93
N LEU D 613 24.28 -31.02 -9.86
CA LEU D 613 23.46 -30.85 -11.06
C LEU D 613 23.61 -32.02 -12.00
N SER D 614 24.85 -32.47 -12.22
CA SER D 614 25.09 -33.59 -13.12
C SER D 614 24.54 -34.89 -12.56
N ASP D 615 24.49 -35.00 -11.23
CA ASP D 615 23.99 -36.22 -10.58
C ASP D 615 22.48 -36.32 -10.70
N ALA D 616 21.79 -35.19 -10.75
CA ALA D 616 20.35 -35.22 -10.96
C ALA D 616 20.00 -35.68 -12.37
N VAL D 617 20.87 -35.37 -13.34
CA VAL D 617 20.68 -35.79 -14.72
C VAL D 617 20.85 -37.30 -14.83
N VAL D 618 21.69 -37.90 -13.97
CA VAL D 618 21.92 -39.34 -13.96
C VAL D 618 20.63 -40.10 -13.66
N LYS D 619 19.72 -39.50 -12.88
CA LYS D 619 18.42 -40.10 -12.63
C LYS D 619 17.55 -40.15 -13.88
N ALA D 620 17.76 -39.24 -14.82
CA ALA D 620 16.97 -39.26 -16.04
C ALA D 620 17.36 -40.42 -16.94
N ALA D 621 18.66 -40.70 -17.05
CA ALA D 621 19.10 -41.79 -17.92
C ALA D 621 18.80 -43.15 -17.29
N THR D 622 18.98 -43.28 -15.98
CA THR D 622 18.61 -44.53 -15.31
C THR D 622 17.11 -44.71 -15.26
N GLY D 623 16.36 -43.62 -15.18
CA GLY D 623 14.93 -43.71 -15.04
C GLY D 623 14.45 -43.86 -13.62
N MET D 624 15.34 -44.06 -12.65
CA MET D 624 14.96 -44.03 -11.25
C MET D 624 14.95 -42.56 -10.80
N LYS D 625 13.74 -42.02 -10.65
CA LYS D 625 13.59 -40.62 -10.29
C LYS D 625 12.20 -40.45 -9.70
N ASP D 626 11.90 -39.22 -9.32
CA ASP D 626 10.58 -38.93 -8.82
C ASP D 626 9.58 -38.94 -9.97
N PRO D 627 8.49 -39.70 -9.85
CA PRO D 627 7.59 -39.88 -10.99
C PRO D 627 6.80 -38.63 -11.34
N GLU D 628 6.36 -37.85 -10.35
CA GLU D 628 5.58 -36.65 -10.61
C GLU D 628 6.24 -35.39 -10.06
N LYS D 629 7.54 -35.44 -9.79
CA LYS D 629 8.29 -34.25 -9.39
C LYS D 629 9.36 -33.99 -10.42
N PRO D 630 9.69 -32.73 -10.70
CA PRO D 630 10.65 -32.44 -11.76
C PRO D 630 12.07 -32.83 -11.35
N ILE D 631 12.85 -33.24 -12.35
CA ILE D 631 14.24 -33.64 -12.12
C ILE D 631 15.06 -32.44 -11.71
N GLY D 632 15.60 -32.49 -10.49
CA GLY D 632 16.57 -31.52 -10.05
C GLY D 632 16.11 -30.07 -10.03
N THR D 633 15.26 -29.73 -9.08
CA THR D 633 14.98 -28.32 -8.83
C THR D 633 16.19 -27.65 -8.22
N PHE D 634 16.47 -26.42 -8.66
CA PHE D 634 17.60 -25.69 -8.13
C PHE D 634 17.17 -24.27 -7.81
N LEU D 635 18.00 -23.61 -7.02
CA LEU D 635 17.86 -22.18 -6.69
C LEU D 635 19.27 -21.64 -6.58
N PHE D 636 19.70 -20.92 -7.61
CA PHE D 636 21.06 -20.41 -7.64
C PHE D 636 21.12 -19.04 -6.97
N LEU D 637 22.23 -18.77 -6.29
CA LEU D 637 22.41 -17.51 -5.60
C LEU D 637 23.85 -17.05 -5.74
N GLY D 638 24.08 -15.77 -5.51
CA GLY D 638 25.41 -15.22 -5.54
C GLY D 638 25.44 -13.76 -5.92
N PRO D 639 26.64 -13.20 -6.08
CA PRO D 639 26.75 -11.81 -6.51
C PRO D 639 26.38 -11.65 -7.97
N THR D 640 26.18 -10.41 -8.39
CA THR D 640 25.90 -10.14 -9.78
C THR D 640 27.15 -10.35 -10.64
N GLY D 641 26.93 -10.76 -11.88
CA GLY D 641 28.01 -10.95 -12.81
C GLY D 641 28.61 -12.34 -12.85
N VAL D 642 28.48 -13.13 -11.79
CA VAL D 642 28.92 -14.52 -11.86
C VAL D 642 27.82 -15.33 -12.55
N GLY D 643 28.17 -16.56 -12.93
CA GLY D 643 27.54 -17.28 -14.02
C GLY D 643 26.34 -18.10 -13.65
N LYS D 644 25.33 -17.44 -13.07
CA LYS D 644 24.17 -18.16 -12.61
C LYS D 644 23.33 -18.66 -13.78
N THR D 645 23.27 -17.89 -14.87
CA THR D 645 22.46 -18.33 -16.00
C THR D 645 23.19 -19.30 -16.93
N GLU D 646 24.52 -19.17 -17.09
CA GLU D 646 25.17 -19.96 -18.13
C GLU D 646 25.39 -21.40 -17.72
N LEU D 647 25.24 -21.71 -16.45
CA LEU D 647 25.01 -23.11 -16.10
C LEU D 647 23.73 -23.61 -16.75
N ALA D 648 22.65 -22.82 -16.66
CA ALA D 648 21.41 -23.24 -17.28
C ALA D 648 21.43 -23.04 -18.78
N LYS D 649 22.33 -22.19 -19.29
CA LYS D 649 22.41 -22.00 -20.74
C LYS D 649 23.23 -23.10 -21.42
N THR D 650 24.28 -23.61 -20.77
CA THR D 650 25.06 -24.67 -21.40
C THR D 650 24.38 -26.02 -21.30
N LEU D 651 23.35 -26.15 -20.45
CA LEU D 651 22.56 -27.39 -20.44
C LEU D 651 21.75 -27.52 -21.72
N ALA D 652 21.36 -26.41 -22.34
CA ALA D 652 20.82 -26.47 -23.68
C ALA D 652 21.87 -26.89 -24.69
N ILE D 653 23.14 -26.58 -24.41
CA ILE D 653 24.24 -26.89 -25.33
C ILE D 653 24.76 -28.30 -25.16
N GLU D 654 24.66 -28.88 -23.96
CA GLU D 654 25.23 -30.20 -23.70
C GLU D 654 24.18 -31.29 -23.59
N LEU D 655 23.13 -31.09 -22.79
CA LEU D 655 22.12 -32.12 -22.66
C LEU D 655 21.25 -32.23 -23.90
N PHE D 656 21.17 -31.18 -24.70
CA PHE D 656 20.27 -31.17 -25.85
C PHE D 656 20.88 -30.64 -27.13
N ASN D 657 22.01 -29.92 -27.06
CA ASN D 657 22.74 -29.37 -28.21
C ASN D 657 21.86 -28.47 -29.07
N SER D 658 21.03 -27.67 -28.41
CA SER D 658 20.07 -26.82 -29.12
C SER D 658 19.77 -25.63 -28.23
N LYS D 659 20.14 -24.42 -28.69
CA LYS D 659 19.96 -23.23 -27.86
C LYS D 659 18.48 -22.88 -27.71
N ASP D 660 17.65 -23.23 -28.69
CA ASP D 660 16.23 -22.90 -28.59
C ASP D 660 15.49 -23.82 -27.63
N ASN D 661 16.09 -24.96 -27.27
CA ASN D 661 15.44 -25.91 -26.37
C ASN D 661 15.44 -25.39 -24.93
N LEU D 662 16.36 -24.49 -24.62
CA LEU D 662 16.24 -23.71 -23.40
C LEU D 662 14.98 -22.87 -23.44
N ILE D 663 14.23 -22.88 -22.34
CA ILE D 663 13.07 -22.03 -22.20
C ILE D 663 13.47 -20.94 -21.21
N ARG D 664 13.94 -19.82 -21.74
CA ARG D 664 14.34 -18.70 -20.89
C ARG D 664 13.09 -17.91 -20.55
N VAL D 665 12.51 -18.21 -19.39
CA VAL D 665 11.43 -17.38 -18.89
C VAL D 665 12.01 -16.22 -18.11
N ASN D 666 11.83 -15.02 -18.62
CA ASN D 666 12.35 -13.81 -17.98
C ASN D 666 11.34 -13.45 -16.90
N MET D 667 11.71 -13.77 -15.66
CA MET D 667 10.84 -13.51 -14.51
C MET D 667 10.69 -12.02 -14.23
N SER D 668 11.60 -11.20 -14.75
CA SER D 668 11.59 -9.77 -14.47
C SER D 668 10.37 -9.06 -15.05
N GLU D 669 9.72 -9.64 -16.06
CA GLU D 669 8.51 -9.02 -16.59
C GLU D 669 7.27 -9.32 -15.76
N PHE D 670 7.42 -10.08 -14.67
CA PHE D 670 6.28 -10.47 -13.86
C PHE D 670 6.16 -9.65 -12.57
N THR D 671 6.64 -8.40 -12.57
CA THR D 671 6.60 -7.60 -11.35
C THR D 671 5.18 -7.14 -11.02
N GLU D 672 4.33 -7.00 -12.03
CA GLU D 672 2.94 -6.67 -11.76
C GLU D 672 2.22 -7.90 -11.22
N ALA D 673 1.25 -7.63 -10.34
CA ALA D 673 0.58 -8.72 -9.63
C ALA D 673 -0.32 -9.54 -10.55
N HIS D 674 -0.84 -8.94 -11.60
CA HIS D 674 -1.72 -9.62 -12.53
C HIS D 674 -0.97 -10.25 -13.69
N SER D 675 0.32 -10.50 -13.53
CA SER D 675 1.12 -11.21 -14.54
C SER D 675 1.05 -12.71 -14.40
N VAL D 676 0.19 -13.22 -13.51
CA VAL D 676 -0.06 -14.66 -13.41
C VAL D 676 -0.61 -15.20 -14.71
N SER D 677 -1.44 -14.40 -15.39
CA SER D 677 -2.17 -14.86 -16.56
C SER D 677 -1.29 -15.08 -17.79
N LYS D 678 0.00 -14.77 -17.71
CA LYS D 678 0.88 -15.20 -18.80
C LYS D 678 1.23 -16.68 -18.66
N ILE D 679 1.20 -17.21 -17.45
CA ILE D 679 1.62 -18.60 -17.24
C ILE D 679 0.47 -19.54 -17.59
N THR D 680 -0.62 -19.49 -16.82
CA THR D 680 -1.73 -20.40 -17.05
C THR D 680 -2.67 -19.94 -18.15
N GLY D 681 -2.45 -18.75 -18.69
CA GLY D 681 -3.33 -18.20 -19.70
C GLY D 681 -4.51 -17.47 -19.08
N SER D 682 -5.30 -16.85 -19.96
CA SER D 682 -6.47 -16.13 -19.51
C SER D 682 -7.62 -17.10 -19.29
N PRO D 683 -8.41 -16.93 -18.23
CA PRO D 683 -9.55 -17.82 -18.01
C PRO D 683 -10.65 -17.57 -19.02
N PRO D 684 -11.59 -18.52 -19.20
CA PRO D 684 -12.56 -18.41 -20.30
C PRO D 684 -13.49 -17.21 -20.18
N GLY D 685 -13.85 -16.66 -21.34
CA GLY D 685 -14.61 -15.43 -21.41
C GLY D 685 -13.78 -14.18 -21.59
N TYR D 686 -12.49 -14.31 -21.87
CA TYR D 686 -11.62 -13.14 -21.94
C TYR D 686 -10.73 -13.23 -23.17
N VAL D 687 -9.96 -12.16 -23.38
CA VAL D 687 -9.08 -12.10 -24.54
C VAL D 687 -7.90 -13.03 -24.33
N GLY D 688 -7.59 -13.84 -25.35
CA GLY D 688 -6.44 -14.71 -25.30
C GLY D 688 -6.71 -16.08 -24.74
N PHE D 689 -7.94 -16.59 -24.86
CA PHE D 689 -8.26 -17.90 -24.32
C PHE D 689 -7.85 -19.02 -25.27
N SER D 690 -7.55 -18.70 -26.53
CA SER D 690 -7.25 -19.72 -27.53
C SER D 690 -5.95 -20.45 -27.23
N ASP D 691 -4.88 -19.71 -26.96
CA ASP D 691 -3.67 -20.37 -26.52
C ASP D 691 -3.74 -20.69 -25.04
N SER D 692 -2.94 -21.67 -24.62
CA SER D 692 -2.96 -22.12 -23.24
C SER D 692 -2.26 -21.15 -22.31
N GLY D 693 -1.42 -20.30 -22.86
CA GLY D 693 -0.58 -19.46 -22.04
C GLY D 693 0.78 -19.33 -22.65
N GLN D 694 1.54 -18.36 -22.16
CA GLN D 694 2.82 -18.08 -22.79
C GLN D 694 3.86 -19.11 -22.41
N LEU D 695 3.75 -19.67 -21.21
CA LEU D 695 4.67 -20.70 -20.75
C LEU D 695 4.20 -22.11 -21.08
N THR D 696 2.91 -22.39 -20.87
CA THR D 696 2.43 -23.76 -20.93
C THR D 696 2.33 -24.27 -22.35
N GLU D 697 2.13 -23.38 -23.32
CA GLU D 697 2.21 -23.80 -24.72
C GLU D 697 3.64 -24.13 -25.10
N ALA D 698 4.62 -23.47 -24.47
CA ALA D 698 6.01 -23.75 -24.77
C ALA D 698 6.46 -25.08 -24.17
N VAL D 699 5.97 -25.43 -22.99
CA VAL D 699 6.37 -26.69 -22.36
C VAL D 699 5.72 -27.87 -23.08
N ARG D 700 4.47 -27.71 -23.53
CA ARG D 700 3.83 -28.75 -24.33
C ARG D 700 4.51 -28.93 -25.67
N GLU D 701 5.11 -27.87 -26.22
CA GLU D 701 5.81 -28.01 -27.50
C GLU D 701 7.10 -28.78 -27.32
N LYS D 702 7.87 -28.50 -26.28
CA LYS D 702 9.13 -29.20 -26.01
C LYS D 702 9.07 -29.73 -24.57
N PRO D 703 8.65 -30.98 -24.39
CA PRO D 703 8.52 -31.53 -23.04
C PRO D 703 9.82 -31.95 -22.38
N HIS D 704 10.96 -31.58 -22.94
CA HIS D 704 12.26 -31.94 -22.36
C HIS D 704 13.18 -30.74 -22.48
N SER D 705 13.22 -29.95 -21.41
CA SER D 705 13.86 -28.65 -21.48
C SER D 705 14.31 -28.24 -20.10
N VAL D 706 15.37 -27.45 -20.07
CA VAL D 706 15.80 -26.80 -18.84
C VAL D 706 15.05 -25.47 -18.71
N VAL D 707 14.11 -25.41 -17.77
CA VAL D 707 13.32 -24.20 -17.62
C VAL D 707 14.08 -23.19 -16.77
N LEU D 708 14.27 -22.00 -17.33
CA LEU D 708 15.13 -20.99 -16.76
C LEU D 708 14.27 -19.85 -16.24
N PHE D 709 14.49 -19.49 -14.98
CA PHE D 709 13.82 -18.33 -14.38
C PHE D 709 14.92 -17.34 -13.97
N ASP D 710 15.35 -16.51 -14.91
CA ASP D 710 16.31 -15.48 -14.58
C ASP D 710 15.64 -14.40 -13.76
N GLU D 711 16.34 -13.95 -12.72
CA GLU D 711 15.90 -12.87 -11.82
C GLU D 711 14.58 -13.23 -11.14
N LEU D 712 14.61 -14.28 -10.33
CA LEU D 712 13.43 -14.75 -9.61
C LEU D 712 12.94 -13.72 -8.61
N GLU D 713 13.87 -12.97 -7.99
CA GLU D 713 13.55 -11.90 -7.06
C GLU D 713 12.63 -10.85 -7.68
N LYS D 714 12.88 -10.50 -8.94
CA LYS D 714 12.17 -9.41 -9.60
C LYS D 714 10.83 -9.90 -10.12
N ALA D 715 9.93 -10.17 -9.18
CA ALA D 715 8.58 -10.63 -9.50
C ALA D 715 7.67 -10.33 -8.33
N HIS D 716 6.38 -10.19 -8.64
CA HIS D 716 5.39 -10.07 -7.58
C HIS D 716 5.20 -11.42 -6.89
N ALA D 717 4.68 -11.39 -5.67
CA ALA D 717 4.52 -12.61 -4.89
C ALA D 717 3.43 -13.52 -5.44
N ASP D 718 2.61 -13.04 -6.38
CA ASP D 718 1.56 -13.87 -6.96
C ASP D 718 2.12 -14.91 -7.92
N VAL D 719 3.20 -14.58 -8.64
CA VAL D 719 3.83 -15.54 -9.54
C VAL D 719 4.52 -16.61 -8.73
N PHE D 720 4.98 -16.25 -7.53
CA PHE D 720 5.48 -17.24 -6.57
C PHE D 720 4.40 -18.26 -6.22
N LYS D 721 3.13 -17.85 -6.17
CA LYS D 721 2.06 -18.76 -5.77
C LYS D 721 1.84 -19.88 -6.78
N VAL D 722 1.91 -19.55 -8.07
CA VAL D 722 1.77 -20.54 -9.12
C VAL D 722 3.02 -21.42 -9.21
N LEU D 723 4.17 -20.86 -8.86
CA LEU D 723 5.43 -21.59 -8.93
C LEU D 723 5.51 -22.71 -7.90
N LEU D 724 4.80 -22.57 -6.77
CA LEU D 724 4.69 -23.65 -5.80
C LEU D 724 4.04 -24.89 -6.38
N GLN D 725 3.14 -24.72 -7.34
CA GLN D 725 2.55 -25.86 -8.01
C GLN D 725 3.56 -26.58 -8.90
N ILE D 726 4.41 -25.83 -9.60
CA ILE D 726 5.31 -26.40 -10.59
C ILE D 726 6.46 -27.14 -9.92
N LEU D 727 6.95 -26.62 -8.81
CA LEU D 727 8.06 -27.27 -8.14
C LEU D 727 7.61 -28.49 -7.34
N GLY D 728 6.38 -28.48 -6.82
CA GLY D 728 5.89 -29.63 -6.09
C GLY D 728 5.37 -30.74 -6.98
N ASP D 729 4.68 -30.40 -8.06
CA ASP D 729 4.06 -31.39 -8.93
C ASP D 729 4.25 -30.95 -10.37
N GLY D 730 3.91 -31.83 -11.29
CA GLY D 730 3.72 -31.38 -12.65
C GLY D 730 2.35 -30.82 -12.92
N TYR D 731 1.49 -30.79 -11.92
CA TYR D 731 0.05 -30.73 -12.08
C TYR D 731 -0.50 -29.33 -12.31
N ILE D 732 0.27 -28.39 -12.86
CA ILE D 732 -0.32 -27.11 -13.25
C ILE D 732 -1.36 -27.37 -14.34
N ASN D 733 -2.43 -26.59 -14.30
CA ASN D 733 -3.49 -26.79 -15.27
C ASN D 733 -3.59 -25.58 -16.19
N ASP D 734 -4.10 -25.83 -17.38
CA ASP D 734 -4.19 -24.78 -18.37
C ASP D 734 -5.51 -24.06 -18.28
N ASN D 735 -5.79 -23.30 -19.34
CA ASN D 735 -7.11 -22.72 -19.51
C ASN D 735 -8.16 -23.77 -19.79
N HIS D 736 -7.86 -24.76 -20.61
CA HIS D 736 -8.78 -25.85 -20.88
C HIS D 736 -8.61 -27.02 -19.92
N ARG D 737 -7.82 -26.83 -18.86
CA ARG D 737 -7.43 -27.86 -17.90
C ARG D 737 -6.76 -29.05 -18.62
N ARG D 738 -5.82 -28.73 -19.50
CA ARG D 738 -4.87 -29.75 -19.95
C ARG D 738 -3.82 -29.97 -18.89
N ASN D 739 -3.62 -31.23 -18.51
CA ASN D 739 -2.54 -31.56 -17.60
C ASN D 739 -1.20 -31.45 -18.32
N ILE D 740 -0.20 -31.00 -17.58
CA ILE D 740 1.16 -30.84 -18.08
C ILE D 740 2.03 -31.76 -17.25
N ASP D 741 3.14 -32.21 -17.82
CA ASP D 741 4.16 -32.93 -17.09
C ASP D 741 5.42 -32.08 -17.06
N PHE D 742 5.73 -31.51 -15.90
CA PHE D 742 7.06 -30.95 -15.71
C PHE D 742 8.07 -31.96 -15.21
N SER D 743 7.69 -33.23 -15.16
CA SER D 743 8.68 -34.28 -15.11
C SER D 743 9.49 -34.26 -16.40
N ASN D 744 10.72 -34.77 -16.32
CA ASN D 744 11.73 -34.73 -17.38
C ASN D 744 12.12 -33.30 -17.77
N THR D 745 11.90 -32.32 -16.90
CA THR D 745 12.29 -30.94 -17.15
C THR D 745 13.02 -30.40 -15.93
N ILE D 746 14.31 -30.10 -16.08
CA ILE D 746 15.06 -29.45 -15.01
C ILE D 746 14.60 -28.01 -14.88
N ILE D 747 14.34 -27.58 -13.65
CA ILE D 747 13.85 -26.24 -13.37
C ILE D 747 14.93 -25.48 -12.63
N ILE D 748 15.47 -24.45 -13.25
CA ILE D 748 16.57 -23.69 -12.67
C ILE D 748 16.17 -22.22 -12.54
N MET D 749 15.95 -21.78 -11.31
CA MET D 749 15.68 -20.39 -11.03
C MET D 749 16.89 -19.72 -10.38
N THR D 750 17.14 -18.47 -10.76
CA THR D 750 18.24 -17.69 -10.21
C THR D 750 17.68 -16.37 -9.69
N SER D 751 18.26 -15.89 -8.59
CA SER D 751 17.86 -14.60 -8.02
C SER D 751 19.07 -13.93 -7.39
N ASN D 752 19.00 -12.61 -7.27
CA ASN D 752 20.15 -11.80 -6.88
C ASN D 752 20.25 -11.57 -5.38
N LEU D 753 19.36 -12.16 -4.59
CA LEU D 753 19.29 -11.89 -3.15
C LEU D 753 20.58 -12.37 -2.48
N GLY D 754 20.90 -11.79 -1.34
CA GLY D 754 22.30 -11.66 -0.99
C GLY D 754 22.82 -10.37 -1.57
N ALA D 755 24.14 -10.32 -1.80
CA ALA D 755 24.92 -9.23 -2.42
C ALA D 755 24.97 -7.95 -1.57
N GLU D 756 24.22 -7.93 -0.48
CA GLU D 756 24.43 -6.98 0.60
C GLU D 756 24.67 -7.73 1.89
N LEU D 757 23.97 -8.85 2.04
CA LEU D 757 24.17 -9.85 3.08
C LEU D 757 25.40 -10.70 2.85
N PHE D 758 25.99 -10.66 1.66
CA PHE D 758 26.98 -11.63 1.20
C PHE D 758 28.38 -11.35 1.76
N LYS D 759 28.48 -10.57 2.84
CA LYS D 759 29.74 -10.24 3.53
C LYS D 759 30.66 -9.54 2.54
N LYS D 760 30.33 -8.30 2.20
CA LYS D 760 31.09 -7.48 1.26
C LYS D 760 32.52 -7.17 1.70
N LYS D 761 33.24 -6.27 1.01
CA LYS D 761 34.62 -6.45 0.53
C LYS D 761 35.55 -7.54 1.16
N LEU D 762 35.27 -7.94 2.42
CA LEU D 762 36.05 -8.93 3.18
C LEU D 762 36.23 -10.16 2.30
N PHE D 763 35.17 -10.67 1.67
CA PHE D 763 35.37 -11.85 0.82
C PHE D 763 35.54 -11.50 -0.66
N PHE D 764 35.18 -10.28 -1.08
CA PHE D 764 35.41 -9.91 -2.47
C PHE D 764 36.86 -9.53 -2.69
N ASP D 765 37.31 -8.50 -1.97
CA ASP D 765 38.58 -7.89 -2.28
C ASP D 765 39.75 -8.70 -1.72
N ALA D 766 39.54 -9.36 -0.57
CA ALA D 766 40.65 -10.04 0.08
C ALA D 766 40.81 -11.50 -0.35
N ASP D 767 39.79 -12.11 -0.94
CA ASP D 767 39.90 -13.51 -1.38
C ASP D 767 40.39 -13.56 -2.83
N ASN D 768 41.71 -13.43 -2.96
CA ASN D 768 42.37 -13.67 -4.22
C ASN D 768 42.97 -15.07 -4.30
N SER D 769 42.82 -15.86 -3.24
CA SER D 769 43.27 -17.24 -3.21
C SER D 769 42.31 -18.04 -2.33
N GLY D 770 42.08 -19.28 -2.70
CA GLY D 770 41.18 -20.13 -1.94
C GLY D 770 41.89 -21.01 -0.93
N THR D 771 41.83 -20.64 0.34
CA THR D 771 42.40 -21.41 1.42
C THR D 771 41.27 -21.95 2.29
N PRO D 772 41.53 -22.92 3.18
CA PRO D 772 40.53 -23.26 4.19
C PRO D 772 40.21 -22.13 5.16
N GLU D 773 41.09 -21.13 5.28
CA GLU D 773 40.80 -20.00 6.16
C GLU D 773 39.71 -19.11 5.58
N TYR D 774 39.74 -18.87 4.28
CA TYR D 774 38.66 -18.10 3.65
C TYR D 774 37.39 -18.92 3.50
N LYS D 775 37.53 -20.24 3.34
CA LYS D 775 36.40 -21.08 2.94
C LYS D 775 35.40 -21.26 4.07
N ARG D 776 35.83 -21.05 5.32
CA ARG D 776 34.93 -21.16 6.46
C ARG D 776 33.93 -20.02 6.50
N VAL D 777 34.20 -18.93 5.80
CA VAL D 777 33.25 -17.82 5.74
C VAL D 777 32.05 -18.18 4.87
N MET D 778 32.30 -18.92 3.78
CA MET D 778 31.25 -19.21 2.80
C MET D 778 30.14 -20.08 3.36
N GLU D 779 30.48 -20.99 4.27
CA GLU D 779 29.45 -21.75 4.97
C GLU D 779 28.62 -20.86 5.88
N ASP D 780 29.26 -19.87 6.51
CA ASP D 780 28.54 -18.97 7.40
C ASP D 780 27.68 -17.98 6.62
N VAL D 781 28.05 -17.67 5.38
CA VAL D 781 27.24 -16.78 4.56
C VAL D 781 26.11 -17.58 3.94
N ARG D 782 26.39 -18.81 3.51
CA ARG D 782 25.40 -19.65 2.85
C ARG D 782 24.21 -19.94 3.76
N LEU D 783 24.49 -20.17 5.04
CA LEU D 783 23.40 -20.34 6.00
C LEU D 783 22.58 -19.08 6.24
N SER D 784 23.19 -17.90 6.13
CA SER D 784 22.42 -16.68 6.26
C SER D 784 21.64 -16.39 4.97
N LEU D 785 22.13 -16.89 3.83
CA LEU D 785 21.36 -16.79 2.60
C LEU D 785 20.11 -17.63 2.63
N ILE D 786 20.19 -18.83 3.23
CA ILE D 786 19.03 -19.69 3.37
C ILE D 786 18.04 -19.08 4.36
N LYS D 787 18.55 -18.46 5.43
CA LYS D 787 17.68 -17.75 6.36
C LYS D 787 17.09 -16.50 5.73
N LYS D 788 17.79 -15.88 4.78
CA LYS D 788 17.20 -14.78 4.03
C LYS D 788 16.18 -15.30 3.03
N CYS D 789 16.39 -16.51 2.51
CA CYS D 789 15.44 -17.11 1.58
C CYS D 789 14.12 -17.46 2.25
N LYS D 790 14.14 -17.69 3.56
CA LYS D 790 12.90 -17.95 4.29
C LYS D 790 12.02 -16.71 4.37
N LYS D 791 12.62 -15.54 4.52
CA LYS D 791 11.88 -14.33 4.81
C LYS D 791 11.30 -13.65 3.59
N VAL D 792 11.88 -13.86 2.41
CA VAL D 792 11.41 -13.21 1.19
C VAL D 792 10.69 -14.22 0.32
N PHE D 793 11.34 -15.38 0.07
CA PHE D 793 10.85 -16.46 -0.79
C PHE D 793 10.00 -17.47 -0.04
N LYS D 794 9.17 -17.06 0.94
CA LYS D 794 7.99 -17.78 1.42
C LYS D 794 8.28 -19.23 1.81
N PRO D 795 8.77 -19.49 3.05
CA PRO D 795 9.66 -20.65 3.34
C PRO D 795 9.33 -22.00 2.73
N GLU D 796 8.10 -22.24 2.29
CA GLU D 796 7.75 -23.52 1.68
C GLU D 796 8.40 -23.72 0.32
N PHE D 797 8.94 -22.67 -0.31
CA PHE D 797 9.74 -22.84 -1.51
C PHE D 797 11.00 -23.63 -1.25
N VAL D 798 11.59 -23.47 -0.07
CA VAL D 798 12.81 -24.18 0.28
C VAL D 798 12.53 -25.68 0.39
N ASN D 799 11.27 -26.05 0.65
CA ASN D 799 10.92 -27.46 0.72
C ASN D 799 10.98 -28.14 -0.64
N ARG D 800 10.55 -27.45 -1.70
CA ARG D 800 10.55 -28.11 -3.00
C ARG D 800 11.92 -28.12 -3.63
N ILE D 801 12.75 -27.11 -3.33
CA ILE D 801 14.02 -26.95 -4.04
C ILE D 801 15.00 -28.02 -3.59
N ASP D 802 15.47 -28.81 -4.55
CA ASP D 802 16.30 -29.96 -4.23
C ASP D 802 17.72 -29.58 -3.83
N LYS D 803 18.26 -28.50 -4.37
CA LYS D 803 19.65 -28.14 -4.10
C LYS D 803 19.83 -26.65 -4.31
N ILE D 804 20.11 -25.93 -3.21
CA ILE D 804 20.29 -24.49 -3.27
C ILE D 804 21.80 -24.25 -3.46
N GLY D 805 22.21 -24.09 -4.71
CA GLY D 805 23.58 -23.72 -4.98
C GLY D 805 23.83 -22.25 -4.73
N VAL D 806 25.07 -21.93 -4.36
CA VAL D 806 25.50 -20.55 -4.13
C VAL D 806 26.82 -20.34 -4.86
N PHE D 807 26.86 -19.36 -5.75
CA PHE D 807 28.07 -19.13 -6.52
C PHE D 807 29.03 -18.23 -5.75
N GLU D 808 30.29 -18.62 -5.76
CA GLU D 808 31.33 -17.78 -5.22
C GLU D 808 31.73 -16.70 -6.23
N PRO D 809 32.25 -15.58 -5.75
CA PRO D 809 32.78 -14.58 -6.68
C PRO D 809 34.09 -15.04 -7.32
N LEU D 810 34.39 -14.48 -8.49
CA LEU D 810 35.44 -14.99 -9.35
C LEU D 810 36.82 -14.60 -8.85
N ASN D 811 37.69 -15.60 -8.69
CA ASN D 811 39.08 -15.37 -8.35
C ASN D 811 39.87 -15.03 -9.60
N LYS D 812 41.05 -14.44 -9.40
CA LYS D 812 41.94 -14.14 -10.51
C LYS D 812 42.43 -15.40 -11.20
N LYS D 813 42.69 -16.46 -10.44
CA LYS D 813 43.00 -17.74 -11.04
C LYS D 813 41.75 -18.37 -11.64
N ASN D 814 40.57 -18.07 -11.09
CA ASN D 814 39.32 -18.57 -11.63
C ASN D 814 38.95 -17.82 -12.90
N LEU D 815 39.06 -16.49 -12.90
CA LEU D 815 38.67 -15.70 -14.05
C LEU D 815 39.64 -15.82 -15.21
N HIS D 816 40.88 -16.28 -14.93
CA HIS D 816 41.88 -16.46 -15.98
C HIS D 816 41.48 -17.53 -16.98
N LYS D 817 40.73 -18.54 -16.53
CA LYS D 817 40.26 -19.56 -17.46
C LYS D 817 39.05 -19.10 -18.26
N ILE D 818 38.27 -18.19 -17.69
CA ILE D 818 37.06 -17.70 -18.36
C ILE D 818 37.42 -16.84 -19.55
N VAL D 819 38.48 -16.03 -19.43
CA VAL D 819 38.93 -15.19 -20.52
C VAL D 819 39.47 -16.03 -21.67
N ALA D 820 40.11 -17.17 -21.35
CA ALA D 820 40.56 -18.09 -22.39
C ALA D 820 39.38 -18.73 -23.14
N LEU D 821 38.25 -18.87 -22.47
CA LEU D 821 37.06 -19.39 -23.15
C LEU D 821 36.45 -18.37 -24.09
N ARG D 822 36.54 -17.09 -23.74
CA ARG D 822 35.96 -16.04 -24.59
C ARG D 822 36.72 -15.91 -25.90
N PHE D 823 38.04 -16.08 -25.88
CA PHE D 823 38.79 -16.03 -27.11
C PHE D 823 38.59 -17.29 -27.95
N LYS D 824 38.26 -18.42 -27.32
CA LYS D 824 37.84 -19.57 -28.08
C LYS D 824 36.47 -19.35 -28.70
N LYS D 825 35.62 -18.55 -28.06
CA LYS D 825 34.36 -18.15 -28.66
C LYS D 825 34.50 -16.93 -29.55
N LEU D 826 35.69 -16.33 -29.60
CA LEU D 826 35.85 -15.12 -30.40
C LEU D 826 35.98 -15.44 -31.88
N GLU D 827 36.50 -16.62 -32.23
CA GLU D 827 36.47 -17.02 -33.63
C GLU D 827 35.09 -17.45 -34.10
N LYS D 828 34.18 -17.74 -33.16
CA LYS D 828 32.86 -18.20 -33.55
C LYS D 828 32.04 -17.09 -34.21
N ARG D 829 32.31 -15.83 -33.85
CA ARG D 829 31.77 -14.73 -34.62
C ARG D 829 32.65 -14.36 -35.81
N LEU D 830 33.88 -14.89 -35.86
CA LEU D 830 34.79 -14.65 -36.96
C LEU D 830 34.96 -15.84 -37.88
N GLU D 831 34.18 -16.90 -37.67
CA GLU D 831 34.28 -18.09 -38.51
C GLU D 831 33.83 -17.81 -39.93
N GLU D 832 32.84 -16.92 -40.10
CA GLU D 832 32.47 -16.50 -41.45
C GLU D 832 33.52 -15.59 -42.05
N LYS D 833 34.39 -15.01 -41.23
CA LYS D 833 35.48 -14.20 -41.74
C LYS D 833 36.84 -14.90 -41.70
N ASN D 834 36.93 -16.05 -41.01
CA ASN D 834 38.13 -16.90 -40.95
C ASN D 834 39.34 -16.14 -40.38
N ILE D 835 39.13 -15.48 -39.24
CA ILE D 835 40.22 -14.77 -38.59
C ILE D 835 40.49 -15.41 -37.25
N GLN D 836 41.52 -16.24 -37.19
CA GLN D 836 41.89 -16.92 -35.95
C GLN D 836 42.58 -15.95 -35.00
N VAL D 837 42.19 -15.99 -33.73
CA VAL D 837 42.65 -15.04 -32.72
C VAL D 837 43.14 -15.85 -31.53
N SER D 838 44.45 -16.10 -31.49
CA SER D 838 45.07 -16.71 -30.33
C SER D 838 45.68 -15.62 -29.45
N VAL D 839 45.67 -15.86 -28.14
CA VAL D 839 46.13 -14.88 -27.17
C VAL D 839 47.07 -15.56 -26.18
N SER D 840 48.25 -14.98 -25.99
CA SER D 840 49.20 -15.48 -24.99
C SER D 840 48.68 -15.25 -23.57
N GLU D 841 49.21 -16.03 -22.63
CA GLU D 841 48.70 -16.00 -21.27
C GLU D 841 49.08 -14.73 -20.52
N LYS D 842 50.24 -14.15 -20.84
CA LYS D 842 50.66 -12.93 -20.16
C LYS D 842 49.80 -11.75 -20.55
N ALA D 843 49.32 -11.72 -21.80
CA ALA D 843 48.39 -10.68 -22.21
C ALA D 843 47.03 -10.86 -21.55
N ILE D 844 46.65 -12.09 -21.24
CA ILE D 844 45.44 -12.34 -20.46
C ILE D 844 45.60 -11.79 -19.05
N ASP D 845 46.81 -11.90 -18.49
CA ASP D 845 47.07 -11.35 -17.18
C ASP D 845 47.03 -9.83 -17.19
N TYR D 846 47.40 -9.21 -18.32
CA TYR D 846 47.29 -7.77 -18.42
C TYR D 846 45.84 -7.32 -18.51
N ILE D 847 44.98 -8.13 -19.14
CA ILE D 847 43.55 -7.81 -19.20
C ILE D 847 42.93 -7.87 -17.81
N ILE D 848 43.32 -8.86 -17.02
CA ILE D 848 42.74 -9.03 -15.69
C ILE D 848 43.22 -7.94 -14.74
N ASP D 849 44.53 -7.67 -14.72
CA ASP D 849 45.08 -6.76 -13.71
C ASP D 849 44.69 -5.31 -13.96
N GLN D 850 44.36 -4.96 -15.21
CA GLN D 850 43.87 -3.61 -15.46
C GLN D 850 42.40 -3.42 -15.09
N SER D 851 41.60 -4.47 -15.15
CA SER D 851 40.15 -4.28 -15.02
C SER D 851 39.46 -5.33 -14.16
N TYR D 852 40.07 -5.72 -13.03
CA TYR D 852 39.47 -6.71 -12.16
C TYR D 852 38.54 -6.05 -11.17
N ASP D 853 37.27 -6.44 -11.18
CA ASP D 853 36.27 -5.96 -10.22
C ASP D 853 35.56 -7.18 -9.65
N PRO D 854 35.95 -7.63 -8.46
CA PRO D 854 35.39 -8.88 -7.92
C PRO D 854 33.95 -8.75 -7.46
N GLU D 855 33.51 -7.55 -7.12
CA GLU D 855 32.13 -7.35 -6.72
C GLU D 855 31.18 -7.48 -7.90
N LEU D 856 31.61 -7.09 -9.09
CA LEU D 856 30.74 -7.06 -10.26
C LEU D 856 30.72 -8.37 -11.03
N GLY D 857 31.43 -9.39 -10.56
CA GLY D 857 31.44 -10.65 -11.27
C GLY D 857 32.20 -10.64 -12.58
N ALA D 858 33.13 -9.69 -12.73
CA ALA D 858 34.07 -9.58 -13.85
C ALA D 858 33.39 -9.37 -15.20
N ARG D 859 32.15 -8.87 -15.19
CA ARG D 859 31.62 -8.17 -16.36
C ARG D 859 32.50 -6.99 -16.81
N PRO D 860 33.19 -6.23 -15.95
CA PRO D 860 34.15 -5.26 -16.49
C PRO D 860 35.33 -5.88 -17.23
N THR D 861 35.72 -7.11 -16.92
CA THR D 861 36.73 -7.77 -17.74
C THR D 861 36.19 -8.10 -19.12
N LEU D 862 34.92 -8.47 -19.21
CA LEU D 862 34.33 -8.84 -20.49
C LEU D 862 34.10 -7.61 -21.36
N ILE D 863 33.72 -6.49 -20.74
CA ILE D 863 33.56 -5.25 -21.50
C ILE D 863 34.91 -4.73 -21.95
N PHE D 864 35.95 -4.87 -21.10
CA PHE D 864 37.30 -4.43 -21.46
C PHE D 864 37.85 -5.22 -22.65
N ILE D 865 37.41 -6.46 -22.82
CA ILE D 865 37.71 -7.17 -24.06
C ILE D 865 36.93 -6.56 -25.22
N GLU D 866 35.63 -6.38 -25.04
CA GLU D 866 34.78 -5.95 -26.15
C GLU D 866 34.97 -4.47 -26.49
N SER D 867 35.43 -3.65 -25.54
CA SER D 867 35.56 -2.23 -25.81
C SER D 867 36.99 -1.78 -26.08
N VAL D 868 37.99 -2.64 -25.86
CA VAL D 868 39.37 -2.24 -26.16
C VAL D 868 39.98 -3.17 -27.19
N ILE D 869 40.16 -4.44 -26.85
CA ILE D 869 40.92 -5.32 -27.74
C ILE D 869 40.03 -5.79 -28.89
N MET D 870 38.72 -5.78 -28.71
CA MET D 870 37.85 -6.13 -29.83
C MET D 870 37.63 -4.95 -30.75
N THR D 871 37.48 -3.75 -30.17
CA THR D 871 37.39 -2.54 -30.99
C THR D 871 38.62 -2.21 -31.81
N LYS D 872 39.81 -2.49 -31.28
CA LYS D 872 41.03 -2.37 -32.08
C LYS D 872 41.10 -3.46 -33.15
N PHE D 873 40.47 -4.60 -32.88
CA PHE D 873 40.33 -5.62 -33.93
C PHE D 873 39.28 -5.11 -34.90
N ALA D 874 38.30 -4.35 -34.42
CA ALA D 874 37.26 -3.83 -35.28
C ALA D 874 37.66 -2.63 -36.14
N ILE D 875 38.44 -1.71 -35.58
CA ILE D 875 38.88 -0.56 -36.36
C ILE D 875 40.07 -0.86 -37.29
N MET D 876 40.71 -2.01 -37.08
CA MET D 876 41.83 -2.39 -37.93
C MET D 876 41.26 -3.11 -39.14
N TYR D 877 40.01 -3.55 -39.05
CA TYR D 877 39.37 -4.21 -40.18
C TYR D 877 38.75 -3.18 -41.10
N LEU D 878 38.41 -1.99 -40.58
CA LEU D 878 37.86 -0.92 -41.41
C LEU D 878 38.90 -0.39 -42.39
N LYS D 879 39.99 0.14 -41.87
CA LYS D 879 41.13 0.45 -42.71
C LYS D 879 41.79 -0.84 -43.17
N LYS D 880 42.54 -0.75 -44.26
CA LYS D 880 42.97 -1.95 -44.99
C LYS D 880 44.26 -2.52 -44.39
N GLU D 881 44.14 -3.07 -43.18
CA GLU D 881 45.26 -3.77 -42.56
C GLU D 881 44.97 -5.24 -42.29
N LEU D 882 43.77 -5.71 -42.61
CA LEU D 882 43.41 -7.09 -42.29
C LEU D 882 42.92 -7.83 -43.52
N VAL D 883 43.73 -8.78 -43.97
CA VAL D 883 43.27 -9.82 -44.88
C VAL D 883 42.25 -10.69 -44.14
N ASP D 884 41.33 -11.28 -44.90
CA ASP D 884 40.36 -12.20 -44.32
C ASP D 884 41.04 -13.43 -43.70
N ASP D 885 42.20 -13.84 -44.20
CA ASP D 885 43.02 -14.85 -43.52
C ASP D 885 44.21 -14.12 -42.90
N MET D 886 44.17 -13.95 -41.59
CA MET D 886 45.32 -13.43 -40.84
C MET D 886 45.49 -14.25 -39.57
N ASP D 887 46.67 -14.81 -39.37
CA ASP D 887 47.02 -15.36 -38.07
C ASP D 887 47.27 -14.23 -37.09
N VAL D 888 46.54 -14.24 -35.98
CA VAL D 888 46.59 -13.16 -34.98
C VAL D 888 47.01 -13.76 -33.66
N PHE D 889 48.07 -13.20 -33.07
CA PHE D 889 48.61 -13.68 -31.79
C PHE D 889 48.82 -12.46 -30.88
N VAL D 890 47.90 -12.29 -29.92
CA VAL D 890 48.05 -11.21 -28.96
C VAL D 890 49.17 -11.55 -27.97
N ASP D 891 50.08 -10.61 -27.76
CA ASP D 891 51.17 -10.82 -26.84
C ASP D 891 51.51 -9.51 -26.13
N TYR D 892 51.85 -9.63 -24.86
CA TYR D 892 52.22 -8.49 -24.04
C TYR D 892 53.75 -8.41 -23.93
N ASN D 893 54.31 -7.27 -24.35
CA ASN D 893 55.75 -7.14 -24.51
C ASN D 893 56.47 -6.66 -23.26
N SER D 894 55.76 -6.58 -22.12
CA SER D 894 56.30 -6.17 -20.81
C SER D 894 56.93 -4.78 -20.86
N LYS D 895 56.38 -3.90 -21.69
CA LYS D 895 56.80 -2.51 -21.74
C LYS D 895 55.62 -1.57 -21.59
N ALA D 896 54.63 -1.98 -20.77
CA ALA D 896 53.37 -1.27 -20.55
C ALA D 896 52.63 -1.00 -21.86
N LYS D 897 52.65 -1.99 -22.75
CA LYS D 897 51.94 -1.89 -24.03
C LYS D 897 51.63 -3.28 -24.54
N ASN D 898 50.36 -3.49 -24.89
CA ASN D 898 49.97 -4.69 -25.62
C ASN D 898 50.20 -4.46 -27.11
N LEU D 899 50.51 -5.54 -27.82
CA LEU D 899 50.77 -5.47 -29.25
C LEU D 899 50.18 -6.70 -29.91
N VAL D 900 49.72 -6.54 -31.14
CA VAL D 900 48.99 -7.58 -31.85
C VAL D 900 49.86 -8.10 -32.99
N ILE D 901 50.37 -9.32 -32.83
CA ILE D 901 51.23 -9.91 -33.85
C ILE D 901 50.39 -10.50 -34.97
N ASN D 902 50.70 -10.13 -36.20
CA ASN D 902 49.93 -10.52 -37.37
C ASN D 902 50.81 -11.32 -38.34
N LEU D 903 50.22 -12.36 -38.92
CA LEU D 903 50.86 -13.11 -40.00
C LEU D 903 49.78 -13.49 -41.01
N SER D 904 50.20 -13.64 -42.26
CA SER D 904 49.27 -14.00 -43.32
C SER D 904 49.07 -15.51 -43.38
N THR E 187 -62.40 -46.81 -43.96
CA THR E 187 -62.20 -46.01 -42.75
C THR E 187 -61.70 -44.62 -43.09
N LEU E 188 -61.11 -43.95 -42.10
CA LEU E 188 -60.61 -42.60 -42.31
C LEU E 188 -59.30 -42.61 -43.08
N TYR E 189 -59.10 -41.58 -43.90
CA TYR E 189 -57.91 -41.50 -44.73
C TYR E 189 -56.71 -40.98 -43.93
N ILE E 190 -56.96 -40.37 -42.77
CA ILE E 190 -55.86 -39.92 -41.92
C ILE E 190 -55.19 -41.11 -41.22
N GLU E 191 -55.91 -42.23 -41.10
CA GLU E 191 -55.41 -43.38 -40.37
C GLU E 191 -54.23 -44.05 -41.07
N GLN E 192 -54.03 -43.78 -42.36
CA GLN E 192 -52.79 -44.20 -43.00
C GLN E 192 -51.65 -43.26 -42.67
N PHE E 193 -51.94 -41.99 -42.36
CA PHE E 193 -50.92 -41.05 -41.92
C PHE E 193 -50.67 -41.10 -40.43
N GLY E 194 -51.53 -41.76 -39.66
CA GLY E 194 -51.38 -41.78 -38.21
C GLY E 194 -52.06 -42.96 -37.55
N SER E 195 -51.44 -43.51 -36.51
CA SER E 195 -51.91 -44.75 -35.92
C SER E 195 -53.20 -44.58 -35.13
N ASN E 196 -54.07 -45.58 -35.22
CA ASN E 196 -55.22 -45.66 -34.34
C ASN E 196 -54.75 -46.00 -32.93
N MET E 197 -55.16 -45.18 -31.95
CA MET E 197 -54.80 -45.44 -30.57
C MET E 197 -55.84 -46.29 -29.85
N ASN E 198 -57.11 -46.24 -30.29
CA ASN E 198 -58.18 -46.99 -29.65
C ASN E 198 -58.03 -48.49 -29.85
N GLU E 199 -57.41 -48.90 -30.96
CA GLU E 199 -57.16 -50.32 -31.19
C GLU E 199 -56.23 -50.90 -30.14
N LYS E 200 -55.31 -50.08 -29.66
CA LYS E 200 -54.35 -50.54 -28.66
C LYS E 200 -55.02 -50.77 -27.31
N VAL E 201 -56.09 -50.03 -27.02
CA VAL E 201 -56.86 -50.29 -25.81
C VAL E 201 -57.62 -51.60 -25.93
N ARG E 202 -58.22 -51.87 -27.10
CA ARG E 202 -58.91 -53.14 -27.31
C ARG E 202 -57.91 -54.29 -27.39
N ASN E 203 -56.70 -54.02 -27.88
CA ASN E 203 -55.61 -54.96 -27.74
C ASN E 203 -55.14 -55.06 -26.30
N GLY E 204 -55.26 -53.97 -25.54
CA GLY E 204 -54.81 -53.94 -24.16
C GLY E 204 -53.38 -53.48 -23.97
N LYS E 205 -52.75 -52.92 -25.01
CA LYS E 205 -51.42 -52.34 -24.85
C LYS E 205 -51.45 -51.08 -24.00
N LEU E 206 -52.60 -50.42 -23.93
CA LEU E 206 -52.75 -49.21 -23.12
C LEU E 206 -53.53 -49.47 -21.84
N GLN E 207 -53.49 -50.69 -21.32
CA GLN E 207 -54.09 -50.98 -20.02
C GLN E 207 -53.32 -50.27 -18.91
N GLY E 208 -54.04 -49.51 -18.10
CA GLY E 208 -53.41 -48.89 -16.95
C GLY E 208 -52.92 -47.47 -17.18
N ILE E 209 -53.49 -46.54 -16.42
CA ILE E 209 -52.96 -45.17 -16.33
C ILE E 209 -53.32 -44.69 -14.93
N TYR E 210 -52.46 -43.87 -14.35
CA TYR E 210 -52.75 -43.38 -13.02
C TYR E 210 -53.65 -42.15 -13.10
N GLY E 211 -54.46 -41.96 -12.07
CA GLY E 211 -55.46 -40.92 -12.04
C GLY E 211 -54.99 -39.55 -11.60
N ARG E 212 -54.28 -38.84 -12.49
CA ARG E 212 -54.06 -37.41 -12.33
C ARG E 212 -55.40 -36.75 -12.62
N ASP E 213 -56.20 -36.57 -11.57
CA ASP E 213 -57.59 -36.21 -11.78
C ASP E 213 -57.73 -34.77 -12.26
N GLU E 214 -57.17 -33.82 -11.52
CA GLU E 214 -57.39 -32.41 -11.84
C GLU E 214 -56.62 -31.97 -13.07
N GLU E 215 -55.58 -32.70 -13.47
CA GLU E 215 -54.89 -32.40 -14.72
C GLU E 215 -55.72 -32.84 -15.93
N ILE E 216 -56.27 -34.05 -15.87
CA ILE E 216 -57.04 -34.60 -16.98
C ILE E 216 -58.35 -33.83 -17.18
N ARG E 217 -58.94 -33.33 -16.09
CA ARG E 217 -60.13 -32.49 -16.18
C ARG E 217 -59.88 -31.21 -16.96
N ALA E 218 -58.66 -30.67 -16.89
CA ALA E 218 -58.34 -29.48 -17.66
C ALA E 218 -58.22 -29.79 -19.15
N ILE E 219 -57.84 -31.02 -19.50
CA ILE E 219 -57.77 -31.39 -20.90
C ILE E 219 -59.18 -31.58 -21.45
N ILE E 220 -60.08 -32.15 -20.65
CA ILE E 220 -61.43 -32.45 -21.09
C ILE E 220 -62.24 -31.17 -21.30
N GLU E 221 -62.09 -30.20 -20.39
CA GLU E 221 -62.88 -28.98 -20.46
C GLU E 221 -62.46 -28.11 -21.64
N SER E 222 -61.24 -28.27 -22.13
CA SER E 222 -60.82 -27.58 -23.34
C SER E 222 -61.40 -28.22 -24.60
N LEU E 223 -61.77 -29.49 -24.51
CA LEU E 223 -62.31 -30.19 -25.67
C LEU E 223 -63.76 -29.84 -25.97
N LEU E 224 -64.48 -29.28 -25.01
CA LEU E 224 -65.86 -28.84 -25.23
C LEU E 224 -65.89 -27.33 -24.99
N ARG E 225 -65.54 -26.57 -26.04
CA ARG E 225 -65.52 -25.12 -25.98
C ARG E 225 -66.22 -24.56 -27.21
N TYR E 226 -66.52 -23.25 -27.13
CA TYR E 226 -67.20 -22.59 -28.24
C TYR E 226 -66.22 -22.18 -29.34
N ASN E 227 -65.06 -21.61 -28.97
CA ASN E 227 -64.17 -21.06 -29.99
C ASN E 227 -62.84 -21.81 -30.12
N LYS E 228 -62.09 -21.95 -29.02
CA LYS E 228 -60.77 -22.56 -29.10
C LYS E 228 -60.84 -24.00 -28.64
N ASN E 229 -60.32 -24.89 -29.48
CA ASN E 229 -60.49 -26.33 -29.24
C ASN E 229 -59.15 -27.04 -29.45
N SER E 230 -58.07 -26.37 -29.08
CA SER E 230 -56.71 -26.89 -29.25
C SER E 230 -55.91 -26.73 -27.96
N PRO E 231 -56.07 -27.65 -27.02
CA PRO E 231 -55.16 -27.68 -25.87
C PRO E 231 -53.79 -28.19 -26.28
N VAL E 232 -52.76 -27.62 -25.65
CA VAL E 232 -51.38 -28.04 -25.87
C VAL E 232 -50.79 -28.38 -24.51
N LEU E 233 -50.16 -29.55 -24.41
CA LEU E 233 -49.62 -30.04 -23.16
C LEU E 233 -48.17 -29.59 -23.04
N VAL E 234 -48.00 -28.36 -22.57
CA VAL E 234 -46.66 -27.82 -22.35
C VAL E 234 -46.12 -28.34 -21.02
N GLY E 235 -44.86 -28.74 -21.02
CA GLY E 235 -44.25 -29.25 -19.81
C GLY E 235 -42.84 -29.71 -20.06
N ASN E 236 -42.18 -30.10 -18.97
CA ASN E 236 -40.81 -30.60 -19.04
C ASN E 236 -40.80 -31.96 -19.76
N PRO E 237 -39.71 -32.29 -20.46
CA PRO E 237 -39.71 -33.52 -21.28
C PRO E 237 -39.84 -34.79 -20.47
N GLY E 238 -39.20 -34.83 -19.31
CA GLY E 238 -39.17 -35.99 -18.46
C GLY E 238 -40.32 -36.18 -17.50
N THR E 239 -41.42 -35.45 -17.64
CA THR E 239 -42.46 -35.46 -16.63
C THR E 239 -43.67 -36.34 -16.96
N GLY E 240 -43.95 -36.66 -18.22
CA GLY E 240 -45.23 -37.33 -18.40
C GLY E 240 -46.20 -36.73 -19.39
N LYS E 241 -45.72 -36.13 -20.48
CA LYS E 241 -46.63 -35.41 -21.37
C LYS E 241 -47.49 -36.36 -22.20
N THR E 242 -46.95 -37.50 -22.65
CA THR E 242 -47.75 -38.37 -23.50
C THR E 242 -48.68 -39.27 -22.68
N THR E 243 -48.48 -39.31 -21.36
CA THR E 243 -49.28 -40.19 -20.52
C THR E 243 -50.70 -39.68 -20.35
N ILE E 244 -50.86 -38.35 -20.27
CA ILE E 244 -52.18 -37.75 -20.10
C ILE E 244 -53.06 -38.06 -21.31
N VAL E 245 -52.49 -37.94 -22.50
CA VAL E 245 -53.25 -38.17 -23.73
C VAL E 245 -53.55 -39.65 -23.93
N GLU E 246 -52.56 -40.52 -23.70
CA GLU E 246 -52.82 -41.94 -23.67
C GLU E 246 -53.67 -42.35 -22.48
N GLY E 247 -53.69 -41.52 -21.43
CA GLY E 247 -54.66 -41.70 -20.37
C GLY E 247 -56.07 -41.29 -20.71
N LEU E 248 -56.23 -40.39 -21.68
CA LEU E 248 -57.58 -40.00 -22.10
C LEU E 248 -58.28 -41.14 -22.82
N VAL E 249 -57.57 -41.83 -23.70
CA VAL E 249 -58.13 -42.91 -24.49
C VAL E 249 -58.52 -44.09 -23.59
N TYR E 250 -57.83 -44.23 -22.46
CA TYR E 250 -58.30 -45.13 -21.42
C TYR E 250 -59.63 -44.64 -20.84
N ARG E 251 -59.80 -43.32 -20.68
CA ARG E 251 -61.04 -42.80 -20.13
C ARG E 251 -62.17 -42.82 -21.15
N ILE E 252 -61.84 -42.68 -22.44
CA ILE E 252 -62.87 -42.62 -23.48
C ILE E 252 -63.48 -43.99 -23.72
N GLU E 253 -62.65 -45.01 -23.91
CA GLU E 253 -63.15 -46.33 -24.27
C GLU E 253 -63.87 -47.01 -23.12
N LYS E 254 -63.56 -46.62 -21.89
CA LYS E 254 -64.27 -47.14 -20.73
C LYS E 254 -65.35 -46.20 -20.22
N GLY E 255 -65.62 -45.12 -20.94
CA GLY E 255 -66.77 -44.29 -20.64
C GLY E 255 -66.64 -43.40 -19.43
N ASP E 256 -65.43 -42.95 -19.10
CA ASP E 256 -65.23 -42.02 -18.00
C ASP E 256 -65.38 -40.56 -18.42
N VAL E 257 -65.87 -40.31 -19.62
CA VAL E 257 -65.94 -38.99 -20.24
C VAL E 257 -67.42 -38.59 -20.27
N PRO E 258 -67.77 -37.31 -20.50
CA PRO E 258 -69.20 -36.99 -20.67
C PRO E 258 -69.77 -37.57 -21.96
N LYS E 259 -71.10 -37.64 -22.02
CA LYS E 259 -71.78 -38.31 -23.12
C LYS E 259 -71.59 -37.58 -24.43
N GLU E 260 -71.43 -36.26 -24.38
CA GLU E 260 -71.09 -35.51 -25.57
C GLU E 260 -69.66 -35.82 -26.03
N LEU E 261 -68.78 -36.21 -25.11
CA LEU E 261 -67.44 -36.63 -25.47
C LEU E 261 -67.32 -38.16 -25.54
N GLN E 262 -68.42 -38.88 -25.40
CA GLN E 262 -68.36 -40.33 -25.48
C GLN E 262 -68.27 -40.79 -26.93
N GLY E 263 -67.30 -41.67 -27.20
CA GLY E 263 -67.22 -42.35 -28.47
C GLY E 263 -66.22 -41.81 -29.47
N TYR E 264 -65.45 -40.78 -29.14
CA TYR E 264 -64.53 -40.22 -30.12
C TYR E 264 -63.30 -41.09 -30.30
N THR E 265 -62.75 -41.05 -31.50
CA THR E 265 -61.50 -41.71 -31.80
C THR E 265 -60.34 -40.72 -31.70
N VAL E 266 -59.18 -41.24 -31.32
CA VAL E 266 -57.98 -40.44 -31.15
C VAL E 266 -56.91 -41.02 -32.06
N ILE E 267 -56.44 -40.21 -33.01
CA ILE E 267 -55.50 -40.64 -34.03
C ILE E 267 -54.22 -39.84 -33.82
N SER E 268 -53.22 -40.47 -33.21
CA SER E 268 -51.93 -39.84 -33.06
C SER E 268 -51.18 -39.86 -34.38
N LEU E 269 -50.57 -38.73 -34.71
CA LEU E 269 -49.86 -38.62 -35.98
C LEU E 269 -48.53 -39.34 -35.94
N ASN E 270 -48.09 -39.79 -37.12
CA ASN E 270 -46.77 -40.38 -37.29
C ASN E 270 -45.99 -39.52 -38.26
N PHE E 271 -44.96 -38.82 -37.76
CA PHE E 271 -44.13 -37.98 -38.62
C PHE E 271 -43.34 -38.80 -39.61
N ARG E 272 -43.09 -40.08 -39.31
CA ARG E 272 -42.55 -40.98 -40.31
C ARG E 272 -43.53 -41.21 -41.45
N LYS E 273 -44.84 -41.17 -41.17
CA LYS E 273 -45.86 -41.41 -42.18
C LYS E 273 -46.46 -40.13 -42.73
N PHE E 274 -46.34 -39.01 -42.00
CA PHE E 274 -47.05 -37.80 -42.38
C PHE E 274 -46.42 -37.13 -43.58
N THR E 275 -45.11 -37.32 -43.79
CA THR E 275 -44.39 -36.73 -44.90
C THR E 275 -44.06 -37.75 -45.98
N SER E 276 -44.93 -38.74 -46.18
CA SER E 276 -44.61 -39.83 -47.10
C SER E 276 -44.78 -39.41 -48.56
N GLY E 277 -45.60 -38.40 -48.83
CA GLY E 277 -45.73 -37.92 -50.19
C GLY E 277 -44.48 -37.19 -50.66
N THR E 278 -44.07 -37.47 -51.90
CA THR E 278 -42.77 -37.03 -52.38
C THR E 278 -42.89 -36.26 -53.68
N SER E 279 -42.19 -35.12 -53.73
CA SER E 279 -41.84 -34.38 -54.95
C SER E 279 -43.00 -33.75 -55.70
N TYR E 280 -44.23 -33.93 -55.22
CA TYR E 280 -45.38 -33.43 -55.96
C TYR E 280 -45.79 -32.07 -55.43
N ARG E 281 -46.52 -31.32 -56.25
CA ARG E 281 -46.97 -29.99 -55.86
C ARG E 281 -48.11 -30.02 -54.86
N GLY E 282 -48.77 -31.16 -54.70
CA GLY E 282 -49.86 -31.30 -53.77
C GLY E 282 -49.50 -31.85 -52.42
N GLU E 283 -48.21 -32.04 -52.11
CA GLU E 283 -47.85 -32.57 -50.79
C GLU E 283 -48.19 -31.59 -49.68
N PHE E 284 -48.00 -30.30 -49.89
CA PHE E 284 -48.46 -29.32 -48.91
C PHE E 284 -49.90 -28.89 -49.15
N GLU E 285 -50.55 -29.38 -50.21
CA GLU E 285 -51.92 -28.96 -50.52
C GLU E 285 -52.92 -30.11 -50.52
N THR E 286 -52.67 -31.17 -51.29
CA THR E 286 -53.69 -32.20 -51.49
C THR E 286 -53.86 -33.07 -50.25
N ARG E 287 -52.76 -33.34 -49.54
CA ARG E 287 -52.84 -34.10 -48.29
C ARG E 287 -53.55 -33.32 -47.22
N MET E 288 -53.40 -32.00 -47.20
CA MET E 288 -54.06 -31.18 -46.19
C MET E 288 -55.56 -31.09 -46.45
N LYS E 289 -55.99 -31.10 -47.71
CA LYS E 289 -57.42 -31.13 -48.04
C LYS E 289 -58.06 -32.43 -47.56
N ASN E 290 -57.31 -33.52 -47.60
CA ASN E 290 -57.80 -34.80 -47.12
C ASN E 290 -57.98 -34.79 -45.60
N ILE E 291 -57.20 -33.98 -44.89
CA ILE E 291 -57.19 -34.03 -43.44
C ILE E 291 -58.17 -33.04 -42.84
N ILE E 292 -58.19 -31.81 -43.35
CA ILE E 292 -58.91 -30.72 -42.71
C ILE E 292 -60.42 -30.91 -42.83
N LYS E 293 -60.89 -31.37 -44.00
CA LYS E 293 -62.33 -31.56 -44.18
C LYS E 293 -62.84 -32.75 -43.37
N GLU E 294 -61.99 -33.74 -43.12
CA GLU E 294 -62.39 -34.82 -42.22
C GLU E 294 -62.42 -34.35 -40.78
N LEU E 295 -61.67 -33.29 -40.45
CA LEU E 295 -61.86 -32.62 -39.16
C LEU E 295 -63.12 -31.76 -39.15
N LYS E 296 -63.60 -31.34 -40.32
CA LYS E 296 -64.77 -30.46 -40.36
C LYS E 296 -66.05 -31.21 -40.05
N ASN E 297 -66.12 -32.51 -40.34
CA ASN E 297 -67.31 -33.30 -40.04
C ASN E 297 -67.33 -33.63 -38.56
N LYS E 298 -68.40 -33.21 -37.87
CA LYS E 298 -68.62 -33.68 -36.50
C LYS E 298 -69.20 -35.07 -36.48
N LYS E 299 -69.67 -35.57 -37.64
CA LYS E 299 -70.04 -36.97 -37.76
C LYS E 299 -68.82 -37.87 -37.64
N ASN E 300 -67.65 -37.40 -38.07
CA ASN E 300 -66.43 -38.12 -37.79
C ASN E 300 -65.98 -37.85 -36.36
N LYS E 301 -65.51 -38.89 -35.70
CA LYS E 301 -65.11 -38.82 -34.30
C LYS E 301 -63.62 -38.59 -34.10
N ILE E 302 -62.91 -38.11 -35.12
CA ILE E 302 -61.46 -38.08 -35.07
C ILE E 302 -60.96 -36.93 -34.21
N ILE E 303 -59.93 -37.21 -33.40
CA ILE E 303 -59.23 -36.19 -32.63
C ILE E 303 -57.74 -36.45 -32.84
N LEU E 304 -57.05 -35.51 -33.47
CA LEU E 304 -55.64 -35.71 -33.77
C LEU E 304 -54.77 -35.55 -32.54
N PHE E 305 -53.63 -36.23 -32.54
CA PHE E 305 -52.60 -35.99 -31.52
C PHE E 305 -51.26 -35.80 -32.20
N VAL E 306 -50.83 -34.55 -32.28
CA VAL E 306 -49.47 -34.26 -32.74
C VAL E 306 -48.51 -34.59 -31.62
N ASP E 307 -47.46 -35.33 -31.95
CA ASP E 307 -46.46 -35.67 -30.94
C ASP E 307 -45.62 -34.46 -30.56
N GLU E 308 -45.17 -33.68 -31.55
CA GLU E 308 -44.42 -32.43 -31.34
C GLU E 308 -44.84 -31.46 -32.42
N ILE E 309 -45.38 -30.32 -32.02
CA ILE E 309 -46.06 -29.47 -32.99
C ILE E 309 -45.06 -28.59 -33.73
N HIS E 310 -43.80 -28.52 -33.26
CA HIS E 310 -42.74 -27.73 -33.95
C HIS E 310 -42.36 -28.35 -35.27
N LEU E 311 -42.55 -29.67 -35.40
CA LEU E 311 -42.24 -30.35 -36.65
C LEU E 311 -43.27 -30.00 -37.74
N LEU E 312 -44.45 -29.54 -37.32
CA LEU E 312 -45.40 -28.95 -38.26
C LEU E 312 -44.91 -27.59 -38.77
N LEU E 313 -44.05 -26.89 -38.03
CA LEU E 313 -43.57 -25.60 -38.52
C LEU E 313 -42.60 -25.76 -39.69
N GLY E 314 -41.92 -26.90 -39.77
CA GLY E 314 -40.94 -27.08 -40.82
C GLY E 314 -41.43 -27.94 -41.97
N ALA E 315 -42.60 -28.55 -41.82
CA ALA E 315 -43.06 -29.52 -42.80
C ALA E 315 -43.67 -28.83 -44.02
N GLY E 316 -43.34 -29.37 -45.20
CA GLY E 316 -44.03 -29.01 -46.42
C GLY E 316 -43.62 -27.68 -47.04
N LYS E 317 -42.35 -27.30 -46.97
CA LYS E 317 -41.92 -26.05 -47.58
C LYS E 317 -41.87 -26.16 -49.10
N ALA E 318 -41.08 -27.11 -49.62
CA ALA E 318 -41.02 -27.48 -51.05
C ALA E 318 -40.62 -26.32 -51.96
N GLU E 319 -39.74 -25.45 -51.43
CA GLU E 319 -39.04 -24.36 -52.10
C GLU E 319 -39.91 -23.17 -52.51
N GLY E 320 -41.23 -23.34 -52.57
CA GLY E 320 -42.11 -22.19 -52.76
C GLY E 320 -43.38 -22.19 -51.96
N GLY E 321 -43.77 -23.35 -51.40
CA GLY E 321 -45.09 -23.49 -50.85
C GLY E 321 -45.20 -23.06 -49.40
N THR E 322 -46.44 -23.00 -48.93
CA THR E 322 -46.67 -22.69 -47.53
C THR E 322 -46.57 -23.96 -46.68
N ASP E 323 -46.16 -23.78 -45.43
CA ASP E 323 -46.06 -24.91 -44.52
C ASP E 323 -47.45 -25.35 -44.06
N ALA E 324 -47.51 -26.56 -43.51
CA ALA E 324 -48.81 -27.12 -43.13
C ALA E 324 -49.41 -26.40 -41.93
N ALA E 325 -48.57 -25.78 -41.09
CA ALA E 325 -49.07 -25.00 -39.98
C ALA E 325 -49.76 -23.73 -40.44
N ASN E 326 -49.40 -23.22 -41.61
CA ASN E 326 -50.03 -22.00 -42.13
C ASN E 326 -51.46 -22.25 -42.57
N LEU E 327 -51.74 -23.44 -43.12
CA LEU E 327 -53.09 -23.74 -43.57
C LEU E 327 -54.04 -23.95 -42.40
N LEU E 328 -53.52 -24.35 -41.25
CA LEU E 328 -54.36 -24.62 -40.09
C LEU E 328 -54.76 -23.36 -39.33
N LYS E 329 -54.06 -22.24 -39.56
CA LYS E 329 -54.33 -21.00 -38.82
C LYS E 329 -55.76 -20.46 -38.94
N PRO E 330 -56.42 -20.41 -40.12
CA PRO E 330 -57.82 -19.97 -40.08
C PRO E 330 -58.76 -21.02 -39.52
N VAL E 331 -58.40 -22.30 -39.63
CA VAL E 331 -59.31 -23.36 -39.22
C VAL E 331 -59.14 -23.72 -37.75
N LEU E 332 -57.91 -23.59 -37.21
CA LEU E 332 -57.75 -23.67 -35.76
C LEU E 332 -58.37 -22.47 -35.06
N SER E 333 -58.44 -21.33 -35.75
CA SER E 333 -59.15 -20.18 -35.22
C SER E 333 -60.64 -20.45 -35.10
N LYS E 334 -61.19 -21.23 -36.03
CA LYS E 334 -62.55 -21.74 -35.89
C LYS E 334 -62.55 -22.91 -34.92
N GLY E 335 -63.74 -23.26 -34.43
CA GLY E 335 -63.85 -24.34 -33.48
C GLY E 335 -64.04 -25.72 -34.07
N GLU E 336 -63.79 -25.89 -35.37
CA GLU E 336 -64.15 -27.14 -36.04
C GLU E 336 -63.16 -28.26 -35.73
N ILE E 337 -61.90 -27.94 -35.45
CA ILE E 337 -60.88 -28.95 -35.21
C ILE E 337 -60.83 -29.29 -33.73
N LYS E 338 -60.96 -30.56 -33.41
CA LYS E 338 -60.57 -31.09 -32.11
C LYS E 338 -59.16 -31.65 -32.23
N LEU E 339 -58.22 -31.07 -31.47
CA LEU E 339 -56.83 -31.49 -31.59
C LEU E 339 -56.15 -31.34 -30.25
N ILE E 340 -55.25 -32.29 -29.95
CA ILE E 340 -54.48 -32.29 -28.72
C ILE E 340 -53.01 -32.39 -29.11
N GLY E 341 -52.14 -31.68 -28.41
CA GLY E 341 -50.73 -31.75 -28.70
C GLY E 341 -49.89 -31.59 -27.45
N ALA E 342 -48.59 -31.82 -27.60
CA ALA E 342 -47.68 -31.72 -26.48
C ALA E 342 -46.30 -31.30 -26.98
N THR E 343 -45.70 -30.33 -26.28
CA THR E 343 -44.36 -29.85 -26.61
C THR E 343 -43.55 -29.71 -25.34
N THR E 344 -42.23 -29.80 -25.47
CA THR E 344 -41.35 -29.47 -24.37
C THR E 344 -41.13 -27.95 -24.34
N ILE E 345 -40.78 -27.43 -23.16
CA ILE E 345 -40.92 -25.99 -22.89
C ILE E 345 -39.89 -25.14 -23.63
N ALA E 346 -38.62 -25.60 -23.70
CA ALA E 346 -37.57 -24.80 -24.32
C ALA E 346 -37.75 -24.79 -25.81
N GLU E 347 -38.20 -25.90 -26.36
CA GLU E 347 -38.64 -26.07 -27.71
C GLU E 347 -39.96 -25.37 -27.99
N TYR E 348 -40.80 -25.15 -26.96
CA TYR E 348 -42.04 -24.38 -27.15
C TYR E 348 -41.76 -22.89 -27.33
N ARG E 349 -40.59 -22.43 -26.88
CA ARG E 349 -40.21 -21.03 -27.08
C ARG E 349 -39.91 -20.74 -28.54
N LYS E 350 -39.17 -21.63 -29.20
CA LYS E 350 -38.92 -21.52 -30.63
C LYS E 350 -40.18 -21.77 -31.43
N PHE E 351 -41.19 -22.35 -30.78
CA PHE E 351 -42.43 -22.73 -31.41
C PHE E 351 -43.39 -21.57 -31.55
N ILE E 352 -43.36 -20.61 -30.63
CA ILE E 352 -44.35 -19.53 -30.63
C ILE E 352 -43.69 -18.22 -31.04
N GLU E 353 -42.46 -18.00 -30.59
CA GLU E 353 -41.83 -16.68 -30.77
C GLU E 353 -41.34 -16.50 -32.20
N SER E 354 -41.05 -17.60 -32.89
CA SER E 354 -40.66 -17.49 -34.30
C SER E 354 -41.84 -17.09 -35.18
N CYS E 355 -43.06 -17.48 -34.79
CA CYS E 355 -44.24 -17.16 -35.58
C CYS E 355 -45.02 -15.97 -35.03
N SER E 356 -45.06 -15.81 -33.71
CA SER E 356 -45.54 -14.63 -32.95
C SER E 356 -47.04 -14.40 -32.99
N ALA E 357 -47.78 -15.18 -33.80
CA ALA E 357 -49.24 -15.09 -33.78
C ALA E 357 -49.85 -16.45 -33.53
N PHE E 358 -49.03 -17.49 -33.66
CA PHE E 358 -49.50 -18.86 -33.60
C PHE E 358 -49.73 -19.33 -32.16
N GLU E 359 -49.20 -18.58 -31.19
CA GLU E 359 -49.40 -18.91 -29.77
C GLU E 359 -50.86 -18.74 -29.36
N ARG E 360 -51.52 -17.69 -29.85
CA ARG E 360 -52.76 -17.24 -29.25
C ARG E 360 -53.94 -18.17 -29.54
N ARG E 361 -53.82 -19.02 -30.54
CA ARG E 361 -54.86 -20.02 -30.80
C ARG E 361 -54.79 -21.17 -29.81
N PHE E 362 -53.70 -21.30 -29.08
CA PHE E 362 -53.45 -22.46 -28.23
C PHE E 362 -53.49 -22.11 -26.76
N GLU E 363 -54.08 -23.00 -25.97
CA GLU E 363 -54.11 -22.85 -24.51
C GLU E 363 -52.92 -23.59 -23.92
N LYS E 364 -52.08 -22.86 -23.19
CA LYS E 364 -51.03 -23.49 -22.39
C LYS E 364 -51.65 -24.29 -21.27
N ILE E 365 -51.29 -25.56 -21.19
CA ILE E 365 -51.66 -26.37 -20.05
C ILE E 365 -50.39 -26.97 -19.47
N LEU E 366 -49.94 -26.42 -18.33
CA LEU E 366 -48.66 -26.80 -17.77
C LEU E 366 -48.71 -28.20 -17.19
N VAL E 367 -47.68 -28.98 -17.48
CA VAL E 367 -47.54 -30.32 -16.94
C VAL E 367 -46.43 -30.23 -15.90
N GLU E 368 -46.81 -30.06 -14.65
CA GLU E 368 -45.85 -30.00 -13.57
C GLU E 368 -45.34 -31.42 -13.28
N PRO E 369 -44.10 -31.57 -12.79
CA PRO E 369 -43.65 -32.89 -12.38
C PRO E 369 -44.42 -33.37 -11.17
N PRO E 370 -44.82 -34.64 -11.14
CA PRO E 370 -45.49 -35.17 -9.96
C PRO E 370 -44.50 -35.34 -8.81
N SER E 371 -44.99 -35.12 -7.60
CA SER E 371 -44.15 -35.08 -6.41
C SER E 371 -43.71 -36.50 -6.04
N VAL E 372 -42.70 -36.55 -5.18
CA VAL E 372 -42.09 -37.76 -4.61
C VAL E 372 -43.13 -38.68 -4.02
N ASP E 373 -44.12 -38.11 -3.32
CA ASP E 373 -45.21 -38.90 -2.78
C ASP E 373 -46.06 -39.53 -3.88
N MET E 374 -46.24 -38.81 -4.98
CA MET E 374 -47.11 -39.32 -6.05
C MET E 374 -46.40 -40.36 -6.88
N THR E 375 -45.07 -40.27 -7.01
CA THR E 375 -44.32 -41.25 -7.79
C THR E 375 -44.28 -42.59 -7.10
N VAL E 376 -44.33 -42.62 -5.77
CA VAL E 376 -44.46 -43.87 -5.04
C VAL E 376 -45.78 -44.54 -5.37
N LYS E 377 -46.83 -43.74 -5.51
CA LYS E 377 -48.15 -44.29 -5.81
C LYS E 377 -48.23 -44.81 -7.24
N ILE E 378 -47.41 -44.27 -8.14
CA ILE E 378 -47.39 -44.75 -9.52
C ILE E 378 -46.67 -46.09 -9.62
N LEU E 379 -45.53 -46.22 -8.94
CA LEU E 379 -44.72 -47.44 -9.02
C LEU E 379 -45.44 -48.63 -8.40
N ARG E 380 -46.21 -48.39 -7.34
CA ARG E 380 -46.98 -49.48 -6.73
C ARG E 380 -48.13 -49.91 -7.63
N SER E 381 -48.65 -48.99 -8.44
CA SER E 381 -49.62 -49.39 -9.45
C SER E 381 -48.94 -50.15 -10.59
N LEU E 382 -47.73 -49.74 -10.95
CA LEU E 382 -46.97 -50.42 -12.00
C LEU E 382 -46.14 -51.58 -11.48
N LYS E 383 -46.28 -51.91 -10.20
CA LYS E 383 -45.58 -53.04 -9.60
C LYS E 383 -46.03 -54.36 -10.20
N SER E 384 -47.31 -54.45 -10.58
CA SER E 384 -47.86 -55.71 -11.08
C SER E 384 -47.31 -56.06 -12.45
N LYS E 385 -47.17 -55.06 -13.33
CA LYS E 385 -46.70 -55.33 -14.69
C LYS E 385 -45.23 -55.72 -14.72
N TYR E 386 -44.45 -55.26 -13.74
CA TYR E 386 -43.04 -55.62 -13.71
C TYR E 386 -42.84 -57.02 -13.16
N GLU E 387 -43.59 -57.36 -12.11
CA GLU E 387 -43.51 -58.71 -11.54
C GLU E 387 -44.13 -59.74 -12.48
N ASN E 388 -45.01 -59.32 -13.37
CA ASN E 388 -45.53 -60.23 -14.39
C ASN E 388 -44.58 -60.36 -15.56
N PHE E 389 -43.82 -59.30 -15.86
CA PHE E 389 -42.88 -59.37 -16.97
C PHE E 389 -41.55 -60.00 -16.54
N TYR E 390 -40.97 -59.52 -15.45
CA TYR E 390 -39.66 -60.00 -15.02
C TYR E 390 -39.75 -61.27 -14.20
N GLY E 391 -40.87 -61.54 -13.55
CA GLY E 391 -41.05 -62.75 -12.78
C GLY E 391 -40.50 -62.70 -11.37
N ILE E 392 -39.83 -61.62 -11.00
CA ILE E 392 -39.22 -61.50 -9.68
C ILE E 392 -40.13 -60.68 -8.79
N ASN E 393 -40.00 -60.87 -7.49
CA ASN E 393 -40.76 -60.06 -6.54
C ASN E 393 -40.00 -58.78 -6.23
N ILE E 394 -40.75 -57.73 -5.93
CA ILE E 394 -40.20 -56.42 -5.64
C ILE E 394 -40.58 -56.06 -4.21
N THR E 395 -39.59 -55.87 -3.35
CA THR E 395 -39.90 -55.42 -1.99
C THR E 395 -40.26 -53.94 -1.99
N ASP E 396 -41.11 -53.56 -1.03
CA ASP E 396 -41.57 -52.19 -0.95
C ASP E 396 -40.47 -51.24 -0.51
N LYS E 397 -39.48 -51.73 0.23
CA LYS E 397 -38.33 -50.90 0.59
C LYS E 397 -37.51 -50.55 -0.64
N ALA E 398 -37.49 -51.43 -1.65
CA ALA E 398 -36.87 -51.08 -2.92
C ALA E 398 -37.72 -50.10 -3.70
N LEU E 399 -39.05 -50.14 -3.53
CA LEU E 399 -39.91 -49.13 -4.15
C LEU E 399 -39.71 -47.77 -3.51
N VAL E 400 -39.36 -47.74 -2.22
CA VAL E 400 -39.02 -46.49 -1.57
C VAL E 400 -37.65 -46.01 -1.99
N ALA E 401 -36.67 -46.92 -2.02
CA ALA E 401 -35.30 -46.55 -2.38
C ALA E 401 -35.17 -46.19 -3.85
N ALA E 402 -36.06 -46.72 -4.71
CA ALA E 402 -36.04 -46.26 -6.09
C ALA E 402 -36.66 -44.89 -6.24
N ALA E 403 -37.41 -44.44 -5.23
CA ALA E 403 -38.01 -43.12 -5.26
C ALA E 403 -37.12 -42.06 -4.63
N LYS E 404 -36.50 -42.36 -3.50
CA LYS E 404 -35.68 -41.37 -2.81
C LYS E 404 -34.36 -41.13 -3.52
N ILE E 405 -33.70 -42.18 -3.99
CA ILE E 405 -32.37 -42.06 -4.56
C ILE E 405 -32.44 -41.37 -5.92
N SER E 406 -33.46 -41.69 -6.70
CA SER E 406 -33.53 -41.13 -8.04
C SER E 406 -33.87 -39.64 -8.04
N ASP E 407 -34.80 -39.23 -7.17
CA ASP E 407 -35.24 -37.85 -7.11
C ASP E 407 -34.19 -36.91 -6.56
N ARG E 408 -33.58 -37.27 -5.43
CA ARG E 408 -32.62 -36.40 -4.76
C ARG E 408 -31.28 -36.34 -5.50
N PHE E 409 -30.82 -37.45 -6.05
CA PHE E 409 -29.42 -37.56 -6.46
C PHE E 409 -29.21 -37.35 -7.96
N ILE E 410 -30.25 -37.41 -8.78
CA ILE E 410 -30.13 -37.18 -10.22
C ILE E 410 -30.97 -35.94 -10.52
N LYS E 411 -30.33 -34.78 -10.58
CA LYS E 411 -31.07 -33.54 -10.79
C LYS E 411 -31.35 -33.25 -12.25
N ASP E 412 -30.77 -34.03 -13.17
CA ASP E 412 -30.86 -33.69 -14.58
C ASP E 412 -32.21 -34.09 -15.17
N ARG E 413 -32.56 -35.37 -15.09
CA ARG E 413 -33.85 -35.83 -15.58
C ARG E 413 -34.94 -35.47 -14.58
N TYR E 414 -36.18 -35.55 -15.03
CA TYR E 414 -37.28 -35.11 -14.20
C TYR E 414 -37.89 -36.27 -13.44
N LEU E 415 -38.78 -35.92 -12.49
CA LEU E 415 -39.04 -36.75 -11.31
C LEU E 415 -39.60 -38.15 -11.55
N PRO E 416 -40.75 -38.35 -12.24
CA PRO E 416 -41.37 -39.68 -12.18
C PRO E 416 -40.65 -40.74 -12.98
N ASP E 417 -39.86 -40.27 -13.96
CA ASP E 417 -39.02 -41.12 -14.83
C ASP E 417 -37.79 -41.78 -14.16
N LYS E 418 -37.06 -40.99 -13.38
CA LYS E 418 -35.91 -41.47 -12.66
C LYS E 418 -36.30 -42.61 -11.72
N ALA E 419 -37.50 -42.53 -11.12
CA ALA E 419 -37.98 -43.62 -10.29
C ALA E 419 -38.38 -44.85 -11.11
N ILE E 420 -38.79 -44.67 -12.36
CA ILE E 420 -39.13 -45.81 -13.20
C ILE E 420 -37.89 -46.41 -13.84
N ASP E 421 -36.97 -45.55 -14.29
CA ASP E 421 -35.78 -46.05 -14.96
C ASP E 421 -34.87 -46.83 -14.02
N LEU E 422 -34.98 -46.64 -12.71
CA LEU E 422 -34.26 -47.51 -11.81
C LEU E 422 -34.86 -48.91 -11.77
N LEU E 423 -36.19 -49.00 -11.72
CA LEU E 423 -36.84 -50.30 -11.57
C LEU E 423 -36.74 -51.13 -12.84
N ASN E 424 -36.66 -50.48 -14.00
CA ASN E 424 -36.34 -51.19 -15.23
C ASN E 424 -34.92 -51.75 -15.17
N LYS E 425 -34.01 -51.06 -14.50
CA LYS E 425 -32.67 -51.60 -14.31
C LYS E 425 -32.64 -52.60 -13.16
N ALA E 426 -33.43 -52.34 -12.11
CA ALA E 426 -33.36 -53.16 -10.90
C ALA E 426 -33.90 -54.55 -11.12
N CYS E 427 -34.98 -54.67 -11.89
CA CYS E 427 -35.55 -55.99 -12.13
C CYS E 427 -34.74 -56.75 -13.17
N SER E 428 -34.08 -56.04 -14.08
CA SER E 428 -33.23 -56.70 -15.06
C SER E 428 -31.98 -57.27 -14.43
N PHE E 429 -31.54 -56.69 -13.30
CA PHE E 429 -30.36 -57.17 -12.62
C PHE E 429 -30.59 -58.54 -11.98
N LEU E 430 -31.80 -58.78 -11.49
CA LEU E 430 -32.15 -60.12 -11.02
C LEU E 430 -32.62 -61.03 -12.14
N GLN E 431 -32.96 -60.46 -13.30
CA GLN E 431 -33.38 -61.28 -14.43
C GLN E 431 -32.21 -62.07 -15.00
N VAL E 432 -31.04 -61.44 -15.09
CA VAL E 432 -29.87 -62.11 -15.64
C VAL E 432 -29.33 -63.14 -14.65
N GLN E 433 -29.40 -62.85 -13.36
CA GLN E 433 -28.81 -63.73 -12.36
C GLN E 433 -29.61 -65.00 -12.13
N LEU E 434 -30.85 -65.05 -12.62
CA LEU E 434 -31.63 -66.28 -12.52
C LEU E 434 -31.44 -67.12 -13.78
N SER E 435 -31.65 -66.50 -14.95
CA SER E 435 -31.54 -67.23 -16.21
C SER E 435 -30.10 -67.60 -16.51
N GLY E 436 -29.15 -66.70 -16.25
CA GLY E 436 -27.75 -67.00 -16.39
C GLY E 436 -27.12 -67.35 -15.05
N LYS E 437 -25.80 -67.48 -15.07
CA LYS E 437 -25.05 -67.73 -13.86
C LYS E 437 -25.00 -66.45 -13.02
N PRO E 438 -24.82 -66.57 -11.71
CA PRO E 438 -24.62 -65.37 -10.88
C PRO E 438 -23.30 -64.69 -11.19
N ARG E 439 -23.19 -63.44 -10.73
CA ARG E 439 -22.11 -62.56 -11.16
C ARG E 439 -20.75 -63.01 -10.64
N ILE E 440 -20.70 -63.53 -9.41
CA ILE E 440 -19.44 -64.05 -8.87
C ILE E 440 -18.99 -65.27 -9.67
N ILE E 441 -19.91 -66.19 -9.92
CA ILE E 441 -19.58 -67.44 -10.60
C ILE E 441 -19.21 -67.18 -12.05
N ASP E 442 -19.86 -66.20 -12.69
CA ASP E 442 -19.61 -65.94 -14.10
C ASP E 442 -18.23 -65.30 -14.31
N VAL E 443 -17.89 -64.29 -13.49
CA VAL E 443 -16.65 -63.55 -13.70
C VAL E 443 -15.44 -64.42 -13.39
N THR E 444 -15.48 -65.16 -12.28
CA THR E 444 -14.33 -65.94 -11.85
C THR E 444 -14.06 -67.14 -12.75
N GLU E 445 -15.10 -67.71 -13.38
CA GLU E 445 -14.86 -68.69 -14.43
C GLU E 445 -14.19 -68.05 -15.63
N ARG E 446 -14.61 -66.83 -15.97
CA ARG E 446 -13.93 -66.09 -17.03
C ARG E 446 -12.54 -65.65 -16.59
N ASP E 447 -12.32 -65.48 -15.28
CA ASP E 447 -11.01 -65.10 -14.77
C ASP E 447 -10.00 -66.21 -14.96
N ILE E 448 -10.41 -67.46 -14.73
CA ILE E 448 -9.55 -68.62 -14.98
C ILE E 448 -9.22 -68.71 -16.47
N GLU E 449 -10.18 -68.36 -17.32
CA GLU E 449 -9.93 -68.37 -18.77
C GLU E 449 -8.98 -67.25 -19.19
N ARG E 450 -8.90 -66.17 -18.42
CA ARG E 450 -7.94 -65.12 -18.75
C ARG E 450 -6.59 -65.33 -18.11
N LEU E 451 -6.55 -65.80 -16.86
CA LEU E 451 -5.28 -65.96 -16.18
C LEU E 451 -4.48 -67.14 -16.73
N SER E 452 -5.16 -68.20 -17.17
CA SER E 452 -4.45 -69.31 -17.79
C SER E 452 -3.90 -68.92 -19.16
N TYR E 453 -4.60 -68.02 -19.86
CA TYR E 453 -4.11 -67.55 -21.15
C TYR E 453 -2.85 -66.72 -20.99
N GLU E 454 -2.73 -65.99 -19.89
CA GLU E 454 -1.52 -65.21 -19.66
C GLU E 454 -0.33 -66.11 -19.35
N ILE E 455 -0.51 -67.02 -18.38
CA ILE E 455 0.54 -67.92 -17.92
C ILE E 455 1.05 -68.82 -19.04
N SER E 456 0.17 -69.18 -19.98
CA SER E 456 0.55 -70.00 -21.12
C SER E 456 1.51 -69.27 -22.06
N THR E 457 1.53 -67.94 -22.03
CA THR E 457 2.54 -67.20 -22.78
C THR E 457 3.84 -67.01 -22.00
N LEU E 458 3.81 -67.21 -20.69
CA LEU E 458 4.94 -66.83 -19.85
C LEU E 458 5.95 -67.95 -19.65
N GLU E 459 5.63 -69.18 -20.06
CA GLU E 459 6.69 -70.19 -20.14
C GLU E 459 7.64 -69.87 -21.27
N LYS E 460 7.13 -69.26 -22.35
CA LYS E 460 7.96 -68.78 -23.42
C LYS E 460 8.89 -67.66 -22.98
N ASP E 461 8.46 -66.83 -22.04
CA ASP E 461 9.34 -65.81 -21.49
C ASP E 461 10.37 -66.45 -20.57
N VAL E 462 11.60 -65.94 -20.64
CA VAL E 462 12.77 -66.60 -20.07
C VAL E 462 13.36 -65.81 -18.92
N ASP E 463 13.44 -64.48 -19.06
CA ASP E 463 14.24 -63.64 -18.17
C ASP E 463 13.68 -63.61 -16.76
N LYS E 464 14.58 -63.45 -15.79
CA LYS E 464 14.23 -63.61 -14.39
C LYS E 464 13.44 -62.43 -13.84
N VAL E 465 13.44 -61.30 -14.53
CA VAL E 465 12.56 -60.19 -14.14
C VAL E 465 11.11 -60.58 -14.38
N SER E 466 10.82 -61.11 -15.56
CA SER E 466 9.46 -61.56 -15.87
C SER E 466 9.11 -62.84 -15.12
N LYS E 467 10.12 -63.61 -14.70
CA LYS E 467 9.88 -64.88 -14.03
C LYS E 467 9.25 -64.68 -12.65
N LYS E 468 9.51 -63.53 -12.02
CA LYS E 468 8.88 -63.25 -10.74
C LYS E 468 7.39 -62.98 -10.89
N LYS E 469 6.98 -62.38 -12.00
CA LYS E 469 5.55 -62.22 -12.26
C LYS E 469 4.90 -63.54 -12.65
N TYR E 470 5.68 -64.48 -13.17
CA TYR E 470 5.17 -65.81 -13.50
C TYR E 470 4.73 -66.56 -12.25
N ASN E 471 5.46 -66.38 -11.14
CA ASN E 471 5.11 -67.09 -9.92
C ASN E 471 3.96 -66.41 -9.18
N LYS E 472 3.89 -65.07 -9.28
CA LYS E 472 2.86 -64.34 -8.55
C LYS E 472 1.47 -64.57 -9.13
N LEU E 473 1.37 -64.80 -10.44
CA LEU E 473 0.08 -65.06 -11.04
C LEU E 473 -0.43 -66.46 -10.68
N ILE E 474 0.48 -67.43 -10.60
CA ILE E 474 0.12 -68.78 -10.20
C ILE E 474 -0.40 -68.80 -8.76
N LYS E 475 0.23 -68.01 -7.88
CA LYS E 475 -0.27 -67.88 -6.51
C LYS E 475 -1.61 -67.15 -6.47
N GLU E 476 -1.91 -66.36 -7.49
CA GLU E 476 -3.25 -65.81 -7.64
C GLU E 476 -4.17 -66.76 -8.38
N PHE E 477 -3.60 -67.59 -9.25
CA PHE E 477 -4.37 -68.54 -10.03
C PHE E 477 -4.90 -69.70 -9.21
N GLU E 478 -4.09 -70.18 -8.27
CA GLU E 478 -4.49 -71.31 -7.44
C GLU E 478 -5.57 -70.95 -6.43
N GLU E 479 -5.62 -69.68 -6.04
CA GLU E 479 -6.61 -69.26 -5.05
C GLU E 479 -8.01 -69.22 -5.63
N LYS E 480 -8.16 -68.79 -6.88
CA LYS E 480 -9.49 -68.57 -7.43
C LYS E 480 -10.23 -69.86 -7.74
N LYS E 481 -9.51 -70.95 -8.00
CA LYS E 481 -10.15 -72.26 -8.01
C LYS E 481 -10.58 -72.68 -6.61
N GLU E 482 -9.81 -72.29 -5.60
CA GLU E 482 -10.15 -72.62 -4.22
C GLU E 482 -11.26 -71.72 -3.72
N GLN E 483 -11.32 -70.48 -4.21
CA GLN E 483 -12.45 -69.62 -3.89
C GLN E 483 -13.75 -70.15 -4.48
N LEU E 484 -13.68 -70.78 -5.66
CA LEU E 484 -14.87 -71.39 -6.25
C LEU E 484 -15.41 -72.52 -5.40
N LYS E 485 -14.53 -73.25 -4.72
CA LYS E 485 -14.96 -74.28 -3.78
C LYS E 485 -15.76 -73.68 -2.64
N LYS E 486 -15.52 -72.41 -2.32
CA LYS E 486 -16.44 -71.68 -1.45
C LYS E 486 -17.57 -71.03 -2.22
N TYR E 487 -17.41 -70.79 -3.53
CA TYR E 487 -18.41 -70.03 -4.25
C TYR E 487 -19.49 -70.94 -4.85
N TYR E 488 -19.12 -72.13 -5.33
CA TYR E 488 -20.14 -73.06 -5.79
C TYR E 488 -20.99 -73.58 -4.64
N GLU E 489 -20.39 -73.73 -3.46
CA GLU E 489 -21.16 -74.22 -2.31
C GLU E 489 -22.15 -73.18 -1.81
N GLU E 490 -21.83 -71.89 -1.92
CA GLU E 490 -22.80 -70.87 -1.59
C GLU E 490 -23.98 -70.79 -2.54
N TYR E 491 -23.78 -71.15 -3.81
CA TYR E 491 -24.91 -71.28 -4.72
C TYR E 491 -25.70 -72.56 -4.45
N VAL E 492 -25.08 -73.55 -3.80
CA VAL E 492 -25.78 -74.75 -3.40
C VAL E 492 -26.68 -74.39 -2.22
N ILE E 493 -26.12 -73.70 -1.22
CA ILE E 493 -26.84 -73.42 0.01
C ILE E 493 -27.97 -72.43 -0.23
N THR E 494 -27.67 -71.34 -0.93
CA THR E 494 -28.71 -70.38 -1.28
C THR E 494 -29.65 -70.93 -2.35
N GLY E 495 -29.17 -71.86 -3.17
CA GLY E 495 -30.01 -72.43 -4.20
C GLY E 495 -31.15 -73.33 -3.80
N GLU E 496 -30.99 -74.06 -2.70
CA GLU E 496 -32.10 -74.87 -2.18
C GLU E 496 -33.15 -74.04 -1.40
N ARG E 497 -32.82 -72.77 -1.16
CA ARG E 497 -33.75 -71.86 -0.50
C ARG E 497 -34.85 -71.60 -1.50
N LEU E 498 -34.48 -71.40 -2.78
CA LEU E 498 -35.52 -71.24 -3.80
C LEU E 498 -36.38 -72.45 -4.14
N LYS E 499 -35.88 -73.63 -3.77
CA LYS E 499 -36.67 -74.84 -3.91
C LYS E 499 -37.56 -74.99 -2.64
N ARG E 500 -37.15 -74.25 -1.61
CA ARG E 500 -37.90 -74.22 -0.35
C ARG E 500 -38.96 -73.15 -0.54
N LYS E 501 -38.55 -71.88 -0.70
CA LYS E 501 -39.47 -70.75 -0.57
C LYS E 501 -40.54 -70.71 -1.66
N LYS E 502 -40.25 -71.25 -2.85
CA LYS E 502 -41.23 -71.26 -3.92
C LYS E 502 -42.36 -72.25 -3.64
N GLU E 503 -42.02 -73.42 -3.10
CA GLU E 503 -43.05 -74.40 -2.77
C GLU E 503 -43.73 -74.08 -1.45
N ILE E 504 -43.04 -73.36 -0.56
CA ILE E 504 -43.68 -72.91 0.69
C ILE E 504 -44.71 -71.83 0.40
N GLU E 505 -44.47 -70.96 -0.59
CA GLU E 505 -45.49 -70.04 -1.04
C GLU E 505 -46.67 -70.76 -1.68
N LYS E 506 -46.44 -71.95 -2.24
CA LYS E 506 -47.54 -72.79 -2.70
C LYS E 506 -48.27 -73.46 -1.56
N LYS E 507 -47.73 -73.44 -0.34
CA LYS E 507 -48.38 -74.05 0.82
C LYS E 507 -48.99 -72.97 1.71
N LEU E 508 -48.20 -71.99 2.15
CA LEU E 508 -48.69 -71.10 3.19
C LEU E 508 -49.53 -69.97 2.62
N ASN E 509 -49.29 -69.59 1.36
CA ASN E 509 -50.05 -68.52 0.73
C ASN E 509 -51.09 -69.03 -0.25
N ASP E 510 -51.03 -70.30 -0.64
CA ASP E 510 -51.91 -70.78 -1.70
C ASP E 510 -52.88 -71.85 -1.19
N LEU E 511 -52.36 -72.89 -0.54
CA LEU E 511 -53.25 -73.92 -0.02
C LEU E 511 -54.01 -73.44 1.21
N LYS E 512 -53.45 -72.48 1.94
CA LYS E 512 -54.14 -71.98 3.12
C LYS E 512 -55.29 -71.05 2.75
N GLU E 513 -55.08 -70.14 1.80
CA GLU E 513 -56.04 -69.07 1.57
C GLU E 513 -57.28 -69.56 0.82
N LEU E 514 -57.19 -70.70 0.13
CA LEU E 514 -58.39 -71.27 -0.48
C LEU E 514 -59.37 -71.77 0.58
N THR E 515 -58.86 -72.22 1.72
CA THR E 515 -59.71 -72.59 2.84
C THR E 515 -59.93 -71.42 3.81
N GLN E 516 -59.02 -70.45 3.83
CA GLN E 516 -59.13 -69.31 4.73
C GLN E 516 -60.18 -68.31 4.26
N ASN E 517 -60.55 -68.36 2.98
CA ASN E 517 -61.57 -67.48 2.42
C ASN E 517 -62.96 -68.02 2.77
N TYR E 518 -63.97 -67.54 2.03
CA TYR E 518 -65.37 -67.92 2.26
C TYR E 518 -65.62 -69.42 2.13
N VAL E 519 -64.81 -70.11 1.33
CA VAL E 519 -64.90 -71.56 1.23
C VAL E 519 -64.18 -72.22 2.40
N ILE E 527 -61.36 -76.93 12.31
CA ILE E 527 -60.00 -77.44 12.30
C ILE E 527 -59.20 -76.73 11.21
N GLU E 528 -57.91 -76.52 11.48
CA GLU E 528 -56.88 -76.00 10.57
C GLU E 528 -57.13 -74.52 10.22
N LEU E 529 -58.18 -73.91 10.78
CA LEU E 529 -58.49 -72.51 10.47
C LEU E 529 -57.47 -71.58 11.10
N GLN E 530 -56.77 -72.03 12.14
CA GLN E 530 -55.65 -71.32 12.73
C GLN E 530 -54.39 -72.16 12.81
N ASN E 531 -54.52 -73.49 12.70
CA ASN E 531 -53.33 -74.36 12.71
C ASN E 531 -52.50 -74.17 11.45
N SER E 532 -53.14 -73.82 10.33
CA SER E 532 -52.38 -73.44 9.14
C SER E 532 -51.83 -72.02 9.26
N LEU E 533 -52.50 -71.16 10.04
CA LEU E 533 -51.98 -69.82 10.29
C LEU E 533 -50.74 -69.86 11.16
N LYS E 534 -50.68 -70.82 12.10
CA LYS E 534 -49.47 -71.02 12.89
C LYS E 534 -48.32 -71.51 12.04
N GLU E 535 -48.61 -72.35 11.03
CA GLU E 535 -47.60 -72.75 10.06
C GLU E 535 -47.22 -71.58 9.17
N ALA E 536 -48.14 -70.65 8.95
CA ALA E 536 -47.93 -69.61 7.94
C ALA E 536 -46.92 -68.55 8.37
N GLN E 537 -46.98 -68.08 9.62
CA GLN E 537 -46.11 -66.99 10.04
C GLN E 537 -44.80 -67.48 10.60
N GLN E 538 -44.81 -68.60 11.32
CA GLN E 538 -43.63 -69.05 12.06
C GLN E 538 -42.53 -69.56 11.15
N LYS E 539 -42.86 -69.97 9.93
CA LYS E 539 -41.83 -70.42 9.00
C LYS E 539 -41.07 -69.24 8.40
N TYR E 540 -41.75 -68.13 8.13
CA TYR E 540 -41.07 -66.94 7.63
C TYR E 540 -40.42 -66.12 8.73
N LEU E 541 -40.63 -66.48 9.99
CA LEU E 541 -39.87 -65.86 11.07
C LEU E 541 -38.44 -66.39 11.14
N GLU E 542 -38.16 -67.52 10.49
CA GLU E 542 -36.84 -68.13 10.52
C GLU E 542 -36.22 -68.21 9.12
N LEU E 543 -36.98 -68.66 8.12
CA LEU E 543 -36.42 -68.88 6.79
C LEU E 543 -36.19 -67.57 6.05
N TYR E 544 -37.08 -66.60 6.22
CA TYR E 544 -36.96 -65.35 5.49
C TYR E 544 -35.82 -64.48 6.02
N LYS E 545 -35.49 -64.61 7.29
CA LYS E 545 -34.44 -63.77 7.87
C LYS E 545 -33.06 -64.22 7.43
N GLU E 546 -32.89 -65.49 7.10
CA GLU E 546 -31.60 -65.96 6.58
C GLU E 546 -31.32 -65.37 5.21
N THR E 547 -32.36 -65.08 4.43
CA THR E 547 -32.16 -64.35 3.19
C THR E 547 -31.82 -62.89 3.45
N VAL E 548 -32.49 -62.28 4.43
CA VAL E 548 -32.25 -60.88 4.75
C VAL E 548 -30.87 -60.69 5.36
N ALA E 549 -30.45 -61.63 6.20
CA ALA E 549 -29.08 -61.59 6.73
C ALA E 549 -28.06 -61.87 5.64
N TYR E 550 -28.46 -62.56 4.58
CA TYR E 550 -27.57 -62.77 3.43
C TYR E 550 -27.44 -61.51 2.59
N VAL E 551 -28.39 -60.57 2.71
CA VAL E 551 -28.32 -59.34 1.93
C VAL E 551 -27.16 -58.46 2.36
N GLU E 552 -26.98 -58.23 3.66
CA GLU E 552 -25.83 -57.44 4.10
C GLU E 552 -24.54 -58.27 4.09
N ALA E 553 -24.66 -59.60 4.07
CA ALA E 553 -23.48 -60.45 4.02
C ALA E 553 -22.84 -60.37 2.65
N LYS E 554 -23.57 -60.81 1.62
CA LYS E 554 -23.16 -60.53 0.26
C LYS E 554 -24.05 -59.45 -0.33
N THR E 555 -23.47 -58.29 -0.59
CA THR E 555 -24.24 -57.07 -0.74
C THR E 555 -24.99 -56.98 -2.06
N HIS E 556 -24.26 -56.94 -3.18
CA HIS E 556 -24.93 -56.80 -4.46
C HIS E 556 -24.99 -58.12 -5.21
N ASN E 557 -24.16 -59.09 -4.83
CA ASN E 557 -24.09 -60.37 -5.53
C ASN E 557 -24.99 -61.40 -4.84
N ALA E 558 -26.26 -60.99 -4.66
CA ALA E 558 -27.24 -61.80 -3.96
C ALA E 558 -27.59 -63.00 -4.82
N MET E 559 -26.87 -64.08 -4.60
CA MET E 559 -27.07 -65.30 -5.36
C MET E 559 -28.36 -65.98 -4.91
N ASN E 560 -29.16 -66.40 -5.90
CA ASN E 560 -30.41 -67.14 -5.71
C ASN E 560 -31.43 -66.38 -4.85
N VAL E 561 -31.58 -65.09 -5.14
CA VAL E 561 -32.50 -64.23 -4.40
C VAL E 561 -33.47 -63.62 -5.41
N ASP E 562 -34.76 -63.98 -5.30
CA ASP E 562 -35.76 -63.43 -6.22
C ASP E 562 -36.13 -62.00 -5.85
N ALA E 563 -36.01 -61.63 -4.58
CA ALA E 563 -36.47 -60.32 -4.13
C ALA E 563 -35.41 -59.25 -4.37
N VAL E 564 -35.84 -58.12 -4.91
CA VAL E 564 -34.98 -56.96 -5.04
C VAL E 564 -35.03 -56.16 -3.75
N TYR E 565 -33.96 -55.44 -3.44
CA TYR E 565 -33.88 -54.72 -2.18
C TYR E 565 -33.31 -53.34 -2.41
N GLN E 566 -33.11 -52.63 -1.29
CA GLN E 566 -32.47 -51.31 -1.33
C GLN E 566 -31.04 -51.41 -1.83
N GLU E 567 -30.33 -52.47 -1.45
CA GLU E 567 -28.92 -52.59 -1.84
C GLU E 567 -28.78 -52.95 -3.31
N HIS E 568 -29.81 -53.53 -3.91
CA HIS E 568 -29.79 -53.71 -5.36
C HIS E 568 -30.01 -52.39 -6.07
N VAL E 569 -30.86 -51.52 -5.53
CA VAL E 569 -31.13 -50.24 -6.16
C VAL E 569 -29.93 -49.30 -6.01
N SER E 570 -29.31 -49.29 -4.82
CA SER E 570 -28.14 -48.45 -4.60
C SER E 570 -26.97 -48.91 -5.44
N TYR E 571 -26.88 -50.21 -5.73
CA TYR E 571 -25.78 -50.73 -6.52
C TYR E 571 -25.85 -50.28 -7.97
N ILE E 572 -27.06 -50.22 -8.53
CA ILE E 572 -27.23 -49.70 -9.88
C ILE E 572 -27.09 -48.19 -9.88
N TYR E 573 -27.42 -47.53 -8.76
CA TYR E 573 -27.12 -46.13 -8.63
C TYR E 573 -25.61 -45.87 -8.63
N LEU E 574 -24.82 -46.82 -8.10
CA LEU E 574 -23.37 -46.65 -8.19
C LEU E 574 -22.86 -46.97 -9.59
N ARG E 575 -23.63 -47.71 -10.37
CA ARG E 575 -23.32 -47.88 -11.78
C ARG E 575 -23.65 -46.62 -12.57
N ASP E 576 -24.76 -45.97 -12.23
CA ASP E 576 -25.17 -44.77 -12.94
C ASP E 576 -24.28 -43.58 -12.60
N SER E 577 -23.75 -43.54 -11.40
CA SER E 577 -22.67 -42.61 -11.11
C SER E 577 -21.36 -43.19 -11.61
N GLY E 578 -20.33 -42.35 -11.67
CA GLY E 578 -19.04 -42.79 -12.11
C GLY E 578 -18.17 -43.42 -11.04
N MET E 579 -18.77 -44.00 -10.01
CA MET E 579 -18.00 -44.51 -8.88
C MET E 579 -17.32 -45.82 -9.28
N PRO E 580 -16.00 -45.94 -9.12
CA PRO E 580 -15.29 -47.15 -9.58
C PRO E 580 -15.60 -48.34 -8.69
N LEU E 581 -15.47 -49.53 -9.29
CA LEU E 581 -15.96 -50.75 -8.67
C LEU E 581 -15.07 -51.26 -7.56
N GLY E 582 -13.82 -50.81 -7.49
CA GLY E 582 -12.95 -51.25 -6.43
C GLY E 582 -13.10 -50.49 -5.13
N SER E 583 -14.07 -49.58 -5.06
CA SER E 583 -14.24 -48.70 -3.90
C SER E 583 -14.84 -49.44 -2.71
N LEU E 584 -14.68 -48.85 -1.52
CA LEU E 584 -15.03 -49.52 -0.27
C LEU E 584 -16.52 -49.52 0.02
N SER E 585 -17.30 -48.67 -0.66
CA SER E 585 -18.72 -48.54 -0.31
C SER E 585 -19.55 -49.70 -0.84
N PHE E 586 -19.02 -50.51 -1.76
CA PHE E 586 -19.74 -51.69 -2.20
C PHE E 586 -19.81 -52.75 -1.10
N GLU E 587 -18.77 -52.84 -0.28
CA GLU E 587 -18.80 -53.68 0.91
C GLU E 587 -19.56 -52.89 1.98
N SER E 588 -20.89 -53.03 1.96
CA SER E 588 -21.76 -52.23 2.79
C SER E 588 -21.63 -52.61 4.26
N SER E 589 -21.52 -51.59 5.12
CA SER E 589 -21.37 -51.69 6.58
C SER E 589 -20.12 -52.46 7.00
N LYS E 590 -19.16 -52.62 6.09
CA LYS E 590 -17.92 -53.32 6.40
C LYS E 590 -16.74 -52.47 5.97
N GLY E 591 -16.88 -51.78 4.85
CA GLY E 591 -15.78 -51.04 4.27
C GLY E 591 -15.45 -49.74 4.95
N ALA E 592 -16.38 -49.17 5.72
CA ALA E 592 -16.11 -47.93 6.42
C ALA E 592 -15.16 -48.14 7.59
N LEU E 593 -15.26 -49.29 8.26
CA LEU E 593 -14.41 -49.55 9.41
C LEU E 593 -12.98 -49.87 9.00
N LYS E 594 -12.81 -50.46 7.83
CA LYS E 594 -11.47 -50.74 7.33
C LYS E 594 -10.75 -49.50 6.83
N LEU E 595 -11.45 -48.37 6.71
CA LEU E 595 -10.82 -47.16 6.20
C LEU E 595 -9.88 -46.56 7.23
N TYR E 596 -10.16 -46.74 8.52
CA TYR E 596 -9.32 -46.15 9.55
C TYR E 596 -7.97 -46.86 9.65
N ASN E 597 -7.98 -48.19 9.61
CA ASN E 597 -6.73 -48.94 9.68
C ASN E 597 -5.93 -48.83 8.39
N SER E 598 -6.62 -48.64 7.25
CA SER E 598 -5.92 -48.53 5.98
C SER E 598 -5.17 -47.22 5.86
N LEU E 599 -5.75 -46.12 6.36
CA LEU E 599 -5.03 -44.84 6.37
C LEU E 599 -3.82 -44.91 7.29
N SER E 600 -3.97 -45.55 8.46
CA SER E 600 -2.87 -45.63 9.43
C SER E 600 -1.70 -46.45 8.88
N LYS E 601 -1.93 -47.26 7.86
CA LYS E 601 -0.84 -47.95 7.18
C LYS E 601 -0.27 -47.10 6.05
N SER E 602 -1.01 -46.10 5.57
CA SER E 602 -0.53 -45.23 4.49
C SER E 602 -0.29 -43.79 4.95
N ILE E 603 -0.63 -43.46 6.19
CA ILE E 603 -0.39 -42.14 6.78
C ILE E 603 -0.12 -42.45 8.25
N ILE E 604 0.70 -41.63 8.90
CA ILE E 604 1.24 -42.00 10.20
C ILE E 604 0.78 -41.03 11.28
N GLY E 605 1.16 -39.77 11.16
CA GLY E 605 0.95 -38.83 12.25
C GLY E 605 -0.39 -38.14 12.13
N ASN E 606 -0.70 -37.38 13.18
CA ASN E 606 -1.99 -36.70 13.36
C ASN E 606 -3.15 -37.68 13.24
N GLU E 607 -3.17 -38.65 14.16
CA GLU E 607 -4.17 -39.70 14.13
C GLU E 607 -5.54 -39.21 14.55
N ASP E 608 -5.62 -38.02 15.15
CA ASP E 608 -6.87 -37.53 15.70
C ASP E 608 -7.85 -37.12 14.61
N ILE E 609 -7.35 -36.47 13.55
CA ILE E 609 -8.23 -36.00 12.49
C ILE E 609 -8.69 -37.13 11.58
N ILE E 610 -7.94 -38.21 11.52
CA ILE E 610 -8.32 -39.39 10.75
C ILE E 610 -9.58 -40.01 11.31
N LYS E 611 -9.77 -39.93 12.63
CA LYS E 611 -11.01 -40.36 13.26
C LYS E 611 -12.20 -39.56 12.73
N SER E 612 -12.04 -38.23 12.65
CA SER E 612 -13.13 -37.41 12.11
C SER E 612 -13.43 -37.57 10.63
N LEU E 613 -12.40 -37.76 9.83
CA LEU E 613 -12.52 -38.02 8.40
C LEU E 613 -13.14 -39.39 8.09
N SER E 614 -12.74 -40.41 8.86
CA SER E 614 -13.20 -41.77 8.65
C SER E 614 -14.67 -41.81 9.04
N ASP E 615 -15.05 -41.05 10.08
CA ASP E 615 -16.44 -41.04 10.51
C ASP E 615 -17.34 -40.29 9.54
N ALA E 616 -16.75 -39.41 8.71
CA ALA E 616 -17.53 -38.80 7.64
C ALA E 616 -17.87 -39.81 6.56
N VAL E 617 -17.01 -40.80 6.35
CA VAL E 617 -17.28 -41.86 5.38
C VAL E 617 -18.40 -42.77 5.89
N VAL E 618 -18.55 -42.88 7.21
CA VAL E 618 -19.56 -43.75 7.81
C VAL E 618 -20.98 -43.25 7.50
N LYS E 619 -21.14 -41.94 7.26
CA LYS E 619 -22.41 -41.41 6.80
C LYS E 619 -22.78 -41.92 5.42
N ALA E 620 -21.77 -42.16 4.57
CA ALA E 620 -22.04 -42.50 3.18
C ALA E 620 -22.58 -43.91 3.04
N ALA E 621 -22.06 -44.85 3.83
CA ALA E 621 -22.52 -46.22 3.73
C ALA E 621 -23.91 -46.39 4.34
N THR E 622 -24.15 -45.77 5.48
CA THR E 622 -25.45 -45.89 6.14
C THR E 622 -26.51 -45.02 5.48
N GLY E 623 -26.12 -43.97 4.77
CA GLY E 623 -27.06 -43.09 4.14
C GLY E 623 -27.68 -42.06 5.07
N MET E 624 -27.31 -42.05 6.34
CA MET E 624 -27.80 -41.06 7.30
C MET E 624 -26.98 -39.80 7.12
N LYS E 625 -27.51 -38.84 6.37
CA LYS E 625 -26.74 -37.68 5.95
C LYS E 625 -27.69 -36.58 5.51
N ASP E 626 -27.31 -35.35 5.85
CA ASP E 626 -27.93 -34.17 5.27
C ASP E 626 -27.64 -34.17 3.78
N PRO E 627 -28.65 -34.28 2.91
CA PRO E 627 -28.36 -34.32 1.47
C PRO E 627 -27.88 -33.00 0.91
N GLU E 628 -28.19 -31.89 1.57
CA GLU E 628 -27.71 -30.59 1.13
C GLU E 628 -26.24 -30.38 1.40
N LYS E 629 -25.64 -31.16 2.31
CA LYS E 629 -24.25 -30.96 2.67
C LYS E 629 -23.40 -32.04 2.03
N PRO E 630 -22.21 -31.71 1.54
CA PRO E 630 -21.31 -32.74 1.02
C PRO E 630 -20.72 -33.55 2.16
N ILE E 631 -20.24 -34.75 1.81
CA ILE E 631 -19.61 -35.62 2.79
C ILE E 631 -18.31 -35.00 3.27
N GLY E 632 -18.29 -34.58 4.53
CA GLY E 632 -17.03 -34.25 5.17
C GLY E 632 -16.28 -33.05 4.61
N THR E 633 -16.72 -31.85 4.91
CA THR E 633 -15.90 -30.69 4.62
C THR E 633 -14.76 -30.63 5.63
N PHE E 634 -13.55 -30.35 5.15
CA PHE E 634 -12.41 -30.25 6.06
C PHE E 634 -11.53 -29.09 5.65
N LEU E 635 -10.83 -28.55 6.63
CA LEU E 635 -9.95 -27.39 6.45
C LEU E 635 -8.61 -27.78 7.06
N PHE E 636 -7.69 -28.24 6.22
CA PHE E 636 -6.41 -28.69 6.74
C PHE E 636 -5.47 -27.52 6.92
N LEU E 637 -4.78 -27.49 8.06
CA LEU E 637 -3.89 -26.41 8.43
C LEU E 637 -2.64 -27.01 9.07
N GLY E 638 -1.51 -26.36 8.86
CA GLY E 638 -0.29 -26.80 9.52
C GLY E 638 0.97 -26.17 8.98
N PRO E 639 2.11 -26.65 9.48
CA PRO E 639 3.39 -26.19 8.95
C PRO E 639 3.61 -26.66 7.52
N THR E 640 4.54 -26.00 6.85
CA THR E 640 4.86 -26.35 5.48
C THR E 640 5.60 -27.68 5.45
N GLY E 641 5.13 -28.59 4.62
CA GLY E 641 5.76 -29.88 4.42
C GLY E 641 5.07 -31.05 5.09
N VAL E 642 4.21 -30.83 6.07
CA VAL E 642 3.53 -31.96 6.71
C VAL E 642 2.34 -32.39 5.87
N GLY E 643 1.76 -33.54 6.22
CA GLY E 643 0.80 -34.24 5.39
C GLY E 643 -0.55 -33.61 5.17
N LYS E 644 -0.56 -32.38 4.65
CA LYS E 644 -1.83 -31.72 4.39
C LYS E 644 -2.45 -32.21 3.09
N THR E 645 -1.75 -32.04 1.96
CA THR E 645 -2.34 -32.51 0.72
C THR E 645 -1.99 -33.96 0.41
N GLU E 646 -1.06 -34.58 1.16
CA GLU E 646 -0.84 -36.02 0.97
C GLU E 646 -2.01 -36.84 1.51
N LEU E 647 -2.60 -36.41 2.62
CA LEU E 647 -3.72 -37.13 3.22
C LEU E 647 -4.92 -37.15 2.29
N ALA E 648 -5.08 -36.11 1.48
CA ALA E 648 -6.08 -36.13 0.43
C ALA E 648 -5.73 -37.13 -0.66
N LYS E 649 -4.46 -37.24 -1.02
CA LYS E 649 -4.04 -38.20 -2.05
C LYS E 649 -4.22 -39.62 -1.59
N THR E 650 -4.15 -39.88 -0.27
CA THR E 650 -4.35 -41.22 0.25
C THR E 650 -5.79 -41.66 0.10
N LEU E 651 -6.72 -40.72 0.01
CA LEU E 651 -8.13 -41.09 -0.08
C LEU E 651 -8.47 -41.65 -1.45
N ALA E 652 -7.96 -41.06 -2.52
CA ALA E 652 -8.23 -41.60 -3.85
C ALA E 652 -7.53 -42.92 -4.06
N ILE E 653 -6.42 -43.15 -3.37
CA ILE E 653 -5.77 -44.46 -3.41
C ILE E 653 -6.58 -45.50 -2.64
N GLU E 654 -7.35 -45.10 -1.63
CA GLU E 654 -8.02 -46.06 -0.76
C GLU E 654 -9.54 -46.02 -0.86
N LEU E 655 -10.18 -44.84 -0.86
CA LEU E 655 -11.63 -44.80 -0.94
C LEU E 655 -12.14 -45.20 -2.31
N PHE E 656 -11.31 -45.11 -3.34
CA PHE E 656 -11.76 -45.39 -4.70
C PHE E 656 -10.80 -46.24 -5.50
N ASN E 657 -9.60 -46.52 -4.97
CA ASN E 657 -8.54 -47.31 -5.64
C ASN E 657 -8.15 -46.72 -6.98
N SER E 658 -8.24 -45.40 -7.13
CA SER E 658 -8.04 -44.75 -8.42
C SER E 658 -7.69 -43.30 -8.19
N LYS E 659 -6.58 -42.85 -8.79
CA LYS E 659 -6.20 -41.44 -8.69
C LYS E 659 -7.12 -40.52 -9.47
N ASP E 660 -7.98 -41.07 -10.34
CA ASP E 660 -8.86 -40.25 -11.17
C ASP E 660 -9.91 -39.53 -10.34
N ASN E 661 -10.34 -40.12 -9.22
CA ASN E 661 -11.33 -39.46 -8.39
C ASN E 661 -10.72 -38.35 -7.55
N LEU E 662 -9.40 -38.31 -7.41
CA LEU E 662 -8.77 -37.12 -6.87
C LEU E 662 -8.86 -35.98 -7.87
N ILE E 663 -9.41 -34.86 -7.43
CA ILE E 663 -9.53 -33.68 -8.28
C ILE E 663 -8.63 -32.61 -7.68
N ARG E 664 -7.45 -32.46 -8.27
CA ARG E 664 -6.49 -31.44 -7.84
C ARG E 664 -6.95 -30.11 -8.41
N VAL E 665 -7.80 -29.42 -7.68
CA VAL E 665 -8.16 -28.05 -8.02
C VAL E 665 -7.01 -27.19 -7.49
N ASN E 666 -6.13 -26.78 -8.38
CA ASN E 666 -4.97 -25.99 -8.00
C ASN E 666 -5.47 -24.60 -7.69
N MET E 667 -5.72 -24.36 -6.39
CA MET E 667 -6.20 -23.06 -5.92
C MET E 667 -5.16 -21.96 -6.14
N SER E 668 -3.88 -22.32 -6.22
CA SER E 668 -2.83 -21.34 -6.50
C SER E 668 -2.94 -20.78 -7.91
N GLU E 669 -3.70 -21.42 -8.79
CA GLU E 669 -3.97 -20.85 -10.10
C GLU E 669 -5.05 -19.78 -10.06
N PHE E 670 -5.81 -19.70 -8.97
CA PHE E 670 -6.94 -18.79 -8.85
C PHE E 670 -6.58 -17.50 -8.15
N THR E 671 -5.36 -16.99 -8.34
CA THR E 671 -4.98 -15.74 -7.70
C THR E 671 -5.72 -14.54 -8.27
N GLU E 672 -6.18 -14.63 -9.51
CA GLU E 672 -6.84 -13.49 -10.13
C GLU E 672 -8.32 -13.47 -9.78
N ALA E 673 -8.87 -12.25 -9.75
CA ALA E 673 -10.28 -12.06 -9.39
C ALA E 673 -11.21 -12.56 -10.47
N HIS E 674 -10.81 -12.46 -11.73
CA HIS E 674 -11.64 -12.93 -12.83
C HIS E 674 -11.36 -14.40 -13.19
N SER E 675 -10.68 -15.13 -12.31
CA SER E 675 -10.51 -16.57 -12.47
C SER E 675 -11.67 -17.36 -11.90
N VAL E 676 -12.76 -16.69 -11.51
CA VAL E 676 -13.99 -17.38 -11.08
C VAL E 676 -14.59 -18.15 -12.24
N SER E 677 -14.38 -17.66 -13.47
CA SER E 677 -14.93 -18.28 -14.67
C SER E 677 -14.33 -19.65 -14.98
N LYS E 678 -13.28 -20.07 -14.28
CA LYS E 678 -12.84 -21.46 -14.43
C LYS E 678 -13.79 -22.42 -13.75
N ILE E 679 -14.43 -22.00 -12.66
CA ILE E 679 -15.25 -22.91 -11.88
C ILE E 679 -16.67 -22.95 -12.44
N THR E 680 -17.36 -21.81 -12.39
CA THR E 680 -18.73 -21.77 -12.89
C THR E 680 -18.80 -21.82 -14.41
N GLY E 681 -17.72 -21.50 -15.09
CA GLY E 681 -17.73 -21.50 -16.53
C GLY E 681 -17.88 -20.09 -17.09
N SER E 682 -17.67 -19.98 -18.39
CA SER E 682 -17.77 -18.69 -19.06
C SER E 682 -19.24 -18.30 -19.21
N PRO E 683 -19.55 -17.01 -19.08
CA PRO E 683 -20.94 -16.58 -19.24
C PRO E 683 -21.38 -16.72 -20.69
N PRO E 684 -22.68 -16.82 -20.95
CA PRO E 684 -23.15 -17.06 -22.32
C PRO E 684 -22.91 -15.87 -23.25
N GLY E 685 -22.70 -16.19 -24.52
CA GLY E 685 -22.33 -15.20 -25.51
C GLY E 685 -20.84 -14.93 -25.59
N TYR E 686 -20.03 -15.60 -24.77
CA TYR E 686 -18.59 -15.37 -24.76
C TYR E 686 -17.87 -16.67 -25.04
N VAL E 687 -16.54 -16.58 -25.11
CA VAL E 687 -15.72 -17.69 -25.58
C VAL E 687 -15.70 -18.81 -24.55
N GLY E 688 -15.95 -20.04 -25.01
CA GLY E 688 -15.89 -21.19 -24.15
C GLY E 688 -17.20 -21.60 -23.54
N PHE E 689 -18.33 -21.11 -24.04
CA PHE E 689 -19.62 -21.46 -23.48
C PHE E 689 -19.99 -22.91 -23.77
N SER E 690 -19.45 -23.47 -24.87
CA SER E 690 -19.60 -24.89 -25.12
C SER E 690 -18.92 -25.73 -24.05
N ASP E 691 -17.82 -25.24 -23.51
CA ASP E 691 -17.13 -25.89 -22.40
C ASP E 691 -17.78 -25.38 -21.12
N SER E 692 -18.85 -26.04 -20.69
CA SER E 692 -19.64 -25.60 -19.55
C SER E 692 -18.90 -25.89 -18.25
N GLY E 693 -17.95 -25.00 -17.94
CA GLY E 693 -17.19 -25.12 -16.72
C GLY E 693 -16.09 -26.15 -16.81
N GLN E 694 -15.21 -26.13 -15.80
CA GLN E 694 -14.12 -27.07 -15.69
C GLN E 694 -14.24 -27.93 -14.44
N LEU E 695 -14.42 -27.30 -13.28
CA LEU E 695 -14.72 -28.05 -12.08
C LEU E 695 -16.10 -28.69 -12.15
N THR E 696 -17.08 -27.94 -12.66
CA THR E 696 -18.45 -28.43 -12.74
C THR E 696 -18.59 -29.57 -13.73
N GLU E 697 -17.90 -29.47 -14.86
CA GLU E 697 -17.91 -30.57 -15.83
C GLU E 697 -17.18 -31.79 -15.29
N ALA E 698 -16.12 -31.59 -14.49
CA ALA E 698 -15.42 -32.73 -13.91
C ALA E 698 -16.23 -33.42 -12.83
N VAL E 699 -17.02 -32.66 -12.06
CA VAL E 699 -17.79 -33.27 -10.97
C VAL E 699 -19.02 -34.00 -11.51
N ARG E 700 -19.66 -33.45 -12.54
CA ARG E 700 -20.81 -34.15 -13.11
C ARG E 700 -20.40 -35.41 -13.87
N GLU E 701 -19.12 -35.51 -14.25
CA GLU E 701 -18.61 -36.79 -14.73
C GLU E 701 -18.37 -37.77 -13.59
N LYS E 702 -17.74 -37.34 -12.51
CA LYS E 702 -17.36 -38.22 -11.41
C LYS E 702 -17.90 -37.65 -10.10
N PRO E 703 -19.17 -37.90 -9.79
CA PRO E 703 -19.76 -37.29 -8.59
C PRO E 703 -19.27 -37.89 -7.30
N HIS E 704 -18.71 -39.09 -7.32
CA HIS E 704 -18.11 -39.71 -6.15
C HIS E 704 -16.61 -39.50 -6.24
N SER E 705 -16.12 -38.45 -5.59
CA SER E 705 -14.74 -38.01 -5.81
C SER E 705 -14.27 -37.23 -4.60
N VAL E 706 -12.96 -37.24 -4.37
CA VAL E 706 -12.35 -36.49 -3.30
C VAL E 706 -11.84 -35.17 -3.88
N VAL E 707 -12.68 -34.14 -3.83
CA VAL E 707 -12.31 -32.87 -4.41
C VAL E 707 -11.33 -32.16 -3.51
N LEU E 708 -10.16 -31.83 -4.07
CA LEU E 708 -9.08 -31.21 -3.30
C LEU E 708 -8.86 -29.80 -3.82
N PHE E 709 -9.26 -28.81 -3.03
CA PHE E 709 -8.83 -27.44 -3.24
C PHE E 709 -7.47 -27.28 -2.56
N ASP E 710 -6.49 -26.76 -3.31
CA ASP E 710 -5.10 -26.97 -2.97
C ASP E 710 -4.64 -26.07 -1.82
N GLU E 711 -4.63 -24.75 -2.03
CA GLU E 711 -4.00 -23.83 -1.08
C GLU E 711 -4.84 -22.56 -1.06
N LEU E 712 -5.71 -22.41 -0.04
CA LEU E 712 -6.73 -21.38 -0.06
C LEU E 712 -6.16 -19.97 0.09
N GLU E 713 -5.05 -19.82 0.81
CA GLU E 713 -4.48 -18.49 0.99
C GLU E 713 -3.89 -17.94 -0.31
N LYS E 714 -3.61 -18.81 -1.28
CA LYS E 714 -3.11 -18.39 -2.59
C LYS E 714 -4.26 -18.21 -3.57
N ALA E 715 -5.25 -17.40 -3.18
CA ALA E 715 -6.44 -17.22 -4.00
C ALA E 715 -7.03 -15.85 -3.75
N HIS E 716 -7.78 -15.38 -4.74
CA HIS E 716 -8.49 -14.11 -4.58
C HIS E 716 -9.76 -14.31 -3.78
N ALA E 717 -10.22 -13.23 -3.14
CA ALA E 717 -11.36 -13.31 -2.25
C ALA E 717 -12.68 -13.48 -2.99
N ASP E 718 -12.71 -13.16 -4.29
CA ASP E 718 -13.93 -13.35 -5.06
C ASP E 718 -14.22 -14.81 -5.32
N VAL E 719 -13.16 -15.61 -5.50
CA VAL E 719 -13.27 -17.05 -5.65
C VAL E 719 -13.93 -17.66 -4.42
N PHE E 720 -13.65 -17.09 -3.25
CA PHE E 720 -14.25 -17.55 -2.00
C PHE E 720 -15.77 -17.42 -2.02
N LYS E 721 -16.31 -16.40 -2.70
CA LYS E 721 -17.77 -16.21 -2.71
C LYS E 721 -18.49 -17.34 -3.44
N VAL E 722 -17.81 -18.03 -4.35
CA VAL E 722 -18.39 -19.22 -4.95
C VAL E 722 -18.20 -20.44 -4.06
N LEU E 723 -17.04 -20.53 -3.39
CA LEU E 723 -16.67 -21.74 -2.65
C LEU E 723 -17.54 -21.98 -1.43
N LEU E 724 -18.04 -20.92 -0.80
CA LEU E 724 -18.82 -21.08 0.41
C LEU E 724 -20.20 -21.67 0.11
N GLN E 725 -20.67 -21.50 -1.13
CA GLN E 725 -21.91 -22.16 -1.52
C GLN E 725 -21.75 -23.68 -1.58
N ILE E 726 -20.57 -24.15 -2.01
CA ILE E 726 -20.34 -25.59 -2.11
C ILE E 726 -20.32 -26.23 -0.73
N LEU E 727 -19.84 -25.52 0.27
CA LEU E 727 -19.66 -26.10 1.60
C LEU E 727 -20.97 -26.21 2.36
N GLY E 728 -21.86 -25.21 2.25
CA GLY E 728 -23.11 -25.26 2.99
C GLY E 728 -24.30 -25.69 2.16
N ASP E 729 -24.38 -25.20 0.93
CA ASP E 729 -25.54 -25.51 0.11
C ASP E 729 -25.30 -26.73 -0.78
N GLY E 730 -24.06 -26.98 -1.17
CA GLY E 730 -23.72 -28.23 -1.83
C GLY E 730 -24.12 -28.35 -3.30
N TYR E 731 -24.37 -27.24 -3.99
CA TYR E 731 -24.68 -27.27 -5.41
C TYR E 731 -24.11 -26.01 -6.06
N ILE E 732 -23.97 -26.06 -7.38
CA ILE E 732 -23.65 -24.90 -8.19
C ILE E 732 -24.50 -24.94 -9.45
N ASN E 733 -25.20 -23.83 -9.75
CA ASN E 733 -25.82 -23.68 -11.05
C ASN E 733 -24.77 -23.37 -12.11
N ASP E 734 -24.89 -24.03 -13.25
CA ASP E 734 -23.93 -23.91 -14.34
C ASP E 734 -24.30 -22.72 -15.22
N ASN E 735 -23.50 -22.52 -16.28
CA ASN E 735 -23.85 -21.58 -17.33
C ASN E 735 -25.16 -21.94 -17.99
N HIS E 736 -25.42 -23.23 -18.19
CA HIS E 736 -26.71 -23.68 -18.69
C HIS E 736 -27.74 -23.85 -17.58
N ARG E 737 -27.48 -23.28 -16.39
CA ARG E 737 -28.37 -23.22 -15.23
C ARG E 737 -28.74 -24.60 -14.69
N ARG E 738 -27.99 -25.64 -15.02
CA ARG E 738 -28.31 -26.97 -14.54
C ARG E 738 -27.84 -27.14 -13.10
N ASN E 739 -28.57 -27.95 -12.34
CA ASN E 739 -28.15 -28.27 -10.99
C ASN E 739 -27.04 -29.30 -11.03
N ILE E 740 -25.91 -28.97 -10.40
CA ILE E 740 -24.75 -29.85 -10.38
C ILE E 740 -24.44 -30.21 -8.93
N ASP E 741 -24.35 -31.52 -8.67
CA ASP E 741 -24.35 -32.06 -7.31
C ASP E 741 -22.93 -32.16 -6.80
N PHE E 742 -22.61 -31.33 -5.82
CA PHE E 742 -21.43 -31.56 -5.00
C PHE E 742 -21.76 -32.40 -3.76
N SER E 743 -22.94 -33.02 -3.74
CA SER E 743 -23.16 -34.14 -2.85
C SER E 743 -22.29 -35.32 -3.29
N ASN E 744 -22.02 -36.20 -2.33
CA ASN E 744 -21.12 -37.36 -2.48
C ASN E 744 -19.70 -36.94 -2.84
N THR E 745 -19.31 -35.72 -2.47
CA THR E 745 -17.97 -35.21 -2.75
C THR E 745 -17.30 -34.87 -1.44
N ILE E 746 -16.09 -35.38 -1.23
CA ILE E 746 -15.34 -35.11 -0.01
C ILE E 746 -14.46 -33.89 -0.28
N ILE E 747 -14.90 -32.74 0.21
CA ILE E 747 -14.17 -31.50 0.02
C ILE E 747 -13.10 -31.38 1.09
N ILE E 748 -11.86 -31.13 0.65
CA ILE E 748 -10.72 -30.99 1.55
C ILE E 748 -10.09 -29.65 1.22
N MET E 749 -10.32 -28.67 2.09
CA MET E 749 -9.78 -27.31 1.92
C MET E 749 -8.41 -27.23 2.59
N THR E 750 -7.39 -27.75 1.91
CA THR E 750 -6.05 -27.58 2.42
C THR E 750 -5.58 -26.14 2.20
N SER E 751 -4.78 -25.66 3.14
CA SER E 751 -4.09 -24.37 3.02
C SER E 751 -2.92 -24.39 3.97
N ASN E 752 -2.12 -23.34 3.93
CA ASN E 752 -0.78 -23.39 4.54
C ASN E 752 -0.63 -22.58 5.82
N LEU E 753 -1.65 -21.76 6.14
CA LEU E 753 -1.55 -20.36 6.68
C LEU E 753 -0.38 -20.20 7.64
N GLY E 754 -0.39 -20.84 8.81
CA GLY E 754 0.78 -21.04 9.63
C GLY E 754 1.31 -19.77 10.25
N ALA E 755 1.97 -18.96 9.41
CA ALA E 755 2.61 -17.68 9.76
C ALA E 755 3.62 -17.83 10.91
N GLU E 756 4.13 -19.06 11.09
CA GLU E 756 4.89 -19.48 12.27
C GLU E 756 4.23 -19.03 13.57
N LEU E 757 2.91 -19.20 13.65
CA LEU E 757 2.18 -18.75 14.84
C LEU E 757 2.52 -19.63 16.04
N PHE E 758 2.73 -20.92 15.81
CA PHE E 758 3.47 -21.75 16.76
C PHE E 758 4.94 -21.37 16.58
N LYS E 759 5.36 -20.41 17.40
CA LYS E 759 6.57 -19.65 17.13
C LYS E 759 7.78 -20.25 17.81
N LYS E 760 7.56 -21.07 18.84
CA LYS E 760 8.64 -21.57 19.68
C LYS E 760 9.57 -22.49 18.89
N LYS E 761 10.86 -22.17 18.94
CA LYS E 761 11.87 -22.98 18.28
C LYS E 761 12.04 -24.34 18.94
N LEU E 762 11.82 -24.44 20.25
CA LEU E 762 11.83 -25.73 20.91
C LEU E 762 10.59 -26.54 20.56
N PHE E 763 9.49 -25.85 20.20
CA PHE E 763 8.30 -26.55 19.77
C PHE E 763 8.50 -27.23 18.41
N PHE E 764 9.44 -26.74 17.59
CA PHE E 764 9.98 -27.53 16.48
C PHE E 764 11.02 -28.54 16.98
N ASP E 765 11.94 -28.09 17.84
CA ASP E 765 13.09 -28.90 18.24
C ASP E 765 12.67 -30.11 19.06
N ALA E 766 11.63 -29.98 19.87
CA ALA E 766 11.21 -31.07 20.74
C ALA E 766 9.71 -31.28 20.61
N ASP E 767 9.34 -32.46 20.11
CA ASP E 767 7.95 -32.87 19.99
C ASP E 767 7.80 -34.31 20.46
N ASN E 768 8.91 -34.93 20.84
CA ASN E 768 8.89 -36.33 21.24
C ASN E 768 8.21 -36.52 22.59
N SER E 769 8.07 -35.45 23.37
CA SER E 769 7.27 -35.51 24.59
C SER E 769 5.79 -35.56 24.24
N GLY E 770 5.05 -36.35 25.00
CA GLY E 770 3.60 -36.39 24.89
C GLY E 770 2.96 -35.67 26.05
N THR E 771 3.66 -34.67 26.56
CA THR E 771 3.23 -33.95 27.75
C THR E 771 2.00 -33.09 27.44
N PRO E 772 1.17 -32.82 28.46
CA PRO E 772 0.06 -31.87 28.26
C PRO E 772 0.50 -30.44 28.03
N GLU E 773 1.77 -30.11 28.32
CA GLU E 773 2.31 -28.80 28.01
C GLU E 773 2.28 -28.50 26.53
N TYR E 774 2.47 -29.51 25.69
CA TYR E 774 2.27 -29.32 24.26
C TYR E 774 0.80 -29.14 23.94
N LYS E 775 -0.07 -29.92 24.61
CA LYS E 775 -1.51 -29.84 24.37
C LYS E 775 -2.09 -28.51 24.79
N ARG E 776 -1.51 -27.87 25.82
CA ARG E 776 -1.88 -26.50 26.13
C ARG E 776 -1.47 -25.55 25.01
N VAL E 777 -0.27 -25.74 24.46
CA VAL E 777 0.18 -24.92 23.35
C VAL E 777 -0.57 -25.29 22.07
N MET E 778 -0.86 -26.59 21.89
CA MET E 778 -1.54 -27.06 20.68
C MET E 778 -2.96 -26.53 20.57
N GLU E 779 -3.65 -26.38 21.70
CA GLU E 779 -4.98 -25.78 21.68
C GLU E 779 -4.93 -24.27 21.49
N ASP E 780 -3.92 -23.60 22.04
CA ASP E 780 -3.86 -22.14 21.95
C ASP E 780 -3.55 -21.69 20.53
N VAL E 781 -2.74 -22.45 19.81
CA VAL E 781 -2.43 -22.05 18.43
C VAL E 781 -3.55 -22.48 17.49
N ARG E 782 -4.34 -23.49 17.85
CA ARG E 782 -5.47 -23.86 17.01
C ARG E 782 -6.57 -22.81 17.11
N LEU E 783 -6.85 -22.32 18.32
CA LEU E 783 -7.88 -21.31 18.51
C LEU E 783 -7.48 -19.97 17.89
N SER E 784 -6.18 -19.71 17.74
CA SER E 784 -5.76 -18.48 17.10
C SER E 784 -5.85 -18.57 15.59
N LEU E 785 -5.60 -19.75 15.03
CA LEU E 785 -5.79 -19.94 13.59
C LEU E 785 -7.26 -19.90 13.21
N ILE E 786 -8.15 -20.30 14.13
CA ILE E 786 -9.58 -20.12 13.93
C ILE E 786 -9.92 -18.64 13.82
N LYS E 787 -9.33 -17.81 14.69
CA LYS E 787 -9.48 -16.36 14.55
C LYS E 787 -8.80 -15.84 13.30
N LYS E 788 -7.69 -16.46 12.90
CA LYS E 788 -7.01 -16.03 11.70
C LYS E 788 -7.78 -16.41 10.44
N CYS E 789 -8.40 -17.60 10.44
CA CYS E 789 -9.30 -17.96 9.35
C CYS E 789 -10.57 -17.14 9.39
N LYS E 790 -10.99 -16.70 10.58
CA LYS E 790 -12.20 -15.90 10.68
C LYS E 790 -11.99 -14.50 10.11
N LYS E 791 -10.76 -13.98 10.15
CA LYS E 791 -10.49 -12.65 9.63
C LYS E 791 -10.15 -12.67 8.14
N VAL E 792 -9.29 -13.58 7.71
CA VAL E 792 -8.84 -13.64 6.32
C VAL E 792 -9.81 -14.43 5.44
N PHE E 793 -10.16 -15.65 5.89
CA PHE E 793 -10.96 -16.58 5.10
C PHE E 793 -12.45 -16.41 5.33
N LYS E 794 -12.96 -15.17 5.51
CA LYS E 794 -14.37 -14.82 5.38
C LYS E 794 -15.29 -15.60 6.30
N PRO E 795 -15.51 -15.12 7.54
CA PRO E 795 -16.07 -15.94 8.64
C PRO E 795 -17.32 -16.78 8.34
N GLU E 796 -18.00 -16.52 7.22
CA GLU E 796 -19.03 -17.43 6.71
C GLU E 796 -18.49 -18.83 6.44
N PHE E 797 -17.22 -18.96 6.04
CA PHE E 797 -16.63 -20.27 5.87
C PHE E 797 -16.48 -21.05 7.17
N VAL E 798 -16.38 -20.35 8.29
CA VAL E 798 -15.99 -21.00 9.53
C VAL E 798 -17.11 -21.90 10.05
N ASN E 799 -18.35 -21.41 10.04
CA ASN E 799 -19.44 -22.25 10.51
C ASN E 799 -19.91 -23.24 9.44
N ARG E 800 -19.56 -23.02 8.17
CA ARG E 800 -19.94 -23.96 7.11
C ARG E 800 -19.00 -25.15 7.07
N ILE E 801 -17.69 -24.91 7.19
CA ILE E 801 -16.73 -26.01 7.23
C ILE E 801 -16.91 -26.79 8.53
N ASP E 802 -16.81 -28.11 8.44
CA ASP E 802 -16.83 -28.99 9.60
C ASP E 802 -15.47 -28.99 10.29
N LYS E 803 -15.23 -30.02 11.12
CA LYS E 803 -14.08 -30.12 12.02
C LYS E 803 -12.75 -29.79 11.36
N ILE E 804 -12.00 -28.90 12.02
CA ILE E 804 -10.77 -28.32 11.47
C ILE E 804 -9.61 -28.84 12.30
N GLY E 805 -8.61 -29.40 11.63
CA GLY E 805 -7.49 -29.97 12.35
C GLY E 805 -6.16 -29.35 11.98
N VAL E 806 -5.42 -28.90 12.99
CA VAL E 806 -4.06 -28.42 12.76
C VAL E 806 -3.11 -29.61 12.87
N PHE E 807 -2.32 -29.82 11.82
CA PHE E 807 -1.34 -30.88 11.86
C PHE E 807 -0.15 -30.48 12.72
N GLU E 808 0.40 -31.46 13.40
CA GLU E 808 1.51 -31.20 14.31
C GLU E 808 2.82 -31.13 13.51
N PRO E 809 3.81 -30.38 13.98
CA PRO E 809 5.15 -30.47 13.38
C PRO E 809 5.75 -31.83 13.71
N LEU E 810 6.34 -32.47 12.70
CA LEU E 810 6.70 -33.87 12.82
C LEU E 810 7.96 -34.06 13.66
N ASN E 811 8.07 -35.24 14.25
CA ASN E 811 9.19 -35.58 15.09
C ASN E 811 9.74 -36.93 14.69
N LYS E 812 10.87 -37.30 15.31
CA LYS E 812 11.60 -38.52 14.96
C LYS E 812 10.80 -39.78 15.25
N LYS E 813 9.81 -39.70 16.15
CA LYS E 813 8.93 -40.84 16.39
C LYS E 813 8.00 -41.07 15.20
N ASN E 814 7.51 -39.99 14.60
CA ASN E 814 6.76 -40.14 13.36
C ASN E 814 7.67 -40.35 12.17
N LEU E 815 8.83 -39.66 12.14
CA LEU E 815 9.70 -39.70 10.98
C LEU E 815 10.38 -41.05 10.79
N HIS E 816 10.43 -41.88 11.84
CA HIS E 816 10.96 -43.23 11.67
C HIS E 816 10.06 -44.07 10.78
N LYS E 817 8.75 -43.80 10.80
CA LYS E 817 7.82 -44.52 9.95
C LYS E 817 7.65 -43.84 8.59
N ILE E 818 7.82 -42.51 8.55
CA ILE E 818 7.64 -41.75 7.31
C ILE E 818 8.73 -42.10 6.31
N VAL E 819 9.97 -42.20 6.79
CA VAL E 819 11.07 -42.66 5.94
C VAL E 819 10.88 -44.13 5.56
N ALA E 820 10.25 -44.91 6.45
CA ALA E 820 10.07 -46.33 6.20
C ALA E 820 9.11 -46.62 5.04
N LEU E 821 8.08 -45.81 4.87
CA LEU E 821 7.16 -46.04 3.75
C LEU E 821 7.77 -45.65 2.42
N ARG E 822 8.78 -44.78 2.43
CA ARG E 822 9.38 -44.34 1.18
C ARG E 822 10.13 -45.46 0.50
N PHE E 823 10.78 -46.33 1.28
CA PHE E 823 11.51 -47.44 0.67
C PHE E 823 10.58 -48.50 0.13
N LYS E 824 9.35 -48.57 0.65
CA LYS E 824 8.33 -49.36 -0.02
C LYS E 824 7.91 -48.70 -1.33
N LYS E 825 7.92 -47.38 -1.40
CA LYS E 825 7.66 -46.71 -2.67
C LYS E 825 8.88 -46.79 -3.59
N LEU E 826 10.09 -46.91 -3.03
CA LEU E 826 11.26 -47.09 -3.86
C LEU E 826 11.29 -48.46 -4.51
N GLU E 827 10.74 -49.47 -3.84
CA GLU E 827 10.60 -50.77 -4.47
C GLU E 827 9.60 -50.74 -5.62
N LYS E 828 8.55 -49.91 -5.51
CA LYS E 828 7.48 -49.93 -6.49
C LYS E 828 7.88 -49.27 -7.79
N ARG E 829 8.72 -48.23 -7.73
CA ARG E 829 9.16 -47.60 -8.97
C ARG E 829 10.40 -48.27 -9.55
N LEU E 830 10.95 -49.27 -8.87
CA LEU E 830 11.99 -50.12 -9.44
C LEU E 830 11.47 -51.48 -9.87
N GLU E 831 10.15 -51.63 -10.02
CA GLU E 831 9.58 -52.93 -10.38
C GLU E 831 9.90 -53.33 -11.81
N GLU E 832 10.19 -52.36 -12.69
CA GLU E 832 10.72 -52.71 -14.00
C GLU E 832 12.14 -53.25 -13.87
N LYS E 833 12.86 -52.86 -12.82
CA LYS E 833 14.24 -53.25 -12.65
C LYS E 833 14.44 -54.37 -11.64
N ASN E 834 13.45 -54.62 -10.77
CA ASN E 834 13.46 -55.70 -9.77
C ASN E 834 14.65 -55.56 -8.81
N ILE E 835 14.85 -54.36 -8.30
CA ILE E 835 15.90 -54.10 -7.32
C ILE E 835 15.23 -53.92 -5.96
N GLN E 836 15.31 -54.93 -5.12
CA GLN E 836 14.75 -54.84 -3.78
C GLN E 836 15.68 -54.09 -2.84
N VAL E 837 15.11 -53.21 -2.03
CA VAL E 837 15.85 -52.38 -1.09
C VAL E 837 15.25 -52.58 0.30
N SER E 838 16.10 -52.82 1.29
CA SER E 838 15.65 -52.92 2.68
C SER E 838 16.63 -52.13 3.55
N VAL E 839 16.08 -51.49 4.58
CA VAL E 839 16.82 -50.49 5.35
C VAL E 839 16.78 -50.84 6.83
N SER E 840 17.95 -50.84 7.46
CA SER E 840 18.07 -51.08 8.89
C SER E 840 17.48 -49.94 9.70
N GLU E 841 17.14 -50.24 10.95
CA GLU E 841 16.65 -49.20 11.86
C GLU E 841 17.77 -48.25 12.27
N LYS E 842 19.01 -48.72 12.26
CA LYS E 842 20.16 -47.82 12.44
C LYS E 842 20.29 -46.87 11.26
N ALA E 843 20.00 -47.35 10.06
CA ALA E 843 20.22 -46.55 8.86
C ALA E 843 19.19 -45.44 8.73
N ILE E 844 18.00 -45.62 9.29
CA ILE E 844 16.98 -44.57 9.24
C ILE E 844 17.40 -43.40 10.11
N ASP E 845 17.92 -43.66 11.30
CA ASP E 845 18.30 -42.58 12.22
C ASP E 845 19.50 -41.80 11.73
N TYR E 846 20.39 -42.44 10.97
CA TYR E 846 21.49 -41.70 10.37
C TYR E 846 20.99 -40.79 9.25
N ILE E 847 19.95 -41.22 8.53
CA ILE E 847 19.34 -40.37 7.50
C ILE E 847 18.63 -39.18 8.14
N ILE E 848 18.00 -39.40 9.29
CA ILE E 848 17.30 -38.32 9.98
C ILE E 848 18.28 -37.31 10.55
N ASP E 849 19.30 -37.78 11.27
CA ASP E 849 20.22 -36.89 11.99
C ASP E 849 21.08 -36.05 11.05
N GLN E 850 21.27 -36.50 9.82
CA GLN E 850 21.93 -35.65 8.83
C GLN E 850 21.01 -34.58 8.26
N SER E 851 19.68 -34.77 8.33
CA SER E 851 18.77 -33.81 7.68
C SER E 851 17.52 -33.53 8.52
N TYR E 852 17.63 -33.55 9.84
CA TYR E 852 16.48 -33.26 10.68
C TYR E 852 16.24 -31.75 10.76
N ASP E 853 15.07 -31.31 10.27
CA ASP E 853 14.65 -29.92 10.38
C ASP E 853 13.12 -29.86 10.36
N PRO E 854 12.47 -29.76 11.52
CA PRO E 854 11.00 -29.78 11.55
C PRO E 854 10.35 -28.52 11.01
N GLU E 855 11.11 -27.40 10.95
CA GLU E 855 10.57 -26.18 10.36
C GLU E 855 10.28 -26.36 8.89
N LEU E 856 11.05 -27.19 8.22
CA LEU E 856 10.83 -27.51 6.83
C LEU E 856 9.89 -28.70 6.67
N GLY E 857 9.54 -29.38 7.76
CA GLY E 857 8.47 -30.36 7.74
C GLY E 857 8.71 -31.59 6.89
N ALA E 858 9.74 -32.37 7.19
CA ALA E 858 10.04 -33.68 6.62
C ALA E 858 10.39 -33.64 5.12
N ARG E 859 10.53 -32.48 4.53
CA ARG E 859 10.97 -32.45 3.14
C ARG E 859 12.46 -32.67 2.95
N PRO E 860 13.39 -32.06 3.73
CA PRO E 860 14.81 -32.41 3.50
C PRO E 860 15.16 -33.83 3.90
N THR E 861 14.38 -34.45 4.77
CA THR E 861 14.54 -35.88 5.01
C THR E 861 14.20 -36.69 3.77
N LEU E 862 13.21 -36.24 3.00
CA LEU E 862 12.94 -36.85 1.71
C LEU E 862 14.02 -36.47 0.70
N ILE E 863 14.56 -35.26 0.81
CA ILE E 863 15.59 -34.83 -0.13
C ILE E 863 16.90 -35.56 0.15
N PHE E 864 17.25 -35.77 1.43
CA PHE E 864 18.52 -36.42 1.77
C PHE E 864 18.55 -37.87 1.30
N ILE E 865 17.40 -38.53 1.23
CA ILE E 865 17.32 -39.81 0.56
C ILE E 865 17.60 -39.65 -0.92
N GLU E 866 16.89 -38.73 -1.57
CA GLU E 866 16.96 -38.64 -3.02
C GLU E 866 18.22 -37.93 -3.49
N SER E 867 18.84 -37.11 -2.65
CA SER E 867 20.07 -36.46 -3.06
C SER E 867 21.31 -37.27 -2.69
N VAL E 868 21.18 -38.33 -1.91
CA VAL E 868 22.36 -39.13 -1.56
C VAL E 868 22.20 -40.57 -2.03
N ILE E 869 21.24 -41.30 -1.46
CA ILE E 869 21.27 -42.75 -1.66
C ILE E 869 20.54 -43.15 -2.93
N MET E 870 19.60 -42.32 -3.41
CA MET E 870 19.06 -42.54 -4.74
C MET E 870 20.07 -42.14 -5.80
N THR E 871 20.86 -41.09 -5.55
CA THR E 871 21.95 -40.75 -6.45
C THR E 871 23.07 -41.77 -6.38
N LYS E 872 23.28 -42.38 -5.21
CA LYS E 872 24.28 -43.42 -5.10
C LYS E 872 23.89 -44.65 -5.90
N PHE E 873 22.60 -44.99 -5.90
CA PHE E 873 22.13 -46.15 -6.65
C PHE E 873 22.25 -45.94 -8.16
N ALA E 874 22.02 -44.71 -8.62
CA ALA E 874 22.01 -44.45 -10.05
C ALA E 874 23.42 -44.45 -10.63
N ILE E 875 24.41 -43.99 -9.86
CA ILE E 875 25.79 -44.10 -10.31
C ILE E 875 26.26 -45.54 -10.24
N MET E 876 25.86 -46.27 -9.20
CA MET E 876 26.18 -47.70 -9.12
C MET E 876 25.39 -48.54 -10.11
N TYR E 877 24.34 -48.00 -10.73
CA TYR E 877 23.63 -48.71 -11.78
C TYR E 877 24.23 -48.50 -13.16
N LEU E 878 24.82 -47.33 -13.42
CA LEU E 878 25.43 -47.07 -14.72
C LEU E 878 26.72 -47.86 -14.87
N LYS E 879 27.65 -47.65 -13.94
CA LYS E 879 28.79 -48.55 -13.83
C LYS E 879 28.32 -49.93 -13.42
N LYS E 880 29.10 -50.94 -13.80
CA LYS E 880 28.59 -52.32 -13.74
C LYS E 880 28.70 -52.94 -12.36
N GLU E 881 28.14 -52.30 -11.34
CA GLU E 881 28.04 -52.94 -10.02
C GLU E 881 26.69 -53.57 -9.79
N LEU E 882 25.67 -53.15 -10.51
CA LEU E 882 24.31 -53.60 -10.27
C LEU E 882 23.75 -54.33 -11.48
N VAL E 883 23.52 -55.63 -11.30
CA VAL E 883 22.59 -56.36 -12.16
C VAL E 883 21.18 -55.96 -11.74
N ASP E 884 20.22 -56.15 -12.64
CA ASP E 884 18.82 -55.86 -12.31
C ASP E 884 18.32 -56.67 -11.13
N ASP E 885 18.67 -57.95 -11.05
CA ASP E 885 18.18 -58.80 -9.97
C ASP E 885 19.24 -58.87 -8.86
N MET E 886 19.24 -57.85 -8.02
CA MET E 886 20.17 -57.76 -6.89
C MET E 886 19.44 -57.28 -5.66
N ASP E 887 19.70 -57.91 -4.53
CA ASP E 887 19.24 -57.40 -3.25
C ASP E 887 20.10 -56.23 -2.81
N VAL E 888 19.48 -55.24 -2.19
CA VAL E 888 20.17 -54.09 -1.63
C VAL E 888 19.74 -53.96 -0.18
N PHE E 889 20.73 -53.85 0.72
CA PHE E 889 20.45 -53.78 2.16
C PHE E 889 21.26 -52.62 2.74
N VAL E 890 20.58 -51.49 2.98
CA VAL E 890 21.24 -50.33 3.56
C VAL E 890 21.41 -50.53 5.06
N ASP E 891 22.63 -50.33 5.55
CA ASP E 891 22.94 -50.47 6.97
C ASP E 891 24.11 -49.57 7.31
N TYR E 892 24.07 -49.00 8.51
CA TYR E 892 25.07 -48.03 8.96
C TYR E 892 26.15 -48.72 9.79
N ASN E 893 27.41 -48.42 9.47
CA ASN E 893 28.59 -49.13 9.98
C ASN E 893 28.97 -48.71 11.40
N SER E 894 28.42 -47.58 11.87
CA SER E 894 28.90 -46.85 13.06
C SER E 894 30.38 -46.52 12.98
N LYS E 895 30.86 -46.24 11.77
CA LYS E 895 32.25 -45.87 11.51
C LYS E 895 32.31 -44.63 10.62
N ALA E 896 31.37 -43.71 10.81
CA ALA E 896 31.33 -42.44 10.09
C ALA E 896 30.81 -42.53 8.65
N LYS E 897 30.36 -43.71 8.26
CA LYS E 897 29.83 -43.89 6.91
C LYS E 897 28.72 -44.92 6.86
N ASN E 898 27.86 -44.82 5.87
CA ASN E 898 26.77 -45.78 5.72
C ASN E 898 27.27 -46.92 4.83
N LEU E 899 26.55 -48.02 4.77
CA LEU E 899 26.99 -49.14 3.95
C LEU E 899 25.88 -49.71 3.08
N VAL E 900 26.17 -49.90 1.80
CA VAL E 900 25.17 -50.44 0.89
C VAL E 900 25.60 -51.85 0.50
N ILE E 901 24.94 -52.85 1.09
CA ILE E 901 25.27 -54.24 0.80
C ILE E 901 24.51 -54.69 -0.45
N ASN E 902 25.21 -55.36 -1.36
CA ASN E 902 24.60 -55.89 -2.57
C ASN E 902 24.76 -57.40 -2.62
N LEU E 903 23.64 -58.10 -2.83
CA LEU E 903 23.63 -59.55 -2.87
C LEU E 903 22.70 -60.00 -4.00
N SER E 904 23.01 -61.16 -4.57
CA SER E 904 22.23 -61.68 -5.69
C SER E 904 21.07 -62.55 -5.20
N THR F 187 -73.12 -15.04 -60.71
CA THR F 187 -72.43 -13.98 -59.99
C THR F 187 -70.96 -13.89 -60.42
N LEU F 188 -70.22 -13.00 -59.78
CA LEU F 188 -68.80 -12.87 -60.06
C LEU F 188 -68.03 -14.01 -59.41
N TYR F 189 -66.80 -14.22 -59.87
CA TYR F 189 -65.98 -15.30 -59.34
C TYR F 189 -65.47 -14.98 -57.94
N ILE F 190 -65.17 -13.70 -57.66
CA ILE F 190 -64.56 -13.31 -56.39
C ILE F 190 -65.57 -13.36 -55.25
N GLU F 191 -66.86 -13.13 -55.54
CA GLU F 191 -67.86 -12.94 -54.49
C GLU F 191 -68.13 -14.23 -53.72
N GLN F 192 -68.08 -15.37 -54.40
CA GLN F 192 -68.15 -16.66 -53.73
C GLN F 192 -66.78 -17.10 -53.23
N PHE F 193 -65.73 -16.43 -53.68
CA PHE F 193 -64.35 -16.74 -53.35
C PHE F 193 -63.84 -16.00 -52.12
N GLY F 194 -64.50 -14.90 -51.74
CA GLY F 194 -64.07 -14.10 -50.62
C GLY F 194 -64.84 -14.42 -49.36
N SER F 195 -65.81 -13.59 -49.00
CA SER F 195 -66.60 -13.84 -47.81
C SER F 195 -68.08 -13.70 -48.15
N ASN F 196 -68.93 -14.17 -47.24
CA ASN F 196 -70.35 -14.25 -47.50
C ASN F 196 -71.02 -12.89 -47.36
N MET F 197 -72.32 -12.85 -47.68
CA MET F 197 -73.11 -11.63 -47.74
C MET F 197 -73.53 -11.21 -46.33
N ASN F 198 -74.24 -10.10 -46.19
CA ASN F 198 -74.71 -9.56 -44.93
C ASN F 198 -76.00 -10.21 -44.43
N GLU F 199 -76.34 -11.40 -44.91
CA GLU F 199 -77.47 -12.13 -44.34
C GLU F 199 -77.15 -12.65 -42.94
N LYS F 200 -75.86 -12.70 -42.59
CA LYS F 200 -75.44 -13.16 -41.26
C LYS F 200 -75.87 -12.20 -40.17
N VAL F 201 -76.17 -10.94 -40.52
CA VAL F 201 -76.64 -9.96 -39.55
C VAL F 201 -78.01 -10.37 -39.01
N ARG F 202 -78.94 -10.73 -39.89
CA ARG F 202 -80.24 -11.21 -39.44
C ARG F 202 -80.19 -12.67 -39.00
N ASN F 203 -79.18 -13.41 -39.44
CA ASN F 203 -79.00 -14.78 -39.00
C ASN F 203 -78.41 -14.90 -37.60
N GLY F 204 -77.97 -13.78 -37.01
CA GLY F 204 -77.37 -13.81 -35.69
C GLY F 204 -75.88 -14.08 -35.67
N LYS F 205 -75.27 -14.37 -36.83
CA LYS F 205 -73.83 -14.58 -36.88
C LYS F 205 -73.09 -13.25 -36.74
N LEU F 206 -73.69 -12.16 -37.21
CA LEU F 206 -73.14 -10.82 -37.04
C LEU F 206 -74.16 -10.03 -36.23
N GLN F 207 -74.09 -10.20 -34.91
CA GLN F 207 -75.14 -9.71 -34.03
C GLN F 207 -74.54 -9.47 -32.66
N GLY F 208 -74.99 -8.39 -32.01
CA GLY F 208 -74.45 -8.03 -30.73
C GLY F 208 -73.13 -7.30 -30.77
N ILE F 209 -72.75 -6.74 -31.92
CA ILE F 209 -71.53 -5.95 -32.02
C ILE F 209 -71.71 -4.65 -31.25
N TYR F 210 -70.89 -4.46 -30.23
CA TYR F 210 -71.00 -3.26 -29.41
C TYR F 210 -70.49 -2.05 -30.18
N GLY F 211 -71.29 -0.98 -30.17
CA GLY F 211 -70.93 0.22 -30.87
C GLY F 211 -69.93 1.05 -30.08
N ARG F 212 -69.10 1.77 -30.82
CA ARG F 212 -68.04 2.53 -30.19
C ARG F 212 -67.82 3.83 -30.95
N ASP F 213 -68.48 4.89 -30.50
CA ASP F 213 -68.54 6.14 -31.25
C ASP F 213 -67.20 6.87 -31.27
N GLU F 214 -66.35 6.64 -30.27
CA GLU F 214 -65.04 7.25 -30.27
C GLU F 214 -64.07 6.54 -31.21
N GLU F 215 -64.45 5.37 -31.71
CA GLU F 215 -63.63 4.58 -32.62
C GLU F 215 -64.29 4.31 -33.97
N ILE F 216 -65.52 3.81 -33.98
CA ILE F 216 -66.14 3.39 -35.23
C ILE F 216 -66.60 4.60 -36.03
N ARG F 217 -67.18 5.60 -35.37
CA ARG F 217 -67.48 6.85 -36.07
C ARG F 217 -66.23 7.67 -36.33
N ALA F 218 -65.16 7.42 -35.56
CA ALA F 218 -63.88 8.08 -35.84
C ALA F 218 -63.28 7.60 -37.15
N ILE F 219 -63.59 6.37 -37.55
CA ILE F 219 -63.23 5.92 -38.88
C ILE F 219 -64.08 6.64 -39.92
N ILE F 220 -65.40 6.70 -39.67
CA ILE F 220 -66.38 7.28 -40.60
C ILE F 220 -66.10 8.74 -40.88
N GLU F 221 -65.61 9.48 -39.87
CA GLU F 221 -65.22 10.87 -40.07
C GLU F 221 -63.98 10.99 -40.96
N SER F 222 -63.13 9.97 -40.96
CA SER F 222 -62.01 9.92 -41.90
C SER F 222 -62.41 9.32 -43.24
N LEU F 223 -63.56 8.64 -43.33
CA LEU F 223 -64.00 7.98 -44.55
C LEU F 223 -64.61 8.92 -45.59
N LEU F 224 -64.93 10.15 -45.22
CA LEU F 224 -65.55 11.11 -46.13
C LEU F 224 -64.62 12.31 -46.30
N ARG F 225 -63.84 12.29 -47.37
CA ARG F 225 -62.93 13.38 -47.71
C ARG F 225 -63.11 13.74 -49.17
N TYR F 226 -62.65 14.93 -49.54
CA TYR F 226 -62.49 15.29 -50.95
C TYR F 226 -61.16 14.80 -51.50
N ASN F 227 -60.39 14.08 -50.68
CA ASN F 227 -59.12 13.46 -51.02
C ASN F 227 -59.12 12.08 -50.40
N LYS F 228 -57.92 11.52 -50.20
CA LYS F 228 -57.71 10.22 -49.56
C LYS F 228 -58.52 10.06 -48.28
N ASN F 229 -59.22 8.92 -48.16
CA ASN F 229 -60.13 8.75 -47.04
C ASN F 229 -60.10 7.36 -46.41
N SER F 230 -59.10 6.54 -46.69
CA SER F 230 -59.03 5.18 -46.14
C SER F 230 -57.70 4.98 -45.42
N PRO F 231 -57.61 5.41 -44.16
CA PRO F 231 -56.48 4.98 -43.33
C PRO F 231 -56.64 3.53 -42.91
N VAL F 232 -55.51 2.84 -42.75
CA VAL F 232 -55.53 1.44 -42.38
C VAL F 232 -55.87 1.32 -40.89
N LEU F 233 -56.40 0.16 -40.49
CA LEU F 233 -56.48 -0.13 -39.07
C LEU F 233 -55.12 -0.57 -38.55
N VAL F 234 -54.73 0.01 -37.42
CA VAL F 234 -53.50 -0.34 -36.71
C VAL F 234 -53.93 -0.68 -35.29
N GLY F 235 -53.84 -1.94 -34.91
CA GLY F 235 -54.48 -2.27 -33.65
C GLY F 235 -53.98 -3.55 -33.02
N ASN F 236 -54.68 -3.90 -31.95
CA ASN F 236 -54.24 -4.97 -31.07
C ASN F 236 -54.62 -6.33 -31.66
N PRO F 237 -53.83 -7.37 -31.38
CA PRO F 237 -54.21 -8.73 -31.82
C PRO F 237 -55.48 -9.25 -31.18
N GLY F 238 -55.88 -8.72 -30.04
CA GLY F 238 -57.08 -9.18 -29.35
C GLY F 238 -58.26 -8.25 -29.40
N THR F 239 -58.18 -7.15 -30.14
CA THR F 239 -59.24 -6.14 -30.15
C THR F 239 -59.48 -5.65 -31.58
N GLY F 240 -60.55 -6.15 -32.21
CA GLY F 240 -61.18 -5.42 -33.30
C GLY F 240 -60.60 -5.57 -34.67
N LYS F 241 -59.88 -6.64 -34.95
CA LYS F 241 -59.32 -6.77 -36.30
C LYS F 241 -60.32 -7.38 -37.28
N THR F 242 -61.15 -8.35 -36.86
CA THR F 242 -62.28 -8.71 -37.74
C THR F 242 -63.55 -7.97 -37.38
N THR F 243 -63.73 -7.59 -36.12
CA THR F 243 -65.07 -7.22 -35.67
C THR F 243 -65.41 -5.77 -35.97
N ILE F 244 -64.41 -4.92 -36.17
CA ILE F 244 -64.69 -3.58 -36.70
C ILE F 244 -65.19 -3.67 -38.13
N VAL F 245 -64.64 -4.61 -38.90
CA VAL F 245 -64.98 -4.77 -40.31
C VAL F 245 -66.33 -5.47 -40.47
N GLU F 246 -66.58 -6.52 -39.70
CA GLU F 246 -67.87 -7.21 -39.76
C GLU F 246 -69.01 -6.34 -39.25
N GLY F 247 -68.71 -5.38 -38.37
CA GLY F 247 -69.75 -4.58 -37.76
C GLY F 247 -70.18 -3.36 -38.55
N LEU F 248 -69.63 -3.15 -39.76
CA LEU F 248 -69.91 -1.92 -40.49
C LEU F 248 -71.34 -1.90 -41.05
N VAL F 249 -71.78 -2.99 -41.65
CA VAL F 249 -73.16 -3.07 -42.13
C VAL F 249 -74.10 -3.23 -40.94
N TYR F 250 -73.60 -3.77 -39.83
CA TYR F 250 -74.38 -3.88 -38.60
C TYR F 250 -74.73 -2.51 -38.02
N ARG F 251 -73.91 -1.49 -38.30
CA ARG F 251 -74.21 -0.14 -37.81
C ARG F 251 -75.22 0.58 -38.68
N ILE F 252 -75.53 0.04 -39.86
CA ILE F 252 -76.55 0.64 -40.72
C ILE F 252 -77.93 0.49 -40.10
N GLU F 253 -78.21 -0.66 -39.48
CA GLU F 253 -79.49 -0.89 -38.85
C GLU F 253 -79.68 -0.05 -37.59
N LYS F 254 -78.58 0.33 -36.93
CA LYS F 254 -78.63 1.22 -35.78
C LYS F 254 -78.72 2.70 -36.17
N GLY F 255 -78.73 3.00 -37.47
CA GLY F 255 -78.88 4.37 -37.94
C GLY F 255 -77.66 5.23 -37.79
N ASP F 256 -76.49 4.65 -37.53
CA ASP F 256 -75.28 5.41 -37.24
C ASP F 256 -74.45 5.69 -38.50
N VAL F 257 -75.07 5.64 -39.67
CA VAL F 257 -74.39 5.92 -40.93
C VAL F 257 -75.08 7.10 -41.60
N PRO F 258 -74.34 7.90 -42.37
CA PRO F 258 -74.99 8.95 -43.16
C PRO F 258 -75.76 8.36 -44.33
N LYS F 259 -76.63 9.18 -44.91
CA LYS F 259 -77.47 8.72 -46.02
C LYS F 259 -76.65 8.50 -47.29
N GLU F 260 -75.46 9.10 -47.36
CA GLU F 260 -74.54 8.83 -48.47
C GLU F 260 -74.05 7.38 -48.45
N LEU F 261 -73.87 6.80 -47.27
CA LEU F 261 -73.29 5.48 -47.13
C LEU F 261 -74.30 4.36 -46.94
N GLN F 262 -75.55 4.56 -47.37
CA GLN F 262 -76.56 3.54 -47.19
C GLN F 262 -76.43 2.43 -48.22
N GLY F 263 -76.82 1.22 -47.82
CA GLY F 263 -76.95 0.11 -48.74
C GLY F 263 -75.67 -0.60 -49.12
N TYR F 264 -74.51 -0.09 -48.73
CA TYR F 264 -73.25 -0.70 -49.12
C TYR F 264 -73.00 -1.99 -48.34
N THR F 265 -72.28 -2.91 -48.95
CA THR F 265 -72.02 -4.23 -48.39
C THR F 265 -70.54 -4.40 -48.15
N VAL F 266 -70.19 -4.96 -46.99
CA VAL F 266 -68.81 -5.25 -46.64
C VAL F 266 -68.55 -6.72 -46.89
N ILE F 267 -67.63 -7.01 -47.82
CA ILE F 267 -67.21 -8.37 -48.15
C ILE F 267 -65.70 -8.41 -48.02
N SER F 268 -65.21 -9.08 -46.99
CA SER F 268 -63.77 -9.17 -46.77
C SER F 268 -63.12 -10.11 -47.78
N LEU F 269 -61.98 -9.68 -48.33
CA LEU F 269 -61.32 -10.39 -49.43
C LEU F 269 -60.34 -11.40 -48.83
N ASN F 270 -60.79 -12.65 -48.75
CA ASN F 270 -60.07 -13.66 -47.98
C ASN F 270 -58.86 -14.19 -48.73
N PHE F 271 -57.66 -13.91 -48.21
CA PHE F 271 -56.43 -14.31 -48.88
C PHE F 271 -56.03 -15.75 -48.62
N ARG F 272 -56.98 -16.62 -48.29
CA ARG F 272 -56.68 -17.99 -47.95
C ARG F 272 -56.32 -18.82 -49.17
N LYS F 273 -56.90 -18.50 -50.33
CA LYS F 273 -56.71 -19.32 -51.52
C LYS F 273 -56.13 -18.55 -52.71
N PHE F 274 -55.82 -17.25 -52.58
CA PHE F 274 -55.23 -16.48 -53.68
C PHE F 274 -53.81 -16.92 -54.05
N THR F 275 -53.16 -17.75 -53.25
CA THR F 275 -51.72 -17.94 -53.33
C THR F 275 -51.32 -19.13 -54.19
N SER F 276 -52.01 -20.27 -54.05
CA SER F 276 -51.59 -21.49 -54.74
C SER F 276 -52.00 -21.48 -56.22
N GLY F 277 -52.89 -20.56 -56.61
CA GLY F 277 -53.46 -20.59 -57.94
C GLY F 277 -52.57 -20.16 -59.07
N THR F 278 -51.44 -19.51 -58.78
CA THR F 278 -50.56 -19.07 -59.86
C THR F 278 -49.73 -20.24 -60.39
N SER F 279 -49.60 -20.27 -61.72
CA SER F 279 -48.84 -21.30 -62.41
C SER F 279 -48.49 -20.80 -63.80
N TYR F 280 -47.94 -21.71 -64.61
CA TYR F 280 -47.73 -21.45 -66.03
C TYR F 280 -49.05 -21.70 -66.77
N ARG F 281 -48.99 -21.64 -68.10
CA ARG F 281 -50.12 -21.77 -69.03
C ARG F 281 -51.18 -20.72 -68.67
N GLY F 282 -50.81 -19.45 -68.83
CA GLY F 282 -51.72 -18.38 -68.43
C GLY F 282 -51.82 -18.29 -66.91
N GLU F 283 -53.02 -17.93 -66.44
CA GLU F 283 -53.46 -17.98 -65.05
C GLU F 283 -52.71 -17.06 -64.10
N PHE F 284 -51.77 -16.25 -64.61
CA PHE F 284 -51.04 -15.33 -63.74
C PHE F 284 -51.73 -13.97 -63.66
N GLU F 285 -52.29 -13.51 -64.76
CA GLU F 285 -52.91 -12.18 -64.82
C GLU F 285 -54.40 -12.21 -64.52
N THR F 286 -55.09 -13.29 -64.87
CA THR F 286 -56.55 -13.33 -64.72
C THR F 286 -56.97 -13.37 -63.26
N ARG F 287 -56.09 -13.82 -62.37
CA ARG F 287 -56.36 -13.65 -60.94
C ARG F 287 -56.16 -12.19 -60.54
N MET F 288 -55.22 -11.49 -61.17
CA MET F 288 -54.99 -10.09 -60.86
C MET F 288 -55.90 -9.17 -61.66
N LYS F 289 -56.33 -9.59 -62.86
CA LYS F 289 -57.23 -8.77 -63.67
C LYS F 289 -58.62 -8.69 -63.07
N ASN F 290 -59.07 -9.75 -62.39
CA ASN F 290 -60.36 -9.72 -61.73
C ASN F 290 -60.36 -8.75 -60.54
N ILE F 291 -59.19 -8.53 -59.95
CA ILE F 291 -59.04 -7.52 -58.91
C ILE F 291 -59.11 -6.12 -59.51
N ILE F 292 -58.53 -5.93 -60.70
CA ILE F 292 -58.52 -4.61 -61.31
C ILE F 292 -59.86 -4.30 -61.95
N LYS F 293 -60.38 -5.23 -62.76
CA LYS F 293 -61.52 -4.91 -63.61
C LYS F 293 -62.84 -4.88 -62.83
N GLU F 294 -63.04 -5.86 -61.94
CA GLU F 294 -64.35 -5.98 -61.30
C GLU F 294 -64.50 -5.04 -60.11
N LEU F 295 -63.40 -4.66 -59.47
CA LEU F 295 -63.48 -3.83 -58.27
C LEU F 295 -63.50 -2.34 -58.57
N LYS F 296 -63.14 -1.93 -59.80
CA LYS F 296 -63.14 -0.50 -60.12
C LYS F 296 -64.56 -0.03 -60.48
N ASN F 297 -65.42 -0.95 -60.89
CA ASN F 297 -66.73 -0.59 -61.42
C ASN F 297 -67.64 -0.04 -60.33
N LYS F 298 -68.35 1.05 -60.67
CA LYS F 298 -69.25 1.69 -59.71
C LYS F 298 -70.50 0.88 -59.44
N LYS F 299 -70.90 0.00 -60.37
CA LYS F 299 -72.13 -0.75 -60.21
C LYS F 299 -72.03 -1.81 -59.12
N ASN F 300 -70.84 -2.37 -58.90
CA ASN F 300 -70.63 -3.21 -57.75
C ASN F 300 -70.16 -2.37 -56.57
N LYS F 301 -70.88 -2.47 -55.45
CA LYS F 301 -70.59 -1.68 -54.27
C LYS F 301 -69.83 -2.46 -53.21
N ILE F 302 -69.13 -3.53 -53.62
CA ILE F 302 -68.32 -4.33 -52.70
C ILE F 302 -67.18 -3.49 -52.14
N ILE F 303 -66.88 -3.68 -50.86
CA ILE F 303 -65.92 -2.85 -50.14
C ILE F 303 -64.66 -3.69 -49.92
N LEU F 304 -63.51 -3.12 -50.31
CA LEU F 304 -62.26 -3.86 -50.44
C LEU F 304 -61.55 -3.91 -49.11
N PHE F 305 -61.85 -4.92 -48.30
CA PHE F 305 -61.03 -5.14 -47.12
C PHE F 305 -59.84 -6.03 -47.45
N VAL F 306 -58.70 -5.73 -46.82
CA VAL F 306 -57.47 -6.48 -46.98
C VAL F 306 -57.16 -7.13 -45.65
N ASP F 307 -56.98 -8.45 -45.65
CA ASP F 307 -56.66 -9.17 -44.41
C ASP F 307 -55.25 -8.85 -43.92
N GLU F 308 -54.22 -9.16 -44.72
CA GLU F 308 -52.84 -8.89 -44.33
C GLU F 308 -52.07 -8.45 -45.58
N ILE F 309 -51.48 -7.24 -45.50
CA ILE F 309 -50.58 -6.78 -46.56
C ILE F 309 -49.25 -7.52 -46.48
N HIS F 310 -48.96 -8.14 -45.32
CA HIS F 310 -47.82 -9.04 -45.18
C HIS F 310 -47.92 -10.22 -46.14
N LEU F 311 -49.14 -10.68 -46.42
CA LEU F 311 -49.31 -11.75 -47.41
C LEU F 311 -49.28 -11.21 -48.82
N LEU F 312 -49.48 -9.89 -49.00
CA LEU F 312 -49.36 -9.31 -50.33
C LEU F 312 -47.92 -9.20 -50.78
N LEU F 313 -46.98 -9.13 -49.84
CA LEU F 313 -45.56 -9.00 -50.19
C LEU F 313 -45.01 -10.28 -50.77
N GLY F 314 -45.57 -11.43 -50.43
CA GLY F 314 -45.10 -12.69 -50.95
C GLY F 314 -45.94 -13.22 -52.11
N ALA F 315 -47.25 -12.97 -52.06
CA ALA F 315 -48.12 -13.41 -53.15
C ALA F 315 -48.07 -12.43 -54.31
N GLY F 316 -47.89 -12.96 -55.52
CA GLY F 316 -47.74 -12.13 -56.69
C GLY F 316 -46.39 -11.47 -56.84
N LYS F 317 -45.40 -11.89 -56.05
CA LYS F 317 -44.06 -11.32 -56.11
C LYS F 317 -43.22 -12.10 -57.14
N ALA F 318 -43.54 -11.84 -58.41
CA ALA F 318 -42.78 -12.41 -59.50
C ALA F 318 -41.66 -11.46 -59.91
N GLU F 319 -40.72 -11.98 -60.70
CA GLU F 319 -39.65 -11.13 -61.21
C GLU F 319 -40.17 -10.16 -62.26
N GLY F 320 -41.23 -10.54 -62.98
CA GLY F 320 -41.83 -9.66 -63.95
C GLY F 320 -43.16 -9.10 -63.48
N GLY F 321 -43.70 -9.66 -62.40
CA GLY F 321 -44.98 -9.23 -61.87
C GLY F 321 -44.85 -8.03 -60.95
N THR F 322 -46.02 -7.48 -60.59
CA THR F 322 -46.08 -6.29 -59.76
C THR F 322 -46.96 -6.57 -58.54
N ASP F 323 -46.64 -5.88 -57.44
CA ASP F 323 -47.37 -6.04 -56.19
C ASP F 323 -48.60 -5.14 -56.16
N ALA F 324 -49.25 -5.07 -54.99
CA ALA F 324 -50.35 -4.14 -54.76
C ALA F 324 -49.87 -2.73 -54.44
N ALA F 325 -48.56 -2.48 -54.51
CA ALA F 325 -48.02 -1.16 -54.20
C ALA F 325 -48.40 -0.12 -55.25
N ASN F 326 -48.63 -0.54 -56.49
CA ASN F 326 -48.98 0.39 -57.56
C ASN F 326 -50.43 0.33 -57.98
N LEU F 327 -51.17 -0.73 -57.60
CA LEU F 327 -52.54 -0.88 -58.08
C LEU F 327 -53.51 0.05 -57.37
N LEU F 328 -53.12 0.59 -56.20
CA LEU F 328 -54.10 1.22 -55.33
C LEU F 328 -53.79 2.68 -55.03
N LYS F 329 -52.54 3.11 -55.30
CA LYS F 329 -52.14 4.49 -55.02
C LYS F 329 -52.92 5.57 -55.78
N PRO F 330 -53.24 5.44 -57.09
CA PRO F 330 -54.19 6.44 -57.65
C PRO F 330 -55.60 6.27 -57.14
N VAL F 331 -55.98 5.07 -56.72
CA VAL F 331 -57.28 4.85 -56.14
C VAL F 331 -57.31 5.34 -54.69
N LEU F 332 -56.14 5.39 -54.03
CA LEU F 332 -56.07 5.87 -52.65
C LEU F 332 -56.39 7.35 -52.54
N SER F 333 -55.96 8.15 -53.52
CA SER F 333 -56.09 9.60 -53.40
C SER F 333 -57.53 10.08 -53.55
N LYS F 334 -58.39 9.26 -54.13
CA LYS F 334 -59.80 9.63 -54.28
C LYS F 334 -60.60 9.21 -53.06
N GLY F 335 -61.78 9.82 -52.91
CA GLY F 335 -62.72 9.40 -51.90
C GLY F 335 -63.75 8.40 -52.36
N GLU F 336 -63.54 7.82 -53.54
CA GLU F 336 -64.58 7.00 -54.17
C GLU F 336 -64.65 5.61 -53.56
N ILE F 337 -63.51 4.93 -53.38
CA ILE F 337 -63.48 3.52 -53.03
C ILE F 337 -62.82 3.37 -51.67
N LYS F 338 -63.52 2.75 -50.71
CA LYS F 338 -62.95 2.48 -49.41
C LYS F 338 -61.91 1.38 -49.51
N LEU F 339 -60.75 1.61 -48.89
CA LEU F 339 -59.63 0.70 -48.93
C LEU F 339 -59.16 0.42 -47.51
N ILE F 340 -60.11 0.13 -46.62
CA ILE F 340 -59.81 -0.19 -45.23
C ILE F 340 -59.12 -1.55 -45.16
N GLY F 341 -58.01 -1.60 -44.43
CA GLY F 341 -57.32 -2.84 -44.14
C GLY F 341 -56.95 -2.85 -42.68
N ALA F 342 -56.27 -3.92 -42.25
CA ALA F 342 -55.88 -4.04 -40.86
C ALA F 342 -54.59 -4.85 -40.73
N THR F 343 -53.60 -4.26 -40.04
CA THR F 343 -52.37 -4.94 -39.67
C THR F 343 -52.08 -4.62 -38.20
N THR F 344 -51.35 -5.53 -37.54
CA THR F 344 -51.03 -5.35 -36.12
C THR F 344 -49.94 -4.29 -35.94
N ILE F 345 -49.77 -3.87 -34.68
CA ILE F 345 -48.96 -2.70 -34.36
C ILE F 345 -47.47 -2.97 -34.48
N ALA F 346 -47.00 -4.10 -33.95
CA ALA F 346 -45.56 -4.33 -33.90
C ALA F 346 -44.95 -4.76 -35.23
N GLU F 347 -45.77 -5.08 -36.24
CA GLU F 347 -45.25 -5.72 -37.45
C GLU F 347 -44.92 -4.73 -38.57
N TYR F 348 -45.82 -3.77 -38.84
CA TYR F 348 -45.75 -2.99 -40.08
C TYR F 348 -44.56 -2.03 -40.10
N ARG F 349 -43.96 -1.75 -38.94
CA ARG F 349 -42.79 -0.87 -38.87
C ARG F 349 -41.61 -1.45 -39.63
N LYS F 350 -41.53 -2.78 -39.72
CA LYS F 350 -40.39 -3.44 -40.32
C LYS F 350 -40.58 -3.81 -41.79
N PHE F 351 -41.80 -4.12 -42.22
CA PHE F 351 -41.98 -4.69 -43.55
C PHE F 351 -42.93 -3.88 -44.43
N ILE F 352 -44.01 -3.36 -43.84
CA ILE F 352 -44.99 -2.63 -44.63
C ILE F 352 -44.51 -1.22 -44.93
N GLU F 353 -43.75 -0.62 -44.02
CA GLU F 353 -43.19 0.71 -44.22
C GLU F 353 -41.97 0.73 -45.10
N SER F 354 -41.62 -0.39 -45.75
CA SER F 354 -40.35 -0.50 -46.47
C SER F 354 -40.36 0.30 -47.77
N CYS F 355 -41.51 0.47 -48.40
CA CYS F 355 -41.60 1.11 -49.71
C CYS F 355 -41.33 2.61 -49.67
N SER F 356 -41.62 3.27 -48.54
CA SER F 356 -41.27 4.66 -48.21
C SER F 356 -42.04 5.71 -49.03
N ALA F 357 -42.82 5.27 -50.02
CA ALA F 357 -43.81 6.14 -50.64
C ALA F 357 -45.21 5.65 -50.35
N PHE F 358 -45.36 4.33 -50.17
CA PHE F 358 -46.61 3.75 -49.71
C PHE F 358 -46.90 4.13 -48.26
N GLU F 359 -45.84 4.41 -47.49
CA GLU F 359 -45.98 4.68 -46.05
C GLU F 359 -46.75 5.97 -45.78
N ARG F 360 -46.60 6.98 -46.64
CA ARG F 360 -47.41 8.19 -46.50
C ARG F 360 -48.87 7.90 -46.80
N ARG F 361 -49.13 7.00 -47.75
CA ARG F 361 -50.48 6.59 -48.12
C ARG F 361 -51.01 5.50 -47.22
N PHE F 362 -50.17 4.99 -46.31
CA PHE F 362 -50.51 4.06 -45.24
C PHE F 362 -50.89 4.83 -43.98
N GLU F 363 -51.91 5.67 -44.06
CA GLU F 363 -52.37 6.43 -42.91
C GLU F 363 -52.99 5.51 -41.87
N LYS F 364 -53.03 5.93 -40.61
CA LYS F 364 -53.24 4.99 -39.52
C LYS F 364 -54.58 5.26 -38.83
N ILE F 365 -55.06 4.24 -38.12
CA ILE F 365 -56.19 4.36 -37.20
C ILE F 365 -55.74 3.71 -35.90
N LEU F 366 -55.55 4.50 -34.85
CA LEU F 366 -55.08 4.00 -33.56
C LEU F 366 -56.25 3.35 -32.83
N VAL F 367 -56.31 2.02 -32.92
CA VAL F 367 -57.22 1.26 -32.08
C VAL F 367 -56.77 1.41 -30.63
N GLU F 368 -57.74 1.59 -29.73
CA GLU F 368 -57.53 2.13 -28.41
C GLU F 368 -57.30 1.03 -27.37
N PRO F 369 -56.69 1.35 -26.24
CA PRO F 369 -56.80 0.49 -25.07
C PRO F 369 -58.25 0.38 -24.65
N PRO F 370 -58.64 -0.76 -24.02
CA PRO F 370 -60.07 -1.15 -24.04
C PRO F 370 -61.03 -0.25 -23.28
N SER F 371 -60.53 0.50 -22.28
CA SER F 371 -61.35 1.19 -21.28
C SER F 371 -62.27 0.17 -20.63
N VAL F 372 -61.66 -0.74 -19.87
CA VAL F 372 -62.18 -2.02 -19.37
C VAL F 372 -63.60 -1.98 -18.81
N ASP F 373 -63.91 -0.91 -18.06
CA ASP F 373 -65.20 -0.82 -17.40
C ASP F 373 -66.35 -0.69 -18.41
N MET F 374 -66.06 -0.12 -19.58
CA MET F 374 -67.04 -0.09 -20.66
C MET F 374 -66.99 -1.34 -21.52
N THR F 375 -65.99 -2.21 -21.34
CA THR F 375 -66.02 -3.51 -22.02
C THR F 375 -66.85 -4.52 -21.23
N VAL F 376 -67.22 -4.18 -20.00
CA VAL F 376 -68.09 -5.03 -19.20
C VAL F 376 -69.48 -5.12 -19.84
N LYS F 377 -69.92 -4.04 -20.49
CA LYS F 377 -71.19 -4.06 -21.22
C LYS F 377 -71.13 -4.96 -22.44
N ILE F 378 -69.94 -5.20 -22.99
CA ILE F 378 -69.80 -6.09 -24.14
C ILE F 378 -70.07 -7.54 -23.72
N LEU F 379 -69.54 -7.94 -22.56
CA LEU F 379 -69.73 -9.30 -22.08
C LEU F 379 -71.18 -9.55 -21.65
N ARG F 380 -71.90 -8.50 -21.25
CA ARG F 380 -73.30 -8.65 -20.89
C ARG F 380 -74.17 -8.96 -22.11
N SER F 381 -73.77 -8.47 -23.28
CA SER F 381 -74.53 -8.75 -24.48
C SER F 381 -74.19 -10.12 -25.05
N LEU F 382 -72.91 -10.49 -25.03
CA LEU F 382 -72.45 -11.69 -25.71
C LEU F 382 -72.78 -12.98 -24.96
N LYS F 383 -73.31 -12.90 -23.74
CA LYS F 383 -73.62 -14.11 -22.99
C LYS F 383 -74.87 -14.79 -23.52
N SER F 384 -75.62 -14.13 -24.40
CA SER F 384 -76.88 -14.66 -24.93
C SER F 384 -76.68 -15.94 -25.72
N LYS F 385 -75.56 -16.08 -26.42
CA LYS F 385 -75.26 -17.38 -27.02
C LYS F 385 -74.60 -18.31 -26.03
N TYR F 386 -73.83 -17.77 -25.09
CA TYR F 386 -73.06 -18.60 -24.17
C TYR F 386 -73.95 -19.24 -23.12
N GLU F 387 -75.01 -18.54 -22.72
CA GLU F 387 -76.04 -19.16 -21.90
C GLU F 387 -76.80 -20.23 -22.67
N ASN F 388 -76.90 -20.07 -23.99
CA ASN F 388 -77.66 -21.01 -24.81
C ASN F 388 -76.81 -22.20 -25.24
N PHE F 389 -75.58 -21.95 -25.70
CA PHE F 389 -74.74 -23.02 -26.22
C PHE F 389 -74.25 -23.93 -25.11
N TYR F 390 -73.98 -23.37 -23.93
CA TYR F 390 -73.58 -24.20 -22.81
C TYR F 390 -74.77 -24.69 -21.99
N GLY F 391 -75.94 -24.06 -22.16
CA GLY F 391 -77.09 -24.42 -21.36
C GLY F 391 -77.04 -23.96 -19.92
N ILE F 392 -76.10 -23.07 -19.59
CA ILE F 392 -75.81 -22.69 -18.21
C ILE F 392 -76.05 -21.20 -18.07
N ASN F 393 -76.84 -20.81 -17.07
CA ASN F 393 -77.04 -19.40 -16.79
C ASN F 393 -75.78 -18.79 -16.18
N ILE F 394 -75.43 -17.61 -16.65
CA ILE F 394 -74.21 -16.92 -16.25
C ILE F 394 -74.60 -15.71 -15.42
N THR F 395 -74.09 -15.65 -14.20
CA THR F 395 -74.40 -14.52 -13.31
C THR F 395 -73.67 -13.27 -13.78
N ASP F 396 -74.41 -12.15 -13.80
CA ASP F 396 -73.82 -10.87 -14.19
C ASP F 396 -72.83 -10.36 -13.14
N LYS F 397 -73.00 -10.76 -11.88
CA LYS F 397 -72.10 -10.31 -10.83
C LYS F 397 -70.72 -10.96 -10.96
N ALA F 398 -70.65 -12.12 -11.60
CA ALA F 398 -69.36 -12.80 -11.74
C ALA F 398 -68.52 -12.17 -12.85
N LEU F 399 -69.15 -11.76 -13.94
CA LEU F 399 -68.41 -11.29 -15.11
C LEU F 399 -67.81 -9.90 -14.89
N VAL F 400 -68.38 -9.12 -13.98
CA VAL F 400 -67.79 -7.84 -13.63
C VAL F 400 -66.45 -8.04 -12.92
N ALA F 401 -66.40 -9.02 -12.01
CA ALA F 401 -65.15 -9.36 -11.36
C ALA F 401 -64.20 -10.06 -12.32
N ALA F 402 -64.71 -10.67 -13.39
CA ALA F 402 -63.86 -11.32 -14.37
C ALA F 402 -62.99 -10.31 -15.12
N ALA F 403 -63.46 -9.08 -15.27
CA ALA F 403 -62.65 -8.05 -15.90
C ALA F 403 -61.49 -7.63 -15.01
N LYS F 404 -61.73 -7.49 -13.70
CA LYS F 404 -60.70 -7.04 -12.78
C LYS F 404 -59.62 -8.11 -12.61
N ILE F 405 -59.99 -9.39 -12.73
CA ILE F 405 -58.99 -10.45 -12.71
C ILE F 405 -58.13 -10.39 -13.97
N SER F 406 -58.73 -10.07 -15.11
CA SER F 406 -57.96 -9.87 -16.33
C SER F 406 -57.14 -8.58 -16.27
N ASP F 407 -57.58 -7.61 -15.46
CA ASP F 407 -56.82 -6.38 -15.32
C ASP F 407 -55.54 -6.56 -14.51
N ARG F 408 -55.62 -7.33 -13.43
CA ARG F 408 -54.59 -7.27 -12.40
C ARG F 408 -53.71 -8.51 -12.37
N PHE F 409 -54.31 -9.69 -12.34
CA PHE F 409 -53.53 -10.90 -12.15
C PHE F 409 -52.81 -11.33 -13.42
N ILE F 410 -53.25 -10.86 -14.58
CA ILE F 410 -52.60 -11.17 -15.86
C ILE F 410 -52.45 -9.91 -16.67
N LYS F 411 -51.28 -9.75 -17.29
CA LYS F 411 -50.86 -8.48 -17.86
C LYS F 411 -50.39 -8.65 -19.30
N ASP F 412 -51.05 -9.54 -20.05
CA ASP F 412 -50.74 -9.65 -21.47
C ASP F 412 -52.00 -9.97 -22.24
N ARG F 413 -51.82 -10.31 -23.51
CA ARG F 413 -52.80 -10.79 -24.47
C ARG F 413 -53.90 -9.78 -24.79
N TYR F 414 -53.69 -8.47 -24.54
CA TYR F 414 -54.55 -7.40 -25.06
C TYR F 414 -55.99 -7.49 -24.57
N LEU F 415 -56.21 -6.96 -23.35
CA LEU F 415 -57.23 -7.34 -22.36
C LEU F 415 -58.59 -7.86 -22.85
N PRO F 416 -59.28 -7.28 -23.86
CA PRO F 416 -60.60 -7.85 -24.26
C PRO F 416 -60.60 -9.31 -24.74
N ASP F 417 -59.47 -9.84 -25.18
CA ASP F 417 -59.40 -11.26 -25.53
C ASP F 417 -59.56 -12.16 -24.31
N LYS F 418 -59.12 -11.72 -23.13
CA LYS F 418 -59.12 -12.59 -21.96
C LYS F 418 -60.50 -12.73 -21.33
N ALA F 419 -61.25 -11.64 -21.24
CA ALA F 419 -62.58 -11.69 -20.63
C ALA F 419 -63.55 -12.50 -21.48
N ILE F 420 -63.29 -12.64 -22.78
CA ILE F 420 -64.04 -13.59 -23.59
C ILE F 420 -63.68 -15.02 -23.20
N ASP F 421 -62.39 -15.28 -23.02
CA ASP F 421 -61.93 -16.65 -22.79
C ASP F 421 -62.31 -17.16 -21.41
N LEU F 422 -62.28 -16.29 -20.40
CA LEU F 422 -62.59 -16.72 -19.04
C LEU F 422 -64.06 -17.11 -18.88
N LEU F 423 -64.95 -16.58 -19.73
CA LEU F 423 -66.32 -17.07 -19.76
C LEU F 423 -66.38 -18.47 -20.35
N ASN F 424 -65.64 -18.71 -21.43
CA ASN F 424 -65.54 -20.06 -21.99
C ASN F 424 -64.82 -21.00 -21.05
N LYS F 425 -63.84 -20.49 -20.30
CA LYS F 425 -63.14 -21.32 -19.33
C LYS F 425 -64.00 -21.64 -18.12
N ALA F 426 -65.00 -20.79 -17.83
CA ALA F 426 -65.78 -20.97 -16.61
C ALA F 426 -66.82 -22.08 -16.76
N CYS F 427 -67.76 -21.93 -17.70
CA CYS F 427 -68.90 -22.82 -17.73
C CYS F 427 -68.56 -24.17 -18.36
N SER F 428 -67.47 -24.24 -19.12
CA SER F 428 -67.00 -25.54 -19.60
C SER F 428 -66.50 -26.40 -18.45
N PHE F 429 -65.97 -25.77 -17.40
CA PHE F 429 -65.70 -26.50 -16.17
C PHE F 429 -66.99 -26.98 -15.52
N LEU F 430 -68.07 -26.22 -15.66
CA LEU F 430 -69.34 -26.61 -15.05
C LEU F 430 -69.98 -27.78 -15.78
N GLN F 431 -69.74 -27.91 -17.09
CA GLN F 431 -70.32 -29.00 -17.85
C GLN F 431 -69.75 -30.35 -17.45
N VAL F 432 -68.53 -30.38 -16.92
CA VAL F 432 -68.01 -31.60 -16.35
C VAL F 432 -68.79 -31.94 -15.08
N GLN F 433 -69.14 -30.93 -14.28
CA GLN F 433 -69.89 -31.17 -13.06
C GLN F 433 -71.39 -31.31 -13.30
N LEU F 434 -71.94 -30.58 -14.27
CA LEU F 434 -73.39 -30.63 -14.48
C LEU F 434 -73.79 -31.83 -15.33
N SER F 435 -73.20 -31.97 -16.52
CA SER F 435 -73.55 -33.11 -17.37
C SER F 435 -72.93 -34.40 -16.87
N GLY F 436 -71.89 -34.31 -16.05
CA GLY F 436 -71.31 -35.48 -15.43
C GLY F 436 -71.51 -35.47 -13.93
N LYS F 437 -70.62 -36.15 -13.22
CA LYS F 437 -70.68 -36.17 -11.77
C LYS F 437 -70.02 -34.91 -11.19
N PRO F 438 -70.36 -34.53 -9.96
CA PRO F 438 -69.61 -33.44 -9.31
C PRO F 438 -68.19 -33.87 -8.97
N ARG F 439 -67.31 -32.88 -8.82
CA ARG F 439 -65.89 -33.12 -8.93
C ARG F 439 -65.31 -33.78 -7.68
N ILE F 440 -65.82 -33.43 -6.49
CA ILE F 440 -65.30 -33.97 -5.24
C ILE F 440 -65.50 -35.48 -5.19
N ILE F 441 -66.67 -35.96 -5.62
CA ILE F 441 -66.93 -37.38 -5.74
C ILE F 441 -66.01 -38.01 -6.79
N ASP F 442 -65.72 -37.26 -7.86
CA ASP F 442 -64.87 -37.79 -8.91
C ASP F 442 -63.43 -37.93 -8.45
N VAL F 443 -62.96 -37.03 -7.59
CA VAL F 443 -61.57 -37.11 -7.13
C VAL F 443 -61.40 -38.26 -6.14
N THR F 444 -62.31 -38.38 -5.17
CA THR F 444 -62.13 -39.35 -4.09
C THR F 444 -62.36 -40.78 -4.57
N GLU F 445 -63.32 -40.99 -5.47
CA GLU F 445 -63.60 -42.35 -5.96
C GLU F 445 -62.47 -42.89 -6.82
N ARG F 446 -61.71 -42.02 -7.47
CA ARG F 446 -60.45 -42.47 -8.05
C ARG F 446 -59.46 -42.81 -6.94
N ASP F 447 -59.41 -41.99 -5.90
CA ASP F 447 -58.43 -42.17 -4.82
C ASP F 447 -58.74 -43.41 -3.99
N ILE F 448 -60.02 -43.80 -3.89
CA ILE F 448 -60.34 -45.08 -3.27
C ILE F 448 -59.80 -46.23 -4.12
N GLU F 449 -59.92 -46.12 -5.45
CA GLU F 449 -59.40 -47.16 -6.33
C GLU F 449 -57.88 -47.22 -6.34
N ARG F 450 -57.21 -46.08 -6.21
CA ARG F 450 -55.75 -46.08 -6.23
C ARG F 450 -55.17 -46.58 -4.91
N LEU F 451 -55.78 -46.21 -3.80
CA LEU F 451 -55.31 -46.71 -2.51
C LEU F 451 -55.63 -48.18 -2.34
N SER F 452 -56.66 -48.67 -3.03
CA SER F 452 -57.03 -50.09 -2.94
C SER F 452 -55.96 -50.99 -3.51
N TYR F 453 -55.19 -50.51 -4.48
CA TYR F 453 -54.06 -51.28 -4.97
C TYR F 453 -52.90 -51.25 -3.98
N GLU F 454 -52.75 -50.15 -3.25
CA GLU F 454 -51.75 -50.10 -2.19
C GLU F 454 -52.19 -50.87 -0.96
N ILE F 455 -53.49 -51.02 -0.76
CA ILE F 455 -53.97 -51.98 0.24
C ILE F 455 -53.61 -53.40 -0.20
N SER F 456 -53.64 -53.67 -1.51
CA SER F 456 -53.34 -55.00 -2.03
C SER F 456 -51.87 -55.40 -1.84
N THR F 457 -50.99 -54.45 -1.51
CA THR F 457 -49.58 -54.74 -1.28
C THR F 457 -49.30 -55.36 0.08
N LEU F 458 -50.35 -55.62 0.88
CA LEU F 458 -50.17 -56.17 2.23
C LEU F 458 -49.56 -57.56 2.19
N GLU F 459 -49.85 -58.31 1.13
CA GLU F 459 -49.69 -59.76 1.07
C GLU F 459 -48.25 -60.24 1.18
N LYS F 460 -47.43 -59.79 0.25
CA LYS F 460 -46.02 -60.20 0.25
C LYS F 460 -45.24 -59.51 1.36
N ASP F 461 -45.59 -58.27 1.70
CA ASP F 461 -44.79 -57.47 2.61
C ASP F 461 -44.89 -57.98 4.04
N VAL F 462 -43.74 -58.09 4.69
CA VAL F 462 -43.60 -58.66 6.03
C VAL F 462 -42.92 -57.61 6.90
N ASP F 463 -42.14 -56.76 6.26
CA ASP F 463 -41.21 -55.86 6.93
C ASP F 463 -41.93 -54.78 7.74
N LYS F 464 -41.35 -54.46 8.90
CA LYS F 464 -41.97 -53.51 9.82
C LYS F 464 -41.94 -52.09 9.28
N VAL F 465 -41.04 -51.82 8.33
CA VAL F 465 -41.09 -50.55 7.59
C VAL F 465 -42.36 -50.52 6.74
N SER F 466 -42.68 -51.64 6.08
CA SER F 466 -43.85 -51.66 5.22
C SER F 466 -45.14 -51.81 6.02
N LYS F 467 -45.11 -52.50 7.15
CA LYS F 467 -46.32 -52.67 7.95
C LYS F 467 -46.78 -51.37 8.57
N LYS F 468 -45.84 -50.48 8.89
CA LYS F 468 -46.20 -49.21 9.50
C LYS F 468 -46.80 -48.26 8.45
N LYS F 469 -46.25 -48.29 7.24
CA LYS F 469 -46.86 -47.54 6.14
C LYS F 469 -48.18 -48.16 5.72
N TYR F 470 -48.33 -49.47 5.90
CA TYR F 470 -49.63 -50.10 5.65
C TYR F 470 -50.67 -49.67 6.67
N ASN F 471 -50.24 -49.36 7.90
CA ASN F 471 -51.18 -48.83 8.87
C ASN F 471 -51.57 -47.40 8.55
N LYS F 472 -50.72 -46.68 7.82
CA LYS F 472 -51.07 -45.36 7.34
C LYS F 472 -52.10 -45.44 6.21
N LEU F 473 -52.03 -46.51 5.42
CA LEU F 473 -52.96 -46.66 4.31
C LEU F 473 -54.36 -47.00 4.78
N ILE F 474 -54.48 -47.65 5.95
CA ILE F 474 -55.79 -47.96 6.50
C ILE F 474 -56.49 -46.69 6.98
N LYS F 475 -55.73 -45.77 7.58
CA LYS F 475 -56.32 -44.58 8.20
C LYS F 475 -56.89 -43.62 7.16
N GLU F 476 -56.18 -43.44 6.04
CA GLU F 476 -56.70 -42.61 4.96
C GLU F 476 -57.88 -43.28 4.29
N PHE F 477 -57.89 -44.61 4.24
CA PHE F 477 -58.96 -45.34 3.56
C PHE F 477 -60.24 -45.32 4.37
N GLU F 478 -60.15 -45.25 5.69
CA GLU F 478 -61.33 -45.16 6.54
C GLU F 478 -61.91 -43.75 6.59
N GLU F 479 -61.04 -42.73 6.60
CA GLU F 479 -61.52 -41.35 6.71
C GLU F 479 -62.13 -40.87 5.41
N LYS F 480 -61.68 -41.40 4.27
CA LYS F 480 -62.33 -41.06 3.02
C LYS F 480 -63.70 -41.71 2.89
N LYS F 481 -63.88 -42.88 3.53
CA LYS F 481 -65.22 -43.45 3.68
C LYS F 481 -66.10 -42.59 4.57
N GLU F 482 -65.51 -41.90 5.54
CA GLU F 482 -66.28 -40.95 6.33
C GLU F 482 -66.65 -39.73 5.50
N GLN F 483 -65.78 -39.35 4.56
CA GLN F 483 -66.12 -38.28 3.63
C GLN F 483 -67.27 -38.69 2.72
N LEU F 484 -67.37 -39.99 2.40
CA LEU F 484 -68.49 -40.48 1.61
C LEU F 484 -69.81 -40.30 2.36
N LYS F 485 -69.79 -40.42 3.68
CA LYS F 485 -71.01 -40.11 4.43
C LYS F 485 -71.36 -38.63 4.37
N LYS F 486 -70.35 -37.76 4.23
CA LYS F 486 -70.59 -36.32 4.22
C LYS F 486 -70.96 -35.83 2.82
N TYR F 487 -70.17 -36.17 1.80
CA TYR F 487 -70.39 -35.57 0.49
C TYR F 487 -71.62 -36.16 -0.21
N TYR F 488 -71.92 -37.44 0.04
CA TYR F 488 -73.12 -38.01 -0.57
C TYR F 488 -74.39 -37.45 0.06
N GLU F 489 -74.32 -36.97 1.29
CA GLU F 489 -75.45 -36.22 1.84
C GLU F 489 -75.41 -34.74 1.46
N GLU F 490 -74.33 -34.27 0.85
CA GLU F 490 -74.19 -32.84 0.61
C GLU F 490 -74.77 -32.44 -0.75
N TYR F 491 -74.50 -33.20 -1.80
CA TYR F 491 -74.98 -32.80 -3.12
C TYR F 491 -76.47 -33.00 -3.27
N VAL F 492 -77.04 -33.93 -2.48
CA VAL F 492 -78.48 -34.16 -2.52
C VAL F 492 -79.22 -32.93 -2.02
N ILE F 493 -78.66 -32.23 -1.03
CA ILE F 493 -79.22 -30.97 -0.55
C ILE F 493 -79.20 -29.92 -1.65
N THR F 494 -78.06 -29.76 -2.33
CA THR F 494 -77.99 -28.84 -3.46
C THR F 494 -78.78 -29.37 -4.65
N GLY F 495 -78.90 -30.70 -4.77
CA GLY F 495 -79.71 -31.26 -5.84
C GLY F 495 -81.19 -31.06 -5.62
N GLU F 496 -81.65 -31.21 -4.37
CA GLU F 496 -83.05 -30.93 -4.07
C GLU F 496 -83.36 -29.44 -4.15
N ARG F 497 -82.35 -28.58 -3.97
CA ARG F 497 -82.52 -27.17 -4.32
C ARG F 497 -82.80 -27.00 -5.81
N LEU F 498 -82.06 -27.75 -6.64
CA LEU F 498 -82.31 -27.71 -8.09
C LEU F 498 -83.67 -28.31 -8.43
N LYS F 499 -84.13 -29.28 -7.62
CA LYS F 499 -85.49 -29.76 -7.79
C LYS F 499 -86.53 -28.72 -7.41
N ARG F 500 -86.17 -27.80 -6.51
CA ARG F 500 -87.07 -26.72 -6.13
C ARG F 500 -86.95 -25.50 -7.04
N LYS F 501 -85.73 -25.13 -7.44
CA LYS F 501 -85.52 -23.92 -8.22
C LYS F 501 -86.09 -24.06 -9.63
N LYS F 502 -86.03 -25.26 -10.21
CA LYS F 502 -86.60 -25.48 -11.53
C LYS F 502 -88.12 -25.43 -11.51
N GLU F 503 -88.74 -25.79 -10.37
CA GLU F 503 -90.16 -25.60 -10.22
C GLU F 503 -90.51 -24.13 -10.09
N ILE F 504 -89.62 -23.34 -9.48
CA ILE F 504 -89.80 -21.89 -9.44
C ILE F 504 -89.62 -21.31 -10.83
N GLU F 505 -88.76 -21.93 -11.66
CA GLU F 505 -88.68 -21.57 -13.07
C GLU F 505 -89.97 -21.92 -13.81
N LYS F 506 -90.69 -22.94 -13.34
CA LYS F 506 -92.02 -23.21 -13.87
C LYS F 506 -93.07 -22.25 -13.31
N LYS F 507 -92.77 -21.54 -12.22
CA LYS F 507 -93.70 -20.59 -11.63
C LYS F 507 -93.39 -19.14 -12.04
N LEU F 508 -92.18 -18.66 -11.77
CA LEU F 508 -91.89 -17.26 -12.00
C LEU F 508 -91.68 -16.97 -13.48
N ASN F 509 -90.98 -17.85 -14.19
CA ASN F 509 -90.74 -17.64 -15.62
C ASN F 509 -91.94 -18.07 -16.46
N ASP F 510 -92.53 -19.23 -16.15
CA ASP F 510 -93.52 -19.83 -17.04
C ASP F 510 -94.96 -19.51 -16.64
N LEU F 511 -95.32 -19.64 -15.36
CA LEU F 511 -96.71 -19.47 -14.95
C LEU F 511 -97.12 -18.00 -14.96
N LYS F 512 -96.15 -17.08 -14.95
CA LYS F 512 -96.44 -15.66 -15.03
C LYS F 512 -97.04 -15.27 -16.37
N GLU F 513 -96.74 -16.03 -17.42
CA GLU F 513 -97.18 -15.72 -18.78
C GLU F 513 -98.70 -15.71 -18.92
N LEU F 514 -99.40 -16.57 -18.19
CA LEU F 514 -100.85 -16.51 -18.19
C LEU F 514 -101.38 -15.30 -17.44
N THR F 515 -100.66 -14.83 -16.42
CA THR F 515 -101.08 -13.69 -15.62
C THR F 515 -100.78 -12.35 -16.27
N GLN F 516 -100.19 -12.34 -17.47
CA GLN F 516 -99.87 -11.10 -18.14
C GLN F 516 -100.81 -10.95 -19.31
N ASN F 517 -100.80 -11.88 -20.28
CA ASN F 517 -101.64 -11.92 -21.49
C ASN F 517 -101.56 -10.67 -22.36
N TYR F 518 -100.49 -9.85 -22.18
CA TYR F 518 -100.14 -8.68 -23.01
C TYR F 518 -101.17 -7.54 -22.93
N VAL F 519 -102.24 -7.72 -22.15
CA VAL F 519 -103.23 -6.65 -21.99
C VAL F 519 -103.50 -6.37 -20.51
N TYR F 520 -102.85 -5.31 -20.00
CA TYR F 520 -103.12 -4.74 -18.66
C TYR F 520 -102.91 -5.75 -17.54
N SER F 521 -101.64 -6.13 -17.32
CA SER F 521 -101.29 -7.29 -16.49
C SER F 521 -101.63 -7.11 -15.01
N ASN F 522 -101.95 -5.90 -14.56
CA ASN F 522 -102.26 -5.69 -13.15
C ASN F 522 -103.59 -6.33 -12.76
N LYS F 523 -104.53 -6.38 -13.70
CA LYS F 523 -105.85 -6.94 -13.43
C LYS F 523 -106.10 -8.26 -14.13
N GLU F 524 -105.08 -8.85 -14.75
CA GLU F 524 -105.25 -10.16 -15.40
C GLU F 524 -105.27 -11.36 -14.45
N PRO F 525 -104.46 -11.44 -13.38
CA PRO F 525 -104.72 -12.50 -12.38
C PRO F 525 -105.87 -12.11 -11.46
N PRO F 526 -106.97 -12.87 -11.48
CA PRO F 526 -108.13 -12.49 -10.66
C PRO F 526 -107.92 -12.68 -9.16
N ILE F 527 -107.52 -13.89 -8.73
CA ILE F 527 -107.30 -14.19 -7.32
C ILE F 527 -106.07 -15.07 -7.20
N GLU F 528 -105.38 -14.99 -6.05
CA GLU F 528 -104.43 -15.99 -5.54
C GLU F 528 -103.11 -16.06 -6.32
N LEU F 529 -103.03 -15.40 -7.48
CA LEU F 529 -101.86 -15.57 -8.33
C LEU F 529 -100.85 -14.44 -8.15
N GLN F 530 -101.29 -13.29 -7.62
CA GLN F 530 -100.39 -12.17 -7.41
C GLN F 530 -99.41 -12.45 -6.27
N ASN F 531 -99.90 -13.04 -5.18
CA ASN F 531 -99.04 -13.31 -4.04
C ASN F 531 -98.21 -14.57 -4.23
N SER F 532 -98.71 -15.53 -5.04
CA SER F 532 -98.02 -16.80 -5.20
C SER F 532 -96.74 -16.65 -6.02
N LEU F 533 -96.70 -15.69 -6.94
CA LEU F 533 -95.46 -15.42 -7.67
C LEU F 533 -94.45 -14.73 -6.78
N LYS F 534 -94.92 -13.89 -5.84
CA LYS F 534 -94.02 -13.14 -4.99
C LYS F 534 -93.41 -14.01 -3.89
N GLU F 535 -94.07 -15.11 -3.53
CA GLU F 535 -93.49 -16.04 -2.57
C GLU F 535 -92.34 -16.81 -3.20
N ALA F 536 -92.45 -17.08 -4.50
CA ALA F 536 -91.36 -17.68 -5.25
C ALA F 536 -90.20 -16.73 -5.38
N GLN F 537 -90.47 -15.43 -5.46
CA GLN F 537 -89.43 -14.42 -5.46
C GLN F 537 -88.74 -14.30 -4.11
N GLN F 538 -89.46 -14.62 -3.03
CA GLN F 538 -88.82 -14.68 -1.71
C GLN F 538 -87.93 -15.90 -1.58
N LYS F 539 -88.25 -16.97 -2.32
CA LYS F 539 -87.34 -18.11 -2.37
C LYS F 539 -86.09 -17.79 -3.18
N TYR F 540 -86.18 -16.81 -4.10
CA TYR F 540 -84.98 -16.27 -4.71
C TYR F 540 -84.20 -15.42 -3.73
N LEU F 541 -84.82 -14.95 -2.65
CA LEU F 541 -84.05 -14.35 -1.57
C LEU F 541 -83.51 -15.43 -0.62
N GLU F 542 -84.29 -16.48 -0.38
CA GLU F 542 -83.86 -17.46 0.61
C GLU F 542 -83.02 -18.58 -0.01
N LEU F 543 -83.58 -19.33 -0.96
CA LEU F 543 -82.90 -20.53 -1.46
C LEU F 543 -81.68 -20.18 -2.30
N TYR F 544 -81.66 -19.01 -2.92
CA TYR F 544 -80.50 -18.58 -3.68
C TYR F 544 -79.36 -18.16 -2.76
N LYS F 545 -79.68 -17.43 -1.68
CA LYS F 545 -78.63 -17.02 -0.75
C LYS F 545 -78.13 -18.19 0.08
N GLU F 546 -78.92 -19.26 0.22
CA GLU F 546 -78.39 -20.49 0.80
C GLU F 546 -77.34 -21.10 -0.10
N THR F 547 -77.47 -20.92 -1.42
CA THR F 547 -76.45 -21.32 -2.37
C THR F 547 -75.33 -20.29 -2.44
N VAL F 548 -75.65 -18.99 -2.28
CA VAL F 548 -74.62 -17.96 -2.26
C VAL F 548 -73.74 -18.12 -1.02
N ALA F 549 -74.34 -18.34 0.16
CA ALA F 549 -73.55 -18.58 1.36
C ALA F 549 -72.86 -19.94 1.30
N TYR F 550 -73.32 -20.85 0.46
CA TYR F 550 -72.61 -22.10 0.23
C TYR F 550 -71.29 -21.88 -0.49
N VAL F 551 -71.17 -20.79 -1.25
CA VAL F 551 -69.98 -20.55 -2.07
C VAL F 551 -68.78 -20.20 -1.21
N GLU F 552 -68.97 -19.40 -0.16
CA GLU F 552 -67.81 -19.00 0.64
C GLU F 552 -67.31 -20.14 1.54
N ALA F 553 -68.20 -21.06 1.93
CA ALA F 553 -67.73 -22.24 2.64
C ALA F 553 -67.16 -23.27 1.68
N LYS F 554 -67.87 -23.54 0.59
CA LYS F 554 -67.36 -24.39 -0.47
C LYS F 554 -66.70 -23.58 -1.58
N THR F 555 -65.48 -23.10 -1.35
CA THR F 555 -64.79 -22.01 -2.07
C THR F 555 -64.73 -22.32 -3.57
N HIS F 556 -64.18 -23.45 -4.00
CA HIS F 556 -63.92 -23.62 -5.42
C HIS F 556 -64.64 -24.81 -6.01
N ASN F 557 -65.32 -25.61 -5.19
CA ASN F 557 -66.05 -26.77 -5.72
C ASN F 557 -67.46 -26.38 -6.19
N ALA F 558 -68.31 -25.98 -5.25
CA ALA F 558 -69.72 -25.57 -5.48
C ALA F 558 -70.51 -26.65 -6.23
N MET F 559 -70.74 -27.75 -5.52
CA MET F 559 -71.40 -28.92 -6.09
C MET F 559 -72.83 -28.60 -6.50
N ASN F 560 -73.17 -28.97 -7.74
CA ASN F 560 -74.51 -28.84 -8.34
C ASN F 560 -75.02 -27.41 -8.34
N VAL F 561 -74.19 -26.49 -8.82
CA VAL F 561 -74.52 -25.08 -8.79
C VAL F 561 -74.50 -24.57 -10.22
N ASP F 562 -75.65 -24.06 -10.69
CA ASP F 562 -75.73 -23.54 -12.05
C ASP F 562 -75.12 -22.15 -12.14
N ALA F 563 -75.22 -21.36 -11.07
CA ALA F 563 -74.75 -19.97 -11.12
C ALA F 563 -73.23 -19.90 -11.08
N VAL F 564 -72.68 -18.98 -11.85
CA VAL F 564 -71.25 -18.72 -11.85
C VAL F 564 -70.93 -17.73 -10.73
N TYR F 565 -69.82 -17.94 -10.05
CA TYR F 565 -69.44 -17.08 -8.94
C TYR F 565 -68.05 -16.52 -9.14
N GLN F 566 -67.75 -15.46 -8.41
CA GLN F 566 -66.55 -14.67 -8.63
C GLN F 566 -65.29 -15.41 -8.21
N GLU F 567 -65.40 -16.25 -7.18
CA GLU F 567 -64.25 -17.05 -6.77
C GLU F 567 -63.92 -18.13 -7.79
N HIS F 568 -64.94 -18.69 -8.44
CA HIS F 568 -64.71 -19.74 -9.42
C HIS F 568 -64.16 -19.18 -10.72
N VAL F 569 -64.43 -17.91 -11.01
CA VAL F 569 -63.76 -17.26 -12.14
C VAL F 569 -62.27 -17.09 -11.84
N SER F 570 -61.94 -16.67 -10.62
CA SER F 570 -60.55 -16.58 -10.22
C SER F 570 -59.90 -17.95 -10.11
N TYR F 571 -60.68 -18.96 -9.70
CA TYR F 571 -60.14 -20.30 -9.51
C TYR F 571 -59.73 -20.96 -10.81
N ILE F 572 -60.53 -20.81 -11.86
CA ILE F 572 -60.21 -21.40 -13.15
C ILE F 572 -59.10 -20.62 -13.82
N TYR F 573 -59.00 -19.32 -13.53
CA TYR F 573 -57.80 -18.60 -13.94
C TYR F 573 -56.57 -19.14 -13.22
N LEU F 574 -56.63 -19.33 -11.90
CA LEU F 574 -55.44 -19.76 -11.16
C LEU F 574 -55.08 -21.20 -11.47
N ARG F 575 -56.03 -21.99 -11.94
CA ARG F 575 -55.70 -23.31 -12.42
C ARG F 575 -54.93 -23.25 -13.73
N ASP F 576 -55.40 -22.43 -14.67
CA ASP F 576 -54.69 -22.28 -15.93
C ASP F 576 -53.39 -21.48 -15.75
N SER F 577 -53.31 -20.67 -14.71
CA SER F 577 -52.05 -20.02 -14.40
C SER F 577 -51.15 -20.97 -13.63
N GLY F 578 -49.85 -20.71 -13.69
CA GLY F 578 -48.88 -21.58 -13.07
C GLY F 578 -48.89 -21.49 -11.56
N MET F 579 -49.43 -22.52 -10.92
CA MET F 579 -49.55 -22.60 -9.47
C MET F 579 -49.85 -24.04 -9.06
N PRO F 580 -49.11 -24.59 -8.09
CA PRO F 580 -49.41 -25.96 -7.65
C PRO F 580 -50.72 -26.02 -6.88
N LEU F 581 -51.26 -27.23 -6.77
CA LEU F 581 -52.60 -27.44 -6.26
C LEU F 581 -52.74 -27.17 -4.77
N GLY F 582 -52.04 -27.96 -3.95
CA GLY F 582 -52.11 -27.77 -2.51
C GLY F 582 -51.15 -26.68 -2.06
N SER F 583 -51.50 -25.42 -2.36
CA SER F 583 -50.52 -24.34 -2.24
C SER F 583 -51.11 -23.09 -1.63
N LEU F 584 -52.14 -23.22 -0.78
CA LEU F 584 -52.52 -22.21 0.21
C LEU F 584 -53.08 -20.91 -0.37
N SER F 585 -53.02 -20.74 -1.70
CA SER F 585 -53.50 -19.50 -2.31
C SER F 585 -54.94 -19.64 -2.77
N PHE F 586 -55.39 -20.87 -3.02
CA PHE F 586 -56.75 -21.11 -3.44
C PHE F 586 -57.74 -20.87 -2.31
N GLU F 587 -57.31 -21.07 -1.07
CA GLU F 587 -58.09 -20.66 0.10
C GLU F 587 -57.68 -19.22 0.46
N SER F 588 -58.02 -18.31 -0.46
CA SER F 588 -57.54 -16.93 -0.41
C SER F 588 -58.15 -16.18 0.77
N SER F 589 -57.25 -15.66 1.63
CA SER F 589 -57.49 -14.91 2.86
C SER F 589 -58.13 -15.75 3.97
N LYS F 590 -58.43 -17.03 3.70
CA LYS F 590 -58.90 -17.92 4.76
C LYS F 590 -57.77 -18.78 5.29
N GLY F 591 -56.95 -19.33 4.40
CA GLY F 591 -55.78 -20.08 4.81
C GLY F 591 -54.54 -19.22 4.82
N ALA F 592 -54.60 -18.07 4.15
CA ALA F 592 -53.46 -17.16 4.06
C ALA F 592 -53.15 -16.51 5.40
N LEU F 593 -54.13 -16.47 6.30
CA LEU F 593 -53.90 -15.96 7.66
C LEU F 593 -53.01 -16.90 8.46
N LYS F 594 -53.02 -18.20 8.14
CA LYS F 594 -52.24 -19.19 8.88
C LYS F 594 -50.78 -19.26 8.45
N LEU F 595 -50.36 -18.40 7.50
CA LEU F 595 -48.96 -18.37 7.09
C LEU F 595 -48.06 -17.93 8.23
N TYR F 596 -48.52 -17.00 9.06
CA TYR F 596 -47.77 -16.62 10.25
C TYR F 596 -47.72 -17.75 11.26
N ASN F 597 -48.80 -18.55 11.34
CA ASN F 597 -48.82 -19.68 12.27
C ASN F 597 -48.00 -20.85 11.73
N SER F 598 -47.97 -21.01 10.40
CA SER F 598 -47.24 -22.14 9.81
C SER F 598 -45.74 -21.91 9.84
N LEU F 599 -45.30 -20.67 9.60
CA LEU F 599 -43.87 -20.35 9.67
C LEU F 599 -43.35 -20.47 11.10
N SER F 600 -44.20 -20.27 12.10
CA SER F 600 -43.79 -20.44 13.49
C SER F 600 -43.54 -21.90 13.83
N LYS F 601 -44.09 -22.84 13.05
CA LYS F 601 -43.82 -24.25 13.29
C LYS F 601 -42.40 -24.62 12.88
N SER F 602 -41.82 -23.89 11.94
CA SER F 602 -40.47 -24.19 11.46
C SER F 602 -39.48 -23.11 11.90
N ILE F 603 -39.78 -21.84 11.62
CA ILE F 603 -38.84 -20.77 11.94
C ILE F 603 -39.31 -20.05 13.20
N ILE F 604 -38.38 -19.78 14.11
CA ILE F 604 -38.73 -19.55 15.51
C ILE F 604 -38.57 -18.09 15.88
N GLY F 605 -37.36 -17.57 15.78
CA GLY F 605 -37.11 -16.18 16.12
C GLY F 605 -37.55 -15.24 15.02
N ASN F 606 -37.29 -13.95 15.27
CA ASN F 606 -37.36 -12.88 14.26
C ASN F 606 -38.78 -12.71 13.74
N GLU F 607 -39.73 -12.54 14.68
CA GLU F 607 -41.14 -12.52 14.33
C GLU F 607 -41.55 -11.20 13.69
N ASP F 608 -40.72 -10.16 13.83
CA ASP F 608 -41.00 -8.89 13.17
C ASP F 608 -40.90 -9.00 11.67
N ILE F 609 -39.97 -9.83 11.18
CA ILE F 609 -39.82 -10.03 9.75
C ILE F 609 -40.92 -10.95 9.23
N ILE F 610 -41.36 -11.90 10.05
CA ILE F 610 -42.35 -12.89 9.63
C ILE F 610 -43.72 -12.24 9.41
N LYS F 611 -44.07 -11.24 10.22
CA LYS F 611 -45.34 -10.55 10.07
C LYS F 611 -45.38 -9.73 8.77
N SER F 612 -44.23 -9.26 8.30
CA SER F 612 -44.18 -8.52 7.05
C SER F 612 -44.40 -9.46 5.86
N LEU F 613 -44.00 -10.72 6.00
CA LEU F 613 -44.18 -11.69 4.92
C LEU F 613 -45.64 -12.00 4.67
N SER F 614 -46.45 -12.08 5.74
CA SER F 614 -47.87 -12.34 5.59
C SER F 614 -48.59 -11.16 4.96
N ASP F 615 -48.08 -9.94 5.19
CA ASP F 615 -48.74 -8.75 4.69
C ASP F 615 -48.66 -8.64 3.17
N ALA F 616 -47.53 -9.03 2.59
CA ALA F 616 -47.39 -8.96 1.13
C ALA F 616 -48.21 -10.04 0.44
N VAL F 617 -48.48 -11.16 1.12
CA VAL F 617 -49.22 -12.24 0.50
C VAL F 617 -50.72 -11.99 0.56
N VAL F 618 -51.22 -11.62 1.75
CA VAL F 618 -52.66 -11.46 1.95
C VAL F 618 -53.19 -10.26 1.19
N LYS F 619 -52.48 -9.13 1.22
CA LYS F 619 -52.94 -7.95 0.51
C LYS F 619 -52.81 -8.10 -1.01
N ALA F 620 -52.00 -9.06 -1.46
CA ALA F 620 -52.02 -9.42 -2.87
C ALA F 620 -53.26 -10.24 -3.21
N ALA F 621 -53.62 -11.18 -2.33
CA ALA F 621 -54.75 -12.05 -2.60
C ALA F 621 -56.09 -11.32 -2.43
N THR F 622 -56.16 -10.35 -1.54
CA THR F 622 -57.37 -9.57 -1.34
C THR F 622 -57.56 -8.46 -2.37
N GLY F 623 -56.58 -8.25 -3.25
CA GLY F 623 -56.71 -7.28 -4.30
C GLY F 623 -56.23 -5.88 -3.97
N MET F 624 -55.53 -5.69 -2.86
CA MET F 624 -55.00 -4.36 -2.56
C MET F 624 -53.79 -4.03 -3.42
N LYS F 625 -52.95 -5.04 -3.71
CA LYS F 625 -51.65 -4.81 -4.31
C LYS F 625 -51.79 -4.43 -5.78
N ASP F 626 -51.00 -3.44 -6.20
CA ASP F 626 -51.04 -2.97 -7.57
C ASP F 626 -50.47 -4.02 -8.51
N PRO F 627 -51.03 -4.17 -9.71
CA PRO F 627 -50.48 -5.16 -10.65
C PRO F 627 -49.16 -4.76 -11.27
N GLU F 628 -48.84 -3.46 -11.27
CA GLU F 628 -47.64 -2.99 -11.94
C GLU F 628 -46.35 -3.35 -11.22
N LYS F 629 -46.43 -3.74 -9.96
CA LYS F 629 -45.24 -3.98 -9.17
C LYS F 629 -45.28 -5.38 -8.56
N PRO F 630 -44.13 -6.04 -8.43
CA PRO F 630 -44.11 -7.36 -7.81
C PRO F 630 -44.34 -7.28 -6.31
N ILE F 631 -44.95 -8.34 -5.78
CA ILE F 631 -45.23 -8.37 -4.35
C ILE F 631 -43.96 -8.65 -3.58
N GLY F 632 -43.86 -8.06 -2.39
CA GLY F 632 -42.84 -8.37 -1.40
C GLY F 632 -41.39 -8.24 -1.81
N THR F 633 -40.92 -7.02 -2.07
CA THR F 633 -39.52 -6.78 -2.40
C THR F 633 -38.72 -6.72 -1.10
N PHE F 634 -38.53 -7.89 -0.50
CA PHE F 634 -37.88 -7.97 0.79
C PHE F 634 -36.36 -7.95 0.66
N LEU F 635 -35.70 -7.44 1.70
CA LEU F 635 -34.26 -7.53 1.87
C LEU F 635 -33.99 -8.08 3.26
N PHE F 636 -33.08 -9.05 3.34
CA PHE F 636 -32.92 -9.86 4.55
C PHE F 636 -31.50 -9.77 5.10
N LEU F 637 -31.00 -8.56 5.32
CA LEU F 637 -29.72 -8.35 6.00
C LEU F 637 -29.71 -8.99 7.37
N GLY F 638 -28.58 -9.60 7.72
CA GLY F 638 -28.46 -10.28 8.98
C GLY F 638 -27.07 -10.82 9.23
N PRO F 639 -26.84 -11.34 10.44
CA PRO F 639 -25.54 -11.93 10.75
C PRO F 639 -25.37 -13.28 10.07
N THR F 640 -24.16 -13.80 10.15
CA THR F 640 -23.87 -15.10 9.55
C THR F 640 -24.52 -16.22 10.37
N GLY F 641 -25.11 -17.18 9.67
CA GLY F 641 -25.61 -18.38 10.29
C GLY F 641 -27.08 -18.37 10.64
N VAL F 642 -27.71 -17.21 10.73
CA VAL F 642 -29.12 -17.17 11.10
C VAL F 642 -29.98 -17.39 9.87
N GLY F 643 -31.28 -17.58 10.11
CA GLY F 643 -32.21 -18.07 9.10
C GLY F 643 -32.59 -17.11 7.99
N LYS F 644 -31.60 -16.62 7.24
CA LYS F 644 -31.90 -15.66 6.17
C LYS F 644 -32.49 -16.35 4.95
N THR F 645 -31.88 -17.45 4.52
CA THR F 645 -32.44 -18.18 3.39
C THR F 645 -33.48 -19.19 3.85
N GLU F 646 -33.62 -19.37 5.17
CA GLU F 646 -34.60 -20.32 5.68
C GLU F 646 -36.03 -19.84 5.48
N LEU F 647 -36.27 -18.53 5.58
CA LEU F 647 -37.58 -17.99 5.27
C LEU F 647 -37.97 -18.26 3.83
N ALA F 648 -37.08 -18.02 2.89
CA ALA F 648 -37.42 -18.18 1.48
C ALA F 648 -37.46 -19.63 1.05
N LYS F 649 -36.81 -20.54 1.78
CA LYS F 649 -37.00 -21.95 1.47
C LYS F 649 -38.32 -22.47 2.00
N THR F 650 -38.73 -22.01 3.18
CA THR F 650 -40.00 -22.49 3.75
C THR F 650 -41.21 -21.87 3.06
N LEU F 651 -41.05 -20.70 2.42
CA LEU F 651 -42.15 -20.17 1.63
C LEU F 651 -42.42 -21.03 0.40
N ALA F 652 -41.39 -21.69 -0.12
CA ALA F 652 -41.62 -22.73 -1.12
C ALA F 652 -42.28 -23.95 -0.50
N ILE F 653 -41.98 -24.23 0.77
CA ILE F 653 -42.59 -25.36 1.46
C ILE F 653 -44.03 -25.07 1.90
N GLU F 654 -44.36 -23.81 2.20
CA GLU F 654 -45.68 -23.49 2.74
C GLU F 654 -46.59 -22.83 1.70
N LEU F 655 -46.15 -21.76 1.06
CA LEU F 655 -47.00 -21.11 0.06
C LEU F 655 -47.10 -21.92 -1.21
N PHE F 656 -46.25 -22.93 -1.41
CA PHE F 656 -46.34 -23.72 -2.63
C PHE F 656 -46.20 -25.22 -2.45
N ASN F 657 -45.56 -25.70 -1.37
CA ASN F 657 -45.27 -27.12 -1.11
C ASN F 657 -44.50 -27.76 -2.27
N SER F 658 -43.57 -27.00 -2.86
CA SER F 658 -42.76 -27.51 -3.96
C SER F 658 -41.50 -26.67 -4.05
N LYS F 659 -40.34 -27.32 -3.92
CA LYS F 659 -39.05 -26.62 -4.06
C LYS F 659 -38.75 -26.24 -5.50
N ASP F 660 -39.52 -26.74 -6.46
CA ASP F 660 -39.41 -26.24 -7.83
C ASP F 660 -39.90 -24.81 -7.96
N ASN F 661 -40.79 -24.38 -7.07
CA ASN F 661 -41.18 -22.98 -7.02
C ASN F 661 -40.06 -22.12 -6.45
N LEU F 662 -39.14 -22.72 -5.70
CA LEU F 662 -37.95 -21.98 -5.29
C LEU F 662 -37.00 -21.89 -6.47
N ILE F 663 -36.64 -20.65 -6.84
CA ILE F 663 -35.77 -20.41 -7.99
C ILE F 663 -34.46 -19.86 -7.46
N ARG F 664 -33.41 -20.66 -7.54
CA ARG F 664 -32.12 -20.28 -7.01
C ARG F 664 -31.41 -19.33 -7.97
N VAL F 665 -30.90 -18.22 -7.43
CA VAL F 665 -30.05 -17.32 -8.20
C VAL F 665 -28.79 -17.10 -7.37
N ASN F 666 -27.66 -17.58 -7.88
CA ASN F 666 -26.39 -17.46 -7.18
C ASN F 666 -25.80 -16.11 -7.49
N MET F 667 -26.14 -15.11 -6.66
CA MET F 667 -25.58 -13.78 -6.86
C MET F 667 -24.11 -13.72 -6.51
N SER F 668 -23.62 -14.70 -5.74
CA SER F 668 -22.20 -14.77 -5.47
C SER F 668 -21.41 -15.22 -6.68
N GLU F 669 -22.05 -15.91 -7.63
CA GLU F 669 -21.37 -16.26 -8.87
C GLU F 669 -21.21 -15.08 -9.80
N PHE F 670 -22.09 -14.08 -9.71
CA PHE F 670 -22.17 -13.02 -10.72
C PHE F 670 -21.15 -11.94 -10.39
N THR F 671 -19.87 -12.31 -10.50
CA THR F 671 -18.80 -11.49 -9.97
C THR F 671 -18.37 -10.35 -10.89
N GLU F 672 -18.72 -10.40 -12.17
CA GLU F 672 -18.28 -9.37 -13.10
C GLU F 672 -19.44 -9.08 -14.06
N ALA F 673 -19.33 -7.92 -14.70
CA ALA F 673 -20.36 -7.31 -15.55
C ALA F 673 -20.89 -8.05 -16.77
N HIS F 674 -20.04 -8.74 -17.50
CA HIS F 674 -20.47 -9.49 -18.70
C HIS F 674 -21.45 -10.65 -18.42
N SER F 675 -21.35 -11.14 -17.18
CA SER F 675 -22.04 -12.30 -16.64
C SER F 675 -23.52 -12.06 -16.52
N VAL F 676 -23.90 -10.80 -16.77
CA VAL F 676 -25.28 -10.33 -16.67
C VAL F 676 -26.15 -11.11 -17.62
N SER F 677 -25.52 -11.63 -18.67
CA SER F 677 -26.22 -12.41 -19.65
C SER F 677 -26.85 -13.59 -18.95
N LYS F 678 -26.19 -14.18 -17.95
CA LYS F 678 -26.84 -15.32 -17.33
C LYS F 678 -28.27 -15.00 -16.92
N ILE F 679 -28.59 -13.72 -16.71
CA ILE F 679 -29.92 -13.33 -16.27
C ILE F 679 -30.81 -13.05 -17.47
N THR F 680 -30.47 -12.03 -18.24
CA THR F 680 -31.32 -11.61 -19.35
C THR F 680 -31.02 -12.33 -20.64
N GLY F 681 -30.01 -13.19 -20.66
CA GLY F 681 -29.67 -13.92 -21.85
C GLY F 681 -28.53 -13.25 -22.62
N SER F 682 -27.95 -14.02 -23.54
CA SER F 682 -26.84 -13.54 -24.35
C SER F 682 -27.36 -12.53 -25.37
N PRO F 683 -26.56 -11.52 -25.71
CA PRO F 683 -27.01 -10.52 -26.69
C PRO F 683 -27.21 -11.13 -28.07
N PRO F 684 -28.07 -10.53 -28.90
CA PRO F 684 -28.49 -11.21 -30.14
C PRO F 684 -27.39 -11.28 -31.19
N GLY F 685 -27.48 -12.32 -32.02
CA GLY F 685 -26.45 -12.60 -33.00
C GLY F 685 -25.24 -13.33 -32.47
N TYR F 686 -25.28 -13.80 -31.22
CA TYR F 686 -24.16 -14.48 -30.59
C TYR F 686 -24.53 -15.91 -30.25
N VAL F 687 -23.59 -16.61 -29.63
CA VAL F 687 -23.80 -17.99 -29.21
C VAL F 687 -24.73 -18.01 -27.99
N GLY F 688 -25.75 -18.87 -28.05
CA GLY F 688 -26.69 -18.98 -26.97
C GLY F 688 -27.92 -18.11 -27.11
N PHE F 689 -28.19 -17.58 -28.29
CA PHE F 689 -29.38 -16.76 -28.49
C PHE F 689 -30.65 -17.61 -28.50
N SER F 690 -30.52 -18.90 -28.86
CA SER F 690 -31.68 -19.78 -28.96
C SER F 690 -32.37 -19.97 -27.62
N ASP F 691 -31.60 -20.10 -26.54
CA ASP F 691 -32.16 -19.95 -25.21
C ASP F 691 -32.23 -18.47 -24.86
N SER F 692 -33.26 -18.09 -24.13
CA SER F 692 -33.45 -16.69 -23.76
C SER F 692 -32.67 -16.30 -22.52
N GLY F 693 -31.92 -17.22 -21.93
CA GLY F 693 -31.34 -16.99 -20.62
C GLY F 693 -32.24 -17.63 -19.59
N GLN F 694 -31.82 -18.78 -19.07
CA GLN F 694 -32.77 -19.64 -18.36
C GLN F 694 -33.08 -19.16 -16.94
N LEU F 695 -32.49 -18.06 -16.50
CA LEU F 695 -32.93 -17.46 -15.24
C LEU F 695 -34.34 -16.88 -15.37
N THR F 696 -34.60 -16.14 -16.44
CA THR F 696 -35.93 -15.60 -16.68
C THR F 696 -36.84 -16.57 -17.40
N GLU F 697 -36.28 -17.58 -18.07
CA GLU F 697 -37.10 -18.64 -18.63
C GLU F 697 -37.69 -19.50 -17.52
N ALA F 698 -36.95 -19.72 -16.44
CA ALA F 698 -37.49 -20.45 -15.29
C ALA F 698 -38.58 -19.66 -14.59
N VAL F 699 -38.52 -18.33 -14.67
CA VAL F 699 -39.66 -17.51 -14.24
C VAL F 699 -40.85 -17.75 -15.15
N ARG F 700 -40.62 -17.86 -16.46
CA ARG F 700 -41.71 -18.14 -17.38
C ARG F 700 -42.21 -19.57 -17.25
N GLU F 701 -41.42 -20.46 -16.65
CA GLU F 701 -41.89 -21.82 -16.38
C GLU F 701 -43.00 -21.82 -15.34
N LYS F 702 -42.80 -21.12 -14.22
CA LYS F 702 -43.77 -21.05 -13.13
C LYS F 702 -43.76 -19.62 -12.60
N PRO F 703 -44.59 -18.73 -13.15
CA PRO F 703 -44.56 -17.33 -12.71
C PRO F 703 -45.36 -17.05 -11.44
N HIS F 704 -45.21 -17.91 -10.42
CA HIS F 704 -45.65 -17.70 -9.06
C HIS F 704 -44.63 -18.43 -8.18
N SER F 705 -43.66 -17.67 -7.70
CA SER F 705 -42.44 -18.30 -7.23
C SER F 705 -41.74 -17.36 -6.27
N VAL F 706 -40.99 -17.96 -5.36
CA VAL F 706 -40.11 -17.21 -4.47
C VAL F 706 -38.70 -17.28 -5.03
N VAL F 707 -38.07 -16.12 -5.22
CA VAL F 707 -36.76 -16.11 -5.87
C VAL F 707 -35.68 -15.86 -4.84
N LEU F 708 -34.63 -16.68 -4.88
CA LEU F 708 -33.49 -16.58 -3.99
C LEU F 708 -32.34 -15.84 -4.65
N PHE F 709 -32.15 -14.59 -4.31
CA PHE F 709 -30.88 -13.90 -4.62
C PHE F 709 -30.01 -14.12 -3.38
N ASP F 710 -29.03 -15.01 -3.52
CA ASP F 710 -28.40 -15.64 -2.36
C ASP F 710 -27.53 -14.69 -1.57
N GLU F 711 -26.47 -14.14 -2.17
CA GLU F 711 -25.55 -13.26 -1.46
C GLU F 711 -25.20 -12.10 -2.38
N LEU F 712 -25.76 -10.93 -2.07
CA LEU F 712 -25.52 -9.73 -2.84
C LEU F 712 -24.25 -9.01 -2.44
N GLU F 713 -23.51 -9.52 -1.45
CA GLU F 713 -22.36 -8.79 -0.95
C GLU F 713 -21.25 -8.72 -1.99
N LYS F 714 -21.19 -9.70 -2.89
CA LYS F 714 -20.31 -9.63 -4.05
C LYS F 714 -21.12 -9.95 -5.30
N ALA F 715 -21.57 -8.90 -5.97
CA ALA F 715 -21.99 -8.94 -7.35
C ALA F 715 -21.50 -7.65 -7.98
N HIS F 716 -21.27 -7.68 -9.28
CA HIS F 716 -20.81 -6.48 -9.96
C HIS F 716 -21.94 -5.47 -10.03
N ALA F 717 -21.57 -4.18 -10.04
CA ALA F 717 -22.57 -3.12 -9.95
C ALA F 717 -23.48 -3.06 -11.17
N ASP F 718 -23.06 -3.65 -12.30
CA ASP F 718 -23.89 -3.66 -13.48
C ASP F 718 -25.04 -4.65 -13.38
N VAL F 719 -24.86 -5.78 -12.68
CA VAL F 719 -26.00 -6.68 -12.54
C VAL F 719 -26.98 -6.12 -11.51
N PHE F 720 -26.52 -5.21 -10.64
CA PHE F 720 -27.44 -4.46 -9.81
C PHE F 720 -28.29 -3.52 -10.65
N LYS F 721 -27.72 -2.96 -11.72
CA LYS F 721 -28.51 -2.11 -12.61
C LYS F 721 -29.55 -2.92 -13.38
N VAL F 722 -29.33 -4.22 -13.50
CA VAL F 722 -30.37 -5.11 -14.02
C VAL F 722 -31.46 -5.32 -12.98
N LEU F 723 -31.08 -5.46 -11.71
CA LEU F 723 -32.07 -5.74 -10.67
C LEU F 723 -32.89 -4.50 -10.29
N LEU F 724 -32.42 -3.32 -10.66
CA LEU F 724 -33.25 -2.12 -10.53
C LEU F 724 -34.47 -2.19 -11.43
N GLN F 725 -34.35 -2.86 -12.58
CA GLN F 725 -35.48 -3.03 -13.48
C GLN F 725 -36.51 -4.01 -12.92
N ILE F 726 -36.09 -4.92 -12.03
CA ILE F 726 -36.97 -5.97 -11.54
C ILE F 726 -37.61 -5.56 -10.22
N LEU F 727 -36.86 -4.89 -9.35
CA LEU F 727 -37.46 -4.43 -8.10
C LEU F 727 -38.30 -3.18 -8.29
N GLY F 728 -37.91 -2.29 -9.20
CA GLY F 728 -38.69 -1.10 -9.44
C GLY F 728 -39.90 -1.32 -10.30
N ASP F 729 -39.81 -2.23 -11.27
CA ASP F 729 -40.90 -2.48 -12.21
C ASP F 729 -41.11 -3.98 -12.31
N GLY F 730 -42.34 -4.38 -12.60
CA GLY F 730 -42.65 -5.80 -12.70
C GLY F 730 -42.13 -6.48 -13.95
N TYR F 731 -41.57 -5.73 -14.89
CA TYR F 731 -41.15 -6.29 -16.16
C TYR F 731 -39.64 -6.20 -16.35
N ILE F 732 -39.13 -7.07 -17.22
CA ILE F 732 -37.79 -6.96 -17.78
C ILE F 732 -37.86 -7.59 -19.17
N ASN F 733 -36.99 -7.14 -20.07
CA ASN F 733 -37.03 -7.59 -21.46
C ASN F 733 -35.90 -8.57 -21.72
N ASP F 734 -36.21 -9.65 -22.42
CA ASP F 734 -35.22 -10.63 -22.82
C ASP F 734 -34.60 -10.26 -24.16
N ASN F 735 -33.91 -11.25 -24.72
CA ASN F 735 -33.31 -11.11 -26.04
C ASN F 735 -34.36 -11.06 -27.13
N HIS F 736 -35.46 -11.77 -26.96
CA HIS F 736 -36.55 -11.75 -27.92
C HIS F 736 -37.53 -10.61 -27.69
N ARG F 737 -37.15 -9.57 -26.93
CA ARG F 737 -37.90 -8.34 -26.71
C ARG F 737 -39.22 -8.59 -25.94
N ARG F 738 -39.39 -9.77 -25.37
CA ARG F 738 -40.69 -10.11 -24.80
C ARG F 738 -40.87 -9.49 -23.42
N ASN F 739 -42.13 -9.31 -23.05
CA ASN F 739 -42.48 -8.91 -21.69
C ASN F 739 -42.36 -10.12 -20.75
N ILE F 740 -41.96 -9.84 -19.52
CA ILE F 740 -41.89 -10.84 -18.45
C ILE F 740 -42.68 -10.30 -17.28
N ASP F 741 -43.51 -11.16 -16.68
CA ASP F 741 -44.32 -10.76 -15.53
C ASP F 741 -43.68 -11.30 -14.26
N PHE F 742 -43.09 -10.40 -13.47
CA PHE F 742 -42.69 -10.72 -12.11
C PHE F 742 -43.78 -10.42 -11.10
N SER F 743 -44.98 -10.06 -11.56
CA SER F 743 -46.07 -9.76 -10.66
C SER F 743 -46.50 -11.03 -9.93
N ASN F 744 -46.88 -10.85 -8.65
CA ASN F 744 -47.28 -11.92 -7.73
C ASN F 744 -46.17 -12.96 -7.57
N THR F 745 -44.91 -12.51 -7.61
CA THR F 745 -43.75 -13.35 -7.34
C THR F 745 -42.94 -12.67 -6.25
N ILE F 746 -42.75 -13.36 -5.13
CA ILE F 746 -41.98 -12.79 -4.03
C ILE F 746 -40.50 -12.77 -4.40
N ILE F 747 -39.89 -11.61 -4.30
CA ILE F 747 -38.49 -11.42 -4.67
C ILE F 747 -37.72 -11.12 -3.40
N ILE F 748 -37.08 -12.15 -2.86
CA ILE F 748 -36.32 -12.01 -1.63
C ILE F 748 -34.84 -11.79 -1.93
N MET F 749 -34.27 -10.77 -1.32
CA MET F 749 -32.87 -10.40 -1.50
C MET F 749 -32.18 -10.67 -0.18
N THR F 750 -31.09 -11.43 -0.22
CA THR F 750 -30.34 -11.73 0.98
C THR F 750 -28.89 -11.37 0.77
N SER F 751 -28.30 -10.77 1.80
CA SER F 751 -26.89 -10.41 1.82
C SER F 751 -26.47 -10.11 3.26
N ASN F 752 -25.18 -10.24 3.53
CA ASN F 752 -24.69 -10.06 4.89
C ASN F 752 -24.13 -8.66 5.12
N LEU F 753 -23.10 -8.29 4.36
CA LEU F 753 -22.25 -7.09 4.38
C LEU F 753 -21.30 -7.04 5.57
N GLY F 754 -21.54 -7.89 6.58
CA GLY F 754 -20.70 -8.38 7.65
C GLY F 754 -19.83 -7.38 8.40
N ALA F 755 -18.88 -7.95 9.14
CA ALA F 755 -17.62 -7.35 9.60
C ALA F 755 -17.77 -6.26 10.66
N GLU F 756 -18.99 -5.81 10.92
CA GLU F 756 -19.26 -4.68 11.79
C GLU F 756 -20.75 -4.70 12.14
N LEU F 757 -21.10 -3.96 13.21
CA LEU F 757 -22.45 -3.62 13.67
C LEU F 757 -23.15 -4.81 14.32
N PHE F 758 -22.51 -5.99 14.24
CA PHE F 758 -22.79 -7.12 15.11
C PHE F 758 -21.65 -7.12 16.12
N LYS F 759 -21.83 -6.30 17.16
CA LYS F 759 -20.71 -5.88 17.98
C LYS F 759 -20.21 -7.02 18.87
N LYS F 760 -18.89 -7.16 18.93
CA LYS F 760 -18.25 -8.28 19.62
C LYS F 760 -18.07 -8.04 21.10
N LYS F 761 -18.46 -6.87 21.62
CA LYS F 761 -18.28 -6.55 23.03
C LYS F 761 -19.60 -6.36 23.76
N LEU F 762 -20.44 -5.47 23.24
CA LEU F 762 -21.64 -5.09 23.99
C LEU F 762 -22.90 -5.78 23.50
N PHE F 763 -22.90 -6.32 22.28
CA PHE F 763 -24.16 -6.66 21.63
C PHE F 763 -24.72 -8.01 22.06
N PHE F 764 -24.02 -9.10 21.74
CA PHE F 764 -24.62 -10.42 21.86
C PHE F 764 -24.40 -11.06 23.23
N ASP F 765 -23.62 -10.42 24.11
CA ASP F 765 -23.16 -11.12 25.31
C ASP F 765 -24.23 -11.28 26.39
N ALA F 766 -25.22 -10.39 26.44
CA ALA F 766 -26.16 -10.41 27.56
C ALA F 766 -27.25 -11.47 27.38
N ASP F 767 -28.09 -11.34 26.34
CA ASP F 767 -29.09 -12.29 25.87
C ASP F 767 -30.28 -12.49 26.81
N ASN F 768 -30.26 -11.86 27.99
CA ASN F 768 -31.35 -11.97 28.96
C ASN F 768 -31.57 -10.62 29.66
N SER F 769 -31.32 -9.54 28.93
CA SER F 769 -31.73 -8.23 29.43
C SER F 769 -33.20 -8.00 29.11
N GLY F 770 -34.02 -7.85 30.16
CA GLY F 770 -35.44 -7.66 29.95
C GLY F 770 -35.84 -6.28 29.51
N THR F 771 -35.06 -5.28 29.89
CA THR F 771 -35.27 -3.92 29.41
C THR F 771 -34.91 -3.85 27.93
N PRO F 772 -35.64 -3.07 27.11
CA PRO F 772 -35.26 -2.96 25.69
C PRO F 772 -34.03 -2.11 25.43
N GLU F 773 -32.85 -2.54 25.90
CA GLU F 773 -31.61 -1.93 25.39
C GLU F 773 -31.27 -2.47 24.01
N TYR F 774 -31.89 -3.58 23.60
CA TYR F 774 -31.76 -4.05 22.22
C TYR F 774 -32.31 -3.03 21.25
N LYS F 775 -33.53 -2.56 21.49
CA LYS F 775 -34.19 -1.64 20.56
C LYS F 775 -33.50 -0.28 20.53
N ARG F 776 -32.74 0.06 21.57
CA ARG F 776 -31.82 1.17 21.45
C ARG F 776 -30.70 0.86 20.47
N VAL F 777 -30.18 -0.38 20.51
CA VAL F 777 -29.06 -0.74 19.64
C VAL F 777 -29.56 -1.14 18.25
N MET F 778 -30.63 -1.96 18.20
CA MET F 778 -31.09 -2.54 16.93
C MET F 778 -31.59 -1.48 15.96
N GLU F 779 -32.17 -0.39 16.47
CA GLU F 779 -32.56 0.70 15.59
C GLU F 779 -31.34 1.47 15.10
N ASP F 780 -30.29 1.55 15.94
CA ASP F 780 -29.05 2.17 15.49
C ASP F 780 -28.33 1.29 14.47
N VAL F 781 -28.44 -0.03 14.61
CA VAL F 781 -27.78 -0.92 13.66
C VAL F 781 -28.51 -0.93 12.33
N ARG F 782 -29.84 -1.00 12.36
CA ARG F 782 -30.64 -1.12 11.14
C ARG F 782 -30.52 0.10 10.24
N LEU F 783 -30.44 1.30 10.83
CA LEU F 783 -30.25 2.51 10.04
C LEU F 783 -28.85 2.57 9.45
N SER F 784 -27.86 2.07 10.20
CA SER F 784 -26.48 2.06 9.71
C SER F 784 -26.28 0.99 8.64
N LEU F 785 -27.13 -0.04 8.62
CA LEU F 785 -27.07 -1.02 7.53
C LEU F 785 -27.51 -0.39 6.21
N ILE F 786 -28.46 0.55 6.27
CA ILE F 786 -28.84 1.33 5.11
C ILE F 786 -27.67 2.22 4.66
N LYS F 787 -26.86 2.69 5.61
CA LYS F 787 -25.70 3.48 5.25
C LYS F 787 -24.63 2.63 4.57
N LYS F 788 -24.54 1.35 4.92
CA LYS F 788 -23.71 0.43 4.13
C LYS F 788 -24.36 0.10 2.79
N CYS F 789 -25.69 0.18 2.71
CA CYS F 789 -26.33 0.02 1.41
C CYS F 789 -26.08 1.21 0.50
N LYS F 790 -25.86 2.39 1.08
CA LYS F 790 -25.50 3.56 0.29
C LYS F 790 -24.08 3.44 -0.26
N LYS F 791 -23.21 2.71 0.43
CA LYS F 791 -21.82 2.55 0.01
C LYS F 791 -21.64 1.43 -0.99
N VAL F 792 -22.46 0.38 -0.93
CA VAL F 792 -22.26 -0.81 -1.74
C VAL F 792 -23.35 -0.94 -2.78
N PHE F 793 -24.61 -0.85 -2.36
CA PHE F 793 -25.68 -1.23 -3.27
C PHE F 793 -26.07 -0.14 -4.26
N LYS F 794 -25.46 1.06 -4.18
CA LYS F 794 -25.92 2.25 -4.89
C LYS F 794 -27.38 2.53 -4.51
N PRO F 795 -27.60 3.33 -3.46
CA PRO F 795 -28.80 3.20 -2.58
C PRO F 795 -30.18 3.22 -3.22
N GLU F 796 -30.31 3.38 -4.54
CA GLU F 796 -31.63 3.42 -5.19
C GLU F 796 -32.41 2.10 -5.05
N PHE F 797 -31.76 1.01 -4.63
CA PHE F 797 -32.50 -0.17 -4.19
C PHE F 797 -33.33 0.11 -2.96
N VAL F 798 -32.76 0.84 -1.99
CA VAL F 798 -33.43 1.09 -0.71
C VAL F 798 -34.68 1.94 -0.92
N ASN F 799 -34.66 2.80 -1.96
CA ASN F 799 -35.88 3.48 -2.36
C ASN F 799 -36.94 2.53 -2.91
N ARG F 800 -36.51 1.41 -3.51
CA ARG F 800 -37.47 0.48 -4.11
C ARG F 800 -37.80 -0.68 -3.17
N ILE F 801 -36.86 -1.08 -2.31
CA ILE F 801 -37.10 -2.17 -1.38
C ILE F 801 -38.09 -1.73 -0.31
N ASP F 802 -39.17 -2.51 -0.16
CA ASP F 802 -40.27 -2.13 0.71
C ASP F 802 -40.04 -2.48 2.17
N LYS F 803 -39.21 -3.48 2.46
CA LYS F 803 -38.94 -3.84 3.85
C LYS F 803 -37.54 -4.42 3.93
N ILE F 804 -36.76 -3.95 4.91
CA ILE F 804 -35.41 -4.42 5.14
C ILE F 804 -35.40 -5.07 6.52
N GLY F 805 -35.47 -6.39 6.54
CA GLY F 805 -35.46 -7.10 7.80
C GLY F 805 -34.06 -7.23 8.35
N VAL F 806 -33.98 -7.32 9.68
CA VAL F 806 -32.72 -7.52 10.38
C VAL F 806 -32.93 -8.69 11.34
N PHE F 807 -32.16 -9.75 11.16
CA PHE F 807 -32.33 -10.92 12.01
C PHE F 807 -31.56 -10.77 13.31
N GLU F 808 -32.17 -11.21 14.39
CA GLU F 808 -31.55 -11.17 15.69
C GLU F 808 -30.51 -12.30 15.81
N PRO F 809 -29.48 -12.12 16.63
CA PRO F 809 -28.62 -13.26 16.97
C PRO F 809 -29.39 -14.25 17.83
N LEU F 810 -29.01 -15.51 17.70
CA LEU F 810 -29.74 -16.54 18.42
C LEU F 810 -29.21 -16.69 19.84
N ASN F 811 -30.11 -16.97 20.75
CA ASN F 811 -29.80 -17.10 22.17
C ASN F 811 -29.95 -18.55 22.60
N LYS F 812 -29.89 -18.76 23.91
CA LYS F 812 -30.10 -20.11 24.45
C LYS F 812 -31.54 -20.57 24.28
N LYS F 813 -32.49 -19.64 24.17
CA LYS F 813 -33.89 -20.02 24.03
C LYS F 813 -34.20 -20.52 22.62
N ASN F 814 -33.64 -19.85 21.61
CA ASN F 814 -33.85 -20.30 20.23
C ASN F 814 -33.13 -21.62 19.97
N LEU F 815 -31.90 -21.77 20.47
CA LEU F 815 -31.15 -23.00 20.29
C LEU F 815 -31.77 -24.18 21.02
N HIS F 816 -32.52 -23.91 22.08
CA HIS F 816 -33.29 -24.97 22.71
C HIS F 816 -34.40 -25.45 21.81
N LYS F 817 -34.88 -24.59 20.92
CA LYS F 817 -35.99 -24.95 20.04
C LYS F 817 -35.54 -25.31 18.63
N ILE F 818 -34.42 -24.75 18.14
CA ILE F 818 -33.91 -25.12 16.82
C ILE F 818 -33.41 -26.56 16.83
N VAL F 819 -32.59 -26.90 17.82
CA VAL F 819 -32.01 -28.23 17.92
C VAL F 819 -33.09 -29.27 18.17
N ALA F 820 -34.14 -28.91 18.89
CA ALA F 820 -35.29 -29.82 19.05
C ALA F 820 -36.01 -30.06 17.72
N LEU F 821 -36.04 -29.04 16.84
CA LEU F 821 -36.63 -29.25 15.52
C LEU F 821 -35.71 -30.08 14.62
N ARG F 822 -34.42 -30.13 14.94
CA ARG F 822 -33.50 -30.92 14.14
C ARG F 822 -33.75 -32.40 14.28
N PHE F 823 -34.01 -32.87 15.51
CA PHE F 823 -34.28 -34.28 15.74
C PHE F 823 -35.59 -34.71 15.11
N LYS F 824 -36.51 -33.76 14.90
CA LYS F 824 -37.71 -34.07 14.13
C LYS F 824 -37.38 -34.20 12.65
N LYS F 825 -36.38 -33.46 12.16
CA LYS F 825 -35.91 -33.66 10.80
C LYS F 825 -35.01 -34.88 10.69
N LEU F 826 -34.45 -35.34 11.81
CA LEU F 826 -33.73 -36.60 11.82
C LEU F 826 -34.62 -37.79 11.47
N GLU F 827 -35.91 -37.72 11.79
CA GLU F 827 -36.80 -38.80 11.40
C GLU F 827 -37.12 -38.77 9.91
N LYS F 828 -36.87 -37.66 9.23
CA LYS F 828 -37.25 -37.55 7.82
C LYS F 828 -36.33 -38.37 6.93
N ARG F 829 -35.02 -38.34 7.20
CA ARG F 829 -34.10 -39.18 6.45
C ARG F 829 -33.95 -40.57 7.03
N LEU F 830 -34.58 -40.84 8.17
CA LEU F 830 -34.62 -42.18 8.74
C LEU F 830 -35.92 -42.91 8.45
N GLU F 831 -36.70 -42.44 7.47
CA GLU F 831 -37.90 -43.16 7.08
C GLU F 831 -37.56 -44.46 6.35
N GLU F 832 -36.41 -44.52 5.69
CA GLU F 832 -35.93 -45.79 5.15
C GLU F 832 -35.64 -46.79 6.25
N LYS F 833 -35.19 -46.31 7.40
CA LYS F 833 -34.81 -47.17 8.49
C LYS F 833 -35.89 -47.34 9.54
N ASN F 834 -36.96 -46.53 9.47
CA ASN F 834 -38.09 -46.54 10.41
C ASN F 834 -37.62 -46.35 11.85
N ILE F 835 -36.62 -45.48 12.04
CA ILE F 835 -36.10 -45.23 13.38
C ILE F 835 -36.75 -43.96 13.94
N GLN F 836 -37.17 -44.03 15.21
CA GLN F 836 -37.86 -42.95 15.88
C GLN F 836 -36.89 -42.33 16.89
N VAL F 837 -36.18 -41.29 16.45
CA VAL F 837 -35.22 -40.62 17.31
C VAL F 837 -35.93 -39.66 18.23
N SER F 838 -35.61 -39.72 19.52
CA SER F 838 -36.13 -38.79 20.51
C SER F 838 -35.00 -38.37 21.43
N VAL F 839 -35.23 -37.27 22.16
CA VAL F 839 -34.18 -36.66 22.96
C VAL F 839 -34.82 -35.95 24.15
N SER F 840 -34.09 -35.88 25.26
CA SER F 840 -34.53 -35.13 26.42
C SER F 840 -34.27 -33.65 26.22
N GLU F 841 -35.11 -32.80 26.83
CA GLU F 841 -35.03 -31.37 26.62
C GLU F 841 -33.82 -30.76 27.32
N LYS F 842 -33.53 -31.23 28.54
CA LYS F 842 -32.33 -30.78 29.23
C LYS F 842 -31.08 -31.38 28.62
N ALA F 843 -31.21 -32.47 27.86
CA ALA F 843 -30.07 -33.02 27.13
C ALA F 843 -29.68 -32.14 25.95
N ILE F 844 -30.65 -31.38 25.42
CA ILE F 844 -30.37 -30.42 24.35
C ILE F 844 -29.46 -29.31 24.85
N ASP F 845 -29.66 -28.87 26.10
CA ASP F 845 -28.80 -27.86 26.68
C ASP F 845 -27.40 -28.37 26.93
N TYR F 846 -27.24 -29.68 27.17
CA TYR F 846 -25.90 -30.26 27.22
C TYR F 846 -25.22 -30.20 25.87
N ILE F 847 -25.99 -30.35 24.79
CA ILE F 847 -25.48 -30.22 23.44
C ILE F 847 -25.17 -28.76 23.12
N ILE F 848 -25.99 -27.83 23.62
CA ILE F 848 -25.78 -26.41 23.38
C ILE F 848 -24.54 -25.90 24.11
N ASP F 849 -24.35 -26.32 25.37
CA ASP F 849 -23.29 -25.83 26.23
C ASP F 849 -21.90 -26.11 25.66
N GLN F 850 -21.72 -27.27 25.02
CA GLN F 850 -20.42 -27.58 24.46
C GLN F 850 -20.19 -26.96 23.08
N SER F 851 -21.21 -26.32 22.50
CA SER F 851 -21.04 -25.71 21.17
C SER F 851 -21.73 -24.35 21.04
N TYR F 852 -21.95 -23.64 22.13
CA TYR F 852 -22.65 -22.36 22.04
C TYR F 852 -21.70 -21.26 21.55
N ASP F 853 -22.10 -20.59 20.46
CA ASP F 853 -21.35 -19.48 19.89
C ASP F 853 -22.30 -18.59 19.09
N PRO F 854 -22.78 -17.49 19.67
CA PRO F 854 -23.71 -16.61 18.93
C PRO F 854 -23.06 -15.84 17.79
N GLU F 855 -21.72 -15.81 17.71
CA GLU F 855 -21.06 -15.10 16.63
C GLU F 855 -21.28 -15.77 15.29
N LEU F 856 -21.26 -17.10 15.26
CA LEU F 856 -21.45 -17.84 14.02
C LEU F 856 -22.90 -18.19 13.75
N GLY F 857 -23.77 -18.08 14.75
CA GLY F 857 -25.19 -18.29 14.53
C GLY F 857 -25.60 -19.72 14.27
N ALA F 858 -25.53 -20.57 15.30
CA ALA F 858 -26.23 -21.86 15.43
C ALA F 858 -25.72 -22.99 14.54
N ARG F 859 -24.85 -22.68 13.60
CA ARG F 859 -24.26 -23.73 12.78
C ARG F 859 -23.19 -24.55 13.47
N PRO F 860 -22.34 -24.03 14.37
CA PRO F 860 -21.50 -24.94 15.15
C PRO F 860 -22.28 -25.88 16.05
N THR F 861 -23.50 -25.51 16.45
CA THR F 861 -24.34 -26.46 17.15
C THR F 861 -24.80 -27.59 16.24
N LEU F 862 -24.99 -27.29 14.96
CA LEU F 862 -25.41 -28.32 14.02
C LEU F 862 -24.27 -29.25 13.66
N ILE F 863 -23.04 -28.74 13.65
CA ILE F 863 -21.88 -29.59 13.38
C ILE F 863 -21.67 -30.59 14.51
N PHE F 864 -21.90 -30.17 15.76
CA PHE F 864 -21.82 -31.10 16.87
C PHE F 864 -22.91 -32.17 16.80
N ILE F 865 -24.06 -31.84 16.21
CA ILE F 865 -25.06 -32.88 15.98
C ILE F 865 -24.60 -33.80 14.85
N GLU F 866 -24.10 -33.23 13.76
CA GLU F 866 -23.79 -34.06 12.60
C GLU F 866 -22.47 -34.79 12.71
N SER F 867 -21.44 -34.14 13.25
CA SER F 867 -20.11 -34.76 13.23
C SER F 867 -19.81 -35.57 14.49
N VAL F 868 -20.61 -35.43 15.56
CA VAL F 868 -20.26 -36.11 16.81
C VAL F 868 -21.31 -37.13 17.20
N ILE F 869 -22.54 -36.67 17.46
CA ILE F 869 -23.52 -37.60 18.00
C ILE F 869 -24.17 -38.42 16.89
N MET F 870 -24.22 -37.92 15.66
CA MET F 870 -24.75 -38.70 14.56
C MET F 870 -23.82 -39.85 14.20
N THR F 871 -22.50 -39.63 14.31
CA THR F 871 -21.56 -40.73 14.16
C THR F 871 -21.72 -41.76 15.28
N LYS F 872 -22.13 -41.32 16.47
CA LYS F 872 -22.41 -42.26 17.55
C LYS F 872 -23.60 -43.14 17.23
N PHE F 873 -24.56 -42.64 16.44
CA PHE F 873 -25.55 -43.52 15.85
C PHE F 873 -24.93 -44.39 14.76
N ALA F 874 -24.06 -43.78 13.96
CA ALA F 874 -23.67 -44.41 12.70
C ALA F 874 -22.62 -45.50 12.89
N ILE F 875 -21.77 -45.34 13.91
CA ILE F 875 -20.82 -46.41 14.22
C ILE F 875 -21.55 -47.60 14.83
N MET F 876 -22.55 -47.34 15.68
CA MET F 876 -23.34 -48.40 16.26
C MET F 876 -24.30 -49.03 15.26
N TYR F 877 -24.47 -48.41 14.08
CA TYR F 877 -25.32 -49.00 13.07
C TYR F 877 -24.56 -49.94 12.15
N LEU F 878 -23.25 -49.78 12.01
CA LEU F 878 -22.49 -50.57 11.04
C LEU F 878 -22.37 -52.01 11.50
N LYS F 879 -21.66 -52.22 12.61
CA LYS F 879 -21.82 -53.46 13.34
C LYS F 879 -23.19 -53.44 14.00
N LYS F 880 -23.73 -54.63 14.28
CA LYS F 880 -25.12 -54.72 14.71
C LYS F 880 -25.26 -54.54 16.22
N GLU F 881 -24.77 -53.39 16.71
CA GLU F 881 -25.18 -52.89 18.01
C GLU F 881 -26.55 -52.23 17.95
N LEU F 882 -27.01 -51.91 16.75
CA LEU F 882 -28.35 -51.40 16.54
C LEU F 882 -29.03 -52.22 15.46
N VAL F 883 -30.24 -52.68 15.78
CA VAL F 883 -31.10 -53.32 14.78
C VAL F 883 -31.62 -52.23 13.84
N ASP F 884 -32.03 -52.64 12.63
CA ASP F 884 -32.62 -51.72 11.67
C ASP F 884 -33.84 -51.00 12.23
N ASP F 885 -34.64 -51.66 13.05
CA ASP F 885 -35.82 -51.06 13.66
C ASP F 885 -35.59 -50.94 15.16
N MET F 886 -35.19 -49.76 15.60
CA MET F 886 -34.94 -49.48 17.01
C MET F 886 -35.55 -48.13 17.37
N ASP F 887 -36.08 -48.05 18.58
CA ASP F 887 -36.45 -46.76 19.15
C ASP F 887 -35.23 -46.11 19.77
N VAL F 888 -35.17 -44.78 19.69
CA VAL F 888 -34.03 -44.02 20.16
C VAL F 888 -34.49 -42.96 21.15
N PHE F 889 -33.86 -42.95 22.33
CA PHE F 889 -34.12 -41.94 23.35
C PHE F 889 -32.77 -41.47 23.89
N VAL F 890 -32.29 -40.36 23.33
CA VAL F 890 -31.04 -39.77 23.81
C VAL F 890 -31.29 -39.04 25.12
N ASP F 891 -30.47 -39.31 26.12
CA ASP F 891 -30.60 -38.68 27.43
C ASP F 891 -29.23 -38.54 28.07
N TYR F 892 -28.97 -37.38 28.65
CA TYR F 892 -27.73 -37.13 29.39
C TYR F 892 -27.75 -37.91 30.70
N ASN F 893 -26.57 -38.32 31.14
CA ASN F 893 -26.37 -39.07 32.38
C ASN F 893 -26.18 -38.14 33.59
N SER F 894 -26.10 -36.83 33.33
CA SER F 894 -25.74 -35.79 34.30
C SER F 894 -24.40 -36.08 34.97
N LYS F 895 -23.47 -36.69 34.23
CA LYS F 895 -22.12 -36.97 34.68
C LYS F 895 -21.10 -36.48 33.66
N ALA F 896 -21.47 -35.40 32.94
CA ALA F 896 -20.70 -34.83 31.81
C ALA F 896 -20.43 -35.87 30.73
N LYS F 897 -21.40 -36.74 30.48
CA LYS F 897 -21.25 -37.84 29.54
C LYS F 897 -22.62 -38.27 29.05
N ASN F 898 -22.76 -38.44 27.74
CA ASN F 898 -24.03 -38.84 27.16
C ASN F 898 -24.20 -40.36 27.06
N LEU F 899 -25.41 -40.82 27.36
CA LEU F 899 -25.88 -42.17 27.09
C LEU F 899 -27.10 -42.35 26.21
N VAL F 900 -27.14 -43.42 25.42
CA VAL F 900 -28.16 -43.56 24.41
C VAL F 900 -29.06 -44.72 24.85
N ILE F 901 -30.18 -44.39 25.49
CA ILE F 901 -31.13 -45.42 25.90
C ILE F 901 -32.01 -45.79 24.71
N ASN F 902 -32.13 -47.09 24.45
CA ASN F 902 -32.83 -47.57 23.27
C ASN F 902 -33.83 -48.66 23.67
N LEU F 903 -34.85 -48.82 22.83
CA LEU F 903 -35.88 -49.82 23.06
C LEU F 903 -36.17 -50.55 21.74
N SER F 904 -36.69 -51.76 21.86
CA SER F 904 -37.06 -52.54 20.69
C SER F 904 -38.45 -53.15 20.87
N GLY G 27 49.35 28.51 95.81
CA GLY G 27 48.15 27.71 95.64
C GLY G 27 47.85 27.41 94.18
N TYR G 28 46.83 26.58 93.94
CA TYR G 28 46.42 26.26 92.57
C TYR G 28 45.30 27.15 92.07
N GLY G 29 44.85 28.11 92.88
CA GLY G 29 43.79 29.00 92.43
C GLY G 29 44.30 30.12 91.53
N ASP G 30 45.60 30.43 91.62
CA ASP G 30 46.15 31.49 90.78
C ASP G 30 46.24 31.06 89.32
N LEU G 31 46.54 29.77 89.08
CA LEU G 31 46.51 29.22 87.74
C LEU G 31 45.10 29.28 87.18
N ALA G 32 44.10 28.99 88.01
CA ALA G 32 42.72 29.14 87.60
C ALA G 32 42.33 30.61 87.45
N ALA G 33 43.05 31.50 88.14
CA ALA G 33 42.82 32.92 87.95
C ALA G 33 43.52 33.44 86.69
N THR G 34 44.72 32.93 86.41
CA THR G 34 45.52 33.45 85.30
C THR G 34 45.14 32.83 83.97
N SER G 35 45.00 31.51 83.90
CA SER G 35 44.77 30.85 82.61
C SER G 35 43.33 31.04 82.15
N ALA G 36 42.44 31.43 83.06
CA ALA G 36 41.09 31.79 82.63
C ALA G 36 41.08 33.16 81.98
N LEU G 37 41.70 34.16 82.64
CA LEU G 37 41.80 35.50 82.06
C LEU G 37 42.67 35.51 80.82
N THR G 38 43.58 34.56 80.69
CA THR G 38 44.29 34.38 79.42
C THR G 38 43.33 33.93 78.33
N THR G 39 42.32 33.13 78.69
CA THR G 39 41.38 32.61 77.70
C THR G 39 40.30 33.64 77.36
N VAL G 40 39.79 34.33 78.38
CA VAL G 40 38.63 35.21 78.18
C VAL G 40 39.06 36.53 77.52
N ILE G 41 40.37 36.76 77.39
CA ILE G 41 40.84 37.97 76.72
C ILE G 41 41.40 37.65 75.34
N LYS G 42 42.15 36.55 75.22
CA LYS G 42 42.77 36.25 73.93
C LYS G 42 41.74 35.72 72.92
N ASP G 43 40.80 34.90 73.37
CA ASP G 43 39.90 34.25 72.42
C ASP G 43 38.77 35.13 71.86
N PRO G 44 38.07 36.03 72.63
CA PRO G 44 37.11 36.92 71.98
C PRO G 44 37.75 37.91 71.02
N ILE G 45 38.91 38.45 71.41
CA ILE G 45 39.56 39.47 70.58
C ILE G 45 40.12 38.84 69.31
N SER G 46 40.54 37.56 69.39
CA SER G 46 40.96 36.85 68.18
C SER G 46 39.79 36.63 67.22
N LEU G 47 38.56 36.61 67.75
CA LEU G 47 37.42 36.42 66.89
C LEU G 47 36.87 37.74 66.37
N THR G 48 37.01 38.82 67.13
CA THR G 48 36.52 40.11 66.67
C THR G 48 37.44 40.70 65.62
N ILE G 49 38.76 40.51 65.77
CA ILE G 49 39.71 41.00 64.79
C ILE G 49 39.56 40.25 63.47
N LYS G 50 39.16 38.97 63.55
CA LYS G 50 38.92 38.16 62.35
C LYS G 50 37.79 38.73 61.50
N ASP G 51 36.75 39.28 62.14
CA ASP G 51 35.66 39.87 61.37
C ASP G 51 35.99 41.29 60.94
N ILE G 52 36.80 42.00 61.73
CA ILE G 52 37.25 43.32 61.34
C ILE G 52 38.24 43.21 60.18
N TYR G 53 39.01 42.13 60.14
CA TYR G 53 39.95 41.96 59.03
C TYR G 53 39.24 41.53 57.76
N GLU G 54 38.39 40.52 57.84
CA GLU G 54 37.81 39.94 56.63
C GLU G 54 36.73 40.82 56.02
N HIS G 55 35.90 41.45 56.83
CA HIS G 55 34.82 42.25 56.30
C HIS G 55 35.12 43.74 56.30
N GLY G 56 36.11 44.20 57.06
CA GLY G 56 36.41 45.61 57.12
C GLY G 56 37.69 45.99 56.41
N VAL G 57 38.66 45.08 56.37
CA VAL G 57 39.87 45.35 55.60
C VAL G 57 39.83 44.63 54.27
N LYS G 58 39.80 43.29 54.30
CA LYS G 58 40.09 42.47 53.11
C LYS G 58 39.01 42.60 52.04
N ASN G 59 37.74 42.55 52.42
CA ASN G 59 36.69 42.74 51.43
C ASN G 59 36.59 44.17 50.88
N PRO G 60 36.82 45.25 51.65
CA PRO G 60 37.01 46.54 50.96
C PRO G 60 38.31 46.66 50.20
N PHE G 61 39.37 45.97 50.64
CA PHE G 61 40.65 46.03 49.92
C PHE G 61 40.55 45.34 48.56
N THR G 62 39.96 44.15 48.53
CA THR G 62 39.74 43.45 47.28
C THR G 62 38.80 44.23 46.36
N LYS G 63 37.89 45.00 46.94
CA LYS G 63 37.03 45.87 46.15
C LYS G 63 37.83 46.99 45.47
N ILE G 64 38.91 47.43 46.11
CA ILE G 64 39.67 48.58 45.59
C ILE G 64 40.52 48.18 44.38
N ILE G 65 41.24 47.06 44.49
CA ILE G 65 42.12 46.62 43.40
C ILE G 65 41.30 46.26 42.16
N HIS G 66 40.15 45.63 42.35
CA HIS G 66 39.36 45.27 41.17
C HIS G 66 38.55 46.46 40.65
N LYS G 67 38.54 47.57 41.40
CA LYS G 67 38.19 48.85 40.80
C LYS G 67 39.38 49.46 40.09
N LEU G 68 40.60 49.14 40.55
CA LEU G 68 41.79 49.65 39.87
C LEU G 68 42.04 48.88 38.58
N LYS G 69 41.70 47.59 38.55
CA LYS G 69 42.00 46.77 37.38
C LYS G 69 41.14 47.14 36.17
N LYS G 70 40.09 47.93 36.36
CA LYS G 70 39.39 48.49 35.21
C LYS G 70 40.02 49.81 34.78
N PHE G 71 41.06 50.25 35.48
CA PHE G 71 41.70 51.52 35.11
C PHE G 71 43.09 51.28 34.53
N ILE G 72 43.83 50.30 35.06
CA ILE G 72 45.15 49.99 34.50
C ILE G 72 45.00 49.39 33.11
N ARG G 73 44.17 48.36 32.96
CA ARG G 73 43.74 47.92 31.66
C ARG G 73 42.32 48.43 31.46
N TYR G 74 41.74 48.16 30.29
CA TYR G 74 40.36 48.47 29.91
C TYR G 74 40.00 49.96 29.94
N ARG G 75 40.97 50.89 29.94
CA ARG G 75 40.61 52.30 30.05
C ARG G 75 40.15 52.87 28.71
N LYS G 76 40.45 52.18 27.61
CA LYS G 76 40.08 52.68 26.30
C LYS G 76 38.67 52.27 25.92
N VAL G 77 38.24 51.10 26.39
CA VAL G 77 36.90 50.63 26.07
C VAL G 77 35.86 51.36 26.91
N LEU G 78 36.19 51.62 28.18
CA LEU G 78 35.21 52.24 29.08
C LEU G 78 34.99 53.70 28.73
N ARG G 79 35.85 54.28 27.90
CA ARG G 79 35.51 55.53 27.26
C ARG G 79 34.41 55.34 26.23
N TRP G 80 34.49 54.28 25.42
CA TRP G 80 33.44 53.99 24.46
C TRP G 80 32.26 53.28 25.12
N SER G 81 32.52 52.60 26.25
CA SER G 81 31.47 51.83 26.92
C SER G 81 30.51 52.72 27.68
N ARG G 82 31.04 53.59 28.56
CA ARG G 82 30.18 54.48 29.32
C ARG G 82 29.45 55.45 28.42
N MET G 83 30.08 55.81 27.30
CA MET G 83 29.44 56.67 26.32
C MET G 83 28.26 55.97 25.64
N TRP G 84 28.42 54.69 25.31
CA TRP G 84 27.33 53.96 24.70
C TRP G 84 26.30 53.54 25.74
N TRP G 85 26.62 53.69 27.02
CA TRP G 85 25.63 53.42 28.06
C TRP G 85 24.81 54.65 28.38
N VAL G 86 25.42 55.84 28.31
CA VAL G 86 24.68 57.08 28.50
C VAL G 86 23.64 57.26 27.40
N LEU G 87 23.98 56.86 26.18
CA LEU G 87 23.00 56.87 25.11
C LEU G 87 21.93 55.79 25.33
N LEU G 88 22.32 54.65 25.89
CA LEU G 88 21.37 53.55 26.04
C LEU G 88 20.36 53.83 27.13
N VAL G 89 20.79 54.49 28.22
CA VAL G 89 19.84 54.88 29.27
C VAL G 89 18.86 55.93 28.74
N ARG G 90 19.31 56.77 27.82
CA ARG G 90 18.41 57.72 27.18
C ARG G 90 17.45 57.02 26.23
N GLU G 91 17.87 55.92 25.59
CA GLU G 91 16.98 55.22 24.69
C GLU G 91 15.99 54.36 25.45
N ILE G 92 16.40 53.82 26.59
CA ILE G 92 15.51 53.01 27.41
C ILE G 92 14.49 53.88 28.12
N VAL G 93 14.94 55.00 28.68
CA VAL G 93 14.06 55.80 29.52
C VAL G 93 13.40 56.92 28.73
N GLY G 94 14.18 57.80 28.11
CA GLY G 94 13.59 58.82 27.26
C GLY G 94 12.83 59.93 27.95
N ASP G 95 13.57 60.80 28.64
CA ASP G 95 13.12 62.04 29.28
C ASP G 95 12.20 61.75 30.45
N ASN G 96 12.52 60.73 31.25
CA ASN G 96 11.92 60.52 32.56
C ASN G 96 13.05 60.44 33.56
N THR G 97 12.74 60.63 34.85
CA THR G 97 13.76 60.65 35.88
C THR G 97 14.39 59.27 36.06
N ILE G 98 15.68 59.17 35.75
CA ILE G 98 16.43 57.94 35.88
C ILE G 98 16.94 57.83 37.31
N GLU G 99 17.06 56.60 37.79
CA GLU G 99 17.56 56.40 39.14
C GLU G 99 19.07 56.46 39.15
N LYS G 100 19.61 57.37 39.96
CA LYS G 100 21.06 57.53 40.06
C LYS G 100 21.70 56.36 40.81
N LYS G 101 20.91 55.56 41.52
CA LYS G 101 21.47 54.53 42.36
C LYS G 101 21.53 53.17 41.68
N THR G 102 20.55 52.83 40.85
CA THR G 102 20.56 51.55 40.16
C THR G 102 20.98 51.65 38.70
N GLU G 103 21.50 52.81 38.28
CA GLU G 103 22.50 52.78 37.22
C GLU G 103 23.69 51.94 37.64
N LYS G 104 24.15 52.14 38.88
CA LYS G 104 25.36 51.51 39.37
C LYS G 104 25.23 49.99 39.41
N ALA G 105 24.02 49.48 39.64
CA ALA G 105 23.81 48.04 39.54
C ALA G 105 23.85 47.60 38.09
N LEU G 106 23.43 48.46 37.17
CA LEU G 106 23.36 48.05 35.76
C LEU G 106 24.56 48.53 34.97
N ARG G 107 25.32 49.49 35.49
CA ARG G 107 26.57 49.84 34.81
C ARG G 107 27.62 48.75 35.00
N GLU G 108 27.59 48.08 36.15
CA GLU G 108 28.51 46.98 36.40
C GLU G 108 28.23 45.80 35.48
N ILE G 109 26.97 45.60 35.12
CA ILE G 109 26.65 44.54 34.18
C ILE G 109 27.00 44.97 32.76
N TRP G 110 26.88 46.27 32.47
CA TRP G 110 27.27 46.75 31.16
C TRP G 110 28.78 46.81 31.02
N ASP G 111 29.49 47.11 32.11
CA ASP G 111 30.95 47.06 32.05
C ASP G 111 31.44 45.63 31.85
N GLN G 112 30.75 44.66 32.45
CA GLN G 112 31.15 43.26 32.29
C GLN G 112 30.78 42.72 30.93
N CYS G 113 29.90 43.42 30.20
CA CYS G 113 29.68 43.07 28.81
C CYS G 113 30.81 43.56 27.93
N THR G 114 31.35 44.76 28.21
CA THR G 114 32.43 45.29 27.39
C THR G 114 33.76 44.67 27.72
N ILE G 115 33.98 44.32 28.98
CA ILE G 115 35.16 43.54 29.35
C ILE G 115 35.13 42.19 28.65
N ALA G 116 33.94 41.61 28.49
CA ALA G 116 33.84 40.31 27.87
C ALA G 116 33.99 40.39 26.35
N VAL G 117 33.64 41.52 25.75
CA VAL G 117 33.76 41.62 24.29
C VAL G 117 35.18 42.01 23.89
N TYR G 118 35.80 42.93 24.63
CA TYR G 118 37.12 43.43 24.24
C TYR G 118 38.21 42.39 24.43
N ASN G 119 37.94 41.36 25.24
CA ASN G 119 38.86 40.24 25.29
C ASN G 119 38.64 39.27 24.13
N ASN G 120 37.61 39.48 23.32
CA ASN G 120 37.31 38.60 22.21
C ASN G 120 37.62 39.22 20.85
N THR G 121 38.18 40.43 20.81
CA THR G 121 38.35 41.16 19.57
C THR G 121 39.81 41.50 19.36
N LEU G 122 40.34 41.11 18.20
CA LEU G 122 41.67 41.56 17.84
C LEU G 122 41.62 42.97 17.24
N ASN G 123 40.48 43.35 16.65
CA ASN G 123 40.33 44.68 16.08
C ASN G 123 40.35 45.73 17.18
N ALA G 124 40.87 46.92 16.86
CA ALA G 124 40.83 48.00 17.82
C ALA G 124 39.42 48.58 17.91
N VAL G 125 39.17 49.27 19.02
CA VAL G 125 37.86 49.88 19.23
C VAL G 125 37.73 51.13 18.39
N GLU G 126 38.79 51.94 18.34
CA GLU G 126 38.75 53.14 17.52
C GLU G 126 38.82 52.82 16.04
N SER G 127 39.38 51.66 15.68
CA SER G 127 39.54 51.34 14.27
C SER G 127 38.23 50.89 13.66
N LYS G 128 37.46 50.09 14.37
CA LYS G 128 36.19 49.57 13.88
C LYS G 128 35.20 49.57 15.02
N PRO G 129 34.44 50.66 15.20
CA PRO G 129 33.62 50.78 16.42
C PRO G 129 32.32 50.02 16.38
N LEU G 130 31.65 49.88 15.22
CA LEU G 130 30.34 49.25 15.22
C LEU G 130 30.40 47.75 15.45
N LEU G 131 31.56 47.14 15.27
CA LEU G 131 31.71 45.72 15.60
C LEU G 131 31.50 45.50 17.08
N PHE G 132 31.86 46.50 17.88
CA PHE G 132 31.71 46.39 19.32
C PHE G 132 30.26 46.64 19.73
N LEU G 133 29.58 47.59 19.09
CA LEU G 133 28.15 47.78 19.38
C LEU G 133 27.32 46.55 19.06
N HIS G 134 27.64 45.84 17.97
CA HIS G 134 26.98 44.57 17.75
C HIS G 134 27.43 43.54 18.77
N GLY G 135 28.65 43.66 19.27
CA GLY G 135 29.15 42.70 20.24
C GLY G 135 28.68 43.01 21.64
N ILE G 136 28.71 44.29 22.02
CA ILE G 136 28.40 44.65 23.41
C ILE G 136 26.91 44.57 23.67
N LEU G 137 26.10 45.16 22.78
CA LEU G 137 24.65 45.17 22.97
C LEU G 137 24.05 43.76 22.98
N ASN G 138 24.57 42.87 22.12
CA ASN G 138 24.08 41.50 22.14
C ASN G 138 24.60 40.74 23.36
N GLU G 139 25.76 41.14 23.89
CA GLU G 139 26.22 40.54 25.12
C GLU G 139 25.33 40.93 26.28
N CYS G 140 24.93 42.20 26.36
CA CYS G 140 23.97 42.62 27.37
C CYS G 140 22.52 42.55 26.91
N ARG G 141 22.24 42.08 25.70
CA ARG G 141 20.87 41.64 25.40
C ARG G 141 20.60 40.33 26.09
N ASN G 142 21.64 39.53 26.30
CA ASN G 142 21.53 38.27 27.00
C ASN G 142 21.96 38.35 28.45
N ASN G 143 22.88 39.24 28.80
CA ASN G 143 23.32 39.36 30.19
C ASN G 143 22.23 39.98 31.05
N PHE G 144 21.47 40.91 30.49
CA PHE G 144 20.28 41.41 31.18
C PHE G 144 19.19 40.35 31.20
N ALA G 145 19.14 39.49 30.19
CA ALA G 145 18.05 38.51 30.12
C ALA G 145 18.26 37.39 31.13
N THR G 146 19.52 37.07 31.43
CA THR G 146 19.77 36.00 32.39
C THR G 146 19.80 36.51 33.81
N LYS G 147 19.80 37.84 33.99
CA LYS G 147 19.81 38.38 35.35
C LYS G 147 18.48 39.03 35.72
N LEU G 148 17.99 39.94 34.90
CA LEU G 148 16.79 40.71 35.22
C LEU G 148 15.57 39.83 34.96
N ARG G 149 14.86 39.45 36.03
CA ARG G 149 13.64 38.67 35.83
C ARG G 149 12.51 39.55 35.35
N GLN G 150 12.09 40.50 36.18
CA GLN G 150 11.01 41.42 35.83
C GLN G 150 11.65 42.68 35.26
N ASP G 151 11.20 43.09 34.08
CA ASP G 151 11.62 44.36 33.51
C ASP G 151 10.42 45.30 33.44
N PRO G 152 10.19 46.12 34.44
CA PRO G 152 9.16 47.14 34.31
C PRO G 152 9.53 48.23 33.31
N SER G 153 10.81 48.53 33.18
CA SER G 153 11.24 49.49 32.16
C SER G 153 11.65 48.83 30.87
N LEU G 154 11.48 47.50 30.76
CA LEU G 154 11.63 46.72 29.53
C LEU G 154 13.04 46.82 28.94
N ILE G 155 14.05 46.53 29.76
CA ILE G 155 15.43 46.75 29.34
C ILE G 155 15.87 45.71 28.32
N VAL G 156 15.51 44.44 28.55
CA VAL G 156 15.81 43.41 27.57
C VAL G 156 14.99 43.63 26.30
N ALA G 157 13.75 44.10 26.47
CA ALA G 157 12.84 44.23 25.34
C ALA G 157 13.24 45.37 24.41
N LYS G 158 13.83 46.43 24.96
CA LYS G 158 14.21 47.57 24.14
C LYS G 158 15.54 47.31 23.44
N ILE G 159 16.47 46.61 24.11
CA ILE G 159 17.74 46.26 23.48
C ILE G 159 17.53 45.21 22.41
N ASP G 160 16.44 44.43 22.51
CA ASP G 160 16.00 43.60 21.39
C ASP G 160 15.71 44.44 20.14
N GLN G 161 15.02 45.57 20.31
CA GLN G 161 14.57 46.32 19.14
C GLN G 161 15.64 47.30 18.66
N ILE G 162 16.64 47.58 19.49
CA ILE G 162 17.76 48.37 19.00
C ILE G 162 18.64 47.51 18.09
N ILE G 163 18.75 46.22 18.39
CA ILE G 163 19.48 45.31 17.51
C ILE G 163 18.66 45.02 16.25
N LYS G 164 17.37 44.74 16.39
CA LYS G 164 16.58 44.29 15.24
C LYS G 164 16.24 45.43 14.30
N SER G 165 16.27 46.68 14.75
CA SER G 165 15.96 47.79 13.86
C SER G 165 17.18 48.60 13.47
N GLN G 166 18.33 48.31 14.06
CA GLN G 166 19.63 48.87 13.72
C GLN G 166 19.66 50.38 13.84
N ILE G 167 19.02 50.92 14.89
CA ILE G 167 19.02 52.36 15.12
C ILE G 167 20.18 52.70 16.03
N TYR G 168 21.06 51.72 16.30
CA TYR G 168 22.27 51.98 17.07
C TYR G 168 23.39 52.52 16.22
N ARG G 169 23.17 52.71 14.93
CA ARG G 169 24.19 53.31 14.07
C ARG G 169 24.32 54.81 14.35
N PHE G 170 23.32 55.40 14.99
CA PHE G 170 23.37 56.80 15.33
C PHE G 170 24.20 57.05 16.58
N TRP G 171 24.52 55.99 17.32
CA TRP G 171 25.36 56.15 18.50
C TRP G 171 26.82 56.32 18.09
N VAL G 172 27.14 55.96 16.85
CA VAL G 172 28.46 56.18 16.30
C VAL G 172 28.28 57.15 15.13
N SER G 173 28.50 58.43 15.39
CA SER G 173 28.32 59.48 14.40
C SER G 173 29.38 60.54 14.64
N GLU G 174 29.39 61.54 13.76
CA GLU G 174 30.38 62.62 13.84
C GLU G 174 30.38 63.42 15.15
N PRO G 175 29.25 63.72 15.81
CA PRO G 175 29.40 64.26 17.17
C PRO G 175 29.85 63.22 18.16
N TYR G 176 29.56 61.94 17.92
CA TYR G 176 29.84 60.92 18.92
C TYR G 176 31.23 60.34 18.76
N LEU G 177 31.82 60.41 17.57
CA LEU G 177 33.17 59.88 17.41
C LEU G 177 34.22 60.82 18.01
N LYS G 178 33.84 62.04 18.36
CA LYS G 178 34.81 62.98 18.92
C LYS G 178 35.06 62.69 20.40
N ILE G 179 34.05 62.19 21.12
CA ILE G 179 34.25 61.88 22.54
C ILE G 179 35.11 60.63 22.69
N GLY G 180 34.87 59.61 21.87
CA GLY G 180 35.58 58.35 22.04
C GLY G 180 37.04 58.42 21.62
N ARG G 181 37.38 59.37 20.76
CA ARG G 181 38.78 59.57 20.40
C ARG G 181 39.51 60.41 21.44
N SER G 182 38.80 61.31 22.10
CA SER G 182 39.42 62.27 23.00
C SER G 182 39.93 61.58 24.25
N HIS G 183 40.79 62.27 25.00
CA HIS G 183 41.40 61.68 26.18
C HIS G 183 40.60 62.08 27.41
N THR G 184 39.51 61.35 27.66
CA THR G 184 38.73 61.50 28.87
C THR G 184 38.63 60.14 29.54
N LEU G 185 38.82 60.13 30.85
CA LEU G 185 38.69 58.91 31.62
C LEU G 185 37.20 58.57 31.63
N TYR G 186 36.89 57.30 31.88
CA TYR G 186 35.50 56.87 31.88
C TYR G 186 34.76 57.67 32.95
N THR G 187 35.44 57.94 34.05
CA THR G 187 34.84 58.67 35.15
C THR G 187 34.21 59.97 34.66
N HIS G 188 34.88 60.64 33.74
CA HIS G 188 34.47 61.98 33.35
C HIS G 188 33.37 62.00 32.32
N ILE G 189 32.95 60.85 31.82
CA ILE G 189 31.91 60.79 30.81
C ILE G 189 30.58 60.76 31.53
N THR G 190 29.83 61.83 31.40
CA THR G 190 28.62 62.10 32.13
C THR G 190 27.49 62.17 31.11
N PRO G 191 26.21 62.25 31.50
CA PRO G 191 25.18 62.52 30.48
C PRO G 191 25.29 63.87 29.82
N ASP G 192 25.92 64.85 30.46
CA ASP G 192 26.09 66.15 29.82
C ASP G 192 27.10 66.07 28.69
N ALA G 193 28.10 65.21 28.83
CA ALA G 193 29.11 65.06 27.79
C ALA G 193 28.53 64.46 26.53
N VAL G 194 27.50 63.63 26.65
CA VAL G 194 26.90 62.93 25.51
C VAL G 194 25.83 63.84 24.92
N PRO G 195 25.99 64.31 23.69
CA PRO G 195 24.90 65.04 23.05
C PRO G 195 23.76 64.10 22.71
N GLN G 196 22.57 64.64 22.69
CA GLN G 196 21.38 63.84 22.51
C GLN G 196 21.22 63.52 21.03
N LEU G 197 20.71 62.34 20.76
CA LEU G 197 20.33 61.95 19.41
C LEU G 197 19.18 62.84 18.95
N PRO G 198 19.01 63.04 17.64
CA PRO G 198 17.77 63.68 17.17
C PRO G 198 16.59 62.78 17.44
N LYS G 199 15.40 63.40 17.41
CA LYS G 199 14.17 62.72 17.79
C LYS G 199 13.90 61.48 16.96
N GLU G 200 14.25 61.53 15.66
CA GLU G 200 14.07 60.40 14.76
C GLU G 200 14.84 59.15 15.17
N CYS G 201 15.80 59.28 16.07
CA CYS G 201 16.66 58.18 16.42
C CYS G 201 16.35 57.63 17.81
N THR G 202 15.46 58.25 18.54
CA THR G 202 14.96 57.64 19.76
C THR G 202 13.96 56.57 19.40
N LEU G 203 13.88 55.55 20.26
CA LEU G 203 12.91 54.48 20.08
C LEU G 203 11.49 54.99 20.09
N LYS G 204 11.23 56.05 20.88
CA LYS G 204 9.92 56.67 21.00
C LYS G 204 9.36 57.02 19.65
N HIS G 205 10.11 57.80 18.87
CA HIS G 205 9.72 58.17 17.52
C HIS G 205 9.49 57.00 16.62
N LEU G 206 10.42 56.03 16.70
CA LEU G 206 10.32 54.79 15.94
C LEU G 206 9.12 53.96 16.38
N SER G 207 8.90 53.89 17.70
CA SER G 207 7.77 53.14 18.23
C SER G 207 6.51 53.84 17.75
N SER G 208 6.45 55.16 17.91
CA SER G 208 5.27 55.92 17.51
C SER G 208 5.03 55.79 16.02
N TYR G 209 6.11 55.66 15.26
CA TYR G 209 6.00 55.39 13.84
C TYR G 209 5.52 53.97 13.56
N MET G 210 5.54 53.09 14.56
CA MET G 210 4.98 51.76 14.38
C MET G 210 3.53 51.69 14.84
N GLU G 211 3.09 52.61 15.70
CA GLU G 211 1.65 52.83 15.88
C GLU G 211 0.98 53.07 14.57
N GLU G 212 1.43 54.18 13.98
CA GLU G 212 0.76 54.84 12.88
C GLU G 212 0.60 53.91 11.72
N LYS G 213 1.68 53.20 11.38
CA LYS G 213 1.65 52.18 10.34
C LYS G 213 0.65 51.07 10.63
N LEU G 214 0.79 50.47 11.80
CA LEU G 214 0.09 49.22 12.04
C LEU G 214 -1.36 49.54 12.32
N LYS G 215 -1.61 50.46 13.25
CA LYS G 215 -2.98 50.73 13.61
C LYS G 215 -3.75 51.52 12.56
N SER G 216 -3.08 52.07 11.54
CA SER G 216 -3.83 52.50 10.37
C SER G 216 -4.32 51.31 9.58
N MET G 217 -3.63 50.18 9.68
CA MET G 217 -3.99 49.00 8.93
C MET G 217 -4.57 47.91 9.81
N GLU G 218 -4.11 47.80 11.06
CA GLU G 218 -4.74 46.93 12.04
C GLU G 218 -6.20 47.29 12.24
N SER G 219 -6.51 48.59 12.22
CA SER G 219 -7.91 49.01 12.28
C SER G 219 -8.63 48.74 10.98
N LYS G 220 -7.91 48.58 9.86
CA LYS G 220 -8.62 48.24 8.65
C LYS G 220 -8.78 46.75 8.48
N LYS G 221 -8.23 45.96 9.40
CA LYS G 221 -8.82 44.66 9.64
C LYS G 221 -10.27 44.79 10.06
N ASN G 222 -11.00 43.68 10.01
CA ASN G 222 -12.24 43.48 9.22
C ASN G 222 -13.36 44.40 9.68
N ILE G 223 -14.60 44.05 9.36
CA ILE G 223 -15.66 45.00 9.11
C ILE G 223 -16.86 44.75 9.99
N GLU G 224 -17.75 45.73 10.09
CA GLU G 224 -19.03 45.45 10.70
C GLU G 224 -20.06 45.03 9.68
N SER G 225 -19.76 45.22 8.39
CA SER G 225 -20.43 44.62 7.25
C SER G 225 -21.92 44.92 7.18
N GLY G 226 -22.26 46.18 7.00
CA GLY G 226 -23.63 46.61 7.08
C GLY G 226 -23.84 47.76 8.03
N LYS G 227 -22.87 48.04 8.89
CA LYS G 227 -22.88 49.32 9.56
C LYS G 227 -22.64 50.45 8.57
N TYR G 228 -21.82 50.19 7.55
CA TYR G 228 -21.58 51.17 6.51
C TYR G 228 -22.84 51.42 5.72
N GLU G 229 -23.43 52.59 5.91
CA GLU G 229 -24.61 52.97 5.17
C GLU G 229 -24.26 54.08 4.19
N PHE G 230 -25.18 54.36 3.31
CA PHE G 230 -25.01 55.47 2.39
C PHE G 230 -26.28 56.29 2.35
N ASP G 231 -26.17 57.45 1.72
CA ASP G 231 -27.35 58.19 1.37
C ASP G 231 -27.68 57.96 -0.08
N VAL G 232 -28.97 57.77 -0.34
CA VAL G 232 -29.42 57.49 -1.69
C VAL G 232 -30.17 58.70 -2.22
N ASP G 233 -29.88 59.09 -3.45
CA ASP G 233 -30.50 60.24 -4.09
C ASP G 233 -31.01 59.87 -5.46
N SER G 234 -32.19 60.37 -5.80
CA SER G 234 -32.78 60.13 -7.10
C SER G 234 -33.41 61.42 -7.60
N SER G 235 -33.70 61.45 -8.89
CA SER G 235 -34.32 62.60 -9.50
C SER G 235 -35.83 62.41 -9.62
N SER H 1 -15.74 73.55 31.94
CA SER H 1 -16.01 73.43 33.36
C SER H 1 -16.25 71.97 33.77
N VAL H 2 -16.54 71.12 32.79
CA VAL H 2 -16.72 69.70 33.01
C VAL H 2 -15.53 69.00 32.35
N LYS H 3 -15.12 67.85 32.91
CA LYS H 3 -13.93 67.14 32.47
C LYS H 3 -14.03 66.71 31.00
N ASP H 4 -15.21 66.28 30.58
CA ASP H 4 -15.35 65.67 29.25
C ASP H 4 -15.45 66.73 28.16
N ILE H 5 -15.99 67.90 28.47
CA ILE H 5 -16.33 68.84 27.41
C ILE H 5 -15.10 69.62 26.92
N LYS H 6 -14.11 69.82 27.79
CA LYS H 6 -13.00 70.73 27.48
C LYS H 6 -12.11 70.18 26.37
N LYS H 7 -11.93 68.85 26.34
CA LYS H 7 -11.10 68.25 25.30
C LYS H 7 -11.79 68.24 23.94
N LEU H 8 -13.10 68.51 23.89
CA LEU H 8 -13.77 68.68 22.61
C LEU H 8 -13.60 70.11 22.10
N ILE H 9 -13.15 71.02 22.98
CA ILE H 9 -12.99 72.42 22.60
C ILE H 9 -11.52 72.72 22.36
N GLU H 10 -10.63 71.79 22.70
CA GLU H 10 -9.20 72.02 22.52
C GLU H 10 -8.80 72.06 21.05
N GLU H 11 -9.49 71.29 20.21
CA GLU H 11 -9.22 71.38 18.79
C GLU H 11 -9.84 72.63 18.18
N GLY H 12 -11.05 72.98 18.61
CA GLY H 12 -11.81 74.04 17.98
C GLY H 12 -11.35 75.46 18.27
N ILE H 13 -11.47 75.91 19.51
CA ILE H 13 -11.34 77.33 19.80
C ILE H 13 -10.18 77.63 20.74
N LEU H 14 -10.24 77.08 21.95
CA LEU H 14 -9.35 77.53 23.03
C LEU H 14 -8.14 76.61 23.15
N ASP H 15 -7.03 77.20 23.60
CA ASP H 15 -5.76 76.51 23.74
C ASP H 15 -5.65 75.92 25.14
N TYR H 16 -4.42 75.52 25.52
CA TYR H 16 -4.23 74.90 26.82
C TYR H 16 -3.80 75.92 27.88
N GLU H 17 -3.36 77.10 27.45
CA GLU H 17 -2.79 78.05 28.41
C GLU H 17 -3.86 78.75 29.24
N ASP H 18 -5.09 78.81 28.72
CA ASP H 18 -6.11 79.60 29.39
C ASP H 18 -7.00 78.79 30.33
N LEU H 19 -6.63 77.57 30.67
CA LEU H 19 -7.48 76.77 31.55
C LEU H 19 -7.30 77.17 33.00
N THR H 20 -8.28 76.83 33.82
CA THR H 20 -8.21 77.10 35.26
C THR H 20 -7.29 76.07 35.90
N GLU H 21 -6.77 76.40 37.09
CA GLU H 21 -6.02 75.45 37.90
C GLU H 21 -6.88 74.22 38.23
N ASN H 22 -8.16 74.45 38.54
CA ASN H 22 -9.06 73.35 38.83
C ASN H 22 -9.46 72.61 37.56
N GLU H 23 -9.26 73.24 36.40
CA GLU H 23 -9.53 72.55 35.14
C GLU H 23 -8.34 71.73 34.68
N LEU H 24 -7.13 72.20 34.93
CA LEU H 24 -5.94 71.40 34.62
C LEU H 24 -5.82 70.23 35.58
N ARG H 25 -6.26 70.41 36.82
CA ARG H 25 -6.26 69.32 37.79
C ARG H 25 -7.28 68.27 37.40
N LYS H 26 -8.43 68.70 36.89
CA LYS H 26 -9.49 67.76 36.54
C LYS H 26 -9.16 67.00 35.26
N LEU H 27 -8.46 67.65 34.33
CA LEU H 27 -8.16 67.00 33.06
C LEU H 27 -7.03 65.98 33.20
N ALA H 28 -6.25 66.06 34.27
CA ALA H 28 -5.19 65.08 34.54
C ALA H 28 -5.66 63.94 35.43
N LYS H 29 -6.75 64.10 36.15
CA LYS H 29 -7.38 63.01 36.89
C LYS H 29 -7.95 62.00 35.89
N PRO H 30 -8.17 60.75 36.31
CA PRO H 30 -8.74 59.77 35.38
C PRO H 30 -10.22 60.01 35.12
N ASP H 31 -10.72 59.37 34.07
CA ASP H 31 -12.10 59.58 33.65
C ASP H 31 -13.06 58.77 34.51
N ASP H 32 -14.31 58.71 34.07
CA ASP H 32 -15.33 57.98 34.82
C ASP H 32 -15.26 56.48 34.55
N ASN H 33 -14.48 56.08 33.53
CA ASN H 33 -14.27 54.65 33.28
C ASN H 33 -13.40 54.04 34.38
N PHE H 34 -12.46 54.83 34.91
CA PHE H 34 -11.83 54.52 36.18
C PHE H 34 -12.90 54.55 37.25
N TYR H 35 -12.80 53.62 38.22
CA TYR H 35 -13.74 53.20 39.27
C TYR H 35 -14.87 52.32 38.74
N GLU H 36 -15.00 52.14 37.43
CA GLU H 36 -16.03 51.25 36.89
C GLU H 36 -15.43 49.86 36.71
N LEU H 37 -16.11 48.87 37.29
CA LEU H 37 -15.55 47.54 37.46
C LEU H 37 -15.60 46.75 36.15
N SER H 38 -14.48 46.12 35.83
CA SER H 38 -14.36 45.31 34.62
C SER H 38 -13.20 44.33 34.85
N PRO H 39 -13.54 43.07 35.18
CA PRO H 39 -12.56 42.00 35.46
C PRO H 39 -12.12 41.23 34.23
N TYR H 40 -11.83 41.92 33.13
CA TYR H 40 -11.40 41.26 31.91
C TYR H 40 -10.01 41.70 31.44
N ALA H 41 -9.17 40.71 31.17
CA ALA H 41 -7.82 40.95 30.70
C ALA H 41 -7.50 39.85 29.68
N SER H 42 -6.52 40.10 28.82
CA SER H 42 -6.19 39.11 27.80
C SER H 42 -4.78 39.33 27.29
N ASP H 43 -4.32 38.37 26.48
CA ASP H 43 -3.01 38.35 25.84
C ASP H 43 -1.88 38.45 26.87
N GLU H 44 -1.75 37.39 27.67
CA GLU H 44 -0.75 37.33 28.73
C GLU H 44 0.61 36.89 28.20
N LYS H 45 1.06 37.56 27.15
CA LYS H 45 2.43 37.45 26.63
C LYS H 45 3.07 38.81 26.82
N ASP H 46 3.65 39.03 27.99
CA ASP H 46 4.26 40.30 28.32
C ASP H 46 5.76 40.23 28.15
N LEU H 47 6.34 41.34 27.70
CA LEU H 47 7.79 41.48 27.58
C LEU H 47 8.43 41.98 28.85
N SER H 48 7.66 42.04 29.95
CA SER H 48 8.19 42.51 31.22
C SER H 48 8.99 41.42 31.92
N LEU H 49 8.46 40.19 31.97
CA LEU H 49 9.17 39.10 32.61
C LEU H 49 9.97 38.35 31.56
N ASN H 50 11.17 37.91 31.95
CA ASN H 50 12.02 37.12 31.09
C ASN H 50 12.02 35.68 31.60
N GLU H 51 11.60 34.75 30.76
CA GLU H 51 11.56 33.35 31.19
C GLU H 51 12.95 32.74 31.24
N THR H 52 13.94 33.39 30.62
CA THR H 52 15.29 32.86 30.60
C THR H 52 16.09 33.27 31.82
N SER H 53 15.49 33.97 32.78
CA SER H 53 16.26 34.56 33.86
C SER H 53 16.54 33.57 34.97
N GLY H 54 17.61 33.82 35.70
CA GLY H 54 18.02 32.95 36.77
C GLY H 54 18.59 33.74 37.94
N LEU H 55 18.90 33.02 39.01
CA LEU H 55 19.41 33.64 40.21
C LEU H 55 20.82 34.16 40.04
N THR H 56 21.22 35.01 40.98
CA THR H 56 22.61 35.42 41.08
C THR H 56 23.46 34.23 41.49
N ASN H 57 24.54 33.99 40.74
CA ASN H 57 25.31 32.76 40.94
C ASN H 57 26.17 32.84 42.20
N GLU H 58 26.68 34.04 42.51
CA GLU H 58 27.47 34.43 43.68
C GLU H 58 28.90 33.84 43.65
N GLN H 59 29.17 32.92 42.73
CA GLN H 59 30.51 32.45 42.41
C GLN H 59 30.97 32.99 41.07
N LEU H 60 30.04 33.08 40.11
CA LEU H 60 30.32 33.78 38.87
C LEU H 60 30.43 35.28 39.09
N LYS H 61 29.55 35.83 39.93
CA LYS H 61 29.60 37.27 40.25
C LYS H 61 30.88 37.61 41.00
N ASN H 62 31.38 36.67 41.81
CA ASN H 62 32.70 36.83 42.41
C ASN H 62 33.79 36.78 41.34
N PHE H 63 33.61 35.91 40.35
CA PHE H 63 34.63 35.74 39.31
C PHE H 63 34.60 36.88 38.31
N LEU H 64 33.41 37.36 37.95
CA LEU H 64 33.34 38.47 37.02
C LEU H 64 33.75 39.78 37.65
N GLY H 65 33.70 39.88 38.97
CA GLY H 65 34.03 41.15 39.62
C GLY H 65 35.52 41.40 39.67
N GLN H 66 36.33 40.33 39.63
CA GLN H 66 37.77 40.49 39.77
C GLN H 66 38.46 40.75 38.43
N ASN H 67 37.68 40.78 37.34
CA ASN H 67 38.01 41.27 35.99
C ASN H 67 38.92 40.29 35.25
N GLY H 68 39.55 39.31 35.92
CA GLY H 68 39.82 37.96 35.46
C GLY H 68 40.11 37.59 34.01
N THR H 69 40.44 38.58 33.15
CA THR H 69 40.65 38.44 31.68
C THR H 69 39.72 37.44 30.99
N TYR H 70 38.44 37.45 31.36
CA TYR H 70 37.48 36.45 30.91
C TYR H 70 36.90 36.80 29.54
N HIS H 71 36.09 35.88 29.01
CA HIS H 71 35.61 35.97 27.65
C HIS H 71 34.10 35.91 27.52
N MET H 72 33.37 35.59 28.59
CA MET H 72 31.91 35.60 28.55
C MET H 72 31.40 35.96 29.94
N SER H 73 30.36 36.79 29.99
CA SER H 73 29.77 37.25 31.23
C SER H 73 28.63 36.39 31.73
N TYR H 74 27.58 36.20 30.93
CA TYR H 74 26.38 35.53 31.39
C TYR H 74 26.54 34.01 31.43
N ASP H 75 25.46 33.31 31.76
CA ASP H 75 25.59 31.88 32.03
C ASP H 75 25.35 31.05 30.79
N SER H 76 24.45 31.50 29.91
CA SER H 76 24.12 30.96 28.60
C SER H 76 23.53 29.55 28.63
N LYS H 77 23.12 29.04 29.78
CA LYS H 77 22.45 27.75 29.78
C LYS H 77 20.97 27.89 29.51
N SER H 78 20.32 28.81 30.22
CA SER H 78 18.88 28.96 30.10
C SER H 78 18.52 29.74 28.85
N ILE H 79 19.48 30.42 28.24
CA ILE H 79 19.18 31.21 27.06
C ILE H 79 19.50 30.42 25.80
N ASP H 80 20.25 29.33 25.93
CA ASP H 80 20.31 28.33 24.89
C ASP H 80 19.22 27.28 25.02
N TYR H 81 18.73 27.08 26.24
CA TYR H 81 17.59 26.18 26.46
C TYR H 81 16.33 26.74 25.83
N ALA H 82 16.16 28.06 25.89
CA ALA H 82 14.98 28.69 25.29
C ALA H 82 15.13 28.76 23.77
N LYS H 83 16.37 28.78 23.27
CA LYS H 83 16.57 28.74 21.83
C LYS H 83 16.29 27.35 21.27
N GLN H 84 16.62 26.31 22.04
CA GLN H 84 16.39 24.94 21.58
C GLN H 84 14.92 24.60 21.58
N LYS H 85 14.19 24.98 22.64
CA LYS H 85 12.77 24.66 22.72
C LYS H 85 11.94 25.50 21.76
N LYS H 86 12.49 26.62 21.29
CA LYS H 86 11.81 27.40 20.27
C LYS H 86 11.90 26.71 18.91
N SER H 87 13.02 26.03 18.65
CA SER H 87 13.21 25.39 17.35
C SER H 87 12.49 24.05 17.27
N GLU H 88 11.87 23.58 18.35
CA GLU H 88 11.28 22.23 18.30
C GLU H 88 10.24 21.95 17.19
N LYS H 89 9.35 22.91 16.96
CA LYS H 89 8.36 22.85 15.92
C LYS H 89 8.75 24.06 15.08
N LYS H 90 8.95 23.86 13.79
CA LYS H 90 9.36 25.00 13.01
C LYS H 90 8.21 25.98 13.27
N GLU H 91 8.57 27.23 13.49
CA GLU H 91 7.60 28.27 13.77
C GLU H 91 6.94 28.83 12.52
N ASP H 92 5.80 28.24 12.14
CA ASP H 92 5.02 28.73 11.01
C ASP H 92 4.52 30.13 11.34
N GLN H 93 4.06 30.28 12.59
CA GLN H 93 3.63 31.55 13.13
C GLN H 93 4.73 31.97 14.10
N GLN H 94 4.96 33.27 14.23
CA GLN H 94 5.99 33.81 15.12
C GLN H 94 7.43 33.90 14.58
N GLU H 95 7.65 33.55 13.32
CA GLU H 95 8.99 33.66 12.74
C GLU H 95 8.99 35.15 12.44
N ASP H 96 7.75 35.61 12.38
CA ASP H 96 7.36 37.01 12.25
C ASP H 96 6.06 37.54 12.85
N ASP H 97 5.55 36.89 13.89
CA ASP H 97 4.83 37.56 14.96
C ASP H 97 5.79 37.64 16.13
N ASP H 98 5.47 38.50 17.10
CA ASP H 98 6.04 38.55 18.45
C ASP H 98 7.48 39.06 18.47
N GLY H 99 7.89 39.40 17.27
CA GLY H 99 9.11 40.13 16.98
C GLY H 99 8.69 41.45 16.31
N PHE H 100 7.38 41.74 16.20
CA PHE H 100 6.90 42.95 15.51
C PHE H 100 5.92 43.99 16.13
N TYR H 101 4.60 43.77 16.03
CA TYR H 101 3.63 44.76 16.49
C TYR H 101 3.42 44.72 17.99
N ASP H 102 3.45 43.53 18.58
CA ASP H 102 3.23 43.39 20.01
C ASP H 102 4.42 43.90 20.81
N ALA H 103 5.59 43.97 20.17
CA ALA H 103 6.76 44.53 20.85
C ALA H 103 6.68 46.05 20.91
N TYR H 104 6.39 46.71 19.78
CA TYR H 104 6.41 48.16 19.76
C TYR H 104 5.23 48.79 20.48
N LYS H 105 4.13 48.06 20.63
CA LYS H 105 3.02 48.57 21.42
C LYS H 105 3.38 48.58 22.89
N GLN H 106 4.03 47.51 23.36
CA GLN H 106 4.36 47.41 24.77
C GLN H 106 5.55 48.27 25.14
N ILE H 107 6.40 48.61 24.17
CA ILE H 107 7.50 49.53 24.45
C ILE H 107 6.98 50.95 24.62
N LYS H 108 6.04 51.37 23.76
CA LYS H 108 5.48 52.72 23.85
C LYS H 108 4.64 52.89 25.11
N ASN H 109 4.04 51.80 25.59
CA ASN H 109 3.30 51.87 26.86
C ASN H 109 4.25 52.04 28.03
N SER H 110 5.47 51.53 27.93
CA SER H 110 6.41 51.66 29.03
C SER H 110 7.03 53.05 29.08
N TYR H 111 6.88 53.84 28.02
CA TYR H 111 7.28 55.24 28.09
C TYR H 111 6.19 56.09 28.71
N ASP H 112 4.98 55.57 28.78
CA ASP H 112 3.88 56.31 29.38
C ASP H 112 3.56 55.85 30.80
N GLY H 113 4.35 54.93 31.34
CA GLY H 113 4.12 54.43 32.68
C GLY H 113 2.97 53.47 32.77
N ILE H 114 2.75 52.71 31.71
CA ILE H 114 1.62 51.80 31.60
C ILE H 114 2.18 50.38 31.57
N PRO H 115 1.65 49.45 32.36
CA PRO H 115 2.03 48.04 32.19
C PRO H 115 1.52 47.48 30.87
N ASN H 116 1.97 46.26 30.55
CA ASN H 116 1.92 45.78 29.18
C ASN H 116 0.53 45.33 28.78
N ASN H 117 -0.17 44.63 29.66
CA ASN H 117 -1.54 44.21 29.39
C ASN H 117 -2.56 45.13 30.04
N PHE H 118 -2.12 46.32 30.46
CA PHE H 118 -2.96 47.18 31.28
C PHE H 118 -3.82 48.07 30.39
N ASN H 119 -5.13 47.80 30.40
CA ASN H 119 -6.07 48.48 29.53
C ASN H 119 -6.68 49.72 30.15
N HIS H 120 -6.19 50.16 31.30
CA HIS H 120 -6.82 51.24 32.04
C HIS H 120 -5.89 52.44 32.16
N GLU H 121 -6.29 53.42 32.97
CA GLU H 121 -5.60 54.70 32.95
C GLU H 121 -4.52 54.75 34.03
N ALA H 122 -3.32 55.17 33.62
CA ALA H 122 -2.09 55.00 34.36
C ALA H 122 -1.39 56.33 34.61
N PRO H 123 -0.84 56.53 35.79
CA PRO H 123 -0.20 57.80 36.10
C PRO H 123 1.25 57.86 35.66
N GLN H 124 1.73 59.09 35.50
CA GLN H 124 3.14 59.38 35.27
C GLN H 124 3.40 60.79 35.76
N LEU H 125 4.49 60.96 36.49
CA LEU H 125 4.81 62.23 37.13
C LEU H 125 5.40 63.16 36.08
N ILE H 126 4.71 64.27 35.84
CA ILE H 126 5.16 65.30 34.93
C ILE H 126 5.39 66.58 35.73
N GLY H 127 6.65 66.91 35.95
CA GLY H 127 6.95 68.08 36.73
C GLY H 127 6.71 67.87 38.22
N ASN H 128 5.62 68.43 38.73
CA ASN H 128 5.31 68.35 40.14
C ASN H 128 4.09 67.47 40.42
N ASN H 129 3.24 67.25 39.44
CA ASN H 129 2.01 66.51 39.66
C ASN H 129 1.89 65.35 38.68
N TYR H 130 0.88 64.51 38.90
CA TYR H 130 0.68 63.29 38.12
C TYR H 130 -0.36 63.51 37.03
N VAL H 131 -0.18 62.79 35.92
CA VAL H 131 -1.10 62.83 34.79
C VAL H 131 -1.50 61.40 34.47
N PHE H 132 -2.78 61.10 34.56
CA PHE H 132 -3.30 59.77 34.31
C PHE H 132 -3.59 59.60 32.82
N THR H 133 -2.79 58.78 32.15
CA THR H 133 -2.95 58.50 30.73
C THR H 133 -3.24 57.03 30.55
N SER H 134 -3.73 56.66 29.36
CA SER H 134 -3.96 55.26 29.05
C SER H 134 -3.43 54.97 27.65
N ILE H 135 -3.77 53.77 27.17
CA ILE H 135 -3.49 53.44 25.78
C ILE H 135 -4.39 54.24 24.87
N TYR H 136 -5.65 54.41 25.29
CA TYR H 136 -6.68 54.94 24.39
C TYR H 136 -6.56 56.46 24.26
N ASP H 137 -6.54 57.17 25.39
CA ASP H 137 -6.33 58.62 25.40
C ASP H 137 -4.95 58.91 25.95
N THR H 138 -4.01 59.16 25.04
CA THR H 138 -2.62 59.29 25.47
C THR H 138 -2.34 60.61 26.18
N LYS H 139 -3.22 61.60 26.03
CA LYS H 139 -3.09 62.94 26.61
C LYS H 139 -1.75 63.59 26.28
N GLU H 140 -1.35 63.43 25.01
CA GLU H 140 -0.01 63.84 24.59
C GLU H 140 0.10 65.36 24.54
N ASN H 141 -0.99 66.06 24.25
CA ASN H 141 -0.94 67.51 24.17
C ASN H 141 -0.89 68.14 25.57
N LEU H 142 -1.31 67.39 26.59
CA LEU H 142 -1.12 67.87 27.96
C LEU H 142 0.32 67.70 28.40
N ILE H 143 0.95 66.60 27.99
CA ILE H 143 2.33 66.32 28.39
C ILE H 143 3.27 67.32 27.73
N LYS H 144 2.92 67.77 26.52
CA LYS H 144 3.64 68.87 25.90
C LYS H 144 3.43 70.17 26.67
N PHE H 145 2.27 70.33 27.30
CA PHE H 145 1.97 71.56 28.03
C PHE H 145 2.65 71.57 29.39
N LEU H 146 2.58 70.47 30.12
CA LEU H 146 3.07 70.49 31.50
C LEU H 146 4.57 70.21 31.58
N LYS H 147 5.21 69.91 30.45
CA LYS H 147 6.68 69.85 30.46
C LYS H 147 7.28 71.17 30.03
N LYS H 148 6.78 71.73 28.93
CA LYS H 148 7.33 72.97 28.38
C LYS H 148 7.04 74.17 29.25
N ASN H 149 5.75 74.46 29.47
CA ASN H 149 5.38 75.67 30.19
C ASN H 149 5.63 75.56 31.69
N SER H 150 5.62 74.36 32.25
CA SER H 150 5.80 74.20 33.68
C SER H 150 7.24 73.90 34.08
N GLU H 151 8.23 74.40 33.34
CA GLU H 151 9.62 74.29 33.73
C GLU H 151 9.92 75.12 34.98
N TYR H 152 9.53 76.39 34.95
CA TYR H 152 9.95 77.32 36.00
C TYR H 152 8.85 77.51 37.04
N ASP H 153 7.60 77.58 36.61
CA ASP H 153 6.51 77.88 37.53
C ASP H 153 5.75 76.61 37.91
N LEU H 154 4.77 76.80 38.79
CA LEU H 154 4.04 75.70 39.41
C LEU H 154 2.58 75.69 38.97
N TYR H 155 2.06 74.50 38.70
CA TYR H 155 0.65 74.28 38.40
C TYR H 155 0.21 73.02 39.11
N ASP H 156 -1.07 72.98 39.48
CA ASP H 156 -1.61 71.80 40.14
C ASP H 156 -2.83 71.30 39.36
N GLY I 27 58.89 17.11 91.91
CA GLY I 27 58.32 15.90 91.36
C GLY I 27 57.67 16.11 90.01
N TYR I 28 57.20 15.03 89.39
CA TYR I 28 56.51 15.12 88.11
C TYR I 28 55.00 15.20 88.27
N GLY I 29 54.50 15.21 89.49
CA GLY I 29 53.05 15.29 89.69
C GLY I 29 52.53 16.70 89.57
N ASP I 30 53.41 17.70 89.75
CA ASP I 30 52.97 19.08 89.63
C ASP I 30 52.68 19.47 88.18
N LEU I 31 53.46 18.92 87.23
CA LEU I 31 53.18 19.09 85.82
C LEU I 31 51.85 18.44 85.46
N ALA I 32 51.56 17.29 86.06
CA ALA I 32 50.26 16.65 85.88
C ALA I 32 49.16 17.43 86.59
N ALA I 33 49.52 18.22 87.60
CA ALA I 33 48.54 19.08 88.25
C ALA I 33 48.34 20.37 87.46
N THR I 34 49.41 20.93 86.92
CA THR I 34 49.34 22.24 86.27
C THR I 34 48.85 22.16 84.83
N SER I 35 49.39 21.24 84.03
CA SER I 35 49.03 21.20 82.62
C SER I 35 47.65 20.60 82.41
N ALA I 36 47.13 19.88 83.41
CA ALA I 36 45.75 19.43 83.33
C ALA I 36 44.78 20.59 83.57
N LEU I 37 45.03 21.38 84.62
CA LEU I 37 44.18 22.55 84.89
C LEU I 37 44.34 23.62 83.83
N THR I 38 45.48 23.64 83.13
CA THR I 38 45.62 24.50 81.96
C THR I 38 44.70 24.02 80.84
N THR I 39 44.47 22.71 80.76
CA THR I 39 43.61 22.17 79.70
C THR I 39 42.13 22.29 80.06
N VAL I 40 41.79 22.01 81.32
CA VAL I 40 40.39 21.94 81.73
C VAL I 40 39.80 23.36 81.89
N ILE I 41 40.65 24.38 81.85
CA ILE I 41 40.13 25.74 81.94
C ILE I 41 40.17 26.43 80.57
N LYS I 42 41.25 26.26 79.82
CA LYS I 42 41.37 26.97 78.55
C LYS I 42 40.48 26.38 77.47
N ASP I 43 40.34 25.05 77.44
CA ASP I 43 39.61 24.44 76.33
C ASP I 43 38.08 24.52 76.42
N PRO I 44 37.40 24.34 77.61
CA PRO I 44 35.95 24.59 77.62
C PRO I 44 35.56 26.03 77.35
N ILE I 45 36.33 26.97 77.90
CA ILE I 45 35.98 28.38 77.75
C ILE I 45 36.24 28.85 76.33
N SER I 46 37.24 28.27 75.65
CA SER I 46 37.44 28.57 74.24
C SER I 46 36.30 28.04 73.37
N LEU I 47 35.57 27.04 73.86
CA LEU I 47 34.44 26.53 73.11
C LEU I 47 33.15 27.25 73.46
N THR I 48 33.03 27.75 74.69
CA THR I 48 31.81 28.48 75.05
C THR I 48 31.81 29.87 74.47
N ILE I 49 32.98 30.52 74.42
CA ILE I 49 33.08 31.86 73.83
C ILE I 49 32.83 31.80 72.32
N LYS I 50 33.20 30.67 71.69
CA LYS I 50 32.96 30.48 70.26
C LYS I 50 31.47 30.46 69.94
N ASP I 51 30.64 29.89 70.82
CA ASP I 51 29.21 29.88 70.57
C ASP I 51 28.56 31.19 71.01
N ILE I 52 29.14 31.86 72.01
CA ILE I 52 28.66 33.18 72.39
C ILE I 52 29.02 34.20 71.31
N TYR I 53 30.16 34.00 70.65
CA TYR I 53 30.53 34.93 69.59
C TYR I 53 29.71 34.73 68.34
N GLU I 54 29.57 33.49 67.88
CA GLU I 54 28.96 33.24 66.58
C GLU I 54 27.44 33.40 66.63
N HIS I 55 26.81 32.92 67.69
CA HIS I 55 25.35 32.96 67.77
C HIS I 55 24.82 34.13 68.59
N GLY I 56 25.66 34.73 69.43
CA GLY I 56 25.18 35.82 70.27
C GLY I 56 25.69 37.18 69.83
N VAL I 57 26.88 37.23 69.23
CA VAL I 57 27.37 38.50 68.70
C VAL I 57 27.19 38.54 67.19
N LYS I 58 27.87 37.64 66.46
CA LYS I 58 28.05 37.78 65.02
C LYS I 58 26.74 37.62 64.25
N ASN I 59 25.93 36.62 64.61
CA ASN I 59 24.63 36.47 63.94
C ASN I 59 23.63 37.57 64.30
N PRO I 60 23.56 38.12 65.53
CA PRO I 60 22.77 39.35 65.68
C PRO I 60 23.42 40.58 65.05
N PHE I 61 24.76 40.63 64.98
CA PHE I 61 25.43 41.78 64.36
C PHE I 61 25.18 41.82 62.86
N THR I 62 25.31 40.67 62.20
CA THR I 62 25.01 40.58 60.78
C THR I 62 23.54 40.88 60.50
N LYS I 63 22.67 40.57 61.47
CA LYS I 63 21.26 40.90 61.32
C LYS I 63 21.04 42.41 61.35
N ILE I 64 21.89 43.14 62.07
CA ILE I 64 21.68 44.58 62.25
C ILE I 64 22.08 45.35 60.99
N ILE I 65 23.25 45.05 60.42
CA ILE I 65 23.72 45.77 59.23
C ILE I 65 22.79 45.51 58.04
N HIS I 66 22.29 44.29 57.90
CA HIS I 66 21.41 44.03 56.77
C HIS I 66 19.98 44.50 57.05
N LYS I 67 19.71 44.92 58.29
CA LYS I 67 18.54 45.77 58.53
C LYS I 67 18.88 47.22 58.24
N LEU I 68 20.16 47.60 58.36
CA LEU I 68 20.55 48.96 58.03
C LEU I 68 20.63 49.15 56.53
N LYS I 69 21.00 48.10 55.79
CA LYS I 69 21.18 48.24 54.34
C LYS I 69 19.86 48.43 53.60
N LYS I 70 18.72 48.19 54.26
CA LYS I 70 17.45 48.58 53.68
C LYS I 70 17.11 50.02 54.03
N PHE I 71 17.98 50.69 54.79
CA PHE I 71 17.69 52.07 55.18
C PHE I 71 18.64 53.04 54.48
N ILE I 72 19.92 52.68 54.34
CA ILE I 72 20.85 53.55 53.63
C ILE I 72 20.50 53.62 52.15
N ARG I 73 20.34 52.48 51.50
CA ARG I 73 19.71 52.44 50.19
C ARG I 73 18.28 51.95 50.40
N TYR I 74 17.51 51.89 49.31
CA TYR I 74 16.15 51.36 49.24
C TYR I 74 15.12 52.10 50.12
N ARG I 75 15.41 53.32 50.61
CA ARG I 75 14.46 53.98 51.50
C ARG I 75 13.30 54.59 50.74
N LYS I 76 13.46 54.78 49.43
CA LYS I 76 12.41 55.42 48.63
C LYS I 76 11.39 54.40 48.15
N VAL I 77 11.83 53.17 47.90
CA VAL I 77 10.91 52.14 47.42
C VAL I 77 10.07 51.61 48.55
N LEU I 78 10.68 51.45 49.74
CA LEU I 78 9.97 50.85 50.86
C LEU I 78 8.89 51.78 51.39
N ARG I 79 8.97 53.07 51.06
CA ARG I 79 7.82 53.94 51.26
C ARG I 79 6.67 53.55 50.35
N TRP I 80 6.96 53.23 49.09
CA TRP I 80 5.92 52.77 48.19
C TRP I 80 5.64 51.29 48.40
N SER I 81 6.61 50.54 48.91
CA SER I 81 6.44 49.10 49.09
C SER I 81 5.57 48.76 50.27
N ARG I 82 5.88 49.33 51.45
CA ARG I 82 5.08 49.05 52.63
C ARG I 82 3.67 49.58 52.46
N MET I 83 3.53 50.65 51.69
CA MET I 83 2.22 51.21 51.39
C MET I 83 1.41 50.27 50.51
N TRP I 84 2.04 49.67 49.52
CA TRP I 84 1.33 48.74 48.65
C TRP I 84 1.14 47.39 49.33
N TRP I 85 1.85 47.16 50.43
CA TRP I 85 1.63 45.93 51.19
C TRP I 85 0.50 46.08 52.17
N VAL I 86 0.33 47.27 52.74
CA VAL I 86 -0.80 47.55 53.63
C VAL I 86 -2.11 47.44 52.89
N LEU I 87 -2.13 47.91 51.63
CA LEU I 87 -3.31 47.71 50.80
C LEU I 87 -3.50 46.25 50.44
N LEU I 88 -2.39 45.52 50.23
CA LEU I 88 -2.51 44.13 49.78
C LEU I 88 -2.99 43.22 50.91
N VAL I 89 -2.57 43.48 52.15
CA VAL I 89 -3.07 42.71 53.28
C VAL I 89 -4.56 42.96 53.48
N ARG I 90 -5.02 44.18 53.19
CA ARG I 90 -6.45 44.46 53.24
C ARG I 90 -7.19 43.79 52.11
N GLU I 91 -6.54 43.55 50.97
CA GLU I 91 -7.21 42.89 49.87
C GLU I 91 -7.26 41.38 50.08
N ILE I 92 -6.21 40.82 50.69
CA ILE I 92 -6.19 39.40 50.97
C ILE I 92 -7.16 39.05 52.09
N VAL I 93 -7.18 39.87 53.14
CA VAL I 93 -7.93 39.52 54.33
C VAL I 93 -9.31 40.17 54.33
N GLY I 94 -9.38 41.49 54.29
CA GLY I 94 -10.68 42.14 54.18
C GLY I 94 -11.56 42.10 55.41
N ASP I 95 -11.17 42.85 56.44
CA ASP I 95 -11.90 43.11 57.69
C ASP I 95 -12.00 41.85 58.53
N ASN I 96 -10.94 41.06 58.58
CA ASN I 96 -10.78 40.01 59.57
C ASN I 96 -9.47 40.27 60.30
N THR I 97 -9.31 39.66 61.47
CA THR I 97 -8.13 39.90 62.30
C THR I 97 -6.88 39.34 61.64
N ILE I 98 -5.97 40.22 61.25
CA ILE I 98 -4.71 39.83 60.64
C ILE I 98 -3.71 39.51 61.73
N GLU I 99 -2.80 38.59 61.45
CA GLU I 99 -1.80 38.24 62.43
C GLU I 99 -0.64 39.22 62.40
N LYS I 100 -0.38 39.83 63.55
CA LYS I 100 0.69 40.82 63.63
C LYS I 100 2.07 40.18 63.57
N LYS I 101 2.14 38.86 63.75
CA LYS I 101 3.43 38.20 63.83
C LYS I 101 3.89 37.63 62.50
N THR I 102 2.98 37.12 61.67
CA THR I 102 3.37 36.56 60.38
C THR I 102 3.09 37.50 59.22
N GLU I 103 2.74 38.76 59.49
CA GLU I 103 3.11 39.81 58.55
C GLU I 103 4.62 39.84 58.37
N LYS I 104 5.35 39.76 59.49
CA LYS I 104 6.80 39.91 59.48
C LYS I 104 7.48 38.82 58.67
N ALA I 105 6.88 37.62 58.63
CA ALA I 105 7.39 36.59 57.74
C ALA I 105 7.10 36.93 56.29
N LEU I 106 5.98 37.60 56.03
CA LEU I 106 5.58 37.84 54.65
C LEU I 106 5.98 39.25 54.19
N ARG I 107 6.27 40.16 55.12
CA ARG I 107 6.79 41.46 54.69
C ARG I 107 8.22 41.33 54.20
N GLU I 108 8.98 40.40 54.76
CA GLU I 108 10.35 40.18 54.30
C GLU I 108 10.36 39.63 52.89
N ILE I 109 9.37 38.81 52.55
CA ILE I 109 9.28 38.31 51.18
C ILE I 109 8.79 39.40 50.24
N TRP I 110 7.92 40.29 50.74
CA TRP I 110 7.46 41.39 49.93
C TRP I 110 8.55 42.44 49.77
N ASP I 111 9.36 42.66 50.80
CA ASP I 111 10.48 43.57 50.65
C ASP I 111 11.50 43.02 49.68
N GLN I 112 11.71 41.71 49.66
CA GLN I 112 12.65 41.12 48.72
C GLN I 112 12.10 41.08 47.31
N CYS I 113 10.79 41.25 47.15
CA CYS I 113 10.25 41.45 45.81
C CYS I 113 10.55 42.85 45.30
N THR I 114 10.47 43.86 46.16
CA THR I 114 10.70 45.24 45.73
C THR I 114 12.18 45.55 45.59
N ILE I 115 13.01 44.94 46.43
CA ILE I 115 14.45 45.03 46.25
C ILE I 115 14.86 44.40 44.92
N ALA I 116 14.18 43.33 44.51
CA ALA I 116 14.51 42.68 43.25
C ALA I 116 14.01 43.46 42.06
N VAL I 117 12.92 44.21 42.20
CA VAL I 117 12.38 44.95 41.05
C VAL I 117 13.10 46.27 40.87
N TYR I 118 13.41 46.96 41.97
CA TYR I 118 14.00 48.30 41.86
C TYR I 118 15.44 48.24 41.38
N ASN I 119 16.09 47.08 41.48
CA ASN I 119 17.39 46.92 40.85
C ASN I 119 17.25 46.62 39.37
N ASN I 120 16.03 46.42 38.87
CA ASN I 120 15.82 46.12 37.47
C ASN I 120 15.24 47.27 36.69
N THR I 121 15.01 48.42 37.31
CA THR I 121 14.28 49.52 36.69
C THR I 121 15.16 50.76 36.64
N LEU I 122 15.34 51.31 35.45
CA LEU I 122 15.97 52.61 35.34
C LEU I 122 14.98 53.73 35.64
N ASN I 123 13.69 53.49 35.39
CA ASN I 123 12.67 54.50 35.68
C ASN I 123 12.57 54.73 37.19
N ALA I 124 12.25 55.96 37.57
CA ALA I 124 12.05 56.24 38.98
C ALA I 124 10.72 55.69 39.45
N VAL I 125 10.60 55.54 40.77
CA VAL I 125 9.37 55.01 41.34
C VAL I 125 8.29 56.09 41.36
N GLU I 126 8.70 57.31 41.71
CA GLU I 126 7.74 58.40 41.73
C GLU I 126 7.38 58.84 40.32
N SER I 127 8.26 58.61 39.35
CA SER I 127 8.00 59.08 38.00
C SER I 127 6.98 58.20 37.30
N LYS I 128 7.06 56.89 37.47
CA LYS I 128 6.15 55.94 36.84
C LYS I 128 5.83 54.85 37.85
N PRO I 129 4.77 55.01 38.63
CA PRO I 129 4.55 54.06 39.74
C PRO I 129 3.92 52.74 39.34
N LEU I 130 3.04 52.69 38.33
CA LEU I 130 2.35 51.42 38.04
C LEU I 130 3.25 50.41 37.39
N LEU I 131 4.40 50.83 36.85
CA LEU I 131 5.34 49.86 36.31
C LEU I 131 5.88 48.98 37.42
N PHE I 132 5.97 49.53 38.62
CA PHE I 132 6.45 48.77 39.76
C PHE I 132 5.37 47.85 40.31
N LEU I 133 4.10 48.31 40.35
CA LEU I 133 3.01 47.42 40.75
C LEU I 133 2.88 46.22 39.83
N HIS I 134 3.09 46.40 38.53
CA HIS I 134 3.11 45.24 37.66
C HIS I 134 4.38 44.43 37.89
N GLY I 135 5.44 45.09 38.33
CA GLY I 135 6.70 44.37 38.55
C GLY I 135 6.75 43.71 39.91
N ILE I 136 6.26 44.39 40.94
CA ILE I 136 6.39 43.86 42.29
C ILE I 136 5.37 42.76 42.54
N LEU I 137 4.11 42.99 42.17
CA LEU I 137 3.05 42.01 42.40
C LEU I 137 3.31 40.72 41.64
N ASN I 138 3.82 40.81 40.40
CA ASN I 138 4.15 39.60 39.67
C ASN I 138 5.40 38.93 40.23
N GLU I 139 6.28 39.71 40.84
CA GLU I 139 7.43 39.10 41.50
C GLU I 139 6.99 38.31 42.72
N CYS I 140 6.09 38.86 43.53
CA CYS I 140 5.52 38.11 44.65
C CYS I 140 4.27 37.32 44.29
N ARG I 141 3.82 37.34 43.04
CA ARG I 141 2.88 36.31 42.61
C ARG I 141 3.61 34.99 42.45
N ASN I 142 4.89 35.05 42.13
CA ASN I 142 5.71 33.86 41.99
C ASN I 142 6.57 33.59 43.21
N ASN I 143 7.00 34.62 43.94
CA ASN I 143 7.81 34.42 45.14
C ASN I 143 6.99 33.78 46.25
N PHE I 144 5.71 34.13 46.34
CA PHE I 144 4.82 33.42 47.25
C PHE I 144 4.52 32.02 46.74
N ALA I 145 4.51 31.83 45.42
CA ALA I 145 4.14 30.53 44.88
C ALA I 145 5.26 29.52 45.05
N THR I 146 6.51 29.98 45.09
CA THR I 146 7.62 29.05 45.27
C THR I 146 7.91 28.81 46.73
N LYS I 147 7.35 29.62 47.63
CA LYS I 147 7.61 29.44 49.05
C LYS I 147 6.41 28.87 49.79
N LEU I 148 5.23 29.47 49.63
CA LEU I 148 4.04 29.08 50.37
C LEU I 148 3.46 27.83 49.73
N ARG I 149 3.53 26.70 50.42
CA ARG I 149 2.92 25.49 49.89
C ARG I 149 1.41 25.53 50.04
N GLN I 150 0.92 25.60 51.27
CA GLN I 150 -0.50 25.65 51.56
C GLN I 150 -0.88 27.11 51.75
N ASP I 151 -1.90 27.55 51.04
CA ASP I 151 -2.45 28.89 51.26
C ASP I 151 -3.86 28.76 51.80
N PRO I 152 -4.06 28.74 53.10
CA PRO I 152 -5.43 28.79 53.62
C PRO I 152 -6.09 30.13 53.40
N SER I 153 -5.30 31.21 53.38
CA SER I 153 -5.85 32.51 53.06
C SER I 153 -5.70 32.88 51.59
N LEU I 154 -5.21 31.94 50.76
CA LEU I 154 -5.20 32.03 49.30
C LEU I 154 -4.39 33.21 48.79
N ILE I 155 -3.15 33.34 49.26
CA ILE I 155 -2.37 34.55 48.99
C ILE I 155 -1.89 34.57 47.54
N VAL I 156 -1.43 33.44 47.02
CA VAL I 156 -1.06 33.36 45.61
C VAL I 156 -2.29 33.51 44.74
N ALA I 157 -3.41 32.94 45.18
CA ALA I 157 -4.63 32.92 44.37
C ALA I 157 -5.26 34.30 44.24
N LYS I 158 -5.14 35.12 45.27
CA LYS I 158 -5.73 36.45 45.22
C LYS I 158 -4.84 37.42 44.45
N ILE I 159 -3.52 37.26 44.56
CA ILE I 159 -2.60 38.11 43.78
C ILE I 159 -2.67 37.74 42.30
N ASP I 160 -3.06 36.49 41.99
CA ASP I 160 -3.42 36.13 40.62
C ASP I 160 -4.54 37.01 40.08
N GLN I 161 -5.58 37.23 40.88
CA GLN I 161 -6.76 37.91 40.38
C GLN I 161 -6.61 39.42 40.48
N ILE I 162 -5.69 39.91 41.29
CA ILE I 162 -5.40 41.34 41.28
C ILE I 162 -4.64 41.70 40.00
N ILE I 163 -3.79 40.79 39.53
CA ILE I 163 -3.12 41.01 38.25
C ILE I 163 -4.10 40.82 37.09
N LYS I 164 -4.86 39.74 37.14
CA LYS I 164 -5.80 39.35 36.09
C LYS I 164 -7.02 40.26 35.90
N SER I 165 -7.36 41.03 36.92
CA SER I 165 -8.50 41.93 36.83
C SER I 165 -8.11 43.39 36.90
N GLN I 166 -6.84 43.69 37.16
CA GLN I 166 -6.22 45.02 37.09
C GLN I 166 -6.91 46.00 38.03
N ILE I 167 -7.29 45.54 39.22
CA ILE I 167 -7.90 46.41 40.21
C ILE I 167 -6.83 46.94 41.14
N TYR I 168 -5.56 46.74 40.78
CA TYR I 168 -4.46 47.36 41.50
C TYR I 168 -4.20 48.78 41.04
N ARG I 169 -4.97 49.27 40.09
CA ARG I 169 -4.86 50.67 39.66
C ARG I 169 -5.40 51.61 40.71
N PHE I 170 -6.21 51.10 41.64
CA PHE I 170 -6.72 51.94 42.71
C PHE I 170 -5.73 52.10 43.84
N TRP I 171 -4.67 51.29 43.84
CA TRP I 171 -3.63 51.44 44.86
C TRP I 171 -2.77 52.66 44.56
N VAL I 172 -2.82 53.14 43.32
CA VAL I 172 -2.16 54.37 42.94
C VAL I 172 -3.26 55.34 42.53
N SER I 173 -3.65 56.22 43.45
CA SER I 173 -4.70 57.19 43.22
C SER I 173 -4.34 58.48 43.93
N GLU I 174 -5.20 59.48 43.77
CA GLU I 174 -4.96 60.79 44.39
C GLU I 174 -4.84 60.79 45.92
N PRO I 175 -5.58 60.00 46.70
CA PRO I 175 -5.20 59.88 48.12
C PRO I 175 -3.92 59.11 48.32
N TYR I 176 -3.57 58.22 47.40
CA TYR I 176 -2.45 57.32 47.63
C TYR I 176 -1.14 57.88 47.09
N LEU I 177 -1.20 58.79 46.14
CA LEU I 177 0.03 59.39 45.65
C LEU I 177 0.57 60.43 46.62
N LYS I 178 -0.21 60.83 47.62
CA LYS I 178 0.26 61.81 48.58
C LYS I 178 1.17 61.18 49.63
N ILE I 179 0.93 59.92 49.99
CA ILE I 179 1.79 59.26 50.98
C ILE I 179 3.16 58.94 50.37
N GLY I 180 3.17 58.44 49.14
CA GLY I 180 4.43 57.99 48.56
C GLY I 180 5.35 59.13 48.16
N ARG I 181 4.80 60.32 47.95
CA ARG I 181 5.65 61.47 47.70
C ARG I 181 6.17 62.08 49.00
N SER I 182 5.41 61.94 50.07
CA SER I 182 5.73 62.60 51.33
C SER I 182 6.97 61.99 51.96
N HIS I 183 7.61 62.75 52.84
CA HIS I 183 8.84 62.30 53.48
C HIS I 183 8.49 61.58 54.76
N THR I 184 8.02 60.35 54.64
CA THR I 184 7.87 59.46 55.78
C THR I 184 8.75 58.26 55.53
N LEU I 185 9.54 57.88 56.54
CA LEU I 185 10.27 56.64 56.46
C LEU I 185 9.32 55.47 56.50
N TYR I 186 9.77 54.33 55.96
CA TYR I 186 8.86 53.19 55.80
C TYR I 186 8.51 52.56 57.13
N THR I 187 9.32 52.79 58.17
CA THR I 187 8.96 52.29 59.50
C THR I 187 7.78 53.06 60.07
N HIS I 188 7.58 54.31 59.65
CA HIS I 188 6.49 55.11 60.18
C HIS I 188 5.15 54.74 59.56
N ILE I 189 5.18 54.05 58.42
CA ILE I 189 3.94 53.74 57.72
C ILE I 189 3.23 52.57 58.39
N THR I 190 2.05 52.86 58.91
CA THR I 190 1.22 51.92 59.64
C THR I 190 -0.01 51.64 58.78
N PRO I 191 -0.89 50.70 59.15
CA PRO I 191 -2.19 50.63 58.47
C PRO I 191 -3.08 51.85 58.70
N ASP I 192 -2.80 52.68 59.70
CA ASP I 192 -3.63 53.87 59.93
C ASP I 192 -3.29 54.99 58.96
N ALA I 193 -2.04 55.07 58.53
CA ALA I 193 -1.63 56.16 57.65
C ALA I 193 -2.17 55.97 56.23
N VAL I 194 -2.35 54.73 55.83
CA VAL I 194 -2.87 54.40 54.50
C VAL I 194 -4.39 54.45 54.55
N PRO I 195 -5.05 55.31 53.77
CA PRO I 195 -6.51 55.35 53.79
C PRO I 195 -7.10 54.14 53.08
N GLN I 196 -8.29 53.74 53.52
CA GLN I 196 -8.92 52.54 52.98
C GLN I 196 -9.44 52.80 51.57
N LEU I 197 -9.36 51.77 50.73
CA LEU I 197 -9.99 51.82 49.43
C LEU I 197 -11.51 51.84 49.59
N PRO I 198 -12.23 52.42 48.65
CA PRO I 198 -13.69 52.26 48.63
C PRO I 198 -14.07 50.82 48.39
N LYS I 199 -15.28 50.48 48.83
CA LYS I 199 -15.74 49.09 48.80
C LYS I 199 -15.89 48.58 47.39
N GLU I 200 -16.15 49.48 46.43
CA GLU I 200 -16.31 49.07 45.04
C GLU I 200 -14.97 48.75 44.39
N CYS I 201 -13.87 49.10 45.07
CA CYS I 201 -12.54 48.90 44.50
C CYS I 201 -11.90 47.61 44.99
N THR I 202 -12.30 47.14 46.17
CA THR I 202 -11.62 46.01 46.81
C THR I 202 -11.94 44.71 46.10
N LEU I 203 -11.15 43.67 46.42
CA LEU I 203 -11.32 42.37 45.77
C LEU I 203 -12.54 41.63 46.28
N LYS I 204 -12.93 41.89 47.53
CA LYS I 204 -14.02 41.14 48.15
C LYS I 204 -15.36 41.45 47.47
N HIS I 205 -15.59 42.73 47.15
CA HIS I 205 -16.80 43.07 46.40
C HIS I 205 -16.67 42.69 44.94
N LEU I 206 -15.45 42.71 44.41
CA LEU I 206 -15.20 42.22 43.05
C LEU I 206 -15.49 40.73 42.95
N SER I 207 -15.11 39.97 43.97
CA SER I 207 -15.35 38.54 43.95
C SER I 207 -16.82 38.22 44.24
N SER I 208 -17.48 39.08 45.01
CA SER I 208 -18.90 38.88 45.26
C SER I 208 -19.74 39.25 44.04
N TYR I 209 -19.43 40.38 43.40
CA TYR I 209 -20.19 40.81 42.22
C TYR I 209 -19.98 39.87 41.04
N MET I 210 -18.80 39.23 40.98
CA MET I 210 -18.54 38.21 39.98
C MET I 210 -19.44 37.00 40.15
N GLU I 211 -19.49 36.44 41.36
CA GLU I 211 -20.31 35.27 41.63
C GLU I 211 -21.80 35.57 41.48
N GLU I 212 -22.22 36.82 41.72
CA GLU I 212 -23.60 37.20 41.44
C GLU I 212 -23.89 37.14 39.94
N LYS I 213 -22.96 37.65 39.13
CA LYS I 213 -23.17 37.70 37.69
C LYS I 213 -23.10 36.30 37.06
N LEU I 214 -22.15 35.47 37.51
CA LEU I 214 -21.94 34.19 36.85
C LEU I 214 -22.97 33.15 37.28
N LYS I 215 -23.36 33.16 38.56
CA LYS I 215 -24.38 32.21 39.00
C LYS I 215 -25.74 32.58 38.44
N SER J 1 -38.90 31.16 67.76
CA SER J 1 -38.48 30.34 68.88
C SER J 1 -37.77 29.07 68.41
N VAL J 2 -37.94 28.73 67.14
CA VAL J 2 -37.28 27.59 66.52
C VAL J 2 -36.28 28.17 65.52
N LYS J 3 -35.17 27.44 65.31
CA LYS J 3 -34.06 27.93 64.48
C LYS J 3 -34.48 28.18 63.04
N ASP J 4 -35.34 27.32 62.51
CA ASP J 4 -35.66 27.38 61.08
C ASP J 4 -36.69 28.45 60.78
N ILE J 5 -37.59 28.74 61.73
CA ILE J 5 -38.73 29.58 61.39
C ILE J 5 -38.37 31.06 61.38
N LYS J 6 -37.38 31.47 62.16
CA LYS J 6 -37.11 32.90 62.35
C LYS J 6 -36.57 33.56 61.08
N LYS J 7 -35.77 32.82 60.30
CA LYS J 7 -35.25 33.38 59.06
C LYS J 7 -36.30 33.49 57.97
N LEU J 8 -37.45 32.85 58.16
CA LEU J 8 -38.57 33.07 57.23
C LEU J 8 -39.35 34.31 57.60
N ILE J 9 -39.12 34.82 58.82
CA ILE J 9 -39.85 36.00 59.28
C ILE J 9 -38.97 37.24 59.18
N GLU J 10 -37.67 37.05 58.89
CA GLU J 10 -36.76 38.19 58.81
C GLU J 10 -37.05 39.08 57.61
N GLU J 11 -37.52 38.48 56.50
CA GLU J 11 -37.92 39.29 55.37
C GLU J 11 -39.27 39.95 55.60
N GLY J 12 -40.20 39.24 56.22
CA GLY J 12 -41.56 39.71 56.33
C GLY J 12 -41.82 40.81 57.34
N ILE J 13 -41.65 40.52 58.62
CA ILE J 13 -42.16 41.40 59.67
C ILE J 13 -41.05 41.97 60.55
N LEU J 14 -40.34 41.08 61.24
CA LEU J 14 -39.47 41.48 62.34
C LEU J 14 -38.03 41.61 61.87
N ASP J 15 -37.29 42.51 62.51
CA ASP J 15 -35.91 42.81 62.18
C ASP J 15 -34.98 41.93 63.00
N TYR J 16 -33.69 42.29 63.02
CA TYR J 16 -32.71 41.48 63.74
C TYR J 16 -32.48 41.98 65.16
N GLU J 17 -32.91 43.22 65.45
CA GLU J 17 -32.58 43.81 66.75
C GLU J 17 -33.44 43.24 67.88
N ASP J 18 -34.61 42.72 67.56
CA ASP J 18 -35.54 42.31 68.60
C ASP J 18 -35.45 40.82 68.96
N LEU J 19 -34.41 40.12 68.53
CA LEU J 19 -34.32 38.69 68.84
C LEU J 19 -33.81 38.49 70.26
N THR J 20 -34.07 37.30 70.80
CA THR J 20 -33.60 36.93 72.13
C THR J 20 -32.12 36.59 72.04
N GLU J 21 -31.42 36.64 73.18
CA GLU J 21 -30.05 36.16 73.27
C GLU J 21 -29.96 34.69 72.89
N ASN J 22 -30.93 33.89 73.35
CA ASN J 22 -30.95 32.47 73.00
C ASN J 22 -31.39 32.26 71.55
N GLU J 23 -32.01 33.27 70.94
CA GLU J 23 -32.37 33.17 69.54
C GLU J 23 -31.21 33.56 68.63
N LEU J 24 -30.41 34.55 69.05
CA LEU J 24 -29.22 34.91 68.28
C LEU J 24 -28.16 33.83 68.40
N ARG J 25 -28.11 33.17 69.55
CA ARG J 25 -27.18 32.05 69.74
C ARG J 25 -27.58 30.88 68.86
N LYS J 26 -28.87 30.63 68.75
CA LYS J 26 -29.36 29.49 67.98
C LYS J 26 -29.23 29.72 66.48
N LEU J 27 -29.38 30.98 66.05
CA LEU J 27 -29.31 31.27 64.63
C LEU J 27 -27.88 31.26 64.10
N ALA J 28 -26.89 31.37 65.00
CA ALA J 28 -25.48 31.30 64.62
C ALA J 28 -24.91 29.89 64.73
N LYS J 29 -25.56 29.00 65.47
CA LYS J 29 -25.20 27.59 65.49
C LYS J 29 -25.52 26.97 64.13
N PRO J 30 -24.89 25.84 63.78
CA PRO J 30 -25.20 25.23 62.49
C PRO J 30 -26.56 24.54 62.48
N ASP J 31 -27.03 24.24 61.27
CA ASP J 31 -28.36 23.67 61.10
C ASP J 31 -28.35 22.17 61.41
N ASP J 32 -29.46 21.52 61.07
CA ASP J 32 -29.58 20.08 61.33
C ASP J 32 -28.87 19.26 60.26
N ASN J 33 -28.47 19.91 59.15
CA ASN J 33 -27.68 19.21 58.14
C ASN J 33 -26.28 18.92 58.66
N PHE J 34 -25.74 19.81 59.49
CA PHE J 34 -24.61 19.50 60.33
C PHE J 34 -25.03 18.39 61.29
N TYR J 35 -24.10 17.46 61.56
CA TYR J 35 -24.20 16.15 62.24
C TYR J 35 -24.83 15.08 61.36
N GLU J 36 -25.36 15.40 60.19
CA GLU J 36 -25.90 14.40 59.28
C GLU J 36 -24.82 13.94 58.33
N LEU J 37 -24.61 12.63 58.28
CA LEU J 37 -23.44 12.04 57.64
C LEU J 37 -23.60 12.04 56.12
N SER J 38 -22.56 12.50 55.43
CA SER J 38 -22.55 12.62 53.99
C SER J 38 -21.09 12.58 53.53
N PRO J 39 -20.53 11.40 53.27
CA PRO J 39 -19.09 11.28 52.99
C PRO J 39 -18.72 11.39 51.52
N TYR J 40 -18.97 12.55 50.89
CA TYR J 40 -18.66 12.67 49.47
C TYR J 40 -18.23 14.11 49.19
N ALA J 41 -17.08 14.25 48.55
CA ALA J 41 -16.59 15.53 48.06
C ALA J 41 -16.05 15.38 46.65
N SER J 42 -16.11 16.47 45.88
CA SER J 42 -15.76 16.45 44.47
C SER J 42 -14.98 17.70 44.11
N ASP J 43 -14.45 17.70 42.87
CA ASP J 43 -13.69 18.79 42.27
C ASP J 43 -12.47 19.14 43.12
N GLU J 44 -11.52 18.20 43.18
CA GLU J 44 -10.31 18.37 43.98
C GLU J 44 -9.24 19.16 43.21
N LYS J 45 -9.64 20.32 42.70
CA LYS J 45 -8.75 21.33 42.15
C LYS J 45 -8.87 22.56 43.04
N ASP J 46 -8.06 22.58 44.11
CA ASP J 46 -8.12 23.66 45.07
C ASP J 46 -6.98 24.65 44.81
N LEU J 47 -7.27 25.92 45.04
CA LEU J 47 -6.29 26.99 44.94
C LEU J 47 -5.55 27.20 46.25
N SER J 48 -5.74 26.31 47.22
CA SER J 48 -5.06 26.43 48.51
C SER J 48 -3.63 25.93 48.43
N LEU J 49 -3.40 24.79 47.81
CA LEU J 49 -2.05 24.26 47.69
C LEU J 49 -1.46 24.70 46.36
N ASN J 50 -0.17 25.02 46.38
CA ASN J 50 0.55 25.40 45.17
C ASN J 50 1.47 24.25 44.79
N GLU J 51 1.29 23.72 43.59
CA GLU J 51 2.13 22.61 43.17
C GLU J 51 3.54 23.07 42.79
N THR J 52 3.72 24.37 42.59
CA THR J 52 5.02 24.91 42.21
C THR J 52 5.91 25.18 43.42
N SER J 53 5.47 24.86 44.63
CA SER J 53 6.18 25.30 45.82
C SER J 53 7.33 24.37 46.16
N GLY J 54 8.32 24.93 46.86
CA GLY J 54 9.50 24.17 47.22
C GLY J 54 9.98 24.58 48.60
N LEU J 55 11.01 23.86 49.06
CA LEU J 55 11.56 24.10 50.38
C LEU J 55 12.31 25.41 50.46
N THR J 56 12.56 25.83 51.69
CA THR J 56 13.46 26.95 51.95
C THR J 56 14.87 26.55 51.58
N ASN J 57 15.53 27.38 50.77
CA ASN J 57 16.82 26.99 50.20
C ASN J 57 17.93 27.07 51.24
N GLU J 58 17.85 28.05 52.14
CA GLU J 58 18.73 28.34 53.30
C GLU J 58 20.09 28.86 52.86
N GLN J 59 20.42 28.82 51.58
CA GLN J 59 21.56 29.50 50.99
C GLN J 59 21.11 30.69 50.16
N LEU J 60 19.98 30.55 49.46
CA LEU J 60 19.35 31.70 48.83
C LEU J 60 18.76 32.65 49.85
N LYS J 61 18.14 32.11 50.89
CA LYS J 61 17.58 32.95 51.96
C LYS J 61 18.67 33.68 52.72
N ASN J 62 19.85 33.06 52.82
CA ASN J 62 21.03 33.76 53.35
C ASN J 62 21.47 34.84 52.38
N PHE J 63 21.39 34.57 51.08
CA PHE J 63 21.85 35.54 50.09
C PHE J 63 20.86 36.67 49.90
N LEU J 64 19.57 36.37 49.94
CA LEU J 64 18.58 37.44 49.79
C LEU J 64 18.48 38.30 51.04
N GLY J 65 18.92 37.80 52.18
CA GLY J 65 18.77 38.56 53.41
C GLY J 65 19.83 39.66 53.53
N GLN J 66 20.96 39.50 52.85
CA GLN J 66 22.05 40.46 52.98
C GLN J 66 21.92 41.61 51.99
N ASN J 67 20.87 41.59 51.16
CA ASN J 67 20.36 42.67 50.30
C ASN J 67 21.26 42.91 49.09
N GLY J 68 22.49 42.39 49.06
CA GLY J 68 23.22 41.88 47.91
C GLY J 68 23.06 42.40 46.49
N THR J 69 22.47 43.61 46.32
CA THR J 69 22.13 44.27 45.03
C THR J 69 21.66 43.29 43.94
N TYR J 70 20.81 42.34 44.30
CA TYR J 70 20.40 41.25 43.43
C TYR J 70 19.25 41.68 42.52
N HIS J 71 18.88 40.77 41.60
CA HIS J 71 17.94 41.09 40.54
C HIS J 71 16.74 40.14 40.49
N MET J 72 16.77 39.03 41.21
CA MET J 72 15.63 38.13 41.27
C MET J 72 15.59 37.45 42.64
N SER J 73 14.40 37.32 43.20
CA SER J 73 14.19 36.74 44.52
C SER J 73 13.95 35.24 44.49
N TYR J 74 12.92 34.77 43.78
CA TYR J 74 12.51 33.38 43.83
C TYR J 74 13.42 32.49 43.00
N ASP J 75 13.08 31.20 42.94
CA ASP J 75 14.00 30.23 42.35
C ASP J 75 13.76 30.04 40.87
N SER J 76 12.49 30.13 40.45
CA SER J 76 12.00 30.10 39.07
C SER J 76 12.27 28.81 38.33
N LYS J 77 12.65 27.73 39.01
CA LYS J 77 12.80 26.46 38.30
C LYS J 77 11.47 25.73 38.24
N SER J 78 10.80 25.61 39.38
CA SER J 78 9.56 24.84 39.43
C SER J 78 8.41 25.63 38.85
N ILE J 79 8.57 26.95 38.69
CA ILE J 79 7.46 27.74 38.17
C ILE J 79 7.62 27.96 36.67
N ASP J 80 8.80 27.67 36.13
CA ASP J 80 8.95 27.48 34.71
C ASP J 80 8.70 26.04 34.28
N TYR J 81 8.89 25.09 35.20
CA TYR J 81 8.55 23.69 34.93
C TYR J 81 7.05 23.51 34.79
N ALA J 82 6.28 24.24 35.59
CA ALA J 82 4.82 24.16 35.50
C ALA J 82 4.31 24.92 34.27
N LYS J 83 5.05 25.92 33.81
CA LYS J 83 4.67 26.61 32.59
C LYS J 83 4.94 25.75 31.37
N GLN J 84 6.02 24.97 31.40
CA GLN J 84 6.36 24.12 30.26
C GLN J 84 5.39 22.95 30.14
N LYS J 85 5.04 22.31 31.27
CA LYS J 85 4.15 21.16 31.22
C LYS J 85 2.71 21.57 30.93
N LYS J 86 2.39 22.84 31.16
CA LYS J 86 1.07 23.34 30.78
C LYS J 86 0.96 23.51 29.27
N SER J 87 2.07 23.89 28.62
CA SER J 87 2.03 24.12 27.18
C SER J 87 2.12 22.82 26.39
N GLU J 88 2.64 21.75 26.99
CA GLU J 88 2.81 20.50 26.24
C GLU J 88 1.75 19.38 26.36
N LYS J 89 1.37 19.04 27.58
CA LYS J 89 0.38 17.97 27.78
C LYS J 89 -1.00 18.57 27.98
N LYS J 90 -1.05 19.89 27.85
CA LYS J 90 -2.26 20.68 28.03
C LYS J 90 -2.76 21.17 26.68
N GLU J 91 -1.84 21.46 25.76
CA GLU J 91 -2.26 21.96 24.45
C GLU J 91 -2.86 20.86 23.60
N ASP J 92 -2.52 19.60 23.88
CA ASP J 92 -3.29 18.49 23.35
C ASP J 92 -4.71 18.51 23.90
N GLN J 93 -4.84 18.82 25.19
CA GLN J 93 -6.10 18.67 25.92
C GLN J 93 -6.89 19.94 26.00
N GLN J 94 -6.97 20.77 24.96
CA GLN J 94 -6.62 22.20 24.77
C GLN J 94 -6.84 23.10 26.02
N GLU J 95 -6.77 24.43 25.87
CA GLU J 95 -6.70 25.35 27.00
C GLU J 95 -7.87 25.17 27.97
N ASP J 96 -7.65 25.56 29.21
CA ASP J 96 -8.65 25.45 30.25
C ASP J 96 -8.47 26.80 30.92
N ASP J 97 -9.50 27.29 31.59
CA ASP J 97 -9.31 28.58 32.20
C ASP J 97 -9.02 28.42 33.67
N ASP J 98 -10.06 27.99 34.39
CA ASP J 98 -10.13 27.74 35.85
C ASP J 98 -10.25 29.01 36.70
N GLY J 99 -10.36 30.16 36.02
CA GLY J 99 -10.49 31.46 36.63
C GLY J 99 -11.80 32.08 36.22
N PHE J 100 -12.42 31.62 35.12
CA PHE J 100 -13.67 32.27 34.81
C PHE J 100 -14.66 32.09 35.93
N TYR J 101 -14.40 31.19 36.87
CA TYR J 101 -15.47 31.02 37.85
C TYR J 101 -15.02 30.25 39.08
N ASP J 102 -14.17 29.25 38.89
CA ASP J 102 -13.72 28.43 40.01
C ASP J 102 -12.75 29.19 40.89
N ALA J 103 -12.13 30.25 40.36
CA ALA J 103 -11.25 31.08 41.16
C ALA J 103 -12.05 32.00 42.08
N TYR J 104 -13.04 32.70 41.53
CA TYR J 104 -13.77 33.69 42.33
C TYR J 104 -14.72 33.04 43.33
N LYS J 105 -15.14 31.80 43.10
CA LYS J 105 -15.94 31.12 44.09
C LYS J 105 -15.09 30.74 45.29
N GLN J 106 -13.87 30.27 45.05
CA GLN J 106 -13.01 29.83 46.14
C GLN J 106 -12.39 31.00 46.87
N ILE J 107 -12.28 32.17 46.22
CA ILE J 107 -11.80 33.35 46.92
C ILE J 107 -12.85 33.87 47.88
N LYS J 108 -14.12 33.90 47.45
CA LYS J 108 -15.19 34.39 48.32
C LYS J 108 -15.43 33.45 49.49
N ASN J 109 -15.16 32.16 49.31
CA ASN J 109 -15.27 31.22 50.42
C ASN J 109 -14.17 31.45 51.45
N SER J 110 -13.01 31.93 51.00
CA SER J 110 -11.92 32.17 51.94
C SER J 110 -12.13 33.45 52.74
N TYR J 111 -13.07 34.31 52.32
CA TYR J 111 -13.43 35.45 53.15
C TYR J 111 -14.46 35.06 54.20
N ASP J 112 -15.10 33.91 54.02
CA ASP J 112 -16.09 33.44 54.98
C ASP J 112 -15.54 32.37 55.90
N GLY J 113 -14.26 32.05 55.80
CA GLY J 113 -13.65 31.04 56.63
C GLY J 113 -14.02 29.63 56.22
N ILE J 114 -14.23 29.43 54.92
CA ILE J 114 -14.68 28.16 54.37
C ILE J 114 -13.54 27.60 53.52
N PRO J 115 -13.17 26.34 53.67
CA PRO J 115 -12.24 25.73 52.72
C PRO J 115 -12.85 25.57 51.34
N ASN J 116 -12.02 25.19 50.38
CA ASN J 116 -12.35 25.41 48.98
C ASN J 116 -13.35 24.38 48.45
N ASN J 117 -13.19 23.12 48.83
CA ASN J 117 -14.13 22.09 48.43
C ASN J 117 -15.13 21.79 49.54
N PHE J 118 -15.23 22.65 50.53
CA PHE J 118 -15.99 22.36 51.72
C PHE J 118 -17.45 22.74 51.54
N ASN J 119 -18.31 21.74 51.46
CA ASN J 119 -19.72 21.94 51.17
C ASN J 119 -20.57 22.11 52.42
N HIS J 120 -19.96 22.24 53.59
CA HIS J 120 -20.72 22.24 54.83
C HIS J 120 -20.55 23.56 55.57
N GLU J 121 -21.04 23.62 56.80
CA GLU J 121 -21.17 24.90 57.48
C GLU J 121 -19.94 25.18 58.35
N ALA J 122 -19.39 26.39 58.19
CA ALA J 122 -18.07 26.75 58.63
C ALA J 122 -18.10 27.97 59.55
N PRO J 123 -17.32 27.96 60.62
CA PRO J 123 -17.35 29.08 61.56
C PRO J 123 -16.44 30.22 61.16
N GLN J 124 -16.75 31.40 61.69
CA GLN J 124 -15.92 32.58 61.60
C GLN J 124 -16.22 33.47 62.79
N LEU J 125 -15.18 33.97 63.43
CA LEU J 125 -15.33 34.74 64.65
C LEU J 125 -15.76 36.15 64.30
N ILE J 126 -16.95 36.54 64.75
CA ILE J 126 -17.48 37.88 64.55
C ILE J 126 -17.63 38.52 65.92
N GLY J 127 -16.74 39.45 66.23
CA GLY J 127 -16.79 40.10 67.53
C GLY J 127 -16.30 39.20 68.64
N ASN J 128 -17.22 38.65 69.43
CA ASN J 128 -16.87 37.83 70.57
C ASN J 128 -17.24 36.37 70.37
N ASN J 129 -18.18 36.07 69.46
CA ASN J 129 -18.67 34.72 69.29
C ASN J 129 -18.56 34.28 67.83
N TYR J 130 -18.81 33.00 67.60
CA TYR J 130 -18.66 32.40 66.28
C TYR J 130 -19.99 32.33 65.54
N VAL J 131 -19.93 32.42 64.23
CA VAL J 131 -21.09 32.32 63.36
C VAL J 131 -20.80 31.27 62.30
N PHE J 132 -21.60 30.22 62.28
CA PHE J 132 -21.43 29.12 61.33
C PHE J 132 -22.15 29.43 60.03
N THR J 133 -21.39 29.69 58.98
CA THR J 133 -21.93 29.98 57.66
C THR J 133 -21.47 28.91 56.69
N SER J 134 -22.12 28.84 55.53
CA SER J 134 -21.71 27.91 54.50
C SER J 134 -21.70 28.62 53.15
N ILE J 135 -21.54 27.83 52.10
CA ILE J 135 -21.71 28.35 50.75
C ILE J 135 -23.16 28.68 50.50
N TYR J 136 -24.06 27.82 50.99
CA TYR J 136 -25.45 27.88 50.61
C TYR J 136 -26.19 28.99 51.35
N ASP J 137 -26.10 29.01 52.68
CA ASP J 137 -26.66 30.08 53.50
C ASP J 137 -25.53 30.93 54.04
N THR J 138 -25.29 32.06 53.39
CA THR J 138 -24.12 32.85 53.74
C THR J 138 -24.28 33.61 55.06
N LYS J 139 -25.53 33.76 55.53
CA LYS J 139 -25.87 34.48 56.77
C LYS J 139 -25.31 35.89 56.79
N GLU J 140 -25.41 36.57 55.63
CA GLU J 140 -24.75 37.85 55.47
C GLU J 140 -25.44 38.94 56.28
N ASN J 141 -26.76 38.83 56.48
CA ASN J 141 -27.49 39.83 57.23
C ASN J 141 -27.22 39.70 58.73
N LEU J 142 -26.76 38.53 59.18
CA LEU J 142 -26.33 38.40 60.56
C LEU J 142 -24.96 39.03 60.76
N ILE J 143 -24.07 38.87 59.77
CA ILE J 143 -22.72 39.42 59.88
C ILE J 143 -22.76 40.93 59.85
N LYS J 144 -23.73 41.50 59.13
CA LYS J 144 -23.98 42.94 59.20
C LYS J 144 -24.50 43.34 60.57
N PHE J 145 -25.21 42.43 61.24
CA PHE J 145 -25.78 42.75 62.54
C PHE J 145 -24.74 42.65 63.64
N LEU J 146 -23.95 41.58 63.64
CA LEU J 146 -23.05 41.33 64.76
C LEU J 146 -21.71 42.06 64.60
N LYS J 147 -21.51 42.75 63.47
CA LYS J 147 -20.35 43.63 63.36
C LYS J 147 -20.72 45.07 63.73
N LYS J 148 -21.83 45.56 63.17
CA LYS J 148 -22.25 46.95 63.37
C LYS J 148 -22.73 47.19 64.79
N ASN J 149 -23.78 46.47 65.19
CA ASN J 149 -24.40 46.73 66.49
C ASN J 149 -23.56 46.21 67.64
N SER J 150 -22.75 45.19 67.43
CA SER J 150 -21.96 44.60 68.52
C SER J 150 -20.54 45.16 68.61
N GLU J 151 -20.34 46.42 68.22
CA GLU J 151 -19.05 47.08 68.42
C GLU J 151 -18.76 47.30 69.90
N TYR J 152 -19.71 47.89 70.61
CA TYR J 152 -19.44 48.34 71.98
C TYR J 152 -19.97 47.33 73.00
N ASP J 153 -21.14 46.76 72.76
CA ASP J 153 -21.77 45.89 73.73
C ASP J 153 -21.57 44.41 73.37
N LEU J 154 -22.09 43.55 74.24
CA LEU J 154 -21.84 42.11 74.17
C LEU J 154 -23.13 41.36 73.88
N TYR J 155 -23.03 40.36 73.01
CA TYR J 155 -24.12 39.45 72.70
C TYR J 155 -23.55 38.04 72.60
N ASP J 156 -24.36 37.06 72.95
CA ASP J 156 -23.93 35.67 72.84
C ASP J 156 -24.92 34.89 71.98
N GLY K 27 70.48 17.47 81.97
CA GLY K 27 70.44 16.52 80.87
C GLY K 27 69.32 16.79 79.90
N TYR K 28 69.27 16.03 78.80
CA TYR K 28 68.20 16.17 77.81
C TYR K 28 67.07 15.19 78.06
N GLY K 29 67.14 14.39 79.12
CA GLY K 29 66.06 13.44 79.40
C GLY K 29 64.89 14.09 80.11
N ASP K 30 65.12 15.24 80.77
CA ASP K 30 64.03 15.91 81.46
C ASP K 30 63.06 16.56 80.48
N LEU K 31 63.58 17.10 79.37
CA LEU K 31 62.72 17.60 78.30
C LEU K 31 61.91 16.45 77.69
N ALA K 32 62.52 15.28 77.59
CA ALA K 32 61.78 14.09 77.16
C ALA K 32 60.80 13.64 78.23
N ALA K 33 61.07 13.97 79.49
CA ALA K 33 60.12 13.64 80.55
C ALA K 33 59.00 14.67 80.62
N THR K 34 59.32 15.95 80.43
CA THR K 34 58.35 17.02 80.61
C THR K 34 57.46 17.22 79.40
N SER K 35 58.04 17.28 78.19
CA SER K 35 57.24 17.59 77.01
C SER K 35 56.40 16.39 76.58
N ALA K 36 56.75 15.19 77.04
CA ALA K 36 55.87 14.05 76.79
C ALA K 36 54.64 14.11 77.69
N LEU K 37 54.84 14.33 78.99
CA LEU K 37 53.71 14.44 79.91
C LEU K 37 52.87 15.67 79.63
N THR K 38 53.45 16.70 79.03
CA THR K 38 52.66 17.81 78.54
C THR K 38 51.75 17.37 77.39
N THR K 39 52.22 16.42 76.57
CA THR K 39 51.41 15.95 75.44
C THR K 39 50.37 14.95 75.87
N VAL K 40 50.73 14.03 76.78
CA VAL K 40 49.85 12.93 77.14
C VAL K 40 48.74 13.41 78.09
N ILE K 41 48.85 14.64 78.58
CA ILE K 41 47.79 15.16 79.45
C ILE K 41 46.95 16.20 78.72
N LYS K 42 47.59 17.08 77.94
CA LYS K 42 46.83 18.14 77.28
C LYS K 42 46.02 17.61 76.11
N ASP K 43 46.56 16.68 75.34
CA ASP K 43 45.88 16.26 74.11
C ASP K 43 44.70 15.30 74.31
N PRO K 44 44.72 14.28 75.22
CA PRO K 44 43.49 13.50 75.45
C PRO K 44 42.35 14.31 76.04
N ILE K 45 42.68 15.19 77.00
CA ILE K 45 41.64 15.94 77.69
C ILE K 45 41.05 17.00 76.76
N SER K 46 41.84 17.53 75.83
CA SER K 46 41.31 18.43 74.81
C SER K 46 40.35 17.70 73.87
N LEU K 47 40.49 16.39 73.74
CA LEU K 47 39.60 15.64 72.88
C LEU K 47 38.37 15.16 73.64
N THR K 48 38.50 14.90 74.94
CA THR K 48 37.34 14.44 75.71
C THR K 48 36.40 15.59 76.00
N ILE K 49 36.95 16.78 76.28
CA ILE K 49 36.11 17.95 76.53
C ILE K 49 35.37 18.35 75.27
N LYS K 50 35.98 18.12 74.10
CA LYS K 50 35.33 18.43 72.83
C LYS K 50 34.07 17.59 72.61
N ASP K 51 34.07 16.34 73.07
CA ASP K 51 32.88 15.51 72.93
C ASP K 51 31.89 15.77 74.06
N ILE K 52 32.39 16.18 75.23
CA ILE K 52 31.49 16.58 76.31
C ILE K 52 30.84 17.91 75.98
N TYR K 53 31.54 18.78 75.27
CA TYR K 53 30.95 20.06 74.91
C TYR K 53 29.94 19.91 73.78
N GLU K 54 30.29 19.20 72.71
CA GLU K 54 29.44 19.18 71.53
C GLU K 54 28.22 18.30 71.72
N HIS K 55 28.37 17.15 72.38
CA HIS K 55 27.25 16.23 72.53
C HIS K 55 26.58 16.31 73.90
N GLY K 56 27.23 16.91 74.89
CA GLY K 56 26.64 16.98 76.21
C GLY K 56 26.18 18.37 76.59
N VAL K 57 26.83 19.40 76.07
CA VAL K 57 26.37 20.76 76.31
C VAL K 57 25.61 21.28 75.09
N LYS K 58 26.30 21.41 73.95
CA LYS K 58 25.80 22.21 72.82
C LYS K 58 24.58 21.58 72.17
N ASN K 59 24.61 20.26 71.94
CA ASN K 59 23.43 19.61 71.38
C ASN K 59 22.24 19.53 72.33
N PRO K 60 22.38 19.36 73.65
CA PRO K 60 21.20 19.60 74.51
C PRO K 60 20.83 21.07 74.64
N PHE K 61 21.81 21.99 74.54
CA PHE K 61 21.49 23.42 74.66
C PHE K 61 20.71 23.90 73.45
N THR K 62 21.14 23.50 72.25
CA THR K 62 20.40 23.84 71.04
C THR K 62 19.01 23.19 71.05
N LYS K 63 18.88 22.03 71.71
CA LYS K 63 17.57 21.41 71.85
C LYS K 63 16.66 22.25 72.75
N ILE K 64 17.23 22.98 73.70
CA ILE K 64 16.41 23.72 74.67
C ILE K 64 15.83 24.98 74.04
N ILE K 65 16.65 25.76 73.34
CA ILE K 65 16.17 27.01 72.73
C ILE K 65 15.14 26.74 71.66
N HIS K 66 15.32 25.67 70.88
CA HIS K 66 14.33 25.40 69.84
C HIS K 66 13.12 24.68 70.41
N LYS K 67 13.16 24.28 71.69
CA LYS K 67 11.93 24.00 72.41
C LYS K 67 11.33 25.28 72.97
N LEU K 68 12.17 26.29 73.22
CA LEU K 68 11.65 27.57 73.69
C LEU K 68 11.03 28.36 72.55
N LYS K 69 11.56 28.20 71.33
CA LYS K 69 11.08 29.00 70.20
C LYS K 69 9.68 28.57 69.75
N LYS K 70 9.19 27.43 70.22
CA LYS K 70 7.78 27.11 70.02
C LYS K 70 6.92 27.69 71.13
N PHE K 71 7.54 28.35 72.10
CA PHE K 71 6.77 28.91 73.21
C PHE K 71 6.73 30.44 73.14
N ILE K 72 7.85 31.07 72.76
CA ILE K 72 7.85 32.53 72.62
C ILE K 72 6.96 32.97 71.46
N ARG K 73 7.16 32.38 70.29
CA ARG K 73 6.19 32.49 69.21
C ARG K 73 5.42 31.18 69.17
N TYR K 74 4.44 31.09 68.27
CA TYR K 74 3.64 29.90 67.98
C TYR K 74 2.82 29.38 69.16
N ARG K 75 2.59 30.15 70.23
CA ARG K 75 1.89 29.61 71.39
C ARG K 75 0.37 29.58 71.16
N LYS K 76 -0.12 30.35 70.18
CA LYS K 76 -1.56 30.41 69.94
C LYS K 76 -2.00 29.29 69.03
N VAL K 77 -1.14 28.88 68.10
CA VAL K 77 -1.51 27.82 67.17
C VAL K 77 -1.44 26.47 67.84
N LEU K 78 -0.44 26.27 68.70
CA LEU K 78 -0.24 24.97 69.34
C LEU K 78 -1.33 24.67 70.34
N ARG K 79 -2.05 25.70 70.80
CA ARG K 79 -3.29 25.46 71.51
C ARG K 79 -4.34 24.84 70.59
N TRP K 80 -4.44 25.33 69.37
CA TRP K 80 -5.37 24.73 68.41
C TRP K 80 -4.76 23.50 67.75
N SER K 81 -3.43 23.43 67.72
CA SER K 81 -2.76 22.31 67.06
C SER K 81 -2.80 21.04 67.89
N ARG K 82 -2.37 21.13 69.16
CA ARG K 82 -2.40 19.96 70.02
C ARG K 82 -3.81 19.48 70.26
N MET K 83 -4.77 20.41 70.23
CA MET K 83 -6.17 20.06 70.36
C MET K 83 -6.65 19.28 69.14
N TRP K 84 -6.25 19.71 67.94
CA TRP K 84 -6.67 19.00 66.74
C TRP K 84 -5.86 17.72 66.55
N TRP K 85 -4.78 17.56 67.30
CA TRP K 85 -4.01 16.32 67.22
C TRP K 85 -4.59 15.27 68.17
N VAL K 86 -5.08 15.70 69.33
CA VAL K 86 -5.74 14.79 70.27
C VAL K 86 -7.00 14.20 69.66
N LEU K 87 -7.72 15.01 68.89
CA LEU K 87 -8.86 14.48 68.14
C LEU K 87 -8.39 13.54 67.03
N LEU K 88 -7.26 13.85 66.40
CA LEU K 88 -6.82 13.05 65.27
C LEU K 88 -6.28 11.69 65.71
N VAL K 89 -5.63 11.62 66.87
CA VAL K 89 -5.18 10.34 67.40
C VAL K 89 -6.38 9.47 67.77
N ARG K 90 -7.46 10.09 68.24
CA ARG K 90 -8.68 9.34 68.50
C ARG K 90 -9.36 8.89 67.21
N GLU K 91 -9.17 9.62 66.11
CA GLU K 91 -9.78 9.20 64.86
C GLU K 91 -8.96 8.10 64.19
N ILE K 92 -7.64 8.15 64.35
CA ILE K 92 -6.78 7.12 63.77
C ILE K 92 -6.91 5.82 64.56
N VAL K 93 -6.91 5.92 65.89
CA VAL K 93 -6.86 4.72 66.71
C VAL K 93 -8.25 4.27 67.13
N GLY K 94 -8.99 5.11 67.85
CA GLY K 94 -10.36 4.77 68.18
C GLY K 94 -10.55 3.67 69.21
N ASP K 95 -10.24 3.98 70.47
CA ASP K 95 -10.45 3.18 71.68
C ASP K 95 -9.57 1.93 71.66
N ASN K 96 -8.32 2.07 71.22
CA ASN K 96 -7.28 1.09 71.45
C ASN K 96 -6.12 1.80 72.14
N THR K 97 -5.24 1.04 72.77
CA THR K 97 -4.13 1.62 73.51
C THR K 97 -3.14 2.31 72.58
N ILE K 98 -3.01 3.62 72.72
CA ILE K 98 -2.08 4.41 71.92
C ILE K 98 -0.71 4.38 72.59
N GLU K 99 0.34 4.43 71.78
CA GLU K 99 1.68 4.45 72.34
C GLU K 99 2.03 5.86 72.81
N LYS K 100 2.37 5.97 74.09
CA LYS K 100 2.70 7.27 74.66
C LYS K 100 4.06 7.75 74.19
N LYS K 101 4.87 6.87 73.59
CA LYS K 101 6.22 7.24 73.22
C LYS K 101 6.34 7.70 71.78
N THR K 102 5.59 7.10 70.85
CA THR K 102 5.67 7.52 69.45
C THR K 102 4.51 8.43 69.05
N GLU K 103 3.72 8.92 70.01
CA GLU K 103 3.10 10.22 69.81
C GLU K 103 4.16 11.28 69.60
N LYS K 104 5.20 11.25 70.45
CA LYS K 104 6.23 12.28 70.45
C LYS K 104 6.99 12.32 69.15
N ALA K 105 7.14 11.19 68.48
CA ALA K 105 7.73 11.19 67.14
C ALA K 105 6.78 11.83 66.14
N LEU K 106 5.48 11.66 66.35
CA LEU K 106 4.51 12.14 65.36
C LEU K 106 3.91 13.48 65.76
N ARG K 107 4.02 13.87 67.03
CA ARG K 107 3.59 15.22 67.39
C ARG K 107 4.55 16.26 66.84
N GLU K 108 5.84 15.91 66.76
CA GLU K 108 6.82 16.83 66.19
C GLU K 108 6.58 17.03 64.70
N ILE K 109 6.07 16.02 64.01
CA ILE K 109 5.74 16.20 62.60
C ILE K 109 4.44 16.97 62.46
N TRP K 110 3.52 16.80 63.41
CA TRP K 110 2.29 17.57 63.36
C TRP K 110 2.53 19.01 63.77
N ASP K 111 3.44 19.24 64.71
CA ASP K 111 3.78 20.62 65.05
C ASP K 111 4.48 21.32 63.89
N GLN K 112 5.29 20.59 63.12
CA GLN K 112 5.95 21.19 61.99
C GLN K 112 5.00 21.40 60.81
N CYS K 113 3.84 20.75 60.85
CA CYS K 113 2.81 21.08 59.88
C CYS K 113 2.12 22.40 60.23
N THR K 114 1.87 22.65 61.52
CA THR K 114 1.18 23.87 61.92
C THR K 114 2.09 25.08 61.90
N ILE K 115 3.37 24.88 62.22
CA ILE K 115 4.35 25.94 62.05
C ILE K 115 4.45 26.33 60.57
N ALA K 116 4.32 25.35 59.68
CA ALA K 116 4.43 25.64 58.27
C ALA K 116 3.18 26.30 57.72
N VAL K 117 2.02 26.04 58.32
CA VAL K 117 0.78 26.65 57.82
C VAL K 117 0.60 28.05 58.38
N TYR K 118 0.92 28.26 59.66
CA TYR K 118 0.68 29.55 60.29
C TYR K 118 1.63 30.62 59.77
N ASN K 119 2.76 30.23 59.18
CA ASN K 119 3.58 31.21 58.50
C ASN K 119 3.05 31.54 57.12
N ASN K 120 2.02 30.83 56.66
CA ASN K 120 1.45 31.07 55.33
C ASN K 120 0.10 31.76 55.38
N THR K 121 -0.40 32.12 56.55
CA THR K 121 -1.76 32.63 56.68
C THR K 121 -1.73 34.01 57.29
N LEU K 122 -2.37 34.96 56.62
CA LEU K 122 -2.58 36.26 57.23
C LEU K 122 -3.79 36.25 58.16
N ASN K 123 -4.77 35.36 57.90
CA ASN K 123 -5.94 35.26 58.75
C ASN K 123 -5.55 34.74 60.12
N ALA K 124 -6.28 35.17 61.15
CA ALA K 124 -6.04 34.66 62.48
C ALA K 124 -6.60 33.26 62.63
N VAL K 125 -6.09 32.53 63.63
CA VAL K 125 -6.54 31.17 63.85
C VAL K 125 -7.91 31.19 64.54
N GLU K 126 -8.08 32.10 65.50
CA GLU K 126 -9.36 32.21 66.17
C GLU K 126 -10.41 32.84 65.25
N SER K 127 -9.99 33.63 64.27
CA SER K 127 -10.95 34.31 63.43
C SER K 127 -11.56 33.38 62.41
N LYS K 128 -10.75 32.52 61.80
CA LYS K 128 -11.21 31.57 60.78
C LYS K 128 -10.50 30.25 61.01
N PRO K 129 -11.10 29.35 61.80
CA PRO K 129 -10.36 28.15 62.21
C PRO K 129 -10.33 27.03 61.16
N LEU K 130 -11.37 26.86 60.34
CA LEU K 130 -11.38 25.71 59.43
C LEU K 130 -10.43 25.88 58.26
N LEU K 131 -9.97 27.11 57.99
CA LEU K 131 -8.96 27.30 56.97
C LEU K 131 -7.67 26.61 57.37
N PHE K 132 -7.42 26.54 58.68
CA PHE K 132 -6.21 25.89 59.17
C PHE K 132 -6.36 24.38 59.14
N LEU K 133 -7.54 23.85 59.50
CA LEU K 133 -7.76 22.41 59.38
C LEU K 133 -7.63 21.92 57.94
N HIS K 134 -8.07 22.72 56.97
CA HIS K 134 -7.79 22.34 55.59
C HIS K 134 -6.31 22.51 55.28
N GLY K 135 -5.65 23.46 55.95
CA GLY K 135 -4.25 23.68 55.67
C GLY K 135 -3.34 22.71 56.41
N ILE K 136 -3.66 22.44 57.67
CA ILE K 136 -2.76 21.63 58.48
C ILE K 136 -2.89 20.15 58.14
N LEU K 137 -4.13 19.65 58.02
CA LEU K 137 -4.35 18.23 57.71
C LEU K 137 -3.79 17.87 56.34
N ASN K 138 -3.92 18.75 55.35
CA ASN K 138 -3.35 18.48 54.04
C ASN K 138 -1.83 18.60 54.07
N GLU K 139 -1.29 19.42 54.96
CA GLU K 139 0.15 19.49 55.11
C GLU K 139 0.69 18.20 55.70
N CYS K 140 0.02 17.65 56.73
CA CYS K 140 0.40 16.35 57.26
C CYS K 140 -0.31 15.19 56.58
N ARG K 141 -1.15 15.42 55.58
CA ARG K 141 -1.51 14.32 54.69
C ARG K 141 -0.35 13.98 53.79
N ASN K 142 0.49 14.96 53.49
CA ASN K 142 1.67 14.77 52.68
C ASN K 142 2.95 14.65 53.50
N ASN K 143 3.02 15.27 54.67
CA ASN K 143 4.21 15.17 55.51
C ASN K 143 4.35 13.79 56.10
N PHE K 144 3.24 13.15 56.44
CA PHE K 144 3.26 11.75 56.83
C PHE K 144 3.54 10.86 55.63
N ALA K 145 3.12 11.28 54.43
CA ALA K 145 3.29 10.42 53.27
C ALA K 145 4.73 10.39 52.81
N THR K 146 5.47 11.49 53.00
CA THR K 146 6.86 11.51 52.58
C THR K 146 7.78 10.93 53.64
N LYS K 147 7.28 10.75 54.86
CA LYS K 147 8.13 10.20 55.92
C LYS K 147 7.80 8.77 56.25
N LEU K 148 6.52 8.46 56.50
CA LEU K 148 6.10 7.15 56.98
C LEU K 148 6.03 6.22 55.78
N ARG K 149 6.93 5.23 55.71
CA ARG K 149 6.88 4.28 54.61
C ARG K 149 5.77 3.27 54.82
N GLN K 150 5.83 2.52 55.91
CA GLN K 150 4.81 1.55 56.26
C GLN K 150 3.86 2.19 57.24
N ASP K 151 2.57 2.13 56.96
CA ASP K 151 1.56 2.55 57.91
C ASP K 151 0.74 1.36 58.34
N PRO K 152 1.10 0.66 59.39
CA PRO K 152 0.21 -0.38 59.92
C PRO K 152 -1.06 0.18 60.55
N SER K 153 -0.99 1.39 61.10
CA SER K 153 -2.20 2.03 61.61
C SER K 153 -2.85 2.94 60.60
N LEU K 154 -2.32 2.98 59.37
CA LEU K 154 -2.93 3.64 58.21
C LEU K 154 -3.11 5.14 58.41
N ILE K 155 -2.03 5.83 58.81
CA ILE K 155 -2.15 7.22 59.22
C ILE K 155 -2.37 8.13 58.01
N VAL K 156 -1.63 7.89 56.92
CA VAL K 156 -1.88 8.65 55.70
C VAL K 156 -3.23 8.31 55.12
N ALA K 157 -3.62 7.04 55.22
CA ALA K 157 -4.86 6.57 54.59
C ALA K 157 -6.09 7.11 55.29
N LYS K 158 -6.00 7.33 56.60
CA LYS K 158 -7.16 7.83 57.33
C LYS K 158 -7.28 9.34 57.20
N ILE K 159 -6.15 10.05 57.14
CA ILE K 159 -6.18 11.50 56.91
C ILE K 159 -6.61 11.81 55.48
N ASP K 160 -6.41 10.87 54.57
CA ASP K 160 -7.02 10.95 53.25
C ASP K 160 -8.54 11.02 53.35
N GLN K 161 -9.14 10.18 54.19
CA GLN K 161 -10.59 10.09 54.21
C GLN K 161 -11.22 11.13 55.13
N ILE K 162 -10.42 11.72 56.02
CA ILE K 162 -10.95 12.84 56.80
C ILE K 162 -11.05 14.08 55.92
N ILE K 163 -10.12 14.23 54.97
CA ILE K 163 -10.21 15.32 54.01
C ILE K 163 -11.31 15.06 53.00
N LYS K 164 -11.38 13.85 52.46
CA LYS K 164 -12.32 13.58 51.38
C LYS K 164 -13.77 13.48 51.85
N SER K 165 -14.00 13.15 53.12
CA SER K 165 -15.36 13.04 53.62
C SER K 165 -15.78 14.23 54.46
N GLN K 166 -14.85 15.12 54.79
CA GLN K 166 -15.10 16.40 55.46
C GLN K 166 -15.74 16.21 56.82
N ILE K 167 -15.34 15.18 57.56
CA ILE K 167 -15.87 14.97 58.90
C ILE K 167 -14.95 15.62 59.92
N TYR K 168 -14.02 16.46 59.44
CA TYR K 168 -13.20 17.27 60.33
C TYR K 168 -13.90 18.55 60.73
N ARG K 169 -15.13 18.78 60.25
CA ARG K 169 -15.89 19.94 60.68
C ARG K 169 -16.38 19.79 62.11
N PHE K 170 -16.39 18.56 62.62
CA PHE K 170 -16.80 18.35 64.01
C PHE K 170 -15.67 18.62 64.98
N TRP K 171 -14.44 18.79 64.47
CA TRP K 171 -13.34 19.13 65.35
C TRP K 171 -13.40 20.59 65.74
N VAL K 172 -14.18 21.37 65.00
CA VAL K 172 -14.45 22.75 65.34
C VAL K 172 -15.95 22.86 65.61
N SER K 173 -16.32 22.82 66.88
CA SER K 173 -17.71 22.86 67.29
C SER K 173 -17.80 23.65 68.59
N GLU K 174 -19.03 23.82 69.07
CA GLU K 174 -19.27 24.57 70.29
C GLU K 174 -18.59 24.03 71.55
N PRO K 175 -18.44 22.71 71.78
CA PRO K 175 -17.53 22.30 72.86
C PRO K 175 -16.08 22.54 72.52
N TYR K 176 -15.72 22.54 71.24
CA TYR K 176 -14.32 22.57 70.87
C TYR K 176 -13.81 24.00 70.66
N LEU K 177 -14.71 24.95 70.42
CA LEU K 177 -14.24 26.32 70.29
C LEU K 177 -13.97 26.95 71.66
N LYS K 178 -14.36 26.29 72.74
CA LYS K 178 -14.13 26.85 74.07
C LYS K 178 -12.71 26.59 74.54
N ILE K 179 -12.11 25.44 74.15
CA ILE K 179 -10.74 25.18 74.56
C ILE K 179 -9.77 26.07 73.79
N GLY K 180 -10.01 26.27 72.49
CA GLY K 180 -9.07 27.01 71.68
C GLY K 180 -9.05 28.50 71.97
N ARG K 181 -10.16 29.02 72.49
CA ARG K 181 -10.19 30.43 72.89
C ARG K 181 -9.57 30.62 74.27
N SER K 182 -9.68 29.61 75.14
CA SER K 182 -9.28 29.75 76.53
C SER K 182 -7.77 29.87 76.65
N HIS K 183 -7.33 30.45 77.77
CA HIS K 183 -5.90 30.68 77.98
C HIS K 183 -5.30 29.46 78.65
N THR K 184 -5.07 28.41 77.87
CA THR K 184 -4.30 27.27 78.33
C THR K 184 -3.10 27.14 77.41
N LEU K 185 -1.92 26.97 77.99
CA LEU K 185 -0.75 26.65 77.20
C LEU K 185 -0.90 25.26 76.61
N TYR K 186 -0.18 25.02 75.51
CA TYR K 186 -0.35 23.78 74.78
C TYR K 186 0.21 22.59 75.55
N THR K 187 1.11 22.83 76.49
CA THR K 187 1.61 21.74 77.32
C THR K 187 0.54 21.24 78.30
N HIS K 188 -0.41 22.11 78.65
CA HIS K 188 -1.45 21.71 79.60
C HIS K 188 -2.52 20.88 78.93
N ILE K 189 -2.59 20.91 77.60
CA ILE K 189 -3.66 20.21 76.91
C ILE K 189 -3.35 18.72 76.85
N THR K 190 -4.20 17.94 77.49
CA THR K 190 -4.08 16.50 77.62
C THR K 190 -5.22 15.88 76.81
N PRO K 191 -5.26 14.56 76.61
CA PRO K 191 -6.50 13.96 76.08
C PRO K 191 -7.71 14.09 77.00
N ASP K 192 -7.52 14.40 78.29
CA ASP K 192 -8.67 14.55 79.17
C ASP K 192 -9.36 15.90 78.99
N ALA K 193 -8.60 16.93 78.60
CA ALA K 193 -9.18 18.26 78.48
C ALA K 193 -10.03 18.37 77.23
N VAL K 194 -9.73 17.57 76.21
CA VAL K 194 -10.47 17.58 74.96
C VAL K 194 -11.64 16.62 75.11
N PRO K 195 -12.89 17.09 74.98
CA PRO K 195 -14.03 16.17 75.09
C PRO K 195 -14.15 15.30 73.85
N GLN K 196 -14.71 14.11 74.03
CA GLN K 196 -14.79 13.16 72.94
C GLN K 196 -15.87 13.56 71.96
N LEU K 197 -15.61 13.28 70.68
CA LEU K 197 -16.63 13.44 69.66
C LEU K 197 -17.74 12.42 69.88
N PRO K 198 -18.96 12.73 69.45
CA PRO K 198 -20.01 11.70 69.42
C PRO K 198 -19.65 10.61 68.43
N LYS K 199 -20.24 9.43 68.65
CA LYS K 199 -19.89 8.25 67.88
C LYS K 199 -20.30 8.39 66.42
N GLU K 200 -21.33 9.19 66.15
CA GLU K 200 -21.77 9.39 64.77
C GLU K 200 -20.84 10.31 64.00
N CYS K 201 -19.91 10.97 64.71
CA CYS K 201 -19.02 11.91 64.06
C CYS K 201 -17.68 11.27 63.71
N THR K 202 -17.28 10.24 64.43
CA THR K 202 -15.93 9.70 64.30
C THR K 202 -15.79 8.90 62.99
N LEU K 203 -14.53 8.58 62.65
CA LEU K 203 -14.25 7.90 61.40
C LEU K 203 -14.61 6.43 61.47
N LYS K 204 -14.56 5.84 62.67
CA LYS K 204 -14.78 4.40 62.81
C LYS K 204 -16.23 4.03 62.48
N HIS K 205 -17.18 4.86 62.92
CA HIS K 205 -18.57 4.60 62.57
C HIS K 205 -18.86 5.03 61.14
N LEU K 206 -18.15 6.05 60.64
CA LEU K 206 -18.25 6.42 59.23
C LEU K 206 -17.75 5.31 58.33
N SER K 207 -16.65 4.67 58.72
CA SER K 207 -16.12 3.57 57.91
C SER K 207 -16.97 2.32 58.04
N SER K 208 -17.61 2.14 59.19
CA SER K 208 -18.50 0.99 59.35
C SER K 208 -19.81 1.21 58.59
N TYR K 209 -20.39 2.41 58.68
CA TYR K 209 -21.65 2.68 58.00
C TYR K 209 -21.47 2.68 56.49
N MET K 210 -20.28 3.05 56.01
CA MET K 210 -19.96 2.97 54.60
C MET K 210 -19.95 1.53 54.10
N GLU K 211 -19.26 0.64 54.81
CA GLU K 211 -19.17 -0.76 54.42
C GLU K 211 -20.52 -1.46 54.53
N GLU K 212 -21.39 -1.00 55.43
CA GLU K 212 -22.75 -1.54 55.48
C GLU K 212 -23.52 -1.16 54.24
N LYS K 213 -23.39 0.10 53.81
CA LYS K 213 -24.14 0.58 52.65
C LYS K 213 -23.63 -0.03 51.36
N LEU K 214 -22.30 -0.16 51.22
CA LEU K 214 -21.75 -0.60 49.94
C LEU K 214 -21.84 -2.11 49.77
N LYS K 215 -21.64 -2.87 50.84
CA LYS K 215 -21.77 -4.32 50.74
C LYS K 215 -23.21 -4.73 50.54
N SER K 216 -24.16 -3.92 51.03
CA SER K 216 -25.57 -4.20 50.78
C SER K 216 -25.93 -3.97 49.32
N MET K 217 -25.14 -3.14 48.63
CA MET K 217 -25.36 -2.93 47.20
C MET K 217 -24.52 -3.87 46.36
N GLU K 218 -23.28 -4.14 46.77
CA GLU K 218 -22.37 -4.90 45.90
C GLU K 218 -22.55 -6.40 46.06
N SER K 219 -23.25 -6.87 47.10
CA SER K 219 -23.48 -8.30 47.23
C SER K 219 -24.60 -8.78 46.31
N LYS K 220 -25.41 -7.85 45.80
CA LYS K 220 -26.45 -8.22 44.84
C LYS K 220 -25.91 -8.26 43.42
N LYS K 221 -24.66 -7.89 43.21
CA LYS K 221 -24.03 -8.01 41.90
C LYS K 221 -23.77 -9.48 41.57
N SER L 1 -21.18 -25.98 74.59
CA SER L 1 -20.01 -26.71 75.03
C SER L 1 -19.00 -26.90 73.89
N VAL L 2 -19.46 -26.71 72.66
CA VAL L 2 -18.61 -26.78 71.47
C VAL L 2 -18.51 -25.35 70.93
N LYS L 3 -17.38 -25.03 70.29
CA LYS L 3 -17.09 -23.67 69.83
C LYS L 3 -18.12 -23.19 68.80
N ASP L 4 -18.55 -24.09 67.92
CA ASP L 4 -19.38 -23.68 66.79
C ASP L 4 -20.84 -23.51 67.19
N ILE L 5 -21.30 -24.27 68.18
CA ILE L 5 -22.74 -24.32 68.43
C ILE L 5 -23.22 -23.12 69.22
N LYS L 6 -22.36 -22.52 70.06
CA LYS L 6 -22.80 -21.50 71.00
C LYS L 6 -23.22 -20.22 70.30
N LYS L 7 -22.53 -19.88 69.20
CA LYS L 7 -22.89 -18.67 68.47
C LYS L 7 -24.18 -18.82 67.68
N LEU L 8 -24.68 -20.05 67.53
CA LEU L 8 -25.99 -20.24 66.93
C LEU L 8 -27.09 -20.08 67.99
N ILE L 9 -26.69 -20.09 69.26
CA ILE L 9 -27.67 -19.98 70.34
C ILE L 9 -27.67 -18.57 70.92
N GLU L 10 -26.70 -17.75 70.51
CA GLU L 10 -26.60 -16.39 71.04
C GLU L 10 -27.75 -15.51 70.55
N GLU L 11 -28.23 -15.75 69.33
CA GLU L 11 -29.39 -15.01 68.86
C GLU L 11 -30.67 -15.53 69.49
N GLY L 12 -30.78 -16.85 69.64
CA GLY L 12 -32.03 -17.46 70.07
C GLY L 12 -32.39 -17.30 71.53
N ILE L 13 -31.61 -17.92 72.43
CA ILE L 13 -32.05 -18.08 73.81
C ILE L 13 -31.14 -17.37 74.79
N LEU L 14 -29.87 -17.78 74.84
CA LEU L 14 -28.98 -17.40 75.92
C LEU L 14 -28.12 -16.21 75.54
N ASP L 15 -27.77 -15.41 76.55
CA ASP L 15 -26.99 -14.19 76.37
C ASP L 15 -25.50 -14.51 76.51
N TYR L 16 -24.69 -13.46 76.67
CA TYR L 16 -23.25 -13.66 76.76
C TYR L 16 -22.77 -13.77 78.20
N GLU L 17 -23.61 -13.35 79.16
CA GLU L 17 -23.15 -13.28 80.55
C GLU L 17 -23.07 -14.65 81.20
N ASP L 18 -23.84 -15.62 80.69
CA ASP L 18 -23.94 -16.90 81.37
C ASP L 18 -22.97 -17.96 80.84
N LEU L 19 -21.99 -17.59 80.03
CA LEU L 19 -21.07 -18.58 79.49
C LEU L 19 -20.02 -18.96 80.52
N THR L 20 -19.42 -20.13 80.30
CA THR L 20 -18.35 -20.61 81.18
C THR L 20 -17.06 -19.84 80.84
N GLU L 21 -16.12 -19.83 81.78
CA GLU L 21 -14.78 -19.31 81.51
C GLU L 21 -14.11 -20.06 80.38
N ASN L 22 -14.27 -21.39 80.35
CA ASN L 22 -13.71 -22.19 79.27
C ASN L 22 -14.49 -22.02 77.98
N GLU L 23 -15.72 -21.50 78.07
CA GLU L 23 -16.50 -21.23 76.86
C GLU L 23 -16.16 -19.86 76.28
N LEU L 24 -15.90 -18.87 77.14
CA LEU L 24 -15.45 -17.57 76.66
C LEU L 24 -14.04 -17.64 76.10
N ARG L 25 -13.21 -18.51 76.67
CA ARG L 25 -11.87 -18.72 76.17
C ARG L 25 -11.91 -19.39 74.79
N LYS L 26 -12.84 -20.33 74.62
CA LYS L 26 -12.93 -21.08 73.37
C LYS L 26 -13.53 -20.23 72.26
N LEU L 27 -14.44 -19.33 72.62
CA LEU L 27 -15.10 -18.52 71.59
C LEU L 27 -14.19 -17.40 71.09
N ALA L 28 -13.15 -17.05 71.85
CA ALA L 28 -12.17 -16.05 71.42
C ALA L 28 -10.98 -16.65 70.70
N LYS L 29 -10.73 -17.95 70.85
CA LYS L 29 -9.73 -18.65 70.05
C LYS L 29 -10.19 -18.70 68.60
N PRO L 30 -9.28 -18.89 67.64
CA PRO L 30 -9.69 -18.97 66.24
C PRO L 30 -10.40 -20.27 65.92
N ASP L 31 -11.08 -20.29 64.77
CA ASP L 31 -11.87 -21.45 64.38
C ASP L 31 -10.98 -22.53 63.79
N ASP L 32 -11.64 -23.54 63.19
CA ASP L 32 -10.91 -24.65 62.61
C ASP L 32 -10.36 -24.30 61.23
N ASN L 33 -10.81 -23.18 60.66
CA ASN L 33 -10.25 -22.72 59.40
C ASN L 33 -8.82 -22.22 59.59
N PHE L 34 -8.54 -21.63 60.75
CA PHE L 34 -7.17 -21.45 61.22
C PHE L 34 -6.57 -22.84 61.40
N TYR L 35 -5.28 -22.96 61.07
CA TYR L 35 -4.42 -24.16 60.90
C TYR L 35 -4.70 -24.90 59.59
N GLU L 36 -5.73 -24.55 58.83
CA GLU L 36 -5.99 -25.19 57.55
C GLU L 36 -5.29 -24.40 56.45
N LEU L 37 -4.49 -25.11 55.66
CA LEU L 37 -3.54 -24.49 54.75
C LEU L 37 -4.25 -23.98 53.50
N SER L 38 -3.95 -22.72 53.14
CA SER L 38 -4.57 -22.06 52.01
C SER L 38 -3.61 -20.96 51.54
N PRO L 39 -2.67 -21.28 50.64
CA PRO L 39 -1.62 -20.31 50.28
C PRO L 39 -1.97 -19.40 49.10
N TYR L 40 -2.99 -18.56 49.24
CA TYR L 40 -3.38 -17.70 48.12
C TYR L 40 -3.88 -16.36 48.69
N ALA L 41 -3.32 -15.28 48.17
CA ALA L 41 -3.79 -13.94 48.47
C ALA L 41 -3.84 -13.11 47.19
N SER L 42 -4.74 -12.13 47.17
CA SER L 42 -5.00 -11.35 45.98
C SER L 42 -5.18 -9.88 46.34
N ASP L 43 -5.26 -9.05 45.30
CA ASP L 43 -5.47 -7.60 45.38
C ASP L 43 -4.38 -6.93 46.22
N GLU L 44 -3.15 -6.96 45.69
CA GLU L 44 -2.00 -6.40 46.39
C GLU L 44 -1.86 -4.90 46.15
N LYS L 45 -2.97 -4.19 46.41
CA LYS L 45 -3.00 -2.74 46.47
C LYS L 45 -3.37 -2.36 47.90
N ASP L 46 -2.36 -2.28 48.75
CA ASP L 46 -2.58 -1.99 50.16
C ASP L 46 -2.31 -0.53 50.44
N LEU L 47 -3.09 0.03 51.36
CA LEU L 47 -2.91 1.40 51.83
C LEU L 47 -1.94 1.47 53.00
N SER L 48 -1.26 0.38 53.30
CA SER L 48 -0.30 0.37 54.41
C SER L 48 1.02 0.99 53.99
N LEU L 49 1.55 0.63 52.83
CA LEU L 49 2.80 1.20 52.36
C LEU L 49 2.51 2.41 51.49
N ASN L 50 3.35 3.43 51.62
CA ASN L 50 3.24 4.63 50.81
C ASN L 50 4.38 4.63 49.80
N GLU L 51 4.05 4.66 48.51
CA GLU L 51 5.10 4.64 47.50
C GLU L 51 5.79 5.99 47.38
N THR L 52 5.20 7.04 47.95
CA THR L 52 5.77 8.37 47.87
C THR L 52 6.78 8.63 48.97
N SER L 53 7.08 7.64 49.81
CA SER L 53 7.86 7.90 51.01
C SER L 53 9.35 7.89 50.72
N GLY L 54 10.11 8.60 51.56
CA GLY L 54 11.54 8.71 51.38
C GLY L 54 12.24 8.72 52.72
N LEU L 55 13.56 8.72 52.65
CA LEU L 55 14.39 8.69 53.85
C LEU L 55 14.32 9.99 54.63
N THR L 56 14.79 9.93 55.86
CA THR L 56 15.01 11.13 56.65
C THR L 56 16.15 11.93 56.05
N ASN L 57 15.93 13.22 55.82
CA ASN L 57 16.89 14.01 55.07
C ASN L 57 18.10 14.35 55.92
N GLU L 58 17.90 14.58 57.23
CA GLU L 58 18.87 14.85 58.29
C GLU L 58 19.49 16.24 58.17
N GLN L 59 19.27 16.94 57.06
CA GLN L 59 19.56 18.36 56.90
C GLN L 59 18.29 19.19 56.91
N LEU L 60 17.22 18.66 56.32
CA LEU L 60 15.91 19.27 56.46
C LEU L 60 15.37 19.09 57.86
N LYS L 61 15.57 17.91 58.46
CA LYS L 61 15.13 17.67 59.83
C LYS L 61 15.90 18.55 60.82
N ASN L 62 17.16 18.85 60.50
CA ASN L 62 17.91 19.84 61.26
C ASN L 62 17.31 21.23 61.06
N PHE L 63 16.88 21.53 59.83
CA PHE L 63 16.37 22.86 59.54
C PHE L 63 14.96 23.04 60.07
N LEU L 64 14.13 22.00 59.99
CA LEU L 64 12.78 22.13 60.51
C LEU L 64 12.74 22.12 62.04
N GLY L 65 13.79 21.61 62.67
CA GLY L 65 13.76 21.53 64.13
C GLY L 65 14.05 22.86 64.79
N GLN L 66 14.75 23.74 64.09
CA GLN L 66 15.14 25.01 64.68
C GLN L 66 14.07 26.09 64.51
N ASN L 67 12.96 25.74 63.85
CA ASN L 67 11.68 26.47 63.79
C ASN L 67 11.79 27.69 62.88
N GLY L 68 12.98 28.17 62.51
CA GLY L 68 13.34 28.75 61.23
C GLY L 68 12.41 29.58 60.35
N THR L 69 11.28 30.06 60.91
CA THR L 69 10.18 30.80 60.24
C THR L 69 9.88 30.31 58.81
N TYR L 70 9.86 28.99 58.63
CA TYR L 70 9.74 28.38 57.31
C TYR L 70 8.30 28.28 56.85
N HIS L 71 8.12 27.84 55.61
CA HIS L 71 6.82 27.87 54.95
C HIS L 71 6.37 26.50 54.43
N MET L 72 7.23 25.50 54.41
CA MET L 72 6.83 24.16 54.00
C MET L 72 7.69 23.15 54.76
N SER L 73 7.04 22.07 55.20
CA SER L 73 7.70 21.02 55.97
C SER L 73 8.27 19.89 55.12
N TYR L 74 7.43 19.23 54.32
CA TYR L 74 7.85 18.04 53.61
C TYR L 74 8.68 18.36 52.36
N ASP L 75 9.04 17.33 51.61
CA ASP L 75 10.02 17.53 50.54
C ASP L 75 9.34 17.85 49.22
N SER L 76 8.18 17.26 48.98
CA SER L 76 7.26 17.50 47.85
C SER L 76 7.84 17.13 46.49
N LYS L 77 8.95 16.39 46.43
CA LYS L 77 9.43 15.95 45.14
C LYS L 77 8.78 14.64 44.73
N SER L 78 8.75 13.67 45.64
CA SER L 78 8.21 12.36 45.31
C SER L 78 6.69 12.37 45.33
N ILE L 79 6.09 13.40 45.93
CA ILE L 79 4.64 13.43 46.00
C ILE L 79 4.06 14.28 44.88
N ASP L 80 4.90 15.07 44.22
CA ASP L 80 4.56 15.62 42.91
C ASP L 80 4.92 14.68 41.78
N TYR L 81 5.92 13.81 41.99
CA TYR L 81 6.26 12.80 41.00
C TYR L 81 5.14 11.77 40.85
N ALA L 82 4.49 11.43 41.96
CA ALA L 82 3.38 10.49 41.90
C ALA L 82 2.13 11.14 41.35
N LYS L 83 2.01 12.46 41.49
CA LYS L 83 0.88 13.17 40.90
C LYS L 83 1.06 13.28 39.38
N GLN L 84 2.29 13.45 38.92
CA GLN L 84 2.54 13.57 37.49
C GLN L 84 2.35 12.24 36.77
N LYS L 85 2.84 11.15 37.36
CA LYS L 85 2.73 9.85 36.72
C LYS L 85 1.30 9.31 36.78
N LYS L 86 0.49 9.84 37.70
CA LYS L 86 -0.92 9.47 37.74
C LYS L 86 -1.68 10.12 36.59
N SER L 87 -1.27 11.34 36.21
CA SER L 87 -1.97 12.05 35.15
C SER L 87 -1.56 11.59 33.76
N GLU L 88 -0.41 10.90 33.65
CA GLU L 88 0.04 10.44 32.35
C GLU L 88 -0.78 9.24 31.88
N LYS L 89 -1.06 8.35 32.81
CA LYS L 89 -1.77 7.11 32.49
C LYS L 89 -3.12 7.02 33.15
N LYS L 90 -3.42 8.03 33.95
CA LYS L 90 -4.68 8.09 34.64
C LYS L 90 -5.72 8.39 33.58
N GLU L 91 -5.28 8.79 32.38
CA GLU L 91 -6.30 9.16 31.41
C GLU L 91 -6.67 8.03 30.46
N ASP L 92 -6.12 6.82 30.62
CA ASP L 92 -6.66 5.69 29.86
C ASP L 92 -8.05 5.31 30.40
N GLN L 93 -8.18 5.28 31.73
CA GLN L 93 -9.46 5.34 32.43
C GLN L 93 -9.12 5.83 33.84
N GLN L 94 -9.50 7.05 34.16
CA GLN L 94 -8.97 7.68 35.38
C GLN L 94 -9.91 7.56 36.57
N GLU L 95 -11.22 7.63 36.36
CA GLU L 95 -12.20 7.44 37.44
C GLU L 95 -12.40 5.95 37.64
N ASP L 96 -11.62 5.36 38.54
CA ASP L 96 -11.61 3.92 38.67
C ASP L 96 -12.48 3.43 39.82
N ASP L 97 -13.14 4.33 40.55
CA ASP L 97 -14.33 4.09 41.37
C ASP L 97 -14.06 3.26 42.64
N ASP L 98 -12.88 2.69 42.76
CA ASP L 98 -12.55 1.84 43.90
C ASP L 98 -11.79 2.59 44.98
N GLY L 99 -11.52 3.88 44.77
CA GLY L 99 -10.79 4.64 45.77
C GLY L 99 -11.56 4.81 47.05
N PHE L 100 -12.88 4.89 46.95
CA PHE L 100 -13.72 4.82 48.14
C PHE L 100 -13.65 3.42 48.70
N TYR L 101 -14.17 2.46 47.94
CA TYR L 101 -14.37 1.09 48.41
C TYR L 101 -13.14 0.33 48.89
N ASP L 102 -12.04 0.50 48.17
CA ASP L 102 -10.81 -0.17 48.56
C ASP L 102 -10.26 0.52 49.79
N ALA L 103 -10.84 1.67 50.15
CA ALA L 103 -10.27 2.44 51.24
C ALA L 103 -10.99 2.16 52.55
N TYR L 104 -12.33 2.20 52.55
CA TYR L 104 -13.08 2.06 53.78
C TYR L 104 -13.09 0.63 54.30
N LYS L 105 -12.87 -0.35 53.42
CA LYS L 105 -12.76 -1.73 53.90
C LYS L 105 -11.44 -1.92 54.65
N GLN L 106 -10.36 -1.35 54.12
CA GLN L 106 -9.05 -1.53 54.73
C GLN L 106 -8.88 -0.66 55.97
N ILE L 107 -9.65 0.42 56.08
CA ILE L 107 -9.60 1.23 57.29
C ILE L 107 -10.31 0.51 58.43
N LYS L 108 -11.45 -0.10 58.16
CA LYS L 108 -12.19 -0.83 59.20
C LYS L 108 -11.44 -2.07 59.65
N ASN L 109 -10.65 -2.67 58.76
CA ASN L 109 -9.82 -3.80 59.16
C ASN L 109 -8.70 -3.36 60.09
N SER L 110 -8.22 -2.13 59.94
CA SER L 110 -7.14 -1.66 60.80
C SER L 110 -7.64 -1.29 62.18
N TYR L 111 -8.96 -1.15 62.35
CA TYR L 111 -9.49 -0.98 63.70
C TYR L 111 -9.68 -2.31 64.39
N ASP L 112 -9.65 -3.41 63.64
CA ASP L 112 -9.81 -4.72 64.22
C ASP L 112 -8.48 -5.45 64.35
N GLY L 113 -7.37 -4.80 64.01
CA GLY L 113 -6.06 -5.41 64.11
C GLY L 113 -5.79 -6.40 63.00
N ILE L 114 -6.35 -6.13 61.83
CA ILE L 114 -6.27 -7.03 60.69
C ILE L 114 -5.45 -6.33 59.61
N PRO L 115 -4.45 -6.98 59.01
CA PRO L 115 -3.80 -6.39 57.83
C PRO L 115 -4.74 -6.32 56.64
N ASN L 116 -4.27 -5.65 55.59
CA ASN L 116 -5.19 -5.14 54.56
C ASN L 116 -5.64 -6.24 53.61
N ASN L 117 -4.73 -7.11 53.20
CA ASN L 117 -5.08 -8.23 52.34
C ASN L 117 -5.26 -9.52 53.13
N PHE L 118 -5.40 -9.41 54.44
CA PHE L 118 -5.36 -10.59 55.31
C PHE L 118 -6.75 -11.18 55.43
N ASN L 119 -6.94 -12.36 54.84
CA ASN L 119 -8.23 -13.01 54.78
C ASN L 119 -8.49 -13.95 55.95
N HIS L 120 -7.63 -13.96 56.96
CA HIS L 120 -7.73 -14.94 58.03
C HIS L 120 -7.99 -14.28 59.36
N GLU L 121 -7.91 -15.05 60.44
CA GLU L 121 -8.38 -14.57 61.73
C GLU L 121 -7.25 -13.95 62.54
N ALA L 122 -7.51 -12.76 63.06
CA ALA L 122 -6.50 -11.84 63.57
C ALA L 122 -6.79 -11.45 65.01
N PRO L 123 -5.77 -11.39 65.86
CA PRO L 123 -5.99 -11.06 67.27
C PRO L 123 -6.02 -9.57 67.53
N GLN L 124 -6.65 -9.22 68.65
CA GLN L 124 -6.65 -7.88 69.19
C GLN L 124 -6.88 -7.97 70.69
N LEU L 125 -6.08 -7.24 71.45
CA LEU L 125 -6.11 -7.33 72.90
C LEU L 125 -7.30 -6.54 73.42
N ILE L 126 -8.22 -7.22 74.07
CA ILE L 126 -9.40 -6.62 74.69
C ILE L 126 -9.30 -6.85 76.18
N GLY L 127 -8.98 -5.79 76.92
CA GLY L 127 -8.83 -5.94 78.35
C GLY L 127 -7.56 -6.66 78.74
N ASN L 128 -7.69 -7.92 79.14
CA ASN L 128 -6.55 -8.70 79.60
C ASN L 128 -6.18 -9.82 78.62
N ASN L 129 -7.11 -10.24 77.76
CA ASN L 129 -6.86 -11.36 76.87
C ASN L 129 -7.12 -10.98 75.43
N TYR L 130 -6.76 -11.89 74.52
CA TYR L 130 -6.84 -11.65 73.09
C TYR L 130 -8.11 -12.25 72.50
N VAL L 131 -8.64 -11.60 71.47
CA VAL L 131 -9.82 -12.06 70.74
C VAL L 131 -9.47 -12.14 69.26
N PHE L 132 -9.56 -13.33 68.70
CA PHE L 132 -9.23 -13.55 67.30
C PHE L 132 -10.44 -13.27 66.43
N THR L 133 -10.40 -12.18 65.67
CA THR L 133 -11.49 -11.80 64.77
C THR L 133 -10.96 -11.83 63.34
N SER L 134 -11.89 -11.81 62.38
CA SER L 134 -11.50 -11.73 60.98
C SER L 134 -12.37 -10.73 60.27
N ILE L 135 -12.26 -10.71 58.94
CA ILE L 135 -13.18 -9.92 58.13
C ILE L 135 -14.57 -10.53 58.18
N TYR L 136 -14.62 -11.88 58.14
CA TYR L 136 -15.87 -12.57 57.92
C TYR L 136 -16.72 -12.61 59.20
N ASP L 137 -16.14 -13.08 60.31
CA ASP L 137 -16.79 -13.07 61.61
C ASP L 137 -16.14 -12.01 62.48
N THR L 138 -16.78 -10.86 62.57
CA THR L 138 -16.16 -9.74 63.25
C THR L 138 -16.16 -9.89 64.77
N LYS L 139 -17.00 -10.77 65.31
CA LYS L 139 -17.15 -11.03 66.75
C LYS L 139 -17.43 -9.75 67.53
N GLU L 140 -18.29 -8.91 66.96
CA GLU L 140 -18.52 -7.58 67.50
C GLU L 140 -19.28 -7.64 68.82
N ASN L 141 -20.15 -8.64 68.98
CA ASN L 141 -20.92 -8.74 70.21
C ASN L 141 -20.07 -9.27 71.36
N LEU L 142 -18.95 -9.93 71.05
CA LEU L 142 -18.02 -10.30 72.10
C LEU L 142 -17.20 -9.10 72.55
N ILE L 143 -16.83 -8.23 71.61
CA ILE L 143 -16.02 -7.05 71.93
C ILE L 143 -16.84 -6.08 72.76
N LYS L 144 -18.15 -6.04 72.52
CA LYS L 144 -19.04 -5.28 73.41
C LYS L 144 -19.11 -5.91 74.79
N PHE L 145 -18.94 -7.23 74.87
CA PHE L 145 -19.04 -7.92 76.16
C PHE L 145 -17.75 -7.76 76.96
N LEU L 146 -16.60 -7.96 76.31
CA LEU L 146 -15.34 -7.99 77.05
C LEU L 146 -14.76 -6.60 77.27
N LYS L 147 -15.39 -5.57 76.71
CA LYS L 147 -15.00 -4.21 77.06
C LYS L 147 -15.86 -3.65 78.19
N LYS L 148 -17.18 -3.80 78.05
CA LYS L 148 -18.12 -3.25 79.02
C LYS L 148 -18.07 -3.98 80.36
N ASN L 149 -18.36 -5.29 80.33
CA ASN L 149 -18.45 -6.04 81.57
C ASN L 149 -17.10 -6.32 82.21
N SER L 150 -16.03 -6.37 81.41
CA SER L 150 -14.71 -6.70 81.94
C SER L 150 -13.87 -5.46 82.26
N GLU L 151 -14.50 -4.35 82.65
CA GLU L 151 -13.77 -3.18 83.11
C GLU L 151 -13.08 -3.45 84.44
N TYR L 152 -13.84 -3.96 85.42
CA TYR L 152 -13.32 -4.06 86.78
C TYR L 152 -12.83 -5.46 87.09
N ASP L 153 -13.53 -6.49 86.62
CA ASP L 153 -13.19 -7.86 86.96
C ASP L 153 -12.43 -8.55 85.84
N LEU L 154 -12.04 -9.79 86.09
CA LEU L 154 -11.15 -10.55 85.21
C LEU L 154 -11.87 -11.74 84.62
N TYR L 155 -11.63 -11.97 83.32
CA TYR L 155 -12.11 -13.15 82.62
C TYR L 155 -11.01 -13.66 81.71
N ASP L 156 -11.00 -14.97 81.49
CA ASP L 156 -10.01 -15.55 80.61
C ASP L 156 -10.70 -16.34 79.50
N GLY M 27 75.45 29.07 73.38
CA GLY M 27 75.43 29.07 71.92
C GLY M 27 74.03 28.92 71.36
N TYR M 28 73.94 28.79 70.04
CA TYR M 28 72.64 28.55 69.39
C TYR M 28 72.38 27.08 69.12
N GLY M 29 73.27 26.19 69.54
CA GLY M 29 73.06 24.78 69.27
C GLY M 29 72.14 24.12 70.27
N ASP M 30 71.99 24.73 71.45
CA ASP M 30 71.07 24.19 72.45
C ASP M 30 69.62 24.43 72.04
N LEU M 31 69.34 25.55 71.37
CA LEU M 31 68.02 25.78 70.81
C LEU M 31 67.72 24.78 69.72
N ALA M 32 68.75 24.42 68.95
CA ALA M 32 68.58 23.36 67.95
C ALA M 32 68.49 21.99 68.59
N ALA M 33 68.94 21.86 69.84
CA ALA M 33 68.76 20.61 70.55
C ALA M 33 67.39 20.56 71.23
N THR M 34 66.96 21.68 71.82
CA THR M 34 65.72 21.70 72.59
C THR M 34 64.48 21.75 71.71
N SER M 35 64.47 22.63 70.71
CA SER M 35 63.27 22.80 69.90
C SER M 35 63.09 21.64 68.92
N ALA M 36 64.15 20.89 68.67
CA ALA M 36 63.99 19.67 67.89
C ALA M 36 63.33 18.58 68.73
N LEU M 37 63.88 18.32 69.94
CA LEU M 37 63.32 17.28 70.80
C LEU M 37 61.93 17.63 71.31
N THR M 38 61.59 18.92 71.32
CA THR M 38 60.21 19.30 71.59
C THR M 38 59.30 18.84 70.46
N THR M 39 59.78 18.91 69.22
CA THR M 39 58.94 18.55 68.07
C THR M 39 58.84 17.04 67.90
N VAL M 40 59.95 16.33 68.09
CA VAL M 40 59.99 14.89 67.81
C VAL M 40 59.31 14.11 68.95
N ILE M 41 58.98 14.78 70.04
CA ILE M 41 58.27 14.10 71.12
C ILE M 41 56.80 14.51 71.15
N LYS M 42 56.51 15.81 70.99
CA LYS M 42 55.12 16.25 71.08
C LYS M 42 54.31 15.87 69.86
N ASP M 43 54.86 16.02 68.66
CA ASP M 43 54.07 15.81 67.45
C ASP M 43 53.78 14.36 67.11
N PRO M 44 54.67 13.34 67.31
CA PRO M 44 54.21 11.95 67.13
C PRO M 44 53.15 11.52 68.14
N ILE M 45 53.31 11.93 69.40
CA ILE M 45 52.36 11.50 70.43
C ILE M 45 51.02 12.22 70.26
N SER M 46 51.04 13.43 69.71
CA SER M 46 49.78 14.11 69.41
C SER M 46 49.04 13.43 68.26
N LEU M 47 49.74 12.65 67.44
CA LEU M 47 49.09 11.96 66.35
C LEU M 47 48.67 10.55 66.73
N THR M 48 49.42 9.90 67.64
CA THR M 48 49.04 8.55 68.06
C THR M 48 47.85 8.59 69.00
N ILE M 49 47.78 9.60 69.87
CA ILE M 49 46.66 9.72 70.80
C ILE M 49 45.38 10.07 70.05
N LYS M 50 45.52 10.79 68.93
CA LYS M 50 44.37 11.11 68.09
C LYS M 50 43.71 9.87 67.50
N ASP M 51 44.52 8.86 67.15
CA ASP M 51 43.94 7.63 66.62
C ASP M 51 43.51 6.69 67.73
N ILE M 52 44.16 6.78 68.90
CA ILE M 52 43.71 6.00 70.05
C ILE M 52 42.40 6.57 70.57
N TYR M 53 42.20 7.88 70.45
CA TYR M 53 40.96 8.47 70.92
C TYR M 53 39.81 8.18 69.96
N GLU M 54 40.02 8.38 68.65
CA GLU M 54 38.93 8.28 67.70
C GLU M 54 38.52 6.84 67.44
N HIS M 55 39.47 5.93 67.30
CA HIS M 55 39.15 4.55 66.96
C HIS M 55 39.14 3.62 68.16
N GLY M 56 39.77 4.00 69.27
CA GLY M 56 39.83 3.13 70.42
C GLY M 56 38.91 3.56 71.54
N VAL M 57 38.64 4.86 71.65
CA VAL M 57 37.72 5.32 72.68
C VAL M 57 36.39 5.72 72.07
N LYS M 58 36.38 6.73 71.18
CA LYS M 58 35.15 7.41 70.78
C LYS M 58 34.26 6.50 69.93
N ASN M 59 34.83 5.82 68.94
CA ASN M 59 34.03 4.89 68.15
C ASN M 59 33.56 3.65 68.92
N PRO M 60 34.31 3.09 69.90
CA PRO M 60 33.64 2.14 70.80
C PRO M 60 32.67 2.80 71.77
N PHE M 61 32.89 4.05 72.16
CA PHE M 61 31.98 4.69 73.10
C PHE M 61 30.67 5.06 72.42
N THR M 62 30.72 5.53 71.18
CA THR M 62 29.50 5.82 70.43
C THR M 62 28.72 4.54 70.14
N LYS M 63 29.43 3.42 70.00
CA LYS M 63 28.78 2.13 69.82
C LYS M 63 28.02 1.71 71.07
N ILE M 64 28.46 2.18 72.25
CA ILE M 64 27.83 1.73 73.50
C ILE M 64 26.49 2.43 73.72
N ILE M 65 26.43 3.76 73.52
CA ILE M 65 25.19 4.49 73.74
C ILE M 65 24.12 4.07 72.75
N HIS M 66 24.51 3.82 71.49
CA HIS M 66 23.50 3.44 70.51
C HIS M 66 23.16 1.96 70.60
N LYS M 67 23.86 1.23 71.48
CA LYS M 67 23.31 -0.04 71.97
C LYS M 67 22.44 0.17 73.19
N LEU M 68 22.67 1.25 73.94
CA LEU M 68 21.82 1.55 75.09
C LEU M 68 20.51 2.19 74.64
N LYS M 69 20.53 2.92 73.53
CA LYS M 69 19.32 3.59 73.06
C LYS M 69 18.29 2.62 72.52
N LYS M 70 18.68 1.36 72.28
CA LYS M 70 17.67 0.35 72.00
C LYS M 70 17.17 -0.30 73.28
N PHE M 71 17.66 0.15 74.43
CA PHE M 71 17.20 -0.44 75.68
C PHE M 71 16.39 0.55 76.51
N ILE M 72 16.78 1.83 76.50
CA ILE M 72 15.98 2.85 77.18
C ILE M 72 14.62 2.99 76.53
N ARG M 73 14.59 3.24 75.22
CA ARG M 73 13.38 3.10 74.44
C ARG M 73 13.49 1.78 73.70
N TYR M 74 12.45 1.44 72.93
CA TYR M 74 12.36 0.29 72.04
C TYR M 74 12.48 -1.05 72.76
N ARG M 75 12.28 -1.12 74.08
CA ARG M 75 12.47 -2.39 74.78
C ARG M 75 11.24 -3.26 74.67
N LYS M 76 10.10 -2.70 74.27
CA LYS M 76 8.86 -3.46 74.22
C LYS M 76 8.68 -4.11 72.86
N VAL M 77 9.19 -3.48 71.81
CA VAL M 77 9.03 -4.03 70.47
C VAL M 77 10.02 -5.15 70.26
N LEU M 78 11.21 -5.04 70.86
CA LEU M 78 12.24 -6.05 70.67
C LEU M 78 11.94 -7.31 71.47
N ARG M 79 10.93 -7.26 72.35
CA ARG M 79 10.36 -8.50 72.86
C ARG M 79 9.54 -9.20 71.78
N TRP M 80 8.77 -8.43 71.03
CA TRP M 80 7.99 -9.00 69.93
C TRP M 80 8.85 -9.18 68.69
N SER M 81 9.93 -8.42 68.56
CA SER M 81 10.77 -8.54 67.38
C SER M 81 11.64 -9.79 67.43
N ARG M 82 12.31 -10.03 68.56
CA ARG M 82 13.14 -11.22 68.67
C ARG M 82 12.34 -12.51 68.75
N MET M 83 11.07 -12.44 69.16
CA MET M 83 10.21 -13.60 69.06
C MET M 83 9.85 -13.87 67.60
N TRP M 84 9.83 -12.83 66.77
CA TRP M 84 9.40 -12.99 65.39
C TRP M 84 10.60 -13.21 64.50
N TRP M 85 11.81 -12.91 64.99
CA TRP M 85 13.01 -13.21 64.21
C TRP M 85 13.48 -14.64 64.44
N VAL M 86 13.33 -15.14 65.67
CA VAL M 86 13.65 -16.54 65.95
C VAL M 86 12.72 -17.46 65.18
N LEU M 87 11.44 -17.08 65.04
CA LEU M 87 10.54 -17.84 64.20
C LEU M 87 10.90 -17.72 62.73
N LEU M 88 11.42 -16.57 62.31
CA LEU M 88 11.67 -16.34 60.89
C LEU M 88 12.93 -17.09 60.42
N VAL M 89 13.94 -17.17 61.28
CA VAL M 89 15.14 -17.94 60.95
C VAL M 89 14.81 -19.42 60.84
N ARG M 90 13.85 -19.89 61.65
CA ARG M 90 13.38 -21.26 61.52
C ARG M 90 12.64 -21.66 60.25
N GLU M 91 11.96 -20.72 59.60
CA GLU M 91 11.32 -21.03 58.33
C GLU M 91 12.18 -20.72 57.08
N ILE M 92 13.17 -19.86 57.30
CA ILE M 92 14.14 -19.54 56.25
C ILE M 92 15.02 -20.78 56.18
N VAL M 93 15.47 -21.26 57.32
CA VAL M 93 16.47 -22.33 57.32
C VAL M 93 15.80 -23.70 57.47
N GLY M 94 15.04 -23.91 58.53
CA GLY M 94 14.29 -25.15 58.66
C GLY M 94 15.10 -26.40 58.95
N ASP M 95 15.64 -26.49 60.17
CA ASP M 95 16.34 -27.64 60.77
C ASP M 95 17.68 -27.88 60.08
N ASN M 96 18.38 -26.84 59.66
CA ASN M 96 19.78 -26.94 59.26
C ASN M 96 20.58 -26.04 60.18
N THR M 97 21.91 -26.16 60.13
CA THR M 97 22.77 -25.37 60.99
C THR M 97 22.78 -23.90 60.57
N ILE M 98 22.28 -23.05 61.45
CA ILE M 98 22.28 -21.59 61.23
C ILE M 98 23.60 -21.03 61.70
N GLU M 99 24.07 -19.99 61.03
CA GLU M 99 25.32 -19.36 61.42
C GLU M 99 25.08 -18.39 62.57
N LYS M 100 25.79 -18.60 63.66
CA LYS M 100 25.62 -17.77 64.85
C LYS M 100 26.22 -16.39 64.67
N LYS M 101 27.06 -16.20 63.65
CA LYS M 101 27.75 -14.93 63.49
C LYS M 101 27.02 -13.98 62.55
N THR M 102 26.42 -14.47 61.46
CA THR M 102 25.69 -13.60 60.55
C THR M 102 24.20 -13.56 60.83
N GLU M 103 23.76 -14.10 61.97
CA GLU M 103 22.53 -13.61 62.57
C GLU M 103 22.68 -12.14 62.96
N LYS M 104 23.83 -11.79 63.54
CA LYS M 104 24.04 -10.43 64.04
C LYS M 104 24.14 -9.43 62.90
N ALA M 105 24.54 -9.88 61.71
CA ALA M 105 24.47 -9.00 60.55
C ALA M 105 23.02 -8.80 60.13
N LEU M 106 22.18 -9.80 60.37
CA LEU M 106 20.80 -9.74 59.89
C LEU M 106 19.81 -9.46 61.01
N ARG M 107 20.22 -9.57 62.28
CA ARG M 107 19.35 -9.07 63.34
C ARG M 107 19.34 -7.55 63.35
N GLU M 108 20.47 -6.93 63.03
CA GLU M 108 20.53 -5.48 63.01
C GLU M 108 19.71 -4.91 61.86
N ILE M 109 19.56 -5.67 60.78
CA ILE M 109 18.67 -5.22 59.71
C ILE M 109 17.22 -5.49 60.09
N TRP M 110 16.97 -6.56 60.85
CA TRP M 110 15.62 -6.82 61.33
C TRP M 110 15.25 -5.87 62.47
N ASP M 111 16.23 -5.46 63.27
CA ASP M 111 15.93 -4.48 64.32
C ASP M 111 15.67 -3.11 63.73
N GLN M 112 16.35 -2.77 62.64
CA GLN M 112 16.08 -1.49 61.99
C GLN M 112 14.77 -1.52 61.21
N CYS M 113 14.19 -2.69 60.97
CA CYS M 113 12.84 -2.71 60.43
C CYS M 113 11.81 -2.46 61.52
N THR M 114 12.06 -2.96 62.74
CA THR M 114 11.09 -2.79 63.81
C THR M 114 11.14 -1.39 64.39
N ILE M 115 12.32 -0.79 64.43
CA ILE M 115 12.45 0.61 64.82
C ILE M 115 11.74 1.51 63.82
N ALA M 116 11.80 1.15 62.54
CA ALA M 116 11.18 1.96 61.50
C ALA M 116 9.66 1.79 61.46
N VAL M 117 9.15 0.64 61.90
CA VAL M 117 7.71 0.44 61.90
C VAL M 117 7.07 1.02 63.15
N TYR M 118 7.70 0.80 64.31
CA TYR M 118 7.12 1.23 65.59
C TYR M 118 7.11 2.75 65.71
N ASN M 119 7.93 3.44 64.93
CA ASN M 119 7.83 4.90 64.90
C ASN M 119 6.74 5.38 63.94
N ASN M 120 6.05 4.45 63.27
CA ASN M 120 5.00 4.80 62.34
C ASN M 120 3.61 4.37 62.81
N THR M 121 3.50 3.72 63.95
CA THR M 121 2.24 3.16 64.41
C THR M 121 1.80 3.84 65.68
N LEU M 122 0.58 4.37 65.69
CA LEU M 122 0.02 4.88 66.93
C LEU M 122 -0.58 3.74 67.76
N ASN M 123 -1.00 2.66 67.11
CA ASN M 123 -1.49 1.49 67.82
C ASN M 123 -0.37 0.84 68.62
N ALA M 124 -0.74 0.25 69.75
CA ALA M 124 0.25 -0.45 70.56
C ALA M 124 0.63 -1.78 69.92
N VAL M 125 1.77 -2.32 70.35
CA VAL M 125 2.23 -3.58 69.80
C VAL M 125 1.45 -4.73 70.42
N GLU M 126 1.21 -4.66 71.73
CA GLU M 126 0.48 -5.71 72.41
C GLU M 126 -1.01 -5.64 72.09
N SER M 127 -1.49 -4.49 71.64
CA SER M 127 -2.92 -4.36 71.38
C SER M 127 -3.30 -4.98 70.06
N LYS M 128 -2.50 -4.74 69.02
CA LYS M 128 -2.79 -5.23 67.67
C LYS M 128 -1.49 -5.71 67.06
N PRO M 129 -1.15 -6.99 67.22
CA PRO M 129 0.20 -7.44 66.82
C PRO M 129 0.33 -7.81 65.35
N LEU M 130 -0.76 -8.18 64.66
CA LEU M 130 -0.59 -8.57 63.26
C LEU M 130 -0.40 -7.37 62.34
N LEU M 131 -0.73 -6.17 62.83
CA LEU M 131 -0.40 -4.97 62.06
C LEU M 131 1.11 -4.80 61.95
N PHE M 132 1.84 -5.29 62.93
CA PHE M 132 3.29 -5.15 62.91
C PHE M 132 3.94 -6.24 62.08
N LEU M 133 3.43 -7.48 62.15
CA LEU M 133 3.95 -8.54 61.28
C LEU M 133 3.68 -8.27 59.81
N HIS M 134 2.60 -7.57 59.50
CA HIS M 134 2.46 -7.10 58.13
C HIS M 134 3.38 -5.92 57.88
N GLY M 135 3.71 -5.18 58.94
CA GLY M 135 4.54 -4.01 58.77
C GLY M 135 6.02 -4.33 58.76
N ILE M 136 6.45 -5.22 59.66
CA ILE M 136 7.89 -5.49 59.79
C ILE M 136 8.36 -6.40 58.67
N LEU M 137 7.55 -7.39 58.28
CA LEU M 137 7.95 -8.28 57.19
C LEU M 137 8.03 -7.54 55.86
N ASN M 138 7.07 -6.65 55.60
CA ASN M 138 7.15 -5.87 54.36
C ASN M 138 8.26 -4.83 54.41
N GLU M 139 8.64 -4.39 55.61
CA GLU M 139 9.77 -3.49 55.71
C GLU M 139 11.08 -4.22 55.45
N CYS M 140 11.21 -5.44 55.97
CA CYS M 140 12.39 -6.27 55.71
C CYS M 140 12.25 -7.18 54.50
N ARG M 141 11.11 -7.20 53.82
CA ARG M 141 11.12 -7.78 52.48
C ARG M 141 11.81 -6.84 51.51
N ASN M 142 11.72 -5.55 51.76
CA ASN M 142 12.40 -4.55 50.96
C ASN M 142 13.78 -4.19 51.51
N ASN M 143 13.97 -4.21 52.83
CA ASN M 143 15.28 -3.89 53.39
C ASN M 143 16.29 -5.00 53.11
N PHE M 144 15.83 -6.25 53.03
CA PHE M 144 16.73 -7.30 52.57
C PHE M 144 16.97 -7.19 51.07
N ALA M 145 15.96 -6.75 50.31
CA ALA M 145 16.09 -6.73 48.87
C ALA M 145 17.02 -5.63 48.41
N THR M 146 17.19 -4.57 49.21
CA THR M 146 18.08 -3.49 48.82
C THR M 146 19.47 -3.69 49.39
N LYS M 147 19.65 -4.69 50.25
CA LYS M 147 20.99 -4.96 50.76
C LYS M 147 21.55 -6.27 50.23
N LEU M 148 20.80 -7.36 50.37
CA LEU M 148 21.27 -8.69 49.97
C LEU M 148 21.29 -8.74 48.45
N ARG M 149 22.48 -8.77 47.86
CA ARG M 149 22.54 -8.99 46.43
C ARG M 149 22.31 -10.46 46.10
N GLN M 150 23.23 -11.30 46.56
CA GLN M 150 23.16 -12.72 46.32
C GLN M 150 22.52 -13.34 47.54
N ASP M 151 21.52 -14.19 47.31
CA ASP M 151 20.84 -14.83 48.41
C ASP M 151 20.93 -16.34 48.30
N PRO M 152 22.13 -16.87 48.57
CA PRO M 152 22.23 -18.33 48.56
C PRO M 152 21.09 -19.01 49.32
N SER M 153 20.85 -18.51 50.54
CA SER M 153 19.69 -18.90 51.31
C SER M 153 18.35 -18.26 51.01
N LEU M 154 18.26 -17.50 49.93
CA LEU M 154 16.99 -17.10 49.29
C LEU M 154 16.09 -16.32 50.21
N ILE M 155 16.70 -15.38 50.94
CA ILE M 155 16.03 -14.72 52.05
C ILE M 155 14.85 -13.89 51.56
N VAL M 156 15.08 -13.11 50.50
CA VAL M 156 14.01 -12.29 49.94
C VAL M 156 12.94 -13.17 49.31
N ALA M 157 13.35 -14.22 48.62
CA ALA M 157 12.41 -15.13 47.98
C ALA M 157 11.54 -15.84 49.01
N LYS M 158 12.08 -16.08 50.19
CA LYS M 158 11.32 -16.78 51.22
C LYS M 158 10.35 -15.85 51.93
N ILE M 159 10.77 -14.61 52.19
CA ILE M 159 9.91 -13.65 52.87
C ILE M 159 8.71 -13.29 52.02
N ASP M 160 8.84 -13.41 50.69
CA ASP M 160 7.78 -13.20 49.72
C ASP M 160 6.50 -13.94 50.04
N GLN M 161 6.58 -15.27 50.04
CA GLN M 161 5.36 -16.06 50.14
C GLN M 161 5.02 -16.40 51.57
N ILE M 162 5.84 -15.97 52.52
CA ILE M 162 5.31 -15.81 53.86
C ILE M 162 4.25 -14.73 53.83
N ILE M 163 4.44 -13.72 53.00
CA ILE M 163 3.50 -12.62 52.90
C ILE M 163 2.45 -12.89 51.82
N LYS M 164 2.88 -13.42 50.66
CA LYS M 164 1.95 -13.65 49.55
C LYS M 164 0.91 -14.70 49.91
N SER M 165 1.29 -15.64 50.75
CA SER M 165 0.42 -16.75 51.07
C SER M 165 0.03 -16.79 52.53
N GLN M 166 0.29 -15.71 53.26
CA GLN M 166 -0.23 -15.40 54.58
C GLN M 166 0.10 -16.44 55.63
N ILE M 167 1.24 -17.12 55.52
CA ILE M 167 1.68 -18.11 56.50
C ILE M 167 2.02 -17.44 57.84
N TYR M 168 2.18 -16.12 57.84
CA TYR M 168 2.71 -15.40 58.98
C TYR M 168 1.81 -15.41 60.22
N ARG M 169 0.67 -16.07 60.19
CA ARG M 169 -0.25 -16.14 61.33
C ARG M 169 0.33 -16.86 62.53
N PHE M 170 0.57 -18.16 62.37
CA PHE M 170 0.87 -19.13 63.43
C PHE M 170 2.02 -18.70 64.30
N TRP M 171 2.76 -17.71 63.79
CA TRP M 171 3.86 -17.09 64.52
C TRP M 171 3.12 -16.53 65.73
N VAL M 172 2.00 -15.84 65.50
CA VAL M 172 1.18 -15.51 66.64
C VAL M 172 0.22 -16.65 66.86
N SER M 173 0.36 -17.32 67.99
CA SER M 173 -0.62 -18.28 68.48
C SER M 173 -0.47 -18.27 69.99
N GLU M 174 -1.31 -19.04 70.66
CA GLU M 174 -1.42 -19.19 72.11
C GLU M 174 -0.08 -19.30 72.85
N PRO M 175 0.87 -20.18 72.48
CA PRO M 175 2.13 -20.17 73.23
C PRO M 175 2.99 -18.99 72.87
N TYR M 176 2.83 -18.47 71.66
CA TYR M 176 3.68 -17.40 71.19
C TYR M 176 3.27 -16.08 71.81
N LEU M 177 1.99 -15.97 72.16
CA LEU M 177 1.48 -14.72 72.71
C LEU M 177 2.00 -14.45 74.10
N LYS M 178 2.34 -15.52 74.84
CA LYS M 178 2.74 -15.35 76.22
C LYS M 178 4.12 -14.73 76.34
N ILE M 179 4.95 -14.90 75.31
CA ILE M 179 6.32 -14.44 75.41
C ILE M 179 6.39 -12.94 75.18
N GLY M 180 5.49 -12.40 74.36
CA GLY M 180 5.49 -10.97 74.15
C GLY M 180 5.01 -10.20 75.37
N ARG M 181 4.09 -10.81 76.13
CA ARG M 181 3.69 -10.22 77.40
C ARG M 181 4.75 -10.44 78.46
N SER M 182 5.60 -11.43 78.28
CA SER M 182 6.58 -11.80 79.29
C SER M 182 7.63 -10.73 79.43
N HIS M 183 7.87 -10.30 80.65
CA HIS M 183 8.81 -9.22 80.92
C HIS M 183 10.22 -9.78 80.91
N THR M 184 10.72 -10.03 79.71
CA THR M 184 12.10 -10.45 79.52
C THR M 184 12.77 -9.47 78.58
N LEU M 185 14.07 -9.32 78.73
CA LEU M 185 14.80 -8.54 77.75
C LEU M 185 14.93 -9.31 76.45
N TYR M 186 15.16 -8.57 75.38
CA TYR M 186 15.43 -9.18 74.08
C TYR M 186 16.71 -9.98 74.09
N THR M 187 17.65 -9.59 74.96
CA THR M 187 18.92 -10.32 75.07
C THR M 187 18.72 -11.72 75.59
N HIS M 188 17.65 -11.95 76.36
CA HIS M 188 17.37 -13.29 76.88
C HIS M 188 16.47 -14.10 75.98
N ILE M 189 16.07 -13.57 74.83
CA ILE M 189 15.25 -14.32 73.90
C ILE M 189 16.18 -15.09 72.99
N THR M 190 16.30 -16.39 73.23
CA THR M 190 17.20 -17.32 72.59
C THR M 190 16.36 -18.18 71.65
N PRO M 191 16.93 -19.08 70.83
CA PRO M 191 16.05 -20.02 70.13
C PRO M 191 15.35 -20.99 71.05
N ASP M 192 15.89 -21.22 72.25
CA ASP M 192 15.27 -22.17 73.17
C ASP M 192 13.97 -21.64 73.71
N ALA M 193 13.95 -20.35 74.08
CA ALA M 193 12.74 -19.74 74.62
C ALA M 193 11.62 -19.69 73.60
N VAL M 194 11.96 -19.67 72.32
CA VAL M 194 10.94 -19.72 71.28
C VAL M 194 10.51 -21.17 71.08
N PRO M 195 9.22 -21.45 71.18
CA PRO M 195 8.74 -22.80 70.84
C PRO M 195 8.78 -22.99 69.34
N GLN M 196 9.01 -24.23 68.94
CA GLN M 196 9.06 -24.55 67.53
C GLN M 196 7.66 -24.49 66.94
N LEU M 197 7.58 -24.11 65.69
CA LEU M 197 6.31 -24.19 64.98
C LEU M 197 5.94 -25.65 64.80
N PRO M 198 4.65 -25.97 64.76
CA PRO M 198 4.24 -27.28 64.25
C PRO M 198 4.56 -27.37 62.76
N LYS M 199 4.69 -28.61 62.30
CA LYS M 199 5.30 -28.90 61.01
C LYS M 199 4.51 -28.34 59.83
N GLU M 200 3.20 -28.11 59.98
CA GLU M 200 2.43 -27.50 58.92
C GLU M 200 2.84 -26.07 58.64
N CYS M 201 3.43 -25.41 59.63
CA CYS M 201 3.57 -23.97 59.58
C CYS M 201 4.91 -23.55 59.01
N THR M 202 5.94 -24.39 59.13
CA THR M 202 7.18 -24.17 58.42
C THR M 202 6.93 -24.19 56.91
N LEU M 203 7.76 -23.46 56.19
CA LEU M 203 7.61 -23.37 54.74
C LEU M 203 7.82 -24.70 54.06
N LYS M 204 8.62 -25.58 54.69
CA LYS M 204 8.92 -26.94 54.23
C LYS M 204 7.67 -27.67 53.80
N HIS M 205 6.71 -27.74 54.72
CA HIS M 205 5.41 -28.33 54.44
C HIS M 205 4.66 -27.73 53.26
N LEU M 206 4.50 -26.41 53.31
CA LEU M 206 3.81 -25.67 52.28
C LEU M 206 4.59 -25.82 50.98
N SER M 207 5.90 -25.78 51.08
CA SER M 207 6.76 -25.94 49.92
C SER M 207 6.54 -27.33 49.33
N SER M 208 6.40 -28.32 50.21
CA SER M 208 6.15 -29.69 49.78
C SER M 208 4.70 -29.89 49.40
N TYR M 209 3.83 -29.07 49.96
CA TYR M 209 2.45 -28.99 49.51
C TYR M 209 2.36 -28.54 48.06
N MET M 210 3.28 -27.68 47.63
CA MET M 210 3.25 -27.19 46.27
C MET M 210 4.06 -28.07 45.32
N GLU M 211 4.86 -29.00 45.85
CA GLU M 211 5.28 -30.13 45.03
C GLU M 211 4.10 -30.92 44.52
N GLU M 212 3.21 -31.26 45.45
CA GLU M 212 1.95 -31.93 45.15
C GLU M 212 0.81 -31.20 44.42
N LYS M 213 0.42 -30.03 44.94
CA LYS M 213 -0.96 -29.55 44.80
C LYS M 213 -1.37 -29.02 43.39
N LEU M 214 -0.34 -28.54 42.71
CA LEU M 214 -0.38 -28.14 41.31
C LEU M 214 0.05 -29.31 40.45
N LYS M 215 1.34 -29.63 40.48
CA LYS M 215 2.05 -30.58 39.63
C LYS M 215 1.28 -31.86 39.30
N SER M 216 0.72 -32.51 40.32
CA SER M 216 -0.14 -33.64 40.06
C SER M 216 -1.51 -33.20 39.57
N MET M 217 -2.10 -32.19 40.23
CA MET M 217 -3.46 -31.77 39.93
C MET M 217 -3.53 -31.03 38.59
N GLU M 218 -2.41 -30.43 38.17
CA GLU M 218 -2.40 -29.60 36.97
C GLU M 218 -2.62 -30.43 35.71
N SER M 219 -1.96 -31.58 35.61
CA SER M 219 -2.15 -32.44 34.47
C SER M 219 -3.44 -33.24 34.54
N LYS M 220 -4.11 -33.24 35.69
CA LYS M 220 -5.44 -33.83 35.75
C LYS M 220 -6.46 -32.97 35.01
N LYS M 221 -6.19 -31.67 34.90
CA LYS M 221 -7.06 -30.80 34.12
C LYS M 221 -6.90 -31.05 32.63
N ASN M 222 -5.68 -31.37 32.19
CA ASN M 222 -5.40 -31.50 30.76
C ASN M 222 -5.64 -32.91 30.25
N ILE M 223 -5.56 -33.91 31.12
CA ILE M 223 -6.05 -35.24 30.76
C ILE M 223 -7.58 -35.19 30.71
N GLU M 224 -8.18 -36.06 29.89
CA GLU M 224 -9.60 -36.16 29.58
C GLU M 224 -10.17 -34.91 28.94
N SER M 225 -9.33 -34.00 28.44
CA SER M 225 -9.84 -32.77 27.84
C SER M 225 -10.36 -33.02 26.43
N GLY M 226 -9.57 -33.72 25.61
CA GLY M 226 -9.87 -33.80 24.20
C GLY M 226 -10.05 -35.19 23.62
N LYS M 227 -10.66 -36.10 24.39
CA LYS M 227 -10.94 -37.43 23.86
C LYS M 227 -12.37 -37.54 23.36
N TYR M 228 -13.31 -36.88 24.05
CA TYR M 228 -14.67 -36.51 23.60
C TYR M 228 -15.62 -37.70 23.57
N GLU M 229 -15.17 -38.93 23.75
CA GLU M 229 -15.97 -40.07 23.28
C GLU M 229 -17.11 -40.35 24.26
N PHE M 230 -18.22 -40.86 23.73
CA PHE M 230 -19.32 -41.30 24.56
C PHE M 230 -19.10 -42.76 24.91
N ASP M 231 -20.01 -43.31 25.70
CA ASP M 231 -20.21 -44.74 25.81
C ASP M 231 -21.71 -45.00 25.66
N VAL M 232 -22.07 -45.92 24.76
CA VAL M 232 -23.48 -46.21 24.50
C VAL M 232 -24.06 -47.06 25.62
N ASP M 233 -25.30 -46.75 26.02
CA ASP M 233 -26.11 -47.69 26.80
C ASP M 233 -26.60 -48.80 25.88
N SER M 234 -26.06 -50.00 26.06
CA SER M 234 -26.60 -51.20 25.43
C SER M 234 -27.62 -51.79 26.40
N SER M 235 -28.89 -51.55 26.12
CA SER M 235 -29.98 -52.07 26.94
C SER M 235 -30.39 -53.45 26.47
N SER N 1 24.13 -54.74 47.24
CA SER N 1 25.58 -54.65 47.15
C SER N 1 26.01 -53.66 46.06
N VAL N 2 25.07 -53.33 45.16
CA VAL N 2 25.30 -52.35 44.11
C VAL N 2 24.44 -51.14 44.46
N LYS N 3 24.90 -49.94 44.05
CA LYS N 3 24.25 -48.68 44.42
C LYS N 3 22.82 -48.60 43.88
N ASP N 4 22.60 -49.11 42.67
CA ASP N 4 21.31 -48.90 42.01
C ASP N 4 20.26 -49.89 42.51
N ILE N 5 20.68 -51.09 42.92
CA ILE N 5 19.70 -52.14 43.16
C ILE N 5 19.03 -51.99 44.53
N LYS N 6 19.71 -51.39 45.50
CA LYS N 6 19.22 -51.39 46.88
C LYS N 6 17.97 -50.53 47.04
N LYS N 7 17.90 -49.43 46.30
CA LYS N 7 16.72 -48.56 46.39
C LYS N 7 15.50 -49.17 45.71
N LEU N 8 15.69 -50.23 44.91
CA LEU N 8 14.53 -50.94 44.38
C LEU N 8 14.03 -51.96 45.39
N ILE N 9 14.84 -52.25 46.42
CA ILE N 9 14.45 -53.25 47.42
C ILE N 9 13.95 -52.55 48.69
N GLU N 10 14.13 -51.22 48.76
CA GLU N 10 13.72 -50.49 49.96
C GLU N 10 12.20 -50.45 50.11
N GLU N 11 11.47 -50.41 49.00
CA GLU N 11 10.02 -50.48 49.08
C GLU N 11 9.55 -51.90 49.36
N GLY N 12 10.20 -52.89 48.75
CA GLY N 12 9.71 -54.26 48.82
C GLY N 12 9.93 -54.98 50.12
N ILE N 13 11.18 -55.25 50.49
CA ILE N 13 11.47 -56.20 51.56
C ILE N 13 12.20 -55.56 52.73
N LEU N 14 13.40 -55.04 52.48
CA LEU N 14 14.31 -54.66 53.55
C LEU N 14 14.21 -53.18 53.85
N ASP N 15 14.47 -52.84 55.11
CA ASP N 15 14.38 -51.48 55.62
C ASP N 15 15.74 -50.79 55.48
N TYR N 16 15.89 -49.65 56.17
CA TYR N 16 17.13 -48.90 56.06
C TYR N 16 18.11 -49.26 57.18
N GLU N 17 17.64 -49.91 58.24
CA GLU N 17 18.50 -50.14 59.41
C GLU N 17 19.50 -51.25 59.17
N ASP N 18 19.22 -52.16 58.24
CA ASP N 18 20.05 -53.35 58.09
C ASP N 18 21.13 -53.20 57.01
N LEU N 19 21.37 -51.99 56.51
CA LEU N 19 22.37 -51.83 55.45
C LEU N 19 23.78 -51.84 56.03
N THR N 20 24.76 -52.12 55.17
CA THR N 20 26.16 -52.11 55.57
C THR N 20 26.62 -50.65 55.66
N GLU N 21 27.71 -50.42 56.39
CA GLU N 21 28.36 -49.12 56.42
C GLU N 21 28.82 -48.72 55.01
N ASN N 22 29.36 -49.68 54.26
CA ASN N 22 29.78 -49.40 52.88
C ASN N 22 28.58 -49.27 51.95
N GLU N 23 27.40 -49.75 52.38
CA GLU N 23 26.21 -49.57 51.57
C GLU N 23 25.54 -48.23 51.85
N LEU N 24 25.59 -47.76 53.10
CA LEU N 24 25.06 -46.43 53.41
C LEU N 24 25.98 -45.35 52.84
N ARG N 25 27.27 -45.62 52.79
CA ARG N 25 28.21 -44.70 52.19
C ARG N 25 27.99 -44.60 50.68
N LYS N 26 27.69 -45.74 50.05
CA LYS N 26 27.51 -45.78 48.61
C LYS N 26 26.19 -45.14 48.20
N LEU N 27 25.16 -45.29 49.04
CA LEU N 27 23.84 -44.77 48.68
C LEU N 27 23.79 -43.25 48.85
N ALA N 28 24.70 -42.67 49.62
CA ALA N 28 24.77 -41.22 49.79
C ALA N 28 25.72 -40.55 48.80
N LYS N 29 26.62 -41.30 48.17
CA LYS N 29 27.43 -40.79 47.08
C LYS N 29 26.55 -40.53 45.86
N PRO N 30 26.96 -39.68 44.92
CA PRO N 30 26.14 -39.43 43.75
C PRO N 30 26.14 -40.60 42.78
N ASP N 31 25.17 -40.58 41.86
CA ASP N 31 25.00 -41.67 40.92
C ASP N 31 26.01 -41.58 39.78
N ASP N 32 25.78 -42.40 38.76
CA ASP N 32 26.68 -42.43 37.61
C ASP N 32 26.39 -41.29 36.64
N ASN N 33 25.25 -40.61 36.83
CA ASN N 33 24.96 -39.43 36.01
C ASN N 33 25.88 -38.28 36.39
N PHE N 34 26.25 -38.20 37.66
CA PHE N 34 27.38 -37.39 38.08
C PHE N 34 28.62 -37.98 37.43
N TYR N 35 29.54 -37.10 37.02
CA TYR N 35 30.75 -37.28 36.16
C TYR N 35 30.40 -37.39 34.69
N GLU N 36 29.14 -37.52 34.30
CA GLU N 36 28.76 -37.58 32.90
C GLU N 36 28.47 -36.18 32.39
N LEU N 37 29.14 -35.80 31.31
CA LEU N 37 29.19 -34.42 30.87
C LEU N 37 27.90 -34.02 30.15
N SER N 38 27.35 -32.88 30.55
CA SER N 38 26.10 -32.36 30.02
C SER N 38 26.10 -30.85 30.21
N PRO N 39 26.62 -30.09 29.23
CA PRO N 39 26.80 -28.65 29.42
C PRO N 39 25.61 -27.80 28.98
N TYR N 40 24.46 -27.95 29.63
CA TYR N 40 23.29 -27.18 29.21
C TYR N 40 22.43 -26.86 30.44
N ALA N 41 22.12 -25.59 30.60
CA ALA N 41 21.19 -25.12 31.62
C ALA N 41 20.23 -24.10 31.03
N SER N 42 19.04 -24.03 31.60
CA SER N 42 17.96 -23.20 31.07
C SER N 42 17.23 -22.51 32.21
N ASP N 43 16.34 -21.58 31.81
CA ASP N 43 15.48 -20.80 32.70
C ASP N 43 16.30 -20.01 33.73
N GLU N 44 17.06 -19.04 33.21
CA GLU N 44 17.94 -18.22 34.05
C GLU N 44 17.17 -17.06 34.69
N LYS N 45 16.07 -17.40 35.35
CA LYS N 45 15.32 -16.50 36.22
C LYS N 45 15.41 -17.08 37.64
N ASP N 46 16.48 -16.72 38.33
CA ASP N 46 16.71 -17.23 39.67
C ASP N 46 16.29 -16.23 40.71
N LEU N 47 15.76 -16.74 41.82
CA LEU N 47 15.39 -15.92 42.96
C LEU N 47 16.55 -15.73 43.94
N SER N 48 17.76 -16.14 43.54
CA SER N 48 18.93 -15.98 44.38
C SER N 48 19.47 -14.57 44.34
N LEU N 49 19.59 -13.98 43.15
CA LEU N 49 20.09 -12.62 43.03
C LEU N 49 18.92 -11.66 43.00
N ASN N 50 19.09 -10.51 43.64
CA ASN N 50 18.07 -9.47 43.65
C ASN N 50 18.56 -8.33 42.76
N GLU N 51 17.78 -8.01 41.73
CA GLU N 51 18.21 -6.94 40.83
C GLU N 51 18.01 -5.56 41.47
N THR N 52 17.23 -5.49 42.55
CA THR N 52 16.98 -4.21 43.20
C THR N 52 18.05 -3.85 44.22
N SER N 53 19.11 -4.64 44.34
CA SER N 53 20.05 -4.47 45.43
C SER N 53 21.08 -3.40 45.12
N GLY N 54 21.63 -2.80 46.17
CA GLY N 54 22.60 -1.74 46.02
C GLY N 54 23.66 -1.83 47.10
N LEU N 55 24.65 -0.95 46.98
CA LEU N 55 25.76 -0.94 47.91
C LEU N 55 25.35 -0.45 49.28
N THR N 56 26.22 -0.70 50.25
CA THR N 56 26.08 -0.09 51.57
C THR N 56 26.33 1.40 51.46
N ASN N 57 25.41 2.19 52.01
CA ASN N 57 25.45 3.64 51.79
C ASN N 57 26.55 4.28 52.63
N GLU N 58 26.78 3.76 53.84
CA GLU N 58 27.81 4.14 54.83
C GLU N 58 27.52 5.50 55.48
N GLN N 59 26.56 6.25 54.97
CA GLN N 59 26.01 7.43 55.62
C GLN N 59 24.62 7.15 56.15
N LEU N 60 23.83 6.37 55.42
CA LEU N 60 22.57 5.88 55.94
C LEU N 60 22.79 4.84 57.02
N LYS N 61 23.79 3.96 56.85
CA LYS N 61 24.10 2.96 57.86
C LYS N 61 24.63 3.63 59.13
N ASN N 62 25.32 4.75 58.98
CA ASN N 62 25.69 5.56 60.14
C ASN N 62 24.46 6.17 60.77
N PHE N 63 23.50 6.60 59.95
CA PHE N 63 22.31 7.26 60.47
C PHE N 63 21.33 6.26 61.08
N LEU N 64 21.20 5.08 60.48
CA LEU N 64 20.29 4.09 61.05
C LEU N 64 20.87 3.45 62.29
N GLY N 65 22.18 3.51 62.48
CA GLY N 65 22.76 2.85 63.64
C GLY N 65 22.58 3.64 64.92
N GLN N 66 22.38 4.95 64.80
CA GLN N 66 22.27 5.79 65.98
C GLN N 66 20.84 5.88 66.51
N ASN N 67 19.91 5.20 65.83
CA ASN N 67 18.52 4.90 66.24
C ASN N 67 17.63 6.13 66.17
N GLY N 68 18.16 7.34 66.07
CA GLY N 68 17.64 8.49 65.33
C GLY N 68 16.17 8.78 65.12
N THR N 69 15.27 8.15 65.90
CA THR N 69 13.80 8.20 65.81
C THR N 69 13.25 8.27 64.38
N TYR N 70 13.83 7.48 63.48
CA TYR N 70 13.55 7.54 62.05
C TYR N 70 12.30 6.74 61.69
N HIS N 71 11.91 6.84 60.43
CA HIS N 71 10.64 6.30 59.96
C HIS N 71 10.77 5.33 58.78
N MET N 72 11.94 5.24 58.15
CA MET N 72 12.16 4.28 57.09
C MET N 72 13.63 3.84 57.10
N SER N 73 13.86 2.55 56.90
CA SER N 73 15.19 1.97 56.90
C SER N 73 15.86 1.94 55.54
N TYR N 74 15.25 1.30 54.55
CA TYR N 74 15.90 1.08 53.27
C TYR N 74 15.88 2.33 52.39
N ASP N 75 16.39 2.20 51.18
CA ASP N 75 16.63 3.38 50.35
C ASP N 75 15.42 3.71 49.47
N SER N 76 14.73 2.67 49.01
CA SER N 76 13.48 2.71 48.25
C SER N 76 13.58 3.39 46.88
N LYS N 77 14.79 3.64 46.37
CA LYS N 77 14.88 4.18 45.03
C LYS N 77 14.86 3.08 43.99
N SER N 78 15.70 2.05 44.20
CA SER N 78 15.82 0.99 43.21
C SER N 78 14.66 0.01 43.32
N ILE N 79 13.91 0.06 44.42
CA ILE N 79 12.80 -0.89 44.56
C ILE N 79 11.49 -0.23 44.14
N ASP N 80 11.48 1.09 43.99
CA ASP N 80 10.43 1.75 43.24
C ASP N 80 10.74 1.85 41.76
N TYR N 81 12.02 1.83 41.39
CA TYR N 81 12.42 1.78 39.99
C TYR N 81 12.02 0.46 39.35
N ALA N 82 12.12 -0.63 40.11
CA ALA N 82 11.73 -1.93 39.58
C ALA N 82 10.22 -2.08 39.55
N LYS N 83 9.52 -1.34 40.42
CA LYS N 83 8.06 -1.35 40.38
C LYS N 83 7.55 -0.57 39.18
N GLN N 84 8.24 0.52 38.83
CA GLN N 84 7.81 1.35 37.70
C GLN N 84 8.05 0.64 36.38
N LYS N 85 9.22 0.01 36.22
CA LYS N 85 9.54 -0.66 34.97
C LYS N 85 8.74 -1.95 34.79
N LYS N 86 8.20 -2.48 35.88
CA LYS N 86 7.32 -3.65 35.77
C LYS N 86 5.95 -3.23 35.23
N SER N 87 5.50 -2.03 35.57
CA SER N 87 4.18 -1.58 35.14
C SER N 87 4.20 -1.05 33.71
N GLU N 88 5.39 -0.71 33.19
CA GLU N 88 5.47 -0.20 31.82
C GLU N 88 5.27 -1.32 30.80
N LYS N 89 5.65 -2.53 31.19
CA LYS N 89 5.53 -3.71 30.31
C LYS N 89 4.66 -4.90 30.78
N LYS N 90 4.43 -5.04 32.08
CA LYS N 90 3.75 -6.23 32.60
C LYS N 90 2.35 -6.24 32.00
N GLU N 91 1.78 -5.05 31.98
CA GLU N 91 0.48 -4.73 31.39
C GLU N 91 0.51 -4.84 29.88
N ASP N 92 1.70 -4.85 29.28
CA ASP N 92 1.81 -5.20 27.87
C ASP N 92 1.61 -6.70 27.67
N GLN N 93 2.53 -7.51 28.21
CA GLN N 93 2.56 -8.93 27.94
C GLN N 93 3.08 -9.67 29.16
N GLN N 94 2.15 -10.18 29.99
CA GLN N 94 2.42 -11.29 30.92
C GLN N 94 1.12 -11.86 31.49
N GLU N 95 0.99 -13.18 31.47
CA GLU N 95 0.21 -13.90 32.46
C GLU N 95 1.20 -14.60 33.36
N ASP N 96 0.96 -14.56 34.68
CA ASP N 96 2.06 -14.83 35.58
C ASP N 96 2.44 -16.30 35.63
N ASP N 97 1.67 -17.12 36.38
CA ASP N 97 1.85 -18.57 36.54
C ASP N 97 3.26 -19.00 36.97
N ASP N 98 4.05 -18.01 37.37
CA ASP N 98 5.46 -18.17 37.66
C ASP N 98 5.66 -17.91 39.14
N GLY N 99 4.89 -16.98 39.70
CA GLY N 99 4.84 -16.79 41.15
C GLY N 99 4.40 -18.03 41.90
N PHE N 100 3.67 -18.83 41.14
CA PHE N 100 3.17 -20.13 41.47
C PHE N 100 3.84 -20.94 40.36
N TYR N 101 4.55 -21.98 40.79
CA TYR N 101 5.36 -22.95 40.02
C TYR N 101 6.83 -22.60 39.78
N ASP N 102 7.30 -21.38 40.04
CA ASP N 102 8.75 -21.25 39.95
C ASP N 102 9.33 -20.75 41.27
N ALA N 103 8.50 -20.13 42.11
CA ALA N 103 8.97 -19.71 43.42
C ALA N 103 9.07 -20.88 44.37
N TYR N 104 8.03 -21.70 44.46
CA TYR N 104 8.01 -22.79 45.44
C TYR N 104 8.93 -23.94 45.06
N LYS N 105 9.25 -24.08 43.77
CA LYS N 105 10.23 -25.09 43.40
C LYS N 105 11.62 -24.68 43.84
N GLN N 106 11.96 -23.40 43.67
CA GLN N 106 13.29 -22.94 44.02
C GLN N 106 13.46 -22.77 45.52
N ILE N 107 12.37 -22.59 46.25
CA ILE N 107 12.47 -22.54 47.70
C ILE N 107 12.75 -23.92 48.27
N LYS N 108 12.06 -24.95 47.76
CA LYS N 108 12.26 -26.31 48.24
C LYS N 108 13.65 -26.83 47.88
N ASN N 109 14.21 -26.34 46.77
CA ASN N 109 15.58 -26.72 46.43
C ASN N 109 16.58 -26.10 47.39
N SER N 110 16.26 -24.92 47.94
CA SER N 110 17.19 -24.28 48.86
C SER N 110 17.17 -24.91 50.24
N TYR N 111 16.17 -25.74 50.53
CA TYR N 111 16.21 -26.50 51.77
C TYR N 111 17.00 -27.78 51.60
N ASP N 112 17.27 -28.17 50.35
CA ASP N 112 18.04 -29.38 50.09
C ASP N 112 19.48 -29.06 49.72
N GLY N 113 19.87 -27.79 49.76
CA GLY N 113 21.22 -27.40 49.44
C GLY N 113 21.49 -27.42 47.95
N ILE N 114 20.47 -27.12 47.15
CA ILE N 114 20.54 -27.18 45.70
C ILE N 114 20.40 -25.75 45.18
N PRO N 115 21.25 -25.31 44.26
CA PRO N 115 21.00 -24.03 43.60
C PRO N 115 19.78 -24.09 42.69
N ASN N 116 19.38 -22.93 42.18
CA ASN N 116 18.03 -22.77 41.66
C ASN N 116 17.86 -23.38 40.28
N ASN N 117 18.85 -23.20 39.41
CA ASN N 117 18.81 -23.81 38.08
C ASN N 117 19.64 -25.08 38.02
N PHE N 118 19.99 -25.64 39.17
CA PHE N 118 20.94 -26.73 39.22
C PHE N 118 20.23 -28.07 39.06
N ASN N 119 20.46 -28.71 37.92
CA ASN N 119 19.77 -29.94 37.56
C ASN N 119 20.51 -31.19 38.01
N HIS N 120 21.56 -31.06 38.81
CA HIS N 120 22.41 -32.20 39.13
C HIS N 120 22.39 -32.47 40.64
N GLU N 121 23.27 -33.36 41.08
CA GLU N 121 23.15 -33.88 42.43
C GLU N 121 24.03 -33.09 43.39
N ALA N 122 23.43 -32.68 44.51
CA ALA N 122 23.94 -31.65 45.40
C ALA N 122 24.08 -32.16 46.83
N PRO N 123 25.16 -31.81 47.51
CA PRO N 123 25.37 -32.33 48.86
C PRO N 123 24.69 -31.48 49.92
N GLN N 124 24.47 -32.10 51.06
CA GLN N 124 24.00 -31.43 52.27
C GLN N 124 24.45 -32.26 53.46
N LEU N 125 24.99 -31.59 54.47
CA LEU N 125 25.58 -32.25 55.62
C LEU N 125 24.47 -32.70 56.55
N ILE N 126 24.36 -34.01 56.74
CA ILE N 126 23.39 -34.61 57.65
C ILE N 126 24.15 -35.31 58.75
N GLY N 127 24.17 -34.72 59.94
CA GLY N 127 24.91 -35.30 61.03
C GLY N 127 26.41 -35.12 60.88
N ASN N 128 27.10 -36.20 60.51
CA ASN N 128 28.55 -36.16 60.40
C ASN N 128 29.02 -36.25 58.95
N ASN N 129 28.19 -36.76 58.04
CA ASN N 129 28.61 -36.98 56.67
C ASN N 129 27.65 -36.30 55.70
N TYR N 130 28.03 -36.31 54.42
CA TYR N 130 27.28 -35.62 53.38
C TYR N 130 26.38 -36.59 52.62
N VAL N 131 25.25 -36.07 52.14
CA VAL N 131 24.30 -36.84 51.36
C VAL N 131 24.03 -36.06 50.08
N PHE N 132 24.33 -36.66 48.94
CA PHE N 132 24.16 -36.02 47.64
C PHE N 132 22.75 -36.27 47.14
N THR N 133 21.93 -35.21 47.12
CA THR N 133 20.55 -35.29 46.65
C THR N 133 20.40 -34.39 45.43
N SER N 134 19.33 -34.58 44.69
CA SER N 134 19.03 -33.71 43.55
C SER N 134 17.57 -33.33 43.58
N ILE N 135 17.13 -32.70 42.48
CA ILE N 135 15.71 -32.44 42.30
C ILE N 135 14.98 -33.74 42.05
N TYR N 136 15.60 -34.64 41.29
CA TYR N 136 14.91 -35.81 40.77
C TYR N 136 14.77 -36.89 41.84
N ASP N 137 15.88 -37.28 42.47
CA ASP N 137 15.88 -38.22 43.58
C ASP N 137 16.18 -37.47 44.86
N THR N 138 15.14 -37.16 45.62
CA THR N 138 15.32 -36.31 46.77
C THR N 138 15.99 -37.02 47.94
N LYS N 139 16.01 -38.36 47.93
CA LYS N 139 16.59 -39.22 48.98
C LYS N 139 16.03 -38.87 50.35
N GLU N 140 14.71 -38.64 50.40
CA GLU N 140 14.08 -38.14 51.62
C GLU N 140 14.03 -39.21 52.71
N ASN N 141 13.93 -40.48 52.31
CA ASN N 141 13.87 -41.54 53.30
C ASN N 141 15.25 -41.81 53.91
N LEU N 142 16.32 -41.40 53.24
CA LEU N 142 17.64 -41.47 53.85
C LEU N 142 17.82 -40.35 54.86
N ILE N 143 17.30 -39.15 54.56
CA ILE N 143 17.45 -38.00 55.44
C ILE N 143 16.66 -38.23 56.73
N LYS N 144 15.53 -38.94 56.61
CA LYS N 144 14.80 -39.38 57.80
C LYS N 144 15.62 -40.40 58.59
N PHE N 145 16.44 -41.19 57.92
CA PHE N 145 17.22 -42.21 58.59
C PHE N 145 18.45 -41.62 59.28
N LEU N 146 19.18 -40.74 58.58
CA LEU N 146 20.45 -40.28 59.12
C LEU N 146 20.27 -39.08 60.05
N LYS N 147 19.04 -38.58 60.19
CA LYS N 147 18.79 -37.58 61.23
C LYS N 147 18.29 -38.24 62.51
N LYS N 148 17.30 -39.12 62.38
CA LYS N 148 16.67 -39.75 63.53
C LYS N 148 17.61 -40.74 64.22
N ASN N 149 18.04 -41.76 63.49
CA ASN N 149 18.83 -42.83 64.09
C ASN N 149 20.26 -42.40 64.39
N SER N 150 20.80 -41.43 63.66
CA SER N 150 22.18 -41.01 63.85
C SER N 150 22.32 -39.81 64.77
N GLU N 151 21.42 -39.64 65.74
CA GLU N 151 21.58 -38.60 66.75
C GLU N 151 22.76 -38.87 67.66
N TYR N 152 22.82 -40.09 68.22
CA TYR N 152 23.79 -40.38 69.26
C TYR N 152 25.01 -41.10 68.71
N ASP N 153 24.80 -42.03 67.77
CA ASP N 153 25.90 -42.84 67.27
C ASP N 153 26.39 -42.35 65.92
N LEU N 154 27.42 -43.02 65.41
CA LEU N 154 28.14 -42.59 64.21
C LEU N 154 27.96 -43.58 63.08
N TYR N 155 27.77 -43.06 61.88
CA TYR N 155 27.71 -43.84 60.66
C TYR N 155 28.47 -43.10 59.57
N ASP N 156 29.05 -43.85 58.64
CA ASP N 156 29.78 -43.24 57.55
C ASP N 156 29.21 -43.75 56.22
N GLY O 27 69.91 43.39 72.62
CA GLY O 27 69.33 43.97 71.42
C GLY O 27 68.11 43.21 70.93
N TYR O 28 67.59 43.60 69.77
CA TYR O 28 66.46 42.90 69.17
C TYR O 28 66.89 41.87 68.12
N GLY O 29 68.20 41.69 67.93
CA GLY O 29 68.65 40.74 66.92
C GLY O 29 68.67 39.31 67.43
N ASP O 30 68.71 39.14 68.75
CA ASP O 30 68.66 37.79 69.31
C ASP O 30 67.27 37.18 69.19
N LEU O 31 66.23 38.02 69.27
CA LEU O 31 64.88 37.55 69.01
C LEU O 31 64.73 37.14 67.54
N ALA O 32 65.39 37.89 66.65
CA ALA O 32 65.42 37.50 65.24
C ALA O 32 66.29 36.28 65.01
N ALA O 33 67.20 35.98 65.94
CA ALA O 33 67.97 34.75 65.85
C ALA O 33 67.21 33.57 66.44
N THR O 34 66.54 33.78 67.58
CA THR O 34 65.88 32.69 68.29
C THR O 34 64.57 32.29 67.65
N SER O 35 63.71 33.27 67.32
CA SER O 35 62.39 32.95 66.80
C SER O 35 62.45 32.47 65.35
N ALA O 36 63.55 32.76 64.66
CA ALA O 36 63.75 32.17 63.34
C ALA O 36 64.13 30.70 63.46
N LEU O 37 65.14 30.39 64.27
CA LEU O 37 65.58 29.01 64.43
C LEU O 37 64.54 28.14 65.12
N THR O 38 63.62 28.74 65.86
CA THR O 38 62.47 28.01 66.37
C THR O 38 61.56 27.59 65.23
N THR O 39 61.41 28.45 64.21
CA THR O 39 60.51 28.15 63.11
C THR O 39 61.13 27.18 62.12
N VAL O 40 62.43 27.34 61.82
CA VAL O 40 63.07 26.54 60.78
C VAL O 40 63.39 25.12 61.31
N ILE O 41 63.22 24.91 62.61
CA ILE O 41 63.44 23.57 63.15
C ILE O 41 62.11 22.89 63.48
N LYS O 42 61.17 23.62 64.08
CA LYS O 42 59.92 22.98 64.48
C LYS O 42 59.01 22.70 63.28
N ASP O 43 58.90 23.65 62.36
CA ASP O 43 57.93 23.50 61.28
C ASP O 43 58.30 22.49 60.19
N PRO O 44 59.58 22.33 59.74
CA PRO O 44 59.87 21.20 58.85
C PRO O 44 59.67 19.83 59.48
N ILE O 45 60.06 19.68 60.74
CA ILE O 45 59.96 18.38 61.40
C ILE O 45 58.51 18.07 61.73
N SER O 46 57.68 19.09 61.95
CA SER O 46 56.25 18.85 62.15
C SER O 46 55.57 18.40 60.85
N LEU O 47 56.20 18.68 59.70
CA LEU O 47 55.62 18.26 58.44
C LEU O 47 56.18 16.91 57.98
N THR O 48 57.42 16.60 58.33
CA THR O 48 57.98 15.30 57.94
C THR O 48 57.42 14.18 58.79
N ILE O 49 57.20 14.44 60.08
CA ILE O 49 56.63 13.43 60.97
C ILE O 49 55.17 13.15 60.62
N LYS O 50 54.47 14.15 60.08
CA LYS O 50 53.10 13.98 59.63
C LYS O 50 53.00 12.99 58.47
N ASP O 51 53.99 12.99 57.58
CA ASP O 51 53.97 12.03 56.47
C ASP O 51 54.55 10.68 56.89
N ILE O 52 55.46 10.68 57.86
CA ILE O 52 55.96 9.42 58.40
C ILE O 52 54.86 8.74 59.22
N TYR O 53 54.00 9.53 59.86
CA TYR O 53 52.93 8.92 60.63
C TYR O 53 51.82 8.39 59.74
N GLU O 54 51.38 9.19 58.76
CA GLU O 54 50.21 8.82 57.98
C GLU O 54 50.52 7.71 56.97
N HIS O 55 51.67 7.80 56.29
CA HIS O 55 51.99 6.82 55.26
C HIS O 55 52.93 5.72 55.72
N GLY O 56 53.65 5.92 56.82
CA GLY O 56 54.58 4.92 57.29
C GLY O 56 54.10 4.16 58.49
N VAL O 57 53.27 4.79 59.32
CA VAL O 57 52.73 4.09 60.48
C VAL O 57 51.26 3.74 60.26
N LYS O 58 50.42 4.76 60.10
CA LYS O 58 48.97 4.57 60.20
C LYS O 58 48.40 3.76 59.04
N ASN O 59 48.81 4.09 57.81
CA ASN O 59 48.35 3.29 56.68
C ASN O 59 48.93 1.87 56.62
N PRO O 60 50.16 1.58 57.09
CA PRO O 60 50.47 0.16 57.33
C PRO O 60 49.77 -0.42 58.54
N PHE O 61 49.46 0.38 59.56
CA PHE O 61 48.80 -0.17 60.74
C PHE O 61 47.35 -0.49 60.46
N THR O 62 46.66 0.36 59.69
CA THR O 62 45.29 0.08 59.29
C THR O 62 45.23 -1.14 58.37
N LYS O 63 46.29 -1.36 57.59
CA LYS O 63 46.37 -2.54 56.74
C LYS O 63 46.48 -3.82 57.58
N ILE O 64 47.04 -3.72 58.79
CA ILE O 64 47.28 -4.91 59.60
C ILE O 64 45.98 -5.40 60.24
N ILE O 65 45.19 -4.49 60.83
CA ILE O 65 43.93 -4.89 61.49
C ILE O 65 42.95 -5.45 60.47
N HIS O 66 42.88 -4.85 59.28
CA HIS O 66 41.92 -5.35 58.30
C HIS O 66 42.45 -6.56 57.56
N LYS O 67 43.69 -6.96 57.85
CA LYS O 67 44.12 -8.33 57.56
C LYS O 67 43.81 -9.25 58.73
N LEU O 68 43.73 -8.70 59.94
CA LEU O 68 43.38 -9.53 61.10
C LEU O 68 41.87 -9.76 61.16
N LYS O 69 41.08 -8.81 60.64
CA LYS O 69 39.62 -8.97 60.70
C LYS O 69 39.12 -10.03 59.74
N LYS O 70 39.95 -10.50 58.83
CA LYS O 70 39.59 -11.69 58.06
C LYS O 70 40.03 -12.96 58.78
N PHE O 71 40.64 -12.83 59.96
CA PHE O 71 41.08 -14.00 60.70
C PHE O 71 40.27 -14.21 61.97
N ILE O 72 39.90 -13.13 62.66
CA ILE O 72 39.05 -13.26 63.84
C ILE O 72 37.66 -13.75 63.44
N ARG O 73 37.01 -13.08 62.51
CA ARG O 73 35.85 -13.64 61.84
C ARG O 73 36.32 -14.12 60.48
N TYR O 74 35.39 -14.69 59.70
CA TYR O 74 35.56 -15.14 58.32
C TYR O 74 36.62 -16.23 58.16
N ARG O 75 37.01 -16.93 59.22
CA ARG O 75 38.07 -17.93 59.07
C ARG O 75 37.53 -19.26 58.55
N LYS O 76 36.21 -19.43 58.59
CA LYS O 76 35.62 -20.71 58.18
C LYS O 76 35.29 -20.69 56.70
N VAL O 77 34.94 -19.53 56.16
CA VAL O 77 34.59 -19.44 54.76
C VAL O 77 35.84 -19.45 53.90
N LEU O 78 36.93 -18.87 54.41
CA LEU O 78 38.16 -18.80 53.63
C LEU O 78 38.87 -20.15 53.60
N ARG O 79 38.41 -21.11 54.40
CA ARG O 79 38.80 -22.49 54.15
C ARG O 79 38.11 -23.03 52.91
N TRP O 80 36.83 -22.71 52.75
CA TRP O 80 36.10 -23.13 51.57
C TRP O 80 36.38 -22.20 50.40
N SER O 81 36.76 -20.96 50.67
CA SER O 81 37.01 -20.02 49.58
C SER O 81 38.34 -20.31 48.89
N ARG O 82 39.41 -20.49 49.65
CA ARG O 82 40.69 -20.78 49.04
C ARG O 82 40.78 -22.15 48.40
N MET O 83 39.94 -23.10 48.83
CA MET O 83 39.84 -24.35 48.12
C MET O 83 39.12 -24.18 46.79
N TRP O 84 38.26 -23.17 46.71
CA TRP O 84 37.45 -22.99 45.50
C TRP O 84 38.13 -21.99 44.59
N TRP O 85 39.11 -21.24 45.10
CA TRP O 85 39.87 -20.35 44.24
C TRP O 85 41.04 -21.07 43.61
N VAL O 86 41.66 -21.99 44.34
CA VAL O 86 42.73 -22.82 43.78
C VAL O 86 42.19 -23.70 42.66
N LEU O 87 40.98 -24.21 42.87
CA LEU O 87 40.33 -25.03 41.87
C LEU O 87 39.94 -24.13 40.72
N LEU O 88 39.37 -22.97 41.06
CA LEU O 88 38.95 -22.01 40.06
C LEU O 88 40.13 -21.51 39.25
N VAL O 89 41.24 -21.27 39.93
CA VAL O 89 42.44 -20.77 39.27
C VAL O 89 42.94 -21.79 38.26
N ARG O 90 42.92 -23.08 38.62
CA ARG O 90 43.35 -24.12 37.72
C ARG O 90 42.44 -24.16 36.50
N GLU O 91 41.14 -24.00 36.71
CA GLU O 91 40.20 -24.03 35.61
C GLU O 91 40.48 -22.88 34.65
N ILE O 92 40.75 -21.71 35.20
CA ILE O 92 41.03 -20.52 34.41
C ILE O 92 42.29 -20.62 33.55
N VAL O 93 43.38 -21.15 34.13
CA VAL O 93 44.65 -21.28 33.41
C VAL O 93 44.87 -22.63 32.72
N GLY O 94 44.65 -23.72 33.44
CA GLY O 94 44.76 -25.06 32.88
C GLY O 94 46.13 -25.47 32.39
N ASP O 95 47.07 -25.69 33.32
CA ASP O 95 48.42 -26.23 33.13
C ASP O 95 49.31 -25.25 32.35
N ASN O 96 49.14 -23.95 32.56
CA ASN O 96 50.11 -22.97 32.11
C ASN O 96 50.64 -22.24 33.34
N THR O 97 51.69 -21.45 33.17
CA THR O 97 52.29 -20.73 34.29
C THR O 97 51.39 -19.61 34.77
N ILE O 98 50.92 -19.73 36.01
CA ILE O 98 50.10 -18.70 36.66
C ILE O 98 51.01 -17.67 37.28
N GLU O 99 50.57 -16.42 37.28
CA GLU O 99 51.35 -15.36 37.89
C GLU O 99 51.14 -15.35 39.40
N LYS O 100 52.22 -15.48 40.15
CA LYS O 100 52.12 -15.53 41.60
C LYS O 100 51.81 -14.16 42.20
N LYS O 101 51.96 -13.09 41.43
CA LYS O 101 51.78 -11.75 41.98
C LYS O 101 50.37 -11.21 41.77
N THR O 102 49.74 -11.48 40.63
CA THR O 102 48.38 -11.01 40.39
C THR O 102 47.32 -12.06 40.72
N GLU O 103 47.71 -13.15 41.38
CA GLU O 103 46.74 -13.86 42.21
C GLU O 103 46.26 -12.97 43.35
N LYS O 104 47.20 -12.23 43.97
CA LYS O 104 46.87 -11.42 45.13
C LYS O 104 45.98 -10.23 44.75
N ALA O 105 46.06 -9.79 43.50
CA ALA O 105 45.11 -8.78 43.04
C ALA O 105 43.72 -9.41 42.86
N LEU O 106 43.68 -10.70 42.54
CA LEU O 106 42.41 -11.34 42.24
C LEU O 106 41.94 -12.25 43.37
N ARG O 107 42.81 -12.57 44.35
CA ARG O 107 42.30 -13.24 45.55
C ARG O 107 41.53 -12.26 46.41
N GLU O 108 41.94 -11.00 46.43
CA GLU O 108 41.25 -10.01 47.24
C GLU O 108 39.87 -9.69 46.65
N ILE O 109 39.73 -9.84 45.33
CA ILE O 109 38.40 -9.68 44.74
C ILE O 109 37.58 -10.94 44.98
N TRP O 110 38.23 -12.10 45.01
CA TRP O 110 37.51 -13.32 45.33
C TRP O 110 37.19 -13.41 46.81
N ASP O 111 38.04 -12.84 47.66
CA ASP O 111 37.73 -12.82 49.09
C ASP O 111 36.59 -11.86 49.39
N GLN O 112 36.51 -10.76 48.65
CA GLN O 112 35.41 -9.83 48.85
C GLN O 112 34.11 -10.36 48.25
N CYS O 113 34.16 -11.40 47.42
CA CYS O 113 32.92 -12.06 47.02
C CYS O 113 32.44 -13.01 48.12
N THR O 114 33.36 -13.66 48.83
CA THR O 114 32.94 -14.61 49.85
C THR O 114 32.49 -13.89 51.11
N ILE O 115 33.12 -12.76 51.43
CA ILE O 115 32.66 -11.93 52.53
C ILE O 115 31.26 -11.39 52.25
N ALA O 116 30.98 -11.07 50.98
CA ALA O 116 29.69 -10.51 50.62
C ALA O 116 28.61 -11.58 50.56
N VAL O 117 28.97 -12.84 50.29
CA VAL O 117 27.95 -13.88 50.25
C VAL O 117 27.66 -14.42 51.64
N TYR O 118 28.71 -14.64 52.45
CA TYR O 118 28.54 -15.24 53.77
C TYR O 118 27.81 -14.31 54.73
N ASN O 119 27.78 -13.01 54.44
CA ASN O 119 26.95 -12.11 55.22
C ASN O 119 25.50 -12.11 54.76
N ASN O 120 25.18 -12.89 53.72
CA ASN O 120 23.83 -12.94 53.19
C ASN O 120 23.16 -14.30 53.40
N THR O 121 23.86 -15.26 53.99
CA THR O 121 23.35 -16.62 54.10
C THR O 121 23.17 -16.98 55.56
N LEU O 122 21.96 -17.40 55.93
CA LEU O 122 21.76 -17.94 57.27
C LEU O 122 22.20 -19.40 57.34
N ASN O 123 22.18 -20.11 56.22
CA ASN O 123 22.67 -21.48 56.17
C ASN O 123 24.17 -21.51 56.41
N ALA O 124 24.64 -22.59 57.03
CA ALA O 124 26.06 -22.75 57.25
C ALA O 124 26.77 -23.11 55.96
N VAL O 125 28.09 -22.91 55.95
CA VAL O 125 28.87 -23.23 54.77
C VAL O 125 29.11 -24.73 54.67
N GLU O 126 29.40 -25.36 55.82
CA GLU O 126 29.63 -26.80 55.82
C GLU O 126 28.33 -27.57 55.67
N SER O 127 27.19 -26.95 55.96
CA SER O 127 25.93 -27.67 55.89
C SER O 127 25.44 -27.77 54.46
N LYS O 128 25.53 -26.68 53.69
CA LYS O 128 25.03 -26.63 52.32
C LYS O 128 26.03 -25.87 51.48
N PRO O 129 27.01 -26.56 50.89
CA PRO O 129 28.11 -25.82 50.24
C PRO O 129 27.83 -25.39 48.81
N LEU O 130 26.91 -26.04 48.08
CA LEU O 130 26.69 -25.62 46.70
C LEU O 130 25.87 -24.34 46.61
N LEU O 131 25.20 -23.96 47.70
CA LEU O 131 24.55 -22.66 47.73
C LEU O 131 25.57 -21.54 47.66
N PHE O 132 26.78 -21.78 48.16
CA PHE O 132 27.81 -20.77 48.16
C PHE O 132 28.54 -20.72 46.82
N LEU O 133 28.80 -21.88 46.20
CA LEU O 133 29.39 -21.89 44.86
C LEU O 133 28.48 -21.29 43.82
N HIS O 134 27.16 -21.39 44.01
CA HIS O 134 26.29 -20.62 43.14
C HIS O 134 26.30 -19.16 43.56
N GLY O 135 26.59 -18.90 44.84
CA GLY O 135 26.57 -17.53 45.32
C GLY O 135 27.87 -16.80 45.07
N ILE O 136 28.99 -17.46 45.28
CA ILE O 136 30.28 -16.79 45.17
C ILE O 136 30.68 -16.61 43.71
N LEU O 137 30.42 -17.62 42.87
CA LEU O 137 30.74 -17.50 41.45
C LEU O 137 29.91 -16.43 40.76
N ASN O 138 28.62 -16.34 41.09
CA ASN O 138 27.79 -15.28 40.50
C ASN O 138 28.14 -13.92 41.08
N GLU O 139 28.68 -13.88 42.30
CA GLU O 139 29.12 -12.61 42.84
C GLU O 139 30.39 -12.14 42.14
N CYS O 140 31.33 -13.06 41.88
CA CYS O 140 32.54 -12.74 41.15
C CYS O 140 32.44 -12.94 39.65
N ARG O 141 31.31 -13.40 39.12
CA ARG O 141 31.08 -13.23 37.69
C ARG O 141 30.77 -11.78 37.38
N ASN O 142 30.13 -11.09 38.33
CA ASN O 142 29.84 -9.69 38.19
C ASN O 142 30.92 -8.80 38.78
N ASN O 143 31.60 -9.21 39.85
CA ASN O 143 32.66 -8.40 40.43
C ASN O 143 33.89 -8.37 39.53
N PHE O 144 34.15 -9.44 38.78
CA PHE O 144 35.19 -9.37 37.77
C PHE O 144 34.73 -8.54 36.58
N ALA O 145 33.44 -8.58 36.25
CA ALA O 145 32.96 -7.89 35.06
C ALA O 145 32.94 -6.39 35.26
N THR O 146 32.83 -5.93 36.50
CA THR O 146 32.82 -4.49 36.75
C THR O 146 34.21 -3.96 37.05
N LYS O 147 35.19 -4.85 37.18
CA LYS O 147 36.56 -4.38 37.38
C LYS O 147 37.45 -4.67 36.20
N LEU O 148 37.49 -5.91 35.72
CA LEU O 148 38.37 -6.32 34.63
C LEU O 148 37.81 -5.72 33.34
N ARG O 149 38.51 -4.74 32.79
CA ARG O 149 38.12 -4.26 31.47
C ARG O 149 38.55 -5.23 30.40
N GLN O 150 39.87 -5.44 30.29
CA GLN O 150 40.41 -6.34 29.28
C GLN O 150 40.68 -7.69 29.91
N ASP O 151 40.19 -8.75 29.27
CA ASP O 151 40.37 -10.10 29.79
C ASP O 151 40.90 -11.09 28.76
N PRO O 152 42.19 -10.97 28.42
CA PRO O 152 42.80 -11.92 27.48
C PRO O 152 42.81 -13.33 28.02
N SER O 153 42.79 -13.48 29.35
CA SER O 153 42.57 -14.78 29.94
C SER O 153 41.10 -15.10 30.14
N LEU O 154 40.20 -14.21 29.72
CA LEU O 154 38.77 -14.47 29.56
C LEU O 154 38.11 -14.86 30.87
N ILE O 155 38.40 -14.11 31.93
CA ILE O 155 38.01 -14.54 33.27
C ILE O 155 36.50 -14.49 33.43
N VAL O 156 35.87 -13.44 32.93
CA VAL O 156 34.41 -13.37 32.94
C VAL O 156 33.83 -14.41 32.02
N ALA O 157 34.40 -14.53 30.81
CA ALA O 157 33.82 -15.38 29.77
C ALA O 157 33.85 -16.85 30.16
N LYS O 158 34.81 -17.23 31.00
CA LYS O 158 34.88 -18.61 31.45
C LYS O 158 33.83 -18.85 32.53
N ILE O 159 33.81 -17.98 33.53
CA ILE O 159 32.90 -18.09 34.67
C ILE O 159 31.45 -17.97 34.24
N ASP O 160 31.21 -17.32 33.10
CA ASP O 160 29.95 -17.43 32.38
C ASP O 160 29.53 -18.87 32.21
N GLN O 161 30.34 -19.64 31.49
CA GLN O 161 29.95 -21.00 31.18
C GLN O 161 30.00 -21.91 32.40
N ILE O 162 30.93 -21.63 33.31
CA ILE O 162 31.06 -22.44 34.52
C ILE O 162 29.79 -22.41 35.33
N ILE O 163 29.15 -21.24 35.36
CA ILE O 163 27.81 -21.17 35.92
C ILE O 163 26.79 -21.72 34.94
N LYS O 164 26.87 -21.31 33.66
CA LYS O 164 25.80 -21.61 32.72
C LYS O 164 25.75 -23.06 32.32
N SER O 165 26.78 -23.83 32.57
CA SER O 165 26.78 -25.22 32.16
C SER O 165 26.96 -26.17 33.32
N GLN O 166 26.84 -25.67 34.55
CA GLN O 166 26.76 -26.44 35.79
C GLN O 166 27.96 -27.35 35.99
N ILE O 167 29.13 -26.97 35.48
CA ILE O 167 30.37 -27.68 35.76
C ILE O 167 30.75 -27.55 37.22
N TYR O 168 30.17 -26.57 37.92
CA TYR O 168 30.62 -26.29 39.27
C TYR O 168 30.22 -27.34 40.30
N ARG O 169 29.64 -28.46 39.86
CA ARG O 169 29.53 -29.67 40.65
C ARG O 169 30.86 -30.20 41.12
N PHE O 170 31.69 -30.64 40.16
CA PHE O 170 32.77 -31.60 40.38
C PHE O 170 33.81 -31.10 41.32
N TRP O 171 33.77 -29.76 41.50
CA TRP O 171 34.59 -29.01 42.43
C TRP O 171 34.27 -29.69 43.72
N VAL O 172 32.99 -29.61 44.13
CA VAL O 172 32.66 -30.47 45.25
C VAL O 172 32.87 -31.90 44.82
N SER O 173 33.80 -32.56 45.46
CA SER O 173 33.94 -34.00 45.36
C SER O 173 34.50 -34.46 46.69
N GLU O 174 34.46 -35.76 46.88
CA GLU O 174 34.98 -36.40 48.09
C GLU O 174 36.39 -36.02 48.49
N PRO O 175 37.37 -35.89 47.59
CA PRO O 175 38.66 -35.36 48.09
C PRO O 175 38.58 -33.90 48.43
N TYR O 176 37.66 -33.17 47.80
CA TYR O 176 37.63 -31.74 48.02
C TYR O 176 36.89 -31.41 49.31
N LEU O 177 35.90 -32.21 49.65
CA LEU O 177 35.09 -31.92 50.82
C LEU O 177 35.85 -32.17 52.10
N LYS O 178 36.75 -33.14 52.10
CA LYS O 178 37.52 -33.47 53.29
C LYS O 178 38.45 -32.33 53.65
N ILE O 179 38.98 -31.65 52.64
CA ILE O 179 39.89 -30.54 52.88
C ILE O 179 39.13 -29.38 53.51
N GLY O 180 37.85 -29.24 53.17
CA GLY O 180 37.06 -28.17 53.73
C GLY O 180 36.76 -28.38 55.20
N ARG O 181 36.55 -29.62 55.60
CA ARG O 181 36.35 -29.89 57.01
C ARG O 181 37.66 -29.92 57.76
N SER O 182 38.76 -30.11 57.03
CA SER O 182 40.07 -30.22 57.66
C SER O 182 40.46 -28.90 58.29
N HIS O 183 41.01 -29.00 59.49
CA HIS O 183 41.30 -27.83 60.29
C HIS O 183 42.58 -27.20 59.79
N THR O 184 42.45 -26.42 58.72
CA THR O 184 43.60 -25.79 58.11
C THR O 184 43.41 -24.29 58.14
N LEU O 185 44.50 -23.55 58.26
CA LEU O 185 44.46 -22.14 57.96
C LEU O 185 44.48 -21.96 56.46
N TYR O 186 43.88 -20.88 56.00
CA TYR O 186 43.72 -20.67 54.58
C TYR O 186 45.03 -20.35 53.89
N THR O 187 45.98 -19.79 54.63
CA THR O 187 47.29 -19.50 54.07
C THR O 187 48.05 -20.77 53.73
N HIS O 188 47.70 -21.88 54.38
CA HIS O 188 48.34 -23.15 54.10
C HIS O 188 47.77 -23.86 52.87
N ILE O 189 46.64 -23.40 52.34
CA ILE O 189 45.99 -24.09 51.24
C ILE O 189 46.63 -23.61 49.93
N THR O 190 47.50 -24.44 49.41
CA THR O 190 48.35 -24.20 48.25
C THR O 190 47.70 -24.88 47.05
N PRO O 191 48.21 -24.72 45.83
CA PRO O 191 47.82 -25.67 44.79
C PRO O 191 48.31 -27.09 45.07
N ASP O 192 49.36 -27.25 45.86
CA ASP O 192 49.84 -28.57 46.20
C ASP O 192 48.81 -29.33 47.02
N ALA O 193 48.24 -28.67 48.02
CA ALA O 193 47.25 -29.34 48.86
C ALA O 193 45.95 -29.60 48.15
N VAL O 194 45.72 -28.98 47.00
CA VAL O 194 44.49 -29.18 46.26
C VAL O 194 44.74 -30.25 45.21
N PRO O 195 43.94 -31.31 45.18
CA PRO O 195 44.10 -32.30 44.13
C PRO O 195 43.52 -31.81 42.82
N GLN O 196 44.04 -32.34 41.72
CA GLN O 196 43.52 -31.97 40.42
C GLN O 196 42.21 -32.62 40.04
N LEU O 197 41.38 -31.89 39.32
CA LEU O 197 40.17 -32.53 38.88
C LEU O 197 40.50 -33.49 37.76
N PRO O 198 39.65 -34.51 37.53
CA PRO O 198 39.87 -35.47 36.46
C PRO O 198 39.66 -34.66 35.19
N LYS O 199 40.31 -35.10 34.12
CA LYS O 199 40.44 -34.28 32.91
C LYS O 199 39.12 -34.06 32.20
N GLU O 200 38.09 -34.81 32.53
CA GLU O 200 36.77 -34.52 31.98
C GLU O 200 36.14 -33.27 32.58
N CYS O 201 36.74 -32.72 33.62
CA CYS O 201 36.20 -31.55 34.30
C CYS O 201 36.66 -30.19 33.76
N THR O 202 37.92 -30.09 33.37
CA THR O 202 38.43 -28.81 32.89
C THR O 202 37.73 -28.34 31.62
N LEU O 203 37.51 -27.03 31.55
CA LEU O 203 36.86 -26.40 30.41
C LEU O 203 37.45 -26.85 29.09
N LYS O 204 38.74 -27.21 29.11
CA LYS O 204 39.40 -27.72 27.92
C LYS O 204 38.63 -28.88 27.32
N HIS O 205 38.36 -29.87 28.15
CA HIS O 205 37.60 -31.01 27.71
C HIS O 205 36.19 -30.85 27.20
N LEU O 206 35.43 -29.99 27.88
CA LEU O 206 34.07 -29.63 27.47
C LEU O 206 34.00 -28.65 26.29
N SER O 207 35.02 -27.80 26.24
CA SER O 207 35.22 -26.88 25.14
C SER O 207 35.54 -27.72 23.91
N SER O 208 36.34 -28.76 24.10
CA SER O 208 36.70 -29.66 23.01
C SER O 208 35.53 -30.54 22.63
N TYR O 209 34.76 -30.94 23.65
CA TYR O 209 33.48 -31.58 23.44
C TYR O 209 32.54 -30.77 22.57
N MET O 210 32.50 -29.45 22.76
CA MET O 210 31.62 -28.62 21.96
C MET O 210 32.09 -28.52 20.51
N GLU O 211 33.41 -28.36 20.31
CA GLU O 211 33.91 -28.34 18.94
C GLU O 211 33.79 -29.72 18.30
N GLU O 212 33.84 -30.78 19.09
CA GLU O 212 33.55 -32.10 18.53
C GLU O 212 32.07 -32.22 18.17
N LYS O 213 31.23 -31.33 18.69
CA LYS O 213 29.89 -31.18 18.17
C LYS O 213 29.80 -30.09 17.11
N LEU O 214 30.23 -28.89 17.47
CA LEU O 214 29.88 -27.71 16.66
C LEU O 214 30.72 -27.64 15.39
N LYS O 215 31.71 -28.51 15.26
CA LYS O 215 32.24 -28.75 13.93
C LYS O 215 31.34 -29.78 13.26
N SER O 216 31.04 -30.86 13.99
CA SER O 216 30.45 -32.03 13.36
C SER O 216 28.98 -31.82 13.02
N MET O 217 28.31 -30.91 13.71
CA MET O 217 27.17 -30.24 13.14
C MET O 217 27.74 -28.97 12.56
N GLU O 218 27.23 -28.54 11.39
CA GLU O 218 27.93 -28.04 10.19
C GLU O 218 28.27 -29.19 9.24
N SER O 219 28.01 -30.44 9.65
CA SER O 219 27.86 -31.47 8.64
C SER O 219 26.40 -31.82 8.45
N LYS O 220 25.55 -31.42 9.40
CA LYS O 220 24.10 -31.59 9.24
C LYS O 220 23.58 -30.71 8.11
N LYS O 221 23.99 -29.45 8.09
CA LYS O 221 23.85 -28.63 6.91
C LYS O 221 25.13 -27.82 6.83
N ASN O 222 25.41 -27.30 5.63
CA ASN O 222 26.72 -27.28 4.97
C ASN O 222 26.98 -28.70 4.53
N ILE O 223 25.93 -29.27 3.94
CA ILE O 223 26.02 -30.54 3.25
C ILE O 223 27.07 -30.44 2.16
N GLU O 224 27.85 -31.49 1.96
CA GLU O 224 28.88 -31.41 0.92
C GLU O 224 28.57 -32.27 -0.29
N SER O 225 27.42 -32.01 -0.92
CA SER O 225 27.02 -32.75 -2.13
C SER O 225 27.09 -34.25 -1.94
N GLY O 226 26.42 -34.76 -0.91
CA GLY O 226 26.47 -36.20 -0.65
C GLY O 226 27.91 -36.61 -0.42
N LYS O 227 28.54 -35.91 0.52
CA LYS O 227 29.95 -36.09 0.86
C LYS O 227 30.25 -37.49 1.36
N TYR O 228 29.34 -38.07 2.13
CA TYR O 228 29.57 -39.41 2.64
C TYR O 228 29.71 -40.34 1.44
N GLU O 229 30.71 -41.20 1.50
CA GLU O 229 31.00 -42.12 0.41
C GLU O 229 30.72 -43.54 0.86
N PHE O 230 30.55 -44.42 -0.11
CA PHE O 230 30.29 -45.82 0.19
C PHE O 230 31.34 -46.71 -0.46
N ASP O 231 31.88 -47.63 0.34
CA ASP O 231 32.89 -48.59 -0.14
C ASP O 231 32.23 -49.92 -0.49
N VAL O 232 30.89 -49.94 -0.49
CA VAL O 232 30.05 -51.12 -0.73
C VAL O 232 30.37 -52.16 0.37
N ASP O 233 30.46 -53.44 0.01
CA ASP O 233 30.72 -54.55 0.95
C ASP O 233 30.93 -55.90 0.29
N SER O 234 29.84 -56.37 -0.32
CA SER O 234 29.74 -57.71 -0.88
C SER O 234 28.98 -57.93 -2.19
N SER O 235 29.28 -59.08 -2.79
CA SER O 235 28.69 -59.61 -4.01
C SER O 235 27.17 -59.54 -4.08
N SER P 1 62.91 -33.43 6.37
CA SER P 1 63.93 -32.40 6.27
C SER P 1 63.33 -31.05 5.91
N VAL P 2 62.10 -31.06 5.40
CA VAL P 2 61.36 -29.85 5.06
C VAL P 2 60.22 -29.75 6.08
N LYS P 3 59.81 -28.51 6.39
CA LYS P 3 58.82 -28.25 7.43
C LYS P 3 57.47 -28.90 7.10
N ASP P 4 57.08 -28.87 5.83
CA ASP P 4 55.74 -29.29 5.46
C ASP P 4 55.62 -30.81 5.36
N ILE P 5 56.71 -31.49 5.01
CA ILE P 5 56.59 -32.90 4.66
C ILE P 5 56.53 -33.79 5.90
N LYS P 6 57.13 -33.36 7.02
CA LYS P 6 57.29 -34.23 8.18
C LYS P 6 55.95 -34.53 8.86
N LYS P 7 55.05 -33.56 8.87
CA LYS P 7 53.75 -33.79 9.48
C LYS P 7 52.85 -34.69 8.63
N LEU P 8 53.22 -34.93 7.38
CA LEU P 8 52.50 -35.92 6.58
C LEU P 8 53.01 -37.32 6.87
N ILE P 9 54.17 -37.41 7.52
CA ILE P 9 54.78 -38.72 7.81
C ILE P 9 54.54 -39.09 9.27
N GLU P 10 54.03 -38.15 10.07
CA GLU P 10 53.81 -38.42 11.49
C GLU P 10 52.68 -39.43 11.70
N GLU P 11 51.67 -39.41 10.84
CA GLU P 11 50.62 -40.41 10.94
C GLU P 11 51.09 -41.75 10.40
N GLY P 12 51.85 -41.75 9.31
CA GLY P 12 52.20 -42.97 8.62
C GLY P 12 53.25 -43.85 9.28
N ILE P 13 54.49 -43.36 9.37
CA ILE P 13 55.61 -44.23 9.71
C ILE P 13 56.29 -43.83 11.00
N LEU P 14 56.85 -42.62 11.03
CA LEU P 14 57.77 -42.22 12.08
C LEU P 14 57.07 -41.45 13.18
N ASP P 15 57.58 -41.58 14.39
CA ASP P 15 57.02 -40.94 15.58
C ASP P 15 57.67 -39.58 15.79
N TYR P 16 57.47 -39.02 16.99
CA TYR P 16 58.00 -37.69 17.26
C TYR P 16 59.37 -37.74 17.94
N GLU P 17 59.75 -38.91 18.46
CA GLU P 17 60.98 -38.98 19.26
C GLU P 17 62.23 -38.97 18.39
N ASP P 18 62.10 -39.37 17.13
CA ASP P 18 63.29 -39.54 16.29
C ASP P 18 63.61 -38.33 15.44
N LEU P 19 62.99 -37.18 15.69
CA LEU P 19 63.28 -36.01 14.86
C LEU P 19 64.58 -35.35 15.27
N THR P 20 65.14 -34.56 14.36
CA THR P 20 66.36 -33.82 14.63
C THR P 20 66.02 -32.60 15.50
N GLU P 21 67.02 -32.06 16.19
CA GLU P 21 66.87 -30.79 16.90
C GLU P 21 66.47 -29.67 15.94
N ASN P 22 67.08 -29.66 14.76
CA ASN P 22 66.72 -28.64 13.77
C ASN P 22 65.37 -28.93 13.11
N GLU P 23 64.88 -30.17 13.26
CA GLU P 23 63.56 -30.49 12.74
C GLU P 23 62.47 -30.15 13.76
N LEU P 24 62.76 -30.34 15.05
CA LEU P 24 61.81 -29.93 16.08
C LEU P 24 61.73 -28.41 16.18
N ARG P 25 62.85 -27.73 15.91
CA ARG P 25 62.86 -26.28 15.90
C ARG P 25 62.05 -25.75 14.72
N LYS P 26 62.15 -26.43 13.58
CA LYS P 26 61.48 -25.97 12.37
C LYS P 26 59.98 -26.25 12.45
N LEU P 27 59.59 -27.34 13.11
CA LEU P 27 58.18 -27.69 13.17
C LEU P 27 57.42 -26.81 14.17
N ALA P 28 58.13 -26.15 15.09
CA ALA P 28 57.52 -25.23 16.03
C ALA P 28 57.52 -23.79 15.54
N LYS P 29 58.34 -23.45 14.57
CA LYS P 29 58.29 -22.15 13.91
C LYS P 29 57.00 -22.06 13.09
N PRO P 30 56.53 -20.85 12.78
CA PRO P 30 55.30 -20.73 11.98
C PRO P 30 55.52 -21.10 10.53
N ASP P 31 54.41 -21.32 9.83
CA ASP P 31 54.47 -21.77 8.45
C ASP P 31 54.75 -20.61 7.51
N ASP P 32 54.59 -20.87 6.21
CA ASP P 32 54.86 -19.84 5.20
C ASP P 32 53.67 -18.90 5.06
N ASN P 33 52.52 -19.25 5.64
CA ASN P 33 51.38 -18.34 5.65
C ASN P 33 51.64 -17.15 6.56
N PHE P 34 52.38 -17.38 7.64
CA PHE P 34 53.01 -16.30 8.39
C PHE P 34 54.02 -15.62 7.47
N TYR P 35 54.11 -14.30 7.57
CA TYR P 35 54.79 -13.29 6.71
C TYR P 35 54.01 -12.99 5.44
N GLU P 36 52.95 -13.72 5.12
CA GLU P 36 52.15 -13.42 3.94
C GLU P 36 51.01 -12.49 4.33
N LEU P 37 50.91 -11.38 3.61
CA LEU P 37 50.07 -10.26 4.02
C LEU P 37 48.61 -10.54 3.71
N SER P 38 47.76 -10.30 4.71
CA SER P 38 46.34 -10.56 4.62
C SER P 38 45.63 -9.64 5.62
N PRO P 39 45.27 -8.42 5.22
CA PRO P 39 44.75 -7.44 6.19
C PRO P 39 43.24 -7.45 6.35
N TYR P 40 42.67 -8.56 6.85
CA TYR P 40 41.22 -8.63 6.99
C TYR P 40 40.88 -9.47 8.23
N ALA P 41 40.06 -8.90 9.10
CA ALA P 41 39.51 -9.61 10.24
C ALA P 41 38.02 -9.32 10.37
N SER P 42 37.29 -10.27 10.95
CA SER P 42 35.84 -10.19 11.02
C SER P 42 35.37 -10.68 12.39
N ASP P 43 34.06 -10.48 12.62
CA ASP P 43 33.34 -10.88 13.84
C ASP P 43 33.97 -10.26 15.08
N GLU P 44 33.86 -8.93 15.17
CA GLU P 44 34.44 -8.18 16.28
C GLU P 44 33.52 -8.17 17.50
N LYS P 45 33.10 -9.37 17.91
CA LYS P 45 32.41 -9.61 19.16
C LYS P 45 33.32 -10.50 20.00
N ASP P 46 34.23 -9.88 20.73
CA ASP P 46 35.20 -10.60 21.53
C ASP P 46 34.76 -10.65 22.98
N LEU P 47 35.06 -11.76 23.63
CA LEU P 47 34.80 -11.93 25.05
C LEU P 47 35.97 -11.46 25.91
N SER P 48 36.94 -10.80 25.30
CA SER P 48 38.09 -10.30 26.03
C SER P 48 37.78 -9.01 26.76
N LEU P 49 37.11 -8.06 26.10
CA LEU P 49 36.75 -6.81 26.74
C LEU P 49 35.35 -6.92 27.30
N ASN P 50 35.15 -6.32 28.48
CA ASN P 50 33.85 -6.29 29.12
C ASN P 50 33.30 -4.87 29.00
N GLU P 51 32.12 -4.73 28.38
CA GLU P 51 31.56 -3.41 28.21
C GLU P 51 30.96 -2.89 29.51
N THR P 52 30.74 -3.77 30.49
CA THR P 52 30.16 -3.37 31.76
C THR P 52 31.19 -2.86 32.75
N SER P 53 32.45 -2.76 32.34
CA SER P 53 33.51 -2.49 33.31
C SER P 53 33.63 -1.01 33.60
N GLY P 54 34.16 -0.69 34.78
CA GLY P 54 34.31 0.68 35.20
C GLY P 54 35.59 0.85 36.00
N LEU P 55 35.86 2.11 36.35
CA LEU P 55 37.08 2.44 37.07
C LEU P 55 37.04 1.94 38.50
N THR P 56 38.22 1.95 39.12
CA THR P 56 38.32 1.72 40.55
C THR P 56 37.71 2.89 41.29
N ASN P 57 36.81 2.60 42.23
CA ASN P 57 36.03 3.66 42.86
C ASN P 57 36.86 4.44 43.86
N GLU P 58 37.78 3.76 44.56
CA GLU P 58 38.76 4.25 45.54
C GLU P 58 38.12 4.69 46.85
N GLN P 59 36.78 4.78 46.90
CA GLN P 59 36.02 4.93 48.12
C GLN P 59 35.30 3.64 48.48
N LEU P 60 34.81 2.93 47.46
CA LEU P 60 34.29 1.60 47.68
C LEU P 60 35.41 0.62 47.99
N LYS P 61 36.54 0.75 47.29
CA LYS P 61 37.69 -0.12 47.56
C LYS P 61 38.26 0.13 48.95
N ASN P 62 38.16 1.37 49.42
CA ASN P 62 38.48 1.67 50.81
C ASN P 62 37.46 1.02 51.75
N PHE P 63 36.19 1.02 51.35
CA PHE P 63 35.15 0.47 52.22
C PHE P 63 35.15 -1.05 52.20
N LEU P 64 35.41 -1.65 51.04
CA LEU P 64 35.44 -3.11 51.00
C LEU P 64 36.70 -3.68 51.64
N GLY P 65 37.74 -2.88 51.78
CA GLY P 65 38.98 -3.39 52.32
C GLY P 65 38.93 -3.53 53.83
N GLN P 66 38.07 -2.75 54.49
CA GLN P 66 38.02 -2.75 55.94
C GLN P 66 37.08 -3.82 56.50
N ASN P 67 36.43 -4.58 55.60
CA ASN P 67 35.70 -5.83 55.82
C ASN P 67 34.35 -5.57 56.51
N GLY P 68 34.10 -4.40 57.08
CA GLY P 68 32.84 -3.68 57.13
C GLY P 68 31.48 -4.34 57.19
N THR P 69 31.42 -5.66 57.53
CA THR P 69 30.21 -6.53 57.55
C THR P 69 29.20 -6.24 56.43
N TYR P 70 29.71 -6.02 55.22
CA TYR P 70 28.90 -5.58 54.08
C TYR P 70 28.20 -6.75 53.40
N HIS P 71 27.36 -6.42 52.42
CA HIS P 71 26.47 -7.39 51.80
C HIS P 71 26.61 -7.46 50.28
N MET P 72 27.31 -6.51 49.66
CA MET P 72 27.56 -6.57 48.22
C MET P 72 28.90 -5.93 47.93
N SER P 73 29.65 -6.54 47.01
CA SER P 73 30.98 -6.07 46.63
C SER P 73 30.98 -5.10 45.46
N TYR P 74 30.44 -5.50 44.31
CA TYR P 74 30.56 -4.71 43.10
C TYR P 74 29.58 -3.55 43.08
N ASP P 75 29.56 -2.82 41.97
CA ASP P 75 28.81 -1.56 41.95
C ASP P 75 27.39 -1.75 41.46
N SER P 76 27.20 -2.69 40.52
CA SER P 76 25.92 -3.16 39.98
C SER P 76 25.12 -2.09 39.23
N LYS P 77 25.72 -0.95 38.89
CA LYS P 77 24.99 0.02 38.09
C LYS P 77 25.14 -0.29 36.61
N SER P 78 26.38 -0.52 36.16
CA SER P 78 26.63 -0.72 34.74
C SER P 78 26.27 -2.14 34.33
N ILE P 79 26.10 -3.04 35.30
CA ILE P 79 25.79 -4.42 34.94
C ILE P 79 24.28 -4.67 35.02
N ASP P 80 23.54 -3.75 35.64
CA ASP P 80 22.11 -3.68 35.45
C ASP P 80 21.73 -2.81 34.26
N TYR P 81 22.58 -1.86 33.89
CA TYR P 81 22.36 -1.06 32.69
C TYR P 81 22.48 -1.92 31.43
N ALA P 82 23.41 -2.88 31.44
CA ALA P 82 23.56 -3.76 30.29
C ALA P 82 22.46 -4.81 30.26
N LYS P 83 21.89 -5.14 31.42
CA LYS P 83 20.76 -6.06 31.44
C LYS P 83 19.50 -5.38 30.93
N GLN P 84 19.33 -4.09 31.22
CA GLN P 84 18.15 -3.37 30.77
C GLN P 84 18.17 -3.14 29.27
N LYS P 85 19.32 -2.74 28.73
CA LYS P 85 19.43 -2.46 27.31
C LYS P 85 19.40 -3.73 26.47
N LYS P 86 19.69 -4.87 27.09
CA LYS P 86 19.55 -6.15 26.39
C LYS P 86 18.08 -6.53 26.24
N SER P 87 17.24 -6.06 27.14
CA SER P 87 15.84 -6.43 27.05
C SER P 87 15.23 -5.97 25.73
N GLU P 88 15.63 -4.80 25.25
CA GLU P 88 15.09 -4.25 24.00
C GLU P 88 15.85 -4.46 22.67
N LYS P 89 16.95 -5.21 22.64
CA LYS P 89 17.66 -5.34 21.36
C LYS P 89 16.81 -5.96 20.27
N LYS P 90 16.49 -7.25 20.38
CA LYS P 90 15.23 -7.95 20.08
C LYS P 90 15.48 -9.41 20.39
N GLU P 91 14.68 -10.30 19.79
CA GLU P 91 15.03 -11.69 19.54
C GLU P 91 16.19 -11.87 18.56
N ASP P 92 16.70 -10.79 17.97
CA ASP P 92 17.80 -10.79 17.00
C ASP P 92 19.12 -11.34 17.56
N GLN P 93 19.23 -11.48 18.90
CA GLN P 93 20.46 -11.98 19.51
C GLN P 93 20.76 -13.41 19.08
N GLN P 94 19.72 -14.24 18.95
CA GLN P 94 19.82 -15.69 18.77
C GLN P 94 20.78 -16.27 19.81
N GLU P 95 20.31 -16.20 21.06
CA GLU P 95 21.15 -16.46 22.22
C GLU P 95 21.53 -17.93 22.28
N ASP P 96 22.61 -18.19 23.01
CA ASP P 96 23.32 -19.43 23.26
C ASP P 96 24.12 -19.91 22.05
N ASP P 97 23.98 -19.32 20.87
CA ASP P 97 24.97 -19.58 19.83
C ASP P 97 26.23 -18.77 20.11
N ASP P 98 26.04 -17.49 20.44
CA ASP P 98 27.12 -16.68 20.99
C ASP P 98 27.48 -17.24 22.36
N GLY P 99 26.50 -17.81 23.04
CA GLY P 99 26.78 -18.65 24.18
C GLY P 99 27.53 -19.92 23.87
N PHE P 100 27.30 -20.56 22.74
CA PHE P 100 27.98 -21.83 22.51
C PHE P 100 28.91 -21.88 21.32
N TYR P 101 28.39 -21.43 20.19
CA TYR P 101 29.13 -21.42 18.95
C TYR P 101 30.23 -20.39 18.99
N ASP P 102 30.21 -19.47 19.95
CA ASP P 102 31.22 -18.43 19.89
C ASP P 102 31.93 -18.26 21.22
N ALA P 103 31.32 -18.73 22.31
CA ALA P 103 31.97 -18.69 23.62
C ALA P 103 33.02 -19.78 23.73
N TYR P 104 32.65 -21.02 23.39
CA TYR P 104 33.58 -22.14 23.60
C TYR P 104 34.72 -22.15 22.59
N LYS P 105 34.55 -21.51 21.43
CA LYS P 105 35.66 -21.40 20.50
C LYS P 105 36.70 -20.42 21.03
N GLN P 106 36.24 -19.30 21.60
CA GLN P 106 37.16 -18.28 22.08
C GLN P 106 37.79 -18.68 23.40
N ILE P 107 37.15 -19.57 24.16
CA ILE P 107 37.76 -20.05 25.39
C ILE P 107 38.90 -21.01 25.08
N LYS P 108 38.69 -21.91 24.11
CA LYS P 108 39.72 -22.87 23.73
C LYS P 108 40.92 -22.17 23.07
N ASN P 109 40.68 -21.05 22.41
CA ASN P 109 41.78 -20.28 21.84
C ASN P 109 42.61 -19.62 22.94
N SER P 110 41.98 -19.28 24.06
CA SER P 110 42.72 -18.64 25.14
C SER P 110 43.56 -19.64 25.91
N TYR P 111 43.36 -20.92 25.63
CA TYR P 111 44.13 -21.96 26.27
C TYR P 111 45.38 -22.19 25.43
N ASP P 112 45.33 -21.76 24.17
CA ASP P 112 46.44 -21.93 23.25
C ASP P 112 47.24 -20.65 23.07
N GLY P 113 46.91 -19.59 23.79
CA GLY P 113 47.63 -18.34 23.67
C GLY P 113 47.27 -17.58 22.42
N ILE P 114 46.02 -17.70 21.99
CA ILE P 114 45.54 -17.11 20.75
C ILE P 114 44.50 -16.06 21.11
N PRO P 115 44.58 -14.85 20.58
CA PRO P 115 43.47 -13.90 20.76
C PRO P 115 42.21 -14.35 20.03
N ASN P 116 41.12 -13.64 20.28
CA ASN P 116 39.79 -14.18 20.01
C ASN P 116 39.44 -14.13 18.53
N ASN P 117 39.76 -13.03 17.86
CA ASN P 117 39.53 -12.91 16.43
C ASN P 117 40.79 -13.19 15.62
N PHE P 118 41.78 -13.79 16.25
CA PHE P 118 43.10 -13.92 15.63
C PHE P 118 43.17 -15.17 14.78
N ASN P 119 43.23 -14.99 13.46
CA ASN P 119 43.17 -16.09 12.51
C ASN P 119 44.55 -16.62 12.14
N HIS P 120 45.60 -16.17 12.82
CA HIS P 120 46.96 -16.51 12.42
C HIS P 120 47.67 -17.31 13.50
N GLU P 121 48.97 -17.52 13.33
CA GLU P 121 49.67 -18.48 14.15
C GLU P 121 50.32 -17.80 15.36
N ALA P 122 50.09 -18.38 16.54
CA ALA P 122 50.30 -17.74 17.82
C ALA P 122 51.22 -18.56 18.71
N PRO P 123 52.15 -17.92 19.42
CA PRO P 123 53.09 -18.67 20.24
C PRO P 123 52.55 -18.98 21.62
N GLN P 124 53.14 -20.00 22.23
CA GLN P 124 52.92 -20.36 23.61
C GLN P 124 54.16 -21.09 24.11
N LEU P 125 54.61 -20.72 25.30
CA LEU P 125 55.86 -21.24 25.84
C LEU P 125 55.59 -22.63 26.41
N ILE P 126 56.25 -23.63 25.85
CA ILE P 126 56.16 -25.01 26.31
C ILE P 126 57.53 -25.42 26.79
N GLY P 127 57.70 -25.52 28.10
CA GLY P 127 59.00 -25.87 28.63
C GLY P 127 60.00 -24.74 28.55
N ASN P 128 60.93 -24.84 27.60
CA ASN P 128 61.98 -23.85 27.45
C ASN P 128 61.83 -23.02 26.19
N ASN P 129 61.10 -23.51 25.19
CA ASN P 129 60.99 -22.82 23.91
C ASN P 129 59.53 -22.61 23.53
N TYR P 130 59.33 -21.84 22.46
CA TYR P 130 58.00 -21.44 22.02
C TYR P 130 57.51 -22.33 20.90
N VAL P 131 56.18 -22.53 20.85
CA VAL P 131 55.53 -23.31 19.82
C VAL P 131 54.43 -22.46 19.21
N PHE P 132 54.53 -22.19 17.92
CA PHE P 132 53.57 -21.36 17.21
C PHE P 132 52.40 -22.22 16.73
N THR P 133 51.25 -22.05 17.34
CA THR P 133 50.04 -22.79 16.96
C THR P 133 48.99 -21.79 16.48
N SER P 134 47.97 -22.31 15.81
CA SER P 134 46.86 -21.47 15.38
C SER P 134 45.55 -22.15 15.69
N ILE P 135 44.47 -21.58 15.15
CA ILE P 135 43.18 -22.24 15.21
C ILE P 135 43.18 -23.46 14.32
N TYR P 136 43.81 -23.33 13.15
CA TYR P 136 43.68 -24.33 12.09
C TYR P 136 44.54 -25.55 12.38
N ASP P 137 45.83 -25.35 12.62
CA ASP P 137 46.74 -26.42 13.00
C ASP P 137 47.10 -26.27 14.47
N THR P 138 46.43 -27.04 15.32
CA THR P 138 46.58 -26.84 16.75
C THR P 138 47.92 -27.35 17.28
N LYS P 139 48.61 -28.21 16.52
CA LYS P 139 49.89 -28.82 16.88
C LYS P 139 49.83 -29.52 18.24
N GLU P 140 48.72 -30.23 18.47
CA GLU P 140 48.45 -30.80 19.78
C GLU P 140 49.38 -31.97 20.08
N ASN P 141 49.80 -32.70 19.05
CA ASN P 141 50.69 -33.84 19.28
C ASN P 141 52.10 -33.39 19.56
N LEU P 142 52.46 -32.16 19.19
CA LEU P 142 53.75 -31.62 19.59
C LEU P 142 53.72 -31.17 21.05
N ILE P 143 52.58 -30.61 21.49
CA ILE P 143 52.47 -30.12 22.86
C ILE P 143 52.47 -31.30 23.82
N LYS P 144 51.93 -32.43 23.39
CA LYS P 144 52.05 -33.66 24.16
C LYS P 144 53.49 -34.14 24.20
N PHE P 145 54.27 -33.84 23.15
CA PHE P 145 55.66 -34.30 23.10
C PHE P 145 56.56 -33.41 23.94
N LEU P 146 56.41 -32.09 23.83
CA LEU P 146 57.35 -31.18 24.48
C LEU P 146 56.96 -30.90 25.91
N LYS P 147 55.83 -31.41 26.38
CA LYS P 147 55.54 -31.34 27.81
C LYS P 147 55.98 -32.62 28.52
N LYS P 148 55.61 -33.78 27.97
CA LYS P 148 55.91 -35.05 28.60
C LYS P 148 57.39 -35.38 28.56
N ASN P 149 57.96 -35.48 27.36
CA ASN P 149 59.34 -35.91 27.23
C ASN P 149 60.34 -34.83 27.64
N SER P 150 59.98 -33.56 27.56
CA SER P 150 60.90 -32.48 27.88
C SER P 150 60.75 -31.98 29.31
N GLU P 151 60.36 -32.84 30.25
CA GLU P 151 60.34 -32.47 31.67
C GLU P 151 61.75 -32.28 32.20
N TYR P 152 62.63 -33.26 31.98
CA TYR P 152 63.93 -33.25 32.63
C TYR P 152 65.01 -32.72 31.71
N ASP P 153 64.96 -33.07 30.43
CA ASP P 153 66.02 -32.71 29.50
C ASP P 153 65.61 -31.52 28.64
N LEU P 154 66.55 -31.09 27.79
CA LEU P 154 66.43 -29.86 27.02
C LEU P 154 66.35 -30.16 25.53
N TYR P 155 65.47 -29.45 24.84
CA TYR P 155 65.34 -29.50 23.39
C TYR P 155 65.13 -28.09 22.88
N ASP P 156 65.60 -27.83 21.67
CA ASP P 156 65.41 -26.52 21.06
C ASP P 156 64.72 -26.68 19.72
N GLY Q 27 58.02 49.44 80.30
CA GLY Q 27 56.93 49.99 79.52
C GLY Q 27 56.17 48.94 78.74
N TYR Q 28 55.09 49.34 78.07
CA TYR Q 28 54.32 48.42 77.24
C TYR Q 28 54.74 48.45 75.79
N GLY Q 29 55.75 49.24 75.44
CA GLY Q 29 56.19 49.29 74.06
C GLY Q 29 57.11 48.14 73.70
N ASP Q 30 57.73 47.51 74.71
CA ASP Q 30 58.61 46.39 74.42
C ASP Q 30 57.83 45.15 74.01
N LEU Q 31 56.65 44.94 74.60
CA LEU Q 31 55.75 43.88 74.16
C LEU Q 31 55.29 44.12 72.73
N ALA Q 32 55.04 45.38 72.39
CA ALA Q 32 54.73 45.73 71.02
C ALA Q 32 55.94 45.60 70.11
N ALA Q 33 57.14 45.67 70.68
CA ALA Q 33 58.35 45.43 69.90
C ALA Q 33 58.62 43.94 69.76
N THR Q 34 58.40 43.17 70.82
CA THR Q 34 58.77 41.77 70.83
C THR Q 34 57.74 40.88 70.15
N SER Q 35 56.46 41.04 70.48
CA SER Q 35 55.44 40.15 69.94
C SER Q 35 55.13 40.46 68.48
N ALA Q 36 55.51 41.64 68.01
CA ALA Q 36 55.41 41.91 66.58
C ALA Q 36 56.50 41.17 65.82
N LEU Q 37 57.76 41.28 66.27
CA LEU Q 37 58.85 40.57 65.62
C LEU Q 37 58.73 39.06 65.77
N THR Q 38 58.03 38.60 66.80
CA THR Q 38 57.70 37.18 66.90
C THR Q 38 56.73 36.79 65.79
N THR Q 39 55.85 37.71 65.40
CA THR Q 39 54.86 37.42 64.36
C THR Q 39 55.45 37.56 62.96
N VAL Q 40 56.27 38.59 62.75
CA VAL Q 40 56.76 38.91 61.41
C VAL Q 40 57.90 37.94 61.02
N ILE Q 41 58.38 37.15 61.97
CA ILE Q 41 59.42 36.19 61.64
C ILE Q 41 58.86 34.77 61.58
N LYS Q 42 58.01 34.41 62.55
CA LYS Q 42 57.52 33.04 62.59
C LYS Q 42 56.48 32.77 61.50
N ASP Q 43 55.60 33.72 61.23
CA ASP Q 43 54.52 33.44 60.29
C ASP Q 43 54.89 33.44 58.81
N PRO Q 44 55.78 34.33 58.26
CA PRO Q 44 56.20 34.14 56.86
C PRO Q 44 57.00 32.86 56.63
N ILE Q 45 57.89 32.53 57.56
CA ILE Q 45 58.74 31.37 57.37
C ILE Q 45 57.94 30.08 57.52
N SER Q 46 56.89 30.08 58.35
CA SER Q 46 56.00 28.94 58.42
C SER Q 46 55.22 28.75 57.12
N LEU Q 47 55.06 29.81 56.34
CA LEU Q 47 54.35 29.68 55.08
C LEU Q 47 55.30 29.35 53.93
N THR Q 48 56.55 29.79 54.02
CA THR Q 48 57.49 29.47 52.95
C THR Q 48 57.96 28.03 53.04
N ILE Q 49 58.17 27.54 54.27
CA ILE Q 49 58.56 26.14 54.46
C ILE Q 49 57.44 25.20 54.02
N LYS Q 50 56.19 25.64 54.18
CA LYS Q 50 55.05 24.85 53.74
C LYS Q 50 55.04 24.63 52.23
N ASP Q 51 55.46 25.62 51.46
CA ASP Q 51 55.53 25.44 50.02
C ASP Q 51 56.81 24.74 49.60
N ILE Q 52 57.88 24.90 50.37
CA ILE Q 52 59.11 24.15 50.10
C ILE Q 52 58.92 22.68 50.44
N TYR Q 53 58.11 22.40 51.46
CA TYR Q 53 57.87 21.01 51.81
C TYR Q 53 56.93 20.33 50.82
N GLU Q 54 55.80 20.97 50.50
CA GLU Q 54 54.78 20.30 49.70
C GLU Q 54 55.17 20.20 48.23
N HIS Q 55 55.77 21.25 47.66
CA HIS Q 55 56.11 21.23 46.25
C HIS Q 55 57.56 20.90 45.98
N GLY Q 56 58.43 20.98 46.96
CA GLY Q 56 59.84 20.71 46.74
C GLY Q 56 60.31 19.41 47.35
N VAL Q 57 59.70 19.00 48.46
CA VAL Q 57 60.03 17.70 49.03
C VAL Q 57 58.96 16.67 48.68
N LYS Q 58 57.72 16.89 49.14
CA LYS Q 58 56.70 15.83 49.15
C LYS Q 58 56.26 15.44 47.75
N ASN Q 59 56.03 16.42 46.88
CA ASN Q 59 55.66 16.07 45.50
C ASN Q 59 56.80 15.47 44.68
N PRO Q 60 58.08 15.86 44.83
CA PRO Q 60 59.12 15.02 44.23
C PRO Q 60 59.34 13.70 44.94
N PHE Q 61 59.08 13.61 46.26
CA PHE Q 61 59.25 12.36 46.97
C PHE Q 61 58.21 11.34 46.55
N THR Q 62 56.95 11.77 46.45
CA THR Q 62 55.89 10.89 45.97
C THR Q 62 56.13 10.47 44.53
N LYS Q 63 56.79 11.33 43.75
CA LYS Q 63 57.15 10.97 42.39
C LYS Q 63 58.20 9.85 42.37
N ILE Q 64 59.05 9.80 43.39
CA ILE Q 64 60.15 8.83 43.38
C ILE Q 64 59.65 7.43 43.71
N ILE Q 65 58.83 7.28 44.75
CA ILE Q 65 58.33 5.96 45.15
C ILE Q 65 57.44 5.37 44.06
N HIS Q 66 56.63 6.18 43.41
CA HIS Q 66 55.78 5.62 42.37
C HIS Q 66 56.53 5.44 41.06
N LYS Q 67 57.77 5.94 40.99
CA LYS Q 67 58.69 5.45 39.97
C LYS Q 67 59.36 4.15 40.44
N LEU Q 68 59.47 3.96 41.76
CA LEU Q 68 60.05 2.72 42.26
C LEU Q 68 59.04 1.59 42.19
N LYS Q 69 57.74 1.91 42.33
CA LYS Q 69 56.73 0.85 42.35
C LYS Q 69 56.52 0.21 40.99
N LYS Q 70 57.05 0.81 39.93
CA LYS Q 70 57.08 0.11 38.65
C LYS Q 70 58.33 -0.75 38.54
N PHE Q 71 59.21 -0.72 39.54
CA PHE Q 71 60.42 -1.51 39.48
C PHE Q 71 60.38 -2.68 40.45
N ILE Q 72 59.83 -2.49 41.65
CA ILE Q 72 59.71 -3.59 42.59
C ILE Q 72 58.74 -4.65 42.09
N ARG Q 73 57.53 -4.24 41.72
CA ARG Q 73 56.65 -5.09 40.94
C ARG Q 73 56.71 -4.59 39.50
N TYR Q 74 55.99 -5.26 38.60
CA TYR Q 74 55.82 -4.90 37.19
C TYR Q 74 57.11 -4.89 36.38
N ARG Q 75 58.21 -5.49 36.85
CA ARG Q 75 59.46 -5.40 36.10
C ARG Q 75 59.49 -6.38 34.93
N LYS Q 76 58.62 -7.39 34.94
CA LYS Q 76 58.64 -8.39 33.88
C LYS Q 76 57.78 -7.96 32.70
N VAL Q 77 56.70 -7.22 32.96
CA VAL Q 77 55.85 -6.77 31.87
C VAL Q 77 56.50 -5.63 31.12
N LEU Q 78 57.18 -4.74 31.85
CA LEU Q 78 57.75 -3.56 31.21
C LEU Q 78 58.94 -3.92 30.33
N ARG Q 79 59.50 -5.10 30.52
CA ARG Q 79 60.41 -5.64 29.52
C ARG Q 79 59.68 -5.95 28.23
N TRP Q 80 58.50 -6.54 28.32
CA TRP Q 80 57.69 -6.80 27.13
C TRP Q 80 56.93 -5.56 26.70
N SER Q 81 56.68 -4.64 27.64
CA SER Q 81 55.90 -3.45 27.32
C SER Q 81 56.71 -2.43 26.55
N ARG Q 82 57.88 -2.05 27.07
CA ARG Q 82 58.72 -1.07 26.39
C ARG Q 82 59.19 -1.61 25.04
N MET Q 83 59.35 -2.91 24.94
CA MET Q 83 59.71 -3.54 23.68
C MET Q 83 58.58 -3.43 22.66
N TRP Q 84 57.34 -3.63 23.10
CA TRP Q 84 56.22 -3.50 22.19
C TRP Q 84 55.88 -2.04 21.92
N TRP Q 85 56.43 -1.14 22.72
CA TRP Q 85 56.21 0.29 22.45
C TRP Q 85 57.25 0.82 21.48
N VAL Q 86 58.47 0.30 21.52
CA VAL Q 86 59.51 0.66 20.56
C VAL Q 86 59.10 0.22 19.15
N LEU Q 87 58.46 -0.94 19.04
CA LEU Q 87 57.92 -1.35 17.76
C LEU Q 87 56.74 -0.49 17.35
N LEU Q 88 55.94 -0.04 18.32
CA LEU Q 88 54.74 0.71 17.99
C LEU Q 88 55.06 2.13 17.53
N VAL Q 89 56.08 2.75 18.11
CA VAL Q 89 56.51 4.06 17.66
C VAL Q 89 57.09 3.99 16.24
N ARG Q 90 57.72 2.85 15.92
CA ARG Q 90 58.18 2.64 14.56
C ARG Q 90 57.02 2.41 13.59
N GLU Q 91 55.92 1.85 14.07
CA GLU Q 91 54.78 1.62 13.20
C GLU Q 91 53.98 2.90 12.99
N ILE Q 92 53.91 3.74 14.02
CA ILE Q 92 53.18 4.99 13.90
C ILE Q 92 53.97 5.98 13.05
N VAL Q 93 55.28 6.06 13.27
CA VAL Q 93 56.07 7.09 12.62
C VAL Q 93 56.71 6.58 11.34
N GLY Q 94 57.55 5.55 11.43
CA GLY Q 94 58.11 4.97 10.22
C GLY Q 94 59.14 5.80 9.49
N ASP Q 95 60.33 5.92 10.09
CA ASP Q 95 61.56 6.53 9.56
C ASP Q 95 61.39 8.04 9.40
N ASN Q 96 60.72 8.68 10.34
CA ASN Q 96 60.76 10.12 10.50
C ASN Q 96 61.25 10.42 11.91
N THR Q 97 61.70 11.65 12.14
CA THR Q 97 62.27 12.02 13.44
C THR Q 97 61.19 12.03 14.51
N ILE Q 98 61.33 11.14 15.49
CA ILE Q 98 60.40 11.03 16.60
C ILE Q 98 60.82 12.02 17.68
N GLU Q 99 59.85 12.53 18.42
CA GLU Q 99 60.16 13.44 19.49
C GLU Q 99 60.59 12.69 20.74
N LYS Q 100 61.79 13.00 21.22
CA LYS Q 100 62.32 12.33 22.38
C LYS Q 100 61.63 12.79 23.65
N LYS Q 101 60.89 13.89 23.61
CA LYS Q 101 60.31 14.45 24.81
C LYS Q 101 58.87 14.01 25.04
N THR Q 102 58.08 13.85 23.99
CA THR Q 102 56.69 13.41 24.16
C THR Q 102 56.49 11.93 23.82
N GLU Q 103 57.57 11.17 23.66
CA GLU Q 103 57.49 9.77 24.03
C GLU Q 103 57.12 9.64 25.50
N LYS Q 104 57.76 10.44 26.34
CA LYS Q 104 57.62 10.33 27.79
C LYS Q 104 56.20 10.63 28.24
N ALA Q 105 55.49 11.49 27.51
CA ALA Q 105 54.08 11.69 27.80
C ALA Q 105 53.26 10.48 27.38
N LEU Q 106 53.69 9.80 26.31
CA LEU Q 106 52.88 8.69 25.79
C LEU Q 106 53.39 7.35 26.29
N ARG Q 107 54.62 7.28 26.79
CA ARG Q 107 55.07 6.03 27.41
C ARG Q 107 54.37 5.82 28.74
N GLU Q 108 54.07 6.90 29.45
CA GLU Q 108 53.34 6.79 30.71
C GLU Q 108 51.93 6.29 30.49
N ILE Q 109 51.33 6.64 29.36
CA ILE Q 109 49.99 6.12 29.06
C ILE Q 109 50.09 4.68 28.58
N TRP Q 110 51.18 4.34 27.91
CA TRP Q 110 51.36 2.95 27.49
C TRP Q 110 51.74 2.07 28.66
N ASP Q 111 52.51 2.60 29.61
CA ASP Q 111 52.81 1.82 30.81
C ASP Q 111 51.55 1.59 31.64
N GLN Q 112 50.65 2.57 31.67
CA GLN Q 112 49.40 2.41 32.42
C GLN Q 112 48.43 1.49 31.69
N CYS Q 113 48.65 1.25 30.40
CA CYS Q 113 47.89 0.22 29.72
C CYS Q 113 48.37 -1.17 30.09
N THR Q 114 49.68 -1.34 30.30
CA THR Q 114 50.20 -2.67 30.61
C THR Q 114 50.05 -3.01 32.08
N ILE Q 115 50.12 -1.99 32.95
CA ILE Q 115 49.79 -2.19 34.35
C ILE Q 115 48.33 -2.61 34.50
N ALA Q 116 47.47 -2.09 33.64
CA ALA Q 116 46.06 -2.42 33.74
C ALA Q 116 45.77 -3.82 33.20
N VAL Q 117 46.54 -4.29 32.22
CA VAL Q 117 46.25 -5.61 31.66
C VAL Q 117 46.85 -6.71 32.52
N TYR Q 118 48.06 -6.49 33.06
CA TYR Q 118 48.73 -7.53 33.83
C TYR Q 118 48.05 -7.78 35.16
N ASN Q 119 47.26 -6.83 35.64
CA ASN Q 119 46.45 -7.10 36.82
C ASN Q 119 45.17 -7.84 36.45
N ASN Q 120 44.86 -7.97 35.16
CA ASN Q 120 43.64 -8.62 34.73
C ASN Q 120 43.85 -10.04 34.24
N THR Q 121 45.10 -10.50 34.13
CA THR Q 121 45.40 -11.77 33.50
C THR Q 121 46.10 -12.68 34.48
N LEU Q 122 45.66 -13.93 34.52
CA LEU Q 122 46.35 -14.93 35.34
C LEU Q 122 47.47 -15.60 34.58
N ASN Q 123 47.39 -15.63 33.25
CA ASN Q 123 48.43 -16.24 32.44
C ASN Q 123 49.72 -15.44 32.55
N ALA Q 124 50.85 -16.13 32.49
CA ALA Q 124 52.13 -15.43 32.50
C ALA Q 124 52.34 -14.72 31.18
N VAL Q 125 53.24 -13.73 31.19
CA VAL Q 125 53.51 -12.96 29.98
C VAL Q 125 54.41 -13.77 29.05
N GLU Q 126 55.40 -14.44 29.62
CA GLU Q 126 56.28 -15.27 28.82
C GLU Q 126 55.59 -16.53 28.34
N SER Q 127 54.55 -16.98 29.06
CA SER Q 127 53.90 -18.22 28.68
C SER Q 127 52.99 -18.04 27.49
N LYS Q 128 52.23 -16.94 27.45
CA LYS Q 128 51.31 -16.66 26.37
C LYS Q 128 51.38 -15.18 26.05
N PRO Q 129 52.26 -14.78 25.11
CA PRO Q 129 52.50 -13.35 24.92
C PRO Q 129 51.46 -12.62 24.08
N LEU Q 130 50.82 -13.28 23.09
CA LEU Q 130 49.89 -12.54 22.23
C LEU Q 130 48.60 -12.18 22.93
N LEU Q 131 48.30 -12.84 24.06
CA LEU Q 131 47.10 -12.47 24.82
C LEU Q 131 47.25 -11.10 25.43
N PHE Q 132 48.50 -10.64 25.58
CA PHE Q 132 48.76 -9.31 26.11
C PHE Q 132 48.75 -8.28 25.00
N LEU Q 133 49.29 -8.60 23.81
CA LEU Q 133 49.19 -7.68 22.68
C LEU Q 133 47.75 -7.40 22.29
N HIS Q 134 46.87 -8.40 22.37
CA HIS Q 134 45.46 -8.10 22.16
C HIS Q 134 44.90 -7.31 23.34
N GLY Q 135 45.47 -7.50 24.52
CA GLY Q 135 44.95 -6.81 25.70
C GLY Q 135 45.51 -5.41 25.84
N ILE Q 136 46.81 -5.25 25.57
CA ILE Q 136 47.45 -3.96 25.81
C ILE Q 136 47.11 -2.98 24.69
N LEU Q 137 47.22 -3.41 23.44
CA LEU Q 137 46.93 -2.52 22.31
C LEU Q 137 45.49 -2.05 22.30
N ASN Q 138 44.54 -2.92 22.66
CA ASN Q 138 43.15 -2.50 22.75
C ASN Q 138 42.92 -1.60 23.96
N GLU Q 139 43.73 -1.76 25.00
CA GLU Q 139 43.62 -0.87 26.14
C GLU Q 139 44.09 0.53 25.77
N CYS Q 140 45.21 0.63 25.05
CA CYS Q 140 45.65 1.93 24.53
C CYS Q 140 45.08 2.27 23.16
N ARG Q 141 44.25 1.41 22.58
CA ARG Q 141 43.42 1.90 21.47
C ARG Q 141 42.32 2.78 22.00
N ASN Q 142 41.90 2.55 23.23
CA ASN Q 142 40.90 3.35 23.88
C ASN Q 142 41.48 4.38 24.85
N ASN Q 143 42.63 4.09 25.45
CA ASN Q 143 43.24 5.05 26.37
C ASN Q 143 43.80 6.25 25.62
N PHE Q 144 44.33 6.04 24.43
CA PHE Q 144 44.69 7.16 23.57
C PHE Q 144 43.44 7.85 23.03
N ALA Q 145 42.34 7.13 22.85
CA ALA Q 145 41.16 7.73 22.28
C ALA Q 145 40.45 8.62 23.28
N THR Q 146 40.54 8.30 24.57
CA THR Q 146 39.89 9.13 25.57
C THR Q 146 40.78 10.28 26.01
N LYS Q 147 42.06 10.26 25.65
CA LYS Q 147 42.95 11.34 26.05
C LYS Q 147 43.33 12.24 24.89
N LEU Q 148 43.81 11.68 23.79
CA LEU Q 148 44.32 12.46 22.67
C LEU Q 148 43.13 12.97 21.87
N ARG Q 149 42.91 14.27 21.88
CA ARG Q 149 41.83 14.83 21.08
C ARG Q 149 42.22 14.90 19.60
N GLN Q 150 43.26 15.65 19.29
CA GLN Q 150 43.76 15.79 17.93
C GLN Q 150 44.91 14.82 17.76
N ASP Q 151 44.84 14.00 16.72
CA ASP Q 151 45.96 13.14 16.37
C ASP Q 151 46.51 13.57 15.02
N PRO Q 152 47.51 14.44 14.97
CA PRO Q 152 48.17 14.71 13.70
C PRO Q 152 48.98 13.52 13.20
N SER Q 153 49.52 12.72 14.10
CA SER Q 153 50.22 11.52 13.68
C SER Q 153 49.33 10.28 13.69
N LEU Q 154 48.03 10.45 13.96
CA LEU Q 154 46.99 9.42 13.81
C LEU Q 154 47.26 8.21 14.70
N ILE Q 155 47.48 8.43 15.99
CA ILE Q 155 47.91 7.35 16.87
C ILE Q 155 46.77 6.40 17.16
N VAL Q 156 45.57 6.94 17.41
CA VAL Q 156 44.41 6.07 17.59
C VAL Q 156 44.05 5.38 16.27
N ALA Q 157 44.22 6.09 15.16
CA ALA Q 157 43.82 5.57 13.86
C ALA Q 157 44.72 4.43 13.40
N LYS Q 158 46.00 4.49 13.75
CA LYS Q 158 46.91 3.44 13.31
C LYS Q 158 46.82 2.21 14.20
N ILE Q 159 46.57 2.40 15.50
CA ILE Q 159 46.39 1.27 16.41
C ILE Q 159 45.06 0.57 16.12
N ASP Q 160 44.10 1.29 15.54
CA ASP Q 160 42.91 0.66 14.98
C ASP Q 160 43.27 -0.36 13.91
N GLN Q 161 44.19 0.00 13.01
CA GLN Q 161 44.46 -0.87 11.87
C GLN Q 161 45.50 -1.93 12.19
N ILE Q 162 46.24 -1.75 13.28
CA ILE Q 162 47.10 -2.84 13.73
C ILE Q 162 46.27 -3.95 14.36
N ILE Q 163 45.19 -3.57 15.04
CA ILE Q 163 44.28 -4.59 15.57
C ILE Q 163 43.45 -5.23 14.46
N LYS Q 164 42.92 -4.43 13.54
CA LYS Q 164 42.00 -4.96 12.55
C LYS Q 164 42.71 -5.75 11.45
N SER Q 165 44.00 -5.53 11.25
CA SER Q 165 44.71 -6.26 10.20
C SER Q 165 45.64 -7.33 10.77
N GLN Q 166 45.82 -7.36 12.09
CA GLN Q 166 46.55 -8.39 12.82
C GLN Q 166 48.00 -8.49 12.37
N ILE Q 167 48.63 -7.34 12.10
CA ILE Q 167 50.03 -7.32 11.71
C ILE Q 167 50.89 -7.16 12.95
N TYR Q 168 50.27 -7.24 14.13
CA TYR Q 168 51.02 -7.24 15.37
C TYR Q 168 51.54 -8.61 15.75
N ARG Q 169 51.30 -9.62 14.93
CA ARG Q 169 51.85 -10.93 15.19
C ARG Q 169 53.35 -10.98 14.92
N PHE Q 170 53.86 -9.99 14.16
CA PHE Q 170 55.28 -9.94 13.90
C PHE Q 170 56.04 -9.28 15.03
N TRP Q 171 55.33 -8.66 15.98
CA TRP Q 171 56.01 -8.10 17.15
C TRP Q 171 56.41 -9.20 18.11
N VAL Q 172 55.82 -10.38 17.96
CA VAL Q 172 56.23 -11.56 18.70
C VAL Q 172 56.75 -12.57 17.68
N SER Q 173 58.07 -12.62 17.54
CA SER Q 173 58.72 -13.50 16.59
C SER Q 173 60.02 -14.00 17.19
N GLU Q 174 60.71 -14.86 16.44
CA GLU Q 174 61.97 -15.44 16.91
C GLU Q 174 63.08 -14.42 17.22
N PRO Q 175 63.26 -13.32 16.48
CA PRO Q 175 64.17 -12.29 17.02
C PRO Q 175 63.60 -11.57 18.21
N TYR Q 176 62.27 -11.50 18.33
CA TYR Q 176 61.68 -10.65 19.35
C TYR Q 176 61.41 -11.41 20.64
N LEU Q 177 61.31 -12.74 20.57
CA LEU Q 177 61.12 -13.49 21.81
C LEU Q 177 62.42 -13.63 22.60
N LYS Q 178 63.56 -13.28 21.99
CA LYS Q 178 64.82 -13.38 22.69
C LYS Q 178 65.04 -12.20 23.64
N ILE Q 179 64.54 -11.01 23.28
CA ILE Q 179 64.69 -9.86 24.18
C ILE Q 179 63.79 -10.01 25.39
N GLY Q 180 62.55 -10.45 25.19
CA GLY Q 180 61.60 -10.50 26.30
C GLY Q 180 61.90 -11.59 27.31
N ARG Q 181 62.61 -12.63 26.88
CA ARG Q 181 63.03 -13.66 27.84
C ARG Q 181 64.28 -13.24 28.59
N SER Q 182 65.14 -12.43 27.95
CA SER Q 182 66.44 -12.12 28.50
C SER Q 182 66.31 -11.22 29.73
N HIS Q 183 67.35 -11.22 30.56
CA HIS Q 183 67.33 -10.45 31.80
C HIS Q 183 67.87 -9.06 31.52
N THR Q 184 67.04 -8.22 30.91
CA THR Q 184 67.34 -6.81 30.78
C THR Q 184 66.23 -6.04 31.47
N LEU Q 185 66.60 -5.09 32.31
CA LEU Q 185 65.61 -4.20 32.89
C LEU Q 185 65.04 -3.31 31.79
N TYR Q 186 63.83 -2.80 32.03
CA TYR Q 186 63.13 -2.06 30.99
C TYR Q 186 63.77 -0.71 30.72
N THR Q 187 64.55 -0.20 31.67
CA THR Q 187 65.27 1.04 31.43
C THR Q 187 66.40 0.85 30.43
N HIS Q 188 66.92 -0.38 30.33
CA HIS Q 188 68.03 -0.63 29.42
C HIS Q 188 67.55 -0.79 27.98
N ILE Q 189 66.25 -1.01 27.80
CA ILE Q 189 65.74 -1.25 26.46
C ILE Q 189 65.62 0.06 25.69
N THR Q 190 66.39 0.17 24.62
CA THR Q 190 66.46 1.35 23.78
C THR Q 190 65.85 0.97 22.44
N PRO Q 191 65.66 1.92 21.50
CA PRO Q 191 65.35 1.50 20.13
C PRO Q 191 66.46 0.73 19.43
N ASP Q 192 67.70 0.77 19.93
CA ASP Q 192 68.77 0.02 19.28
C ASP Q 192 68.72 -1.45 19.64
N ALA Q 193 68.22 -1.79 20.83
CA ALA Q 193 68.20 -3.18 21.25
C ALA Q 193 67.12 -3.97 20.53
N VAL Q 194 66.06 -3.29 20.10
CA VAL Q 194 64.95 -3.93 19.40
C VAL Q 194 65.29 -3.96 17.92
N PRO Q 195 65.38 -5.13 17.28
CA PRO Q 195 65.67 -5.16 15.84
C PRO Q 195 64.46 -4.73 15.03
N GLN Q 196 64.73 -4.18 13.85
CA GLN Q 196 63.65 -3.64 13.04
C GLN Q 196 62.86 -4.74 12.36
N LEU Q 197 61.56 -4.51 12.22
CA LEU Q 197 60.72 -5.40 11.45
C LEU Q 197 61.09 -5.30 9.96
N PRO Q 198 60.87 -6.36 9.20
CA PRO Q 198 61.01 -6.25 7.74
C PRO Q 198 59.95 -5.33 7.16
N LYS Q 199 60.24 -4.82 5.97
CA LYS Q 199 59.39 -3.80 5.36
C LYS Q 199 58.06 -4.38 4.90
N GLU Q 200 57.98 -5.70 4.74
CA GLU Q 200 56.73 -6.33 4.37
C GLU Q 200 55.82 -6.49 5.58
N CYS Q 201 56.37 -6.30 6.78
CA CYS Q 201 55.60 -6.49 8.00
C CYS Q 201 55.01 -5.17 8.49
N THR Q 202 55.71 -4.05 8.26
CA THR Q 202 55.29 -2.68 8.67
C THR Q 202 54.23 -1.93 7.81
N LEU Q 203 53.56 -0.91 8.40
CA LEU Q 203 52.38 -0.27 7.79
C LEU Q 203 52.59 0.46 6.45
N LYS Q 204 53.61 1.32 6.33
CA LYS Q 204 53.96 1.87 5.03
C LYS Q 204 53.72 0.86 3.92
N HIS Q 205 54.36 -0.29 4.03
CA HIS Q 205 54.13 -1.36 3.08
C HIS Q 205 52.74 -1.95 2.98
N LEU Q 206 52.05 -2.01 4.13
CA LEU Q 206 50.66 -2.44 4.19
C LEU Q 206 49.62 -1.40 3.71
N SER Q 207 50.01 -0.13 3.84
CA SER Q 207 49.20 0.96 3.31
C SER Q 207 49.45 0.93 1.82
N SER Q 208 50.71 0.82 1.41
CA SER Q 208 51.06 0.91 0.00
C SER Q 208 50.47 -0.24 -0.78
N TYR Q 209 50.44 -1.41 -0.16
CA TYR Q 209 49.77 -2.55 -0.76
C TYR Q 209 48.27 -2.36 -0.82
N MET Q 210 47.71 -1.42 -0.06
CA MET Q 210 46.29 -1.14 -0.23
C MET Q 210 46.02 -0.32 -1.48
N GLU Q 211 46.66 0.84 -1.63
CA GLU Q 211 46.37 1.68 -2.80
C GLU Q 211 46.79 1.02 -4.10
N GLU Q 212 47.78 0.13 -4.04
CA GLU Q 212 48.05 -0.73 -5.18
C GLU Q 212 46.85 -1.61 -5.49
N LYS Q 213 46.19 -2.15 -4.47
CA LYS Q 213 44.91 -2.80 -4.73
C LYS Q 213 43.83 -1.79 -5.03
N LEU Q 214 43.67 -0.80 -4.16
CA LEU Q 214 42.44 -0.01 -4.13
C LEU Q 214 42.31 0.85 -5.37
N LYS Q 215 43.28 1.71 -5.61
CA LYS Q 215 43.20 2.60 -6.76
C LYS Q 215 43.26 1.88 -8.09
N SER Q 216 43.84 0.69 -8.13
CA SER Q 216 43.69 -0.14 -9.33
C SER Q 216 42.27 -0.70 -9.41
N MET Q 217 41.68 -0.99 -8.27
CA MET Q 217 40.31 -1.50 -8.29
C MET Q 217 39.31 -0.35 -8.24
N GLU Q 218 39.75 0.83 -7.78
CA GLU Q 218 38.90 2.02 -7.91
C GLU Q 218 38.77 2.42 -9.37
N SER Q 219 39.72 2.01 -10.22
CA SER Q 219 39.68 2.26 -11.67
C SER Q 219 38.70 1.33 -12.39
N LYS Q 220 37.80 0.69 -11.65
CA LYS Q 220 36.83 -0.25 -12.15
C LYS Q 220 35.95 0.21 -13.29
N LYS Q 221 35.31 1.34 -13.14
CA LYS Q 221 34.25 1.63 -14.07
C LYS Q 221 34.58 2.65 -15.12
N ASN Q 222 33.99 2.45 -16.31
CA ASN Q 222 34.46 3.08 -17.56
C ASN Q 222 35.98 3.17 -17.62
N ILE Q 223 36.49 1.98 -17.97
CA ILE Q 223 37.85 1.92 -18.49
C ILE Q 223 37.90 2.92 -19.61
N GLU Q 224 38.92 3.76 -19.59
CA GLU Q 224 39.00 4.89 -20.48
C GLU Q 224 39.19 4.41 -21.92
N SER Q 225 38.83 5.27 -22.85
CA SER Q 225 38.90 4.91 -24.25
C SER Q 225 40.19 5.45 -24.84
N GLY Q 226 40.81 4.66 -25.70
CA GLY Q 226 42.04 5.03 -26.35
C GLY Q 226 43.28 4.98 -25.49
N LYS Q 227 43.15 4.85 -24.17
CA LYS Q 227 44.31 4.98 -23.31
C LYS Q 227 45.14 3.72 -23.26
N TYR Q 228 44.59 2.61 -23.74
CA TYR Q 228 45.28 1.34 -23.78
C TYR Q 228 45.46 1.01 -25.25
N GLU Q 229 46.62 1.32 -25.78
CA GLU Q 229 46.82 1.36 -27.22
C GLU Q 229 47.74 0.24 -27.67
N PHE Q 230 47.58 -0.16 -28.92
CA PHE Q 230 48.15 -1.40 -29.42
C PHE Q 230 49.19 -1.11 -30.49
N ASP Q 231 50.23 -1.93 -30.52
CA ASP Q 231 51.19 -1.90 -31.61
C ASP Q 231 50.95 -3.00 -32.61
N VAL Q 232 50.51 -2.61 -33.81
CA VAL Q 232 50.34 -3.58 -34.88
C VAL Q 232 51.56 -4.00 -35.68
N ASP Q 233 52.01 -5.23 -35.49
CA ASP Q 233 53.26 -5.72 -36.08
C ASP Q 233 53.00 -6.84 -37.07
N SER Q 234 53.25 -6.57 -38.35
CA SER Q 234 53.04 -7.55 -39.40
C SER Q 234 54.40 -7.92 -39.97
N SER Q 235 54.80 -9.18 -39.80
CA SER Q 235 56.09 -9.62 -40.30
C SER Q 235 56.08 -9.72 -41.82
N SER R 1 65.92 21.86 -17.28
CA SER R 1 66.15 23.23 -16.83
C SER R 1 64.86 23.88 -16.34
N VAL R 2 63.72 23.29 -16.71
CA VAL R 2 62.42 23.74 -16.26
C VAL R 2 61.88 22.67 -15.32
N LYS R 3 61.06 23.08 -14.34
CA LYS R 3 60.57 22.19 -13.30
C LYS R 3 59.74 21.05 -13.87
N ASP R 4 58.92 21.33 -14.88
CA ASP R 4 57.97 20.35 -15.36
C ASP R 4 58.61 19.32 -16.28
N ILE R 5 59.66 19.72 -17.02
CA ILE R 5 60.14 18.86 -18.08
C ILE R 5 61.02 17.74 -17.55
N LYS R 6 61.70 17.95 -16.41
CA LYS R 6 62.73 17.01 -15.96
C LYS R 6 62.12 15.69 -15.50
N LYS R 7 60.93 15.73 -14.90
CA LYS R 7 60.28 14.50 -14.47
C LYS R 7 59.72 13.70 -15.63
N LEU R 8 59.64 14.27 -16.82
CA LEU R 8 59.27 13.49 -18.00
C LEU R 8 60.50 12.79 -18.57
N ILE R 9 61.70 13.21 -18.15
CA ILE R 9 62.92 12.63 -18.67
C ILE R 9 63.51 11.63 -17.66
N GLU R 10 62.95 11.60 -16.44
CA GLU R 10 63.47 10.70 -15.41
C GLU R 10 63.20 9.24 -15.74
N GLU R 11 62.07 8.96 -16.40
CA GLU R 11 61.82 7.58 -16.83
C GLU R 11 62.65 7.23 -18.05
N GLY R 12 62.81 8.16 -18.99
CA GLY R 12 63.43 7.87 -20.26
C GLY R 12 64.94 7.71 -20.25
N ILE R 13 65.68 8.77 -19.97
CA ILE R 13 67.10 8.78 -20.23
C ILE R 13 67.93 8.96 -18.97
N LEU R 14 67.76 10.08 -18.29
CA LEU R 14 68.68 10.52 -17.24
C LEU R 14 68.16 10.13 -15.87
N ASP R 15 69.10 9.87 -14.96
CA ASP R 15 68.82 9.45 -13.60
C ASP R 15 68.69 10.67 -12.69
N TYR R 16 68.72 10.42 -11.37
CA TYR R 16 68.56 11.52 -10.43
C TYR R 16 69.91 12.08 -9.97
N GLU R 17 71.00 11.34 -10.20
CA GLU R 17 72.29 11.75 -9.65
C GLU R 17 72.90 12.91 -10.42
N ASP R 18 72.52 13.08 -11.69
CA ASP R 18 73.19 14.07 -12.53
C ASP R 18 72.49 15.42 -12.56
N LEU R 19 71.53 15.68 -11.68
CA LEU R 19 70.83 16.95 -11.72
C LEU R 19 71.66 18.06 -11.08
N THR R 20 71.33 19.30 -11.41
CA THR R 20 72.00 20.45 -10.83
C THR R 20 71.45 20.67 -9.42
N GLU R 21 72.22 21.39 -8.59
CA GLU R 21 71.74 21.82 -7.28
C GLU R 21 70.48 22.69 -7.42
N ASN R 22 70.47 23.58 -8.43
CA ASN R 22 69.31 24.41 -8.66
C ASN R 22 68.17 23.62 -9.29
N GLU R 23 68.47 22.44 -9.85
CA GLU R 23 67.43 21.59 -10.38
C GLU R 23 66.81 20.71 -9.31
N LEU R 24 67.63 20.24 -8.35
CA LEU R 24 67.08 19.50 -7.23
C LEU R 24 66.29 20.39 -6.29
N ARG R 25 66.71 21.66 -6.19
CA ARG R 25 65.97 22.62 -5.38
C ARG R 25 64.63 22.93 -6.03
N LYS R 26 64.61 23.02 -7.36
CA LYS R 26 63.38 23.37 -8.06
C LYS R 26 62.40 22.21 -8.07
N LEU R 27 62.91 20.98 -8.13
CA LEU R 27 62.02 19.82 -8.20
C LEU R 27 61.39 19.50 -6.85
N ALA R 28 61.95 20.01 -5.76
CA ALA R 28 61.38 19.84 -4.43
C ALA R 28 60.46 20.98 -4.02
N LYS R 29 60.55 22.13 -4.68
CA LYS R 29 59.58 23.21 -4.49
C LYS R 29 58.23 22.78 -5.05
N PRO R 30 57.13 23.39 -4.61
CA PRO R 30 55.83 23.01 -5.14
C PRO R 30 55.61 23.50 -6.57
N ASP R 31 54.60 22.93 -7.21
CA ASP R 31 54.33 23.24 -8.61
C ASP R 31 53.59 24.56 -8.75
N ASP R 32 53.10 24.82 -9.96
CA ASP R 32 52.38 26.07 -10.22
C ASP R 32 50.94 25.98 -9.75
N ASN R 33 50.46 24.78 -9.41
CA ASN R 33 49.12 24.65 -8.85
C ASN R 33 49.08 25.22 -7.44
N PHE R 34 50.19 25.09 -6.71
CA PHE R 34 50.41 25.90 -5.51
C PHE R 34 50.48 27.36 -5.95
N TYR R 35 49.92 28.25 -5.12
CA TYR R 35 49.59 29.68 -5.29
C TYR R 35 48.35 29.90 -6.14
N GLU R 36 47.78 28.88 -6.77
CA GLU R 36 46.55 29.03 -7.53
C GLU R 36 45.36 28.76 -6.64
N LEU R 37 44.43 29.71 -6.60
CA LEU R 37 43.39 29.75 -5.60
C LEU R 37 42.28 28.75 -5.94
N SER R 38 41.92 27.98 -4.92
CA SER R 38 40.90 26.96 -4.98
C SER R 38 40.52 26.62 -3.54
N PRO R 39 39.78 27.53 -2.89
CA PRO R 39 39.28 27.54 -1.50
C PRO R 39 38.07 26.70 -1.07
N TYR R 40 37.92 25.49 -1.59
CA TYR R 40 36.83 24.59 -1.20
C TYR R 40 37.33 23.18 -0.91
N ALA R 41 36.73 22.50 0.06
CA ALA R 41 37.19 21.16 0.48
C ALA R 41 35.98 20.27 0.77
N SER R 42 36.21 18.95 0.83
CA SER R 42 35.11 17.99 1.09
C SER R 42 35.50 16.79 1.99
N ASP R 43 34.54 15.87 2.15
CA ASP R 43 34.68 14.66 2.97
C ASP R 43 35.32 14.97 4.31
N GLU R 44 34.60 15.73 5.13
CA GLU R 44 35.10 16.13 6.45
C GLU R 44 34.85 15.06 7.51
N LYS R 45 35.30 13.85 7.19
CA LYS R 45 35.38 12.73 8.13
C LYS R 45 36.86 12.39 8.28
N ASP R 46 37.53 13.08 9.19
CA ASP R 46 38.96 12.90 9.39
C ASP R 46 39.20 12.00 10.58
N LEU R 47 40.25 11.19 10.48
CA LEU R 47 40.70 10.34 11.57
C LEU R 47 41.68 11.04 12.48
N SER R 48 41.85 12.35 12.30
CA SER R 48 42.77 13.12 13.14
C SER R 48 42.16 13.46 14.48
N LEU R 49 40.91 13.91 14.49
CA LEU R 49 40.24 14.25 15.75
C LEU R 49 39.45 13.04 16.22
N ASN R 50 39.45 12.83 17.53
CA ASN R 50 38.68 11.77 18.15
C ASN R 50 37.49 12.39 18.87
N GLU R 51 36.28 11.99 18.49
CA GLU R 51 35.10 12.56 19.12
C GLU R 51 34.88 11.98 20.51
N THR R 52 35.55 10.87 20.83
CA THR R 52 35.39 10.23 22.13
C THR R 52 36.31 10.83 23.19
N SER R 53 37.07 11.86 22.87
CA SER R 53 38.12 12.32 23.76
C SER R 53 37.57 13.26 24.82
N GLY R 54 38.28 13.32 25.95
CA GLY R 54 37.87 14.14 27.05
C GLY R 54 39.07 14.75 27.75
N LEU R 55 38.76 15.60 28.73
CA LEU R 55 39.81 16.29 29.46
C LEU R 55 40.61 15.37 30.37
N THR R 56 41.75 15.87 30.82
CA THR R 56 42.50 15.21 31.87
C THR R 56 41.71 15.27 33.16
N ASN R 57 41.54 14.13 33.82
CA ASN R 57 40.65 14.07 34.97
C ASN R 57 41.28 14.70 36.20
N GLU R 58 42.61 14.56 36.35
CA GLU R 58 43.50 15.11 37.38
C GLU R 58 43.29 14.44 38.75
N GLN R 59 42.23 13.63 38.90
CA GLN R 59 42.05 12.75 40.05
C GLN R 59 42.28 11.30 39.65
N LEU R 60 41.88 10.93 38.43
CA LEU R 60 42.25 9.64 37.87
C LEU R 60 43.72 9.59 37.54
N LYS R 61 44.26 10.68 36.97
CA LYS R 61 45.68 10.74 36.66
C LYS R 61 46.53 10.71 37.92
N ASN R 62 46.01 11.26 39.02
CA ASN R 62 46.64 11.09 40.31
C ASN R 62 46.56 9.63 40.77
N PHE R 63 45.42 8.98 40.51
CA PHE R 63 45.24 7.62 40.95
C PHE R 63 46.01 6.63 40.09
N LEU R 64 46.07 6.87 38.78
CA LEU R 64 46.80 5.95 37.93
C LEU R 64 48.31 6.12 38.08
N GLY R 65 48.77 7.26 38.59
CA GLY R 65 50.19 7.49 38.70
C GLY R 65 50.81 6.75 39.88
N GLN R 66 50.01 6.45 40.89
CA GLN R 66 50.54 5.82 42.10
C GLN R 66 50.57 4.31 41.99
N ASN R 67 50.12 3.76 40.85
CA ASN R 67 50.28 2.37 40.38
C ASN R 67 49.37 1.41 41.16
N GLY R 68 48.81 1.78 42.30
CA GLY R 68 47.49 1.42 42.80
C GLY R 68 46.81 0.10 42.54
N THR R 69 47.56 -0.93 42.09
CA THR R 69 47.08 -2.28 41.67
C THR R 69 45.73 -2.28 40.95
N TYR R 70 45.53 -1.33 40.06
CA TYR R 70 44.24 -1.10 39.41
C TYR R 70 44.04 -2.02 38.22
N HIS R 71 42.84 -1.95 37.64
CA HIS R 71 42.42 -2.89 36.61
C HIS R 71 41.96 -2.23 35.31
N MET R 72 41.78 -0.91 35.30
CA MET R 72 41.43 -0.21 34.06
C MET R 72 42.02 1.19 34.12
N SER R 73 42.56 1.64 32.98
CA SER R 73 43.19 2.95 32.88
C SER R 73 42.24 4.06 32.45
N TYR R 74 41.59 3.92 31.30
CA TYR R 74 40.80 5.01 30.73
C TYR R 74 39.44 5.14 31.42
N ASP R 75 38.62 6.06 30.91
CA ASP R 75 37.41 6.42 31.64
C ASP R 75 36.22 5.58 31.20
N SER R 76 36.18 5.23 29.90
CA SER R 76 35.22 4.33 29.25
C SER R 76 33.78 4.82 29.27
N LYS R 77 33.53 6.08 29.60
CA LYS R 77 32.16 6.58 29.52
C LYS R 77 31.86 7.07 28.11
N SER R 78 32.75 7.89 27.56
CA SER R 78 32.50 8.50 26.26
C SER R 78 32.78 7.51 25.14
N ILE R 79 33.49 6.42 25.44
CA ILE R 79 33.81 5.47 24.39
C ILE R 79 32.81 4.32 24.38
N ASP R 80 32.01 4.20 25.45
CA ASP R 80 30.80 3.40 25.41
C ASP R 80 29.61 4.20 24.92
N TYR R 81 29.64 5.52 25.11
CA TYR R 81 28.59 6.39 24.58
C TYR R 81 28.63 6.41 23.05
N ALA R 82 29.83 6.38 22.48
CA ALA R 82 29.95 6.37 21.03
C ALA R 82 29.63 5.00 20.46
N LYS R 83 29.80 3.94 21.27
CA LYS R 83 29.41 2.61 20.82
C LYS R 83 27.90 2.45 20.83
N GLN R 84 27.23 3.07 21.81
CA GLN R 84 25.78 2.97 21.90
C GLN R 84 25.10 3.76 20.79
N LYS R 85 25.57 4.97 20.51
CA LYS R 85 24.95 5.80 19.48
C LYS R 85 25.25 5.28 18.08
N LYS R 86 26.30 4.47 17.94
CA LYS R 86 26.56 3.84 16.65
C LYS R 86 25.57 2.71 16.38
N SER R 87 25.14 2.02 17.44
CA SER R 87 24.23 0.90 17.26
C SER R 87 22.79 1.35 17.09
N GLU R 88 22.48 2.60 17.49
CA GLU R 88 21.11 3.09 17.35
C GLU R 88 20.77 3.40 15.91
N LYS R 89 21.80 3.44 15.06
CA LYS R 89 21.62 3.70 13.62
C LYS R 89 21.79 2.41 12.81
N LYS R 90 20.87 2.16 11.88
CA LYS R 90 20.90 0.95 11.04
C LYS R 90 20.91 1.30 9.54
N GLU R 91 21.40 0.38 8.70
CA GLU R 91 21.49 0.67 7.28
C GLU R 91 22.91 0.56 6.74
N ASP R 92 23.43 -0.67 6.75
CA ASP R 92 24.87 -0.92 6.66
C ASP R 92 25.43 -0.59 5.28
N GLN R 93 25.94 0.62 5.12
CA GLN R 93 26.47 1.04 3.84
C GLN R 93 27.78 1.77 4.05
N GLN R 94 28.71 1.52 3.13
CA GLN R 94 30.07 2.04 3.09
C GLN R 94 30.81 1.77 4.40
N GLU R 95 30.63 0.58 4.95
CA GLU R 95 31.42 0.20 6.11
C GLU R 95 32.86 -0.04 5.71
N ASP R 96 33.07 -0.88 4.69
CA ASP R 96 34.41 -1.13 4.19
C ASP R 96 34.86 -0.08 3.19
N ASP R 97 34.14 1.03 3.07
CA ASP R 97 34.74 2.23 2.50
C ASP R 97 35.31 3.12 3.58
N ASP R 98 34.83 2.99 4.80
CA ASP R 98 35.41 3.61 5.98
C ASP R 98 36.48 2.75 6.61
N GLY R 99 36.15 1.49 6.88
CA GLY R 99 37.11 0.55 7.39
C GLY R 99 38.24 0.25 6.44
N PHE R 100 38.06 0.36 5.14
CA PHE R 100 39.19 0.02 4.28
C PHE R 100 39.75 1.15 3.43
N TYR R 101 38.89 1.71 2.60
CA TYR R 101 39.24 2.78 1.68
C TYR R 101 39.65 4.14 2.25
N ASP R 102 39.01 4.56 3.34
CA ASP R 102 39.24 5.92 3.83
C ASP R 102 40.23 5.94 4.99
N ALA R 103 40.41 4.79 5.65
CA ALA R 103 41.39 4.71 6.72
C ALA R 103 42.80 4.61 6.16
N TYR R 104 43.02 3.72 5.20
CA TYR R 104 44.38 3.49 4.69
C TYR R 104 44.87 4.62 3.80
N LYS R 105 43.96 5.40 3.21
CA LYS R 105 44.39 6.57 2.46
C LYS R 105 44.89 7.65 3.40
N GLN R 106 44.20 7.86 4.51
CA GLN R 106 44.58 8.91 5.44
C GLN R 106 45.78 8.52 6.28
N ILE R 107 46.03 7.22 6.44
CA ILE R 107 47.22 6.79 7.16
C ILE R 107 48.46 7.02 6.30
N LYS R 108 48.38 6.70 5.00
CA LYS R 108 49.52 6.89 4.10
C LYS R 108 49.83 8.37 3.90
N ASN R 109 48.81 9.22 3.99
CA ASN R 109 49.05 10.66 3.91
C ASN R 109 49.77 11.17 5.14
N SER R 110 49.56 10.53 6.29
CA SER R 110 50.22 10.98 7.50
C SER R 110 51.68 10.55 7.54
N TYR R 111 52.07 9.62 6.68
CA TYR R 111 53.50 9.30 6.56
C TYR R 111 54.19 10.27 5.63
N ASP R 112 53.43 11.00 4.83
CA ASP R 112 54.01 11.98 3.92
C ASP R 112 53.91 13.40 4.44
N GLY R 113 53.39 13.59 5.65
CA GLY R 113 53.26 14.91 6.23
C GLY R 113 52.11 15.69 5.64
N ILE R 114 51.04 14.99 5.26
CA ILE R 114 49.89 15.57 4.60
C ILE R 114 48.71 15.45 5.54
N PRO R 115 47.94 16.51 5.77
CA PRO R 115 46.67 16.34 6.51
C PRO R 115 45.66 15.54 5.71
N ASN R 116 44.55 15.21 6.36
CA ASN R 116 43.71 14.11 5.91
C ASN R 116 42.83 14.53 4.73
N ASN R 117 42.26 15.72 4.78
CA ASN R 117 41.46 16.23 3.68
C ASN R 117 42.25 17.18 2.80
N PHE R 118 43.58 17.18 2.92
CA PHE R 118 44.40 18.18 2.28
C PHE R 118 44.76 17.75 0.87
N ASN R 119 44.20 18.45 -0.12
CA ASN R 119 44.35 18.08 -1.52
C ASN R 119 45.53 18.76 -2.19
N HIS R 120 46.38 19.45 -1.43
CA HIS R 120 47.45 20.25 -2.02
C HIS R 120 48.81 19.75 -1.62
N GLU R 121 49.85 20.52 -1.92
CA GLU R 121 51.20 20.00 -1.82
C GLU R 121 51.81 20.37 -0.47
N ALA R 122 52.39 19.37 0.19
CA ALA R 122 52.72 19.40 1.60
C ALA R 122 54.21 19.08 1.83
N PRO R 123 54.86 19.80 2.73
CA PRO R 123 56.29 19.59 2.94
C PRO R 123 56.57 18.48 3.93
N GLN R 124 57.79 17.94 3.83
CA GLN R 124 58.33 17.00 4.79
C GLN R 124 59.84 17.10 4.73
N LEU R 125 60.48 17.16 5.90
CA LEU R 125 61.91 17.39 6.00
C LEU R 125 62.62 16.08 5.70
N ILE R 126 63.42 16.08 4.64
CA ILE R 126 64.23 14.94 4.25
C ILE R 126 65.68 15.35 4.35
N GLY R 127 66.37 14.86 5.37
CA GLY R 127 67.76 15.24 5.56
C GLY R 127 67.91 16.65 6.07
N ASN R 128 68.31 17.57 5.19
CA ASN R 128 68.56 18.95 5.57
C ASN R 128 67.52 19.90 5.00
N ASN R 129 66.83 19.52 3.93
CA ASN R 129 65.90 20.42 3.27
C ASN R 129 64.52 19.79 3.16
N TYR R 130 63.56 20.59 2.71
CA TYR R 130 62.16 20.18 2.63
C TYR R 130 61.79 19.74 1.22
N VAL R 131 60.87 18.80 1.14
CA VAL R 131 60.36 18.28 -0.13
C VAL R 131 58.84 18.39 -0.10
N PHE R 132 58.28 19.15 -1.02
CA PHE R 132 56.84 19.36 -1.09
C PHE R 132 56.20 18.26 -1.92
N THR R 133 55.46 17.37 -1.27
CA THR R 133 54.76 16.28 -1.92
C THR R 133 53.26 16.46 -1.73
N SER R 134 52.48 15.74 -2.52
CA SER R 134 51.03 15.76 -2.35
C SER R 134 50.50 14.35 -2.42
N ILE R 135 49.16 14.25 -2.49
CA ILE R 135 48.53 12.96 -2.75
C ILE R 135 48.77 12.72 -4.22
N TYR R 136 48.74 13.80 -5.01
CA TYR R 136 48.78 13.68 -6.46
C TYR R 136 50.11 13.11 -7.00
N ASP R 137 51.18 13.88 -6.83
CA ASP R 137 52.53 13.41 -7.08
C ASP R 137 53.30 13.15 -5.80
N THR R 138 53.51 11.87 -5.51
CA THR R 138 54.09 11.51 -4.21
C THR R 138 55.58 11.82 -4.13
N LYS R 139 56.24 12.00 -5.28
CA LYS R 139 57.69 12.28 -5.39
C LYS R 139 58.51 11.23 -4.65
N GLU R 140 58.12 9.96 -4.81
CA GLU R 140 58.71 8.88 -4.03
C GLU R 140 60.14 8.59 -4.48
N ASN R 141 60.43 8.80 -5.76
CA ASN R 141 61.77 8.53 -6.25
C ASN R 141 62.75 9.62 -5.84
N LEU R 142 62.24 10.80 -5.48
CA LEU R 142 63.12 11.81 -4.90
C LEU R 142 63.44 11.49 -3.44
N ILE R 143 62.46 10.97 -2.71
CA ILE R 143 62.65 10.64 -1.30
C ILE R 143 63.62 9.48 -1.15
N LYS R 144 63.61 8.58 -2.14
CA LYS R 144 64.64 7.54 -2.19
C LYS R 144 66.01 8.13 -2.48
N PHE R 145 66.04 9.23 -3.23
CA PHE R 145 67.32 9.85 -3.59
C PHE R 145 67.89 10.67 -2.44
N LEU R 146 67.05 11.48 -1.78
CA LEU R 146 67.57 12.41 -0.79
C LEU R 146 67.69 11.77 0.59
N LYS R 147 67.26 10.51 0.74
CA LYS R 147 67.57 9.79 1.96
C LYS R 147 68.82 8.95 1.81
N LYS R 148 68.91 8.19 0.72
CA LYS R 148 70.04 7.28 0.51
C LYS R 148 71.33 8.03 0.22
N ASN R 149 71.35 8.82 -0.84
CA ASN R 149 72.58 9.48 -1.26
C ASN R 149 72.96 10.64 -0.37
N SER R 150 72.00 11.27 0.30
CA SER R 150 72.29 12.43 1.13
C SER R 150 72.48 12.09 2.60
N GLU R 151 72.98 10.90 2.91
CA GLU R 151 73.32 10.55 4.28
C GLU R 151 74.52 11.36 4.77
N TYR R 152 75.60 11.36 4.00
CA TYR R 152 76.85 11.93 4.48
C TYR R 152 77.06 13.35 3.96
N ASP R 153 76.70 13.61 2.71
CA ASP R 153 76.97 14.91 2.10
C ASP R 153 75.71 15.78 2.07
N LEU R 154 75.88 17.00 1.57
CA LEU R 154 74.86 18.03 1.63
C LEU R 154 74.37 18.39 0.24
N TYR R 155 73.06 18.57 0.10
CA TYR R 155 72.43 19.05 -1.12
C TYR R 155 71.35 20.04 -0.74
N ASP R 156 71.11 21.01 -1.62
CA ASP R 156 70.07 21.99 -1.37
C ASP R 156 69.09 21.99 -2.54
N GLY S 27 48.90 42.74 90.58
CA GLY S 27 47.48 42.71 90.30
C GLY S 27 47.12 41.87 89.09
N TYR S 28 45.83 41.71 88.83
CA TYR S 28 45.39 40.96 87.66
C TYR S 28 45.13 41.85 86.46
N GLY S 29 45.38 43.15 86.57
CA GLY S 29 45.16 44.03 85.43
C GLY S 29 46.30 44.03 84.45
N ASP S 30 47.49 43.61 84.90
CA ASP S 30 48.64 43.56 84.00
C ASP S 30 48.50 42.43 82.98
N LEU S 31 47.93 41.30 83.40
CA LEU S 31 47.61 40.21 82.48
C LEU S 31 46.58 40.66 81.46
N ALA S 32 45.62 41.46 81.89
CA ALA S 32 44.65 42.04 80.98
C ALA S 32 45.30 43.10 80.09
N ALA S 33 46.40 43.68 80.55
CA ALA S 33 47.14 44.61 79.70
C ALA S 33 48.05 43.86 78.74
N THR S 34 48.66 42.76 79.19
CA THR S 34 49.67 42.06 78.40
C THR S 34 49.05 41.10 77.40
N SER S 35 48.10 40.26 77.83
CA SER S 35 47.55 39.25 76.93
C SER S 35 46.60 39.86 75.91
N ALA S 36 46.12 41.07 76.15
CA ALA S 36 45.35 41.76 75.13
C ALA S 36 46.26 42.29 74.03
N LEU S 37 47.34 42.99 74.41
CA LEU S 37 48.29 43.48 73.41
C LEU S 37 49.03 42.36 72.71
N THR S 38 49.14 41.19 73.34
CA THR S 38 49.63 40.01 72.64
C THR S 38 48.65 39.58 71.56
N THR S 39 47.36 39.78 71.79
CA THR S 39 46.34 39.37 70.82
C THR S 39 46.18 40.41 69.72
N VAL S 40 46.21 41.69 70.08
CA VAL S 40 45.91 42.76 69.12
C VAL S 40 47.11 43.01 68.20
N ILE S 41 48.25 42.40 68.51
CA ILE S 41 49.42 42.57 67.63
C ILE S 41 49.69 41.29 66.84
N LYS S 42 49.59 40.12 67.49
CA LYS S 42 49.92 38.89 66.78
C LYS S 42 48.85 38.50 65.78
N ASP S 43 47.57 38.71 66.11
CA ASP S 43 46.51 38.21 65.23
C ASP S 43 46.24 39.05 63.98
N PRO S 44 46.25 40.43 63.99
CA PRO S 44 46.12 41.14 62.71
C PRO S 44 47.28 40.90 61.77
N ILE S 45 48.51 40.87 62.31
CA ILE S 45 49.68 40.73 61.46
C ILE S 45 49.78 39.31 60.89
N SER S 46 49.28 38.32 61.63
CA SER S 46 49.20 36.97 61.09
C SER S 46 48.19 36.89 59.95
N LEU S 47 47.24 37.81 59.90
CA LEU S 47 46.26 37.80 58.82
C LEU S 47 46.72 38.65 57.64
N THR S 48 47.49 39.70 57.90
CA THR S 48 47.97 40.54 56.80
C THR S 48 49.10 39.85 56.04
N ILE S 49 49.98 39.14 56.76
CA ILE S 49 51.07 38.42 56.12
C ILE S 49 50.52 37.26 55.27
N LYS S 50 49.41 36.67 55.71
CA LYS S 50 48.75 35.61 54.95
C LYS S 50 48.27 36.09 53.59
N ASP S 51 47.80 37.33 53.50
CA ASP S 51 47.36 37.84 52.20
C ASP S 51 48.54 38.38 51.40
N ILE S 52 49.59 38.84 52.07
CA ILE S 52 50.80 39.25 51.36
C ILE S 52 51.53 38.02 50.85
N TYR S 53 51.44 36.90 51.56
CA TYR S 53 52.11 35.70 51.09
C TYR S 53 51.35 35.06 49.92
N GLU S 54 50.03 34.89 50.06
CA GLU S 54 49.29 34.11 49.07
C GLU S 54 49.06 34.90 47.79
N HIS S 55 48.78 36.18 47.89
CA HIS S 55 48.48 36.98 46.70
C HIS S 55 49.66 37.80 46.21
N GLY S 56 50.68 38.01 47.03
CA GLY S 56 51.80 38.83 46.63
C GLY S 56 53.06 38.02 46.38
N VAL S 57 53.24 36.91 47.09
CA VAL S 57 54.37 36.04 46.81
C VAL S 57 53.94 34.84 46.00
N LYS S 58 53.06 34.00 46.56
CA LYS S 58 52.82 32.65 46.03
C LYS S 58 52.12 32.68 44.67
N ASN S 59 51.11 33.51 44.51
CA ASN S 59 50.46 33.62 43.20
C ASN S 59 51.32 34.30 42.13
N PRO S 60 52.17 35.30 42.42
CA PRO S 60 53.16 35.67 41.39
C PRO S 60 54.27 34.64 41.23
N PHE S 61 54.63 33.90 42.29
CA PHE S 61 55.69 32.90 42.17
C PHE S 61 55.24 31.74 41.30
N THR S 62 54.02 31.24 41.53
CA THR S 62 53.46 30.19 40.69
C THR S 62 53.29 30.66 39.25
N LYS S 63 53.06 31.95 39.06
CA LYS S 63 52.98 32.51 37.71
C LYS S 63 54.35 32.46 37.02
N ILE S 64 55.43 32.55 37.78
CA ILE S 64 56.77 32.63 37.19
C ILE S 64 57.23 31.26 36.68
N ILE S 65 57.07 30.21 37.50
CA ILE S 65 57.52 28.87 37.11
C ILE S 65 56.71 28.36 35.92
N HIS S 66 55.42 28.64 35.88
CA HIS S 66 54.64 28.15 34.75
C HIS S 66 54.81 29.05 33.52
N LYS S 67 55.48 30.19 33.69
CA LYS S 67 56.05 30.87 32.52
C LYS S 67 57.39 30.26 32.15
N LEU S 68 58.10 29.69 33.13
CA LEU S 68 59.37 29.04 32.84
C LEU S 68 59.13 27.68 32.18
N LYS S 69 58.03 27.01 32.54
CA LYS S 69 57.79 25.66 32.01
C LYS S 69 57.42 25.67 30.53
N LYS S 70 57.12 26.84 29.97
CA LYS S 70 57.00 26.93 28.51
C LYS S 70 58.35 27.22 27.88
N PHE S 71 59.40 27.35 28.69
CA PHE S 71 60.72 27.64 28.13
C PHE S 71 61.66 26.44 28.27
N ILE S 72 61.59 25.73 29.40
CA ILE S 72 62.44 24.54 29.56
C ILE S 72 61.99 23.44 28.60
N ARG S 73 60.71 23.12 28.58
CA ARG S 73 60.14 22.32 27.50
C ARG S 73 59.40 23.27 26.59
N TYR S 74 58.85 22.74 25.50
CA TYR S 74 57.99 23.44 24.53
C TYR S 74 58.67 24.61 23.81
N ARG S 75 60.00 24.72 23.81
CA ARG S 75 60.63 25.88 23.19
C ARG S 75 60.70 25.73 21.67
N LYS S 76 60.56 24.50 21.17
CA LYS S 76 60.66 24.27 19.73
C LYS S 76 59.33 24.51 19.03
N VAL S 77 58.23 24.23 19.72
CA VAL S 77 56.92 24.40 19.11
C VAL S 77 56.54 25.87 19.09
N LEU S 78 56.87 26.59 20.17
CA LEU S 78 56.46 27.98 20.27
C LEU S 78 57.22 28.86 19.28
N ARG S 79 58.33 28.37 18.76
CA ARG S 79 58.93 29.00 17.60
C ARG S 79 58.02 28.86 16.38
N TRP S 80 57.43 27.68 16.19
CA TRP S 80 56.48 27.50 15.09
C TRP S 80 55.11 28.01 15.46
N SER S 81 54.80 28.05 16.76
CA SER S 81 53.47 28.46 17.20
C SER S 81 53.28 29.96 17.11
N ARG S 82 54.19 30.74 17.70
CA ARG S 82 54.09 32.19 17.63
C ARG S 82 54.20 32.68 16.21
N MET S 83 54.94 31.95 15.37
CA MET S 83 55.04 32.29 13.97
C MET S 83 53.72 32.05 13.24
N TRP S 84 53.04 30.95 13.55
CA TRP S 84 51.75 30.68 12.92
C TRP S 84 50.66 31.53 13.54
N TRP S 85 50.93 32.16 14.68
CA TRP S 85 49.94 33.05 15.26
C TRP S 85 50.07 34.46 14.69
N VAL S 86 51.29 34.88 14.39
CA VAL S 86 51.52 36.17 13.75
C VAL S 86 50.90 36.21 12.37
N LEU S 87 50.96 35.09 11.65
CA LEU S 87 50.25 35.00 10.38
C LEU S 87 48.75 34.97 10.59
N LEU S 88 48.28 34.34 11.67
CA LEU S 88 46.84 34.19 11.87
C LEU S 88 46.20 35.51 12.28
N VAL S 89 46.90 36.33 13.07
CA VAL S 89 46.38 37.64 13.42
C VAL S 89 46.30 38.53 12.18
N ARG S 90 47.24 38.35 11.25
CA ARG S 90 47.17 39.09 9.99
C ARG S 90 46.03 38.57 9.11
N GLU S 91 45.66 37.31 9.25
CA GLU S 91 44.56 36.79 8.44
C GLU S 91 43.21 37.18 9.02
N ILE S 92 43.13 37.26 10.34
CA ILE S 92 41.89 37.67 11.00
C ILE S 92 41.66 39.16 10.81
N VAL S 93 42.70 39.95 10.97
CA VAL S 93 42.53 41.40 10.98
C VAL S 93 42.78 42.00 9.62
N GLY S 94 43.98 41.84 9.07
CA GLY S 94 44.23 42.30 7.72
C GLY S 94 44.32 43.81 7.53
N ASP S 95 45.41 44.40 8.03
CA ASP S 95 45.83 45.80 7.88
C ASP S 95 44.87 46.73 8.60
N ASN S 96 44.41 46.35 9.77
CA ASN S 96 43.76 47.25 10.72
C ASN S 96 44.53 47.18 12.02
N THR S 97 44.35 48.18 12.88
CA THR S 97 45.09 48.26 14.13
C THR S 97 44.68 47.13 15.08
N ILE S 98 45.63 46.24 15.37
CA ILE S 98 45.41 45.13 16.28
C ILE S 98 45.64 45.60 17.70
N GLU S 99 44.92 45.02 18.65
CA GLU S 99 45.12 45.38 20.04
C GLU S 99 46.31 44.66 20.61
N LYS S 100 47.27 45.44 21.11
CA LYS S 100 48.48 44.86 21.68
C LYS S 100 48.21 44.20 23.04
N LYS S 101 47.05 44.47 23.64
CA LYS S 101 46.79 43.98 24.98
C LYS S 101 46.02 42.68 24.99
N THR S 102 45.07 42.49 24.08
CA THR S 102 44.30 41.25 24.03
C THR S 102 44.77 40.29 22.94
N GLU S 103 45.93 40.55 22.33
CA GLU S 103 46.73 39.42 21.85
C GLU S 103 47.08 38.51 23.00
N LYS S 104 47.50 39.11 24.13
CA LYS S 104 47.99 38.35 25.27
C LYS S 104 46.90 37.47 25.87
N ALA S 105 45.65 37.88 25.78
CA ALA S 105 44.56 37.00 26.18
C ALA S 105 44.39 35.85 25.20
N LEU S 106 44.66 36.10 23.92
CA LEU S 106 44.41 35.07 22.91
C LEU S 106 45.67 34.32 22.54
N ARG S 107 46.85 34.85 22.86
CA ARG S 107 48.06 34.07 22.64
C ARG S 107 48.16 32.94 23.65
N GLU S 108 47.65 33.16 24.87
CA GLU S 108 47.64 32.11 25.88
C GLU S 108 46.74 30.96 25.48
N ILE S 109 45.65 31.26 24.77
CA ILE S 109 44.77 30.20 24.30
C ILE S 109 45.40 29.51 23.10
N TRP S 110 46.14 30.26 22.28
CA TRP S 110 46.81 29.64 21.15
C TRP S 110 48.01 28.83 21.60
N ASP S 111 48.70 29.27 22.65
CA ASP S 111 49.79 28.47 23.20
C ASP S 111 49.26 27.20 23.82
N GLN S 112 48.09 27.25 24.44
CA GLN S 112 47.51 26.04 25.03
C GLN S 112 46.94 25.11 23.98
N CYS S 113 46.73 25.61 22.75
CA CYS S 113 46.40 24.72 21.65
C CYS S 113 47.63 23.96 21.19
N THR S 114 48.79 24.62 21.14
CA THR S 114 50.00 23.94 20.66
C THR S 114 50.61 23.04 21.72
N ILE S 115 50.49 23.42 22.99
CA ILE S 115 50.87 22.53 24.07
C ILE S 115 50.01 21.27 24.04
N ALA S 116 48.74 21.41 23.66
CA ALA S 116 47.87 20.25 23.62
C ALA S 116 48.14 19.38 22.40
N VAL S 117 48.60 19.97 21.30
CA VAL S 117 48.82 19.16 20.10
C VAL S 117 50.18 18.47 20.15
N TYR S 118 51.20 19.16 20.66
CA TYR S 118 52.56 18.60 20.64
C TYR S 118 52.71 17.46 21.64
N ASN S 119 51.82 17.37 22.63
CA ASN S 119 51.82 16.19 23.48
C ASN S 119 51.09 15.03 22.82
N ASN S 120 50.46 15.25 21.67
CA ASN S 120 49.72 14.21 20.98
C ASN S 120 50.43 13.67 19.76
N THR S 121 51.62 14.18 19.44
CA THR S 121 52.28 13.86 18.19
C THR S 121 53.62 13.21 18.45
N LEU S 122 53.85 12.05 17.85
CA LEU S 122 55.19 11.48 17.88
C LEU S 122 56.06 12.08 16.79
N ASN S 123 55.46 12.57 15.70
CA ASN S 123 56.23 13.19 14.63
C ASN S 123 56.86 14.49 15.12
N ALA S 124 58.03 14.82 14.57
CA ALA S 124 58.65 16.09 14.91
C ALA S 124 57.93 17.23 14.21
N VAL S 125 58.13 18.44 14.74
CA VAL S 125 57.49 19.61 14.16
C VAL S 125 58.23 20.03 12.90
N GLU S 126 59.57 19.99 12.95
CA GLU S 126 60.35 20.34 11.78
C GLU S 126 60.28 19.26 10.71
N SER S 127 59.98 18.02 11.10
CA SER S 127 59.97 16.94 10.12
C SER S 127 58.71 16.97 9.29
N LYS S 128 57.57 17.24 9.91
CA LYS S 128 56.28 17.28 9.22
C LYS S 128 55.47 18.42 9.79
N PRO S 129 55.58 19.61 9.18
CA PRO S 129 54.97 20.79 9.82
C PRO S 129 53.47 20.95 9.58
N LEU S 130 52.93 20.52 8.43
CA LEU S 130 51.51 20.78 8.17
C LEU S 130 50.59 19.92 9.00
N LEU S 131 51.10 18.82 9.57
CA LEU S 131 50.29 18.01 10.47
C LEU S 131 49.92 18.80 11.70
N PHE S 132 50.80 19.71 12.10
CA PHE S 132 50.53 20.53 13.27
C PHE S 132 49.56 21.67 12.94
N LEU S 133 49.69 22.27 11.76
CA LEU S 133 48.70 23.28 11.34
C LEU S 133 47.30 22.72 11.25
N HIS S 134 47.15 21.48 10.79
CA HIS S 134 45.83 20.86 10.84
C HIS S 134 45.46 20.52 12.27
N GLY S 135 46.46 20.28 13.12
CA GLY S 135 46.17 19.93 14.50
C GLY S 135 45.94 21.14 15.38
N ILE S 136 46.75 22.18 15.18
CA ILE S 136 46.68 23.34 16.07
C ILE S 136 45.48 24.21 15.73
N LEU S 137 45.27 24.50 14.43
CA LEU S 137 44.17 25.35 14.01
C LEU S 137 42.82 24.73 14.35
N ASN S 138 42.70 23.41 14.20
CA ASN S 138 41.44 22.75 14.59
C ASN S 138 41.29 22.69 16.09
N GLU S 139 42.41 22.69 16.83
CA GLU S 139 42.31 22.75 18.28
C GLU S 139 41.81 24.12 18.72
N CYS S 140 42.31 25.19 18.13
CA CYS S 140 41.80 26.53 18.42
C CYS S 140 40.65 26.95 17.50
N ARG S 141 40.21 26.11 16.58
CA ARG S 141 38.90 26.34 15.97
C ARG S 141 37.81 26.00 16.97
N ASN S 142 38.09 25.07 17.87
CA ASN S 142 37.16 24.69 18.90
C ASN S 142 37.47 25.34 20.24
N ASN S 143 38.73 25.64 20.54
CA ASN S 143 39.08 26.27 21.81
C ASN S 143 38.59 27.72 21.84
N PHE S 144 38.63 28.40 20.71
CA PHE S 144 38.01 29.71 20.62
C PHE S 144 36.49 29.59 20.63
N ALA S 145 35.95 28.50 20.12
CA ALA S 145 34.50 28.38 20.04
C ALA S 145 33.88 28.10 21.40
N THR S 146 34.63 27.43 22.29
CA THR S 146 34.09 27.14 23.60
C THR S 146 34.37 28.27 24.59
N LYS S 147 35.23 29.22 24.20
CA LYS S 147 35.52 30.33 25.11
C LYS S 147 34.89 31.63 24.63
N LEU S 148 35.12 32.02 23.38
CA LEU S 148 34.68 33.31 22.86
C LEU S 148 33.19 33.21 22.55
N ARG S 149 32.37 33.93 23.31
CA ARG S 149 30.94 33.92 23.03
C ARG S 149 30.60 34.82 21.85
N GLN S 150 30.98 36.09 21.93
CA GLN S 150 30.75 37.05 20.85
C GLN S 150 32.06 37.22 20.10
N ASP S 151 32.01 37.07 18.79
CA ASP S 151 33.16 37.37 17.95
C ASP S 151 32.84 38.55 17.07
N PRO S 152 33.15 39.77 17.47
CA PRO S 152 33.01 40.89 16.55
C PRO S 152 34.03 40.86 15.43
N SER S 153 35.20 40.30 15.68
CA SER S 153 36.19 40.13 14.63
C SER S 153 36.15 38.75 13.99
N LEU S 154 35.16 37.92 14.36
CA LEU S 154 34.82 36.65 13.70
C LEU S 154 35.98 35.66 13.73
N ILE S 155 36.54 35.43 14.92
CA ILE S 155 37.78 34.66 15.02
C ILE S 155 37.51 33.18 14.78
N VAL S 156 36.43 32.64 15.33
CA VAL S 156 36.05 31.26 15.05
C VAL S 156 35.62 31.13 13.59
N ALA S 157 34.94 32.14 13.06
CA ALA S 157 34.39 32.07 11.71
C ALA S 157 35.48 32.10 10.66
N LYS S 158 36.57 32.82 10.93
CA LYS S 158 37.64 32.90 9.94
C LYS S 158 38.54 31.68 9.99
N ILE S 159 38.76 31.11 11.18
CA ILE S 159 39.54 29.88 11.30
C ILE S 159 38.77 28.69 10.73
N ASP S 160 37.44 28.80 10.69
CA ASP S 160 36.63 27.85 9.92
C ASP S 160 37.01 27.85 8.45
N GLN S 161 37.18 29.03 7.87
CA GLN S 161 37.40 29.11 6.42
C GLN S 161 38.85 28.93 6.05
N ILE S 162 39.77 29.08 7.01
CA ILE S 162 41.16 28.74 6.75
C ILE S 162 41.31 27.23 6.70
N ILE S 163 40.54 26.50 7.50
CA ILE S 163 40.56 25.04 7.43
C ILE S 163 39.82 24.55 6.19
N LYS S 164 38.69 25.18 5.89
CA LYS S 164 37.89 24.81 4.73
C LYS S 164 38.52 25.18 3.38
N SER S 165 39.21 26.31 3.29
CA SER S 165 39.81 26.70 2.02
C SER S 165 41.24 26.23 1.87
N GLN S 166 41.79 25.64 2.92
CA GLN S 166 43.16 25.12 2.93
C GLN S 166 44.15 26.15 2.43
N ILE S 167 43.96 27.41 2.80
CA ILE S 167 44.90 28.45 2.42
C ILE S 167 45.93 28.64 3.53
N TYR S 168 45.96 27.72 4.48
CA TYR S 168 47.01 27.69 5.48
C TYR S 168 48.26 27.00 4.99
N ARG S 169 48.26 26.51 3.75
CA ARG S 169 49.45 25.90 3.19
C ARG S 169 50.51 26.95 2.86
N PHE S 170 50.10 28.21 2.77
CA PHE S 170 51.05 29.28 2.51
C PHE S 170 51.76 29.72 3.77
N TRP S 171 51.28 29.28 4.93
CA TRP S 171 51.96 29.61 6.18
C TRP S 171 53.21 28.77 6.34
N VAL S 172 53.30 27.68 5.58
CA VAL S 172 54.50 26.86 5.52
C VAL S 172 55.01 26.96 4.09
N SER S 173 56.00 27.81 3.87
CA SER S 173 56.58 28.03 2.56
C SER S 173 58.07 28.29 2.72
N GLU S 174 58.75 28.46 1.58
CA GLU S 174 60.19 28.70 1.60
C GLU S 174 60.64 29.95 2.36
N PRO S 175 59.94 31.08 2.36
CA PRO S 175 60.31 32.13 3.34
C PRO S 175 59.96 31.76 4.75
N TYR S 176 58.96 30.89 4.95
CA TYR S 176 58.47 30.64 6.30
C TYR S 176 59.16 29.46 6.96
N LEU S 177 59.72 28.54 6.17
CA LEU S 177 60.44 27.43 6.78
C LEU S 177 61.81 27.86 7.28
N LYS S 178 62.26 29.07 6.92
CA LYS S 178 63.56 29.53 7.38
C LYS S 178 63.50 30.05 8.81
N ILE S 179 62.36 30.63 9.22
CA ILE S 179 62.26 31.12 10.60
C ILE S 179 62.12 29.95 11.56
N GLY S 180 61.32 28.95 11.21
CA GLY S 180 61.04 27.87 12.14
C GLY S 180 62.22 26.94 12.35
N ARG S 181 63.13 26.88 11.38
CA ARG S 181 64.35 26.10 11.57
C ARG S 181 65.39 26.87 12.37
N SER S 182 65.38 28.20 12.25
CA SER S 182 66.44 29.02 12.82
C SER S 182 66.36 29.03 14.34
N HIS S 183 67.48 29.33 14.98
CA HIS S 183 67.55 29.32 16.43
C HIS S 183 67.16 30.69 16.95
N THR S 184 65.86 30.97 16.98
CA THR S 184 65.34 32.14 17.65
C THR S 184 64.36 31.64 18.71
N LEU S 185 64.49 32.16 19.92
CA LEU S 185 63.50 31.88 20.93
C LEU S 185 62.19 32.55 20.56
N TYR S 186 61.09 32.00 21.11
CA TYR S 186 59.77 32.46 20.69
C TYR S 186 59.46 33.86 21.20
N THR S 187 60.18 34.32 22.22
CA THR S 187 59.99 35.69 22.68
C THR S 187 60.58 36.69 21.69
N HIS S 188 61.58 36.26 20.91
CA HIS S 188 62.20 37.17 19.95
C HIS S 188 61.35 37.34 18.70
N ILE S 189 60.39 36.44 18.48
CA ILE S 189 59.60 36.50 17.26
C ILE S 189 58.54 37.59 17.37
N THR S 190 58.66 38.58 16.51
CA THR S 190 57.79 39.75 16.48
C THR S 190 56.99 39.67 15.18
N PRO S 191 56.00 40.54 14.96
CA PRO S 191 55.43 40.63 13.60
C PRO S 191 56.40 41.14 12.54
N ASP S 192 57.53 41.72 12.91
CA ASP S 192 58.48 42.19 11.91
C ASP S 192 59.33 41.05 11.37
N ALA S 193 59.59 40.03 12.19
CA ALA S 193 60.45 38.94 11.75
C ALA S 193 59.74 38.02 10.78
N VAL S 194 58.42 37.96 10.86
CA VAL S 194 57.62 37.12 9.98
C VAL S 194 57.31 37.92 8.71
N PRO S 195 57.72 37.48 7.53
CA PRO S 195 57.40 38.22 6.32
C PRO S 195 55.94 38.06 5.94
N GLN S 196 55.40 39.07 5.28
CA GLN S 196 53.98 39.07 4.96
C GLN S 196 53.69 38.11 3.82
N LEU S 197 52.52 37.49 3.89
CA LEU S 197 52.03 36.68 2.78
C LEU S 197 51.72 37.58 1.59
N PRO S 198 51.82 37.06 0.37
CA PRO S 198 51.31 37.79 -0.78
C PRO S 198 49.81 37.97 -0.70
N LYS S 199 49.32 39.00 -1.40
CA LYS S 199 47.92 39.38 -1.29
C LYS S 199 47.00 38.32 -1.86
N GLU S 200 47.50 37.51 -2.79
CA GLU S 200 46.67 36.46 -3.38
C GLU S 200 46.54 35.27 -2.43
N CYS S 201 47.32 35.25 -1.36
CA CYS S 201 47.30 34.13 -0.43
C CYS S 201 46.40 34.39 0.77
N THR S 202 46.20 35.65 1.12
CA THR S 202 45.50 36.00 2.36
C THR S 202 44.00 35.73 2.24
N LEU S 203 43.33 35.73 3.39
CA LEU S 203 41.90 35.42 3.43
C LEU S 203 41.06 36.56 2.89
N LYS S 204 41.57 37.79 2.98
CA LYS S 204 40.77 38.94 2.58
C LYS S 204 40.53 38.98 1.08
N HIS S 205 41.55 38.64 0.30
CA HIS S 205 41.36 38.57 -1.15
C HIS S 205 40.64 37.30 -1.55
N LEU S 206 40.78 36.24 -0.74
CA LEU S 206 39.99 35.02 -0.96
C LEU S 206 38.51 35.29 -0.75
N SER S 207 38.20 36.19 0.18
CA SER S 207 36.84 36.64 0.35
C SER S 207 36.35 37.46 -0.88
N SER S 208 37.22 38.35 -1.39
CA SER S 208 36.87 39.23 -2.54
C SER S 208 36.59 38.52 -3.87
N TYR S 209 37.47 37.59 -4.24
CA TYR S 209 37.30 36.75 -5.40
C TYR S 209 36.00 35.95 -5.34
N MET S 210 35.49 35.79 -4.13
CA MET S 210 34.24 35.09 -3.93
C MET S 210 33.11 35.94 -4.48
N GLU S 211 33.00 37.19 -4.03
CA GLU S 211 31.95 38.11 -4.48
C GLU S 211 32.06 38.45 -5.96
N GLU S 212 33.27 38.40 -6.50
CA GLU S 212 33.43 38.48 -7.93
C GLU S 212 32.85 37.25 -8.63
N LYS S 213 32.60 36.19 -7.88
CA LYS S 213 32.01 35.00 -8.47
C LYS S 213 30.61 34.73 -7.91
N LEU S 214 30.26 35.33 -6.77
CA LEU S 214 28.95 35.10 -6.19
C LEU S 214 27.92 36.07 -6.76
N LYS S 215 28.15 37.36 -6.55
CA LYS S 215 27.25 38.35 -7.08
C LYS S 215 27.41 38.57 -8.56
N SER S 216 28.35 37.89 -9.22
CA SER S 216 28.31 37.87 -10.67
C SER S 216 27.37 36.79 -11.15
N MET S 217 27.60 35.54 -10.73
CA MET S 217 26.81 34.44 -11.26
C MET S 217 25.37 34.48 -10.75
N GLU S 218 25.18 34.71 -9.45
CA GLU S 218 23.85 34.62 -8.86
C GLU S 218 22.95 35.74 -9.36
N SER S 219 23.51 36.92 -9.60
CA SER S 219 22.71 38.07 -9.99
C SER S 219 22.23 38.02 -11.44
N LYS S 220 22.75 37.12 -12.25
CA LYS S 220 22.36 37.09 -13.65
C LYS S 220 21.21 36.14 -13.95
N LYS S 221 20.41 35.76 -12.98
CA LYS S 221 19.24 34.96 -13.28
C LYS S 221 18.10 35.88 -13.72
N ASN S 222 17.49 35.54 -14.85
CA ASN S 222 16.39 36.29 -15.46
C ASN S 222 16.78 37.73 -15.75
N ILE S 223 17.72 37.83 -16.69
CA ILE S 223 17.94 39.07 -17.39
C ILE S 223 16.61 39.57 -17.94
N GLU S 224 16.34 40.85 -17.73
CA GLU S 224 15.08 41.48 -18.10
C GLU S 224 14.85 41.44 -19.61
N SER S 225 13.59 41.62 -19.98
CA SER S 225 13.19 41.71 -21.36
C SER S 225 13.06 43.18 -21.73
N GLY S 226 13.71 43.60 -22.81
CA GLY S 226 13.80 44.99 -23.17
C GLY S 226 14.94 45.73 -22.50
N LYS S 227 15.67 45.09 -21.59
CA LYS S 227 16.82 45.72 -20.95
C LYS S 227 17.92 45.96 -21.96
N TYR S 228 18.09 45.04 -22.90
CA TYR S 228 19.18 45.10 -23.85
C TYR S 228 18.57 45.43 -25.20
N GLU S 229 18.55 46.73 -25.51
CA GLU S 229 18.03 47.23 -26.76
C GLU S 229 19.14 47.21 -27.79
N PHE S 230 18.75 47.30 -29.05
CA PHE S 230 19.70 47.01 -30.11
C PHE S 230 19.88 48.24 -30.99
N ASP S 231 20.89 48.22 -31.85
CA ASP S 231 21.14 49.31 -32.77
C ASP S 231 20.81 48.85 -34.20
N VAL S 232 19.60 49.18 -34.64
CA VAL S 232 19.10 48.79 -35.94
C VAL S 232 19.88 49.66 -36.89
N ASP S 233 20.64 49.04 -37.79
CA ASP S 233 21.32 49.78 -38.83
C ASP S 233 21.03 49.08 -40.15
N SER S 234 20.47 49.83 -41.08
CA SER S 234 20.22 49.36 -42.43
C SER S 234 21.34 49.99 -43.22
N SER S 235 22.33 49.19 -43.59
CA SER S 235 23.49 49.72 -44.26
C SER S 235 24.00 48.74 -45.30
N SER T 1 30.94 69.51 -5.88
CA SER T 1 30.59 70.37 -4.75
C SER T 1 29.47 69.77 -3.92
N VAL T 2 28.75 68.82 -4.50
CA VAL T 2 27.68 68.09 -3.82
C VAL T 2 28.18 66.67 -3.62
N LYS T 3 27.72 66.01 -2.54
CA LYS T 3 28.20 64.69 -2.15
C LYS T 3 27.93 63.64 -3.22
N ASP T 4 26.77 63.72 -3.86
CA ASP T 4 26.34 62.66 -4.76
C ASP T 4 27.00 62.79 -6.14
N ILE T 5 27.31 64.01 -6.56
CA ILE T 5 27.71 64.19 -7.95
C ILE T 5 29.17 63.81 -8.19
N LYS T 6 30.03 63.92 -7.16
CA LYS T 6 31.46 63.77 -7.36
C LYS T 6 31.85 62.33 -7.70
N LYS T 7 31.14 61.36 -7.13
CA LYS T 7 31.44 59.96 -7.42
C LYS T 7 30.97 59.55 -8.80
N LEU T 8 30.15 60.37 -9.46
CA LEU T 8 29.80 60.11 -10.85
C LEU T 8 30.88 60.66 -11.78
N ILE T 9 31.75 61.53 -11.24
CA ILE T 9 32.79 62.15 -12.07
C ILE T 9 34.13 61.45 -11.82
N GLU T 10 34.19 60.58 -10.81
CA GLU T 10 35.45 59.90 -10.49
C GLU T 10 35.86 58.90 -11.57
N GLU T 11 34.88 58.27 -12.22
CA GLU T 11 35.21 57.40 -13.34
C GLU T 11 35.56 58.19 -14.58
N GLY T 12 34.84 59.28 -14.84
CA GLY T 12 34.97 60.00 -16.08
C GLY T 12 36.21 60.85 -16.24
N ILE T 13 36.35 61.91 -15.45
CA ILE T 13 37.34 62.95 -15.73
C ILE T 13 38.38 63.07 -14.62
N LEU T 14 37.93 63.42 -13.41
CA LEU T 14 38.83 63.86 -12.36
C LEU T 14 39.18 62.71 -11.41
N ASP T 15 40.38 62.78 -10.85
CA ASP T 15 40.91 61.76 -9.95
C ASP T 15 40.54 62.10 -8.51
N TYR T 16 41.21 61.43 -7.56
CA TYR T 16 40.89 61.66 -6.16
C TYR T 16 41.82 62.70 -5.53
N GLU T 17 42.94 63.01 -6.18
CA GLU T 17 43.94 63.87 -5.56
C GLU T 17 43.51 65.34 -5.57
N ASP T 18 42.64 65.72 -6.51
CA ASP T 18 42.33 67.13 -6.68
C ASP T 18 41.09 67.59 -5.91
N LEU T 19 40.57 66.78 -4.99
CA LEU T 19 39.37 67.19 -4.28
C LEU T 19 39.70 68.17 -3.17
N THR T 20 38.68 68.91 -2.74
CA THR T 20 38.84 69.85 -1.64
C THR T 20 38.85 69.08 -0.32
N GLU T 21 39.39 69.69 0.73
CA GLU T 21 39.32 69.13 2.08
C GLU T 21 37.87 68.96 2.51
N ASN T 22 37.02 69.93 2.18
CA ASN T 22 35.60 69.84 2.52
C ASN T 22 34.88 68.84 1.60
N GLU T 23 35.50 68.50 0.46
CA GLU T 23 34.91 67.49 -0.41
C GLU T 23 35.31 66.08 0.01
N LEU T 24 36.55 65.92 0.50
CA LEU T 24 36.96 64.61 1.04
C LEU T 24 36.25 64.32 2.35
N ARG T 25 35.97 65.36 3.13
CA ARG T 25 35.23 65.20 4.37
C ARG T 25 33.79 64.80 4.08
N LYS T 26 33.20 65.39 3.03
CA LYS T 26 31.82 65.12 2.70
C LYS T 26 31.64 63.75 2.09
N LEU T 27 32.64 63.28 1.33
CA LEU T 27 32.52 62.00 0.65
C LEU T 27 32.72 60.83 1.62
N ALA T 28 33.32 61.08 2.78
CA ALA T 28 33.49 60.06 3.82
C ALA T 28 32.36 60.05 4.84
N LYS T 29 31.58 61.12 4.93
CA LYS T 29 30.37 61.14 5.74
C LYS T 29 29.33 60.22 5.10
N PRO T 30 28.34 59.74 5.87
CA PRO T 30 27.33 58.87 5.27
C PRO T 30 26.37 59.64 4.38
N ASP T 31 25.62 58.88 3.58
CA ASP T 31 24.72 59.47 2.60
C ASP T 31 23.42 59.92 3.27
N ASP T 32 22.44 60.28 2.44
CA ASP T 32 21.15 60.74 2.96
C ASP T 32 20.27 59.57 3.37
N ASN T 33 20.65 58.35 2.98
CA ASN T 33 19.91 57.17 3.45
C ASN T 33 20.13 56.95 4.94
N PHE T 34 21.33 57.28 5.42
CA PHE T 34 21.56 57.45 6.84
C PHE T 34 20.70 58.62 7.31
N TYR T 35 20.15 58.51 8.51
CA TYR T 35 19.09 59.32 9.20
C TYR T 35 17.70 59.01 8.67
N GLU T 36 17.54 58.23 7.61
CA GLU T 36 16.21 57.86 7.12
C GLU T 36 15.79 56.55 7.77
N LEU T 37 14.61 56.57 8.38
CA LEU T 37 14.18 55.51 9.28
C LEU T 37 13.70 54.30 8.49
N SER T 38 14.20 53.12 8.89
CA SER T 38 13.89 51.87 8.24
C SER T 38 14.09 50.75 9.24
N PRO T 39 13.05 50.40 10.02
CA PRO T 39 13.23 49.45 11.13
C PRO T 39 13.00 47.99 10.76
N TYR T 40 13.83 47.44 9.87
CA TYR T 40 13.63 46.05 9.46
C TYR T 40 15.00 45.41 9.18
N ALA T 41 15.22 44.26 9.81
CA ALA T 41 16.39 43.44 9.54
C ALA T 41 15.98 41.97 9.43
N SER T 42 16.76 41.21 8.67
CA SER T 42 16.42 39.83 8.36
C SER T 42 17.68 38.98 8.40
N ASP T 43 17.45 37.66 8.31
CA ASP T 43 18.49 36.62 8.29
C ASP T 43 19.35 36.68 9.54
N GLU T 44 18.74 36.38 10.68
CA GLU T 44 19.42 36.42 11.98
C GLU T 44 20.20 35.13 12.25
N LYS T 45 21.03 34.76 11.29
CA LYS T 45 22.03 33.71 11.43
C LYS T 45 23.39 34.37 11.29
N ASP T 46 23.91 34.87 12.39
CA ASP T 46 25.17 35.58 12.40
C ASP T 46 26.29 34.67 12.87
N LEU T 47 27.46 34.84 12.28
CA LEU T 47 28.66 34.13 12.68
C LEU T 47 29.42 34.85 13.78
N SER T 48 28.82 35.89 14.36
CA SER T 48 29.46 36.63 15.44
C SER T 48 29.33 35.91 16.76
N LEU T 49 28.15 35.42 17.09
CA LEU T 49 27.95 34.70 18.34
C LEU T 49 28.14 33.22 18.10
N ASN T 50 28.76 32.53 19.07
CA ASN T 50 28.95 31.10 19.00
C ASN T 50 28.01 30.45 20.00
N GLU T 51 27.13 29.57 19.52
CA GLU T 51 26.18 28.94 20.43
C GLU T 51 26.85 27.85 21.26
N THR T 52 28.05 27.42 20.87
CA THR T 52 28.76 26.38 21.60
C THR T 52 29.57 26.91 22.76
N SER T 53 29.51 28.21 23.04
CA SER T 53 30.43 28.82 23.98
C SER T 53 29.95 28.65 25.41
N GLY T 54 30.90 28.68 26.34
CA GLY T 54 30.60 28.50 27.74
C GLY T 54 31.48 29.38 28.60
N LEU T 55 31.20 29.35 29.90
CA LEU T 55 31.94 30.18 30.84
C LEU T 55 33.36 29.70 31.03
N THR T 56 34.16 30.57 31.63
CA THR T 56 35.49 30.19 32.09
C THR T 56 35.35 29.21 33.24
N ASN T 57 36.07 28.09 33.15
CA ASN T 57 35.85 27.01 34.10
C ASN T 57 36.50 27.32 35.45
N GLU T 58 37.65 28.02 35.43
CA GLU T 58 38.45 28.52 36.55
C GLU T 58 39.16 27.40 37.31
N GLN T 59 38.83 26.13 37.03
CA GLN T 59 39.58 24.98 37.48
C GLN T 59 40.34 24.34 36.33
N LEU T 60 39.74 24.34 35.13
CA LEU T 60 40.46 23.95 33.94
C LEU T 60 41.49 25.01 33.56
N LYS T 61 41.13 26.28 33.69
CA LYS T 61 42.06 27.36 33.39
C LYS T 61 43.24 27.37 34.37
N ASN T 62 42.98 26.95 35.61
CA ASN T 62 44.05 26.72 36.56
C ASN T 62 44.91 25.53 36.12
N PHE T 63 44.26 24.49 35.59
CA PHE T 63 44.99 23.29 35.21
C PHE T 63 45.75 23.49 33.89
N LEU T 64 45.17 24.21 32.95
CA LEU T 64 45.87 24.44 31.69
C LEU T 64 46.99 25.44 31.84
N GLY T 65 46.96 26.27 32.88
CA GLY T 65 47.98 27.29 33.03
C GLY T 65 49.28 26.73 33.56
N GLN T 66 49.22 25.60 34.27
CA GLN T 66 50.42 25.04 34.88
C GLN T 66 51.17 24.11 33.93
N ASN T 67 50.65 23.92 32.72
CA ASN T 67 51.30 23.32 31.53
C ASN T 67 51.39 21.80 31.68
N GLY T 68 51.22 21.22 32.86
CA GLY T 68 50.59 19.93 33.14
C GLY T 68 50.63 18.74 32.21
N THR T 69 51.56 18.73 31.22
CA THR T 69 51.72 17.72 30.14
C THR T 69 50.39 17.13 29.62
N TYR T 70 49.40 18.01 29.41
CA TYR T 70 48.05 17.60 29.07
C TYR T 70 47.89 17.35 27.58
N HIS T 71 46.71 16.87 27.19
CA HIS T 71 46.47 16.40 25.84
C HIS T 71 45.28 17.07 25.17
N MET T 72 44.46 17.82 25.90
CA MET T 72 43.36 18.56 25.29
C MET T 72 43.12 19.82 26.10
N SER T 73 42.85 20.92 25.39
CA SER T 73 42.64 22.22 26.00
C SER T 73 41.17 22.52 26.32
N TYR T 74 40.30 22.48 25.33
CA TYR T 74 38.93 22.91 25.50
C TYR T 74 38.08 21.86 26.22
N ASP T 75 36.78 22.14 26.35
CA ASP T 75 35.95 21.30 27.21
C ASP T 75 35.29 20.18 26.43
N SER T 76 34.93 20.44 25.17
CA SER T 76 34.41 19.51 24.16
C SER T 76 33.06 18.91 24.52
N LYS T 77 32.35 19.43 25.52
CA LYS T 77 31.02 18.92 25.79
C LYS T 77 29.98 19.63 24.92
N SER T 78 30.03 20.95 24.90
CA SER T 78 29.04 21.72 24.17
C SER T 78 29.31 21.71 22.67
N ILE T 79 30.53 21.32 22.28
CA ILE T 79 30.85 21.34 20.85
C ILE T 79 30.66 19.95 20.25
N ASP T 80 30.53 18.93 21.10
CA ASP T 80 29.98 17.66 20.67
C ASP T 80 28.47 17.61 20.78
N TYR T 81 27.89 18.41 21.68
CA TYR T 81 26.44 18.53 21.78
C TYR T 81 25.86 19.19 20.53
N ALA T 82 26.58 20.17 19.99
CA ALA T 82 26.11 20.83 18.77
C ALA T 82 26.35 19.96 17.54
N LYS T 83 27.32 19.06 17.61
CA LYS T 83 27.52 18.11 16.52
C LYS T 83 26.45 17.04 16.51
N GLN T 84 26.00 16.62 17.70
CA GLN T 84 24.97 15.59 17.78
C GLN T 84 23.62 16.11 17.33
N LYS T 85 23.26 17.33 17.77
CA LYS T 85 21.96 17.89 17.41
C LYS T 85 21.91 18.32 15.95
N LYS T 86 23.06 18.51 15.33
CA LYS T 86 23.09 18.80 13.90
C LYS T 86 22.80 17.53 13.09
N SER T 87 23.23 16.38 13.59
CA SER T 87 23.03 15.13 12.86
C SER T 87 21.63 14.58 13.05
N GLU T 88 20.86 15.20 13.93
CA GLU T 88 19.45 14.89 14.02
C GLU T 88 18.63 15.42 12.79
N LYS T 89 18.91 16.66 12.34
CA LYS T 89 18.16 17.31 11.23
C LYS T 89 18.22 16.78 9.77
N LYS T 90 19.42 16.53 9.26
CA LYS T 90 19.61 15.89 7.95
C LYS T 90 19.08 16.74 6.80
N GLU T 91 19.69 17.89 6.58
CA GLU T 91 19.29 18.76 5.47
C GLU T 91 20.26 18.69 4.30
N ASP T 92 20.76 17.50 4.00
CA ASP T 92 22.16 17.15 3.66
C ASP T 92 22.82 18.28 2.87
N GLN T 93 22.31 18.61 1.68
CA GLN T 93 22.97 19.58 0.80
C GLN T 93 21.95 20.62 0.33
N GLN T 94 21.65 21.54 1.22
CA GLN T 94 21.19 22.87 0.88
C GLN T 94 21.95 23.74 1.86
N GLU T 95 22.70 23.08 2.77
CA GLU T 95 23.50 23.63 3.87
C GLU T 95 24.78 24.26 3.34
N ASP T 96 24.90 24.15 2.04
CA ASP T 96 26.00 24.68 1.27
C ASP T 96 25.83 26.16 1.01
N ASP T 97 24.64 26.70 1.31
CA ASP T 97 24.53 28.13 1.55
C ASP T 97 25.42 28.38 2.76
N ASP T 98 25.07 27.81 3.89
CA ASP T 98 25.74 28.08 5.16
C ASP T 98 27.25 27.84 5.19
N GLY T 99 27.74 26.87 4.43
CA GLY T 99 29.16 26.60 4.42
C GLY T 99 30.00 27.79 3.97
N PHE T 100 29.51 28.53 2.97
CA PHE T 100 30.24 29.66 2.47
C PHE T 100 29.70 30.98 1.84
N TYR T 101 28.55 30.93 1.18
CA TYR T 101 28.13 32.18 0.56
C TYR T 101 27.88 33.10 1.74
N ASP T 102 27.09 32.64 2.72
CA ASP T 102 26.77 33.47 3.86
C ASP T 102 27.97 33.64 4.79
N ALA T 103 28.95 32.74 4.69
CA ALA T 103 30.17 32.88 5.48
C ALA T 103 31.08 33.95 4.89
N TYR T 104 31.33 33.89 3.58
CA TYR T 104 32.29 34.82 2.97
C TYR T 104 31.74 36.23 2.85
N LYS T 105 30.41 36.39 2.84
CA LYS T 105 29.86 37.74 2.85
C LYS T 105 30.07 38.39 4.22
N GLN T 106 29.87 37.62 5.28
CA GLN T 106 29.98 38.18 6.63
C GLN T 106 31.43 38.35 7.04
N ILE T 107 32.34 37.60 6.44
CA ILE T 107 33.76 37.79 6.72
C ILE T 107 34.26 39.07 6.09
N LYS T 108 33.85 39.34 4.84
CA LYS T 108 34.28 40.56 4.16
C LYS T 108 33.68 41.81 4.80
N ASN T 109 32.50 41.67 5.40
CA ASN T 109 31.92 42.80 6.12
C ASN T 109 32.71 43.10 7.40
N SER T 110 33.31 42.07 8.00
CA SER T 110 34.07 42.29 9.22
C SER T 110 35.42 42.92 8.95
N TYR T 111 35.86 42.92 7.69
CA TYR T 111 37.06 43.66 7.35
C TYR T 111 36.75 45.13 7.09
N ASP T 112 35.48 45.45 6.88
CA ASP T 112 35.07 46.83 6.65
C ASP T 112 34.48 47.48 7.88
N GLY T 113 34.46 46.77 9.01
CA GLY T 113 33.91 47.32 10.23
C GLY T 113 32.40 47.33 10.24
N ILE T 114 31.80 46.35 9.59
CA ILE T 114 30.35 46.27 9.42
C ILE T 114 29.87 45.04 10.18
N PRO T 115 28.84 45.14 11.01
CA PRO T 115 28.24 43.93 11.59
C PRO T 115 27.55 43.09 10.52
N ASN T 116 27.13 41.89 10.93
CA ASN T 116 26.85 40.84 9.98
C ASN T 116 25.51 41.02 9.28
N ASN T 117 24.48 41.41 10.02
CA ASN T 117 23.18 41.69 9.43
C ASN T 117 22.96 43.18 9.19
N PHE T 118 24.03 43.96 9.23
CA PHE T 118 23.91 45.41 9.23
C PHE T 118 23.85 45.93 7.80
N ASN T 119 22.68 46.42 7.41
CA ASN T 119 22.44 46.86 6.05
C ASN T 119 22.73 48.33 5.82
N HIS T 120 23.33 49.01 6.79
CA HIS T 120 23.51 50.45 6.70
C HIS T 120 24.97 50.83 6.69
N GLU T 121 25.26 52.12 6.81
CA GLU T 121 26.61 52.61 6.55
C GLU T 121 27.42 52.69 7.84
N ALA T 122 28.62 52.13 7.79
CA ALA T 122 29.42 51.79 8.95
C ALA T 122 30.80 52.44 8.90
N PRO T 123 31.29 52.96 10.02
CA PRO T 123 32.58 53.65 10.00
C PRO T 123 33.74 52.70 10.18
N GLN T 124 34.91 53.16 9.74
CA GLN T 124 36.18 52.50 9.98
C GLN T 124 37.27 53.57 9.92
N LEU T 125 38.18 53.53 10.89
CA LEU T 125 39.20 54.55 11.02
C LEU T 125 40.30 54.28 10.00
N ILE T 126 40.50 55.22 9.10
CA ILE T 126 41.54 55.15 8.09
C ILE T 126 42.50 56.31 8.33
N GLY T 127 43.67 56.01 8.87
CA GLY T 127 44.62 57.06 9.17
C GLY T 127 44.22 57.88 10.38
N ASN T 128 43.71 59.08 10.15
CA ASN T 128 43.36 60.00 11.23
C ASN T 128 41.85 60.19 11.35
N ASN T 129 41.10 59.93 10.28
CA ASN T 129 39.66 60.19 10.28
C ASN T 129 38.88 58.95 9.89
N TYR T 130 37.56 59.04 10.02
CA TYR T 130 36.67 57.91 9.79
C TYR T 130 36.06 57.96 8.41
N VAL T 131 35.79 56.78 7.85
CA VAL T 131 35.17 56.64 6.54
C VAL T 131 33.96 55.73 6.69
N PHE T 132 32.79 56.25 6.38
CA PHE T 132 31.55 55.49 6.52
C PHE T 132 31.29 54.71 5.24
N THR T 133 31.42 53.38 5.32
CA THR T 133 31.18 52.50 4.20
C THR T 133 30.02 51.58 4.53
N SER T 134 29.47 50.92 3.52
CA SER T 134 28.42 49.94 3.73
C SER T 134 28.70 48.71 2.90
N ILE T 135 27.70 47.82 2.86
CA ILE T 135 27.77 46.68 1.95
C ILE T 135 27.63 47.16 0.52
N TYR T 136 26.76 48.14 0.29
CA TYR T 136 26.36 48.52 -1.05
C TYR T 136 27.43 49.37 -1.72
N ASP T 137 27.84 50.45 -1.08
CA ASP T 137 28.92 51.30 -1.57
C ASP T 137 30.15 51.09 -0.70
N THR T 138 31.08 50.26 -1.18
CA THR T 138 32.19 49.89 -0.34
C THR T 138 33.22 51.00 -0.17
N LYS T 139 33.19 52.02 -1.05
CA LYS T 139 34.12 53.15 -1.05
C LYS T 139 35.58 52.70 -1.07
N GLU T 140 35.85 51.69 -1.89
CA GLU T 140 37.16 51.04 -1.88
C GLU T 140 38.22 51.94 -2.49
N ASN T 141 37.84 52.79 -3.44
CA ASN T 141 38.82 53.67 -4.07
C ASN T 141 39.18 54.84 -3.16
N LEU T 142 38.34 55.14 -2.17
CA LEU T 142 38.72 56.13 -1.16
C LEU T 142 39.69 55.53 -0.16
N ILE T 143 39.49 54.25 0.20
CA ILE T 143 40.35 53.60 1.17
C ILE T 143 41.74 53.39 0.59
N LYS T 144 41.82 53.19 -0.72
CA LYS T 144 43.11 53.19 -1.41
C LYS T 144 43.74 54.58 -1.38
N PHE T 145 42.92 55.63 -1.37
CA PHE T 145 43.45 56.99 -1.39
C PHE T 145 43.92 57.42 -0.01
N LEU T 146 43.12 57.15 1.03
CA LEU T 146 43.43 57.68 2.36
C LEU T 146 44.39 56.78 3.12
N LYS T 147 44.76 55.62 2.56
CA LYS T 147 45.83 54.84 3.15
C LYS T 147 47.17 55.16 2.50
N LYS T 148 47.20 55.17 1.17
CA LYS T 148 48.44 55.38 0.42
C LYS T 148 48.94 56.81 0.55
N ASN T 149 48.14 57.77 0.11
CA ASN T 149 48.59 59.16 0.07
C ASN T 149 48.64 59.79 1.46
N SER T 150 47.84 59.33 2.40
CA SER T 150 47.79 59.93 3.73
C SER T 150 48.68 59.23 4.74
N GLU T 151 49.80 58.64 4.31
CA GLU T 151 50.78 58.08 5.22
C GLU T 151 51.48 59.16 6.03
N TYR T 152 52.00 60.18 5.33
CA TYR T 152 52.85 61.15 6.00
C TYR T 152 52.09 62.43 6.35
N ASP T 153 51.20 62.88 5.48
CA ASP T 153 50.51 64.13 5.69
C ASP T 153 49.09 63.91 6.22
N LEU T 154 48.41 65.03 6.48
CA LEU T 154 47.11 65.02 7.16
C LEU T 154 46.02 65.52 6.23
N TYR T 155 44.87 64.85 6.28
CA TYR T 155 43.67 65.25 5.58
C TYR T 155 42.48 65.06 6.50
N ASP T 156 41.46 65.89 6.33
CA ASP T 156 40.25 65.77 7.13
C ASP T 156 39.05 65.62 6.22
N UNK U 1 -26.45 -19.99 -37.14
CA UNK U 1 -25.18 -19.28 -37.11
C UNK U 1 -25.11 -18.32 -35.93
N UNK U 2 -24.01 -18.37 -35.19
CA UNK U 2 -23.81 -17.51 -34.04
C UNK U 2 -22.38 -17.08 -33.93
N UNK U 3 -22.18 -15.97 -33.22
CA UNK U 3 -20.85 -15.41 -32.99
C UNK U 3 -20.60 -15.22 -31.49
N UNK U 4 -19.43 -15.63 -31.02
CA UNK U 4 -19.06 -15.53 -29.62
C UNK U 4 -18.36 -14.21 -29.35
N UNK U 5 -18.45 -13.77 -28.10
CA UNK U 5 -17.85 -12.53 -27.67
C UNK U 5 -16.67 -12.80 -26.78
N UNK U 6 -15.72 -11.88 -26.87
CA UNK U 6 -14.50 -11.86 -26.04
C UNK U 6 -14.45 -10.54 -25.25
N UNK U 7 -14.25 -10.67 -23.93
CA UNK U 7 -14.18 -9.73 -23.13
C UNK U 7 -12.84 -9.44 -22.53
N UNK U 8 -12.52 -8.21 -22.37
CA UNK U 8 -11.32 -7.72 -21.74
C UNK U 8 -11.63 -7.29 -20.34
N UNK U 9 -10.88 -7.54 -19.35
CA UNK U 9 -11.03 -7.20 -17.96
C UNK U 9 -10.11 -6.23 -17.55
N UNK U 10 -10.50 -5.18 -16.58
CA UNK U 10 -9.72 -4.16 -16.05
C UNK U 10 -9.42 -4.43 -14.60
N UNK U 11 -8.15 -4.28 -14.22
CA UNK U 11 -7.69 -4.47 -12.86
C UNK U 11 -6.87 -3.28 -12.42
N UNK U 12 -7.02 -2.86 -11.17
CA UNK U 12 -6.29 -1.68 -10.67
C UNK U 12 -5.49 -1.91 -9.39
N UNK U 13 -4.44 -1.13 -9.18
CA UNK U 13 -3.61 -1.27 -8.00
C UNK U 13 -4.06 -0.29 -6.93
N UNK U 14 -4.18 -0.76 -5.71
CA UNK U 14 -4.52 0.08 -4.58
C UNK U 14 -3.37 0.11 -3.63
N UNK U 15 -3.01 1.32 -3.23
CA UNK U 15 -1.90 1.52 -2.30
C UNK U 15 -2.37 1.51 -0.85
N UNK V 158 -5.14 90.84 29.85
CA UNK V 158 -4.92 89.52 29.29
C UNK V 158 -5.89 88.49 29.87
N UNK V 159 -6.04 88.52 31.18
CA UNK V 159 -6.94 87.60 31.86
C UNK V 159 -8.37 87.72 31.34
N UNK V 160 -8.84 88.97 31.23
CA UNK V 160 -10.19 89.23 30.74
C UNK V 160 -10.39 88.65 29.35
N UNK V 161 -9.43 88.89 28.46
CA UNK V 161 -9.51 88.39 27.10
C UNK V 161 -9.64 86.86 27.08
N UNK V 162 -8.80 86.19 27.86
CA UNK V 162 -8.83 84.74 27.93
C UNK V 162 -10.20 84.23 28.36
N UNK V 163 -10.75 84.83 29.40
CA UNK V 163 -12.06 84.44 29.91
C UNK V 163 -13.13 84.55 28.83
N UNK V 164 -13.14 85.68 28.12
CA UNK V 164 -14.10 85.90 27.06
C UNK V 164 -14.03 84.81 25.99
N UNK V 165 -12.80 84.50 25.57
CA UNK V 165 -12.58 83.48 24.54
C UNK V 165 -13.18 82.14 25.00
N UNK V 166 -12.86 81.82 26.25
CA UNK V 166 -13.31 80.58 26.89
C UNK V 166 -14.84 80.52 26.89
N UNK V 167 -15.43 81.65 27.28
CA UNK V 167 -16.88 81.80 27.36
C UNK V 167 -17.51 81.54 25.99
N UNK V 168 -16.89 82.16 24.99
CA UNK V 168 -17.33 82.04 23.59
C UNK V 168 -17.33 80.57 23.17
N UNK V 169 -16.24 79.91 23.49
CA UNK V 169 -16.02 78.49 23.18
C UNK V 169 -17.15 77.65 23.80
N UNK V 170 -17.41 77.94 25.06
CA UNK V 170 -18.45 77.26 25.84
C UNK V 170 -19.81 77.40 25.15
N UNK V 171 -20.07 78.63 24.76
CA UNK V 171 -21.32 78.99 24.07
C UNK V 171 -21.49 78.17 22.79
N UNK V 172 -20.39 78.12 22.05
CA UNK V 172 -20.32 77.39 20.78
C UNK V 172 -20.66 75.91 21.01
N UNK V 173 -20.03 75.38 22.04
CA UNK V 173 -20.21 73.97 22.43
C UNK V 173 -21.68 73.69 22.74
N UNK V 174 -22.25 74.60 23.49
CA UNK V 174 -23.66 74.53 23.91
C UNK V 174 -24.57 74.48 22.67
N UNK V 175 -24.27 75.38 21.75
CA UNK V 175 -25.00 75.51 20.49
C UNK V 175 -24.96 74.18 19.72
N UNK V 176 -23.76 73.65 19.65
CA UNK V 176 -23.49 72.38 18.96
C UNK V 176 -24.35 71.26 19.56
N UNK V 177 -24.34 71.23 20.88
CA UNK V 177 -25.10 70.24 21.66
C UNK V 177 -26.58 70.33 21.32
N UNK V 178 -27.07 71.57 21.31
CA UNK V 178 -28.47 71.88 21.00
C UNK V 178 -28.83 71.35 19.61
N UNK V 179 -27.95 71.63 18.68
CA UNK V 179 -28.10 71.21 17.28
C UNK V 179 -28.23 69.68 17.20
N UNK V 180 -27.34 69.03 17.92
CA UNK V 180 -27.28 67.57 17.98
C UNK V 180 -28.61 67.01 18.49
N UNK V 181 -29.08 67.63 19.56
CA UNK V 181 -30.34 67.27 20.20
C UNK V 181 -31.50 67.36 19.21
N UNK V 182 -31.50 68.48 18.50
CA UNK V 182 -32.52 68.78 17.48
C UNK V 182 -32.53 67.67 16.42
N UNK V 183 -31.33 67.34 15.97
CA UNK V 183 -31.12 66.30 14.95
C UNK V 183 -31.71 64.98 15.42
N UNK V 184 -31.39 64.66 16.65
CA UNK V 184 -31.85 63.42 17.30
C UNK V 184 -33.38 63.36 17.30
N UNK V 185 -34.01 64.48 17.65
CA UNK V 185 -35.47 64.54 17.69
C UNK V 185 -36.07 64.27 16.31
N UNK V 186 -35.45 64.83 15.28
CA UNK V 186 -35.93 64.64 13.92
C UNK V 186 -35.84 63.17 13.51
N UNK V 187 -34.74 62.52 13.88
CA UNK V 187 -34.54 61.11 13.55
C UNK V 187 -35.59 60.22 14.21
N UNK V 188 -35.92 60.54 15.46
CA UNK V 188 -36.90 59.78 16.22
C UNK V 188 -38.29 59.90 15.59
N UNK V 189 -69.44 20.23 4.41
CA UNK V 189 -69.89 21.51 4.95
C UNK V 189 -69.33 22.67 4.14
N UNK V 190 -68.36 22.38 3.29
CA UNK V 190 -67.73 23.40 2.45
C UNK V 190 -67.97 23.12 0.97
N UNK V 191 -68.43 24.13 0.24
CA UNK V 191 -68.71 23.98 -1.18
C UNK V 191 -68.23 25.19 -1.99
N UNK V 192 -68.87 25.34 -3.15
CA UNK V 192 -68.64 26.36 -4.20
C UNK V 192 -67.33 26.08 -4.93
N UNK V 193 -67.26 24.93 -5.60
CA UNK V 193 -66.07 24.59 -6.38
C UNK V 193 -66.18 25.31 -7.72
N UNK V 194 -66.70 24.61 -8.71
CA UNK V 194 -66.93 25.17 -10.04
C UNK V 194 -65.71 25.81 -10.65
N UNK V 195 -65.89 27.05 -11.14
CA UNK V 195 -64.85 27.85 -11.77
C UNK V 195 -64.19 27.16 -12.96
N UNK V 196 -65.00 26.47 -13.76
CA UNK V 196 -64.49 25.76 -14.93
C UNK V 196 -65.10 26.37 -16.18
N UNK V 197 -64.24 26.76 -17.12
CA UNK V 197 -64.67 27.37 -18.37
C UNK V 197 -65.69 28.48 -18.17
N UNK V 198 -65.88 28.90 -16.92
CA UNK V 198 -66.81 29.95 -16.63
C UNK V 198 -65.97 31.13 -16.22
N UNK V 199 -64.71 30.90 -15.84
CA UNK V 199 -63.95 32.12 -15.48
C UNK V 199 -63.68 32.96 -16.73
N UNK V 200 -63.24 32.27 -17.76
CA UNK V 200 -62.91 32.88 -19.05
C UNK V 200 -64.15 33.60 -19.61
N UNK V 201 -65.26 32.88 -19.56
CA UNK V 201 -66.55 33.37 -20.04
C UNK V 201 -66.92 34.66 -19.31
N UNK V 202 -66.77 34.61 -18.00
CA UNK V 202 -67.06 35.74 -17.11
C UNK V 202 -66.24 36.96 -17.51
N UNK V 203 -64.96 36.69 -17.73
CA UNK V 203 -63.99 37.72 -18.13
C UNK V 203 -64.44 38.39 -19.42
N UNK V 204 -64.82 37.54 -20.36
CA UNK V 204 -65.29 37.97 -21.69
C UNK V 204 -66.49 38.90 -21.55
N UNK V 205 -67.35 38.51 -20.54
CA UNK V 205 -68.65 39.20 -20.42
C UNK V 205 -68.47 40.52 -19.67
N UNK V 206 -67.76 40.42 -18.57
CA UNK V 206 -67.46 41.58 -17.70
C UNK V 206 -66.75 42.67 -18.51
N UNK V 207 -65.76 42.23 -19.24
CA UNK V 207 -64.94 43.10 -20.10
C UNK V 207 -65.83 43.85 -21.10
N UNK W 1 47.97 75.39 -13.30
CA UNK W 1 47.44 74.05 -13.11
C UNK W 1 46.07 74.09 -12.44
N UNK W 2 45.95 74.89 -11.38
CA UNK W 2 44.69 75.01 -10.65
C UNK W 2 43.57 75.47 -11.57
N UNK W 3 43.85 76.51 -12.37
CA UNK W 3 42.87 77.05 -13.28
C UNK W 3 42.37 75.98 -14.26
N UNK W 4 43.30 75.24 -14.83
CA UNK W 4 42.96 74.18 -15.78
C UNK W 4 42.03 73.16 -15.14
N UNK W 5 42.36 72.72 -13.94
CA UNK W 5 41.55 71.74 -13.23
C UNK W 5 40.12 72.24 -13.03
N UNK W 6 39.99 73.48 -12.59
CA UNK W 6 38.68 74.08 -12.36
C UNK W 6 37.84 74.07 -13.63
N UNK W 7 38.45 74.49 -14.74
CA UNK W 7 37.76 74.52 -16.02
C UNK W 7 37.24 73.14 -16.41
N UNK W 8 38.09 72.13 -16.27
CA UNK W 8 37.70 70.75 -16.61
C UNK W 8 36.49 70.33 -15.78
N UNK W 9 36.58 70.63 -14.50
CA UNK W 9 35.53 70.31 -13.52
C UNK W 9 34.21 70.97 -13.95
N UNK W 10 34.34 72.24 -14.29
CA UNK W 10 33.20 73.06 -14.73
C UNK W 10 32.52 72.43 -15.94
N UNK W 11 33.37 72.05 -16.88
CA UNK W 11 32.94 71.41 -18.14
C UNK W 11 32.14 70.15 -17.83
N UNK W 12 32.70 69.35 -16.94
CA UNK W 12 32.10 68.08 -16.50
C UNK W 12 30.70 68.33 -15.93
N UNK W 13 30.65 69.34 -15.07
CA UNK W 13 29.40 69.76 -14.41
C UNK W 13 28.34 70.11 -15.44
N UNK W 14 28.78 70.90 -16.41
CA UNK W 14 27.93 71.36 -17.52
C UNK W 14 27.34 70.16 -18.26
N UNK W 15 28.23 69.23 -18.55
CA UNK W 15 27.89 67.99 -19.28
C UNK W 15 26.80 67.22 -18.52
N UNK W 16 27.04 67.11 -17.22
CA UNK W 16 26.13 66.42 -16.30
C UNK W 16 24.74 67.05 -16.35
N UNK W 17 24.75 68.37 -16.29
CA UNK W 17 23.54 69.19 -16.32
C UNK W 17 22.76 68.90 -17.60
N UNK W 18 23.49 68.90 -18.69
CA UNK W 18 22.95 68.66 -20.03
C UNK W 18 22.26 67.29 -20.07
N UNK W 19 22.97 66.32 -19.53
CA UNK W 19 22.50 64.93 -19.47
C UNK W 19 21.18 64.86 -18.71
N UNK W 20 21.17 65.54 -17.57
CA UNK W 20 19.99 65.61 -16.70
C UNK W 20 18.80 66.17 -17.45
N UNK W 21 19.06 67.26 -18.16
CA UNK W 21 18.06 67.96 -18.97
C UNK W 21 17.46 67.01 -20.00
N UNK W 22 18.35 66.30 -20.66
CA UNK W 22 17.99 65.32 -21.69
C UNK W 22 17.05 64.26 -21.12
N UNK W 23 17.45 63.77 -19.95
CA UNK W 23 16.70 62.75 -19.22
C UNK W 23 15.28 63.24 -18.93
N UNK W 24 15.22 64.47 -18.44
CA UNK W 24 13.97 65.14 -18.10
C UNK W 24 13.05 65.20 -19.32
N UNK W 25 13.65 65.61 -20.42
CA UNK W 25 12.96 65.74 -21.71
C UNK W 25 12.34 64.40 -22.11
N UNK W 26 13.17 63.37 -21.99
CA UNK W 26 12.79 62.00 -22.32
C UNK W 26 11.57 61.57 -21.50
N UNK W 27 11.67 61.86 -20.22
CA UNK W 27 10.62 61.55 -19.24
C UNK W 27 9.29 62.21 -19.66
N UNK W 28 9.37 63.49 -20.04
CA UNK W 28 8.18 64.24 -20.44
C UNK W 28 7.52 63.62 -21.67
N UNK W 29 8.32 63.22 -22.64
CA UNK W 29 7.80 62.57 -23.83
C UNK W 29 7.05 61.28 -23.50
N UNK W 30 -28.19 51.69 -45.84
CA UNK W 30 -28.60 51.64 -47.21
C UNK W 30 -27.75 50.61 -47.91
N UNK W 31 -28.38 49.49 -48.20
CA UNK W 31 -27.65 48.41 -48.84
C UNK W 31 -27.65 48.70 -50.32
N UNK W 32 -26.50 49.18 -50.78
CA UNK W 32 -26.32 49.49 -52.19
C UNK W 32 -26.42 48.21 -53.00
N UNK W 33 -25.84 47.15 -52.45
CA UNK W 33 -25.85 45.84 -53.09
C UNK W 33 -25.19 45.88 -54.46
N UNK W 34 -23.98 45.38 -54.53
CA UNK W 34 -23.45 44.87 -55.79
C UNK W 34 -23.17 43.37 -55.68
N UNK W 35 -23.81 42.60 -56.55
CA UNK W 35 -23.64 41.16 -56.59
C UNK W 35 -23.23 40.81 -58.01
N UNK W 36 -22.09 40.13 -58.15
CA UNK W 36 -21.49 39.77 -59.44
C UNK W 36 -21.23 41.00 -60.33
N UNK W 37 -21.65 42.16 -59.84
CA UNK W 37 -21.49 43.46 -60.51
C UNK W 37 -20.03 43.85 -60.66
N UNK W 38 -19.23 43.50 -59.65
CA UNK W 38 -17.82 43.83 -59.62
C UNK W 38 -17.07 43.22 -60.79
N UNK W 39 -17.41 41.99 -61.17
CA UNK W 39 -16.77 41.34 -62.31
C UNK W 39 -17.07 42.16 -63.57
N UNK W 40 -18.31 42.59 -63.71
CA UNK W 40 -18.71 43.42 -64.84
C UNK W 40 -17.96 44.75 -64.80
N UNK W 41 -17.83 45.31 -63.61
CA UNK W 41 -17.13 46.58 -63.43
C UNK W 41 -15.66 46.49 -63.81
N UNK W 42 -15.02 45.38 -63.43
CA UNK W 42 -13.61 45.17 -63.74
C UNK W 42 -13.40 45.27 -65.24
N UNK W 43 -14.27 44.58 -65.98
CA UNK W 43 -14.26 44.56 -67.44
C UNK W 43 -14.16 45.98 -67.99
N UNK W 44 -14.99 46.88 -67.44
CA UNK W 44 -15.01 48.27 -67.86
C UNK W 44 -14.59 49.20 -66.74
N UNK W 45 -13.65 48.73 -65.91
CA UNK W 45 -13.16 49.52 -64.80
C UNK W 45 -12.47 50.80 -65.27
N UNK W 46 -11.71 50.68 -66.35
CA UNK W 46 -11.00 51.81 -66.91
C UNK W 46 -11.96 52.89 -67.39
N UNK X 1 86.13 14.41 -14.44
CA UNK X 1 85.97 14.74 -15.86
C UNK X 1 84.97 13.80 -16.53
N UNK X 2 85.13 12.50 -16.28
CA UNK X 2 84.24 11.50 -16.86
C UNK X 2 82.78 11.76 -16.48
N UNK X 3 82.55 12.03 -15.21
CA UNK X 3 81.20 12.30 -14.71
C UNK X 3 80.58 13.49 -15.44
N UNK X 4 81.35 14.57 -15.56
CA UNK X 4 80.88 15.77 -16.22
C UNK X 4 80.46 15.47 -17.67
N UNK X 5 81.30 14.74 -18.39
CA UNK X 5 81.02 14.40 -19.77
C UNK X 5 79.71 13.63 -19.89
N UNK X 6 79.52 12.63 -19.02
CA UNK X 6 78.30 11.82 -19.03
C UNK X 6 77.08 12.72 -18.83
N UNK X 7 77.20 13.59 -17.86
CA UNK X 7 76.14 14.55 -17.50
C UNK X 7 75.79 15.42 -18.71
N UNK X 8 76.84 15.91 -19.34
CA UNK X 8 76.73 16.77 -20.53
C UNK X 8 75.97 16.04 -21.63
N UNK X 9 76.36 14.80 -21.84
CA UNK X 9 75.75 13.92 -22.85
C UNK X 9 74.26 13.78 -22.59
N UNK X 10 73.95 13.52 -21.34
CA UNK X 10 72.57 13.34 -20.86
C UNK X 10 71.75 14.59 -21.18
N UNK X 11 72.34 15.73 -20.86
CA UNK X 11 71.73 17.04 -21.07
C UNK X 11 71.39 17.23 -22.56
N UNK X 12 72.38 16.88 -23.37
CA UNK X 12 72.27 16.98 -24.84
C UNK X 12 71.10 16.14 -25.33
N UNK X 13 71.05 14.93 -24.82
CA UNK X 13 70.00 13.95 -25.16
C UNK X 13 68.62 14.53 -24.84
N UNK X 14 68.54 15.09 -23.64
CA UNK X 14 67.31 15.71 -23.13
C UNK X 14 66.85 16.82 -24.08
N UNK X 15 67.81 17.64 -24.45
CA UNK X 15 67.58 18.78 -25.36
C UNK X 15 67.01 18.28 -26.69
N UNK X 16 67.62 17.24 -27.24
CA UNK X 16 67.17 16.67 -28.51
C UNK X 16 65.75 16.13 -28.40
N UNK X 17 65.45 15.47 -27.28
CA UNK X 17 64.12 14.92 -27.06
C UNK X 17 63.09 16.04 -27.03
N UNK X 18 63.44 17.14 -26.35
CA UNK X 18 62.55 18.28 -26.24
C UNK X 18 62.28 18.87 -27.62
N UNK X 19 63.33 18.95 -28.43
CA UNK X 19 63.22 19.48 -29.78
C UNK X 19 62.30 18.59 -30.61
N UNK X 20 62.44 17.28 -30.45
CA UNK X 20 61.60 16.34 -31.17
C UNK X 20 60.15 16.52 -30.77
N UNK X 21 59.92 16.70 -29.47
CA UNK X 21 58.58 16.90 -28.93
C UNK X 21 57.96 18.18 -29.49
N UNK X 22 58.77 19.23 -29.58
CA UNK X 22 58.31 20.52 -30.08
C UNK X 22 57.94 20.40 -31.55
N UNK X 23 58.76 19.69 -32.31
CA UNK X 23 58.52 19.48 -33.73
C UNK X 23 57.22 18.72 -33.93
N UNK X 24 56.99 17.71 -33.10
CA UNK X 24 55.78 16.91 -33.18
C UNK X 24 54.56 17.78 -32.89
N UNK X 25 54.68 18.66 -31.90
CA UNK X 25 53.60 19.56 -31.54
C UNK X 25 53.30 20.50 -32.71
N UNK X 26 54.35 20.98 -33.35
CA UNK X 26 54.21 21.89 -34.50
C UNK X 26 53.51 21.20 -35.66
N UNK X 27 53.85 19.94 -35.89
CA UNK X 27 53.27 19.17 -36.98
C UNK X 27 51.79 18.93 -36.70
N UNK X 28 51.46 18.63 -35.45
CA UNK X 28 50.08 18.40 -35.06
C UNK X 28 49.25 19.66 -35.28
N UNK X 29 49.83 20.81 -34.92
CA UNK X 29 49.16 22.08 -35.09
C UNK X 29 48.91 22.35 -36.57
N UNK X 30 49.90 22.03 -37.40
CA UNK X 30 49.77 22.22 -38.84
C UNK X 30 48.66 21.34 -39.39
N UNK X 31 48.58 20.11 -38.89
CA UNK X 31 47.55 19.17 -39.32
C UNK X 31 46.17 19.71 -38.93
N UNK X 32 46.08 20.27 -37.74
CA UNK X 32 44.82 20.84 -37.26
C UNK X 32 44.42 22.01 -38.15
N UNK X 33 45.38 22.83 -38.52
CA UNK X 33 45.12 23.98 -39.39
C UNK X 33 44.62 23.50 -40.74
N UNK X 34 45.22 22.43 -41.26
CA UNK X 34 44.83 21.86 -42.54
C UNK X 34 43.40 21.34 -42.46
N UNK X 35 43.06 20.71 -41.34
CA UNK X 35 41.72 20.18 -41.14
C UNK X 35 40.71 21.33 -41.10
N UNK X 36 41.08 22.42 -40.45
CA UNK X 36 40.21 23.58 -40.34
C UNK X 36 40.08 24.31 -41.68
N UNK X 37 22.24 18.33 -70.43
CA UNK X 37 22.27 17.39 -71.53
C UNK X 37 22.43 16.02 -70.94
N UNK X 38 21.37 15.14 -70.93
CA UNK X 38 21.39 13.90 -70.48
C UNK X 38 21.88 12.98 -71.57
N UNK X 39 23.14 12.59 -71.46
CA UNK X 39 23.76 11.69 -72.42
C UNK X 39 23.69 10.29 -71.84
N UNK X 40 22.47 9.87 -71.50
CA UNK X 40 22.24 8.54 -70.92
C UNK X 40 22.60 7.44 -71.89
N UNK X 41 23.09 6.33 -71.36
CA UNK X 41 23.47 5.18 -72.18
C UNK X 41 22.26 4.63 -72.92
N UNK X 42 21.12 4.57 -72.24
CA UNK X 42 19.86 4.08 -72.82
C UNK X 42 20.01 2.70 -73.44
N UNK X 43 20.67 1.80 -72.68
CA UNK X 43 20.94 0.39 -73.01
C UNK X 43 22.02 0.17 -74.08
N UNK X 44 22.74 1.23 -74.44
CA UNK X 44 23.82 1.15 -75.41
C UNK X 44 25.13 0.80 -74.69
N UNK X 45 25.10 0.85 -73.36
CA UNK X 45 26.24 0.50 -72.52
C UNK X 45 26.56 -0.92 -72.94
N UNK X 46 25.50 -1.67 -73.22
CA UNK X 46 25.69 -3.03 -73.73
C UNK X 46 26.49 -3.00 -75.04
N UNK X 47 26.06 -2.10 -75.90
CA UNK X 47 26.67 -1.90 -77.22
C UNK X 47 28.15 -1.56 -77.06
N UNK X 48 28.38 -0.64 -76.14
CA UNK X 48 29.75 -0.15 -75.83
C UNK X 48 30.62 -1.32 -75.38
N UNK X 49 30.06 -2.12 -74.50
CA UNK X 49 30.72 -3.30 -73.94
C UNK X 49 31.12 -4.26 -75.07
N UNK X 50 30.17 -4.48 -75.95
CA UNK X 50 30.34 -5.36 -77.12
C UNK X 50 31.51 -4.88 -77.97
N UNK X 51 31.57 -3.50 -78.06
CA UNK X 51 32.52 -2.90 -79.02
C UNK X 51 33.93 -2.87 -78.41
N UNK X 52 33.96 -2.39 -77.17
CA UNK X 52 35.21 -2.28 -76.40
C UNK X 52 35.89 -3.65 -76.29
N UNK X 53 35.07 -4.63 -75.95
CA UNK X 53 35.52 -6.02 -75.78
C UNK X 53 36.15 -6.52 -77.08
N UNK Y 1 70.18 -46.84 17.43
CA UNK Y 1 69.86 -47.71 16.31
C UNK Y 1 68.40 -47.57 15.91
N UNK Y 2 67.51 -47.61 16.90
CA UNK Y 2 66.07 -47.48 16.66
C UNK Y 2 65.77 -46.16 15.94
N UNK Y 3 66.38 -45.11 16.46
CA UNK Y 3 66.22 -43.76 15.93
C UNK Y 3 66.67 -43.72 14.47
N UNK Y 4 67.82 -44.31 14.24
CA UNK Y 4 68.43 -44.39 12.91
C UNK Y 4 67.47 -45.08 11.93
N UNK Y 5 66.93 -46.19 12.40
CA UNK Y 5 65.98 -47.01 11.63
C UNK Y 5 64.77 -46.16 11.24
N UNK Y 6 64.26 -45.44 12.22
CA UNK Y 6 63.10 -44.57 12.05
C UNK Y 6 63.38 -43.52 10.97
N UNK Y 7 64.55 -42.93 11.08
CA UNK Y 7 65.03 -41.91 10.14
C UNK Y 7 65.04 -42.46 8.71
N UNK Y 8 65.60 -43.65 8.61
CA UNK Y 8 65.70 -44.38 7.33
C UNK Y 8 64.32 -44.58 6.71
N UNK Y 9 63.42 -45.02 7.56
CA UNK Y 9 62.02 -45.28 7.18
C UNK Y 9 61.39 -44.01 6.62
N UNK Y 10 61.60 -42.93 7.34
CA UNK Y 10 61.09 -41.60 6.99
C UNK Y 10 61.59 -41.20 5.60
N UNK Y 11 62.88 -41.40 5.42
CA UNK Y 11 63.57 -41.09 4.16
C UNK Y 11 62.93 -41.85 3.01
N UNK Y 12 62.72 -43.13 3.25
CA UNK Y 12 62.11 -44.05 2.28
C UNK Y 12 60.73 -43.54 1.88
N UNK Y 13 59.98 -43.16 2.89
CA UNK Y 13 58.61 -42.65 2.72
C UNK Y 13 58.63 -41.41 1.81
N UNK Y 14 59.56 -40.53 2.14
CA UNK Y 14 59.76 -39.28 1.40
C UNK Y 14 60.03 -39.57 -0.08
N UNK Y 15 60.93 -40.52 -0.28
CA UNK Y 15 61.34 -40.96 -1.62
C UNK Y 15 60.13 -41.45 -2.41
N UNK Y 16 59.34 -42.26 -1.74
CA UNK Y 16 58.12 -42.85 -2.29
C UNK Y 16 57.16 -41.74 -2.75
N UNK Y 17 56.99 -40.78 -1.86
CA UNK Y 17 56.12 -39.62 -2.09
C UNK Y 17 56.57 -38.87 -3.34
N UNK Y 18 57.87 -38.65 -3.41
CA UNK Y 18 58.52 -37.95 -4.54
C UNK Y 18 58.20 -38.67 -5.85
N UNK Y 19 58.38 -39.99 -5.79
CA UNK Y 19 58.15 -40.87 -6.94
C UNK Y 19 56.70 -40.72 -7.43
N UNK Y 20 55.79 -40.75 -6.46
CA UNK Y 20 54.36 -40.63 -6.71
C UNK Y 20 54.06 -39.30 -7.42
N UNK Y 21 54.56 -38.23 -6.83
CA UNK Y 21 54.37 -36.88 -7.32
C UNK Y 21 54.97 -36.63 -8.68
N UNK Y 22 56.19 -37.11 -8.93
CA UNK Y 22 56.77 -36.90 -10.24
C UNK Y 22 55.97 -37.63 -11.30
N UNK Y 23 55.70 -38.91 -11.05
CA UNK Y 23 54.95 -39.75 -11.98
C UNK Y 23 53.54 -39.23 -12.23
N UNK Y 24 52.81 -38.92 -11.16
CA UNK Y 24 51.44 -38.44 -11.30
C UNK Y 24 51.41 -37.11 -12.06
N UNK Y 25 52.35 -36.23 -11.74
CA UNK Y 25 52.41 -34.93 -12.40
C UNK Y 25 52.68 -35.11 -13.89
N UNK Y 26 53.58 -36.04 -14.21
CA UNK Y 26 53.91 -36.33 -15.61
C UNK Y 26 52.69 -36.86 -16.33
N UNK Y 27 51.93 -37.74 -15.66
CA UNK Y 27 50.72 -38.31 -16.25
C UNK Y 27 49.72 -37.21 -16.53
N UNK Y 28 49.59 -36.27 -15.59
CA UNK Y 28 48.66 -35.16 -15.74
C UNK Y 28 49.08 -34.30 -16.95
N UNK Y 29 50.38 -34.07 -17.08
CA UNK Y 29 50.90 -33.29 -18.19
C UNK Y 29 50.59 -33.98 -19.51
N UNK Y 30 50.75 -35.30 -19.54
CA UNK Y 30 50.47 -36.09 -20.73
C UNK Y 30 48.99 -35.98 -21.10
N UNK Y 31 48.13 -36.02 -20.09
CA UNK Y 31 46.70 -35.92 -20.30
C UNK Y 31 46.36 -34.54 -20.88
N UNK Y 32 47.02 -33.51 -20.36
CA UNK Y 32 46.81 -32.15 -20.83
C UNK Y 32 47.24 -32.02 -22.29
N UNK Y 33 48.35 -32.66 -22.63
CA UNK Y 33 48.89 -32.65 -23.99
C UNK Y 33 48.99 -31.23 -24.55
N UNK Y 34 48.00 -26.74 -41.65
CA UNK Y 34 47.46 -28.10 -41.52
C UNK Y 34 47.91 -28.98 -42.68
N UNK Y 35 48.55 -30.09 -42.36
CA UNK Y 35 49.01 -31.03 -43.38
C UNK Y 35 48.34 -32.40 -43.22
N UNK Y 36 47.78 -32.91 -44.31
CA UNK Y 36 47.11 -34.21 -44.30
C UNK Y 36 47.01 -34.77 -45.71
N UNK Y 37 47.00 -36.10 -45.82
CA UNK Y 37 46.91 -36.75 -47.10
C UNK Y 37 45.46 -37.05 -47.41
N UNK Y 38 45.05 -36.70 -48.63
CA UNK Y 38 43.71 -36.95 -49.10
C UNK Y 38 43.90 -37.80 -50.33
N UNK Y 39 43.20 -38.91 -50.45
CA UNK Y 39 43.43 -39.75 -51.61
C UNK Y 39 42.29 -39.60 -52.61
N UNK Y 40 42.48 -40.09 -53.83
CA UNK Y 40 41.41 -40.05 -54.82
C UNK Y 40 40.34 -40.93 -54.17
N UNK Y 41 39.11 -40.45 -54.10
CA UNK Y 41 38.13 -41.20 -53.36
C UNK Y 41 36.96 -41.89 -54.04
N UNK Y 42 36.84 -43.16 -53.69
CA UNK Y 42 35.71 -44.02 -54.09
C UNK Y 42 34.95 -44.70 -52.92
N UNK Y 43 33.62 -44.56 -52.93
CA UNK Y 43 32.73 -45.12 -51.90
C UNK Y 43 32.61 -46.64 -51.71
N UNK Y 44 32.54 -47.41 -52.79
CA UNK Y 44 32.44 -48.88 -52.73
C UNK Y 44 31.29 -49.50 -51.90
N UNK Y 45 30.07 -49.00 -52.07
CA UNK Y 45 28.89 -49.50 -51.32
C UNK Y 45 28.38 -50.91 -51.72
N UNK Y 46 27.70 -51.57 -50.77
CA UNK Y 46 27.17 -52.90 -50.97
C UNK Y 46 25.82 -52.69 -50.32
N UNK Y 47 24.74 -52.92 -51.03
CA UNK Y 47 23.45 -52.68 -50.42
C UNK Y 47 22.62 -53.93 -50.32
N UNK Y 48 22.17 -54.25 -49.11
CA UNK Y 48 21.28 -55.44 -48.96
C UNK Y 48 22.05 -56.78 -49.08
N UNK Y 49 23.30 -56.63 -49.51
CA UNK Y 49 24.25 -57.72 -49.70
C UNK Y 49 24.75 -58.26 -48.37
N UNK Y 50 24.44 -57.55 -47.29
CA UNK Y 50 24.86 -57.95 -45.95
C UNK Y 50 24.30 -59.33 -45.61
N UNK Y 51 23.03 -59.57 -45.96
CA UNK Y 51 22.41 -60.87 -45.75
C UNK Y 51 23.14 -61.92 -46.59
N UNK Y 52 23.50 -61.56 -47.82
CA UNK Y 52 24.23 -62.45 -48.71
C UNK Y 52 25.58 -62.77 -48.08
N UNK Y 53 26.23 -61.77 -47.51
CA UNK Y 53 27.52 -61.99 -46.83
C UNK Y 53 27.32 -62.94 -45.65
N UNK Y 54 26.26 -62.76 -44.89
CA UNK Y 54 26.07 -63.53 -43.66
C UNK Y 54 26.02 -65.06 -43.78
N UNK Y 55 25.31 -65.60 -44.77
CA UNK Y 55 25.24 -67.05 -44.87
C UNK Y 55 26.60 -67.70 -45.18
N UNK Y 56 27.31 -67.16 -46.16
CA UNK Y 56 28.62 -67.68 -46.58
C UNK Y 56 29.78 -67.59 -45.58
N UNK Y 57 29.87 -66.47 -44.86
CA UNK Y 57 30.99 -66.20 -43.94
C UNK Y 57 31.21 -67.12 -42.72
N UNK Y 58 30.14 -67.51 -42.03
CA UNK Y 58 30.29 -68.34 -40.82
C UNK Y 58 30.06 -69.81 -41.16
N UNK Z 1 20.52 -60.31 64.94
CA UNK Z 1 20.07 -59.26 64.04
C UNK Z 1 20.85 -59.27 62.73
N UNK Z 2 22.18 -59.37 62.84
CA UNK Z 2 23.04 -59.40 61.67
C UNK Z 2 22.67 -60.56 60.74
N UNK Z 3 22.50 -61.74 61.31
CA UNK Z 3 22.14 -62.92 60.55
C UNK Z 3 20.85 -62.71 59.77
N UNK Z 4 19.84 -62.19 60.45
CA UNK Z 4 18.54 -61.93 59.84
C UNK Z 4 18.68 -61.01 58.63
N UNK Z 5 19.42 -59.92 58.82
CA UNK Z 5 19.63 -58.95 57.75
C UNK Z 5 20.26 -59.61 56.52
N UNK Z 6 21.30 -60.41 56.75
CA UNK Z 6 21.99 -61.10 55.67
C UNK Z 6 21.03 -61.98 54.88
N UNK Z 7 20.22 -62.76 55.60
CA UNK Z 7 19.26 -63.66 54.97
C UNK Z 7 18.30 -62.90 54.07
N UNK Z 8 17.77 -61.79 54.59
CA UNK Z 8 16.82 -60.95 53.82
C UNK Z 8 17.48 -60.48 52.53
N UNK Z 9 18.70 -60.01 52.68
CA UNK Z 9 19.51 -59.49 51.56
C UNK Z 9 19.68 -60.58 50.51
N UNK Z 10 20.03 -61.76 51.00
CA UNK Z 10 20.26 -62.94 50.16
C UNK Z 10 19.00 -63.26 49.35
N UNK Z 11 17.89 -63.24 50.06
CA UNK Z 11 16.57 -63.51 49.48
C UNK Z 11 16.28 -62.54 48.34
N UNK Z 12 16.55 -61.27 48.64
CA UNK Z 12 16.34 -60.17 47.69
C UNK Z 12 17.16 -60.42 46.42
N UNK Z 13 18.41 -60.78 46.64
CA UNK Z 13 19.37 -61.07 45.57
C UNK Z 13 18.82 -62.18 44.66
N UNK Z 14 18.36 -63.23 45.33
CA UNK Z 14 17.79 -64.41 44.66
C UNK Z 14 16.62 -63.99 43.77
N UNK Z 15 15.76 -63.17 44.35
CA UNK Z 15 14.57 -62.66 43.67
C UNK Z 15 14.97 -61.90 42.40
N UNK Z 16 15.96 -61.06 42.57
CA UNK Z 16 16.51 -60.23 41.49
C UNK Z 16 17.00 -61.13 40.34
N UNK Z 17 17.74 -62.14 40.75
CA UNK Z 17 18.31 -63.14 39.81
C UNK Z 17 17.20 -63.79 39.00
N UNK Z 18 16.17 -64.19 39.73
CA UNK Z 18 14.99 -64.85 39.14
C UNK Z 18 14.34 -63.95 38.10
N UNK Z 19 14.19 -62.70 38.48
CA UNK Z 19 13.59 -61.67 37.62
C UNK Z 19 14.39 -61.53 36.33
N UNK Z 20 15.70 -61.48 36.51
CA UNK Z 20 16.65 -61.35 35.38
C UNK Z 20 16.47 -62.52 34.42
N UNK Z 21 16.40 -63.71 35.00
CA UNK Z 21 16.23 -64.96 34.26
C UNK Z 21 14.96 -64.89 33.42
N UNK Z 22 13.90 -64.46 34.08
CA UNK Z 22 12.57 -64.32 33.46
C UNK Z 22 12.65 -63.39 32.24
N UNK Z 23 13.31 -62.28 32.47
CA UNK Z 23 13.51 -61.24 31.43
C UNK Z 23 14.22 -61.85 30.22
N UNK Z 24 15.27 -62.59 30.53
CA UNK Z 24 16.09 -63.26 29.51
C UNK Z 24 15.23 -64.20 28.67
N UNK Z 25 14.40 -64.99 29.34
CA UNK Z 25 13.53 -65.94 28.67
C UNK Z 25 12.52 -65.24 27.75
N UNK Z 26 11.91 -64.17 28.25
CA UNK Z 26 10.93 -63.42 27.47
C UNK Z 26 11.56 -62.81 26.22
N UNK Z 27 12.78 -62.27 26.38
CA UNK Z 27 13.48 -61.67 25.26
C UNK Z 27 13.78 -62.72 24.19
N UNK Z 28 14.19 -63.90 24.65
CA UNK Z 28 14.49 -65.01 23.75
C UNK Z 28 13.23 -65.41 22.99
N UNK Z 29 12.10 -65.46 23.70
CA UNK Z 29 10.84 -65.83 23.09
C UNK Z 29 10.46 -64.80 22.02
N UNK Z 30 10.68 -63.53 22.32
CA UNK Z 30 10.38 -62.46 21.39
C UNK Z 30 11.24 -62.61 20.13
N UNK Z 31 12.52 -62.94 20.34
CA UNK Z 31 13.43 -63.12 19.23
C UNK Z 31 12.98 -64.28 18.35
N UNK Z 32 12.52 -65.36 18.99
CA UNK Z 32 12.04 -66.53 18.27
C UNK Z 32 10.81 -66.17 17.44
N UNK Z 33 9.93 -65.36 18.03
CA UNK Z 33 8.73 -64.91 17.33
C UNK Z 33 9.10 -64.07 16.12
N UNK Z 34 10.10 -63.22 16.28
CA UNK Z 34 10.55 -62.36 15.20
C UNK Z 34 11.05 -63.17 14.02
N UNK Z 35 10.83 -72.89 -4.63
CA UNK Z 35 10.30 -74.12 -5.14
C UNK Z 35 9.22 -73.83 -6.12
N UNK Z 36 9.14 -74.55 -7.21
CA UNK Z 36 8.14 -74.39 -8.21
C UNK Z 36 7.35 -75.66 -8.39
N UNK Z 37 6.04 -75.52 -8.44
CA UNK Z 37 5.14 -76.64 -8.65
C UNK Z 37 4.34 -76.30 -9.90
N UNK Z 38 4.28 -77.22 -10.86
CA UNK Z 38 3.54 -76.93 -12.08
C UNK Z 38 2.17 -77.61 -12.08
N UNK Z 39 1.12 -76.80 -12.03
CA UNK Z 39 -0.24 -77.33 -12.01
C UNK Z 39 -1.28 -76.35 -12.56
N UNK Z 40 -2.30 -76.89 -13.20
CA UNK Z 40 -3.38 -76.09 -13.77
C UNK Z 40 -4.74 -76.45 -13.18
N UNK Z 41 -5.48 -75.44 -12.73
CA UNK Z 41 -6.80 -75.64 -12.14
C UNK Z 41 -7.85 -76.06 -13.16
N UNK Z 42 -8.79 -76.89 -12.71
CA UNK Z 42 -9.87 -77.38 -13.56
C UNK Z 42 -11.08 -77.74 -12.71
N UNK Z 43 -11.77 -76.73 -12.21
CA UNK Z 43 -12.94 -77.00 -11.39
C UNK Z 43 -13.95 -77.75 -12.25
N UNK Z 44 -14.05 -77.33 -13.50
CA UNK Z 44 -14.93 -77.96 -14.50
C UNK Z 44 -16.39 -78.02 -14.07
N UNK Z 45 -16.86 -76.96 -13.42
CA UNK Z 45 -18.26 -76.92 -12.99
C UNK Z 45 -18.96 -75.83 -13.78
N UNK Z 46 -19.92 -76.22 -14.62
CA UNK Z 46 -20.63 -75.28 -15.48
C UNK Z 46 -21.97 -75.84 -15.94
N UNK Z 47 -23.03 -75.20 -15.45
CA UNK Z 47 -24.47 -75.47 -15.71
C UNK Z 47 -25.05 -76.65 -14.93
N UNK Z 48 -24.22 -77.27 -14.10
CA UNK Z 48 -24.61 -78.37 -13.23
C UNK Z 48 -24.98 -77.82 -11.85
N UNK Z 49 -24.87 -76.49 -11.69
CA UNK Z 49 -25.19 -75.82 -10.44
C UNK Z 49 -26.65 -76.03 -10.13
N UNK Z 50 -27.50 -75.89 -11.15
CA UNK Z 50 -28.93 -76.08 -10.98
C UNK Z 50 -29.17 -77.53 -10.60
N UNK Z 51 -28.52 -78.44 -11.32
CA UNK Z 51 -28.64 -79.86 -11.07
C UNK Z 51 -28.13 -80.22 -9.68
N UNK Z 52 -27.03 -79.59 -9.29
CA UNK Z 52 -26.43 -79.84 -7.98
C UNK Z 52 -27.38 -79.47 -6.85
N UNK Z 53 -28.10 -78.36 -7.02
CA UNK Z 53 -29.03 -77.89 -6.00
C UNK Z 53 -30.13 -78.91 -5.74
N UNK Z 54 -30.63 -79.54 -6.80
CA UNK Z 54 -31.69 -80.54 -6.66
C UNK Z 54 -31.21 -81.72 -5.83
N UNK Z 55 -29.97 -82.14 -6.05
CA UNK Z 55 -29.39 -83.26 -5.34
C UNK Z 55 -29.27 -82.98 -3.84
N UNK Z 56 -28.90 -81.75 -3.50
CA UNK Z 56 -28.74 -81.36 -2.10
C UNK Z 56 -30.06 -81.48 -1.36
N UNK Z 57 -31.14 -81.06 -2.00
CA UNK Z 57 -32.46 -81.14 -1.39
C UNK Z 57 -33.13 -82.47 -1.69
N UNK AA 1 -28.50 -18.04 90.52
CA UNK AA 1 -28.03 -17.65 89.19
C UNK AA 1 -27.41 -18.83 88.45
N UNK AA 2 -26.54 -19.55 89.15
CA UNK AA 2 -25.86 -20.71 88.57
C UNK AA 2 -26.87 -21.74 88.08
N UNK AA 3 -27.86 -22.05 88.92
CA UNK AA 3 -28.89 -23.02 88.58
C UNK AA 3 -29.62 -22.62 87.31
N UNK AA 4 -30.02 -21.36 87.24
CA UNK AA 4 -30.74 -20.84 86.07
C UNK AA 4 -29.93 -21.02 84.80
N UNK AA 5 -28.65 -20.66 84.86
CA UNK AA 5 -27.76 -20.79 83.71
C UNK AA 5 -27.69 -22.23 83.22
N UNK AA 6 -27.51 -23.16 84.16
CA UNK AA 6 -27.43 -24.57 83.82
C UNK AA 6 -28.68 -25.04 83.08
N UNK AA 7 -29.84 -24.67 83.62
CA UNK AA 7 -31.12 -25.05 83.02
C UNK AA 7 -31.22 -24.56 81.58
N UNK AA 8 -30.87 -23.30 81.37
CA UNK AA 8 -30.92 -22.70 80.02
C UNK AA 8 -30.04 -23.51 79.06
N UNK AA 9 -28.85 -23.79 79.54
CA UNK AA 9 -27.85 -24.55 78.77
C UNK AA 9 -28.41 -25.92 78.39
N UNK AA 10 -29.00 -26.56 79.38
CA UNK AA 10 -29.61 -27.88 79.24
C UNK AA 10 -30.68 -27.85 78.14
N UNK AA 11 -31.52 -26.83 78.24
CA UNK AA 11 -32.61 -26.60 77.30
C UNK AA 11 -32.07 -26.48 75.87
N UNK AA 12 -31.02 -25.68 75.76
CA UNK AA 12 -30.35 -25.43 74.49
C UNK AA 12 -29.86 -26.75 73.89
N UNK AA 13 -29.22 -27.52 74.74
CA UNK AA 13 -28.67 -28.84 74.37
C UNK AA 13 -29.78 -29.73 73.82
N UNK AA 14 -30.87 -29.74 74.55
CA UNK AA 14 -32.06 -30.55 74.20
C UNK AA 14 -32.56 -30.16 72.80
N UNK AA 15 -32.65 -28.85 72.61
CA UNK AA 15 -33.10 -28.26 71.34
C UNK AA 15 -32.21 -28.74 70.20
N UNK AA 16 -30.92 -28.67 70.45
CA UNK AA 16 -29.89 -29.07 69.48
C UNK AA 16 -30.09 -30.53 69.09
N UNK AA 17 -30.29 -31.34 70.11
CA UNK AA 17 -30.50 -32.79 69.96
C UNK AA 17 -31.71 -33.04 69.05
N UNK AA 18 -32.77 -32.32 69.36
CA UNK AA 18 -34.05 -32.41 68.63
C UNK AA 18 -33.82 -32.10 67.15
N UNK AA 19 -33.08 -31.02 66.93
CA UNK AA 19 -32.73 -30.54 65.58
C UNK AA 19 -32.00 -31.64 64.81
N UNK AA 20 -31.02 -32.21 65.50
CA UNK AA 20 -30.19 -33.29 64.95
C UNK AA 20 -31.07 -34.46 64.51
N UNK AA 21 -31.98 -34.82 65.40
CA UNK AA 21 -32.92 -35.92 65.18
C UNK AA 21 -33.75 -35.66 63.91
N UNK AA 22 -34.24 -34.45 63.83
CA UNK AA 22 -35.06 -33.98 62.71
C UNK AA 22 -34.28 -34.14 61.40
N UNK AA 23 -33.05 -33.69 61.45
CA UNK AA 23 -32.13 -33.74 60.30
C UNK AA 23 -31.96 -35.18 59.84
N UNK AA 24 -31.73 -36.05 60.81
CA UNK AA 24 -31.55 -37.48 60.58
C UNK AA 24 -32.77 -38.07 59.87
N UNK AA 25 -33.92 -37.70 60.40
CA UNK AA 25 -35.22 -38.15 59.86
C UNK AA 25 -35.35 -37.73 58.39
N UNK AA 26 -35.01 -36.49 58.15
CA UNK AA 26 -35.06 -35.88 56.81
C UNK AA 26 -34.18 -36.69 55.84
N UNK AA 27 -32.98 -37.02 56.30
CA UNK AA 27 -32.03 -37.77 55.48
C UNK AA 27 -32.58 -39.16 55.15
N UNK AA 28 -33.24 -39.77 56.12
CA UNK AA 28 -33.81 -41.09 55.94
C UNK AA 28 -34.89 -41.05 54.85
N UNK AA 29 -35.68 -39.98 54.85
CA UNK AA 29 -36.74 -39.81 53.86
C UNK AA 29 -36.15 -39.64 52.46
N UNK AA 30 -35.07 -38.86 52.36
CA UNK AA 30 -34.42 -38.61 51.09
C UNK AA 30 -33.83 -39.88 50.47
N UNK AA 31 -33.21 -40.70 51.32
CA UNK AA 31 -32.62 -41.95 50.89
C UNK AA 31 -33.67 -42.91 50.35
N UNK AA 32 -34.24 -43.72 51.23
CA UNK AA 32 -35.27 -44.68 50.84
C UNK AA 32 -36.19 -44.11 49.77
N UNK AA 33 -36.19 -42.78 49.67
CA UNK AA 33 -37.02 -42.09 48.68
C UNK AA 33 -36.22 -41.74 47.44
N UNK BA 1 -40.06 49.69 73.27
CA UNK BA 1 -39.34 48.61 72.59
C UNK BA 1 -39.91 47.25 72.97
N UNK BA 2 -40.12 47.03 74.27
CA UNK BA 2 -40.66 45.78 74.77
C UNK BA 2 -42.02 45.48 74.14
N UNK BA 3 -42.89 46.47 74.12
CA UNK BA 3 -44.22 46.32 73.54
C UNK BA 3 -44.15 45.88 72.08
N UNK BA 4 -43.30 46.56 71.31
CA UNK BA 4 -43.13 46.24 69.89
C UNK BA 4 -42.71 44.79 69.71
N UNK BA 5 -41.72 44.35 70.49
CA UNK BA 5 -41.22 42.99 70.40
C UNK BA 5 -42.34 41.97 70.65
N UNK BA 6 -43.12 42.21 71.69
CA UNK BA 6 -44.23 41.31 72.05
C UNK BA 6 -45.20 41.20 70.87
N UNK BA 7 -45.53 42.36 70.33
CA UNK BA 7 -46.45 42.49 69.19
C UNK BA 7 -45.93 41.68 68.00
N UNK BA 8 -44.65 41.87 67.75
CA UNK BA 8 -43.94 41.19 66.65
C UNK BA 8 -44.05 39.67 66.81
N UNK BA 9 -43.79 39.25 68.04
CA UNK BA 9 -43.85 37.82 68.42
C UNK BA 9 -45.24 37.26 68.12
N UNK BA 10 -46.23 38.01 68.55
CA UNK BA 10 -47.64 37.66 68.37
C UNK BA 10 -47.95 37.46 66.89
N UNK BA 11 -47.49 38.43 66.12
CA UNK BA 11 -47.67 38.44 64.65
C UNK BA 11 -47.08 37.18 64.04
N UNK BA 12 -45.87 36.88 64.48
CA UNK BA 12 -45.12 35.70 64.02
C UNK BA 12 -45.92 34.43 64.30
N UNK BA 13 -46.42 34.36 65.52
CA UNK BA 13 -47.23 33.22 65.99
C UNK BA 13 -48.45 33.03 65.09
N UNK BA 14 -49.10 34.15 64.81
CA UNK BA 14 -50.31 34.19 63.97
C UNK BA 14 -49.98 33.63 62.58
N UNK BA 15 -48.87 34.10 62.05
CA UNK BA 15 -48.38 33.69 60.73
C UNK BA 15 -48.17 32.18 60.70
N UNK BA 16 -47.53 31.70 61.74
CA UNK BA 16 -47.23 30.26 61.91
C UNK BA 16 -48.52 29.45 61.88
N UNK BA 17 -49.48 29.94 62.64
CA UNK BA 17 -50.81 29.32 62.77
C UNK BA 17 -51.46 29.21 61.39
N UNK BA 18 -51.40 30.32 60.68
CA UNK BA 18 -51.96 30.43 59.32
C UNK BA 18 -51.35 29.38 58.41
N UNK BA 19 -50.04 29.30 58.48
CA UNK BA 19 -49.24 28.35 57.69
C UNK BA 19 -49.70 26.92 57.96
N UNK BA 20 -49.84 26.64 59.25
CA UNK BA 20 -50.28 25.32 59.73
C UNK BA 20 -51.64 24.96 59.13
N UNK BA 21 -52.52 25.94 59.20
CA UNK BA 21 -53.90 25.81 58.69
C UNK BA 21 -53.87 25.46 57.20
N UNK BA 22 -53.04 26.21 56.49
CA UNK BA 22 -52.85 26.03 55.04
C UNK BA 22 -52.40 24.60 54.73
N UNK BA 23 -51.43 24.18 55.50
CA UNK BA 23 -50.85 22.83 55.37
C UNK BA 23 -51.94 21.77 55.55
N UNK BA 24 -52.73 21.98 56.59
CA UNK BA 24 -53.85 21.08 56.94
C UNK BA 24 -54.82 20.97 55.76
N UNK BA 25 -55.14 22.13 55.22
CA UNK BA 25 -56.05 22.26 54.08
C UNK BA 25 -55.53 21.45 52.89
N UNK BA 26 -54.23 21.53 52.67
CA UNK BA 26 -53.61 20.73 51.61
C UNK BA 26 -53.69 19.22 51.89
N UNK BA 27 -53.48 18.82 53.15
CA UNK BA 27 -53.50 17.39 53.53
C UNK BA 27 -54.84 16.66 53.34
N UNK BA 28 -55.94 17.29 53.74
CA UNK BA 28 -57.26 16.73 53.56
C UNK BA 28 -57.72 16.96 52.11
N UNK BA 29 -57.38 18.11 51.52
CA UNK BA 29 -57.78 18.35 50.13
C UNK BA 29 -57.18 17.36 49.11
N UNK BA 30 -55.88 17.08 49.20
CA UNK BA 30 -55.24 16.12 48.28
C UNK BA 30 -55.81 14.72 48.52
N UNK BA 31 -55.93 14.42 49.80
CA UNK BA 31 -56.51 13.20 50.35
C UNK BA 31 -57.88 12.89 49.73
N UNK BA 32 -58.72 13.91 49.55
CA UNK BA 32 -60.05 13.71 48.95
C UNK BA 32 -59.95 13.22 47.51
N UNK BA 33 -58.98 13.78 46.78
CA UNK BA 33 -58.77 13.43 45.39
C UNK BA 33 -58.42 11.95 45.24
N UNK BA 34 -57.63 11.43 46.18
CA UNK BA 34 -57.23 10.03 46.15
C UNK BA 34 -58.46 9.14 46.27
N UNK BA 35 -59.39 9.52 47.14
CA UNK BA 35 -60.62 8.76 47.33
C UNK BA 35 -61.46 8.73 46.05
#